data_6S8B
#
_entry.id   6S8B
#
_cell.length_a   1.00
_cell.length_b   1.00
_cell.length_c   1.00
_cell.angle_alpha   90.00
_cell.angle_beta   90.00
_cell.angle_gamma   90.00
#
_symmetry.space_group_name_H-M   'P 1'
#
loop_
_entity.id
_entity.type
_entity.pdbx_description
1 polymer 'CRISPR-associated protein, Cmr5 family'
2 polymer 'CRISPR-associated RAMP protein, Cmr4 family'
3 polymer 'CRISPR-associated protein, Cmr3 family'
4 polymer 'CRISPR-associated RAMP protein, Cmr6 family'
5 polymer Cmr1
6 polymer 'Cognate target RNA (46-mer)'
7 polymer crRNA
8 polymer 'CRISPR-associated protein Cmrx'
9 polymer 'CRISPR-associated protein, Cmr2 family'
10 non-polymer 'ZINC ION'
11 non-polymer 'PHOSPHOAMINOPHOSPHONIC ACID-ADENYLATE ESTER'
12 non-polymer 'MANGANESE (II) ION'
#
loop_
_entity_poly.entity_id
_entity_poly.type
_entity_poly.pdbx_seq_one_letter_code
_entity_poly.pdbx_strand_id
1 'polypeptide(L)'
;MLYEEDYKLALEAFKKVFNALTHYGAKQAFRSRARDLVEEIYNSGFIPTFFYIISKAELNSDSLDSLISLFSSDNAILRG
SDENVSYSAYLFIILYYLIKRGIIEQKFLIQALRCEKTRLDLIDKLYNLAPIISAKIRTYLLAIKRLSEALIEAR
;
A,B,C
2 'polypeptide(L)'
;MPYYAFAEPFFIHAITHLHVGSGSSVEEEIALPFQRDELGYPTIYASSLKGAIKSFLLKEFPDKRDVIYKVLGEDENPEE
ASLGTFLDAILFAIPSRIIEIDSAKPYVWVYVTTYELLKKVKLYLDSISQLSNASFSNLKNKIDTILAKEGKNITLDSDL
KSAILNEDFYVELEALNNKIPSIINAGVPLLVLEDSIGREVINRSLIRVRRIRIDRDKKVVETGGLWSEEYVPMKTIFFS
VLLGKESKESAIFASCILRNLRYVILGGKETIGKGIVELRWVKDVI
;
D,E,F,G
3 'polypeptide(L)'
;MKRVLIKPLEPLMFRSQGEFEPLITGSHTAAQSLIIPRPSTIAGMLGYILFNKSSGTGDWLSDLTNLLATIYGTFIETNG
EYLFPLRMGNHLALVDQQHLINLPTLLEKEYERREKGIYELFYDKNKLFQIINHQDRIGISIDKSTRTVKEHYLYSARYL
AFKKEVNYVIFIDNDAISDKINGKIVNFGGENRIAKLEVDDYKVDTSIEEEYYLALSPILIPDEALDNFLDNISDYVAMG
KVDKISLGFDIANTKRKEMLTAILEGSIVKRSIIDFIKNEIKNDLRYRFSKYEKIGYNTLMSLCKLALRKILS
;
H
4 'polypeptide(L)'
;MAIDFLVNILELIKEKQCNINLFSAISLTSIVYNNFGEFLSNNQSYSTNNPLLKYHIIILNDKNKTKDVEEKRNIFKREV
AELISRNFKLDGEKVRNYFDSLKEVLKSLKYTIVDVEITTRTRALIGVSTSLGKLIFGSGISFDPYMNLPYIPASEIKGI
VRSYIEGKLGEQEAEEIFGNEEREGNVNFTDAYPTRSKDFLFVPDVITPHYNGKKSEADAEPRPVIHLTIAPKVTFRFLI
YYKREDVGKPICDSMPIILIRGLGARSSVGYSLFELRKIEVIKAAAHHHHHHHHHH
;
I
5 'polypeptide(L)'
;MEELLMSLKLKALYPLTGGYNRHSINPFYEELVRPTEIKGLWRWWNRVLFNTLAYSTKGKLYTYESIDRLFEDVFGSENK
KSAVRLEVITDEGNDNRFELSYVELDKVIDCLRNYKRKVSLDFIDNTLIAEIEGSTKIPISFKSNLDIDKIIKDLVHNNK
LLSFELLGFKSVEIDATKISDKKILKEILRDLITNYLEYFNIKQEVTFTLNIYLDKSREHKQNFEDKLKFALYSLLVFIL
LGGIGRKTSRGFGSLSIIDVKCYDNSICKKIEDLAKNFLKISSGNELKSKIESILDCIKNSCIDTLYIENNILSEIDPKK
NVVYFINSDLFEVKRINDKEKVLANIYKAVSSEGCCIKSIITDKYVRKSFLIAFGGYRKVEKDKGLDIGFIKNYLCETCE
TVSSFNIVDFLLSEGSFMSDYILQYEHRNSLLRFKLISDNSNNSYLIGYILHSSYFKKIDIKYVRCILEKLTYCVI
;
J
6 'polyribonucleotide' UGUUAAGUCUGGUUUCCCUCCAGGGUAUCUAAGCUUUGAAAAAAAA U
7 'polyribonucleotide' AUUGAAAGUUCAAAGCUUAGAUACCCUGGAGGGAAACCAGACUUAACACCA V
8 'polypeptide(L)'
;MSTQREYVFIPITNSITIDVKITIGGSDHITNIDERGIHNVLVITGYAVDEKNGRLVPTLDPCDYVKGILVAGTPQQAQS
NDFLTLKLPANKLYLIRKKGNISDDLKIYIPYSSPDARNSMKTKPVSISDDTIVNNIIKEVFDKIYNITQKEKVKIEKVK
EDIKELFSYYALEQ
;
L,M,N,O,P,Q,R,S,T,W,X,l,m,n,o,p,q,r,s,t,w,x
9 'polypeptide(L)'
;MSIDNVLREFLDYKIIALLHDPPNKAWVITGRARNLTQQLSNIRASRKHEKVAKYIINQLFGKNYSEKVDNADKLASSID
RYLGSIVYKERSLFENRSIFLKNILLSNIQRDIGNLFPKDKSKLDNLILEYKKLLNVINKTNLILKYQLFYLIYELVWID
SKYENTPSDTRNPTHTIFDHLYATAAMMNWILSLEKEAKGYLLGIDTIGVADFISKGRKTRDLWISSYLVSALLWYVITW
FIEEYGPDVILFPSLRFNQFYAFYLLEKLRKEGVSEDVIDEIKELITKYIFNGDDLFENLKIPPYPIIPGRITLILPGLI
REGEEYKKVQDDNCFISKVKERYNEGWRKLIEGLRCYSERKREDGFWNLVCRVLKLTEDLLQTTPLNIRVKQVSVTEDEI
FNNNKLRSDSWKIYDNKYRQLVSEFKKSKLVKVTPESRLKLFELTKFDKLPQIGEKSKRGYEFCTSCGVLPAVVIMPKED
ELEKKLIDLGIARDEKDVRSIKNMISPGERLCPWCLVKRALGAEPRLMRILLLGDLYSVEKIVNEIVSRDVKIEIPSTSD
IASIKTFEEMIEKKNEICEDLKEEEVCEKPSESVLSMWQWFNKNYYNGINLTIDPEEYWFSEKRRRYYFSVFRRHRITFP
SPYYALVRADSDYLGDLLEGKLTPYLAGIIDSGDYANISEKKEEVNKLLEEYLVNAGSGSIVDYVKTVLKCIRENLNKCS
CAEKIYSNEVAKVMFRVNVEKANVEEEVKNSLEYFETILNEGRIIVTPAWHVSISSALNRGLLVELELVNKHKGFVIYAG
GDDLLAMLPVDEVLDFIKESRRAFAGFGTEKLGNMCLENGFVRINNAYYPSLPIVGRSYSVIIAHYADPLFFVINDSYNL
LEEGKEIIRYRVMYNGEYKDAKKDVAIFRYQGLTSVIPLSLKRPIVSSVSDFNEIASIIDVILELKKRIDEGRISVSLLY
DYEKYKHLIVASDEKYLTEFLVKDWIKRNSLRKHVEFTIDEKLYGVRLTIENYPIKIPNDLISNIVYTLRIIYGGEK
;
K
#
loop_
_chem_comp.id
_chem_comp.type
_chem_comp.name
_chem_comp.formula
A RNA linking ADENOSINE-5'-MONOPHOSPHATE 'C10 H14 N5 O7 P'
ANP non-polymer 'PHOSPHOAMINOPHOSPHONIC ACID-ADENYLATE ESTER' 'C10 H17 N6 O12 P3'
C RNA linking CYTIDINE-5'-MONOPHOSPHATE 'C9 H14 N3 O8 P'
G RNA linking GUANOSINE-5'-MONOPHOSPHATE 'C10 H14 N5 O8 P'
MN non-polymer 'MANGANESE (II) ION' 'Mn 2'
U RNA linking URIDINE-5'-MONOPHOSPHATE 'C9 H13 N2 O9 P'
ZN non-polymer 'ZINC ION' 'Zn 2'
#
# COMPACT_ATOMS: atom_id res chain seq x y z
N TYR A 3 5.43 -5.71 -15.66
CA TYR A 3 6.66 -4.93 -15.80
C TYR A 3 6.61 -3.63 -14.99
N GLU A 4 7.49 -3.52 -14.01
CA GLU A 4 7.58 -2.34 -13.14
C GLU A 4 9.04 -1.91 -13.06
N GLU A 5 9.47 -1.08 -14.03
CA GLU A 5 10.87 -0.72 -14.13
C GLU A 5 11.31 0.28 -13.07
N ASP A 6 10.36 0.93 -12.40
CA ASP A 6 10.74 1.81 -11.30
C ASP A 6 11.35 1.01 -10.16
N TYR A 7 11.02 -0.26 -10.03
CA TYR A 7 11.69 -1.09 -9.04
C TYR A 7 13.13 -1.36 -9.43
N LYS A 8 13.43 -1.49 -10.73
CA LYS A 8 14.83 -1.63 -11.13
C LYS A 8 15.58 -0.33 -10.94
N LEU A 9 14.95 0.80 -11.25
CA LEU A 9 15.58 2.08 -11.00
C LEU A 9 15.87 2.27 -9.52
N ALA A 10 14.91 1.87 -8.68
CA ALA A 10 15.12 1.91 -7.24
C ALA A 10 16.26 0.99 -6.83
N LEU A 11 16.36 -0.17 -7.45
CA LEU A 11 17.46 -1.07 -7.15
C LEU A 11 18.80 -0.42 -7.43
N GLU A 12 18.95 0.20 -8.59
CA GLU A 12 20.27 0.74 -8.92
C GLU A 12 20.58 1.98 -8.10
N ALA A 13 19.58 2.83 -7.84
CA ALA A 13 19.81 4.00 -7.00
C ALA A 13 20.15 3.57 -5.57
N PHE A 14 19.40 2.62 -5.03
CA PHE A 14 19.70 2.10 -3.71
C PHE A 14 21.07 1.46 -3.66
N LYS A 15 21.47 0.80 -4.75
CA LYS A 15 22.83 0.27 -4.83
C LYS A 15 23.86 1.38 -4.64
N LYS A 16 23.72 2.44 -5.42
CA LYS A 16 24.68 3.54 -5.35
C LYS A 16 24.72 4.15 -3.95
N VAL A 17 23.57 4.44 -3.36
CA VAL A 17 23.61 5.10 -2.06
C VAL A 17 23.98 4.14 -0.95
N PHE A 18 23.65 2.86 -1.07
CA PHE A 18 24.01 1.89 -0.05
C PHE A 18 25.52 1.65 -0.06
N ASN A 19 26.16 1.86 -1.20
CA ASN A 19 27.61 1.79 -1.22
C ASN A 19 28.25 3.10 -0.77
N ALA A 20 27.62 4.23 -1.05
CA ALA A 20 28.22 5.52 -0.73
C ALA A 20 28.15 5.89 0.75
N LEU A 21 27.43 5.12 1.56
CA LEU A 21 27.30 5.40 2.98
C LEU A 21 28.21 4.43 3.74
N THR A 22 29.36 4.94 4.19
CA THR A 22 30.32 4.08 4.87
C THR A 22 29.79 3.65 6.24
N HIS A 23 29.55 4.61 7.12
CA HIS A 23 29.18 4.27 8.48
C HIS A 23 27.76 3.73 8.53
N TYR A 24 27.56 2.68 9.33
CA TYR A 24 26.25 2.04 9.40
C TYR A 24 25.20 2.98 9.96
N GLY A 25 25.59 3.90 10.83
CA GLY A 25 24.64 4.89 11.31
C GLY A 25 24.07 5.72 10.18
N ALA A 26 24.88 6.02 9.18
CA ALA A 26 24.40 6.73 8.00
C ALA A 26 23.35 5.90 7.26
N LYS A 27 23.56 4.59 7.19
CA LYS A 27 22.59 3.73 6.53
C LYS A 27 21.28 3.70 7.29
N GLN A 28 21.35 3.57 8.61
CA GLN A 28 20.14 3.53 9.42
C GLN A 28 19.40 4.86 9.35
N ALA A 29 20.15 5.96 9.29
CA ALA A 29 19.51 7.25 9.11
C ALA A 29 18.82 7.34 7.75
N PHE A 30 19.46 6.83 6.70
CA PHE A 30 18.80 6.81 5.40
C PHE A 30 17.54 5.97 5.44
N ARG A 31 17.55 4.88 6.21
CA ARG A 31 16.37 4.05 6.34
C ARG A 31 15.23 4.82 6.98
N SER A 32 15.52 5.57 8.03
CA SER A 32 14.47 6.38 8.65
C SER A 32 13.97 7.46 7.68
N ARG A 33 14.89 8.07 6.93
CA ARG A 33 14.47 9.03 5.92
C ARG A 33 13.54 8.40 4.91
N ALA A 34 13.85 7.19 4.47
CA ALA A 34 13.05 6.55 3.45
C ALA A 34 11.68 6.20 3.97
N ARG A 35 11.59 5.75 5.22
CA ARG A 35 10.28 5.46 5.78
C ARG A 35 9.46 6.70 6.03
N ASP A 36 10.10 7.87 6.21
CA ASP A 36 9.31 9.05 6.53
C ASP A 36 8.93 9.89 5.31
N LEU A 37 9.89 10.16 4.43
CA LEU A 37 9.71 11.19 3.42
C LEU A 37 8.72 10.79 2.34
N VAL A 38 8.46 9.50 2.13
CA VAL A 38 7.50 9.14 1.10
C VAL A 38 6.08 9.44 1.58
N GLU A 39 5.78 9.12 2.83
CA GLU A 39 4.50 9.53 3.39
C GLU A 39 4.40 11.04 3.49
N GLU A 40 5.53 11.71 3.74
CA GLU A 40 5.50 13.17 3.78
C GLU A 40 5.19 13.76 2.41
N ILE A 41 5.77 13.22 1.34
CA ILE A 41 5.49 13.78 0.03
C ILE A 41 4.09 13.40 -0.43
N TYR A 42 3.55 12.29 0.08
CA TYR A 42 2.16 11.99 -0.19
C TYR A 42 1.25 13.03 0.45
N ASN A 43 1.41 13.30 1.74
CA ASN A 43 0.52 14.23 2.42
C ASN A 43 0.75 15.66 1.99
N SER A 44 2.00 16.10 1.97
CA SER A 44 2.33 17.51 1.89
C SER A 44 2.63 17.99 0.48
N GLY A 45 2.84 17.08 -0.47
CA GLY A 45 3.23 17.47 -1.80
C GLY A 45 4.73 17.35 -2.01
N PHE A 46 5.13 17.55 -3.27
CA PHE A 46 6.53 17.36 -3.59
C PHE A 46 7.38 18.54 -3.16
N ILE A 47 6.92 19.76 -3.40
CA ILE A 47 7.76 20.94 -3.20
C ILE A 47 8.04 21.23 -1.73
N PRO A 48 7.06 21.16 -0.83
CA PRO A 48 7.42 21.31 0.59
C PRO A 48 8.40 20.26 1.06
N THR A 49 8.22 19.01 0.65
CA THR A 49 9.13 17.96 1.08
C THR A 49 10.51 18.18 0.49
N PHE A 50 10.59 18.65 -0.75
CA PHE A 50 11.86 18.92 -1.37
C PHE A 50 12.58 20.06 -0.66
N PHE A 51 11.86 21.11 -0.28
CA PHE A 51 12.44 22.19 0.48
C PHE A 51 12.98 21.68 1.80
N TYR A 52 12.18 20.90 2.51
CA TYR A 52 12.63 20.31 3.77
C TYR A 52 13.90 19.49 3.57
N ILE A 53 13.93 18.70 2.50
CA ILE A 53 15.06 17.80 2.26
C ILE A 53 16.32 18.61 1.98
N ILE A 54 16.25 19.56 1.04
CA ILE A 54 17.43 20.33 0.72
C ILE A 54 17.85 21.22 1.89
N SER A 55 16.92 21.56 2.78
CA SER A 55 17.30 22.34 3.95
C SER A 55 18.07 21.49 4.95
N LYS A 56 17.70 20.23 5.09
CA LYS A 56 18.39 19.38 6.04
C LYS A 56 19.57 18.64 5.41
N ALA A 57 19.93 18.95 4.17
CA ALA A 57 20.97 18.22 3.45
C ALA A 57 22.32 18.91 3.48
N GLU A 58 22.39 20.21 3.75
CA GLU A 58 23.65 20.94 3.82
C GLU A 58 24.39 20.88 2.49
N LEU A 59 23.80 21.55 1.51
CA LEU A 59 24.35 21.59 0.16
C LEU A 59 25.60 22.47 0.07
N ASN A 60 26.68 22.06 0.72
CA ASN A 60 27.94 22.73 0.44
C ASN A 60 28.59 22.13 -0.79
N SER A 61 29.49 22.90 -1.41
CA SER A 61 30.14 22.44 -2.63
C SER A 61 30.90 21.14 -2.41
N ASP A 62 31.32 20.86 -1.19
CA ASP A 62 31.96 19.60 -0.85
C ASP A 62 31.02 18.42 -1.05
N SER A 63 29.95 18.40 -0.25
CA SER A 63 28.96 17.33 -0.38
C SER A 63 28.29 17.37 -1.73
N LEU A 64 28.11 18.56 -2.30
CA LEU A 64 27.62 18.64 -3.67
C LEU A 64 28.55 17.92 -4.63
N ASP A 65 29.86 18.01 -4.41
CA ASP A 65 30.78 17.37 -5.33
C ASP A 65 30.78 15.87 -5.16
N SER A 66 30.74 15.39 -3.91
CA SER A 66 30.59 13.95 -3.71
C SER A 66 29.30 13.45 -4.35
N LEU A 67 28.25 14.25 -4.29
CA LEU A 67 26.97 13.87 -4.86
C LEU A 67 27.04 13.83 -6.38
N ILE A 68 27.72 14.79 -6.98
CA ILE A 68 27.92 14.78 -8.43
C ILE A 68 28.72 13.57 -8.84
N SER A 69 29.79 13.25 -8.09
CA SER A 69 30.61 12.11 -8.43
C SER A 69 29.86 10.81 -8.30
N LEU A 70 28.90 10.72 -7.37
CA LEU A 70 28.04 9.53 -7.33
C LEU A 70 27.36 9.25 -8.65
N PHE A 71 27.02 10.30 -9.42
CA PHE A 71 26.34 10.08 -10.69
C PHE A 71 27.20 9.34 -11.69
N SER A 72 28.47 9.15 -11.42
CA SER A 72 29.36 8.49 -12.38
C SER A 72 30.18 7.37 -11.77
N SER A 73 30.64 7.51 -10.54
CA SER A 73 31.80 6.78 -10.06
C SER A 73 31.48 5.38 -9.53
N ASP A 74 30.50 5.26 -8.64
CA ASP A 74 30.29 4.10 -7.78
C ASP A 74 31.47 3.84 -6.84
N ASN A 75 32.41 4.77 -6.77
CA ASN A 75 33.43 4.79 -5.72
C ASN A 75 33.33 6.02 -4.84
N ALA A 76 32.42 6.93 -5.15
CA ALA A 76 32.21 8.12 -4.35
C ALA A 76 31.73 7.76 -2.95
N ILE A 77 31.95 8.67 -2.02
CA ILE A 77 31.55 8.49 -0.63
C ILE A 77 30.87 9.76 -0.16
N LEU A 78 29.84 9.61 0.67
CA LEU A 78 29.18 10.74 1.29
C LEU A 78 29.67 10.87 2.72
N ARG A 79 30.22 12.05 3.05
CA ARG A 79 30.73 12.32 4.38
C ARG A 79 29.90 13.40 5.06
N GLY A 80 29.95 13.41 6.37
CA GLY A 80 29.19 14.32 7.18
C GLY A 80 28.55 13.59 8.32
N SER A 81 27.72 14.29 9.08
CA SER A 81 26.98 13.62 10.14
C SER A 81 25.96 12.66 9.54
N ASP A 82 25.54 11.70 10.35
CA ASP A 82 24.63 10.66 9.86
C ASP A 82 23.34 11.27 9.30
N GLU A 83 22.76 12.23 10.01
CA GLU A 83 21.55 12.87 9.53
C GLU A 83 21.81 13.63 8.23
N ASN A 84 22.90 14.39 8.19
CA ASN A 84 23.21 15.15 6.99
C ASN A 84 23.38 14.24 5.78
N VAL A 85 24.14 13.16 5.94
CA VAL A 85 24.39 12.30 4.79
C VAL A 85 23.14 11.54 4.42
N SER A 86 22.27 11.24 5.39
CA SER A 86 21.02 10.55 5.03
C SER A 86 20.12 11.46 4.21
N TYR A 87 20.04 12.74 4.57
CA TYR A 87 19.25 13.65 3.75
C TYR A 87 19.89 13.86 2.40
N SER A 88 21.22 13.89 2.34
CA SER A 88 21.89 14.01 1.04
C SER A 88 21.67 12.77 0.19
N ALA A 89 21.64 11.60 0.82
CA ALA A 89 21.42 10.37 0.07
C ALA A 89 20.01 10.34 -0.50
N TYR A 90 19.02 10.75 0.30
CA TYR A 90 17.67 10.81 -0.23
C TYR A 90 17.56 11.85 -1.33
N LEU A 91 18.29 12.96 -1.20
CA LEU A 91 18.30 13.94 -2.27
C LEU A 91 18.88 13.35 -3.55
N PHE A 92 19.95 12.57 -3.42
CA PHE A 92 20.52 11.92 -4.60
C PHE A 92 19.53 10.94 -5.20
N ILE A 93 18.80 10.21 -4.35
CA ILE A 93 17.75 9.32 -4.83
C ILE A 93 16.79 10.07 -5.73
N ILE A 94 16.26 11.19 -5.24
CA ILE A 94 15.30 11.97 -6.02
C ILE A 94 15.94 12.45 -7.31
N LEU A 95 17.12 13.04 -7.23
CA LEU A 95 17.76 13.60 -8.42
C LEU A 95 18.08 12.50 -9.42
N TYR A 96 18.44 11.32 -8.95
CA TYR A 96 18.71 10.20 -9.84
C TYR A 96 17.46 9.82 -10.59
N TYR A 97 16.34 9.72 -9.89
CA TYR A 97 15.08 9.48 -10.58
C TYR A 97 14.80 10.58 -11.60
N LEU A 98 15.19 11.81 -11.30
CA LEU A 98 14.85 12.89 -12.22
C LEU A 98 15.72 12.88 -13.47
N ILE A 99 17.00 12.51 -13.34
CA ILE A 99 17.87 12.45 -14.50
C ILE A 99 17.45 11.31 -15.42
N LYS A 100 17.38 10.09 -14.88
CA LYS A 100 16.60 9.06 -15.53
C LYS A 100 15.18 9.57 -15.70
N ARG A 101 14.41 8.91 -16.54
CA ARG A 101 13.08 9.38 -16.89
C ARG A 101 13.09 10.78 -17.50
N GLY A 102 14.27 11.31 -17.81
CA GLY A 102 14.41 12.51 -18.62
C GLY A 102 13.67 13.75 -18.19
N ILE A 103 13.21 13.80 -16.93
CA ILE A 103 12.52 14.98 -16.45
C ILE A 103 13.45 16.18 -16.44
N ILE A 104 14.72 15.97 -16.09
CA ILE A 104 15.72 17.02 -16.05
C ILE A 104 16.95 16.52 -16.78
N GLU A 105 17.50 17.35 -17.67
CA GLU A 105 18.74 17.01 -18.34
C GLU A 105 19.87 16.90 -17.33
N GLN A 106 20.72 15.89 -17.49
CA GLN A 106 21.80 15.69 -16.52
C GLN A 106 22.80 16.83 -16.58
N LYS A 107 23.06 17.38 -17.77
CA LYS A 107 24.00 18.49 -17.86
C LYS A 107 23.50 19.70 -17.07
N PHE A 108 22.20 19.97 -17.15
CA PHE A 108 21.65 21.07 -16.37
C PHE A 108 21.78 20.80 -14.88
N LEU A 109 21.47 19.57 -14.46
CA LEU A 109 21.58 19.23 -13.05
C LEU A 109 23.00 19.40 -12.56
N ILE A 110 23.98 18.94 -13.32
CA ILE A 110 25.37 19.02 -12.87
C ILE A 110 25.84 20.46 -12.87
N GLN A 111 25.51 21.23 -13.90
CA GLN A 111 25.90 22.63 -13.94
C GLN A 111 25.20 23.44 -12.87
N ALA A 112 24.10 22.95 -12.33
CA ALA A 112 23.44 23.60 -11.21
C ALA A 112 24.06 23.20 -9.89
N LEU A 113 24.36 21.92 -9.71
CA LEU A 113 25.03 21.49 -8.49
C LEU A 113 26.43 22.06 -8.37
N ARG A 114 27.04 22.47 -9.48
CA ARG A 114 28.34 23.12 -9.39
C ARG A 114 28.20 24.56 -8.90
N CYS A 115 27.49 25.40 -9.65
CA CYS A 115 27.42 26.82 -9.37
C CYS A 115 26.29 27.11 -8.40
N GLU A 116 26.58 27.90 -7.36
CA GLU A 116 25.55 28.24 -6.38
C GLU A 116 24.50 29.17 -6.96
N LYS A 117 24.82 29.92 -8.00
CA LYS A 117 23.88 30.82 -8.65
C LYS A 117 22.95 30.11 -9.61
N THR A 118 22.95 28.77 -9.61
CA THR A 118 22.11 28.00 -10.51
C THR A 118 21.24 26.98 -9.79
N ARG A 119 21.54 26.64 -8.53
CA ARG A 119 20.65 25.77 -7.77
C ARG A 119 19.29 26.41 -7.61
N LEU A 120 19.22 27.74 -7.61
CA LEU A 120 17.94 28.41 -7.56
C LEU A 120 17.13 28.14 -8.83
N ASP A 121 17.77 28.21 -9.99
CA ASP A 121 17.09 27.85 -11.23
C ASP A 121 16.68 26.38 -11.20
N LEU A 122 17.49 25.54 -10.58
CA LEU A 122 17.11 24.13 -10.45
C LEU A 122 15.83 23.98 -9.65
N ILE A 123 15.75 24.66 -8.51
CA ILE A 123 14.55 24.62 -7.69
C ILE A 123 13.36 25.20 -8.44
N ASP A 124 13.60 26.22 -9.26
CA ASP A 124 12.51 26.80 -10.05
C ASP A 124 11.98 25.79 -11.07
N LYS A 125 12.86 25.13 -11.79
CA LYS A 125 12.43 24.11 -12.74
C LYS A 125 11.69 22.99 -12.03
N LEU A 126 12.19 22.56 -10.87
CA LEU A 126 11.50 21.51 -10.13
C LEU A 126 10.15 21.97 -9.63
N TYR A 127 10.02 23.24 -9.29
CA TYR A 127 8.71 23.73 -8.88
C TYR A 127 7.75 23.74 -10.06
N ASN A 128 8.25 24.06 -11.25
CA ASN A 128 7.41 24.02 -12.44
C ASN A 128 6.96 22.59 -12.74
N LEU A 129 7.83 21.62 -12.52
CA LEU A 129 7.51 20.25 -12.88
C LEU A 129 6.90 19.43 -11.75
N ALA A 130 6.80 19.99 -10.55
CA ALA A 130 6.35 19.23 -9.39
C ALA A 130 5.04 18.44 -9.58
N PRO A 131 4.02 18.94 -10.27
CA PRO A 131 2.82 18.10 -10.45
C PRO A 131 3.08 16.82 -11.20
N ILE A 132 4.00 16.81 -12.15
CA ILE A 132 4.36 15.58 -12.85
C ILE A 132 5.16 14.68 -11.92
N ILE A 133 6.19 15.23 -11.29
CA ILE A 133 7.07 14.46 -10.43
C ILE A 133 6.28 13.77 -9.32
N SER A 134 5.33 14.49 -8.74
CA SER A 134 4.55 13.94 -7.64
C SER A 134 3.83 12.66 -8.04
N ALA A 135 3.32 12.63 -9.28
CA ALA A 135 2.62 11.44 -9.74
C ALA A 135 3.61 10.35 -10.16
N LYS A 136 4.73 10.73 -10.77
CA LYS A 136 5.66 9.75 -11.29
C LYS A 136 6.36 8.99 -10.17
N ILE A 137 6.94 9.72 -9.21
CA ILE A 137 7.95 9.12 -8.32
C ILE A 137 7.37 8.31 -7.17
N ARG A 138 6.06 8.17 -7.07
CA ARG A 138 5.49 7.52 -5.90
C ARG A 138 5.95 6.08 -5.78
N THR A 139 5.87 5.32 -6.87
CA THR A 139 6.23 3.91 -6.81
C THR A 139 7.73 3.74 -6.62
N TYR A 140 8.51 4.59 -7.26
CA TYR A 140 9.96 4.56 -7.11
C TYR A 140 10.35 4.78 -5.65
N LEU A 141 9.75 5.78 -5.00
CA LEU A 141 10.09 6.04 -3.61
C LEU A 141 9.56 4.96 -2.70
N LEU A 142 8.41 4.36 -3.03
CA LEU A 142 7.93 3.24 -2.23
C LEU A 142 8.87 2.06 -2.33
N ALA A 143 9.43 1.83 -3.52
CA ALA A 143 10.42 0.77 -3.68
C ALA A 143 11.70 1.08 -2.90
N ILE A 144 12.14 2.34 -2.96
CA ILE A 144 13.30 2.74 -2.15
C ILE A 144 13.05 2.42 -0.68
N LYS A 145 11.86 2.75 -0.18
CA LYS A 145 11.54 2.50 1.22
C LYS A 145 11.53 1.01 1.53
N ARG A 146 10.96 0.20 0.63
CA ARG A 146 10.95 -1.24 0.85
C ARG A 146 12.36 -1.80 0.88
N LEU A 147 13.21 -1.37 -0.05
CA LEU A 147 14.60 -1.83 -0.05
C LEU A 147 15.31 -1.43 1.22
N SER A 148 15.10 -0.20 1.68
CA SER A 148 15.75 0.26 2.90
C SER A 148 15.35 -0.59 4.09
N GLU A 149 14.04 -0.78 4.29
CA GLU A 149 13.64 -1.54 5.46
C GLU A 149 13.88 -3.04 5.29
N ALA A 150 14.16 -3.49 4.07
CA ALA A 150 14.52 -4.89 3.87
C ALA A 150 15.98 -5.14 4.17
N LEU A 151 16.86 -4.26 3.71
CA LEU A 151 18.30 -4.52 3.74
C LEU A 151 18.99 -3.90 4.95
N ILE A 152 18.74 -2.62 5.22
CA ILE A 152 19.35 -1.96 6.36
C ILE A 152 18.62 -2.38 7.63
N GLU A 153 19.37 -2.81 8.63
CA GLU A 153 18.76 -3.10 9.92
C GLU A 153 18.42 -1.80 10.64
N ALA A 154 17.63 -1.94 11.70
CA ALA A 154 17.18 -0.79 12.48
C ALA A 154 17.73 -0.86 13.89
N ARG A 155 17.63 0.26 14.58
CA ARG A 155 17.98 0.33 15.99
C ARG A 155 16.81 -0.12 16.85
N LEU B 2 2.69 -28.10 -17.77
CA LEU B 2 2.03 -28.83 -16.69
C LEU B 2 2.80 -28.63 -15.39
N TYR B 3 2.08 -28.62 -14.27
CA TYR B 3 2.64 -28.28 -12.98
C TYR B 3 2.17 -29.25 -11.90
N GLU B 4 2.21 -30.54 -12.20
CA GLU B 4 1.67 -31.53 -11.27
C GLU B 4 2.68 -32.00 -10.24
N GLU B 5 3.98 -31.94 -10.56
CA GLU B 5 4.99 -32.18 -9.53
C GLU B 5 4.98 -31.09 -8.47
N ASP B 6 4.41 -29.92 -8.79
CA ASP B 6 4.39 -28.81 -7.85
C ASP B 6 3.62 -29.15 -6.60
N TYR B 7 2.66 -30.07 -6.66
CA TYR B 7 1.95 -30.43 -5.44
C TYR B 7 2.85 -31.21 -4.49
N LYS B 8 3.67 -32.11 -5.02
CA LYS B 8 4.68 -32.78 -4.20
C LYS B 8 5.67 -31.77 -3.64
N LEU B 9 6.13 -30.86 -4.49
CA LEU B 9 7.05 -29.82 -4.06
C LEU B 9 6.46 -28.99 -2.94
N ALA B 10 5.19 -28.61 -3.07
CA ALA B 10 4.54 -27.80 -2.06
C ALA B 10 4.35 -28.57 -0.76
N LEU B 11 4.05 -29.86 -0.85
CA LEU B 11 3.94 -30.66 0.36
C LEU B 11 5.23 -30.64 1.14
N GLU B 12 6.35 -30.86 0.47
CA GLU B 12 7.60 -30.92 1.21
C GLU B 12 8.03 -29.54 1.70
N ALA B 13 7.84 -28.50 0.89
CA ALA B 13 8.18 -27.15 1.36
C ALA B 13 7.33 -26.74 2.54
N PHE B 14 6.04 -27.10 2.53
CA PHE B 14 5.19 -26.80 3.65
C PHE B 14 5.61 -27.58 4.89
N LYS B 15 6.00 -28.84 4.73
CA LYS B 15 6.49 -29.59 5.87
C LYS B 15 7.71 -28.92 6.48
N LYS B 16 8.62 -28.45 5.62
CA LYS B 16 9.79 -27.71 6.09
C LYS B 16 9.38 -26.52 6.94
N VAL B 17 8.66 -25.57 6.35
CA VAL B 17 8.35 -24.36 7.10
C VAL B 17 7.38 -24.63 8.25
N PHE B 18 6.64 -25.73 8.21
CA PHE B 18 5.70 -26.02 9.28
C PHE B 18 6.40 -26.58 10.49
N ASN B 19 7.51 -27.28 10.29
CA ASN B 19 8.30 -27.67 11.44
C ASN B 19 9.23 -26.55 11.90
N ALA B 20 9.66 -25.69 10.98
CA ALA B 20 10.58 -24.60 11.34
C ALA B 20 9.91 -23.60 12.28
N LEU B 21 8.64 -23.29 12.05
CA LEU B 21 7.91 -22.35 12.91
C LEU B 21 7.54 -23.08 14.19
N THR B 22 8.26 -22.82 15.26
CA THR B 22 8.05 -23.54 16.51
C THR B 22 6.92 -22.96 17.34
N HIS B 23 6.65 -21.67 17.21
CA HIS B 23 5.57 -21.04 17.95
C HIS B 23 4.28 -21.17 17.15
N TYR B 24 3.20 -21.57 17.81
CA TYR B 24 1.95 -21.78 17.09
C TYR B 24 1.41 -20.47 16.53
N GLY B 25 1.55 -19.39 17.28
CA GLY B 25 1.20 -18.08 16.74
C GLY B 25 1.95 -17.76 15.46
N ALA B 26 3.18 -18.25 15.34
CA ALA B 26 3.90 -18.09 14.09
C ALA B 26 3.28 -18.94 12.99
N LYS B 27 2.78 -20.12 13.33
CA LYS B 27 2.06 -20.92 12.35
C LYS B 27 0.84 -20.18 11.83
N GLN B 28 0.06 -19.60 12.74
CA GLN B 28 -1.14 -18.88 12.32
C GLN B 28 -0.80 -17.63 11.53
N ALA B 29 0.29 -16.96 11.90
CA ALA B 29 0.76 -15.82 11.12
C ALA B 29 1.10 -16.25 9.70
N PHE B 30 1.84 -17.34 9.56
CA PHE B 30 2.16 -17.86 8.24
C PHE B 30 0.92 -18.25 7.48
N ARG B 31 -0.10 -18.75 8.19
CA ARG B 31 -1.37 -19.06 7.55
C ARG B 31 -1.96 -17.81 6.90
N SER B 32 -2.03 -16.72 7.66
CA SER B 32 -2.53 -15.47 7.10
C SER B 32 -1.65 -14.99 5.95
N ARG B 33 -0.35 -15.20 6.04
CA ARG B 33 0.53 -14.82 4.93
C ARG B 33 0.21 -15.62 3.69
N ALA B 34 0.01 -16.93 3.85
CA ALA B 34 -0.27 -17.77 2.70
C ALA B 34 -1.58 -17.37 2.04
N ARG B 35 -2.55 -16.96 2.84
CA ARG B 35 -3.83 -16.57 2.26
C ARG B 35 -3.83 -15.13 1.74
N ASP B 36 -2.89 -14.30 2.13
CA ASP B 36 -2.91 -12.93 1.62
C ASP B 36 -1.96 -12.70 0.47
N LEU B 37 -0.79 -13.32 0.51
CA LEU B 37 0.28 -12.93 -0.38
C LEU B 37 0.12 -13.49 -1.78
N VAL B 38 -0.61 -14.57 -1.97
CA VAL B 38 -0.83 -15.04 -3.35
C VAL B 38 -1.85 -14.17 -4.06
N GLU B 39 -2.94 -13.84 -3.38
CA GLU B 39 -3.83 -12.77 -3.85
C GLU B 39 -3.03 -11.56 -4.26
N GLU B 40 -2.16 -11.08 -3.37
CA GLU B 40 -1.47 -9.84 -3.68
C GLU B 40 -0.46 -10.01 -4.81
N ILE B 41 0.16 -11.19 -4.92
CA ILE B 41 1.10 -11.43 -6.00
C ILE B 41 0.40 -11.35 -7.33
N TYR B 42 -0.79 -11.91 -7.43
CA TYR B 42 -1.46 -11.92 -8.72
C TYR B 42 -2.37 -10.74 -8.94
N ASN B 43 -2.50 -9.84 -7.96
CA ASN B 43 -3.21 -8.60 -8.21
C ASN B 43 -2.28 -7.40 -8.38
N SER B 44 -1.14 -7.36 -7.70
CA SER B 44 -0.23 -6.23 -7.82
C SER B 44 1.02 -6.54 -8.63
N GLY B 45 1.31 -7.80 -8.87
CA GLY B 45 2.54 -8.18 -9.53
C GLY B 45 3.51 -8.85 -8.57
N PHE B 46 4.46 -9.58 -9.14
CA PHE B 46 5.37 -10.33 -8.29
C PHE B 46 6.41 -9.42 -7.66
N ILE B 47 6.89 -8.41 -8.39
CA ILE B 47 7.96 -7.57 -7.90
C ILE B 47 7.49 -6.70 -6.73
N PRO B 48 6.37 -5.97 -6.85
CA PRO B 48 5.86 -5.25 -5.68
C PRO B 48 5.69 -6.12 -4.46
N THR B 49 5.10 -7.29 -4.64
CA THR B 49 4.84 -8.14 -3.49
C THR B 49 6.12 -8.73 -2.93
N PHE B 50 7.13 -8.95 -3.78
CA PHE B 50 8.39 -9.46 -3.28
C PHE B 50 9.12 -8.42 -2.45
N PHE B 51 9.12 -7.17 -2.93
CA PHE B 51 9.69 -6.09 -2.14
C PHE B 51 8.96 -5.96 -0.81
N TYR B 52 7.63 -6.07 -0.85
CA TYR B 52 6.87 -6.02 0.39
C TYR B 52 7.23 -7.16 1.32
N ILE B 53 7.47 -8.35 0.77
CA ILE B 53 7.78 -9.50 1.61
C ILE B 53 9.14 -9.32 2.27
N ILE B 54 10.14 -8.90 1.49
CA ILE B 54 11.47 -8.79 2.07
C ILE B 54 11.55 -7.63 3.04
N SER B 55 10.80 -6.56 2.81
CA SER B 55 10.79 -5.46 3.78
C SER B 55 10.25 -5.93 5.12
N LYS B 56 9.36 -6.91 5.12
CA LYS B 56 8.72 -7.39 6.32
C LYS B 56 9.42 -8.61 6.92
N ALA B 57 10.47 -9.10 6.28
CA ALA B 57 11.09 -10.36 6.65
C ALA B 57 12.20 -10.23 7.68
N GLU B 58 12.73 -9.01 7.91
CA GLU B 58 13.86 -8.76 8.81
C GLU B 58 15.06 -9.63 8.44
N LEU B 59 15.58 -9.40 7.25
CA LEU B 59 16.66 -10.22 6.70
C LEU B 59 17.99 -9.80 7.31
N ASN B 60 18.22 -10.24 8.55
CA ASN B 60 19.51 -10.17 9.20
C ASN B 60 20.22 -11.50 9.09
N SER B 61 21.54 -11.48 9.26
CA SER B 61 22.35 -12.65 8.93
C SER B 61 21.94 -13.89 9.73
N ASP B 62 21.43 -13.71 10.94
CA ASP B 62 20.97 -14.85 11.72
C ASP B 62 19.76 -15.51 11.05
N SER B 63 18.76 -14.69 10.69
CA SER B 63 17.59 -15.22 10.02
C SER B 63 17.95 -15.85 8.68
N LEU B 64 18.88 -15.24 7.96
CA LEU B 64 19.31 -15.79 6.68
C LEU B 64 20.02 -17.12 6.87
N ASP B 65 20.80 -17.25 7.94
CA ASP B 65 21.43 -18.53 8.22
C ASP B 65 20.39 -19.58 8.56
N SER B 66 19.36 -19.21 9.31
CA SER B 66 18.26 -20.13 9.58
C SER B 66 17.59 -20.56 8.29
N LEU B 67 17.38 -19.62 7.37
CA LEU B 67 16.84 -19.96 6.05
C LEU B 67 17.70 -20.99 5.34
N ILE B 68 19.01 -20.74 5.26
CA ILE B 68 19.89 -21.66 4.55
C ILE B 68 19.87 -23.04 5.21
N SER B 69 19.91 -23.07 6.54
CA SER B 69 19.82 -24.34 7.24
C SER B 69 18.54 -25.08 6.86
N LEU B 70 17.42 -24.36 6.77
CA LEU B 70 16.20 -24.96 6.26
C LEU B 70 16.41 -25.54 4.87
N PHE B 71 17.03 -24.76 3.98
CA PHE B 71 17.37 -25.25 2.65
C PHE B 71 18.15 -26.55 2.71
N SER B 72 18.85 -26.80 3.81
CA SER B 72 19.66 -28.00 3.94
C SER B 72 19.20 -28.94 5.05
N SER B 73 19.06 -28.44 6.28
CA SER B 73 19.05 -29.32 7.45
C SER B 73 17.76 -30.11 7.56
N ASP B 74 16.63 -29.41 7.67
CA ASP B 74 15.27 -29.83 8.08
C ASP B 74 15.16 -29.89 9.60
N ASN B 75 16.21 -29.60 10.34
CA ASN B 75 16.13 -29.41 11.78
C ASN B 75 16.17 -27.95 12.16
N ALA B 76 16.29 -27.05 11.19
CA ALA B 76 16.42 -25.63 11.47
C ALA B 76 15.16 -25.08 12.14
N ILE B 77 15.30 -23.87 12.67
CA ILE B 77 14.22 -23.21 13.40
C ILE B 77 14.29 -21.72 13.11
N LEU B 78 13.16 -21.13 12.77
CA LEU B 78 13.08 -19.71 12.51
C LEU B 78 12.59 -19.00 13.76
N ARG B 79 13.19 -17.84 14.05
CA ARG B 79 12.96 -17.06 15.27
C ARG B 79 12.47 -15.66 14.89
N GLY B 80 12.23 -14.83 15.90
CA GLY B 80 12.09 -13.43 15.59
C GLY B 80 10.75 -12.81 15.26
N SER B 81 9.84 -12.70 16.24
CA SER B 81 8.68 -11.82 16.04
C SER B 81 7.69 -12.30 14.99
N ASP B 82 6.77 -13.16 15.41
CA ASP B 82 5.87 -13.93 14.55
C ASP B 82 5.54 -13.30 13.21
N GLU B 83 5.26 -11.99 13.18
CA GLU B 83 5.05 -11.32 11.90
C GLU B 83 6.27 -11.49 10.99
N ASN B 84 7.45 -11.11 11.51
CA ASN B 84 8.66 -11.23 10.72
C ASN B 84 8.93 -12.68 10.36
N VAL B 85 8.74 -13.60 11.30
CA VAL B 85 9.11 -14.98 11.02
C VAL B 85 8.17 -15.57 9.98
N SER B 86 6.91 -15.14 9.96
CA SER B 86 5.98 -15.64 8.95
C SER B 86 6.32 -15.08 7.58
N TYR B 87 6.70 -13.80 7.52
CA TYR B 87 7.13 -13.28 6.23
C TYR B 87 8.40 -13.95 5.75
N SER B 88 9.27 -14.35 6.67
CA SER B 88 10.50 -15.02 6.24
C SER B 88 10.22 -16.46 5.82
N ALA B 89 9.28 -17.11 6.50
CA ALA B 89 8.85 -18.44 6.08
C ALA B 89 8.26 -18.39 4.66
N TYR B 90 7.48 -17.35 4.36
CA TYR B 90 6.95 -17.26 3.01
C TYR B 90 8.03 -16.92 2.00
N LEU B 91 8.99 -16.09 2.39
CA LEU B 91 10.16 -15.87 1.54
C LEU B 91 10.85 -17.18 1.22
N PHE B 92 10.98 -18.04 2.22
CA PHE B 92 11.58 -19.34 1.98
C PHE B 92 10.74 -20.20 1.07
N ILE B 93 9.42 -20.12 1.20
CA ILE B 93 8.53 -20.84 0.29
C ILE B 93 8.86 -20.47 -1.15
N ILE B 94 8.88 -19.17 -1.43
CA ILE B 94 9.14 -18.72 -2.79
C ILE B 94 10.54 -19.15 -3.24
N LEU B 95 11.53 -18.95 -2.38
CA LEU B 95 12.90 -19.28 -2.76
C LEU B 95 13.08 -20.78 -2.98
N TYR B 96 12.41 -21.59 -2.15
CA TYR B 96 12.47 -23.03 -2.29
C TYR B 96 11.92 -23.45 -3.64
N TYR B 97 10.80 -22.86 -4.04
CA TYR B 97 10.33 -23.12 -5.40
C TYR B 97 11.40 -22.75 -6.42
N LEU B 98 11.93 -21.53 -6.33
CA LEU B 98 12.89 -21.08 -7.34
C LEU B 98 14.10 -22.00 -7.41
N ILE B 99 14.47 -22.62 -6.29
CA ILE B 99 15.61 -23.52 -6.26
C ILE B 99 15.25 -24.84 -6.93
N LYS B 100 14.20 -25.47 -6.43
CA LYS B 100 13.81 -26.77 -6.96
C LYS B 100 13.25 -26.71 -8.36
N ARG B 101 13.23 -25.59 -9.07
CA ARG B 101 12.72 -25.57 -10.43
C ARG B 101 13.71 -24.98 -11.41
N GLY B 102 14.98 -24.87 -11.01
CA GLY B 102 16.02 -24.46 -11.92
C GLY B 102 15.88 -23.04 -12.45
N ILE B 103 15.00 -22.24 -11.86
CA ILE B 103 14.90 -20.84 -12.24
C ILE B 103 16.07 -20.06 -11.68
N ILE B 104 16.50 -20.40 -10.47
CA ILE B 104 17.63 -19.77 -9.80
C ILE B 104 18.59 -20.86 -9.36
N GLU B 105 19.86 -20.70 -9.69
CA GLU B 105 20.88 -21.66 -9.29
C GLU B 105 21.02 -21.65 -7.77
N GLN B 106 21.01 -22.84 -7.18
CA GLN B 106 20.99 -22.94 -5.73
C GLN B 106 22.23 -22.33 -5.10
N LYS B 107 23.39 -22.54 -5.72
CA LYS B 107 24.61 -22.00 -5.15
C LYS B 107 24.61 -20.48 -5.18
N PHE B 108 24.11 -19.88 -6.26
CA PHE B 108 24.02 -18.42 -6.32
C PHE B 108 23.08 -17.89 -5.25
N LEU B 109 21.98 -18.59 -5.00
CA LEU B 109 21.07 -18.15 -3.96
C LEU B 109 21.72 -18.24 -2.59
N ILE B 110 22.31 -19.40 -2.26
CA ILE B 110 22.94 -19.55 -0.95
C ILE B 110 24.06 -18.54 -0.78
N GLN B 111 24.74 -18.18 -1.87
CA GLN B 111 25.72 -17.10 -1.80
C GLN B 111 25.03 -15.78 -1.47
N ALA B 112 23.88 -15.52 -2.09
CA ALA B 112 23.16 -14.28 -1.83
C ALA B 112 22.69 -14.20 -0.38
N LEU B 113 22.20 -15.29 0.16
CA LEU B 113 21.75 -15.26 1.55
C LEU B 113 22.90 -15.27 2.53
N ARG B 114 24.15 -15.17 2.08
CA ARG B 114 25.28 -15.12 2.98
C ARG B 114 26.02 -13.79 2.90
N CYS B 115 26.38 -13.35 1.70
CA CYS B 115 27.04 -12.07 1.54
C CYS B 115 25.99 -10.96 1.57
N GLU B 116 26.41 -9.76 1.23
CA GLU B 116 25.51 -8.60 1.26
C GLU B 116 25.45 -7.89 -0.07
N LYS B 117 26.58 -7.76 -0.77
CA LYS B 117 26.56 -7.15 -2.10
C LYS B 117 25.68 -7.94 -3.05
N THR B 118 25.65 -9.26 -2.90
CA THR B 118 24.94 -10.12 -3.82
C THR B 118 23.46 -10.28 -3.46
N ARG B 119 23.01 -9.73 -2.34
CA ARG B 119 21.58 -9.69 -2.10
C ARG B 119 20.87 -8.79 -3.09
N LEU B 120 21.46 -7.64 -3.38
CA LEU B 120 20.91 -6.80 -4.45
C LEU B 120 21.00 -7.51 -5.79
N ASP B 121 22.02 -8.33 -5.99
CA ASP B 121 22.11 -9.09 -7.23
C ASP B 121 20.99 -10.12 -7.31
N LEU B 122 20.70 -10.78 -6.21
CA LEU B 122 19.56 -11.68 -6.14
C LEU B 122 18.27 -10.96 -6.50
N ILE B 123 18.06 -9.77 -5.92
CA ILE B 123 16.83 -9.03 -6.19
C ILE B 123 16.77 -8.61 -7.65
N ASP B 124 17.90 -8.21 -8.23
CA ASP B 124 17.91 -7.82 -9.64
C ASP B 124 17.61 -9.00 -10.56
N LYS B 125 18.22 -10.15 -10.26
CA LYS B 125 17.94 -11.35 -11.05
C LYS B 125 16.48 -11.72 -10.95
N LEU B 126 15.93 -11.77 -9.73
CA LEU B 126 14.52 -12.02 -9.53
C LEU B 126 13.67 -11.02 -10.31
N TYR B 127 14.12 -9.77 -10.40
CA TYR B 127 13.38 -8.79 -11.18
C TYR B 127 13.31 -9.19 -12.63
N ASN B 128 14.42 -9.65 -13.19
CA ASN B 128 14.38 -10.03 -14.61
C ASN B 128 13.61 -11.32 -14.85
N LEU B 129 13.41 -12.14 -13.81
CA LEU B 129 12.69 -13.39 -13.94
C LEU B 129 11.25 -13.30 -13.46
N ALA B 130 10.73 -12.08 -13.25
CA ALA B 130 9.43 -11.94 -12.61
C ALA B 130 8.29 -12.48 -13.46
N PRO B 131 8.20 -12.19 -14.76
CA PRO B 131 7.10 -12.79 -15.54
C PRO B 131 7.11 -14.31 -15.48
N ILE B 132 8.28 -14.91 -15.71
CA ILE B 132 8.40 -16.36 -15.66
C ILE B 132 8.00 -16.89 -14.30
N ILE B 133 8.48 -16.27 -13.23
CA ILE B 133 8.21 -16.77 -11.90
C ILE B 133 6.72 -16.72 -11.59
N SER B 134 6.10 -15.58 -11.88
CA SER B 134 4.68 -15.44 -11.59
C SER B 134 3.85 -16.42 -12.41
N ALA B 135 4.21 -16.61 -13.68
CA ALA B 135 3.51 -17.59 -14.50
C ALA B 135 3.67 -19.00 -13.93
N LYS B 136 4.86 -19.35 -13.48
CA LYS B 136 5.16 -20.73 -13.15
C LYS B 136 4.77 -21.12 -11.73
N ILE B 137 4.63 -20.16 -10.81
CA ILE B 137 4.52 -20.49 -9.40
C ILE B 137 3.10 -20.47 -8.86
N ARG B 138 2.10 -20.19 -9.70
CA ARG B 138 0.76 -19.99 -9.18
C ARG B 138 0.18 -21.27 -8.61
N THR B 139 0.33 -22.39 -9.33
CA THR B 139 -0.14 -23.67 -8.83
C THR B 139 0.51 -23.99 -7.49
N TYR B 140 1.82 -23.78 -7.39
CA TYR B 140 2.55 -24.06 -6.16
C TYR B 140 2.06 -23.20 -5.00
N LEU B 141 1.88 -21.90 -5.25
CA LEU B 141 1.48 -21.01 -4.18
C LEU B 141 0.05 -21.29 -3.73
N LEU B 142 -0.83 -21.67 -4.66
CA LEU B 142 -2.18 -22.03 -4.28
C LEU B 142 -2.19 -23.33 -3.49
N ALA B 143 -1.32 -24.28 -3.86
CA ALA B 143 -1.18 -25.48 -3.07
C ALA B 143 -0.73 -25.14 -1.66
N ILE B 144 0.21 -24.21 -1.53
CA ILE B 144 0.67 -23.79 -0.21
C ILE B 144 -0.47 -23.16 0.58
N LYS B 145 -1.27 -22.32 -0.09
CA LYS B 145 -2.41 -21.69 0.57
C LYS B 145 -3.40 -22.73 1.08
N ARG B 146 -3.72 -23.71 0.25
CA ARG B 146 -4.69 -24.73 0.66
C ARG B 146 -4.13 -25.59 1.79
N LEU B 147 -2.84 -25.90 1.74
CA LEU B 147 -2.23 -26.67 2.82
C LEU B 147 -2.27 -25.89 4.13
N SER B 148 -1.95 -24.61 4.08
CA SER B 148 -1.95 -23.81 5.30
C SER B 148 -3.36 -23.67 5.87
N GLU B 149 -4.36 -23.53 5.00
CA GLU B 149 -5.73 -23.50 5.48
C GLU B 149 -6.16 -24.85 6.07
N ALA B 150 -5.61 -25.94 5.54
CA ALA B 150 -6.05 -27.26 5.99
C ALA B 150 -5.33 -27.75 7.25
N LEU B 151 -4.09 -27.33 7.46
CA LEU B 151 -3.27 -27.91 8.51
C LEU B 151 -3.10 -27.03 9.74
N ILE B 152 -3.10 -25.72 9.58
CA ILE B 152 -2.92 -24.80 10.69
C ILE B 152 -4.29 -24.32 11.14
N GLU B 153 -4.59 -24.49 12.43
CA GLU B 153 -5.90 -24.14 12.95
C GLU B 153 -6.17 -22.65 12.79
N ALA B 154 -7.41 -22.33 12.43
CA ALA B 154 -7.81 -20.94 12.32
C ALA B 154 -7.68 -20.24 13.67
N ARG B 155 -7.01 -19.10 13.67
CA ARG B 155 -6.66 -18.40 14.90
C ARG B 155 -7.90 -17.99 15.68
N LEU C 2 -1.17 35.04 -13.06
CA LEU C 2 -0.26 35.93 -12.34
C LEU C 2 -0.39 35.78 -10.83
N TYR C 3 -0.60 34.55 -10.37
CA TYR C 3 -0.59 34.24 -8.95
C TYR C 3 0.53 33.26 -8.67
N GLU C 4 1.40 33.62 -7.72
CA GLU C 4 2.50 32.77 -7.33
C GLU C 4 2.20 32.19 -5.94
N GLU C 5 2.20 30.87 -5.86
CA GLU C 5 2.01 30.18 -4.59
C GLU C 5 3.11 30.58 -3.61
N ASP C 6 2.89 30.29 -2.33
CA ASP C 6 3.80 30.71 -1.27
C ASP C 6 5.23 30.28 -1.55
N TYR C 7 5.44 29.04 -1.98
CA TYR C 7 6.80 28.57 -2.20
C TYR C 7 7.42 29.23 -3.43
N LYS C 8 6.64 29.42 -4.49
CA LYS C 8 7.16 30.11 -5.66
C LYS C 8 7.49 31.56 -5.33
N LEU C 9 6.61 32.22 -4.59
CA LEU C 9 6.86 33.58 -4.15
C LEU C 9 8.13 33.66 -3.31
N ALA C 10 8.28 32.72 -2.38
CA ALA C 10 9.47 32.70 -1.53
C ALA C 10 10.72 32.46 -2.35
N LEU C 11 10.65 31.59 -3.35
CA LEU C 11 11.79 31.37 -4.21
C LEU C 11 12.20 32.65 -4.92
N GLU C 12 11.23 33.36 -5.48
CA GLU C 12 11.59 34.56 -6.23
C GLU C 12 12.03 35.69 -5.33
N ALA C 13 11.55 35.73 -4.08
CA ALA C 13 12.04 36.73 -3.14
C ALA C 13 13.47 36.41 -2.70
N PHE C 14 13.69 35.15 -2.30
CA PHE C 14 15.00 34.71 -1.88
C PHE C 14 16.03 34.88 -2.98
N LYS C 15 15.63 34.80 -4.25
CA LYS C 15 16.59 35.02 -5.33
C LYS C 15 17.18 36.42 -5.25
N LYS C 16 16.32 37.44 -5.17
CA LYS C 16 16.82 38.81 -5.10
C LYS C 16 17.57 39.05 -3.81
N VAL C 17 17.05 38.56 -2.69
CA VAL C 17 17.75 38.75 -1.42
C VAL C 17 19.13 38.09 -1.45
N PHE C 18 19.23 36.94 -2.11
CA PHE C 18 20.47 36.21 -2.14
C PHE C 18 21.49 36.89 -3.04
N ASN C 19 21.04 37.47 -4.15
CA ASN C 19 21.98 38.18 -5.01
C ASN C 19 22.32 39.57 -4.47
N ALA C 20 21.52 40.10 -3.55
CA ALA C 20 21.76 41.44 -3.03
C ALA C 20 22.73 41.46 -1.87
N LEU C 21 22.96 40.33 -1.20
CA LEU C 21 23.91 40.26 -0.09
C LEU C 21 25.27 39.92 -0.67
N THR C 22 26.15 40.93 -0.74
CA THR C 22 27.46 40.70 -1.35
C THR C 22 28.36 39.90 -0.42
N HIS C 23 28.68 40.45 0.74
CA HIS C 23 29.56 39.75 1.67
C HIS C 23 28.86 38.53 2.24
N TYR C 24 29.62 37.44 2.40
CA TYR C 24 28.99 36.17 2.79
C TYR C 24 28.48 36.20 4.22
N GLY C 25 29.11 37.00 5.08
CA GLY C 25 28.64 37.08 6.46
C GLY C 25 27.23 37.64 6.57
N ALA C 26 26.88 38.58 5.69
CA ALA C 26 25.51 39.05 5.61
C ALA C 26 24.56 37.89 5.32
N LYS C 27 24.93 37.01 4.39
CA LYS C 27 24.11 35.85 4.10
C LYS C 27 23.98 34.95 5.32
N GLN C 28 25.09 34.74 6.02
CA GLN C 28 25.05 33.85 7.17
C GLN C 28 24.21 34.43 8.30
N ALA C 29 24.18 35.74 8.44
CA ALA C 29 23.31 36.36 9.44
C ALA C 29 21.86 36.30 9.01
N PHE C 30 21.59 36.56 7.73
CA PHE C 30 20.24 36.41 7.20
C PHE C 30 19.71 35.01 7.45
N ARG C 31 20.59 34.00 7.40
CA ARG C 31 20.15 32.65 7.70
C ARG C 31 19.57 32.55 9.09
N SER C 32 20.24 33.14 10.08
CA SER C 32 19.74 33.08 11.44
C SER C 32 18.48 33.93 11.61
N ARG C 33 18.40 35.05 10.90
CA ARG C 33 17.15 35.81 10.88
C ARG C 33 16.00 34.95 10.39
N ALA C 34 16.19 34.28 9.26
CA ALA C 34 15.14 33.43 8.70
C ALA C 34 14.81 32.28 9.63
N ARG C 35 15.77 31.83 10.43
CA ARG C 35 15.50 30.69 11.30
C ARG C 35 14.81 31.08 12.60
N ASP C 36 14.94 32.32 13.07
CA ASP C 36 14.31 32.67 14.34
C ASP C 36 13.09 33.57 14.20
N LEU C 37 13.04 34.42 13.18
CA LEU C 37 11.99 35.42 13.12
C LEU C 37 10.62 34.83 12.87
N VAL C 38 10.53 33.60 12.35
CA VAL C 38 9.21 33.01 12.11
C VAL C 38 8.53 32.69 13.44
N GLU C 39 9.24 32.01 14.33
CA GLU C 39 8.65 31.76 15.64
C GLU C 39 8.51 33.04 16.44
N GLU C 40 9.35 34.04 16.17
CA GLU C 40 9.11 35.33 16.80
C GLU C 40 7.80 35.94 16.32
N ILE C 41 7.54 35.88 15.02
CA ILE C 41 6.30 36.40 14.46
C ILE C 41 5.10 35.68 15.05
N TYR C 42 5.23 34.38 15.28
CA TYR C 42 4.12 33.70 15.93
C TYR C 42 3.94 34.19 17.36
N ASN C 43 5.01 34.20 18.15
CA ASN C 43 4.86 34.43 19.59
C ASN C 43 4.45 35.86 19.90
N SER C 44 5.12 36.83 19.30
CA SER C 44 4.92 38.22 19.64
C SER C 44 3.96 38.93 18.70
N GLY C 45 3.42 38.24 17.71
CA GLY C 45 2.56 38.88 16.74
C GLY C 45 3.33 39.43 15.55
N PHE C 46 2.61 39.58 14.44
CA PHE C 46 3.26 40.04 13.22
C PHE C 46 3.67 41.50 13.33
N ILE C 47 2.78 42.35 13.83
CA ILE C 47 3.01 43.80 13.83
C ILE C 47 4.18 44.16 14.75
N PRO C 48 4.22 43.67 16.00
CA PRO C 48 5.38 43.99 16.83
C PRO C 48 6.68 43.50 16.22
N THR C 49 6.71 42.25 15.75
CA THR C 49 7.91 41.71 15.16
C THR C 49 8.32 42.49 13.92
N PHE C 50 7.35 42.98 13.17
CA PHE C 50 7.64 43.68 11.93
C PHE C 50 8.27 45.02 12.20
N PHE C 51 7.77 45.74 13.20
CA PHE C 51 8.42 47.00 13.53
C PHE C 51 9.74 46.77 14.24
N TYR C 52 9.87 45.66 14.96
CA TYR C 52 11.15 45.27 15.52
C TYR C 52 12.19 45.05 14.42
N ILE C 53 11.79 44.36 13.35
CA ILE C 53 12.69 44.15 12.22
C ILE C 53 13.05 45.47 11.58
N ILE C 54 12.06 46.32 11.35
CA ILE C 54 12.32 47.63 10.75
C ILE C 54 13.34 48.40 11.59
N SER C 55 13.21 48.34 12.90
CA SER C 55 14.14 49.07 13.75
C SER C 55 15.52 48.44 13.72
N LYS C 56 15.60 47.11 13.75
CA LYS C 56 16.90 46.44 13.70
C LYS C 56 17.59 46.65 12.36
N ALA C 57 16.87 47.10 11.34
CA ALA C 57 17.51 47.34 10.06
C ALA C 57 18.26 48.67 10.01
N GLU C 58 17.83 49.67 10.79
CA GLU C 58 18.42 51.00 10.80
C GLU C 58 18.52 51.56 9.38
N LEU C 59 17.35 51.83 8.81
CA LEU C 59 17.23 52.09 7.37
C LEU C 59 18.13 53.23 6.89
N ASN C 60 18.54 54.15 7.75
CA ASN C 60 19.73 54.97 7.49
C ASN C 60 19.62 55.89 6.27
N SER C 61 18.48 55.87 5.58
CA SER C 61 18.21 56.77 4.46
C SER C 61 19.03 56.44 3.22
N ASP C 62 20.00 55.53 3.36
CA ASP C 62 20.71 54.99 2.22
C ASP C 62 20.62 53.48 2.15
N SER C 63 20.59 52.79 3.29
CA SER C 63 20.11 51.42 3.30
C SER C 63 18.71 51.35 2.73
N LEU C 64 17.90 52.39 2.98
CA LEU C 64 16.55 52.41 2.47
C LEU C 64 16.52 52.58 0.96
N ASP C 65 17.43 53.40 0.42
CA ASP C 65 17.42 53.63 -1.02
C ASP C 65 17.85 52.37 -1.78
N SER C 66 18.85 51.65 -1.28
CA SER C 66 19.20 50.39 -1.91
C SER C 66 18.10 49.35 -1.69
N LEU C 67 17.49 49.35 -0.51
CA LEU C 67 16.37 48.45 -0.26
C LEU C 67 15.22 48.70 -1.24
N ILE C 68 15.04 49.94 -1.66
CA ILE C 68 13.99 50.27 -2.61
C ILE C 68 14.42 49.92 -4.03
N SER C 69 15.66 50.21 -4.39
CA SER C 69 16.17 49.79 -5.69
C SER C 69 16.09 48.29 -5.86
N LEU C 70 16.09 47.54 -4.75
CA LEU C 70 15.98 46.09 -4.83
C LEU C 70 14.67 45.67 -5.49
N PHE C 71 13.59 46.42 -5.24
CA PHE C 71 12.31 46.08 -5.84
C PHE C 71 12.33 46.21 -7.36
N SER C 72 13.07 47.20 -7.87
CA SER C 72 13.04 47.45 -9.31
C SER C 72 13.99 46.52 -10.06
N SER C 73 15.28 46.62 -9.79
CA SER C 73 16.30 46.02 -10.63
C SER C 73 17.06 44.93 -9.89
N ASP C 74 17.48 43.91 -10.63
CA ASP C 74 18.31 42.84 -10.10
C ASP C 74 19.76 43.29 -9.92
N ASN C 75 20.05 44.57 -10.07
CA ASN C 75 21.40 45.09 -9.97
C ASN C 75 21.67 45.78 -8.62
N ALA C 76 20.76 45.66 -7.67
CA ALA C 76 20.87 46.37 -6.40
C ALA C 76 21.71 45.57 -5.42
N ILE C 77 22.10 46.24 -4.34
CA ILE C 77 23.04 45.69 -3.35
C ILE C 77 22.74 46.30 -1.99
N LEU C 78 22.62 45.44 -0.97
CA LEU C 78 22.37 45.90 0.40
C LEU C 78 23.72 46.10 1.08
N ARG C 79 24.03 47.35 1.44
CA ARG C 79 25.28 47.68 2.11
C ARG C 79 25.01 48.12 3.54
N GLY C 80 25.96 47.84 4.41
CA GLY C 80 25.87 48.14 5.82
C GLY C 80 26.47 47.01 6.62
N SER C 81 26.33 47.11 7.94
CA SER C 81 26.76 46.03 8.81
C SER C 81 26.01 44.76 8.47
N ASP C 82 26.69 43.62 8.62
CA ASP C 82 26.09 42.35 8.27
C ASP C 82 24.85 42.07 9.12
N GLU C 83 24.94 42.36 10.42
CA GLU C 83 23.80 42.14 11.30
C GLU C 83 22.71 43.19 11.11
N ASN C 84 22.94 44.23 10.31
CA ASN C 84 21.90 45.15 9.90
C ASN C 84 21.40 44.87 8.49
N VAL C 85 22.33 44.54 7.59
CA VAL C 85 21.95 44.18 6.24
C VAL C 85 21.07 42.94 6.24
N SER C 86 21.31 42.03 7.18
CA SER C 86 20.45 40.85 7.27
C SER C 86 19.02 41.24 7.62
N TYR C 87 18.85 42.13 8.59
CA TYR C 87 17.53 42.58 8.95
C TYR C 87 16.88 43.37 7.82
N SER C 88 17.67 44.12 7.06
CA SER C 88 17.09 44.83 5.93
C SER C 88 16.66 43.87 4.84
N ALA C 89 17.39 42.78 4.64
CA ALA C 89 16.99 41.78 3.66
C ALA C 89 15.74 41.05 4.11
N TYR C 90 15.62 40.76 5.40
CA TYR C 90 14.39 40.12 5.86
C TYR C 90 13.21 41.07 5.81
N LEU C 91 13.45 42.36 6.06
CA LEU C 91 12.42 43.36 5.84
C LEU C 91 12.00 43.38 4.38
N PHE C 92 12.95 43.26 3.46
CA PHE C 92 12.58 43.16 2.06
C PHE C 92 11.74 41.93 1.79
N ILE C 93 12.10 40.81 2.38
CA ILE C 93 11.29 39.59 2.23
C ILE C 93 9.84 39.89 2.59
N ILE C 94 9.64 40.49 3.76
CA ILE C 94 8.28 40.73 4.24
C ILE C 94 7.56 41.75 3.36
N LEU C 95 8.27 42.78 2.91
CA LEU C 95 7.64 43.79 2.06
C LEU C 95 7.27 43.21 0.70
N TYR C 96 8.15 42.39 0.14
CA TYR C 96 7.85 41.71 -1.11
C TYR C 96 6.59 40.88 -0.97
N TYR C 97 6.44 40.17 0.14
CA TYR C 97 5.21 39.42 0.35
C TYR C 97 4.01 40.35 0.40
N LEU C 98 4.07 41.39 1.23
CA LEU C 98 2.94 42.31 1.36
C LEU C 98 2.54 42.91 0.02
N ILE C 99 3.52 43.24 -0.82
CA ILE C 99 3.24 43.90 -2.08
C ILE C 99 2.68 42.91 -3.10
N LYS C 100 3.40 41.81 -3.34
CA LYS C 100 2.97 40.86 -4.36
C LYS C 100 1.64 40.21 -4.02
N ARG C 101 1.34 40.06 -2.74
CA ARG C 101 0.02 39.57 -2.34
C ARG C 101 -1.03 40.66 -2.39
N GLY C 102 -0.68 41.84 -2.89
CA GLY C 102 -1.63 42.93 -3.00
C GLY C 102 -2.27 43.36 -1.70
N ILE C 103 -1.64 43.04 -0.58
CA ILE C 103 -2.22 43.42 0.71
C ILE C 103 -2.02 44.90 0.98
N ILE C 104 -0.81 45.39 0.74
CA ILE C 104 -0.48 46.79 0.92
C ILE C 104 0.29 47.26 -0.30
N GLU C 105 0.09 48.51 -0.67
CA GLU C 105 0.67 49.06 -1.88
C GLU C 105 2.13 49.39 -1.67
N GLN C 106 2.89 49.35 -2.76
CA GLN C 106 4.33 49.59 -2.67
C GLN C 106 4.61 51.05 -2.33
N LYS C 107 3.86 51.98 -2.93
CA LYS C 107 4.08 53.39 -2.64
C LYS C 107 3.84 53.69 -1.16
N PHE C 108 2.78 53.13 -0.59
CA PHE C 108 2.48 53.40 0.81
C PHE C 108 3.53 52.81 1.74
N LEU C 109 4.03 51.61 1.42
CA LEU C 109 5.05 51.00 2.27
C LEU C 109 6.36 51.76 2.18
N ILE C 110 6.75 52.15 0.97
CA ILE C 110 7.97 52.94 0.82
C ILE C 110 7.83 54.25 1.56
N GLN C 111 6.64 54.84 1.56
CA GLN C 111 6.43 56.08 2.30
C GLN C 111 6.55 55.84 3.80
N ALA C 112 5.84 54.83 4.32
CA ALA C 112 5.87 54.55 5.74
C ALA C 112 7.25 54.18 6.22
N LEU C 113 8.10 53.67 5.35
CA LEU C 113 9.50 53.48 5.71
C LEU C 113 10.31 54.75 5.55
N ARG C 114 9.85 55.68 4.71
CA ARG C 114 10.66 56.84 4.39
C ARG C 114 10.64 57.88 5.50
N CYS C 115 9.46 58.29 5.97
CA CYS C 115 9.40 59.32 6.99
C CYS C 115 8.26 59.10 7.97
N GLU C 116 8.20 60.01 8.94
CA GLU C 116 7.71 59.69 10.28
C GLU C 116 6.20 59.58 10.35
N LYS C 117 5.48 60.50 9.69
CA LYS C 117 4.03 60.55 9.84
C LYS C 117 3.39 59.29 9.28
N THR C 118 3.81 58.87 8.09
CA THR C 118 3.21 57.72 7.45
C THR C 118 3.43 56.44 8.23
N ARG C 119 4.40 56.41 9.14
CA ARG C 119 4.68 55.20 9.89
C ARG C 119 3.52 54.82 10.80
N LEU C 120 2.92 55.80 11.47
CA LEU C 120 1.81 55.49 12.36
C LEU C 120 0.55 55.14 11.57
N ASP C 121 0.40 55.73 10.38
CA ASP C 121 -0.66 55.27 9.48
C ASP C 121 -0.43 53.85 9.05
N LEU C 122 0.83 53.45 8.88
CA LEU C 122 1.12 52.05 8.60
C LEU C 122 0.73 51.18 9.76
N ILE C 123 0.96 51.65 10.99
CA ILE C 123 0.52 50.88 12.16
C ILE C 123 -0.98 50.67 12.12
N ASP C 124 -1.73 51.74 11.89
CA ASP C 124 -3.18 51.65 11.76
C ASP C 124 -3.57 50.65 10.68
N LYS C 125 -2.98 50.78 9.50
CA LYS C 125 -3.35 49.93 8.37
C LYS C 125 -3.03 48.47 8.66
N LEU C 126 -1.92 48.21 9.34
CA LEU C 126 -1.57 46.84 9.70
C LEU C 126 -2.54 46.28 10.71
N TYR C 127 -3.03 47.10 11.64
CA TYR C 127 -4.05 46.57 12.54
C TYR C 127 -5.37 46.34 11.82
N ASN C 128 -5.64 47.09 10.75
CA ASN C 128 -6.83 46.82 9.95
C ASN C 128 -6.66 45.54 9.14
N LEU C 129 -5.45 45.31 8.61
CA LEU C 129 -5.19 44.22 7.71
C LEU C 129 -4.56 43.01 8.40
N ALA C 130 -4.65 42.94 9.73
CA ALA C 130 -3.98 41.86 10.45
C ALA C 130 -4.48 40.49 10.07
N PRO C 131 -5.79 40.19 10.05
CA PRO C 131 -6.20 38.83 9.70
C PRO C 131 -5.87 38.45 8.28
N ILE C 132 -5.76 39.40 7.36
CA ILE C 132 -5.36 39.09 6.00
C ILE C 132 -3.90 38.67 5.96
N ILE C 133 -3.07 39.21 6.85
CA ILE C 133 -1.65 38.96 6.83
C ILE C 133 -1.29 37.71 7.60
N SER C 134 -1.74 37.61 8.84
CA SER C 134 -1.39 36.44 9.63
C SER C 134 -2.08 35.20 9.16
N ALA C 135 -2.81 35.26 8.06
CA ALA C 135 -3.47 34.07 7.54
C ALA C 135 -2.45 33.07 7.01
N LYS C 136 -1.57 33.50 6.13
CA LYS C 136 -0.68 32.57 5.46
C LYS C 136 0.75 33.06 5.31
N ILE C 137 1.14 34.14 5.98
CA ILE C 137 2.51 34.62 5.80
C ILE C 137 3.52 33.70 6.47
N ARG C 138 3.12 32.94 7.48
CA ARG C 138 4.06 32.06 8.14
C ARG C 138 4.43 30.86 7.29
N THR C 139 3.59 30.48 6.34
CA THR C 139 3.99 29.45 5.37
C THR C 139 5.04 30.00 4.40
N TYR C 140 4.83 31.22 3.91
CA TYR C 140 5.82 31.86 3.06
C TYR C 140 7.15 32.02 3.79
N LEU C 141 7.10 32.35 5.07
CA LEU C 141 8.34 32.48 5.82
C LEU C 141 8.96 31.14 6.16
N LEU C 142 8.14 30.10 6.35
CA LEU C 142 8.71 28.76 6.48
C LEU C 142 9.45 28.35 5.22
N ALA C 143 8.92 28.71 4.06
CA ALA C 143 9.63 28.45 2.82
C ALA C 143 10.93 29.24 2.76
N ILE C 144 10.89 30.51 3.17
CA ILE C 144 12.11 31.31 3.21
C ILE C 144 13.14 30.65 4.12
N LYS C 145 12.70 30.12 5.25
CA LYS C 145 13.62 29.51 6.20
C LYS C 145 14.22 28.23 5.64
N ARG C 146 13.41 27.40 4.98
CA ARG C 146 13.94 26.21 4.34
C ARG C 146 14.97 26.58 3.29
N LEU C 147 14.68 27.58 2.47
CA LEU C 147 15.62 28.00 1.44
C LEU C 147 16.92 28.50 2.04
N SER C 148 16.84 29.29 3.11
CA SER C 148 18.05 29.84 3.68
C SER C 148 18.87 28.77 4.40
N GLU C 149 18.22 27.81 5.04
CA GLU C 149 18.96 26.68 5.59
C GLU C 149 19.57 25.83 4.49
N ALA C 150 18.96 25.82 3.31
CA ALA C 150 19.45 24.96 2.24
C ALA C 150 20.62 25.58 1.48
N LEU C 151 20.57 26.88 1.24
CA LEU C 151 21.47 27.50 0.28
C LEU C 151 22.57 28.34 0.91
N ILE C 152 22.65 28.39 2.23
CA ILE C 152 23.65 29.18 2.92
C ILE C 152 24.30 28.29 3.97
N GLU C 153 25.62 28.18 3.94
CA GLU C 153 26.31 27.32 4.88
C GLU C 153 26.09 27.81 6.30
N ALA C 154 25.98 26.86 7.23
CA ALA C 154 25.96 27.21 8.63
C ALA C 154 27.28 27.85 9.02
N ARG C 155 27.20 28.86 9.87
CA ARG C 155 28.39 29.58 10.31
C ARG C 155 29.33 28.66 11.09
N PRO D 2 -34.61 4.24 19.80
CA PRO D 2 -33.84 4.94 18.78
C PRO D 2 -32.50 4.26 18.53
N TYR D 3 -31.67 4.86 17.69
CA TYR D 3 -30.41 4.21 17.32
C TYR D 3 -29.46 4.09 18.50
N TYR D 4 -29.39 5.12 19.34
CA TYR D 4 -28.54 5.11 20.52
C TYR D 4 -29.40 5.01 21.78
N ALA D 5 -28.97 4.15 22.70
CA ALA D 5 -29.67 4.06 23.98
C ALA D 5 -29.42 5.30 24.82
N PHE D 6 -28.17 5.75 24.91
CA PHE D 6 -27.85 6.96 25.62
C PHE D 6 -26.96 7.84 24.76
N ALA D 7 -27.04 9.14 25.00
CA ALA D 7 -26.23 10.13 24.28
C ALA D 7 -25.83 11.18 25.32
N GLU D 8 -24.62 11.04 25.86
CA GLU D 8 -24.17 11.87 26.96
C GLU D 8 -23.08 12.82 26.49
N PRO D 9 -23.42 14.04 26.11
CA PRO D 9 -22.39 15.02 25.76
C PRO D 9 -21.65 15.48 26.99
N PHE D 10 -20.44 15.98 26.77
CA PHE D 10 -19.64 16.48 27.88
C PHE D 10 -18.77 17.60 27.38
N PHE D 11 -18.25 18.36 28.32
CA PHE D 11 -17.25 19.37 28.04
C PHE D 11 -15.91 18.88 28.55
N ILE D 12 -14.85 19.28 27.87
CA ILE D 12 -13.49 18.90 28.21
C ILE D 12 -12.78 20.16 28.65
N HIS D 13 -12.50 20.27 29.95
CA HIS D 13 -11.83 21.44 30.51
C HIS D 13 -10.38 21.11 30.78
N ALA D 14 -9.48 21.83 30.15
CA ALA D 14 -8.06 21.66 30.38
C ALA D 14 -7.70 22.19 31.76
N ILE D 15 -7.30 21.28 32.65
CA ILE D 15 -6.83 21.71 33.97
C ILE D 15 -5.41 22.24 33.88
N THR D 16 -4.50 21.42 33.39
CA THR D 16 -3.18 21.86 33.01
C THR D 16 -3.17 22.16 31.51
N HIS D 17 -2.01 22.41 30.95
CA HIS D 17 -1.92 22.58 29.51
C HIS D 17 -2.08 21.23 28.82
N LEU D 18 -2.57 21.27 27.59
CA LEU D 18 -2.86 20.08 26.82
C LEU D 18 -1.97 20.01 25.61
N HIS D 19 -1.41 18.83 25.36
CA HIS D 19 -0.76 18.54 24.10
C HIS D 19 -1.31 17.25 23.55
N VAL D 20 -2.12 17.36 22.51
CA VAL D 20 -2.56 16.22 21.72
C VAL D 20 -2.00 16.45 20.33
N GLY D 21 -1.05 15.64 19.93
CA GLY D 21 -0.25 15.93 18.77
C GLY D 21 -0.74 15.29 17.49
N SER D 22 -0.35 15.88 16.37
CA SER D 22 -0.57 15.32 15.06
C SER D 22 0.71 14.81 14.42
N GLY D 23 1.86 15.05 15.03
CA GLY D 23 3.09 14.38 14.65
C GLY D 23 3.87 14.87 13.44
N SER D 24 4.38 16.09 13.50
CA SER D 24 5.56 16.50 12.72
C SER D 24 5.35 16.36 11.21
N SER D 25 4.46 17.20 10.70
CA SER D 25 4.34 17.35 9.26
C SER D 25 5.54 18.12 8.70
N VAL D 26 5.59 18.20 7.38
CA VAL D 26 6.63 18.99 6.71
C VAL D 26 6.15 20.40 6.42
N GLU D 27 4.85 20.59 6.19
CA GLU D 27 4.34 21.92 5.90
C GLU D 27 4.12 22.77 7.14
N GLU D 28 4.16 22.16 8.32
CA GLU D 28 4.03 22.90 9.56
C GLU D 28 5.36 23.59 9.91
N GLU D 29 5.30 24.50 10.88
CA GLU D 29 6.45 25.31 11.24
C GLU D 29 6.99 24.99 12.63
N ILE D 30 6.42 24.05 13.35
CA ILE D 30 6.66 23.97 14.78
C ILE D 30 7.27 22.65 15.22
N ALA D 31 7.00 21.58 14.48
CA ALA D 31 7.50 20.22 14.63
C ALA D 31 6.80 19.40 15.70
N LEU D 32 5.91 19.95 16.52
CA LEU D 32 4.99 19.15 17.32
C LEU D 32 3.72 19.95 17.54
N PRO D 33 2.90 20.10 16.51
CA PRO D 33 1.71 20.94 16.62
C PRO D 33 0.57 20.20 17.29
N PHE D 34 -0.44 20.97 17.68
CA PHE D 34 -1.66 20.41 18.23
C PHE D 34 -2.53 19.88 17.10
N GLN D 35 -3.32 18.85 17.40
CA GLN D 35 -4.27 18.33 16.43
C GLN D 35 -5.24 19.40 15.99
N ARG D 36 -5.24 19.71 14.70
CA ARG D 36 -6.20 20.63 14.11
C ARG D 36 -7.32 19.84 13.45
N ASP D 37 -8.33 20.57 13.01
CA ASP D 37 -9.44 19.95 12.30
C ASP D 37 -9.51 20.51 10.89
N GLU D 38 -10.56 20.15 10.16
CA GLU D 38 -10.68 20.53 8.77
C GLU D 38 -10.77 22.04 8.60
N LEU D 39 -11.27 22.75 9.60
CA LEU D 39 -11.35 24.20 9.53
C LEU D 39 -10.10 24.89 10.04
N GLY D 40 -9.24 24.17 10.77
CA GLY D 40 -8.02 24.73 11.30
C GLY D 40 -8.03 24.92 12.80
N TYR D 41 -9.14 24.69 13.46
CA TYR D 41 -9.21 24.88 14.88
C TYR D 41 -8.61 23.68 15.61
N PRO D 42 -8.04 23.89 16.79
CA PRO D 42 -7.57 22.76 17.58
C PRO D 42 -8.71 21.82 17.92
N THR D 43 -8.41 20.53 17.95
CA THR D 43 -9.41 19.52 18.23
C THR D 43 -8.73 18.37 18.93
N ILE D 44 -9.53 17.46 19.46
CA ILE D 44 -9.06 16.19 19.96
C ILE D 44 -9.80 15.12 19.19
N TYR D 45 -9.08 14.42 18.31
CA TYR D 45 -9.67 13.33 17.55
C TYR D 45 -10.32 12.33 18.48
N ALA D 46 -11.44 11.77 18.03
CA ALA D 46 -12.16 10.83 18.87
C ALA D 46 -11.34 9.59 19.17
N SER D 47 -10.36 9.28 18.33
CA SER D 47 -9.50 8.14 18.60
C SER D 47 -8.61 8.39 19.80
N SER D 48 -8.01 9.58 19.87
CA SER D 48 -7.22 9.94 21.04
C SER D 48 -8.07 9.96 22.29
N LEU D 49 -9.22 10.63 22.23
CA LEU D 49 -10.17 10.62 23.32
C LEU D 49 -10.48 9.21 23.78
N LYS D 50 -10.83 8.35 22.84
CA LYS D 50 -11.28 7.02 23.20
C LYS D 50 -10.16 6.21 23.83
N GLY D 51 -8.96 6.29 23.26
CA GLY D 51 -7.85 5.53 23.81
C GLY D 51 -7.50 5.98 25.21
N ALA D 52 -7.40 7.30 25.42
CA ALA D 52 -7.07 7.82 26.73
C ALA D 52 -8.13 7.42 27.75
N ILE D 53 -9.39 7.68 27.44
CA ILE D 53 -10.46 7.39 28.39
C ILE D 53 -10.57 5.90 28.64
N LYS D 54 -10.36 5.09 27.62
CA LYS D 54 -10.51 3.65 27.77
C LYS D 54 -9.41 3.07 28.63
N SER D 55 -8.17 3.50 28.42
CA SER D 55 -7.08 3.04 29.27
C SER D 55 -7.29 3.50 30.71
N PHE D 56 -7.66 4.76 30.90
CA PHE D 56 -7.93 5.24 32.24
C PHE D 56 -9.00 4.40 32.93
N LEU D 57 -10.10 4.13 32.23
CA LEU D 57 -11.19 3.38 32.82
C LEU D 57 -10.79 1.94 33.11
N LEU D 58 -10.01 1.33 32.22
CA LEU D 58 -9.58 -0.03 32.44
C LEU D 58 -8.66 -0.15 33.64
N LYS D 59 -7.93 0.91 33.97
CA LYS D 59 -7.12 0.87 35.18
C LYS D 59 -7.85 1.32 36.43
N GLU D 60 -8.87 2.15 36.29
CA GLU D 60 -9.55 2.74 37.44
C GLU D 60 -10.82 2.00 37.83
N PHE D 61 -11.29 1.07 37.02
CA PHE D 61 -12.45 0.23 37.36
C PHE D 61 -12.08 -1.21 37.05
N PRO D 62 -11.19 -1.80 37.83
CA PRO D 62 -10.70 -3.15 37.52
C PRO D 62 -11.77 -4.23 37.65
N ASP D 63 -12.87 -3.94 38.33
CA ASP D 63 -13.94 -4.92 38.47
C ASP D 63 -14.99 -4.82 37.38
N LYS D 64 -14.83 -3.90 36.44
CA LYS D 64 -15.85 -3.68 35.42
C LYS D 64 -15.29 -3.75 34.01
N ARG D 65 -14.13 -4.39 33.85
CA ARG D 65 -13.48 -4.46 32.54
C ARG D 65 -14.44 -4.95 31.48
N ASP D 66 -15.10 -6.08 31.73
CA ASP D 66 -16.07 -6.61 30.78
C ASP D 66 -17.07 -5.54 30.37
N VAL D 67 -17.68 -4.87 31.35
CA VAL D 67 -18.60 -3.79 31.02
C VAL D 67 -17.91 -2.80 30.11
N ILE D 68 -16.73 -2.32 30.52
CA ILE D 68 -15.96 -1.40 29.70
C ILE D 68 -15.69 -2.03 28.34
N TYR D 69 -15.23 -3.29 28.34
CA TYR D 69 -14.95 -3.96 27.08
C TYR D 69 -16.20 -4.05 26.22
N LYS D 70 -17.35 -4.27 26.85
CA LYS D 70 -18.58 -4.35 26.09
C LYS D 70 -18.92 -3.02 25.45
N VAL D 71 -18.59 -1.92 26.12
CA VAL D 71 -19.04 -0.62 25.63
C VAL D 71 -17.99 0.02 24.74
N LEU D 72 -16.72 -0.07 25.12
CA LEU D 72 -15.66 0.60 24.40
C LEU D 72 -14.87 -0.33 23.51
N GLY D 73 -15.18 -1.61 23.50
CA GLY D 73 -14.50 -2.46 22.56
C GLY D 73 -13.56 -3.43 23.24
N GLU D 74 -13.35 -4.56 22.60
CA GLU D 74 -12.41 -5.54 23.09
C GLU D 74 -11.01 -5.21 22.61
N ASP D 75 -10.02 -5.38 23.47
CA ASP D 75 -8.65 -5.13 23.08
C ASP D 75 -8.10 -6.27 22.23
N GLU D 76 -8.38 -7.51 22.62
CA GLU D 76 -7.93 -8.70 21.92
C GLU D 76 -9.12 -9.48 21.40
N ASN D 77 -9.07 -9.89 20.14
CA ASN D 77 -10.07 -10.76 19.53
C ASN D 77 -11.46 -10.19 19.66
N PRO D 78 -11.78 -9.10 18.99
CA PRO D 78 -13.11 -8.48 19.13
C PRO D 78 -14.17 -9.28 18.39
N GLU D 79 -15.03 -9.95 19.15
CA GLU D 79 -16.15 -10.70 18.57
C GLU D 79 -17.27 -9.79 18.11
N GLU D 80 -17.26 -8.52 18.49
CA GLU D 80 -18.29 -7.60 18.09
C GLU D 80 -17.73 -6.19 18.17
N ALA D 81 -18.50 -5.25 17.65
CA ALA D 81 -18.08 -3.86 17.66
C ALA D 81 -18.32 -3.25 19.02
N SER D 82 -17.72 -2.07 19.24
CA SER D 82 -17.97 -1.34 20.46
C SER D 82 -19.39 -0.79 20.45
N LEU D 83 -20.07 -0.89 21.59
CA LEU D 83 -21.39 -0.29 21.70
C LEU D 83 -21.31 1.22 21.77
N GLY D 84 -20.22 1.75 22.30
CA GLY D 84 -20.07 3.18 22.51
C GLY D 84 -19.33 3.87 21.38
N THR D 85 -19.62 5.15 21.21
CA THR D 85 -19.07 5.98 20.17
C THR D 85 -18.61 7.31 20.78
N PHE D 86 -17.49 7.82 20.31
CA PHE D 86 -17.00 9.14 20.66
C PHE D 86 -17.02 10.02 19.43
N LEU D 87 -17.46 11.26 19.58
CA LEU D 87 -17.29 12.22 18.51
C LEU D 87 -16.02 13.03 18.74
N ASP D 88 -15.41 13.49 17.64
CA ASP D 88 -14.28 14.39 17.74
C ASP D 88 -14.62 15.56 18.65
N ALA D 89 -13.74 15.84 19.60
CA ALA D 89 -13.96 16.95 20.51
C ALA D 89 -13.76 18.26 19.78
N ILE D 90 -14.81 19.02 19.67
CA ILE D 90 -14.76 20.32 18.98
C ILE D 90 -14.33 21.36 19.98
N LEU D 91 -13.49 22.29 19.54
CA LEU D 91 -13.12 23.42 20.38
C LEU D 91 -14.35 24.25 20.69
N PHE D 92 -14.69 24.33 21.97
CA PHE D 92 -15.79 25.21 22.36
C PHE D 92 -15.29 26.62 22.60
N ALA D 93 -14.37 26.79 23.54
CA ALA D 93 -13.87 28.11 23.89
C ALA D 93 -12.41 27.99 24.29
N ILE D 94 -11.59 28.92 23.81
CA ILE D 94 -10.16 28.89 24.09
C ILE D 94 -9.77 30.20 24.79
N PRO D 95 -8.96 30.14 25.85
CA PRO D 95 -8.44 31.37 26.43
C PRO D 95 -7.60 32.15 25.44
N SER D 96 -7.79 33.45 25.42
CA SER D 96 -7.05 34.35 24.55
C SER D 96 -6.57 35.55 25.35
N ARG D 97 -5.37 36.03 25.03
CA ARG D 97 -4.82 37.19 25.71
C ARG D 97 -5.47 38.47 25.18
N ILE D 98 -5.78 39.38 26.10
CA ILE D 98 -6.56 40.56 25.78
C ILE D 98 -5.92 41.80 26.40
N ILE D 99 -5.97 42.90 25.68
CA ILE D 99 -5.69 44.24 26.20
C ILE D 99 -6.92 45.09 25.92
N GLU D 100 -7.42 45.75 26.96
CA GLU D 100 -8.64 46.53 26.80
C GLU D 100 -8.64 47.71 27.76
N ILE D 101 -8.86 48.90 27.22
CA ILE D 101 -9.11 50.09 28.02
C ILE D 101 -10.60 50.19 28.30
N ASP D 102 -10.98 51.05 29.24
CA ASP D 102 -12.39 51.39 29.47
C ASP D 102 -13.19 50.15 29.90
N SER D 103 -12.81 49.60 31.04
CA SER D 103 -13.60 48.57 31.70
C SER D 103 -13.23 48.54 33.17
N ALA D 104 -14.24 48.55 34.04
CA ALA D 104 -13.98 48.56 35.48
C ALA D 104 -13.34 47.24 35.93
N LYS D 105 -13.90 46.12 35.49
CA LYS D 105 -13.32 44.83 35.79
C LYS D 105 -12.21 44.53 34.78
N PRO D 106 -10.97 44.39 35.22
CA PRO D 106 -9.87 44.10 34.30
C PRO D 106 -9.70 42.61 34.05
N TYR D 107 -9.21 42.29 32.86
CA TYR D 107 -9.07 40.91 32.41
C TYR D 107 -7.69 40.71 31.81
N VAL D 108 -7.05 39.61 32.19
CA VAL D 108 -5.78 39.25 31.57
C VAL D 108 -6.02 38.39 30.34
N TRP D 109 -7.01 37.50 30.40
CA TRP D 109 -7.37 36.68 29.26
C TRP D 109 -8.86 36.52 29.23
N VAL D 110 -9.37 36.19 28.04
CA VAL D 110 -10.80 36.06 27.81
C VAL D 110 -11.03 34.83 26.94
N TYR D 111 -12.21 34.23 27.09
CA TYR D 111 -12.60 33.13 26.22
C TYR D 111 -12.98 33.64 24.85
N VAL D 112 -12.59 32.91 23.82
CA VAL D 112 -12.90 33.26 22.45
C VAL D 112 -13.54 32.06 21.78
N THR D 113 -14.57 32.33 20.97
CA THR D 113 -15.24 31.34 20.16
C THR D 113 -15.51 31.96 18.80
N THR D 114 -15.92 31.13 17.86
CA THR D 114 -16.41 31.60 16.58
C THR D 114 -17.80 31.05 16.36
N TYR D 115 -18.49 31.57 15.35
CA TYR D 115 -19.78 31.03 14.99
C TYR D 115 -19.65 29.67 14.32
N GLU D 116 -18.51 29.41 13.68
CA GLU D 116 -18.26 28.08 13.14
C GLU D 116 -18.31 27.02 14.22
N LEU D 117 -17.59 27.24 15.31
CA LEU D 117 -17.54 26.23 16.37
C LEU D 117 -18.89 26.07 17.03
N LEU D 118 -19.63 27.16 17.18
CA LEU D 118 -20.96 27.06 17.76
C LEU D 118 -21.90 26.32 16.83
N LYS D 119 -21.78 26.55 15.53
CA LYS D 119 -22.60 25.82 14.58
C LYS D 119 -22.24 24.34 14.58
N LYS D 120 -20.99 24.00 14.82
CA LYS D 120 -20.62 22.59 14.89
C LYS D 120 -21.18 21.95 16.15
N VAL D 121 -21.19 22.68 17.27
CA VAL D 121 -21.79 22.16 18.50
C VAL D 121 -23.28 21.96 18.31
N LYS D 122 -23.93 22.92 17.67
CA LYS D 122 -25.34 22.80 17.34
C LYS D 122 -25.61 21.59 16.45
N LEU D 123 -24.75 21.38 15.46
CA LEU D 123 -24.89 20.24 14.57
C LEU D 123 -24.79 18.93 15.34
N TYR D 124 -23.81 18.84 16.24
CA TYR D 124 -23.69 17.65 17.08
C TYR D 124 -24.98 17.42 17.86
N LEU D 125 -25.52 18.48 18.45
CA LEU D 125 -26.70 18.31 19.29
C LEU D 125 -27.92 17.91 18.47
N ASP D 126 -28.09 18.51 17.30
CA ASP D 126 -29.20 18.13 16.43
C ASP D 126 -29.07 16.68 15.98
N SER D 127 -27.86 16.27 15.63
CA SER D 127 -27.66 14.91 15.16
C SER D 127 -27.94 13.91 16.26
N ILE D 128 -27.53 14.21 17.49
CA ILE D 128 -27.77 13.24 18.54
C ILE D 128 -29.22 13.28 19.01
N SER D 129 -29.93 14.38 18.78
CA SER D 129 -31.35 14.37 19.04
C SER D 129 -32.10 13.55 18.00
N GLN D 130 -31.60 13.53 16.75
CA GLN D 130 -32.23 12.72 15.73
C GLN D 130 -31.96 11.23 15.87
N LEU D 131 -30.88 10.84 16.54
CA LEU D 131 -30.49 9.45 16.63
C LEU D 131 -30.73 8.85 18.01
N SER D 132 -31.33 9.61 18.93
CA SER D 132 -31.56 9.11 20.27
C SER D 132 -32.79 9.78 20.83
N ASN D 133 -33.21 9.32 22.01
CA ASN D 133 -34.32 9.91 22.75
C ASN D 133 -33.88 11.08 23.60
N ALA D 134 -32.71 11.63 23.33
CA ALA D 134 -32.17 12.71 24.12
C ALA D 134 -32.42 14.05 23.44
N SER D 135 -32.83 15.03 24.23
CA SER D 135 -32.98 16.40 23.77
C SER D 135 -32.27 17.31 24.75
N PHE D 136 -31.26 18.03 24.28
CA PHE D 136 -30.58 19.03 25.07
C PHE D 136 -31.06 20.40 24.60
N SER D 137 -32.29 20.74 24.99
CA SER D 137 -32.91 21.94 24.46
C SER D 137 -32.42 23.20 25.15
N ASN D 138 -31.94 23.10 26.39
CA ASN D 138 -31.32 24.26 27.03
C ASN D 138 -30.09 24.71 26.26
N LEU D 139 -29.16 23.78 26.02
CA LEU D 139 -27.99 24.08 25.21
C LEU D 139 -28.39 24.59 23.84
N LYS D 140 -29.32 23.91 23.18
CA LYS D 140 -29.71 24.33 21.84
C LYS D 140 -30.26 25.75 21.85
N ASN D 141 -31.02 26.10 22.88
CA ASN D 141 -31.62 27.43 22.93
C ASN D 141 -30.56 28.49 23.16
N LYS D 142 -29.64 28.26 24.10
CA LYS D 142 -28.56 29.23 24.30
C LYS D 142 -27.72 29.37 23.05
N ILE D 143 -27.38 28.24 22.42
CA ILE D 143 -26.50 28.26 21.28
C ILE D 143 -27.14 28.98 20.11
N ASP D 144 -28.43 28.74 19.85
CA ASP D 144 -29.03 29.42 18.71
C ASP D 144 -29.36 30.87 19.04
N THR D 145 -29.57 31.20 20.31
CA THR D 145 -29.62 32.59 20.71
C THR D 145 -28.34 33.31 20.33
N ILE D 146 -27.19 32.69 20.62
CA ILE D 146 -25.92 33.28 20.20
C ILE D 146 -25.81 33.29 18.67
N LEU D 147 -26.22 32.21 18.03
CA LEU D 147 -26.07 32.09 16.59
C LEU D 147 -26.91 33.11 15.84
N ALA D 148 -27.99 33.59 16.45
CA ALA D 148 -28.81 34.63 15.83
C ALA D 148 -27.99 35.88 15.54
N LYS D 149 -26.88 36.09 16.25
CA LYS D 149 -26.05 37.26 16.04
C LYS D 149 -24.93 37.04 15.04
N GLU D 150 -24.90 35.87 14.39
CA GLU D 150 -23.82 35.53 13.48
C GLU D 150 -23.59 36.63 12.46
N GLY D 151 -22.32 37.00 12.29
CA GLY D 151 -21.95 38.06 11.36
C GLY D 151 -21.32 39.26 12.01
N LYS D 152 -21.12 39.27 13.33
CA LYS D 152 -20.48 40.39 13.99
C LYS D 152 -19.96 39.91 15.34
N ASN D 153 -18.87 40.52 15.77
CA ASN D 153 -18.24 40.11 17.03
C ASN D 153 -19.09 40.56 18.20
N ILE D 154 -19.33 39.65 19.14
CA ILE D 154 -20.13 39.94 20.31
C ILE D 154 -19.39 39.56 21.57
N THR D 155 -19.84 40.11 22.68
CA THR D 155 -19.37 39.74 24.01
C THR D 155 -20.57 39.32 24.83
N LEU D 156 -20.45 38.18 25.52
CA LEU D 156 -21.60 37.73 26.29
C LEU D 156 -21.66 38.39 27.66
N ASP D 157 -20.75 38.03 28.56
CA ASP D 157 -20.82 38.54 29.94
C ASP D 157 -19.77 39.62 30.21
N SER D 158 -19.90 40.74 29.51
CA SER D 158 -18.97 41.83 29.76
C SER D 158 -19.48 43.11 29.11
N ASP D 159 -18.81 44.21 29.44
CA ASP D 159 -19.05 45.52 28.85
C ASP D 159 -17.93 45.92 27.90
N LEU D 160 -17.24 44.95 27.32
CA LEU D 160 -16.14 45.23 26.42
C LEU D 160 -16.67 45.82 25.13
N LYS D 161 -16.15 46.98 24.76
CA LYS D 161 -16.46 47.58 23.47
C LYS D 161 -15.34 47.36 22.46
N SER D 162 -14.10 47.61 22.86
CA SER D 162 -12.93 47.38 22.04
C SER D 162 -11.98 46.46 22.77
N ALA D 163 -11.03 45.89 22.02
CA ALA D 163 -10.00 45.06 22.62
C ALA D 163 -8.96 44.75 21.55
N ILE D 164 -7.76 44.42 22.02
CA ILE D 164 -6.73 43.81 21.21
C ILE D 164 -6.53 42.39 21.72
N LEU D 165 -6.75 41.41 20.85
CA LEU D 165 -6.65 40.01 21.22
C LEU D 165 -5.36 39.43 20.66
N ASN D 166 -4.59 38.77 21.52
CA ASN D 166 -3.31 38.18 21.15
C ASN D 166 -2.44 39.20 20.42
N GLU D 167 -2.50 40.45 20.89
CA GLU D 167 -1.63 41.56 20.51
C GLU D 167 -1.52 41.79 19.02
N ASP D 168 -2.40 41.19 18.23
CA ASP D 168 -2.43 41.41 16.80
C ASP D 168 -3.76 41.92 16.27
N PHE D 169 -4.86 41.59 16.93
CA PHE D 169 -6.18 41.71 16.33
C PHE D 169 -7.02 42.68 17.13
N TYR D 170 -7.26 43.85 16.56
CA TYR D 170 -8.16 44.83 17.13
C TYR D 170 -9.59 44.47 16.75
N VAL D 171 -10.45 44.28 17.74
CA VAL D 171 -11.85 43.94 17.51
C VAL D 171 -12.73 44.94 18.22
N GLU D 172 -13.83 45.30 17.58
CA GLU D 172 -14.92 46.03 18.22
C GLU D 172 -16.04 45.05 18.51
N LEU D 173 -16.49 45.00 19.75
CA LEU D 173 -17.48 44.02 20.17
C LEU D 173 -18.82 44.70 20.38
N GLU D 174 -19.79 43.92 20.83
CA GLU D 174 -21.11 44.43 21.19
C GLU D 174 -21.78 43.41 22.10
N ALA D 175 -22.59 43.92 23.02
CA ALA D 175 -23.10 43.08 24.09
C ALA D 175 -24.15 42.11 23.58
N LEU D 176 -24.43 41.10 24.41
CA LEU D 176 -25.51 40.15 24.18
C LEU D 176 -26.01 39.69 25.54
N ASN D 177 -27.32 39.75 25.75
CA ASN D 177 -27.90 39.48 27.06
C ASN D 177 -28.32 38.02 27.22
N ASN D 178 -27.40 37.09 26.98
CA ASN D 178 -27.66 35.67 27.21
C ASN D 178 -26.80 35.13 28.34
N LYS D 179 -25.48 35.26 28.24
CA LYS D 179 -24.57 34.96 29.34
C LYS D 179 -24.68 33.53 29.87
N ILE D 180 -24.28 32.54 29.08
CA ILE D 180 -24.18 31.16 29.56
C ILE D 180 -23.19 31.07 30.72
N PRO D 181 -23.68 30.90 31.96
CA PRO D 181 -22.78 30.97 33.12
C PRO D 181 -22.32 29.62 33.66
N SER D 182 -22.92 28.52 33.19
CA SER D 182 -22.58 27.22 33.73
C SER D 182 -21.38 26.60 33.04
N ILE D 183 -21.10 27.02 31.81
CA ILE D 183 -19.91 26.57 31.10
C ILE D 183 -18.76 27.56 31.23
N ILE D 184 -19.05 28.80 31.62
CA ILE D 184 -18.03 29.82 31.85
C ILE D 184 -18.03 30.32 33.28
N ASN D 185 -18.24 29.43 34.25
CA ASN D 185 -18.52 29.72 35.65
C ASN D 185 -17.78 30.92 36.22
N ALA D 186 -16.49 31.04 35.91
CA ALA D 186 -15.62 31.97 36.63
C ALA D 186 -15.89 33.43 36.27
N GLY D 187 -16.98 33.69 35.56
CA GLY D 187 -17.33 35.04 35.21
C GLY D 187 -16.38 35.64 34.19
N VAL D 188 -15.50 34.81 33.67
CA VAL D 188 -14.61 35.20 32.58
C VAL D 188 -15.51 35.54 31.39
N PRO D 189 -15.27 36.64 30.68
CA PRO D 189 -16.11 36.94 29.52
C PRO D 189 -15.93 35.90 28.43
N LEU D 190 -16.90 35.85 27.53
CA LEU D 190 -16.87 34.95 26.39
C LEU D 190 -17.11 35.78 25.14
N LEU D 191 -16.09 35.91 24.31
CA LEU D 191 -16.21 36.56 23.03
C LEU D 191 -16.59 35.55 21.98
N VAL D 192 -17.47 35.94 21.06
CA VAL D 192 -17.80 35.14 19.90
C VAL D 192 -17.50 36.00 18.69
N LEU D 193 -16.49 35.61 17.94
CA LEU D 193 -16.02 36.41 16.82
C LEU D 193 -16.47 35.82 15.50
N GLU D 194 -16.42 36.65 14.47
CA GLU D 194 -16.63 36.15 13.13
C GLU D 194 -15.61 35.08 12.81
N ASP D 195 -15.89 34.29 11.79
CA ASP D 195 -15.01 33.17 11.48
C ASP D 195 -13.75 33.61 10.77
N SER D 196 -13.81 34.71 10.02
CA SER D 196 -12.62 35.17 9.31
C SER D 196 -11.63 35.83 10.25
N ILE D 197 -12.09 36.40 11.35
CA ILE D 197 -11.19 36.99 12.33
C ILE D 197 -10.88 36.01 13.45
N GLY D 198 -11.81 35.12 13.78
CA GLY D 198 -11.60 34.22 14.90
C GLY D 198 -10.64 33.09 14.63
N ARG D 199 -10.47 32.72 13.37
CA ARG D 199 -9.49 31.69 13.04
C ARG D 199 -8.09 32.12 13.44
N GLU D 200 -7.69 33.32 13.04
CA GLU D 200 -6.34 33.79 13.35
C GLU D 200 -6.16 33.99 14.85
N VAL D 201 -7.15 34.58 15.50
CA VAL D 201 -7.09 34.79 16.94
C VAL D 201 -6.88 33.46 17.65
N ILE D 202 -7.77 32.50 17.39
CA ILE D 202 -7.70 31.22 18.07
C ILE D 202 -6.39 30.51 17.75
N ASN D 203 -5.93 30.60 16.52
CA ASN D 203 -4.72 29.88 16.17
C ASN D 203 -3.48 30.49 16.82
N ARG D 204 -3.46 31.81 16.98
CA ARG D 204 -2.38 32.40 17.74
C ARG D 204 -2.64 32.40 19.23
N SER D 205 -3.70 31.74 19.66
CA SER D 205 -4.01 31.62 21.07
C SER D 205 -3.43 30.36 21.70
N LEU D 206 -2.60 29.61 21.00
CA LEU D 206 -1.97 28.43 21.56
C LEU D 206 -0.55 28.76 21.97
N ILE D 207 0.01 27.89 22.81
CA ILE D 207 1.29 28.15 23.47
C ILE D 207 2.36 27.32 22.78
N ARG D 208 3.29 27.99 22.11
CA ARG D 208 4.43 27.34 21.47
C ARG D 208 5.65 27.49 22.36
N VAL D 209 6.03 26.41 23.02
CA VAL D 209 7.18 26.39 23.92
C VAL D 209 8.33 25.70 23.23
N ARG D 210 9.51 26.29 23.30
CA ARG D 210 10.72 25.65 22.79
C ARG D 210 11.34 24.79 23.87
N ARG D 211 11.79 23.61 23.47
CA ARG D 211 12.52 22.71 24.35
C ARG D 211 13.84 22.36 23.67
N ILE D 212 14.80 21.92 24.47
CA ILE D 212 16.13 21.61 23.98
C ILE D 212 16.61 20.33 24.63
N ARG D 213 17.73 19.81 24.13
CA ARG D 213 18.43 18.71 24.73
C ARG D 213 19.87 19.15 25.02
N ILE D 214 20.32 18.90 26.23
CA ILE D 214 21.63 19.34 26.68
C ILE D 214 22.63 18.23 26.45
N ASP D 215 23.73 18.55 25.74
CA ASP D 215 24.85 17.64 25.60
C ASP D 215 25.54 17.51 26.95
N ARG D 216 25.30 16.40 27.63
CA ARG D 216 25.64 16.26 29.04
C ARG D 216 27.13 16.09 29.28
N ASP D 217 27.95 16.34 28.28
CA ASP D 217 29.40 16.39 28.44
C ASP D 217 29.91 17.83 28.40
N LYS D 218 29.51 18.58 27.38
CA LYS D 218 29.80 20.00 27.29
C LYS D 218 28.76 20.85 28.00
N LYS D 219 27.63 20.26 28.40
CA LYS D 219 26.54 20.97 29.06
C LYS D 219 26.05 22.14 28.23
N VAL D 220 26.00 21.94 26.92
CA VAL D 220 25.38 22.88 26.00
C VAL D 220 24.37 22.11 25.17
N VAL D 221 23.68 22.82 24.29
CA VAL D 221 22.61 22.21 23.53
C VAL D 221 23.19 21.25 22.50
N GLU D 222 22.70 20.03 22.48
CA GLU D 222 23.10 19.08 21.45
C GLU D 222 22.78 19.64 20.07
N THR D 223 23.63 19.33 19.11
CA THR D 223 23.36 19.76 17.76
C THR D 223 22.04 19.17 17.28
N GLY D 224 21.19 20.01 16.72
CA GLY D 224 19.87 19.61 16.29
C GLY D 224 18.85 19.42 17.38
N GLY D 225 19.24 19.50 18.65
CA GLY D 225 18.32 19.26 19.74
C GLY D 225 17.51 20.46 20.16
N LEU D 226 16.75 21.03 19.23
CA LEU D 226 15.92 22.19 19.49
C LEU D 226 14.62 22.03 18.73
N TRP D 227 13.49 22.10 19.42
CA TRP D 227 12.20 21.94 18.78
C TRP D 227 11.15 22.70 19.58
N SER D 228 9.97 22.87 18.97
CA SER D 228 8.86 23.56 19.58
C SER D 228 7.66 22.64 19.73
N GLU D 229 6.86 22.90 20.75
CA GLU D 229 5.64 22.14 21.00
C GLU D 229 4.49 23.11 21.21
N GLU D 230 3.39 22.91 20.50
CA GLU D 230 2.18 23.66 20.74
C GLU D 230 1.40 23.04 21.88
N TYR D 231 0.93 23.88 22.79
CA TYR D 231 0.02 23.44 23.82
C TYR D 231 -1.27 24.22 23.71
N VAL D 232 -2.32 23.62 24.23
CA VAL D 232 -3.61 24.27 24.41
C VAL D 232 -3.63 24.84 25.81
N PRO D 233 -3.97 26.11 25.99
CA PRO D 233 -3.94 26.71 27.33
C PRO D 233 -4.80 25.94 28.32
N MET D 234 -4.44 26.06 29.58
CA MET D 234 -5.32 25.56 30.62
C MET D 234 -6.63 26.31 30.60
N LYS D 235 -7.69 25.64 31.04
CA LYS D 235 -9.06 26.15 31.03
C LYS D 235 -9.64 26.25 29.63
N THR D 236 -9.04 25.59 28.65
CA THR D 236 -9.67 25.48 27.35
C THR D 236 -10.81 24.48 27.43
N ILE D 237 -11.86 24.73 26.67
CA ILE D 237 -13.05 23.87 26.70
C ILE D 237 -13.23 23.25 25.32
N PHE D 238 -13.39 21.94 25.31
CA PHE D 238 -13.80 21.20 24.13
C PHE D 238 -15.18 20.63 24.38
N PHE D 239 -15.88 20.32 23.29
CA PHE D 239 -17.20 19.72 23.38
C PHE D 239 -17.20 18.38 22.66
N SER D 240 -17.67 17.34 23.32
CA SER D 240 -17.80 16.03 22.72
C SER D 240 -19.07 15.37 23.23
N VAL D 241 -19.43 14.27 22.57
CA VAL D 241 -20.57 13.45 22.96
C VAL D 241 -20.10 12.01 23.05
N LEU D 242 -20.65 11.27 24.00
CA LEU D 242 -20.42 9.83 24.10
C LEU D 242 -21.75 9.14 23.81
N LEU D 243 -21.82 8.46 22.68
CA LEU D 243 -23.04 7.78 22.25
C LEU D 243 -22.94 6.31 22.60
N GLY D 244 -24.05 5.73 23.01
CA GLY D 244 -24.05 4.32 23.37
C GLY D 244 -25.23 3.57 22.81
N LYS D 245 -24.98 2.40 22.24
CA LYS D 245 -26.07 1.58 21.75
C LYS D 245 -26.67 0.77 22.88
N GLU D 246 -27.86 0.23 22.63
CA GLU D 246 -28.61 -0.41 23.69
C GLU D 246 -27.97 -1.73 24.09
N SER D 247 -27.85 -1.92 25.40
CA SER D 247 -27.31 -3.14 25.97
C SER D 247 -27.46 -3.05 27.47
N LYS D 248 -27.47 -4.22 28.11
CA LYS D 248 -27.50 -4.24 29.55
C LYS D 248 -26.22 -3.68 30.15
N GLU D 249 -25.11 -3.71 29.40
CA GLU D 249 -23.87 -3.13 29.88
C GLU D 249 -23.83 -1.62 29.67
N SER D 250 -24.37 -1.13 28.56
CA SER D 250 -24.47 0.31 28.35
C SER D 250 -25.18 0.99 29.50
N ALA D 251 -26.17 0.33 30.08
CA ALA D 251 -26.84 0.88 31.25
C ALA D 251 -25.89 1.04 32.41
N ILE D 252 -25.13 -0.02 32.73
CA ILE D 252 -24.15 0.05 33.81
C ILE D 252 -23.08 1.08 33.48
N PHE D 253 -22.66 1.13 32.22
CA PHE D 253 -21.64 2.10 31.81
C PHE D 253 -22.13 3.52 32.05
N ALA D 254 -23.34 3.84 31.60
CA ALA D 254 -23.83 5.20 31.70
C ALA D 254 -24.31 5.58 33.10
N SER D 255 -24.59 4.60 33.96
CA SER D 255 -25.07 4.91 35.29
C SER D 255 -24.03 4.72 36.37
N CYS D 256 -22.98 3.94 36.13
CA CYS D 256 -21.97 3.73 37.15
C CYS D 256 -20.60 4.20 36.73
N ILE D 257 -20.21 4.01 35.48
CA ILE D 257 -18.88 4.41 35.05
C ILE D 257 -18.84 5.92 34.78
N LEU D 258 -19.76 6.41 33.96
CA LEU D 258 -19.70 7.81 33.56
C LEU D 258 -20.06 8.75 34.69
N ARG D 259 -20.70 8.25 35.74
CA ARG D 259 -21.04 9.09 36.88
C ARG D 259 -19.88 9.28 37.84
N ASN D 260 -18.84 8.46 37.72
CA ASN D 260 -17.65 8.57 38.57
C ASN D 260 -16.42 8.87 37.73
N LEU D 261 -16.60 9.33 36.50
CA LEU D 261 -15.51 9.63 35.60
C LEU D 261 -15.42 11.15 35.51
N ARG D 262 -14.44 11.71 36.21
CA ARG D 262 -14.31 13.15 36.33
C ARG D 262 -13.02 13.67 35.74
N TYR D 263 -11.89 13.11 36.13
CA TYR D 263 -10.58 13.55 35.63
C TYR D 263 -9.91 12.42 34.87
N VAL D 264 -9.26 12.77 33.77
CA VAL D 264 -8.46 11.84 32.97
C VAL D 264 -7.23 12.58 32.49
N ILE D 265 -6.34 11.84 31.84
CA ILE D 265 -5.14 12.40 31.22
C ILE D 265 -5.27 12.21 29.73
N LEU D 266 -5.17 13.30 28.98
CA LEU D 266 -5.27 13.26 27.53
C LEU D 266 -3.94 13.62 26.88
N GLY D 267 -3.77 13.14 25.66
CA GLY D 267 -2.61 13.53 24.89
C GLY D 267 -1.31 12.99 25.44
N GLY D 268 -0.23 13.69 25.07
CA GLY D 268 1.11 13.32 25.46
C GLY D 268 1.74 14.32 26.39
N LYS D 269 3.05 14.16 26.59
CA LYS D 269 3.83 15.01 27.47
C LYS D 269 3.30 14.98 28.89
N GLU D 270 2.99 13.78 29.38
CA GLU D 270 2.33 13.64 30.66
C GLU D 270 3.30 13.87 31.82
N THR D 271 4.54 13.43 31.69
CA THR D 271 5.51 13.66 32.75
C THR D 271 5.95 15.11 32.84
N ILE D 272 5.57 15.94 31.88
CA ILE D 272 5.79 17.38 31.91
C ILE D 272 4.53 18.00 32.49
N GLY D 273 3.66 17.17 33.05
CA GLY D 273 2.43 17.62 33.67
C GLY D 273 1.48 18.29 32.72
N LYS D 274 1.23 17.67 31.57
CA LYS D 274 0.51 18.33 30.48
C LYS D 274 -0.62 17.48 29.95
N GLY D 275 -1.43 16.90 30.82
CA GLY D 275 -2.55 16.17 30.26
C GLY D 275 -3.86 16.17 31.00
N ILE D 276 -3.94 16.83 32.14
CA ILE D 276 -5.05 16.61 33.05
C ILE D 276 -6.26 17.43 32.59
N VAL D 277 -7.42 16.80 32.70
CA VAL D 277 -8.65 17.25 32.06
C VAL D 277 -9.82 16.89 32.96
N GLU D 278 -10.77 17.80 33.06
CA GLU D 278 -12.02 17.53 33.77
C GLU D 278 -13.14 17.31 32.75
N LEU D 279 -14.00 16.35 33.04
CA LEU D 279 -15.16 16.04 32.21
C LEU D 279 -16.42 16.47 32.95
N ARG D 280 -17.27 17.25 32.28
CA ARG D 280 -18.35 17.94 32.97
C ARG D 280 -19.68 17.21 32.89
N TRP D 281 -19.97 16.55 31.76
CA TRP D 281 -21.25 15.87 31.58
C TRP D 281 -22.44 16.82 31.55
N VAL D 282 -22.65 17.47 30.41
CA VAL D 282 -23.76 18.41 30.16
C VAL D 282 -25.03 17.96 30.86
N LYS D 283 -25.30 16.66 30.84
CA LYS D 283 -26.39 16.04 31.57
C LYS D 283 -26.59 16.64 32.97
N ASP D 284 -25.50 16.93 33.67
CA ASP D 284 -25.58 17.48 35.02
C ASP D 284 -24.81 18.78 35.16
N VAL D 285 -24.71 19.55 34.07
CA VAL D 285 -24.10 20.87 34.10
C VAL D 285 -25.07 21.84 33.44
N ILE D 286 -25.93 21.31 32.58
CA ILE D 286 -26.90 22.13 31.85
C ILE D 286 -28.21 21.36 31.74
N PRO E 2 -41.31 2.91 -17.64
CA PRO E 2 -41.63 2.55 -16.26
C PRO E 2 -41.02 1.23 -15.84
N TYR E 3 -39.76 1.01 -16.21
CA TYR E 3 -39.03 -0.13 -15.68
C TYR E 3 -38.97 -0.08 -14.16
N TYR E 4 -38.84 1.12 -13.61
CA TYR E 4 -38.82 1.33 -12.16
C TYR E 4 -40.12 1.97 -11.73
N ALA E 5 -40.72 1.45 -10.66
CA ALA E 5 -41.90 2.10 -10.08
C ALA E 5 -41.54 3.48 -9.56
N PHE E 6 -40.66 3.54 -8.58
CA PHE E 6 -40.23 4.81 -8.02
C PHE E 6 -38.75 5.03 -8.27
N ALA E 7 -38.38 6.30 -8.38
CA ALA E 7 -37.00 6.71 -8.61
C ALA E 7 -36.74 7.89 -7.69
N GLU E 8 -36.09 7.64 -6.56
CA GLU E 8 -35.90 8.68 -5.56
C GLU E 8 -34.44 9.07 -5.44
N PRO E 9 -33.99 10.12 -6.10
CA PRO E 9 -32.63 10.62 -5.87
C PRO E 9 -32.53 11.23 -4.48
N PHE E 10 -31.33 11.20 -3.93
CA PHE E 10 -31.10 11.86 -2.67
C PHE E 10 -29.68 12.39 -2.62
N PHE E 11 -29.44 13.24 -1.65
CA PHE E 11 -28.12 13.74 -1.34
C PHE E 11 -27.66 13.10 -0.04
N ILE E 12 -26.39 12.78 0.03
CA ILE E 12 -25.79 12.23 1.23
C ILE E 12 -24.92 13.32 1.82
N HIS E 13 -25.31 13.82 2.99
CA HIS E 13 -24.58 14.88 3.67
C HIS E 13 -23.79 14.26 4.81
N ALA E 14 -22.48 14.43 4.77
CA ALA E 14 -21.62 13.97 5.86
C ALA E 14 -21.79 14.91 7.05
N ILE E 15 -22.34 14.38 8.14
CA ILE E 15 -22.43 15.15 9.37
C ILE E 15 -21.07 15.21 10.06
N THR E 16 -20.52 14.04 10.38
CA THR E 16 -19.16 13.92 10.85
C THR E 16 -18.28 13.52 9.66
N HIS E 17 -17.01 13.24 9.94
CA HIS E 17 -16.15 12.74 8.89
C HIS E 17 -16.58 11.35 8.49
N LEU E 18 -16.41 11.04 7.21
CA LEU E 18 -16.91 9.79 6.66
C LEU E 18 -15.74 8.95 6.17
N HIS E 19 -15.79 7.65 6.45
CA HIS E 19 -14.76 6.73 5.99
C HIS E 19 -15.39 5.44 5.50
N VAL E 20 -15.47 5.27 4.18
CA VAL E 20 -15.80 3.99 3.58
C VAL E 20 -14.52 3.44 2.97
N GLY E 21 -14.08 2.29 3.48
CA GLY E 21 -12.80 1.76 3.08
C GLY E 21 -12.85 1.04 1.75
N SER E 22 -11.74 1.06 1.05
CA SER E 22 -11.59 0.37 -0.22
C SER E 22 -10.66 -0.82 -0.13
N GLY E 23 -10.21 -1.18 1.05
CA GLY E 23 -9.30 -2.30 1.19
C GLY E 23 -7.86 -1.94 0.85
N SER E 24 -6.95 -2.76 1.36
CA SER E 24 -5.53 -2.48 1.27
C SER E 24 -4.90 -3.20 0.08
N SER E 25 -3.74 -2.69 -0.32
CA SER E 25 -2.85 -3.35 -1.28
C SER E 25 -1.43 -3.13 -0.77
N VAL E 26 -0.44 -3.37 -1.63
CA VAL E 26 0.93 -3.18 -1.20
C VAL E 26 1.44 -1.83 -1.68
N GLU E 27 1.02 -1.40 -2.86
CA GLU E 27 1.40 -0.09 -3.38
C GLU E 27 0.35 0.96 -3.10
N GLU E 28 -0.09 1.14 -1.86
CA GLU E 28 -1.19 2.06 -1.60
C GLU E 28 -0.80 3.33 -0.87
N GLU E 29 0.30 3.34 -0.13
CA GLU E 29 0.82 4.49 0.59
C GLU E 29 -0.18 5.10 1.56
N ILE E 30 -1.32 4.44 1.77
CA ILE E 30 -2.25 4.74 2.86
C ILE E 30 -2.80 3.42 3.33
N ALA E 31 -2.60 3.10 4.61
CA ALA E 31 -3.09 1.84 5.15
C ALA E 31 -4.56 1.65 4.84
N LEU E 32 -5.37 2.69 5.01
CA LEU E 32 -6.82 2.62 4.86
C LEU E 32 -7.28 3.75 3.94
N PRO E 33 -7.40 3.49 2.64
CA PRO E 33 -7.82 4.51 1.70
C PRO E 33 -9.34 4.57 1.53
N PHE E 34 -9.79 5.67 0.94
CA PHE E 34 -11.21 5.89 0.70
C PHE E 34 -11.61 5.30 -0.65
N GLN E 35 -12.83 4.76 -0.71
CA GLN E 35 -13.36 4.25 -1.97
C GLN E 35 -13.31 5.34 -3.04
N ARG E 36 -12.72 5.01 -4.17
CA ARG E 36 -12.46 6.01 -5.19
C ARG E 36 -13.35 5.79 -6.41
N ASP E 37 -13.55 6.87 -7.14
CA ASP E 37 -14.29 6.83 -8.39
C ASP E 37 -13.50 6.08 -9.45
N GLU E 38 -14.05 6.02 -10.65
CA GLU E 38 -13.27 5.54 -11.77
C GLU E 38 -12.32 6.62 -12.27
N LEU E 39 -12.64 7.89 -12.04
CA LEU E 39 -11.75 8.97 -12.43
C LEU E 39 -11.10 9.66 -11.24
N GLY E 40 -10.99 8.95 -10.11
CA GLY E 40 -10.15 9.37 -9.01
C GLY E 40 -10.87 10.05 -7.86
N TYR E 41 -12.09 10.52 -8.06
CA TYR E 41 -12.79 11.22 -7.01
C TYR E 41 -13.27 10.23 -5.96
N PRO E 42 -13.58 10.70 -4.76
CA PRO E 42 -14.19 9.82 -3.76
C PRO E 42 -15.61 9.47 -4.14
N THR E 43 -16.00 8.24 -3.80
CA THR E 43 -17.35 7.78 -4.02
C THR E 43 -17.74 6.87 -2.87
N ILE E 44 -19.00 6.46 -2.88
CA ILE E 44 -19.47 5.39 -2.03
C ILE E 44 -20.05 4.32 -2.94
N TYR E 45 -19.42 3.16 -2.96
CA TYR E 45 -19.97 2.04 -3.69
C TYR E 45 -21.36 1.72 -3.18
N ALA E 46 -22.28 1.50 -4.11
CA ALA E 46 -23.66 1.25 -3.72
C ALA E 46 -23.82 0.01 -2.87
N SER E 47 -22.85 -0.89 -2.89
CA SER E 47 -22.88 -2.02 -1.96
C SER E 47 -22.75 -1.55 -0.52
N SER E 48 -21.88 -0.57 -0.28
CA SER E 48 -21.72 -0.02 1.06
C SER E 48 -22.98 0.72 1.48
N LEU E 49 -23.48 1.60 0.62
CA LEU E 49 -24.75 2.27 0.83
C LEU E 49 -25.84 1.28 1.20
N LYS E 50 -26.03 0.26 0.36
CA LYS E 50 -27.14 -0.65 0.57
C LYS E 50 -26.99 -1.38 1.88
N GLY E 51 -25.81 -1.91 2.16
CA GLY E 51 -25.63 -2.66 3.39
C GLY E 51 -25.89 -1.82 4.62
N ALA E 52 -25.31 -0.61 4.66
CA ALA E 52 -25.49 0.26 5.81
C ALA E 52 -26.96 0.65 5.97
N ILE E 53 -27.60 1.07 4.88
CA ILE E 53 -28.97 1.53 4.97
C ILE E 53 -29.90 0.40 5.33
N LYS E 54 -29.67 -0.79 4.76
CA LYS E 54 -30.52 -1.93 5.05
C LYS E 54 -30.38 -2.35 6.50
N SER E 55 -29.15 -2.34 7.03
CA SER E 55 -28.97 -2.66 8.44
C SER E 55 -29.68 -1.65 9.33
N PHE E 56 -29.54 -0.37 9.01
CA PHE E 56 -30.25 0.66 9.77
C PHE E 56 -31.74 0.42 9.75
N LEU E 57 -32.33 0.25 8.57
CA LEU E 57 -33.77 0.06 8.47
C LEU E 57 -34.22 -1.18 9.21
N LEU E 58 -33.45 -2.27 9.11
CA LEU E 58 -33.87 -3.51 9.76
C LEU E 58 -33.92 -3.33 11.27
N LYS E 59 -32.98 -2.60 11.85
CA LYS E 59 -33.08 -2.41 13.28
C LYS E 59 -33.92 -1.20 13.68
N GLU E 60 -34.34 -0.36 12.74
CA GLU E 60 -35.12 0.83 13.03
C GLU E 60 -36.61 0.63 12.87
N PHE E 61 -37.04 -0.13 11.86
CA PHE E 61 -38.44 -0.44 11.62
C PHE E 61 -38.62 -1.95 11.80
N PRO E 62 -38.59 -2.43 13.04
CA PRO E 62 -38.66 -3.88 13.24
C PRO E 62 -39.99 -4.49 12.85
N ASP E 63 -41.04 -3.68 12.70
CA ASP E 63 -42.33 -4.20 12.28
C ASP E 63 -42.42 -4.32 10.77
N LYS E 64 -41.78 -3.42 10.03
CA LYS E 64 -41.81 -3.44 8.58
C LYS E 64 -40.67 -4.26 7.99
N ARG E 65 -40.22 -5.27 8.72
CA ARG E 65 -39.09 -6.08 8.28
C ARG E 65 -39.37 -6.76 6.95
N ASP E 66 -40.58 -7.29 6.77
CA ASP E 66 -40.91 -7.97 5.52
C ASP E 66 -40.84 -7.03 4.34
N VAL E 67 -41.24 -5.78 4.52
CA VAL E 67 -41.15 -4.81 3.43
C VAL E 67 -39.70 -4.54 3.07
N ILE E 68 -38.82 -4.46 4.08
CA ILE E 68 -37.40 -4.26 3.81
C ILE E 68 -36.85 -5.44 3.04
N TYR E 69 -37.13 -6.65 3.52
CA TYR E 69 -36.64 -7.85 2.85
C TYR E 69 -37.18 -7.94 1.43
N LYS E 70 -38.37 -7.41 1.18
CA LYS E 70 -38.89 -7.45 -0.18
C LYS E 70 -38.15 -6.46 -1.07
N VAL E 71 -38.02 -5.22 -0.61
CA VAL E 71 -37.44 -4.21 -1.49
C VAL E 71 -35.93 -4.31 -1.54
N LEU E 72 -35.29 -4.67 -0.43
CA LEU E 72 -33.84 -4.72 -0.37
C LEU E 72 -33.31 -6.13 -0.23
N GLY E 73 -34.12 -7.13 -0.58
CA GLY E 73 -33.63 -8.49 -0.62
C GLY E 73 -33.58 -9.12 0.74
N GLU E 74 -33.75 -10.44 0.78
CA GLU E 74 -33.71 -11.16 2.03
C GLU E 74 -32.28 -11.46 2.43
N ASP E 75 -32.12 -12.10 3.57
CA ASP E 75 -30.80 -12.35 4.14
C ASP E 75 -30.44 -13.81 4.29
N GLU E 76 -31.41 -14.70 4.41
CA GLU E 76 -31.14 -16.10 4.73
C GLU E 76 -31.35 -17.05 3.57
N ASN E 77 -32.39 -16.88 2.76
CA ASN E 77 -32.67 -17.78 1.65
C ASN E 77 -33.29 -16.99 0.52
N PRO E 78 -32.47 -16.34 -0.29
CA PRO E 78 -33.01 -15.54 -1.39
C PRO E 78 -33.60 -16.39 -2.50
N GLU E 79 -34.92 -16.38 -2.62
CA GLU E 79 -35.59 -17.09 -3.71
C GLU E 79 -36.08 -16.15 -4.79
N GLU E 80 -35.68 -14.89 -4.74
CA GLU E 80 -36.01 -13.92 -5.77
C GLU E 80 -35.14 -12.69 -5.57
N ALA E 81 -34.95 -11.93 -6.63
CA ALA E 81 -34.12 -10.75 -6.56
C ALA E 81 -34.77 -9.68 -5.68
N SER E 82 -33.98 -8.68 -5.34
CA SER E 82 -34.50 -7.55 -4.59
C SER E 82 -35.07 -6.53 -5.56
N LEU E 83 -36.16 -5.90 -5.15
CA LEU E 83 -36.80 -4.93 -6.03
C LEU E 83 -36.14 -3.57 -5.96
N GLY E 84 -35.36 -3.31 -4.93
CA GLY E 84 -34.71 -2.03 -4.77
C GLY E 84 -33.32 -2.01 -5.37
N THR E 85 -32.90 -0.83 -5.80
CA THR E 85 -31.61 -0.61 -6.43
C THR E 85 -31.03 0.69 -5.92
N PHE E 86 -29.82 0.63 -5.37
CA PHE E 86 -29.05 1.83 -5.05
C PHE E 86 -28.02 2.04 -6.14
N LEU E 87 -27.92 3.26 -6.64
CA LEU E 87 -26.80 3.61 -7.49
C LEU E 87 -25.60 4.00 -6.64
N ASP E 88 -24.43 4.03 -7.26
CA ASP E 88 -23.23 4.48 -6.56
C ASP E 88 -23.31 5.97 -6.29
N ALA E 89 -22.87 6.38 -5.10
CA ALA E 89 -22.96 7.77 -4.69
C ALA E 89 -21.87 8.59 -5.38
N ILE E 90 -22.26 9.44 -6.32
CA ILE E 90 -21.35 10.37 -6.94
C ILE E 90 -20.99 11.47 -5.96
N LEU E 91 -19.74 11.88 -5.95
CA LEU E 91 -19.34 13.06 -5.19
C LEU E 91 -19.95 14.29 -5.83
N PHE E 92 -20.74 15.03 -5.09
CA PHE E 92 -21.39 16.21 -5.65
C PHE E 92 -20.65 17.49 -5.33
N ALA E 93 -20.28 17.70 -4.08
CA ALA E 93 -19.57 18.90 -3.67
C ALA E 93 -18.77 18.59 -2.42
N ILE E 94 -17.56 19.14 -2.36
CA ILE E 94 -16.70 18.92 -1.19
C ILE E 94 -16.39 20.28 -0.57
N PRO E 95 -16.33 20.36 0.77
CA PRO E 95 -15.97 21.64 1.39
C PRO E 95 -14.49 21.94 1.23
N SER E 96 -14.18 23.17 0.85
CA SER E 96 -12.83 23.61 0.57
C SER E 96 -12.52 24.89 1.33
N ARG E 97 -11.30 24.97 1.86
CA ARG E 97 -10.85 26.21 2.48
C ARG E 97 -10.60 27.27 1.41
N ILE E 98 -10.96 28.50 1.70
CA ILE E 98 -10.90 29.57 0.72
C ILE E 98 -10.32 30.82 1.36
N ILE E 99 -9.55 31.57 0.58
CA ILE E 99 -9.08 32.90 0.93
C ILE E 99 -9.58 33.85 -0.14
N GLU E 100 -10.43 34.79 0.25
CA GLU E 100 -11.10 35.63 -0.73
C GLU E 100 -10.13 36.60 -1.39
N ILE E 101 -10.44 36.95 -2.63
CA ILE E 101 -9.73 37.97 -3.39
C ILE E 101 -10.73 38.64 -4.32
N ASP E 102 -10.58 39.96 -4.50
CA ASP E 102 -11.45 40.77 -5.36
C ASP E 102 -12.83 40.96 -4.73
N SER E 103 -13.08 40.30 -3.61
CA SER E 103 -14.38 40.38 -2.94
C SER E 103 -14.26 41.14 -1.62
N ALA E 104 -15.41 41.42 -1.04
CA ALA E 104 -15.50 42.07 0.27
C ALA E 104 -16.38 41.28 1.23
N LYS E 105 -16.59 40.00 0.94
CA LYS E 105 -17.48 39.15 1.73
C LYS E 105 -16.67 38.04 2.36
N PRO E 106 -16.70 37.88 3.67
CA PRO E 106 -15.85 36.88 4.33
C PRO E 106 -16.42 35.47 4.15
N TYR E 107 -15.63 34.59 3.55
CA TYR E 107 -15.93 33.17 3.50
C TYR E 107 -14.72 32.42 3.99
N VAL E 108 -14.91 31.55 4.99
CA VAL E 108 -13.82 30.71 5.45
C VAL E 108 -13.77 29.37 4.75
N TRP E 109 -14.89 28.91 4.20
CA TRP E 109 -14.91 27.69 3.42
C TRP E 109 -15.98 27.80 2.36
N VAL E 110 -15.94 26.88 1.40
CA VAL E 110 -16.78 26.96 0.23
C VAL E 110 -17.00 25.55 -0.29
N TYR E 111 -18.12 25.35 -0.99
CA TYR E 111 -18.39 24.07 -1.64
C TYR E 111 -17.76 24.06 -3.02
N VAL E 112 -17.09 22.98 -3.35
CA VAL E 112 -16.38 22.86 -4.61
C VAL E 112 -16.89 21.63 -5.35
N THR E 113 -17.19 21.79 -6.63
CA THR E 113 -17.51 20.67 -7.49
C THR E 113 -16.79 20.87 -8.81
N THR E 114 -16.88 19.87 -9.68
CA THR E 114 -16.25 19.92 -10.98
C THR E 114 -17.26 19.54 -12.05
N TYR E 115 -16.91 19.79 -13.30
CA TYR E 115 -17.84 19.51 -14.39
C TYR E 115 -17.97 18.01 -14.65
N GLU E 116 -16.95 17.23 -14.33
CA GLU E 116 -17.08 15.79 -14.50
C GLU E 116 -18.13 15.21 -13.58
N LEU E 117 -18.13 15.63 -12.32
CA LEU E 117 -19.13 15.14 -11.40
C LEU E 117 -20.52 15.58 -11.80
N LEU E 118 -20.64 16.78 -12.34
CA LEU E 118 -21.94 17.23 -12.82
C LEU E 118 -22.39 16.43 -14.02
N LYS E 119 -21.47 16.12 -14.94
CA LYS E 119 -21.82 15.27 -16.07
C LYS E 119 -22.29 13.91 -15.60
N LYS E 120 -21.67 13.37 -14.56
CA LYS E 120 -22.11 12.09 -14.03
C LYS E 120 -23.51 12.19 -13.43
N VAL E 121 -23.78 13.26 -12.68
CA VAL E 121 -25.11 13.43 -12.12
C VAL E 121 -26.13 13.58 -13.23
N LYS E 122 -25.74 14.24 -14.32
CA LYS E 122 -26.64 14.39 -15.46
C LYS E 122 -26.93 13.06 -16.12
N LEU E 123 -25.91 12.20 -16.23
CA LEU E 123 -26.16 10.87 -16.79
C LEU E 123 -27.10 10.08 -15.90
N TYR E 124 -26.89 10.15 -14.59
CA TYR E 124 -27.81 9.52 -13.65
C TYR E 124 -29.24 9.98 -13.90
N LEU E 125 -29.44 11.30 -13.93
CA LEU E 125 -30.79 11.82 -14.07
C LEU E 125 -31.39 11.47 -15.42
N ASP E 126 -30.60 11.56 -16.49
CA ASP E 126 -31.11 11.28 -17.82
C ASP E 126 -31.55 9.84 -17.95
N SER E 127 -30.73 8.91 -17.47
CA SER E 127 -31.10 7.52 -17.56
C SER E 127 -32.28 7.18 -16.66
N ILE E 128 -32.35 7.81 -15.48
CA ILE E 128 -33.42 7.49 -14.56
C ILE E 128 -34.75 8.11 -14.96
N SER E 129 -34.72 9.19 -15.74
CA SER E 129 -35.96 9.77 -16.21
C SER E 129 -36.59 8.95 -17.33
N GLN E 130 -35.83 8.05 -17.95
CA GLN E 130 -36.36 7.20 -19.01
C GLN E 130 -36.77 5.83 -18.50
N LEU E 131 -36.12 5.31 -17.48
CA LEU E 131 -36.45 4.00 -16.93
C LEU E 131 -37.55 4.06 -15.90
N SER E 132 -38.09 5.24 -15.63
CA SER E 132 -39.22 5.40 -14.73
C SER E 132 -40.07 6.54 -15.22
N ASN E 133 -41.32 6.58 -14.77
CA ASN E 133 -42.20 7.66 -15.16
C ASN E 133 -41.80 8.98 -14.52
N ALA E 134 -40.99 8.93 -13.47
CA ALA E 134 -40.55 10.13 -12.79
C ALA E 134 -39.77 11.05 -13.74
N SER E 135 -39.56 12.26 -13.29
CA SER E 135 -38.76 13.23 -14.03
C SER E 135 -38.31 14.29 -13.04
N PHE E 136 -37.18 14.91 -13.36
CA PHE E 136 -36.52 15.86 -12.47
C PHE E 136 -36.12 17.09 -13.25
N SER E 137 -37.08 17.64 -14.00
CA SER E 137 -36.82 18.80 -14.84
C SER E 137 -36.16 19.93 -14.07
N ASN E 138 -36.43 20.05 -12.78
CA ASN E 138 -35.84 21.14 -12.01
C ASN E 138 -34.35 20.92 -11.82
N LEU E 139 -33.96 19.80 -11.22
CA LEU E 139 -32.55 19.48 -11.04
C LEU E 139 -31.86 19.37 -12.39
N LYS E 140 -32.52 18.75 -13.37
CA LYS E 140 -31.93 18.62 -14.69
C LYS E 140 -31.66 19.98 -15.30
N ASN E 141 -32.59 20.93 -15.17
CA ASN E 141 -32.40 22.24 -15.77
C ASN E 141 -31.30 23.01 -15.07
N LYS E 142 -31.25 22.94 -13.73
CA LYS E 142 -30.15 23.58 -13.02
C LYS E 142 -28.81 23.02 -13.48
N ILE E 143 -28.70 21.70 -13.53
CA ILE E 143 -27.44 21.08 -13.90
C ILE E 143 -27.08 21.40 -15.34
N ASP E 144 -28.07 21.47 -16.22
CA ASP E 144 -27.78 21.73 -17.62
C ASP E 144 -27.40 23.17 -17.87
N THR E 145 -28.04 24.12 -17.17
CA THR E 145 -27.64 25.51 -17.33
C THR E 145 -26.29 25.77 -16.69
N ILE E 146 -25.86 24.94 -15.73
CA ILE E 146 -24.48 25.02 -15.27
C ILE E 146 -23.54 24.44 -16.32
N LEU E 147 -23.82 23.22 -16.78
CA LEU E 147 -22.94 22.55 -17.73
C LEU E 147 -22.82 23.32 -19.03
N ALA E 148 -23.78 24.19 -19.35
CA ALA E 148 -23.61 25.05 -20.52
C ALA E 148 -22.38 25.95 -20.38
N LYS E 149 -22.01 26.30 -19.16
CA LYS E 149 -20.84 27.13 -18.93
C LYS E 149 -19.59 26.29 -18.65
N GLU E 150 -19.32 25.33 -19.52
CA GLU E 150 -18.19 24.43 -19.32
C GLU E 150 -16.94 25.04 -19.94
N GLY E 151 -15.82 24.87 -19.26
CA GLY E 151 -14.57 25.47 -19.66
C GLY E 151 -14.16 26.66 -18.83
N LYS E 152 -15.11 27.27 -18.12
CA LYS E 152 -14.82 28.35 -17.18
C LYS E 152 -15.08 27.86 -15.77
N ASN E 153 -14.30 28.36 -14.83
CA ASN E 153 -14.65 28.16 -13.43
C ASN E 153 -15.82 29.06 -13.07
N ILE E 154 -16.73 28.53 -12.29
CA ILE E 154 -18.02 29.17 -12.05
C ILE E 154 -18.31 29.21 -10.57
N THR E 155 -18.59 30.40 -10.05
CA THR E 155 -19.21 30.52 -8.76
C THR E 155 -20.72 30.60 -8.96
N LEU E 156 -21.46 29.98 -8.07
CA LEU E 156 -22.86 29.70 -8.41
C LEU E 156 -23.73 30.93 -8.20
N ASP E 157 -23.85 31.39 -6.96
CA ASP E 157 -24.72 32.51 -6.68
C ASP E 157 -24.01 33.70 -6.06
N SER E 158 -22.72 33.58 -5.74
CA SER E 158 -21.99 34.67 -5.15
C SER E 158 -21.30 35.47 -6.24
N ASP E 159 -20.48 36.44 -5.84
CA ASP E 159 -19.78 37.33 -6.74
C ASP E 159 -18.31 37.45 -6.34
N LEU E 160 -17.68 36.31 -6.12
CA LEU E 160 -16.29 36.32 -5.64
C LEU E 160 -15.34 36.81 -6.73
N LYS E 161 -15.47 36.27 -7.93
CA LYS E 161 -14.71 36.68 -9.12
C LYS E 161 -13.25 36.26 -9.04
N SER E 162 -12.81 35.79 -7.87
CA SER E 162 -11.45 35.29 -7.68
C SER E 162 -11.30 34.73 -6.29
N ALA E 163 -10.45 33.72 -6.12
CA ALA E 163 -10.23 33.11 -4.82
C ALA E 163 -9.06 32.15 -4.91
N ILE E 164 -8.55 31.77 -3.74
CA ILE E 164 -7.47 30.79 -3.62
C ILE E 164 -7.98 29.66 -2.74
N LEU E 165 -8.05 28.46 -3.32
CA LEU E 165 -8.69 27.33 -2.67
C LEU E 165 -7.68 26.40 -2.05
N ASN E 166 -7.99 25.93 -0.84
CA ASN E 166 -7.18 24.92 -0.16
C ASN E 166 -5.72 25.34 -0.10
N GLU E 167 -5.50 26.64 0.05
CA GLU E 167 -4.21 27.29 0.28
C GLU E 167 -3.28 27.24 -0.92
N ASP E 168 -3.65 26.58 -2.00
CA ASP E 168 -2.67 26.32 -3.06
C ASP E 168 -3.11 26.82 -4.42
N PHE E 169 -4.40 26.78 -4.72
CA PHE E 169 -4.88 26.88 -6.09
C PHE E 169 -5.73 28.13 -6.24
N TYR E 170 -5.29 29.01 -7.12
CA TYR E 170 -5.96 30.27 -7.37
C TYR E 170 -6.87 30.12 -8.59
N VAL E 171 -8.10 30.61 -8.47
CA VAL E 171 -9.08 30.47 -9.54
C VAL E 171 -9.78 31.81 -9.76
N GLU E 172 -10.01 32.13 -11.03
CA GLU E 172 -10.94 33.20 -11.38
C GLU E 172 -12.32 32.61 -11.57
N LEU E 173 -13.34 33.37 -11.21
CA LEU E 173 -14.69 32.86 -11.16
C LEU E 173 -15.63 33.78 -11.92
N GLU E 174 -16.50 33.19 -12.74
CA GLU E 174 -17.63 33.92 -13.30
C GLU E 174 -18.87 33.62 -12.50
N ALA E 175 -19.82 34.55 -12.52
CA ALA E 175 -21.14 34.31 -11.99
C ALA E 175 -22.00 33.75 -13.12
N LEU E 176 -22.61 32.59 -12.89
CA LEU E 176 -23.32 31.87 -13.93
C LEU E 176 -24.49 32.69 -14.47
N ASN E 177 -25.51 32.87 -13.62
CA ASN E 177 -26.61 33.79 -13.85
C ASN E 177 -27.30 33.95 -12.51
N ASN E 178 -27.26 35.14 -11.94
CA ASN E 178 -27.54 35.26 -10.51
C ASN E 178 -29.04 35.19 -10.23
N LYS E 179 -29.68 34.13 -10.76
CA LYS E 179 -31.06 33.82 -10.44
C LYS E 179 -31.27 32.32 -10.33
N ILE E 180 -30.21 31.53 -10.27
CA ILE E 180 -30.30 30.08 -10.12
C ILE E 180 -30.33 29.77 -8.62
N PRO E 181 -31.42 29.22 -8.10
CA PRO E 181 -31.42 28.75 -6.71
C PRO E 181 -30.32 27.73 -6.48
N SER E 182 -29.81 27.72 -5.25
CA SER E 182 -28.77 26.76 -4.90
C SER E 182 -29.36 25.37 -4.73
N ILE E 183 -28.61 24.36 -5.14
CA ILE E 183 -29.04 22.99 -4.87
C ILE E 183 -28.71 22.62 -3.43
N ILE E 184 -27.52 23.00 -2.96
CA ILE E 184 -27.19 22.83 -1.56
C ILE E 184 -28.12 23.70 -0.72
N ASN E 185 -28.27 23.33 0.54
CA ASN E 185 -29.12 24.10 1.44
C ASN E 185 -28.38 25.32 2.01
N ALA E 186 -27.26 25.08 2.69
CA ALA E 186 -26.57 26.13 3.43
C ALA E 186 -26.15 27.27 2.50
N GLY E 187 -26.02 28.45 3.09
CA GLY E 187 -25.75 29.65 2.32
C GLY E 187 -24.29 29.86 2.01
N VAL E 188 -23.60 28.78 1.69
CA VAL E 188 -22.21 28.84 1.26
C VAL E 188 -22.20 28.88 -0.26
N PRO E 189 -21.30 29.62 -0.89
CA PRO E 189 -21.22 29.55 -2.35
C PRO E 189 -20.78 28.17 -2.82
N LEU E 190 -21.16 27.84 -4.04
CA LEU E 190 -20.80 26.59 -4.68
C LEU E 190 -19.96 26.92 -5.90
N LEU E 191 -18.71 26.45 -5.92
CA LEU E 191 -17.82 26.67 -7.05
C LEU E 191 -17.81 25.43 -7.93
N VAL E 192 -17.98 25.65 -9.23
CA VAL E 192 -17.82 24.60 -10.23
C VAL E 192 -16.55 24.90 -11.00
N LEU E 193 -15.58 24.02 -10.91
CA LEU E 193 -14.25 24.26 -11.45
C LEU E 193 -14.00 23.39 -12.67
N GLU E 194 -13.16 23.88 -13.56
CA GLU E 194 -12.54 23.01 -14.54
C GLU E 194 -11.90 21.84 -13.80
N ASP E 195 -11.90 20.68 -14.44
CA ASP E 195 -11.65 19.45 -13.70
C ASP E 195 -10.18 19.23 -13.40
N SER E 196 -9.27 19.84 -14.14
CA SER E 196 -7.86 19.68 -13.83
C SER E 196 -7.51 20.29 -12.49
N ILE E 197 -7.89 21.55 -12.27
CA ILE E 197 -7.66 22.17 -10.97
C ILE E 197 -8.62 21.63 -9.94
N GLY E 198 -9.81 21.20 -10.37
CA GLY E 198 -10.77 20.66 -9.43
C GLY E 198 -10.29 19.37 -8.79
N ARG E 199 -9.59 18.54 -9.57
CA ARG E 199 -9.02 17.32 -9.02
C ARG E 199 -8.03 17.64 -7.91
N GLU E 200 -7.16 18.62 -8.14
CA GLU E 200 -6.18 18.99 -7.12
C GLU E 200 -6.86 19.52 -5.88
N VAL E 201 -7.83 20.41 -6.06
CA VAL E 201 -8.56 20.95 -4.90
C VAL E 201 -9.19 19.84 -4.10
N ILE E 202 -9.89 18.93 -4.78
CA ILE E 202 -10.61 17.87 -4.08
C ILE E 202 -9.64 16.95 -3.36
N ASN E 203 -8.51 16.63 -4.00
CA ASN E 203 -7.50 15.83 -3.34
C ASN E 203 -6.98 16.53 -2.09
N ARG E 204 -6.76 17.83 -2.17
CA ARG E 204 -6.27 18.58 -1.03
C ARG E 204 -7.28 18.64 0.09
N SER E 205 -8.56 18.51 -0.23
CA SER E 205 -9.58 18.63 0.80
C SER E 205 -9.79 17.35 1.59
N LEU E 206 -9.16 16.25 1.23
CA LEU E 206 -9.32 15.05 2.03
C LEU E 206 -8.50 15.15 3.32
N ILE E 207 -8.83 14.30 4.27
CA ILE E 207 -8.25 14.36 5.60
C ILE E 207 -7.44 13.09 5.82
N ARG E 208 -6.12 13.23 5.86
CA ARG E 208 -5.23 12.12 6.17
C ARG E 208 -4.80 12.24 7.62
N VAL E 209 -5.07 11.21 8.39
CA VAL E 209 -4.81 11.19 9.82
C VAL E 209 -3.91 9.99 10.12
N ARG E 210 -2.94 10.19 11.00
CA ARG E 210 -2.15 9.09 11.52
C ARG E 210 -2.68 8.68 12.89
N ARG E 211 -2.75 7.38 13.11
CA ARG E 211 -3.16 6.83 14.39
C ARG E 211 -2.07 5.87 14.87
N ILE E 212 -2.13 5.52 16.15
CA ILE E 212 -1.17 4.61 16.74
C ILE E 212 -1.89 3.66 17.67
N ARG E 213 -1.20 2.59 18.02
CA ARG E 213 -1.67 1.65 19.02
C ARG E 213 -0.70 1.66 20.19
N ILE E 214 -1.21 1.69 21.41
CA ILE E 214 -0.40 1.83 22.60
C ILE E 214 -0.58 0.60 23.47
N ASP E 215 0.53 -0.03 23.82
CA ASP E 215 0.51 -1.20 24.69
C ASP E 215 -0.23 -0.88 25.99
N ARG E 216 -1.17 -1.74 26.34
CA ARG E 216 -2.11 -1.45 27.42
C ARG E 216 -1.53 -1.70 28.81
N ASP E 217 -0.23 -1.98 28.90
CA ASP E 217 0.42 -2.16 30.19
C ASP E 217 1.60 -1.23 30.37
N LYS E 218 1.93 -0.42 29.37
CA LYS E 218 2.98 0.59 29.47
C LYS E 218 2.77 1.60 28.36
N LYS E 219 2.69 2.88 28.70
CA LYS E 219 2.25 3.85 27.72
C LYS E 219 3.33 4.05 26.67
N VAL E 220 3.46 3.08 25.78
CA VAL E 220 4.40 3.13 24.66
C VAL E 220 3.78 2.38 23.51
N VAL E 221 4.11 2.80 22.29
CA VAL E 221 3.46 2.22 21.12
C VAL E 221 3.82 0.74 21.00
N GLU E 222 2.88 -0.04 20.48
CA GLU E 222 3.17 -1.40 20.09
C GLU E 222 3.88 -1.41 18.74
N THR E 223 4.71 -2.42 18.52
CA THR E 223 5.46 -2.48 17.28
C THR E 223 4.52 -2.65 16.10
N GLY E 224 4.77 -1.89 15.04
CA GLY E 224 3.89 -1.86 13.90
C GLY E 224 2.66 -1.01 14.08
N GLY E 225 2.30 -0.66 15.30
CA GLY E 225 1.08 0.07 15.56
C GLY E 225 1.13 1.52 15.15
N LEU E 226 1.23 1.76 13.85
CA LEU E 226 1.22 3.10 13.31
C LEU E 226 0.70 3.01 11.89
N TRP E 227 -0.31 3.81 11.57
CA TRP E 227 -0.88 3.76 10.24
C TRP E 227 -1.56 5.08 9.96
N SER E 228 -1.89 5.29 8.69
CA SER E 228 -2.61 6.46 8.28
C SER E 228 -4.03 6.07 7.89
N GLU E 229 -4.92 7.05 7.90
CA GLU E 229 -6.29 6.86 7.48
C GLU E 229 -6.69 8.04 6.61
N GLU E 230 -7.84 7.92 5.97
CA GLU E 230 -8.30 8.93 5.04
C GLU E 230 -9.80 9.10 5.22
N TYR E 231 -10.24 10.34 5.32
CA TYR E 231 -11.65 10.66 5.50
C TYR E 231 -12.05 11.69 4.46
N VAL E 232 -13.32 11.69 4.10
CA VAL E 232 -13.87 12.86 3.43
C VAL E 232 -14.34 13.77 4.55
N PRO E 233 -14.18 15.08 4.43
CA PRO E 233 -14.56 15.97 5.51
C PRO E 233 -16.06 15.95 5.74
N MET E 234 -16.44 16.27 6.98
CA MET E 234 -17.84 16.57 7.24
C MET E 234 -18.31 17.68 6.31
N LYS E 235 -19.61 17.67 6.02
CA LYS E 235 -20.29 18.58 5.11
C LYS E 235 -20.08 18.21 3.65
N THR E 236 -19.50 17.05 3.36
CA THR E 236 -19.35 16.62 1.98
C THR E 236 -20.66 16.02 1.49
N ILE E 237 -21.03 16.34 0.26
CA ILE E 237 -22.31 15.94 -0.31
C ILE E 237 -22.07 14.91 -1.40
N PHE E 238 -22.68 13.75 -1.24
CA PHE E 238 -22.72 12.74 -2.29
C PHE E 238 -24.12 12.68 -2.88
N PHE E 239 -24.19 12.29 -4.15
CA PHE E 239 -25.46 12.17 -4.86
C PHE E 239 -25.67 10.72 -5.25
N SER E 240 -26.76 10.14 -4.78
CA SER E 240 -27.14 8.78 -5.13
C SER E 240 -28.60 8.77 -5.54
N VAL E 241 -29.07 7.61 -5.97
CA VAL E 241 -30.47 7.42 -6.35
C VAL E 241 -30.92 6.08 -5.81
N LEU E 242 -32.13 6.05 -5.28
CA LEU E 242 -32.77 4.80 -4.90
C LEU E 242 -33.88 4.50 -5.89
N LEU E 243 -33.95 3.25 -6.34
CA LEU E 243 -34.86 2.83 -7.40
C LEU E 243 -35.55 1.54 -6.99
N GLY E 244 -36.84 1.46 -7.27
CA GLY E 244 -37.59 0.26 -6.97
C GLY E 244 -38.40 -0.19 -8.16
N LYS E 245 -38.62 -1.49 -8.23
CA LYS E 245 -39.49 -2.06 -9.24
C LYS E 245 -40.90 -2.23 -8.68
N GLU E 246 -41.88 -2.23 -9.58
CA GLU E 246 -43.29 -2.22 -9.19
C GLU E 246 -43.63 -3.36 -8.23
N SER E 247 -44.26 -3.00 -7.14
CA SER E 247 -44.74 -3.95 -6.15
C SER E 247 -45.57 -3.19 -5.14
N LYS E 248 -46.31 -3.93 -4.31
CA LYS E 248 -47.00 -3.29 -3.21
C LYS E 248 -46.01 -2.87 -2.13
N GLU E 249 -45.09 -3.78 -1.77
CA GLU E 249 -44.10 -3.45 -0.76
C GLU E 249 -43.21 -2.31 -1.21
N SER E 250 -43.01 -2.14 -2.51
CA SER E 250 -42.27 -0.99 -2.99
C SER E 250 -42.99 0.31 -2.67
N ALA E 251 -44.33 0.29 -2.73
CA ALA E 251 -45.09 1.49 -2.40
C ALA E 251 -45.02 1.77 -0.91
N ILE E 252 -45.10 0.73 -0.08
CA ILE E 252 -44.97 0.90 1.37
C ILE E 252 -43.59 1.43 1.71
N PHE E 253 -42.58 0.95 1.00
CA PHE E 253 -41.21 1.40 1.20
C PHE E 253 -41.05 2.87 0.85
N ALA E 254 -41.49 3.25 -0.35
CA ALA E 254 -41.35 4.63 -0.79
C ALA E 254 -42.26 5.58 -0.02
N SER E 255 -43.31 5.07 0.62
CA SER E 255 -44.27 5.92 1.32
C SER E 255 -44.04 5.99 2.81
N CYS E 256 -43.74 4.87 3.46
CA CYS E 256 -43.51 4.89 4.89
C CYS E 256 -42.02 5.01 5.21
N ILE E 257 -41.22 4.08 4.71
CA ILE E 257 -39.83 3.96 5.17
C ILE E 257 -39.03 5.18 4.78
N LEU E 258 -39.02 5.54 3.50
CA LEU E 258 -38.11 6.57 3.04
C LEU E 258 -38.44 7.95 3.59
N ARG E 259 -39.69 8.18 3.94
CA ARG E 259 -40.06 9.47 4.48
C ARG E 259 -39.64 9.63 5.93
N ASN E 260 -39.31 8.54 6.60
CA ASN E 260 -38.81 8.57 7.97
C ASN E 260 -37.36 8.12 8.03
N LEU E 261 -36.58 8.52 7.04
CA LEU E 261 -35.18 8.15 6.94
C LEU E 261 -34.38 9.43 6.68
N ARG E 262 -33.71 9.92 7.71
CA ARG E 262 -32.86 11.10 7.55
C ARG E 262 -31.42 10.82 7.90
N TYR E 263 -31.16 10.22 9.06
CA TYR E 263 -29.82 10.07 9.60
C TYR E 263 -29.46 8.60 9.62
N VAL E 264 -28.39 8.24 8.91
CA VAL E 264 -27.89 6.88 8.84
C VAL E 264 -26.40 6.89 9.11
N ILE E 265 -25.88 5.71 9.46
CA ILE E 265 -24.46 5.50 9.71
C ILE E 265 -23.87 4.78 8.50
N LEU E 266 -22.94 5.43 7.82
CA LEU E 266 -22.24 4.82 6.70
C LEU E 266 -20.81 4.47 7.09
N GLY E 267 -20.21 3.58 6.32
CA GLY E 267 -18.81 3.28 6.41
C GLY E 267 -18.39 2.65 7.73
N GLY E 268 -17.12 2.85 8.04
CA GLY E 268 -16.54 2.30 9.24
C GLY E 268 -16.02 3.35 10.19
N LYS E 269 -15.22 2.93 11.16
CA LYS E 269 -14.72 3.81 12.21
C LYS E 269 -15.89 4.46 12.95
N GLU E 270 -16.95 3.70 13.17
CA GLU E 270 -18.12 4.27 13.82
C GLU E 270 -17.83 4.65 15.25
N THR E 271 -17.08 3.82 15.97
CA THR E 271 -16.76 4.08 17.36
C THR E 271 -15.90 5.32 17.52
N ILE E 272 -15.26 5.77 16.45
CA ILE E 272 -14.55 7.03 16.43
C ILE E 272 -15.48 8.16 15.93
N GLY E 273 -16.78 7.91 15.91
CA GLY E 273 -17.71 8.93 15.50
C GLY E 273 -17.58 9.33 14.05
N LYS E 274 -17.15 8.42 13.19
CA LYS E 274 -17.12 8.70 11.76
C LYS E 274 -18.37 8.17 11.10
N GLY E 275 -18.85 8.88 10.11
CA GLY E 275 -19.86 8.35 9.22
C GLY E 275 -21.30 8.49 9.67
N ILE E 276 -21.63 9.51 10.44
CA ILE E 276 -23.02 9.90 10.58
C ILE E 276 -23.39 10.73 9.36
N VAL E 277 -24.51 10.39 8.75
CA VAL E 277 -24.85 10.92 7.44
C VAL E 277 -26.30 11.36 7.44
N GLU E 278 -26.59 12.45 6.74
CA GLU E 278 -27.94 12.95 6.59
C GLU E 278 -28.38 12.75 5.15
N LEU E 279 -29.46 12.01 4.94
CA LEU E 279 -30.03 11.81 3.62
C LEU E 279 -31.08 12.87 3.36
N ARG E 280 -30.92 13.63 2.29
CA ARG E 280 -31.88 14.66 1.90
C ARG E 280 -32.43 14.29 0.53
N TRP E 281 -33.70 13.96 0.49
CA TRP E 281 -34.31 13.51 -0.74
C TRP E 281 -34.55 14.69 -1.68
N VAL E 282 -34.04 14.57 -2.91
CA VAL E 282 -34.31 15.57 -3.93
C VAL E 282 -35.81 15.74 -4.14
N LYS E 283 -36.59 14.74 -3.75
CA LYS E 283 -38.03 14.85 -3.72
C LYS E 283 -38.48 16.13 -3.01
N ASP E 284 -37.88 16.43 -1.87
CA ASP E 284 -38.36 17.50 -1.01
C ASP E 284 -37.26 18.48 -0.63
N VAL E 285 -36.25 18.66 -1.48
CA VAL E 285 -35.15 19.56 -1.17
C VAL E 285 -34.82 20.51 -2.31
N ILE E 286 -35.43 20.34 -3.48
CA ILE E 286 -35.26 21.29 -4.55
C ILE E 286 -36.51 22.14 -4.70
N PRO F 2 -28.79 -10.95 -49.52
CA PRO F 2 -28.58 -10.64 -48.11
C PRO F 2 -29.05 -11.74 -47.17
N TYR F 3 -28.10 -12.37 -46.47
CA TYR F 3 -28.43 -13.35 -45.47
C TYR F 3 -29.17 -12.74 -44.28
N TYR F 4 -28.99 -11.45 -44.04
CA TYR F 4 -29.61 -10.75 -42.93
C TYR F 4 -30.48 -9.63 -43.46
N ALA F 5 -31.72 -9.56 -42.98
CA ALA F 5 -32.61 -8.48 -43.38
C ALA F 5 -32.07 -7.14 -42.91
N PHE F 6 -31.91 -6.99 -41.60
CA PHE F 6 -31.37 -5.78 -41.03
C PHE F 6 -30.10 -6.08 -40.25
N ALA F 7 -29.24 -5.07 -40.17
CA ALA F 7 -27.97 -5.18 -39.46
C ALA F 7 -27.71 -3.83 -38.79
N GLU F 8 -27.92 -3.76 -37.49
CA GLU F 8 -27.66 -2.52 -36.77
C GLU F 8 -26.55 -2.72 -35.76
N PRO F 9 -25.36 -2.21 -36.02
CA PRO F 9 -24.37 -2.08 -34.95
C PRO F 9 -24.80 -1.03 -33.96
N PHE F 10 -24.42 -1.24 -32.70
CA PHE F 10 -24.72 -0.30 -31.65
C PHE F 10 -23.58 -0.25 -30.66
N PHE F 11 -23.52 0.84 -29.91
CA PHE F 11 -22.59 1.01 -28.82
C PHE F 11 -23.29 0.80 -27.49
N ILE F 12 -22.50 0.44 -26.49
CA ILE F 12 -23.00 -0.05 -25.21
C ILE F 12 -22.45 0.82 -24.08
N HIS F 13 -22.46 2.14 -24.26
CA HIS F 13 -22.04 3.08 -23.21
C HIS F 13 -22.56 2.68 -21.84
N ALA F 14 -21.64 2.43 -20.92
CA ALA F 14 -22.00 2.11 -19.55
C ALA F 14 -22.37 3.39 -18.81
N ILE F 15 -23.57 3.41 -18.24
CA ILE F 15 -23.99 4.56 -17.46
C ILE F 15 -23.49 4.43 -16.03
N THR F 16 -23.60 3.25 -15.46
CA THR F 16 -22.97 2.90 -14.20
C THR F 16 -21.90 1.85 -14.46
N HIS F 17 -21.13 1.52 -13.43
CA HIS F 17 -20.24 0.38 -13.55
C HIS F 17 -21.06 -0.87 -13.82
N LEU F 18 -20.58 -1.73 -14.71
CA LEU F 18 -21.35 -2.91 -15.06
C LEU F 18 -20.51 -4.15 -14.78
N HIS F 19 -21.18 -5.20 -14.31
CA HIS F 19 -20.51 -6.45 -13.94
C HIS F 19 -21.19 -7.61 -14.61
N VAL F 20 -20.64 -8.06 -15.71
CA VAL F 20 -21.08 -9.30 -16.32
C VAL F 20 -20.14 -10.40 -15.84
N GLY F 21 -20.68 -11.60 -15.72
CA GLY F 21 -20.07 -12.60 -14.86
C GLY F 21 -19.03 -13.49 -15.51
N SER F 22 -19.36 -14.75 -15.79
CA SER F 22 -18.37 -15.80 -16.01
C SER F 22 -17.55 -16.02 -14.74
N GLY F 23 -18.22 -16.59 -13.75
CA GLY F 23 -17.78 -16.59 -12.37
C GLY F 23 -16.45 -17.23 -12.04
N SER F 24 -16.25 -17.52 -10.75
CA SER F 24 -14.93 -17.81 -10.21
C SER F 24 -14.20 -18.87 -11.04
N SER F 25 -12.91 -18.62 -11.27
CA SER F 25 -12.07 -19.54 -12.00
C SER F 25 -11.59 -20.66 -11.06
N VAL F 26 -10.75 -21.53 -11.60
CA VAL F 26 -10.22 -22.64 -10.82
C VAL F 26 -9.37 -22.12 -9.67
N GLU F 27 -8.61 -21.06 -9.93
CA GLU F 27 -7.58 -20.56 -9.03
C GLU F 27 -8.08 -19.47 -8.10
N GLU F 28 -8.68 -18.41 -8.64
CA GLU F 28 -9.05 -17.24 -7.86
C GLU F 28 -10.48 -17.36 -7.33
N GLU F 29 -10.68 -18.37 -6.48
CA GLU F 29 -11.99 -18.64 -5.92
C GLU F 29 -12.57 -17.48 -5.12
N ILE F 30 -11.75 -16.48 -4.78
CA ILE F 30 -12.25 -15.30 -4.10
C ILE F 30 -12.75 -14.24 -5.07
N ALA F 31 -12.42 -14.35 -6.34
CA ALA F 31 -12.77 -13.32 -7.31
C ALA F 31 -14.03 -13.69 -8.08
N LEU F 32 -14.81 -12.67 -8.41
CA LEU F 32 -15.87 -12.76 -9.41
C LEU F 32 -15.43 -11.90 -10.57
N PRO F 33 -14.74 -12.46 -11.55
CA PRO F 33 -14.19 -11.63 -12.62
C PRO F 33 -15.23 -11.28 -13.66
N PHE F 34 -14.89 -10.29 -14.46
CA PHE F 34 -15.67 -9.89 -15.60
C PHE F 34 -15.44 -10.88 -16.75
N GLN F 35 -16.40 -10.93 -17.66
CA GLN F 35 -16.24 -11.78 -18.83
C GLN F 35 -15.09 -11.28 -19.68
N ARG F 36 -14.27 -12.20 -20.15
CA ARG F 36 -13.07 -11.85 -20.90
C ARG F 36 -13.20 -12.28 -22.35
N ASP F 37 -12.48 -11.56 -23.20
CA ASP F 37 -12.38 -11.86 -24.62
C ASP F 37 -11.43 -13.04 -24.83
N GLU F 38 -11.12 -13.34 -26.08
CA GLU F 38 -10.11 -14.35 -26.36
C GLU F 38 -8.71 -13.83 -26.11
N LEU F 39 -8.47 -12.54 -26.35
CA LEU F 39 -7.16 -11.95 -26.18
C LEU F 39 -7.05 -11.12 -24.90
N GLY F 40 -7.94 -11.34 -23.95
CA GLY F 40 -7.78 -10.86 -22.59
C GLY F 40 -8.62 -9.68 -22.19
N TYR F 41 -9.11 -8.89 -23.14
CA TYR F 41 -9.88 -7.72 -22.81
C TYR F 41 -11.28 -8.10 -22.33
N PRO F 42 -11.95 -7.23 -21.58
CA PRO F 42 -13.32 -7.52 -21.17
C PRO F 42 -14.26 -7.53 -22.36
N THR F 43 -15.30 -8.34 -22.24
CA THR F 43 -16.28 -8.47 -23.30
C THR F 43 -17.60 -8.82 -22.67
N ILE F 44 -18.67 -8.68 -23.46
CA ILE F 44 -19.98 -9.15 -23.06
C ILE F 44 -20.38 -10.22 -24.05
N TYR F 45 -20.52 -11.46 -23.57
CA TYR F 45 -20.99 -12.53 -24.42
C TYR F 45 -22.38 -12.22 -24.94
N ALA F 46 -22.60 -12.52 -26.22
CA ALA F 46 -23.89 -12.26 -26.81
C ALA F 46 -25.01 -13.04 -26.14
N SER F 47 -24.70 -14.09 -25.38
CA SER F 47 -25.75 -14.74 -24.62
C SER F 47 -26.25 -13.85 -23.50
N SER F 48 -25.34 -13.15 -22.83
CA SER F 48 -25.74 -12.20 -21.80
C SER F 48 -26.46 -11.00 -22.41
N LEU F 49 -25.92 -10.45 -23.49
CA LEU F 49 -26.60 -9.38 -24.21
C LEU F 49 -28.02 -9.78 -24.55
N LYS F 50 -28.18 -10.93 -25.18
CA LYS F 50 -29.50 -11.34 -25.65
C LYS F 50 -30.44 -11.55 -24.49
N GLY F 51 -30.00 -12.28 -23.46
CA GLY F 51 -30.87 -12.52 -22.34
C GLY F 51 -31.35 -11.25 -21.69
N ALA F 52 -30.43 -10.31 -21.46
CA ALA F 52 -30.81 -9.08 -20.78
C ALA F 52 -31.73 -8.23 -21.64
N ILE F 53 -31.35 -8.02 -22.90
CA ILE F 53 -32.16 -7.17 -23.77
C ILE F 53 -33.53 -7.79 -24.00
N LYS F 54 -33.60 -9.12 -24.06
CA LYS F 54 -34.87 -9.79 -24.28
C LYS F 54 -35.76 -9.68 -23.05
N SER F 55 -35.19 -9.90 -21.87
CA SER F 55 -35.97 -9.75 -20.65
C SER F 55 -36.45 -8.32 -20.50
N PHE F 56 -35.65 -7.35 -20.93
CA PHE F 56 -36.07 -5.96 -20.87
C PHE F 56 -37.21 -5.69 -21.83
N LEU F 57 -37.06 -6.09 -23.09
CA LEU F 57 -38.09 -5.83 -24.10
C LEU F 57 -39.40 -6.49 -23.74
N LEU F 58 -39.36 -7.68 -23.14
CA LEU F 58 -40.59 -8.37 -22.82
C LEU F 58 -41.42 -7.67 -21.76
N LYS F 59 -40.86 -6.68 -21.08
CA LYS F 59 -41.62 -5.87 -20.14
C LYS F 59 -41.85 -4.45 -20.64
N GLU F 60 -40.86 -3.85 -21.30
CA GLU F 60 -41.02 -2.49 -21.79
C GLU F 60 -42.07 -2.41 -22.90
N PHE F 61 -42.13 -3.42 -23.76
CA PHE F 61 -43.13 -3.49 -24.82
C PHE F 61 -44.00 -4.71 -24.58
N PRO F 62 -44.89 -4.66 -23.59
CA PRO F 62 -45.68 -5.86 -23.25
C PRO F 62 -46.72 -6.22 -24.29
N ASP F 63 -46.97 -5.35 -25.27
CA ASP F 63 -47.96 -5.65 -26.29
C ASP F 63 -47.35 -6.16 -27.59
N LYS F 64 -46.06 -5.92 -27.82
CA LYS F 64 -45.36 -6.47 -28.96
C LYS F 64 -44.62 -7.74 -28.61
N ARG F 65 -45.17 -8.51 -27.67
CA ARG F 65 -44.49 -9.70 -27.18
C ARG F 65 -44.34 -10.77 -28.25
N ASP F 66 -45.26 -10.82 -29.21
CA ASP F 66 -45.13 -11.82 -30.26
C ASP F 66 -44.03 -11.44 -31.25
N VAL F 67 -43.88 -10.15 -31.55
CA VAL F 67 -42.76 -9.72 -32.38
C VAL F 67 -41.43 -10.07 -31.71
N ILE F 68 -41.36 -9.90 -30.39
CA ILE F 68 -40.13 -10.18 -29.68
C ILE F 68 -39.86 -11.67 -29.64
N TYR F 69 -40.92 -12.48 -29.46
CA TYR F 69 -40.73 -13.92 -29.47
C TYR F 69 -40.36 -14.43 -30.85
N LYS F 70 -40.77 -13.72 -31.90
CA LYS F 70 -40.38 -14.13 -33.24
C LYS F 70 -38.92 -13.77 -33.50
N VAL F 71 -38.51 -12.56 -33.15
CA VAL F 71 -37.18 -12.10 -33.53
C VAL F 71 -36.13 -12.63 -32.56
N LEU F 72 -36.43 -12.66 -31.27
CA LEU F 72 -35.45 -13.08 -30.27
C LEU F 72 -35.77 -14.47 -29.73
N GLY F 73 -36.62 -15.22 -30.41
CA GLY F 73 -36.89 -16.58 -30.01
C GLY F 73 -37.97 -16.72 -28.97
N GLU F 74 -38.81 -17.74 -29.14
CA GLU F 74 -39.74 -18.12 -28.10
C GLU F 74 -38.97 -18.66 -26.90
N ASP F 75 -39.65 -18.76 -25.77
CA ASP F 75 -39.05 -19.45 -24.64
C ASP F 75 -40.01 -20.37 -23.89
N GLU F 76 -41.29 -20.41 -24.26
CA GLU F 76 -42.20 -21.37 -23.65
C GLU F 76 -42.07 -22.74 -24.30
N ASN F 77 -42.37 -22.80 -25.60
CA ASN F 77 -42.15 -24.02 -26.39
C ASN F 77 -41.70 -23.54 -27.77
N PRO F 78 -40.41 -23.58 -28.04
CA PRO F 78 -39.91 -23.07 -29.32
C PRO F 78 -40.16 -24.07 -30.44
N GLU F 79 -40.65 -23.55 -31.56
CA GLU F 79 -40.91 -24.37 -32.73
C GLU F 79 -40.16 -23.89 -33.95
N GLU F 80 -39.14 -23.04 -33.74
CA GLU F 80 -38.27 -22.55 -34.78
C GLU F 80 -37.20 -21.69 -34.13
N ALA F 81 -36.11 -21.50 -34.84
CA ALA F 81 -35.01 -20.70 -34.33
C ALA F 81 -35.41 -19.23 -34.27
N SER F 82 -34.69 -18.50 -33.42
CA SER F 82 -34.81 -17.05 -33.44
C SER F 82 -34.44 -16.53 -34.82
N LEU F 83 -34.99 -15.38 -35.16
CA LEU F 83 -34.56 -14.72 -36.38
C LEU F 83 -33.51 -13.66 -36.14
N GLY F 84 -33.21 -13.35 -34.89
CA GLY F 84 -32.28 -12.30 -34.53
C GLY F 84 -31.03 -12.88 -33.89
N THR F 85 -29.89 -12.28 -34.20
CA THR F 85 -28.63 -12.67 -33.60
C THR F 85 -27.96 -11.44 -33.01
N PHE F 86 -27.32 -11.63 -31.87
CA PHE F 86 -26.43 -10.64 -31.28
C PHE F 86 -25.00 -11.10 -31.48
N LEU F 87 -24.12 -10.19 -31.86
CA LEU F 87 -22.70 -10.47 -31.78
C LEU F 87 -22.19 -10.15 -30.40
N ASP F 88 -21.07 -10.78 -30.03
CA ASP F 88 -20.47 -10.48 -28.74
C ASP F 88 -20.01 -9.04 -28.70
N ALA F 89 -20.20 -8.39 -27.56
CA ALA F 89 -19.78 -7.01 -27.41
C ALA F 89 -18.26 -6.94 -27.35
N ILE F 90 -17.68 -6.22 -28.29
CA ILE F 90 -16.25 -5.95 -28.31
C ILE F 90 -15.99 -4.69 -27.48
N LEU F 91 -15.03 -4.76 -26.59
CA LEU F 91 -14.56 -3.55 -25.91
C LEU F 91 -14.08 -2.56 -26.95
N PHE F 92 -14.69 -1.38 -26.99
CA PHE F 92 -14.34 -0.38 -27.98
C PHE F 92 -13.45 0.71 -27.41
N ALA F 93 -13.77 1.22 -26.23
CA ALA F 93 -12.98 2.25 -25.60
C ALA F 93 -13.26 2.19 -24.10
N ILE F 94 -12.22 2.31 -23.30
CA ILE F 94 -12.38 2.30 -21.86
C ILE F 94 -11.86 3.63 -21.33
N PRO F 95 -12.46 4.19 -20.30
CA PRO F 95 -11.94 5.44 -19.74
C PRO F 95 -10.69 5.19 -18.91
N SER F 96 -9.75 6.12 -19.00
CA SER F 96 -8.57 6.05 -18.17
C SER F 96 -8.27 7.44 -17.62
N ARG F 97 -7.88 7.49 -16.36
CA ARG F 97 -7.40 8.73 -15.78
C ARG F 97 -6.11 9.13 -16.46
N ILE F 98 -5.92 10.43 -16.64
CA ILE F 98 -4.77 10.95 -17.36
C ILE F 98 -4.25 12.18 -16.65
N ILE F 99 -2.93 12.35 -16.68
CA ILE F 99 -2.26 13.55 -16.21
C ILE F 99 -1.49 14.09 -17.40
N GLU F 100 -2.09 15.02 -18.11
CA GLU F 100 -1.45 15.59 -19.29
C GLU F 100 -0.38 16.58 -18.87
N ILE F 101 0.77 16.51 -19.54
CA ILE F 101 1.91 17.32 -19.18
C ILE F 101 1.60 18.80 -19.36
N ASP F 102 1.35 19.21 -20.60
CA ASP F 102 1.03 20.60 -20.89
C ASP F 102 0.48 20.69 -22.31
N SER F 103 -0.69 21.28 -22.45
CA SER F 103 -1.36 21.49 -23.73
C SER F 103 -2.53 22.43 -23.46
N ALA F 104 -3.44 22.55 -24.44
CA ALA F 104 -4.71 23.20 -24.22
C ALA F 104 -5.38 22.59 -22.99
N LYS F 105 -6.28 23.35 -22.35
CA LYS F 105 -6.77 23.11 -20.98
C LYS F 105 -6.94 21.62 -20.69
N PRO F 106 -6.30 21.13 -19.63
CA PRO F 106 -6.10 19.69 -19.50
C PRO F 106 -7.39 18.91 -19.31
N TYR F 107 -7.30 17.63 -19.61
CA TYR F 107 -8.33 16.67 -19.27
C TYR F 107 -7.87 15.86 -18.08
N VAL F 108 -8.84 15.30 -17.36
CA VAL F 108 -8.54 14.40 -16.26
C VAL F 108 -8.82 12.95 -16.60
N TRP F 109 -9.48 12.68 -17.72
CA TRP F 109 -9.71 11.32 -18.16
C TRP F 109 -9.82 11.34 -19.67
N VAL F 110 -9.67 10.16 -20.26
CA VAL F 110 -9.60 10.03 -21.71
C VAL F 110 -10.12 8.65 -22.08
N TYR F 111 -10.45 8.47 -23.35
CA TYR F 111 -10.86 7.16 -23.86
C TYR F 111 -9.66 6.45 -24.45
N VAL F 112 -9.46 5.20 -24.04
CA VAL F 112 -8.32 4.41 -24.46
C VAL F 112 -8.82 3.21 -25.26
N THR F 113 -8.22 2.99 -26.42
CA THR F 113 -8.50 1.82 -27.23
C THR F 113 -7.18 1.29 -27.78
N THR F 114 -7.21 0.08 -28.30
CA THR F 114 -6.03 -0.53 -28.87
C THR F 114 -6.31 -0.95 -30.31
N TYR F 115 -5.24 -1.22 -31.05
CA TYR F 115 -5.40 -1.58 -32.44
C TYR F 115 -6.02 -2.95 -32.61
N GLU F 116 -5.83 -3.85 -31.65
CA GLU F 116 -6.46 -5.16 -31.77
C GLU F 116 -7.97 -5.05 -31.64
N LEU F 117 -8.44 -4.20 -30.74
CA LEU F 117 -9.88 -3.99 -30.60
C LEU F 117 -10.47 -3.39 -31.87
N LEU F 118 -9.81 -2.40 -32.43
CA LEU F 118 -10.31 -1.81 -33.67
C LEU F 118 -10.24 -2.80 -34.82
N LYS F 119 -9.28 -3.74 -34.78
CA LYS F 119 -9.24 -4.77 -35.80
C LYS F 119 -10.42 -5.70 -35.69
N LYS F 120 -10.82 -6.04 -34.46
CA LYS F 120 -12.01 -6.86 -34.31
C LYS F 120 -13.27 -6.13 -34.74
N VAL F 121 -13.32 -4.81 -34.49
CA VAL F 121 -14.45 -4.03 -34.98
C VAL F 121 -14.48 -4.05 -36.50
N LYS F 122 -13.31 -3.92 -37.12
CA LYS F 122 -13.22 -3.99 -38.56
C LYS F 122 -13.71 -5.34 -39.08
N LEU F 123 -13.37 -6.43 -38.38
CA LEU F 123 -13.83 -7.75 -38.82
C LEU F 123 -15.34 -7.85 -38.76
N TYR F 124 -15.93 -7.43 -37.64
CA TYR F 124 -17.39 -7.40 -37.55
C TYR F 124 -18.00 -6.62 -38.71
N LEU F 125 -17.52 -5.40 -38.93
CA LEU F 125 -18.13 -4.54 -39.93
C LEU F 125 -17.96 -5.10 -41.33
N ASP F 126 -16.83 -5.74 -41.61
CA ASP F 126 -16.61 -6.31 -42.93
C ASP F 126 -17.47 -7.54 -43.15
N SER F 127 -17.57 -8.39 -42.13
CA SER F 127 -18.35 -9.61 -42.28
C SER F 127 -19.82 -9.29 -42.47
N ILE F 128 -20.35 -8.32 -41.72
CA ILE F 128 -21.78 -8.04 -41.86
C ILE F 128 -22.07 -7.14 -43.06
N SER F 129 -21.08 -6.45 -43.60
CA SER F 129 -21.32 -5.72 -44.83
C SER F 129 -21.45 -6.65 -46.03
N GLN F 130 -21.16 -7.93 -45.87
CA GLN F 130 -21.36 -8.91 -46.92
C GLN F 130 -22.59 -9.78 -46.68
N LEU F 131 -22.92 -10.06 -45.44
CA LEU F 131 -24.12 -10.81 -45.11
C LEU F 131 -25.36 -9.94 -45.05
N SER F 132 -25.25 -8.66 -45.40
CA SER F 132 -26.37 -7.74 -45.38
C SER F 132 -26.21 -6.76 -46.52
N ASN F 133 -27.28 -6.06 -46.84
CA ASN F 133 -27.18 -4.95 -47.77
C ASN F 133 -26.66 -3.69 -47.10
N ALA F 134 -26.38 -3.77 -45.80
CA ALA F 134 -25.80 -2.64 -45.08
C ALA F 134 -24.39 -2.36 -45.58
N SER F 135 -24.01 -1.10 -45.51
CA SER F 135 -22.65 -0.70 -45.82
C SER F 135 -22.32 0.48 -44.91
N PHE F 136 -21.31 0.32 -44.07
CA PHE F 136 -20.93 1.32 -43.10
C PHE F 136 -19.67 2.06 -43.53
N SER F 137 -19.59 2.36 -44.82
CA SER F 137 -18.37 2.92 -45.41
C SER F 137 -17.82 4.08 -44.59
N ASN F 138 -18.67 4.81 -43.88
CA ASN F 138 -18.17 5.91 -43.06
C ASN F 138 -17.36 5.39 -41.88
N LEU F 139 -17.97 4.53 -41.06
CA LEU F 139 -17.27 3.96 -39.91
C LEU F 139 -16.08 3.14 -40.35
N LYS F 140 -16.21 2.40 -41.46
CA LYS F 140 -15.11 1.60 -41.95
C LYS F 140 -13.96 2.47 -42.43
N ASN F 141 -14.26 3.59 -43.08
CA ASN F 141 -13.20 4.49 -43.52
C ASN F 141 -12.50 5.12 -42.33
N LYS F 142 -13.25 5.50 -41.31
CA LYS F 142 -12.62 6.01 -40.10
C LYS F 142 -11.69 4.98 -39.48
N ILE F 143 -12.18 3.75 -39.33
CA ILE F 143 -11.38 2.73 -38.67
C ILE F 143 -10.16 2.36 -39.51
N ASP F 144 -10.27 2.37 -40.83
CA ASP F 144 -9.08 2.05 -41.60
C ASP F 144 -8.07 3.18 -41.60
N THR F 145 -8.53 4.43 -41.59
CA THR F 145 -7.60 5.54 -41.43
C THR F 145 -6.86 5.43 -40.10
N ILE F 146 -7.54 4.95 -39.06
CA ILE F 146 -6.86 4.77 -37.78
C ILE F 146 -5.88 3.61 -37.85
N LEU F 147 -6.33 2.47 -38.39
CA LEU F 147 -5.47 1.29 -38.45
C LEU F 147 -4.28 1.48 -39.36
N ALA F 148 -4.29 2.49 -40.21
CA ALA F 148 -3.12 2.79 -41.02
C ALA F 148 -1.91 3.09 -40.15
N LYS F 149 -2.10 3.79 -39.03
CA LYS F 149 -1.01 4.14 -38.13
C LYS F 149 -0.85 3.13 -37.01
N GLU F 150 -0.79 1.84 -37.31
CA GLU F 150 -0.89 0.83 -36.26
C GLU F 150 0.34 0.77 -35.36
N GLY F 151 1.48 1.29 -35.80
CA GLY F 151 2.68 1.17 -34.98
C GLY F 151 2.66 2.07 -33.77
N LYS F 152 2.30 3.34 -33.97
CA LYS F 152 2.49 4.39 -32.99
C LYS F 152 1.23 4.64 -32.18
N ASN F 153 1.41 4.95 -30.90
CA ASN F 153 0.30 5.41 -30.06
C ASN F 153 -0.17 6.76 -30.56
N ILE F 154 -1.43 6.84 -30.96
CA ILE F 154 -1.95 8.05 -31.56
C ILE F 154 -3.07 8.62 -30.69
N THR F 155 -3.50 9.82 -31.04
CA THR F 155 -4.60 10.50 -30.39
C THR F 155 -5.43 11.20 -31.47
N LEU F 156 -6.71 11.33 -31.20
CA LEU F 156 -7.69 11.70 -32.22
C LEU F 156 -8.13 13.14 -32.02
N ASP F 157 -7.95 13.96 -33.06
CA ASP F 157 -8.37 15.36 -33.06
C ASP F 157 -7.84 16.13 -31.86
N SER F 158 -6.69 15.70 -31.35
CA SER F 158 -6.03 16.37 -30.25
C SER F 158 -4.55 16.06 -30.33
N ASP F 159 -3.74 16.86 -29.67
CA ASP F 159 -2.30 16.59 -29.71
C ASP F 159 -1.79 15.85 -28.47
N LEU F 160 -1.77 16.53 -27.33
CA LEU F 160 -1.40 16.04 -26.01
C LEU F 160 0.05 15.55 -25.93
N LYS F 161 0.59 15.07 -27.05
CA LYS F 161 2.01 14.80 -27.27
C LYS F 161 2.69 13.99 -26.17
N SER F 162 2.01 13.75 -25.05
CA SER F 162 2.63 13.14 -23.88
C SER F 162 1.60 12.97 -22.76
N ALA F 163 1.66 11.89 -22.01
CA ALA F 163 0.66 11.70 -20.97
C ALA F 163 1.08 10.61 -20.01
N ILE F 164 0.48 10.64 -18.83
CA ILE F 164 0.53 9.53 -17.89
C ILE F 164 -0.88 8.98 -17.78
N LEU F 165 -1.05 7.71 -18.12
CA LEU F 165 -2.35 7.06 -18.09
C LEU F 165 -2.47 6.21 -16.84
N ASN F 166 -3.58 6.36 -16.14
CA ASN F 166 -3.88 5.59 -14.93
C ASN F 166 -2.74 5.70 -13.92
N GLU F 167 -2.09 6.87 -13.90
CA GLU F 167 -1.03 7.21 -12.96
C GLU F 167 0.04 6.13 -12.85
N ASP F 168 0.22 5.33 -13.90
CA ASP F 168 1.30 4.35 -13.93
C ASP F 168 2.02 4.24 -15.26
N PHE F 169 1.48 4.74 -16.35
CA PHE F 169 2.00 4.43 -17.68
C PHE F 169 2.24 5.73 -18.42
N TYR F 170 3.51 6.03 -18.67
CA TYR F 170 3.86 7.13 -19.53
C TYR F 170 3.72 6.69 -20.98
N VAL F 171 3.01 7.48 -21.77
CA VAL F 171 2.91 7.22 -23.20
C VAL F 171 3.30 8.49 -23.94
N GLU F 172 3.94 8.30 -25.09
CA GLU F 172 4.19 9.39 -26.02
C GLU F 172 3.17 9.27 -27.13
N LEU F 173 2.42 10.34 -27.36
CA LEU F 173 1.32 10.30 -28.30
C LEU F 173 1.65 11.11 -29.54
N GLU F 174 1.13 10.64 -30.67
CA GLU F 174 1.30 11.31 -31.96
C GLU F 174 -0.07 11.67 -32.49
N ALA F 175 -0.26 12.94 -32.81
CA ALA F 175 -1.51 13.38 -33.40
C ALA F 175 -1.63 12.83 -34.82
N LEU F 176 -2.74 12.16 -35.11
CA LEU F 176 -2.82 11.44 -36.37
C LEU F 176 -2.75 12.39 -37.55
N ASN F 177 -3.85 13.08 -37.85
CA ASN F 177 -3.84 14.13 -38.87
C ASN F 177 -4.79 15.27 -38.55
N ASN F 178 -5.70 15.02 -37.61
CA ASN F 178 -6.83 15.89 -37.23
C ASN F 178 -7.92 15.90 -38.29
N LYS F 179 -7.71 15.29 -39.45
CA LYS F 179 -8.75 15.31 -40.47
C LYS F 179 -9.86 14.32 -40.17
N ILE F 180 -9.55 13.28 -39.40
CA ILE F 180 -10.53 12.25 -39.07
C ILE F 180 -11.46 12.79 -37.99
N PRO F 181 -12.73 12.97 -38.28
CA PRO F 181 -13.66 13.49 -37.27
C PRO F 181 -13.88 12.46 -36.18
N SER F 182 -14.53 12.91 -35.11
CA SER F 182 -14.76 12.05 -33.95
C SER F 182 -15.60 10.84 -34.33
N ILE F 183 -15.56 9.83 -33.47
CA ILE F 183 -16.36 8.62 -33.63
C ILE F 183 -17.40 8.52 -32.53
N ILE F 184 -16.96 8.40 -31.28
CA ILE F 184 -17.87 8.46 -30.13
C ILE F 184 -17.86 9.91 -29.69
N ASN F 185 -18.69 10.72 -30.36
CA ASN F 185 -18.49 12.16 -30.31
C ASN F 185 -18.89 12.74 -28.96
N ALA F 186 -18.08 12.46 -27.94
CA ALA F 186 -18.10 13.23 -26.72
C ALA F 186 -17.11 14.37 -26.86
N GLY F 187 -16.80 15.05 -25.77
CA GLY F 187 -15.80 16.09 -25.83
C GLY F 187 -14.41 15.56 -25.61
N VAL F 188 -14.32 14.39 -24.95
CA VAL F 188 -13.05 13.83 -24.51
C VAL F 188 -12.31 13.26 -25.71
N PRO F 189 -10.98 13.25 -25.71
CA PRO F 189 -10.24 12.63 -26.80
C PRO F 189 -10.17 11.12 -26.68
N LEU F 190 -9.70 10.49 -27.75
CA LEU F 190 -9.58 9.04 -27.83
C LEU F 190 -8.14 8.70 -28.16
N LEU F 191 -7.52 7.87 -27.32
CA LEU F 191 -6.15 7.41 -27.52
C LEU F 191 -6.18 5.99 -28.06
N VAL F 192 -5.56 5.77 -29.21
CA VAL F 192 -5.37 4.44 -29.74
C VAL F 192 -3.94 4.02 -29.40
N LEU F 193 -3.81 3.08 -28.48
CA LEU F 193 -2.53 2.67 -27.96
C LEU F 193 -2.05 1.39 -28.65
N GLU F 194 -0.74 1.24 -28.73
CA GLU F 194 -0.16 -0.05 -29.07
C GLU F 194 -0.61 -1.07 -28.03
N ASP F 195 -0.85 -2.29 -28.48
CA ASP F 195 -1.61 -3.23 -27.67
C ASP F 195 -0.84 -3.74 -26.47
N SER F 196 0.49 -3.68 -26.52
CA SER F 196 1.27 -4.09 -25.35
C SER F 196 1.04 -3.14 -24.19
N ILE F 197 1.13 -1.84 -24.44
CA ILE F 197 0.85 -0.88 -23.38
C ILE F 197 -0.65 -0.76 -23.17
N GLY F 198 -1.44 -0.94 -24.22
CA GLY F 198 -2.87 -0.87 -24.10
C GLY F 198 -3.44 -1.91 -23.16
N ARG F 199 -2.91 -3.13 -23.23
CA ARG F 199 -3.34 -4.18 -22.31
C ARG F 199 -3.14 -3.76 -20.86
N GLU F 200 -1.99 -3.16 -20.55
CA GLU F 200 -1.73 -2.75 -19.17
C GLU F 200 -2.64 -1.60 -18.75
N VAL F 201 -2.80 -0.62 -19.63
CA VAL F 201 -3.67 0.52 -19.31
C VAL F 201 -5.09 0.04 -19.07
N ILE F 202 -5.60 -0.81 -19.95
CA ILE F 202 -6.97 -1.29 -19.82
C ILE F 202 -7.13 -2.11 -18.56
N ASN F 203 -6.17 -2.98 -18.27
CA ASN F 203 -6.26 -3.75 -17.04
C ASN F 203 -6.26 -2.84 -15.81
N ARG F 204 -5.56 -1.71 -15.88
CA ARG F 204 -5.59 -0.78 -14.75
C ARG F 204 -6.92 -0.04 -14.68
N SER F 205 -7.52 0.23 -15.82
CA SER F 205 -8.79 0.93 -15.85
C SER F 205 -9.95 0.08 -15.39
N LEU F 206 -9.77 -1.22 -15.22
CA LEU F 206 -10.81 -2.01 -14.58
C LEU F 206 -10.93 -1.63 -13.11
N ILE F 207 -11.95 -2.17 -12.46
CA ILE F 207 -12.23 -1.84 -11.07
C ILE F 207 -12.35 -3.15 -10.31
N ARG F 208 -11.41 -3.41 -9.41
CA ARG F 208 -11.49 -4.54 -8.51
C ARG F 208 -11.85 -4.02 -7.13
N VAL F 209 -12.86 -4.63 -6.53
CA VAL F 209 -13.48 -4.13 -5.32
C VAL F 209 -13.57 -5.27 -4.33
N ARG F 210 -13.02 -5.07 -3.13
CA ARG F 210 -13.30 -6.00 -2.06
C ARG F 210 -14.70 -5.75 -1.53
N ARG F 211 -15.41 -6.81 -1.23
CA ARG F 211 -16.73 -6.73 -0.65
C ARG F 211 -16.81 -7.71 0.49
N ILE F 212 -17.68 -7.44 1.44
CA ILE F 212 -17.81 -8.27 2.62
C ILE F 212 -19.28 -8.44 2.94
N ARG F 213 -19.56 -9.35 3.86
CA ARG F 213 -20.87 -9.50 4.45
C ARG F 213 -20.71 -9.40 5.97
N ILE F 214 -21.61 -8.67 6.60
CA ILE F 214 -21.48 -8.29 8.00
C ILE F 214 -22.65 -8.85 8.78
N ASP F 215 -22.37 -9.39 9.96
CA ASP F 215 -23.40 -9.79 10.90
C ASP F 215 -24.24 -8.58 11.28
N ARG F 216 -25.57 -8.75 11.25
CA ARG F 216 -26.44 -7.60 11.48
C ARG F 216 -26.40 -7.13 12.93
N ASP F 217 -26.31 -8.06 13.87
CA ASP F 217 -26.43 -7.68 15.27
C ASP F 217 -25.16 -7.06 15.81
N LYS F 218 -24.00 -7.54 15.37
CA LYS F 218 -22.75 -7.21 16.03
C LYS F 218 -21.75 -6.50 15.10
N LYS F 219 -22.18 -6.15 13.89
CA LYS F 219 -21.39 -5.33 12.97
C LYS F 219 -19.97 -5.85 12.79
N VAL F 220 -19.81 -7.18 12.79
CA VAL F 220 -18.54 -7.78 12.44
C VAL F 220 -18.72 -8.64 11.20
N VAL F 221 -17.65 -8.75 10.44
CA VAL F 221 -17.63 -9.60 9.25
C VAL F 221 -18.05 -11.00 9.63
N GLU F 222 -18.97 -11.56 8.85
CA GLU F 222 -19.36 -12.95 9.02
C GLU F 222 -18.29 -13.87 8.45
N THR F 223 -18.08 -14.99 9.11
CA THR F 223 -17.01 -15.90 8.72
C THR F 223 -17.19 -16.34 7.28
N GLY F 224 -16.23 -16.00 6.44
CA GLY F 224 -16.25 -16.36 5.05
C GLY F 224 -16.74 -15.26 4.13
N GLY F 225 -17.47 -14.28 4.66
CA GLY F 225 -18.03 -13.25 3.84
C GLY F 225 -17.03 -12.21 3.40
N LEU F 226 -16.13 -12.59 2.51
CA LEU F 226 -15.13 -11.68 1.98
C LEU F 226 -14.74 -12.17 0.60
N TRP F 227 -14.86 -11.31 -0.39
CA TRP F 227 -14.61 -11.71 -1.76
C TRP F 227 -14.31 -10.47 -2.58
N SER F 228 -13.89 -10.70 -3.82
CA SER F 228 -13.54 -9.64 -4.73
C SER F 228 -14.42 -9.73 -5.97
N GLU F 229 -14.73 -8.58 -6.54
CA GLU F 229 -15.49 -8.50 -7.78
C GLU F 229 -14.82 -7.50 -8.70
N GLU F 230 -15.00 -7.72 -9.99
CA GLU F 230 -14.38 -6.89 -11.02
C GLU F 230 -15.48 -6.15 -11.76
N TYR F 231 -15.35 -4.83 -11.84
CA TYR F 231 -16.32 -4.02 -12.55
C TYR F 231 -15.66 -3.36 -13.74
N VAL F 232 -16.44 -3.18 -14.79
CA VAL F 232 -16.09 -2.32 -15.89
C VAL F 232 -16.56 -0.93 -15.51
N PRO F 233 -15.73 0.10 -15.67
CA PRO F 233 -16.09 1.43 -15.16
C PRO F 233 -17.17 2.09 -15.99
N MET F 234 -17.83 3.07 -15.37
CA MET F 234 -18.75 3.93 -16.09
C MET F 234 -18.05 4.56 -17.28
N LYS F 235 -18.82 4.86 -18.31
CA LYS F 235 -18.42 5.48 -19.56
C LYS F 235 -17.73 4.49 -20.49
N THR F 236 -17.51 3.25 -20.07
CA THR F 236 -16.95 2.25 -20.96
C THR F 236 -17.88 2.00 -22.14
N ILE F 237 -17.30 1.89 -23.33
CA ILE F 237 -18.06 1.70 -24.55
C ILE F 237 -17.72 0.35 -25.13
N PHE F 238 -18.74 -0.48 -25.33
CA PHE F 238 -18.61 -1.72 -26.07
C PHE F 238 -19.22 -1.55 -27.45
N PHE F 239 -18.96 -2.52 -28.31
CA PHE F 239 -19.48 -2.51 -29.66
C PHE F 239 -20.11 -3.85 -29.95
N SER F 240 -21.29 -3.84 -30.54
CA SER F 240 -21.96 -5.06 -30.92
C SER F 240 -22.83 -4.78 -32.13
N VAL F 241 -23.42 -5.83 -32.65
CA VAL F 241 -24.31 -5.74 -33.80
C VAL F 241 -25.55 -6.57 -33.49
N LEU F 242 -26.71 -6.08 -33.90
CA LEU F 242 -27.93 -6.83 -33.86
C LEU F 242 -28.33 -7.15 -35.29
N LEU F 243 -28.55 -8.43 -35.56
CA LEU F 243 -28.77 -8.93 -36.91
C LEU F 243 -30.10 -9.66 -36.98
N GLY F 244 -30.77 -9.55 -38.10
CA GLY F 244 -32.08 -10.18 -38.25
C GLY F 244 -32.33 -10.63 -39.66
N LYS F 245 -33.08 -11.72 -39.79
CA LYS F 245 -33.56 -12.23 -41.06
C LYS F 245 -34.97 -11.73 -41.34
N GLU F 246 -35.36 -11.74 -42.60
CA GLU F 246 -36.63 -11.18 -43.02
C GLU F 246 -37.81 -11.97 -42.44
N SER F 247 -38.72 -11.27 -41.76
CA SER F 247 -39.90 -11.94 -41.21
C SER F 247 -41.21 -11.14 -41.31
N LYS F 248 -41.17 -9.83 -41.52
CA LYS F 248 -42.27 -8.91 -41.28
C LYS F 248 -42.46 -8.71 -39.78
N GLU F 249 -41.84 -9.57 -38.98
CA GLU F 249 -41.66 -9.28 -37.57
C GLU F 249 -40.30 -8.64 -37.33
N SER F 250 -39.35 -8.91 -38.23
CA SER F 250 -38.07 -8.23 -38.18
C SER F 250 -38.21 -6.77 -38.56
N ALA F 251 -39.05 -6.47 -39.56
CA ALA F 251 -39.27 -5.08 -39.92
C ALA F 251 -39.89 -4.29 -38.77
N ILE F 252 -40.85 -4.90 -38.07
CA ILE F 252 -41.44 -4.26 -36.91
C ILE F 252 -40.41 -4.09 -35.81
N PHE F 253 -39.72 -5.18 -35.47
CA PHE F 253 -38.67 -5.14 -34.45
C PHE F 253 -37.68 -4.01 -34.72
N ALA F 254 -37.24 -3.90 -35.97
CA ALA F 254 -36.19 -2.94 -36.30
C ALA F 254 -36.70 -1.51 -36.39
N SER F 255 -37.95 -1.32 -36.81
CA SER F 255 -38.47 0.02 -36.98
C SER F 255 -39.27 0.51 -35.78
N CYS F 256 -39.73 -0.38 -34.92
CA CYS F 256 -40.49 0.02 -33.75
C CYS F 256 -39.73 -0.21 -32.45
N ILE F 257 -39.27 -1.43 -32.20
CA ILE F 257 -38.66 -1.76 -30.92
C ILE F 257 -37.29 -1.11 -30.80
N LEU F 258 -36.47 -1.21 -31.84
CA LEU F 258 -35.10 -0.74 -31.74
C LEU F 258 -35.01 0.78 -31.77
N ARG F 259 -35.95 1.45 -32.44
CA ARG F 259 -35.92 2.89 -32.43
C ARG F 259 -36.39 3.48 -31.10
N ASN F 260 -36.87 2.65 -30.19
CA ASN F 260 -37.35 3.10 -28.89
C ASN F 260 -36.68 2.33 -27.78
N LEU F 261 -35.50 1.81 -28.03
CA LEU F 261 -34.71 1.09 -27.04
C LEU F 261 -33.49 1.94 -26.74
N ARG F 262 -33.45 2.52 -25.56
CA ARG F 262 -32.38 3.45 -25.20
C ARG F 262 -31.56 2.95 -24.02
N TYR F 263 -32.19 2.64 -22.89
CA TYR F 263 -31.49 2.20 -21.70
C TYR F 263 -31.95 0.80 -21.35
N VAL F 264 -30.99 -0.08 -21.10
CA VAL F 264 -31.27 -1.42 -20.65
C VAL F 264 -30.35 -1.73 -19.47
N ILE F 265 -30.48 -2.92 -18.93
CA ILE F 265 -29.74 -3.33 -17.75
C ILE F 265 -29.05 -4.65 -18.03
N LEU F 266 -27.73 -4.61 -18.20
CA LEU F 266 -26.95 -5.81 -18.45
C LEU F 266 -26.39 -6.38 -17.16
N GLY F 267 -25.86 -7.58 -17.25
CA GLY F 267 -25.08 -8.18 -16.18
C GLY F 267 -25.79 -8.28 -14.84
N GLY F 268 -25.02 -8.53 -13.79
CA GLY F 268 -25.55 -8.75 -12.47
C GLY F 268 -25.29 -7.61 -11.52
N LYS F 269 -25.50 -7.91 -10.24
CA LYS F 269 -25.39 -6.94 -9.16
C LYS F 269 -26.16 -5.67 -9.49
N GLU F 270 -27.37 -5.84 -10.00
CA GLU F 270 -28.14 -4.66 -10.35
C GLU F 270 -28.72 -3.95 -9.14
N THR F 271 -28.84 -4.64 -8.01
CA THR F 271 -29.36 -3.99 -6.81
C THR F 271 -28.36 -3.03 -6.21
N ILE F 272 -27.09 -3.17 -6.54
CA ILE F 272 -26.09 -2.22 -6.09
C ILE F 272 -25.74 -1.35 -7.29
N GLY F 273 -26.70 -1.19 -8.17
CA GLY F 273 -26.64 -0.16 -9.19
C GLY F 273 -25.77 -0.49 -10.37
N LYS F 274 -25.32 -1.71 -10.52
CA LYS F 274 -24.54 -2.05 -11.68
C LYS F 274 -25.46 -2.42 -12.84
N GLY F 275 -25.03 -2.09 -14.04
CA GLY F 275 -25.64 -2.65 -15.22
C GLY F 275 -26.41 -1.69 -16.10
N ILE F 276 -26.65 -0.46 -15.68
CA ILE F 276 -27.38 0.46 -16.52
C ILE F 276 -26.52 0.85 -17.70
N VAL F 277 -27.11 0.83 -18.89
CA VAL F 277 -26.39 0.91 -20.14
C VAL F 277 -27.21 1.71 -21.14
N GLU F 278 -26.52 2.51 -21.95
CA GLU F 278 -27.15 3.23 -23.04
C GLU F 278 -26.74 2.61 -24.36
N LEU F 279 -27.71 2.36 -25.23
CA LEU F 279 -27.47 1.89 -26.57
C LEU F 279 -27.55 3.05 -27.54
N ARG F 280 -26.73 3.01 -28.59
CA ARG F 280 -26.56 4.20 -29.42
C ARG F 280 -26.76 4.01 -30.92
N TRP F 281 -26.81 2.79 -31.44
CA TRP F 281 -27.28 2.59 -32.81
C TRP F 281 -26.46 3.35 -33.84
N VAL F 282 -25.28 2.84 -34.15
CA VAL F 282 -24.26 3.46 -35.00
C VAL F 282 -24.86 4.20 -36.18
N LYS F 283 -25.96 3.69 -36.73
CA LYS F 283 -26.52 4.31 -37.93
C LYS F 283 -27.03 5.71 -37.70
N ASP F 284 -26.98 6.22 -36.46
CA ASP F 284 -27.39 7.59 -36.23
C ASP F 284 -26.32 8.37 -35.44
N VAL F 285 -25.58 7.69 -34.58
CA VAL F 285 -24.56 8.39 -33.81
C VAL F 285 -23.37 8.74 -34.71
N ILE F 286 -23.13 7.96 -35.76
CA ILE F 286 -22.22 8.35 -36.81
C ILE F 286 -23.05 8.99 -37.93
N PRO G 2 -10.67 -40.82 -62.64
CA PRO G 2 -10.23 -40.45 -61.29
C PRO G 2 -11.40 -40.23 -60.35
N TYR G 3 -12.46 -39.61 -60.86
CA TYR G 3 -13.68 -39.34 -60.12
C TYR G 3 -13.45 -38.51 -58.87
N TYR G 4 -12.27 -37.93 -58.73
CA TYR G 4 -12.04 -36.73 -57.93
C TYR G 4 -11.00 -35.96 -58.75
N ALA G 5 -11.49 -35.10 -59.64
CA ALA G 5 -10.66 -34.50 -60.66
C ALA G 5 -9.92 -33.27 -60.19
N PHE G 6 -10.52 -32.49 -59.29
CA PHE G 6 -9.91 -31.27 -58.79
C PHE G 6 -10.15 -31.18 -57.30
N ALA G 7 -9.36 -30.34 -56.64
CA ALA G 7 -9.47 -30.14 -55.21
C ALA G 7 -9.33 -28.66 -54.90
N GLU G 8 -10.09 -28.21 -53.91
CA GLU G 8 -10.05 -26.81 -53.48
C GLU G 8 -9.66 -26.72 -52.01
N PRO G 9 -8.39 -26.50 -51.71
CA PRO G 9 -8.01 -26.26 -50.32
C PRO G 9 -8.42 -24.87 -49.89
N PHE G 10 -8.98 -24.78 -48.69
CA PHE G 10 -9.38 -23.47 -48.18
C PHE G 10 -9.12 -23.40 -46.69
N PHE G 11 -9.08 -22.17 -46.20
CA PHE G 11 -8.93 -21.90 -44.78
C PHE G 11 -10.27 -21.45 -44.19
N ILE G 12 -10.44 -21.70 -42.90
CA ILE G 12 -11.67 -21.38 -42.18
C ILE G 12 -11.28 -20.43 -41.05
N HIS G 13 -11.42 -19.14 -41.28
CA HIS G 13 -11.13 -18.13 -40.27
C HIS G 13 -12.38 -17.83 -39.46
N ALA G 14 -12.31 -18.07 -38.16
CA ALA G 14 -13.42 -17.75 -37.27
C ALA G 14 -13.52 -16.25 -37.09
N ILE G 15 -14.58 -15.64 -37.61
CA ILE G 15 -14.81 -14.22 -37.40
C ILE G 15 -15.33 -13.97 -35.99
N THR G 16 -16.30 -14.75 -35.57
CA THR G 16 -16.77 -14.78 -34.20
C THR G 16 -16.31 -16.08 -33.57
N HIS G 17 -16.64 -16.26 -32.29
CA HIS G 17 -16.40 -17.56 -31.69
C HIS G 17 -17.24 -18.62 -32.40
N LEU G 18 -16.78 -19.86 -32.34
CA LEU G 18 -17.41 -20.97 -33.03
C LEU G 18 -17.83 -22.02 -32.02
N HIS G 19 -18.97 -22.63 -32.26
CA HIS G 19 -19.38 -23.79 -31.48
C HIS G 19 -20.02 -24.79 -32.45
N VAL G 20 -19.20 -25.68 -32.98
CA VAL G 20 -19.71 -26.84 -33.70
C VAL G 20 -19.83 -27.94 -32.66
N GLY G 21 -21.06 -28.19 -32.21
CA GLY G 21 -21.27 -29.08 -31.10
C GLY G 21 -21.07 -30.54 -31.43
N SER G 22 -21.03 -31.33 -30.37
CA SER G 22 -20.89 -32.77 -30.48
C SER G 22 -21.80 -33.39 -29.43
N GLY G 23 -21.59 -34.67 -29.14
CA GLY G 23 -22.42 -35.34 -28.16
C GLY G 23 -22.27 -34.79 -26.75
N SER G 24 -23.29 -34.08 -26.28
CA SER G 24 -23.28 -33.57 -24.92
C SER G 24 -23.39 -34.71 -23.93
N SER G 25 -22.52 -34.70 -22.91
CA SER G 25 -22.50 -35.77 -21.93
C SER G 25 -21.66 -35.35 -20.74
N VAL G 26 -21.87 -36.04 -19.62
CA VAL G 26 -21.11 -35.73 -18.38
C VAL G 26 -19.91 -36.66 -18.37
N GLU G 27 -18.87 -36.27 -19.11
CA GLU G 27 -17.55 -36.84 -18.86
C GLU G 27 -16.43 -35.83 -19.11
N GLU G 28 -16.74 -34.56 -19.38
CA GLU G 28 -15.73 -33.64 -19.87
C GLU G 28 -15.78 -32.27 -19.19
N GLU G 29 -16.37 -32.18 -17.99
CA GLU G 29 -16.51 -30.96 -17.21
C GLU G 29 -17.10 -29.82 -18.04
N ILE G 30 -17.67 -30.15 -19.19
CA ILE G 30 -18.27 -29.19 -20.11
C ILE G 30 -19.49 -29.87 -20.70
N ALA G 31 -20.67 -29.26 -20.51
CA ALA G 31 -21.90 -29.87 -20.97
C ALA G 31 -21.93 -29.98 -22.48
N LEU G 32 -21.58 -28.90 -23.19
CA LEU G 32 -21.64 -28.86 -24.64
C LEU G 32 -20.23 -28.66 -25.18
N PRO G 33 -19.46 -29.73 -25.33
CA PRO G 33 -18.10 -29.61 -25.83
C PRO G 33 -18.04 -29.41 -27.33
N PHE G 34 -16.90 -28.89 -27.77
CA PHE G 34 -16.62 -28.77 -29.19
C PHE G 34 -16.30 -30.14 -29.79
N GLN G 35 -16.38 -30.23 -31.11
CA GLN G 35 -16.03 -31.46 -31.81
C GLN G 35 -14.53 -31.72 -31.73
N ARG G 36 -14.14 -32.82 -31.09
CA ARG G 36 -12.74 -33.19 -30.95
C ARG G 36 -12.31 -34.07 -32.11
N ASP G 37 -11.04 -33.95 -32.50
CA ASP G 37 -10.63 -34.58 -33.75
C ASP G 37 -10.28 -36.06 -33.63
N GLU G 38 -9.07 -36.37 -33.19
CA GLU G 38 -8.75 -37.71 -32.68
C GLU G 38 -7.66 -37.57 -31.62
N LEU G 39 -7.00 -36.43 -31.67
CA LEU G 39 -5.90 -36.11 -30.76
C LEU G 39 -6.33 -35.13 -29.70
N GLY G 40 -7.64 -34.89 -29.57
CA GLY G 40 -8.16 -33.92 -28.64
C GLY G 40 -8.19 -32.51 -29.18
N TYR G 41 -7.79 -32.30 -30.40
CA TYR G 41 -7.86 -30.96 -30.96
C TYR G 41 -9.27 -30.68 -31.47
N PRO G 42 -9.65 -29.40 -31.51
CA PRO G 42 -10.92 -29.05 -32.15
C PRO G 42 -10.88 -29.37 -33.63
N THR G 43 -11.99 -29.87 -34.13
CA THR G 43 -12.14 -30.16 -35.55
C THR G 43 -13.56 -29.83 -35.96
N ILE G 44 -13.77 -29.69 -37.25
CA ILE G 44 -15.11 -29.58 -37.82
C ILE G 44 -15.33 -30.81 -38.69
N TYR G 45 -16.35 -31.59 -38.36
CA TYR G 45 -16.65 -32.77 -39.15
C TYR G 45 -17.06 -32.37 -40.57
N ALA G 46 -16.76 -33.25 -41.52
CA ALA G 46 -17.13 -32.98 -42.90
C ALA G 46 -18.62 -32.84 -43.08
N SER G 47 -19.41 -33.57 -42.29
CA SER G 47 -20.86 -33.47 -42.42
C SER G 47 -21.36 -32.11 -41.97
N SER G 48 -20.79 -31.57 -40.90
CA SER G 48 -21.19 -30.25 -40.43
C SER G 48 -20.86 -29.19 -41.46
N LEU G 49 -19.63 -29.22 -41.99
CA LEU G 49 -19.26 -28.29 -43.06
C LEU G 49 -20.19 -28.40 -44.24
N LYS G 50 -20.44 -29.62 -44.70
CA LYS G 50 -21.27 -29.82 -45.87
C LYS G 50 -22.67 -29.27 -45.64
N GLY G 51 -23.28 -29.64 -44.52
CA GLY G 51 -24.64 -29.20 -44.27
C GLY G 51 -24.76 -27.70 -44.12
N ALA G 52 -23.85 -27.09 -43.36
CA ALA G 52 -23.91 -25.65 -43.17
C ALA G 52 -23.70 -24.91 -44.48
N ILE G 53 -22.67 -25.28 -45.24
CA ILE G 53 -22.42 -24.57 -46.49
C ILE G 53 -23.53 -24.82 -47.48
N LYS G 54 -24.13 -26.01 -47.46
CA LYS G 54 -25.25 -26.31 -48.33
C LYS G 54 -26.44 -25.42 -48.01
N SER G 55 -26.78 -25.30 -46.73
CA SER G 55 -27.88 -24.41 -46.33
C SER G 55 -27.59 -22.98 -46.74
N PHE G 56 -26.38 -22.51 -46.48
CA PHE G 56 -26.03 -21.14 -46.81
C PHE G 56 -26.16 -20.89 -48.31
N LEU G 57 -25.70 -21.83 -49.13
CA LEU G 57 -25.76 -21.63 -50.57
C LEU G 57 -27.19 -21.72 -51.08
N LEU G 58 -27.98 -22.64 -50.54
CA LEU G 58 -29.38 -22.73 -50.94
C LEU G 58 -30.12 -21.45 -50.63
N LYS G 59 -29.76 -20.79 -49.53
CA LYS G 59 -30.40 -19.51 -49.22
C LYS G 59 -29.89 -18.39 -50.11
N GLU G 60 -28.57 -18.32 -50.34
CA GLU G 60 -28.02 -17.15 -51.00
C GLU G 60 -28.19 -17.18 -52.52
N PHE G 61 -28.18 -18.35 -53.14
CA PHE G 61 -28.38 -18.49 -54.57
C PHE G 61 -29.57 -19.40 -54.81
N PRO G 62 -30.80 -18.90 -54.65
CA PRO G 62 -31.98 -19.76 -54.80
C PRO G 62 -32.28 -20.14 -56.25
N ASP G 63 -31.45 -19.75 -57.21
CA ASP G 63 -31.65 -20.18 -58.59
C ASP G 63 -30.67 -21.27 -58.99
N LYS G 64 -29.44 -21.24 -58.48
CA LYS G 64 -28.44 -22.28 -58.68
C LYS G 64 -28.74 -23.51 -57.88
N ARG G 65 -29.95 -23.55 -57.35
CA ARG G 65 -30.38 -24.61 -56.46
C ARG G 65 -30.19 -26.00 -57.05
N ASP G 66 -30.33 -26.13 -58.37
CA ASP G 66 -30.12 -27.44 -59.00
C ASP G 66 -28.64 -27.82 -58.98
N VAL G 67 -27.76 -26.88 -59.33
CA VAL G 67 -26.33 -27.11 -59.26
C VAL G 67 -25.93 -27.49 -57.84
N ILE G 68 -26.42 -26.76 -56.86
CA ILE G 68 -26.08 -27.02 -55.47
C ILE G 68 -26.60 -28.38 -55.04
N TYR G 69 -27.84 -28.71 -55.42
CA TYR G 69 -28.40 -30.01 -55.08
C TYR G 69 -27.57 -31.14 -55.65
N LYS G 70 -27.14 -31.02 -56.89
CA LYS G 70 -26.48 -32.16 -57.50
C LYS G 70 -24.97 -32.18 -57.28
N VAL G 71 -24.39 -31.10 -56.74
CA VAL G 71 -23.00 -31.17 -56.34
C VAL G 71 -22.86 -31.59 -54.89
N LEU G 72 -23.68 -31.04 -54.01
CA LEU G 72 -23.59 -31.35 -52.58
C LEU G 72 -24.67 -32.29 -52.11
N GLY G 73 -25.34 -32.99 -53.03
CA GLY G 73 -26.24 -34.04 -52.62
C GLY G 73 -27.68 -33.60 -52.47
N GLU G 74 -28.52 -34.05 -53.40
CA GLU G 74 -29.94 -33.73 -53.32
C GLU G 74 -30.58 -34.45 -52.15
N ASP G 75 -31.42 -33.74 -51.40
CA ASP G 75 -32.06 -34.32 -50.22
C ASP G 75 -33.35 -35.07 -50.56
N GLU G 76 -34.22 -34.47 -51.38
CA GLU G 76 -35.52 -35.06 -51.65
C GLU G 76 -35.49 -36.11 -52.75
N ASN G 77 -34.40 -36.21 -53.49
CA ASN G 77 -34.22 -37.25 -54.51
C ASN G 77 -32.83 -37.86 -54.28
N PRO G 78 -32.69 -38.69 -53.25
CA PRO G 78 -31.42 -39.41 -53.12
C PRO G 78 -31.36 -40.59 -54.08
N GLU G 79 -30.69 -40.39 -55.20
CA GLU G 79 -30.39 -41.46 -56.14
C GLU G 79 -29.04 -41.30 -56.80
N GLU G 80 -28.29 -40.26 -56.44
CA GLU G 80 -27.07 -39.86 -57.16
C GLU G 80 -26.10 -39.33 -56.14
N ALA G 81 -24.89 -39.89 -56.12
CA ALA G 81 -23.90 -39.45 -55.15
C ALA G 81 -23.55 -37.97 -55.38
N SER G 82 -23.05 -37.35 -54.32
CA SER G 82 -22.62 -35.97 -54.42
C SER G 82 -21.35 -35.87 -55.25
N LEU G 83 -21.32 -34.91 -56.16
CA LEU G 83 -20.09 -34.63 -56.91
C LEU G 83 -19.08 -33.84 -56.09
N GLY G 84 -19.46 -33.35 -54.92
CA GLY G 84 -18.55 -32.60 -54.09
C GLY G 84 -18.46 -33.22 -52.72
N THR G 85 -17.30 -33.02 -52.10
CA THR G 85 -17.01 -33.66 -50.82
C THR G 85 -16.03 -32.79 -50.05
N PHE G 86 -16.31 -32.59 -48.78
CA PHE G 86 -15.41 -31.86 -47.89
C PHE G 86 -14.65 -32.85 -47.04
N LEU G 87 -13.36 -32.56 -46.82
CA LEU G 87 -12.62 -33.25 -45.78
C LEU G 87 -12.91 -32.58 -44.45
N ASP G 88 -12.79 -33.36 -43.37
CA ASP G 88 -12.84 -32.80 -42.04
C ASP G 88 -11.94 -31.58 -41.95
N ALA G 89 -12.43 -30.52 -41.32
CA ALA G 89 -11.62 -29.33 -41.14
C ALA G 89 -10.60 -29.59 -40.05
N ILE G 90 -9.35 -29.33 -40.35
CA ILE G 90 -8.25 -29.58 -39.43
C ILE G 90 -7.81 -28.26 -38.83
N LEU G 91 -7.61 -28.25 -37.52
CA LEU G 91 -7.13 -27.05 -36.85
C LEU G 91 -5.74 -26.71 -37.34
N PHE G 92 -5.58 -25.55 -37.96
CA PHE G 92 -4.31 -25.11 -38.49
C PHE G 92 -3.56 -24.18 -37.56
N ALA G 93 -4.28 -23.35 -36.81
CA ALA G 93 -3.67 -22.42 -35.87
C ALA G 93 -4.73 -21.86 -34.93
N ILE G 94 -4.46 -21.85 -33.63
CA ILE G 94 -5.37 -21.24 -32.69
C ILE G 94 -4.67 -20.05 -32.05
N PRO G 95 -5.35 -18.92 -31.88
CA PRO G 95 -4.70 -17.77 -31.26
C PRO G 95 -4.41 -18.01 -29.79
N SER G 96 -3.29 -17.49 -29.34
CA SER G 96 -2.88 -17.60 -27.95
C SER G 96 -2.43 -16.26 -27.43
N ARG G 97 -2.79 -15.95 -26.19
CA ARG G 97 -2.27 -14.76 -25.55
C ARG G 97 -0.80 -14.95 -25.22
N ILE G 98 0.01 -13.94 -25.49
CA ILE G 98 1.44 -14.03 -25.32
C ILE G 98 1.91 -12.90 -24.43
N ILE G 99 2.85 -13.20 -23.54
CA ILE G 99 3.62 -12.19 -22.83
C ILE G 99 5.04 -12.25 -23.38
N GLU G 100 5.45 -11.22 -24.10
CA GLU G 100 6.82 -11.14 -24.57
C GLU G 100 7.78 -11.13 -23.41
N ILE G 101 9.00 -11.60 -23.66
CA ILE G 101 10.07 -11.55 -22.68
C ILE G 101 11.30 -11.00 -23.39
N ASP G 102 11.61 -9.74 -23.12
CA ASP G 102 12.77 -9.00 -23.66
C ASP G 102 13.01 -9.34 -25.13
N SER G 103 12.01 -9.01 -25.95
CA SER G 103 12.05 -9.28 -27.38
C SER G 103 11.85 -7.97 -28.15
N ALA G 104 11.91 -8.06 -29.47
CA ALA G 104 11.91 -6.86 -30.31
C ALA G 104 10.51 -6.32 -30.54
N LYS G 105 9.65 -7.10 -31.18
CA LYS G 105 8.29 -6.68 -31.46
C LYS G 105 7.39 -7.15 -30.33
N PRO G 106 6.86 -6.27 -29.49
CA PRO G 106 6.02 -6.70 -28.38
C PRO G 106 4.61 -7.03 -28.86
N TYR G 107 4.29 -8.32 -28.93
CA TYR G 107 2.98 -8.77 -29.34
C TYR G 107 2.12 -9.08 -28.13
N VAL G 108 0.81 -9.08 -28.34
CA VAL G 108 -0.13 -9.48 -27.31
C VAL G 108 -0.74 -10.84 -27.58
N TRP G 109 -0.78 -11.28 -28.83
CA TRP G 109 -1.30 -12.60 -29.14
C TRP G 109 -0.55 -13.14 -30.35
N VAL G 110 -0.43 -14.47 -30.40
CA VAL G 110 0.23 -15.15 -31.51
C VAL G 110 -0.61 -16.36 -31.92
N TYR G 111 -0.32 -16.86 -33.12
CA TYR G 111 -0.91 -18.10 -33.59
C TYR G 111 -0.06 -19.26 -33.13
N VAL G 112 -0.71 -20.29 -32.61
CA VAL G 112 -0.02 -21.44 -32.03
C VAL G 112 -0.44 -22.70 -32.78
N THR G 113 0.54 -23.49 -33.21
CA THR G 113 0.32 -24.77 -33.84
C THR G 113 1.18 -25.81 -33.14
N THR G 114 0.94 -27.07 -33.47
CA THR G 114 1.78 -28.18 -33.07
C THR G 114 2.29 -28.88 -34.31
N TYR G 115 3.03 -29.97 -34.10
CA TYR G 115 3.53 -30.73 -35.25
C TYR G 115 2.54 -31.78 -35.71
N GLU G 116 1.68 -32.28 -34.83
CA GLU G 116 0.60 -33.16 -35.26
C GLU G 116 -0.28 -32.47 -36.28
N LEU G 117 -0.72 -31.25 -35.96
CA LEU G 117 -1.61 -30.53 -36.86
C LEU G 117 -0.94 -30.28 -38.20
N LEU G 118 0.33 -29.92 -38.18
CA LEU G 118 1.00 -29.65 -39.44
C LEU G 118 1.23 -30.92 -40.23
N LYS G 119 1.43 -32.06 -39.55
CA LYS G 119 1.51 -33.32 -40.26
C LYS G 119 0.21 -33.63 -40.97
N LYS G 120 -0.92 -33.41 -40.30
CA LYS G 120 -2.21 -33.65 -40.94
C LYS G 120 -2.44 -32.68 -42.11
N VAL G 121 -2.04 -31.43 -41.95
CA VAL G 121 -2.18 -30.47 -43.05
C VAL G 121 -1.33 -30.90 -44.23
N LYS G 122 -0.10 -31.37 -43.96
CA LYS G 122 0.74 -31.84 -45.04
C LYS G 122 0.19 -33.11 -45.68
N LEU G 123 -0.49 -33.95 -44.90
CA LEU G 123 -1.16 -35.11 -45.49
C LEU G 123 -2.22 -34.66 -46.49
N TYR G 124 -3.11 -33.76 -46.06
CA TYR G 124 -4.10 -33.23 -46.97
C TYR G 124 -3.45 -32.62 -48.21
N LEU G 125 -2.33 -31.92 -48.02
CA LEU G 125 -1.74 -31.21 -49.14
C LEU G 125 -1.04 -32.14 -50.11
N ASP G 126 -0.35 -33.16 -49.60
CA ASP G 126 0.28 -34.15 -50.45
C ASP G 126 -0.75 -34.89 -51.26
N SER G 127 -1.84 -35.30 -50.62
CA SER G 127 -2.79 -36.16 -51.30
C SER G 127 -3.52 -35.47 -52.44
N ILE G 128 -3.41 -34.15 -52.58
CA ILE G 128 -4.10 -33.43 -53.63
C ILE G 128 -3.15 -32.67 -54.54
N SER G 129 -1.85 -32.71 -54.27
CA SER G 129 -0.92 -31.90 -55.05
C SER G 129 -0.78 -32.42 -56.47
N GLN G 130 -0.96 -33.71 -56.68
CA GLN G 130 -0.86 -34.28 -58.03
C GLN G 130 -2.22 -34.32 -58.73
N LEU G 131 -2.91 -33.19 -58.78
CA LEU G 131 -4.16 -33.08 -59.52
C LEU G 131 -4.04 -32.13 -60.71
N SER G 132 -2.82 -31.71 -61.05
CA SER G 132 -2.48 -31.07 -62.32
C SER G 132 -3.01 -29.64 -62.42
N ASN G 133 -3.83 -29.25 -61.49
CA ASN G 133 -4.22 -27.85 -61.31
C ASN G 133 -3.93 -27.37 -59.90
N ALA G 134 -4.24 -28.20 -58.91
CA ALA G 134 -3.94 -27.90 -57.51
C ALA G 134 -2.45 -28.14 -57.30
N SER G 135 -1.68 -27.05 -57.26
CA SER G 135 -0.23 -27.15 -57.19
C SER G 135 0.35 -26.67 -55.87
N PHE G 136 0.16 -25.40 -55.53
CA PHE G 136 0.55 -24.79 -54.24
C PHE G 136 1.82 -25.39 -53.67
N SER G 137 2.88 -25.43 -54.46
CA SER G 137 4.12 -26.04 -54.00
C SER G 137 4.70 -25.30 -52.81
N ASN G 138 4.67 -23.97 -52.84
CA ASN G 138 5.28 -23.17 -51.78
C ASN G 138 4.69 -23.50 -50.40
N LEU G 139 3.39 -23.75 -50.33
CA LEU G 139 2.76 -24.00 -49.04
C LEU G 139 3.31 -25.26 -48.39
N LYS G 140 3.27 -26.37 -49.11
CA LYS G 140 3.81 -27.60 -48.55
C LYS G 140 5.32 -27.55 -48.38
N ASN G 141 6.02 -26.72 -49.16
CA ASN G 141 7.45 -26.55 -48.94
C ASN G 141 7.70 -25.88 -47.60
N LYS G 142 6.93 -24.84 -47.29
CA LYS G 142 7.01 -24.23 -45.97
C LYS G 142 6.70 -25.24 -44.89
N ILE G 143 5.64 -26.04 -45.09
CA ILE G 143 5.26 -27.02 -44.09
C ILE G 143 6.37 -28.03 -43.88
N ASP G 144 7.11 -28.37 -44.95
CA ASP G 144 8.17 -29.35 -44.82
C ASP G 144 9.38 -28.77 -44.12
N THR G 145 9.77 -27.54 -44.48
CA THR G 145 10.81 -26.86 -43.73
C THR G 145 10.47 -26.81 -42.24
N ILE G 146 9.20 -26.56 -41.92
CA ILE G 146 8.79 -26.54 -40.52
C ILE G 146 8.90 -27.91 -39.90
N LEU G 147 8.41 -28.94 -40.61
CA LEU G 147 8.36 -30.28 -40.03
C LEU G 147 9.76 -30.85 -39.81
N ALA G 148 10.74 -30.40 -40.59
CA ALA G 148 12.11 -30.83 -40.35
C ALA G 148 12.55 -30.49 -38.93
N LYS G 149 12.18 -29.32 -38.45
CA LYS G 149 12.58 -28.84 -37.13
C LYS G 149 11.72 -29.39 -36.02
N GLU G 150 11.00 -30.50 -36.25
CA GLU G 150 10.12 -31.03 -35.23
C GLU G 150 10.89 -31.43 -33.99
N GLY G 151 10.27 -31.20 -32.83
CA GLY G 151 10.87 -31.43 -31.54
C GLY G 151 11.17 -30.14 -30.79
N LYS G 152 11.47 -29.07 -31.51
CA LYS G 152 11.81 -27.79 -30.92
C LYS G 152 10.63 -26.83 -31.06
N ASN G 153 10.33 -26.12 -29.98
CA ASN G 153 9.39 -25.01 -30.07
C ASN G 153 9.92 -23.98 -31.05
N ILE G 154 9.21 -23.80 -32.15
CA ILE G 154 9.69 -23.02 -33.28
C ILE G 154 8.85 -21.76 -33.40
N THR G 155 9.50 -20.66 -33.73
CA THR G 155 8.83 -19.45 -34.12
C THR G 155 9.16 -19.14 -35.56
N LEU G 156 8.21 -18.55 -36.28
CA LEU G 156 8.46 -18.21 -37.67
C LEU G 156 9.08 -16.82 -37.78
N ASP G 157 8.37 -15.81 -37.29
CA ASP G 157 8.96 -14.48 -37.20
C ASP G 157 10.00 -14.46 -36.09
N SER G 158 11.24 -14.20 -36.46
CA SER G 158 12.41 -14.52 -35.62
C SER G 158 12.78 -13.34 -34.74
N ASP G 159 11.94 -13.10 -33.73
CA ASP G 159 12.24 -12.08 -32.75
C ASP G 159 11.90 -12.45 -31.32
N LEU G 160 11.26 -13.59 -31.08
CA LEU G 160 10.74 -13.82 -29.73
C LEU G 160 11.80 -14.38 -28.80
N LYS G 161 12.28 -15.59 -29.10
CA LYS G 161 13.31 -16.30 -28.34
C LYS G 161 12.79 -16.77 -26.99
N SER G 162 11.61 -16.30 -26.58
CA SER G 162 11.03 -16.65 -25.29
C SER G 162 9.67 -16.01 -25.14
N ALA G 163 8.76 -16.66 -24.40
CA ALA G 163 7.42 -16.12 -24.23
C ALA G 163 6.69 -16.90 -23.16
N ILE G 164 5.61 -16.31 -22.67
CA ILE G 164 4.66 -16.98 -21.79
C ILE G 164 3.34 -17.02 -22.54
N LEU G 165 2.78 -18.21 -22.70
CA LEU G 165 1.61 -18.42 -23.54
C LEU G 165 0.40 -18.67 -22.66
N ASN G 166 -0.70 -18.00 -22.97
CA ASN G 166 -1.95 -18.13 -22.23
C ASN G 166 -1.71 -17.96 -20.73
N GLU G 167 -0.83 -17.03 -20.39
CA GLU G 167 -0.52 -16.63 -19.03
C GLU G 167 0.04 -17.75 -18.17
N ASP G 168 0.34 -18.91 -18.75
CA ASP G 168 0.61 -20.07 -17.93
C ASP G 168 1.76 -20.94 -18.39
N PHE G 169 2.30 -20.76 -19.58
CA PHE G 169 3.25 -21.70 -20.15
C PHE G 169 4.46 -20.94 -20.66
N TYR G 170 5.60 -21.16 -20.03
CA TYR G 170 6.84 -20.55 -20.46
C TYR G 170 7.51 -21.48 -21.46
N VAL G 171 7.79 -20.95 -22.65
CA VAL G 171 8.45 -21.72 -23.69
C VAL G 171 9.54 -20.85 -24.31
N GLU G 172 10.60 -21.51 -24.76
CA GLU G 172 11.69 -20.85 -25.45
C GLU G 172 11.63 -21.21 -26.93
N LEU G 173 11.82 -20.20 -27.77
CA LEU G 173 11.58 -20.34 -29.19
C LEU G 173 12.87 -20.06 -29.94
N GLU G 174 12.98 -20.61 -31.14
CA GLU G 174 14.11 -20.25 -31.99
C GLU G 174 13.63 -20.12 -33.42
N ALA G 175 14.44 -19.42 -34.22
CA ALA G 175 14.09 -19.12 -35.59
C ALA G 175 14.15 -20.39 -36.44
N LEU G 176 13.98 -20.23 -37.74
CA LEU G 176 13.99 -21.36 -38.65
C LEU G 176 15.22 -21.32 -39.57
N ASN G 177 16.26 -20.59 -39.16
CA ASN G 177 17.49 -20.42 -39.92
C ASN G 177 17.27 -19.73 -41.26
N ASN G 178 16.02 -19.34 -41.53
CA ASN G 178 15.67 -18.67 -42.77
C ASN G 178 14.28 -18.07 -42.56
N LYS G 179 13.97 -17.04 -43.35
CA LYS G 179 12.83 -16.21 -43.03
C LYS G 179 11.50 -16.96 -43.15
N ILE G 180 11.45 -17.97 -44.01
CA ILE G 180 10.25 -18.76 -44.32
C ILE G 180 9.04 -17.85 -44.45
N PRO G 181 8.86 -17.18 -45.61
CA PRO G 181 7.75 -16.25 -45.80
C PRO G 181 6.44 -16.72 -45.16
N SER G 182 5.73 -15.79 -44.52
CA SER G 182 4.59 -16.12 -43.68
C SER G 182 3.55 -16.94 -44.43
N ILE G 183 3.07 -17.99 -43.78
CA ILE G 183 2.04 -18.86 -44.35
C ILE G 183 0.80 -18.03 -44.67
N ILE G 184 0.17 -17.48 -43.64
CA ILE G 184 -0.91 -16.54 -43.85
C ILE G 184 -0.34 -15.12 -43.92
N ASN G 185 -1.14 -14.21 -44.47
CA ASN G 185 -0.73 -12.82 -44.63
C ASN G 185 -1.07 -11.97 -43.42
N ALA G 186 -1.41 -12.59 -42.29
CA ALA G 186 -1.66 -11.84 -41.08
C ALA G 186 -0.36 -11.35 -40.48
N GLY G 187 -0.39 -10.16 -39.89
CA GLY G 187 0.79 -9.60 -39.26
C GLY G 187 1.02 -10.10 -37.86
N VAL G 188 0.81 -11.39 -37.65
CA VAL G 188 1.00 -12.00 -36.33
C VAL G 188 1.92 -13.19 -36.48
N PRO G 189 2.93 -13.33 -35.63
CA PRO G 189 3.85 -14.47 -35.75
C PRO G 189 3.14 -15.80 -35.47
N LEU G 190 3.64 -16.85 -36.11
CA LEU G 190 3.14 -18.19 -35.94
C LEU G 190 4.13 -18.98 -35.11
N LEU G 191 3.62 -19.72 -34.12
CA LEU G 191 4.43 -20.50 -33.21
C LEU G 191 4.08 -21.96 -33.38
N VAL G 192 5.02 -22.75 -33.89
CA VAL G 192 4.84 -24.19 -33.98
C VAL G 192 5.49 -24.79 -32.75
N LEU G 193 4.69 -25.37 -31.87
CA LEU G 193 5.16 -25.87 -30.60
C LEU G 193 5.31 -27.37 -30.62
N GLU G 194 6.19 -27.86 -29.76
CA GLU G 194 6.23 -29.28 -29.47
C GLU G 194 4.86 -29.74 -29.02
N ASP G 195 4.53 -30.99 -29.32
CA ASP G 195 3.14 -31.44 -29.20
C ASP G 195 2.68 -31.50 -27.75
N SER G 196 3.54 -31.94 -26.83
CA SER G 196 3.11 -32.09 -25.45
C SER G 196 2.72 -30.76 -24.84
N ILE G 197 3.56 -29.74 -25.02
CA ILE G 197 3.23 -28.41 -24.51
C ILE G 197 2.21 -27.74 -25.41
N GLY G 198 2.18 -28.09 -26.69
CA GLY G 198 1.23 -27.48 -27.60
C GLY G 198 -0.20 -27.84 -27.27
N ARG G 199 -0.43 -29.10 -26.88
CA ARG G 199 -1.79 -29.49 -26.50
C ARG G 199 -2.26 -28.67 -25.32
N GLU G 200 -1.38 -28.41 -24.36
CA GLU G 200 -1.77 -27.62 -23.20
C GLU G 200 -2.08 -26.19 -23.59
N VAL G 201 -1.20 -25.57 -24.38
CA VAL G 201 -1.45 -24.20 -24.81
C VAL G 201 -2.77 -24.10 -25.58
N ILE G 202 -3.03 -25.06 -26.47
CA ILE G 202 -4.22 -24.98 -27.29
C ILE G 202 -5.47 -25.24 -26.46
N ASN G 203 -5.47 -26.28 -25.64
CA ASN G 203 -6.59 -26.55 -24.76
C ASN G 203 -6.86 -25.41 -23.81
N ARG G 204 -5.86 -24.60 -23.51
CA ARG G 204 -6.06 -23.40 -22.71
C ARG G 204 -6.54 -22.23 -23.55
N SER G 205 -6.32 -22.27 -24.87
CA SER G 205 -6.81 -21.22 -25.74
C SER G 205 -8.28 -21.32 -26.04
N LEU G 206 -8.95 -22.39 -25.64
CA LEU G 206 -10.38 -22.54 -25.88
C LEU G 206 -11.18 -21.80 -24.83
N ILE G 207 -12.36 -21.35 -25.21
CA ILE G 207 -13.23 -20.59 -24.33
C ILE G 207 -14.22 -21.54 -23.67
N ARG G 208 -14.21 -21.57 -22.36
CA ARG G 208 -15.18 -22.34 -21.59
C ARG G 208 -16.07 -21.37 -20.86
N VAL G 209 -17.37 -21.44 -21.14
CA VAL G 209 -18.34 -20.47 -20.69
C VAL G 209 -19.39 -21.19 -19.86
N ARG G 210 -19.84 -20.58 -18.78
CA ARG G 210 -21.02 -21.03 -18.08
C ARG G 210 -22.21 -20.21 -18.56
N ARG G 211 -23.36 -20.87 -18.71
CA ARG G 211 -24.56 -20.21 -19.17
C ARG G 211 -25.72 -20.60 -18.28
N ILE G 212 -26.69 -19.71 -18.15
CA ILE G 212 -27.80 -19.94 -17.24
C ILE G 212 -29.11 -19.55 -17.93
N ARG G 213 -30.20 -20.04 -17.37
CA ARG G 213 -31.54 -19.64 -17.76
C ARG G 213 -32.20 -18.95 -16.58
N ILE G 214 -32.61 -17.72 -16.77
CA ILE G 214 -33.16 -16.88 -15.70
C ILE G 214 -34.65 -16.73 -15.92
N ASP G 215 -35.42 -16.89 -14.85
CA ASP G 215 -36.86 -16.63 -14.91
C ASP G 215 -37.10 -15.16 -15.18
N ARG G 216 -37.87 -14.87 -16.23
CA ARG G 216 -38.08 -13.50 -16.67
C ARG G 216 -38.67 -12.62 -15.57
N ASP G 217 -39.50 -13.19 -14.70
CA ASP G 217 -40.23 -12.37 -13.74
C ASP G 217 -39.32 -11.87 -12.62
N LYS G 218 -38.75 -12.79 -11.85
CA LYS G 218 -38.09 -12.43 -10.60
C LYS G 218 -36.57 -12.39 -10.72
N LYS G 219 -36.02 -12.51 -11.92
CA LYS G 219 -34.57 -12.49 -12.15
C LYS G 219 -33.84 -13.46 -11.24
N VAL G 220 -34.48 -14.57 -10.91
CA VAL G 220 -33.79 -15.66 -10.27
C VAL G 220 -33.49 -16.68 -11.34
N VAL G 221 -32.56 -17.55 -11.07
CA VAL G 221 -32.19 -18.57 -12.04
C VAL G 221 -33.17 -19.72 -11.89
N GLU G 222 -33.59 -20.26 -13.03
CA GLU G 222 -34.51 -21.39 -13.02
C GLU G 222 -33.78 -22.64 -12.56
N THR G 223 -34.51 -23.55 -11.92
CA THR G 223 -33.90 -24.74 -11.34
C THR G 223 -33.38 -25.63 -12.45
N GLY G 224 -32.07 -25.90 -12.41
CA GLY G 224 -31.46 -26.76 -13.39
C GLY G 224 -30.89 -26.05 -14.59
N GLY G 225 -31.07 -24.74 -14.71
CA GLY G 225 -30.62 -24.03 -15.88
C GLY G 225 -29.17 -23.61 -15.78
N LEU G 226 -28.26 -24.56 -15.62
CA LEU G 226 -26.84 -24.27 -15.49
C LEU G 226 -26.06 -25.28 -16.31
N TRP G 227 -25.21 -24.80 -17.20
CA TRP G 227 -24.43 -25.69 -18.05
C TRP G 227 -23.23 -24.92 -18.61
N SER G 228 -22.31 -25.66 -19.22
CA SER G 228 -21.10 -25.10 -19.77
C SER G 228 -20.96 -25.46 -21.23
N GLU G 229 -20.36 -24.57 -22.00
CA GLU G 229 -20.09 -24.80 -23.41
C GLU G 229 -18.66 -24.41 -23.73
N GLU G 230 -18.12 -25.01 -24.78
CA GLU G 230 -16.80 -24.68 -25.27
C GLU G 230 -16.94 -23.95 -26.59
N TYR G 231 -16.20 -22.86 -26.75
CA TYR G 231 -16.13 -22.18 -28.02
C TYR G 231 -14.70 -22.23 -28.54
N VAL G 232 -14.60 -22.02 -29.84
CA VAL G 232 -13.33 -21.85 -30.51
C VAL G 232 -13.16 -20.36 -30.78
N PRO G 233 -12.09 -19.73 -30.35
CA PRO G 233 -12.02 -18.27 -30.34
C PRO G 233 -12.09 -17.68 -31.74
N MET G 234 -12.32 -16.38 -31.78
CA MET G 234 -12.07 -15.63 -33.01
C MET G 234 -10.65 -15.89 -33.48
N LYS G 235 -10.43 -15.63 -34.77
CA LYS G 235 -9.12 -15.71 -35.41
C LYS G 235 -8.64 -17.15 -35.58
N THR G 236 -9.36 -18.11 -35.04
CA THR G 236 -8.95 -19.49 -35.20
C THR G 236 -9.03 -19.89 -36.67
N ILE G 237 -8.09 -20.71 -37.10
CA ILE G 237 -7.97 -21.12 -38.49
C ILE G 237 -8.11 -22.62 -38.58
N PHE G 238 -9.04 -23.08 -39.39
CA PHE G 238 -9.15 -24.47 -39.74
C PHE G 238 -8.76 -24.65 -41.20
N PHE G 239 -8.39 -25.87 -41.55
CA PHE G 239 -7.98 -26.17 -42.90
C PHE G 239 -8.81 -27.35 -43.40
N SER G 240 -9.39 -27.20 -44.58
CA SER G 240 -10.18 -28.26 -45.18
C SER G 240 -9.98 -28.21 -46.68
N VAL G 241 -10.51 -29.23 -47.35
CA VAL G 241 -10.42 -29.34 -48.80
C VAL G 241 -11.79 -29.70 -49.34
N LEU G 242 -12.15 -29.09 -50.46
CA LEU G 242 -13.33 -29.49 -51.22
C LEU G 242 -12.86 -30.27 -52.44
N LEU G 243 -13.34 -31.50 -52.57
CA LEU G 243 -13.01 -32.36 -53.69
C LEU G 243 -14.22 -32.46 -54.62
N GLY G 244 -13.98 -32.36 -55.91
CA GLY G 244 -15.05 -32.36 -56.89
C GLY G 244 -14.77 -33.28 -58.06
N LYS G 245 -15.79 -34.03 -58.45
CA LYS G 245 -15.70 -34.88 -59.63
C LYS G 245 -15.86 -34.03 -60.89
N GLU G 246 -15.75 -34.68 -62.05
CA GLU G 246 -15.54 -33.94 -63.29
C GLU G 246 -16.81 -33.31 -63.85
N SER G 247 -18.00 -33.76 -63.42
CA SER G 247 -19.24 -33.37 -64.07
C SER G 247 -19.35 -31.85 -64.23
N LYS G 248 -20.14 -31.44 -65.22
CA LYS G 248 -20.10 -30.05 -65.67
C LYS G 248 -20.79 -29.11 -64.70
N GLU G 249 -21.80 -29.58 -63.97
CA GLU G 249 -22.37 -28.74 -62.92
C GLU G 249 -21.35 -28.45 -61.82
N SER G 250 -20.40 -29.35 -61.62
CA SER G 250 -19.30 -29.04 -60.73
C SER G 250 -18.49 -27.87 -61.26
N ALA G 251 -18.30 -27.80 -62.57
CA ALA G 251 -17.55 -26.68 -63.15
C ALA G 251 -18.25 -25.36 -62.89
N ILE G 252 -19.57 -25.31 -63.09
CA ILE G 252 -20.27 -24.04 -62.91
C ILE G 252 -20.39 -23.70 -61.43
N PHE G 253 -20.52 -24.73 -60.58
CA PHE G 253 -20.46 -24.54 -59.13
C PHE G 253 -19.16 -23.87 -58.73
N ALA G 254 -18.03 -24.55 -58.99
CA ALA G 254 -16.73 -24.00 -58.68
C ALA G 254 -16.48 -22.67 -59.38
N SER G 255 -17.19 -22.38 -60.47
CA SER G 255 -16.97 -21.12 -61.17
C SER G 255 -17.62 -19.96 -60.41
N CYS G 256 -18.95 -19.98 -60.32
CA CYS G 256 -19.63 -18.80 -59.78
C CYS G 256 -20.42 -19.06 -58.52
N ILE G 257 -20.30 -20.23 -57.90
CA ILE G 257 -20.84 -20.39 -56.55
C ILE G 257 -19.75 -20.16 -55.52
N LEU G 258 -18.53 -20.61 -55.79
CA LEU G 258 -17.46 -20.51 -54.81
C LEU G 258 -16.63 -19.25 -54.96
N ARG G 259 -16.70 -18.56 -56.09
CA ARG G 259 -16.00 -17.29 -56.21
C ARG G 259 -16.68 -16.20 -55.40
N ASN G 260 -18.00 -16.24 -55.30
CA ASN G 260 -18.75 -15.29 -54.50
C ASN G 260 -19.07 -15.84 -53.11
N LEU G 261 -18.21 -16.68 -52.58
CA LEU G 261 -18.41 -17.30 -51.27
C LEU G 261 -17.26 -16.89 -50.36
N ARG G 262 -17.50 -15.96 -49.47
CA ARG G 262 -16.49 -15.52 -48.52
C ARG G 262 -16.88 -15.81 -47.08
N TYR G 263 -18.06 -15.38 -46.64
CA TYR G 263 -18.52 -15.58 -45.29
C TYR G 263 -19.67 -16.57 -45.26
N VAL G 264 -19.73 -17.35 -44.19
CA VAL G 264 -20.62 -18.50 -44.06
C VAL G 264 -20.89 -18.69 -42.57
N ILE G 265 -22.03 -19.29 -42.24
CA ILE G 265 -22.35 -19.60 -40.86
C ILE G 265 -22.11 -21.08 -40.63
N LEU G 266 -21.23 -21.39 -39.68
CA LEU G 266 -20.90 -22.76 -39.33
C LEU G 266 -21.34 -23.03 -37.90
N GLY G 267 -21.63 -24.29 -37.62
CA GLY G 267 -21.91 -24.65 -36.26
C GLY G 267 -23.26 -24.13 -35.78
N GLY G 268 -23.42 -24.21 -34.46
CA GLY G 268 -24.66 -23.87 -33.81
C GLY G 268 -24.58 -22.56 -33.05
N LYS G 269 -25.67 -22.26 -32.34
CA LYS G 269 -25.78 -21.10 -31.47
C LYS G 269 -25.57 -19.80 -32.23
N GLU G 270 -26.15 -19.70 -33.42
CA GLU G 270 -25.91 -18.50 -34.21
C GLU G 270 -26.67 -17.30 -33.69
N THR G 271 -27.72 -17.50 -32.90
CA THR G 271 -28.40 -16.37 -32.29
C THR G 271 -27.55 -15.69 -31.22
N ILE G 272 -26.56 -16.40 -30.70
CA ILE G 272 -25.56 -15.85 -29.79
C ILE G 272 -24.41 -15.33 -30.63
N GLY G 273 -24.62 -15.23 -31.92
CA GLY G 273 -23.58 -14.71 -32.78
C GLY G 273 -22.40 -15.64 -32.98
N LYS G 274 -22.51 -16.89 -32.57
CA LYS G 274 -21.47 -17.87 -32.86
C LYS G 274 -21.58 -18.33 -34.30
N GLY G 275 -20.44 -18.50 -34.96
CA GLY G 275 -20.39 -19.26 -36.18
C GLY G 275 -20.07 -18.49 -37.44
N ILE G 276 -19.84 -17.20 -37.38
CA ILE G 276 -19.50 -16.47 -38.60
C ILE G 276 -18.06 -16.77 -38.97
N VAL G 277 -17.86 -17.17 -40.23
CA VAL G 277 -16.63 -17.78 -40.70
C VAL G 277 -16.27 -17.15 -42.02
N GLU G 278 -14.97 -16.94 -42.25
CA GLU G 278 -14.47 -16.49 -43.53
C GLU G 278 -13.73 -17.63 -44.20
N LEU G 279 -14.08 -17.90 -45.46
CA LEU G 279 -13.43 -18.95 -46.23
C LEU G 279 -12.40 -18.32 -47.16
N ARG G 280 -11.15 -18.66 -46.96
CA ARG G 280 -10.06 -18.20 -47.81
C ARG G 280 -9.61 -19.36 -48.67
N TRP G 281 -9.76 -19.22 -49.98
CA TRP G 281 -9.35 -20.28 -50.89
C TRP G 281 -7.86 -20.18 -51.17
N VAL G 282 -7.15 -21.28 -51.00
CA VAL G 282 -5.74 -21.26 -51.33
C VAL G 282 -5.65 -21.57 -52.81
N LYS G 283 -6.06 -20.62 -53.64
CA LYS G 283 -5.82 -20.66 -55.07
C LYS G 283 -5.61 -19.24 -55.55
N ASP G 284 -5.77 -18.27 -54.63
CA ASP G 284 -5.58 -16.87 -54.96
C ASP G 284 -4.67 -16.21 -53.94
N VAL G 285 -4.82 -16.59 -52.68
CA VAL G 285 -3.94 -16.12 -51.61
C VAL G 285 -2.85 -17.17 -51.46
N ILE G 286 -1.61 -16.77 -51.78
CA ILE G 286 -0.42 -17.63 -51.82
C ILE G 286 -0.55 -18.66 -52.95
N LYS H 2 1.47 -53.25 -58.64
CA LYS H 2 1.98 -54.39 -57.90
C LYS H 2 1.51 -54.35 -56.45
N ARG H 3 2.08 -53.44 -55.66
CA ARG H 3 1.57 -53.17 -54.31
C ARG H 3 0.80 -51.86 -54.32
N VAL H 4 -0.34 -51.86 -53.66
CA VAL H 4 -1.20 -50.69 -53.57
C VAL H 4 -1.36 -50.32 -52.11
N LEU H 5 -0.98 -49.08 -51.78
CA LEU H 5 -1.19 -48.51 -50.46
C LEU H 5 -2.40 -47.59 -50.52
N ILE H 6 -3.37 -47.89 -49.67
CA ILE H 6 -4.57 -47.07 -49.51
C ILE H 6 -4.36 -46.26 -48.24
N LYS H 7 -4.11 -44.97 -48.38
CA LYS H 7 -3.84 -44.10 -47.26
C LYS H 7 -5.09 -43.30 -46.95
N PRO H 8 -5.80 -43.60 -45.86
CA PRO H 8 -6.98 -42.81 -45.52
C PRO H 8 -6.61 -41.40 -45.10
N LEU H 9 -7.23 -40.42 -45.74
CA LEU H 9 -6.97 -39.03 -45.42
C LEU H 9 -7.63 -38.60 -44.12
N GLU H 10 -8.59 -39.36 -43.62
CA GLU H 10 -9.42 -38.93 -42.51
C GLU H 10 -10.05 -40.18 -41.92
N PRO H 11 -10.68 -40.08 -40.74
CA PRO H 11 -11.34 -41.25 -40.16
C PRO H 11 -12.27 -41.92 -41.14
N LEU H 12 -12.33 -43.25 -41.06
CA LEU H 12 -13.07 -44.05 -42.01
C LEU H 12 -14.26 -44.71 -41.34
N MET H 13 -15.14 -45.26 -42.16
CA MET H 13 -16.33 -45.94 -41.69
C MET H 13 -16.56 -47.15 -42.58
N PHE H 14 -16.41 -48.34 -42.01
CA PHE H 14 -16.71 -49.61 -42.69
C PHE H 14 -17.82 -50.27 -41.89
N ARG H 15 -19.06 -49.93 -42.24
CA ARG H 15 -20.21 -50.38 -41.46
C ARG H 15 -20.31 -51.89 -41.52
N SER H 16 -20.55 -52.50 -40.36
CA SER H 16 -20.72 -53.94 -40.26
C SER H 16 -21.90 -54.25 -39.37
N GLN H 17 -22.42 -55.47 -39.54
CA GLN H 17 -23.41 -56.08 -38.67
C GLN H 17 -24.55 -55.11 -38.31
N GLY H 18 -25.28 -54.70 -39.34
CA GLY H 18 -26.53 -53.99 -39.15
C GLY H 18 -26.42 -52.58 -38.58
N GLU H 19 -27.56 -51.90 -38.50
CA GLU H 19 -27.60 -50.52 -38.05
C GLU H 19 -28.62 -50.28 -36.94
N PHE H 20 -29.37 -51.31 -36.53
CA PHE H 20 -30.37 -51.20 -35.47
C PHE H 20 -31.45 -50.19 -35.79
N THR H 29 -23.64 -47.04 -28.53
CA THR H 29 -24.89 -46.83 -29.25
C THR H 29 -24.65 -46.76 -30.76
N ALA H 30 -23.55 -46.12 -31.14
CA ALA H 30 -23.29 -45.87 -32.55
C ALA H 30 -22.98 -47.16 -33.29
N ALA H 31 -23.23 -47.13 -34.60
CA ALA H 31 -22.85 -48.24 -35.47
C ALA H 31 -21.33 -48.36 -35.52
N GLN H 32 -20.83 -49.58 -35.36
CA GLN H 32 -19.40 -49.81 -35.24
C GLN H 32 -18.77 -49.99 -36.62
N SER H 33 -17.49 -49.67 -36.69
CA SER H 33 -16.68 -49.85 -37.90
C SER H 33 -15.75 -51.04 -37.73
N LEU H 34 -15.50 -51.73 -38.84
CA LEU H 34 -14.48 -52.76 -38.86
C LEU H 34 -13.10 -52.13 -38.81
N ILE H 35 -12.10 -52.94 -38.47
CA ILE H 35 -10.73 -52.46 -38.48
C ILE H 35 -10.16 -52.54 -39.90
N ILE H 36 -10.14 -53.73 -40.47
CA ILE H 36 -9.68 -53.94 -41.84
C ILE H 36 -10.90 -53.99 -42.74
N PRO H 37 -10.97 -53.18 -43.78
CA PRO H 37 -12.10 -53.25 -44.70
C PRO H 37 -12.13 -54.60 -45.40
N ARG H 38 -13.34 -55.11 -45.63
CA ARG H 38 -13.50 -56.36 -46.34
C ARG H 38 -12.97 -56.24 -47.75
N PRO H 39 -12.61 -57.36 -48.37
CA PRO H 39 -12.15 -57.31 -49.76
C PRO H 39 -13.21 -56.83 -50.73
N SER H 40 -14.48 -57.02 -50.41
CA SER H 40 -15.52 -56.50 -51.30
C SER H 40 -15.46 -54.99 -51.40
N THR H 41 -15.12 -54.31 -50.31
CA THR H 41 -15.03 -52.86 -50.33
C THR H 41 -13.89 -52.40 -51.22
N ILE H 42 -12.72 -53.03 -51.08
CA ILE H 42 -11.58 -52.66 -51.91
C ILE H 42 -11.86 -52.96 -53.36
N ALA H 43 -12.45 -54.12 -53.64
CA ALA H 43 -12.79 -54.47 -55.02
C ALA H 43 -13.82 -53.49 -55.58
N GLY H 44 -14.76 -53.05 -54.76
CA GLY H 44 -15.78 -52.13 -55.24
C GLY H 44 -15.21 -50.75 -55.51
N MET H 45 -14.28 -50.30 -54.67
CA MET H 45 -13.61 -49.02 -54.94
C MET H 45 -12.79 -49.10 -56.22
N LEU H 46 -12.06 -50.20 -56.41
CA LEU H 46 -11.26 -50.33 -57.61
C LEU H 46 -12.13 -50.42 -58.86
N GLY H 47 -13.21 -51.18 -58.78
CA GLY H 47 -14.16 -51.22 -59.89
C GLY H 47 -14.82 -49.88 -60.13
N TYR H 48 -15.04 -49.11 -59.06
CA TYR H 48 -15.57 -47.77 -59.22
C TYR H 48 -14.62 -46.90 -60.03
N ILE H 49 -13.32 -47.05 -59.78
CA ILE H 49 -12.35 -46.33 -60.61
C ILE H 49 -12.39 -46.83 -62.03
N LEU H 50 -12.33 -48.14 -62.23
CA LEU H 50 -12.17 -48.73 -63.55
C LEU H 50 -13.48 -48.87 -64.30
N PHE H 51 -14.58 -48.35 -63.77
CA PHE H 51 -15.90 -48.62 -64.31
C PHE H 51 -16.05 -48.08 -65.72
N ASN H 52 -16.90 -48.76 -66.49
CA ASN H 52 -17.44 -48.24 -67.74
C ASN H 52 -18.92 -48.61 -67.77
N LYS H 53 -19.76 -47.65 -68.16
CA LYS H 53 -21.19 -47.85 -68.04
C LYS H 53 -21.76 -48.65 -69.20
N SER H 54 -21.15 -49.78 -69.53
CA SER H 54 -21.65 -50.63 -70.60
C SER H 54 -21.62 -52.12 -70.30
N SER H 55 -20.89 -52.57 -69.28
CA SER H 55 -20.75 -53.99 -69.00
C SER H 55 -21.74 -54.47 -67.95
N GLY H 56 -22.87 -53.79 -67.81
CA GLY H 56 -23.79 -54.10 -66.72
C GLY H 56 -24.40 -55.48 -66.83
N THR H 57 -24.51 -56.15 -65.69
CA THR H 57 -25.16 -57.44 -65.58
C THR H 57 -25.58 -57.61 -64.13
N GLY H 58 -26.64 -58.40 -63.92
CA GLY H 58 -27.14 -58.64 -62.57
C GLY H 58 -26.18 -59.35 -61.64
N ASP H 59 -25.06 -59.85 -62.15
CA ASP H 59 -24.04 -60.48 -61.34
C ASP H 59 -22.99 -59.41 -61.04
N TRP H 60 -23.05 -58.87 -59.83
CA TRP H 60 -22.14 -57.79 -59.47
C TRP H 60 -20.69 -58.24 -59.53
N LEU H 61 -20.41 -59.45 -59.09
CA LEU H 61 -19.03 -59.92 -59.04
C LEU H 61 -18.49 -60.34 -60.40
N SER H 62 -19.36 -60.65 -61.36
CA SER H 62 -18.87 -60.91 -62.71
C SER H 62 -18.36 -59.62 -63.35
N ASP H 63 -19.18 -58.58 -63.34
CA ASP H 63 -18.78 -57.29 -63.87
C ASP H 63 -17.61 -56.72 -63.08
N LEU H 64 -17.39 -57.18 -61.85
CA LEU H 64 -16.27 -56.73 -61.05
C LEU H 64 -15.00 -57.52 -61.36
N THR H 65 -15.11 -58.82 -61.57
CA THR H 65 -13.95 -59.60 -61.99
C THR H 65 -13.48 -59.20 -63.38
N ASN H 66 -14.41 -58.76 -64.25
CA ASN H 66 -13.99 -58.32 -65.57
C ASN H 66 -13.20 -57.02 -65.52
N LEU H 67 -13.47 -56.18 -64.52
CA LEU H 67 -12.85 -54.86 -64.47
C LEU H 67 -11.44 -54.86 -63.90
N LEU H 68 -11.01 -55.94 -63.26
CA LEU H 68 -9.72 -55.94 -62.57
C LEU H 68 -9.14 -57.36 -62.61
N ALA H 69 -8.12 -57.60 -61.78
CA ALA H 69 -7.48 -58.91 -61.70
C ALA H 69 -7.39 -59.40 -60.26
N THR H 70 -6.66 -60.49 -60.04
CA THR H 70 -6.58 -61.07 -58.71
C THR H 70 -5.98 -60.08 -57.71
N ILE H 71 -6.71 -59.83 -56.63
CA ILE H 71 -6.31 -58.90 -55.58
C ILE H 71 -5.98 -59.72 -54.35
N TYR H 72 -4.84 -59.43 -53.73
CA TYR H 72 -4.44 -60.17 -52.55
C TYR H 72 -4.74 -59.35 -51.30
N GLY H 73 -5.02 -60.06 -50.22
CA GLY H 73 -5.66 -59.51 -49.04
C GLY H 73 -4.98 -58.33 -48.40
N THR H 74 -5.60 -57.79 -47.37
CA THR H 74 -5.29 -56.48 -46.84
C THR H 74 -4.56 -56.60 -45.52
N PHE H 75 -3.53 -55.77 -45.32
CA PHE H 75 -2.97 -55.64 -43.99
C PHE H 75 -2.60 -54.18 -43.75
N ILE H 76 -1.88 -53.91 -42.67
CA ILE H 76 -1.61 -52.56 -42.20
C ILE H 76 -0.14 -52.25 -42.34
N GLU H 77 0.17 -51.12 -42.95
CA GLU H 77 1.51 -50.55 -42.93
C GLU H 77 1.45 -49.27 -42.12
N THR H 78 2.01 -49.30 -40.91
CA THR H 78 1.94 -48.10 -40.06
C THR H 78 3.03 -47.11 -40.45
N ASN H 79 4.29 -47.46 -40.21
CA ASN H 79 5.39 -46.54 -40.48
C ASN H 79 6.58 -47.29 -41.05
N GLY H 80 6.34 -48.19 -41.98
CA GLY H 80 7.37 -49.10 -42.44
C GLY H 80 7.12 -50.46 -41.85
N GLU H 81 6.70 -50.48 -40.59
CA GLU H 81 6.20 -51.69 -39.98
C GLU H 81 5.01 -52.22 -40.76
N TYR H 82 4.80 -53.53 -40.66
CA TYR H 82 3.61 -54.17 -41.19
C TYR H 82 2.85 -54.77 -40.03
N LEU H 83 1.60 -54.39 -39.88
CA LEU H 83 0.74 -55.01 -38.89
C LEU H 83 -0.22 -55.95 -39.59
N PHE H 84 -0.61 -57.00 -38.87
CA PHE H 84 -1.46 -58.03 -39.41
C PHE H 84 -2.55 -58.34 -38.39
N PRO H 85 -3.76 -58.62 -38.87
CA PRO H 85 -4.83 -58.98 -37.94
C PRO H 85 -4.60 -60.34 -37.34
N LEU H 86 -5.03 -60.50 -36.11
CA LEU H 86 -4.95 -61.76 -35.40
C LEU H 86 -6.09 -61.82 -34.42
N ARG H 87 -6.89 -62.87 -34.48
CA ARG H 87 -8.00 -62.98 -33.55
C ARG H 87 -8.00 -64.34 -32.87
N MET H 88 -8.43 -64.33 -31.62
CA MET H 88 -8.55 -65.53 -30.81
C MET H 88 -10.01 -65.94 -30.62
N GLY H 89 -10.94 -65.16 -31.14
CA GLY H 89 -12.33 -65.38 -30.89
C GLY H 89 -12.88 -64.21 -30.10
N ASN H 90 -13.56 -63.31 -30.80
CA ASN H 90 -14.09 -62.07 -30.23
C ASN H 90 -12.98 -61.13 -29.77
N HIS H 91 -11.76 -61.33 -30.24
CA HIS H 91 -10.60 -60.56 -29.81
C HIS H 91 -9.73 -60.28 -31.02
N LEU H 92 -9.91 -59.13 -31.64
CA LEU H 92 -9.05 -58.73 -32.74
C LEU H 92 -7.83 -57.99 -32.21
N ALA H 93 -6.72 -58.12 -32.92
CA ALA H 93 -5.50 -57.40 -32.58
C ALA H 93 -4.68 -57.21 -33.84
N LEU H 94 -3.79 -56.22 -33.80
CA LEU H 94 -2.80 -56.02 -34.87
C LEU H 94 -1.43 -56.33 -34.31
N VAL H 95 -0.72 -57.25 -34.94
CA VAL H 95 0.61 -57.65 -34.49
C VAL H 95 1.58 -57.58 -35.65
N ASP H 96 2.84 -57.31 -35.35
CA ASP H 96 3.89 -57.40 -36.35
C ASP H 96 4.34 -58.84 -36.48
N GLN H 97 4.67 -59.22 -37.72
CA GLN H 97 4.86 -60.64 -38.05
C GLN H 97 5.90 -61.31 -37.18
N GLN H 98 6.85 -60.55 -36.64
CA GLN H 98 7.85 -61.11 -35.74
C GLN H 98 7.23 -61.80 -34.54
N HIS H 99 5.94 -61.59 -34.29
CA HIS H 99 5.24 -62.28 -33.23
C HIS H 99 4.30 -63.36 -33.74
N LEU H 100 4.21 -63.52 -35.07
CA LEU H 100 3.50 -64.65 -35.65
C LEU H 100 4.41 -65.85 -35.87
N ILE H 101 5.73 -65.66 -35.80
CA ILE H 101 6.67 -66.74 -36.09
C ILE H 101 6.44 -67.92 -35.16
N ASN H 102 6.62 -67.71 -33.86
CA ASN H 102 6.49 -68.78 -32.89
C ASN H 102 5.05 -69.16 -32.59
N LEU H 103 4.10 -68.56 -33.30
CA LEU H 103 2.69 -68.80 -32.96
C LEU H 103 2.29 -70.27 -33.08
N PRO H 104 2.56 -70.98 -34.18
CA PRO H 104 2.13 -72.38 -34.24
C PRO H 104 2.74 -73.23 -33.14
N THR H 105 4.03 -73.00 -32.86
CA THR H 105 4.66 -73.61 -31.68
C THR H 105 3.84 -73.32 -30.43
N LEU H 106 3.43 -72.05 -30.27
CA LEU H 106 2.64 -71.66 -29.12
C LEU H 106 1.23 -72.24 -29.15
N LEU H 107 0.76 -72.70 -30.31
CA LEU H 107 -0.63 -73.14 -30.43
C LEU H 107 -0.86 -74.44 -29.67
N GLU H 108 -0.15 -75.50 -30.03
CA GLU H 108 -0.27 -76.74 -29.29
C GLU H 108 0.85 -76.88 -28.26
N LYS H 109 1.39 -75.74 -27.82
CA LYS H 109 2.21 -75.68 -26.63
C LYS H 109 1.36 -76.02 -25.40
N GLU H 110 2.00 -76.06 -24.24
CA GLU H 110 1.28 -76.46 -23.06
C GLU H 110 0.28 -75.38 -22.64
N TYR H 111 -0.66 -75.79 -21.79
CA TYR H 111 -1.86 -75.03 -21.43
C TYR H 111 -1.57 -73.65 -20.85
N GLU H 112 -0.93 -73.61 -19.67
CA GLU H 112 -0.67 -72.31 -19.04
C GLU H 112 0.28 -71.48 -19.88
N ARG H 113 1.25 -72.11 -20.55
CA ARG H 113 2.07 -71.38 -21.50
C ARG H 113 1.22 -70.85 -22.65
N ARG H 114 0.25 -71.65 -23.13
CA ARG H 114 -0.66 -71.15 -24.14
C ARG H 114 -1.29 -69.84 -23.72
N GLU H 115 -1.96 -69.82 -22.56
CA GLU H 115 -2.65 -68.58 -22.19
C GLU H 115 -1.65 -67.46 -21.92
N LYS H 116 -0.56 -67.75 -21.23
CA LYS H 116 0.47 -66.73 -21.02
C LYS H 116 0.84 -66.05 -22.33
N GLY H 117 1.25 -66.86 -23.32
CA GLY H 117 1.72 -66.29 -24.58
C GLY H 117 0.63 -65.56 -25.34
N ILE H 118 -0.54 -66.18 -25.48
CA ILE H 118 -1.56 -65.58 -26.33
C ILE H 118 -2.11 -64.32 -25.70
N TYR H 119 -2.28 -64.30 -24.38
CA TYR H 119 -2.78 -63.09 -23.74
C TYR H 119 -1.71 -62.03 -23.58
N GLU H 120 -0.43 -62.41 -23.66
CA GLU H 120 0.61 -61.41 -23.80
C GLU H 120 0.62 -60.83 -25.21
N LEU H 121 0.21 -61.63 -26.19
CA LEU H 121 0.16 -61.16 -27.57
C LEU H 121 -1.01 -60.20 -27.78
N PHE H 122 -2.20 -60.61 -27.35
CA PHE H 122 -3.39 -59.81 -27.62
C PHE H 122 -3.51 -58.57 -26.75
N TYR H 123 -2.67 -58.43 -25.73
CA TYR H 123 -2.80 -57.31 -24.81
C TYR H 123 -1.59 -56.38 -24.84
N ASP H 124 -0.39 -56.89 -24.61
CA ASP H 124 0.77 -55.98 -24.59
C ASP H 124 1.41 -55.86 -25.97
N LYS H 125 1.59 -56.96 -26.67
CA LYS H 125 2.09 -56.87 -28.03
C LYS H 125 1.04 -56.36 -29.00
N ASN H 126 -0.20 -56.20 -28.55
CA ASN H 126 -1.27 -55.67 -29.39
C ASN H 126 -1.01 -54.22 -29.70
N LYS H 127 -0.76 -53.91 -30.97
CA LYS H 127 -0.53 -52.54 -31.39
C LYS H 127 -1.78 -51.87 -31.91
N LEU H 128 -2.96 -52.42 -31.60
CA LEU H 128 -4.21 -51.86 -32.13
C LEU H 128 -4.44 -50.46 -31.61
N PHE H 129 -4.54 -50.32 -30.29
CA PHE H 129 -4.93 -49.05 -29.70
C PHE H 129 -3.87 -47.98 -29.88
N GLN H 130 -2.61 -48.35 -30.07
CA GLN H 130 -1.60 -47.37 -30.44
C GLN H 130 -1.85 -46.81 -31.82
N ILE H 131 -2.66 -47.49 -32.63
CA ILE H 131 -2.89 -47.15 -34.01
C ILE H 131 -4.30 -46.63 -34.24
N ILE H 132 -5.28 -47.25 -33.60
CA ILE H 132 -6.69 -47.04 -33.91
C ILE H 132 -7.37 -46.36 -32.74
N ASN H 133 -8.16 -45.35 -33.04
CA ASN H 133 -9.10 -44.77 -32.08
C ASN H 133 -10.50 -44.97 -32.64
N HIS H 134 -11.46 -45.19 -31.75
CA HIS H 134 -12.85 -45.32 -32.15
C HIS H 134 -13.56 -44.01 -31.84
N GLN H 135 -13.98 -43.31 -32.89
CA GLN H 135 -14.49 -41.95 -32.78
C GLN H 135 -15.98 -41.95 -33.07
N ASP H 136 -16.80 -41.80 -32.03
CA ASP H 136 -18.23 -41.67 -32.24
C ASP H 136 -18.56 -40.33 -32.88
N ARG H 137 -19.35 -40.37 -33.94
CA ARG H 137 -19.83 -39.18 -34.61
C ARG H 137 -21.34 -39.24 -34.66
N ILE H 138 -22.00 -38.20 -34.17
CA ILE H 138 -23.44 -38.08 -34.22
C ILE H 138 -23.79 -36.95 -35.16
N GLY H 139 -24.67 -37.23 -36.10
CA GLY H 139 -25.18 -36.21 -36.98
C GLY H 139 -26.69 -36.15 -36.89
N ILE H 140 -27.24 -35.05 -37.38
CA ILE H 140 -28.67 -34.82 -37.41
C ILE H 140 -29.02 -34.24 -38.78
N SER H 141 -30.31 -34.07 -39.02
CA SER H 141 -30.78 -33.39 -40.21
C SER H 141 -31.70 -32.26 -39.81
N ILE H 142 -31.58 -31.14 -40.51
CA ILE H 142 -32.34 -29.93 -40.23
C ILE H 142 -33.22 -29.63 -41.43
N ASP H 143 -34.47 -29.28 -41.17
CA ASP H 143 -35.38 -28.86 -42.23
C ASP H 143 -35.17 -27.37 -42.53
N LYS H 144 -35.04 -27.05 -43.80
CA LYS H 144 -34.51 -25.76 -44.26
C LYS H 144 -35.47 -24.60 -44.03
N SER H 145 -36.59 -24.76 -43.34
CA SER H 145 -37.48 -23.64 -43.05
C SER H 145 -37.66 -23.36 -41.57
N THR H 146 -37.61 -24.39 -40.73
CA THR H 146 -37.72 -24.21 -39.29
C THR H 146 -36.38 -23.89 -38.64
N ARG H 147 -35.29 -24.43 -39.20
CA ARG H 147 -33.93 -24.32 -38.66
C ARG H 147 -33.78 -25.07 -37.34
N THR H 148 -34.72 -25.94 -37.01
CA THR H 148 -34.62 -26.84 -35.89
C THR H 148 -34.52 -28.26 -36.44
N VAL H 149 -33.95 -29.15 -35.64
CA VAL H 149 -33.72 -30.53 -36.06
C VAL H 149 -34.97 -31.13 -36.67
N LYS H 150 -34.86 -31.60 -37.92
CA LYS H 150 -35.94 -32.35 -38.52
C LYS H 150 -36.22 -33.61 -37.72
N GLU H 151 -37.50 -33.93 -37.55
CA GLU H 151 -37.88 -35.02 -36.66
C GLU H 151 -37.39 -36.36 -37.21
N HIS H 152 -36.86 -37.18 -36.31
CA HIS H 152 -36.44 -38.58 -36.50
C HIS H 152 -35.09 -38.70 -37.16
N TYR H 153 -34.41 -37.60 -37.46
CA TYR H 153 -33.11 -37.62 -38.12
C TYR H 153 -32.00 -37.37 -37.11
N LEU H 154 -31.68 -38.40 -36.32
CA LEU H 154 -30.51 -38.39 -35.46
C LEU H 154 -29.79 -39.72 -35.62
N TYR H 155 -28.65 -39.70 -36.29
CA TYR H 155 -27.91 -40.92 -36.56
C TYR H 155 -26.54 -40.84 -35.90
N SER H 156 -25.99 -42.00 -35.58
CA SER H 156 -24.68 -42.10 -34.97
C SER H 156 -23.89 -43.22 -35.62
N ALA H 157 -22.57 -43.06 -35.65
CA ALA H 157 -21.69 -44.04 -36.23
C ALA H 157 -20.33 -43.95 -35.57
N ARG H 158 -19.73 -45.10 -35.29
CA ARG H 158 -18.41 -45.13 -34.67
C ARG H 158 -17.37 -45.23 -35.78
N TYR H 159 -16.79 -44.10 -36.15
CA TYR H 159 -15.76 -44.08 -37.17
C TYR H 159 -14.46 -44.65 -36.64
N LEU H 160 -13.57 -44.93 -37.57
CA LEU H 160 -12.26 -45.52 -37.30
C LEU H 160 -11.20 -44.44 -37.53
N ALA H 161 -10.82 -43.76 -36.47
CA ALA H 161 -9.82 -42.71 -36.54
C ALA H 161 -8.43 -43.30 -36.36
N PHE H 162 -7.43 -42.61 -36.90
CA PHE H 162 -6.06 -43.12 -36.90
C PHE H 162 -5.18 -42.17 -36.11
N LYS H 163 -4.53 -42.70 -35.07
CA LYS H 163 -3.64 -41.86 -34.27
C LYS H 163 -2.38 -41.50 -35.04
N LYS H 164 -1.78 -42.48 -35.71
CA LYS H 164 -0.64 -42.21 -36.58
C LYS H 164 -0.99 -42.60 -38.00
N GLU H 165 -0.17 -42.13 -38.94
CA GLU H 165 -0.43 -42.38 -40.34
C GLU H 165 -0.43 -43.87 -40.63
N VAL H 166 -1.47 -44.32 -41.32
CA VAL H 166 -1.75 -45.73 -41.54
C VAL H 166 -2.01 -45.93 -43.02
N ASN H 167 -1.61 -47.08 -43.53
CA ASN H 167 -1.95 -47.49 -44.88
C ASN H 167 -2.51 -48.89 -44.86
N TYR H 168 -3.46 -49.15 -45.74
CA TYR H 168 -3.91 -50.50 -46.03
C TYR H 168 -3.14 -51.01 -47.23
N VAL H 169 -2.58 -52.19 -47.10
CA VAL H 169 -1.70 -52.76 -48.11
C VAL H 169 -2.46 -53.88 -48.81
N ILE H 170 -2.49 -53.84 -50.13
CA ILE H 170 -2.96 -54.95 -50.93
C ILE H 170 -1.97 -55.17 -52.07
N PHE H 171 -2.08 -56.35 -52.68
CA PHE H 171 -1.26 -56.71 -53.82
C PHE H 171 -2.16 -57.10 -54.98
N ILE H 172 -1.97 -56.44 -56.11
CA ILE H 172 -2.73 -56.72 -57.33
C ILE H 172 -1.78 -57.32 -58.35
N ASP H 173 -2.26 -58.35 -59.07
CA ASP H 173 -1.41 -59.03 -60.03
C ASP H 173 -1.25 -58.22 -61.30
N ASN H 174 -2.35 -57.91 -61.97
CA ASN H 174 -2.26 -57.17 -63.24
C ASN H 174 -1.54 -55.85 -63.02
N ASP H 175 -0.72 -55.48 -64.00
CA ASP H 175 0.07 -54.27 -63.92
C ASP H 175 -0.45 -53.20 -64.88
N ALA H 176 -1.45 -53.50 -65.70
CA ALA H 176 -2.03 -52.50 -66.57
C ALA H 176 -2.89 -51.51 -65.78
N ILE H 177 -3.73 -52.03 -64.89
CA ILE H 177 -4.56 -51.14 -64.07
C ILE H 177 -3.68 -50.36 -63.10
N SER H 178 -2.54 -50.94 -62.69
CA SER H 178 -1.66 -50.28 -61.74
C SER H 178 -1.04 -49.01 -62.29
N ASP H 179 -1.40 -48.61 -63.51
CA ASP H 179 -1.05 -47.31 -64.03
C ASP H 179 -2.17 -46.29 -63.85
N LYS H 180 -3.40 -46.67 -64.18
CA LYS H 180 -4.55 -45.79 -63.92
C LYS H 180 -5.19 -46.08 -62.58
N ILE H 181 -4.35 -46.20 -61.56
CA ILE H 181 -4.78 -46.34 -60.17
C ILE H 181 -3.88 -45.44 -59.35
N ASN H 182 -2.76 -45.02 -59.95
CA ASN H 182 -1.75 -44.28 -59.22
C ASN H 182 -2.24 -42.87 -58.89
N GLY H 183 -2.10 -42.49 -57.63
CA GLY H 183 -2.43 -41.14 -57.20
C GLY H 183 -3.88 -40.78 -57.32
N LYS H 184 -4.78 -41.75 -57.27
CA LYS H 184 -6.20 -41.47 -57.35
C LYS H 184 -6.77 -41.20 -55.97
N ILE H 185 -7.61 -40.17 -55.88
CA ILE H 185 -8.33 -39.86 -54.66
C ILE H 185 -9.69 -40.55 -54.76
N VAL H 186 -9.97 -41.45 -53.82
CA VAL H 186 -11.11 -42.33 -53.95
C VAL H 186 -12.02 -42.18 -52.74
N ASN H 187 -13.25 -42.61 -52.92
CA ASN H 187 -14.29 -42.46 -51.91
C ASN H 187 -14.39 -43.72 -51.06
N PHE H 188 -13.26 -44.06 -50.45
CA PHE H 188 -13.07 -45.34 -49.79
C PHE H 188 -13.98 -45.48 -48.58
N GLY H 189 -14.83 -46.51 -48.58
CA GLY H 189 -15.57 -46.84 -47.38
C GLY H 189 -17.00 -46.35 -47.35
N GLY H 190 -17.45 -45.95 -46.16
CA GLY H 190 -18.85 -45.68 -45.92
C GLY H 190 -19.27 -44.26 -46.20
N GLU H 191 -19.62 -43.50 -45.16
CA GLU H 191 -20.33 -42.25 -45.35
C GLU H 191 -19.45 -41.17 -45.97
N ASN H 192 -19.06 -41.40 -47.23
CA ASN H 192 -18.43 -40.39 -48.08
C ASN H 192 -17.07 -39.95 -47.55
N ARG H 193 -16.26 -40.90 -47.12
CA ARG H 193 -14.91 -40.63 -46.66
C ARG H 193 -13.91 -40.86 -47.78
N ILE H 194 -12.68 -40.38 -47.57
CA ILE H 194 -11.71 -40.21 -48.64
C ILE H 194 -10.43 -40.94 -48.29
N ALA H 195 -9.79 -41.52 -49.31
CA ALA H 195 -8.47 -42.12 -49.16
C ALA H 195 -7.74 -41.98 -50.49
N LYS H 196 -6.42 -41.98 -50.42
CA LYS H 196 -5.58 -41.89 -51.61
C LYS H 196 -4.96 -43.24 -51.91
N LEU H 197 -4.94 -43.61 -53.18
CA LEU H 197 -4.26 -44.81 -53.63
C LEU H 197 -2.88 -44.45 -54.16
N GLU H 198 -1.90 -45.29 -53.86
CA GLU H 198 -0.60 -45.14 -54.51
C GLU H 198 -0.04 -46.52 -54.83
N VAL H 199 0.57 -46.63 -56.01
CA VAL H 199 1.04 -47.90 -56.54
C VAL H 199 2.57 -47.90 -56.53
N ASP H 200 3.15 -49.01 -56.09
CA ASP H 200 4.60 -49.15 -56.10
C ASP H 200 4.96 -50.60 -56.37
N ASP H 201 6.09 -50.80 -57.05
CA ASP H 201 6.58 -52.13 -57.32
C ASP H 201 7.13 -52.75 -56.05
N TYR H 202 6.61 -53.92 -55.68
CA TYR H 202 7.01 -54.58 -54.45
C TYR H 202 7.15 -56.07 -54.72
N LYS H 203 8.06 -56.70 -53.99
CA LYS H 203 8.40 -58.10 -54.21
C LYS H 203 7.76 -58.95 -53.12
N VAL H 204 6.90 -59.89 -53.53
CA VAL H 204 6.22 -60.77 -52.60
C VAL H 204 6.18 -62.18 -53.17
N ASP H 205 6.65 -63.14 -52.38
CA ASP H 205 6.62 -64.55 -52.74
C ASP H 205 5.17 -65.04 -52.84
N THR H 206 5.01 -66.23 -53.41
CA THR H 206 3.70 -66.81 -53.61
C THR H 206 3.71 -68.30 -53.27
N SER H 207 2.62 -68.76 -52.65
CA SER H 207 2.24 -70.17 -52.60
C SER H 207 3.33 -71.03 -51.95
N ILE H 208 3.53 -70.80 -50.68
CA ILE H 208 4.43 -71.64 -49.90
C ILE H 208 3.61 -72.74 -49.22
N GLU H 209 4.21 -73.91 -49.09
CA GLU H 209 3.53 -75.08 -48.53
C GLU H 209 3.89 -75.25 -47.06
N GLU H 210 3.35 -74.35 -46.25
CA GLU H 210 3.49 -74.46 -44.80
C GLU H 210 2.23 -75.05 -44.20
N GLU H 211 2.30 -75.32 -42.90
CA GLU H 211 1.21 -75.98 -42.20
C GLU H 211 0.19 -75.00 -41.64
N TYR H 212 0.64 -73.82 -41.22
CA TYR H 212 -0.24 -72.84 -40.60
C TYR H 212 -0.18 -71.56 -41.41
N TYR H 213 -1.33 -71.13 -41.93
CA TYR H 213 -1.46 -69.88 -42.65
C TYR H 213 -2.31 -68.90 -41.86
N LEU H 214 -2.19 -67.64 -42.21
CA LEU H 214 -2.96 -66.57 -41.58
C LEU H 214 -3.97 -66.05 -42.59
N ALA H 215 -5.24 -66.13 -42.24
CA ALA H 215 -6.28 -65.61 -43.11
C ALA H 215 -6.19 -64.10 -43.14
N LEU H 216 -5.55 -63.57 -44.18
CA LEU H 216 -5.50 -62.13 -44.36
C LEU H 216 -6.85 -61.56 -44.78
N SER H 217 -7.70 -62.39 -45.36
CA SER H 217 -9.03 -61.99 -45.80
C SER H 217 -10.01 -63.06 -45.34
N PRO H 218 -11.31 -62.76 -45.37
CA PRO H 218 -12.28 -63.77 -44.95
C PRO H 218 -12.34 -64.93 -45.94
N ILE H 219 -11.97 -66.12 -45.46
CA ILE H 219 -12.07 -67.34 -46.24
C ILE H 219 -13.53 -67.77 -46.28
N LEU H 220 -14.12 -67.76 -47.47
CA LEU H 220 -15.52 -68.11 -47.59
C LEU H 220 -15.70 -69.62 -47.54
N ILE H 221 -16.93 -70.03 -47.25
CA ILE H 221 -17.29 -71.44 -47.12
C ILE H 221 -18.49 -71.69 -48.03
N PRO H 222 -18.49 -72.75 -48.83
CA PRO H 222 -19.43 -72.82 -49.95
C PRO H 222 -20.87 -73.13 -49.59
N ASP H 223 -21.21 -73.09 -48.30
CA ASP H 223 -22.58 -73.30 -47.84
C ASP H 223 -23.08 -74.70 -48.18
N GLU H 224 -22.22 -75.51 -48.78
CA GLU H 224 -22.53 -76.92 -48.99
C GLU H 224 -21.79 -77.81 -48.02
N ALA H 225 -20.53 -77.48 -47.72
CA ALA H 225 -19.75 -78.17 -46.71
C ALA H 225 -19.86 -77.51 -45.34
N LEU H 226 -20.86 -76.67 -45.15
CA LEU H 226 -21.02 -75.98 -43.87
C LEU H 226 -21.09 -76.95 -42.71
N ASP H 227 -22.03 -77.90 -42.76
CA ASP H 227 -22.09 -78.94 -41.73
C ASP H 227 -20.77 -79.70 -41.66
N ASN H 228 -20.24 -80.09 -42.82
CA ASN H 228 -18.98 -80.82 -42.86
C ASN H 228 -17.87 -80.01 -42.23
N PHE H 229 -17.70 -78.77 -42.66
CA PHE H 229 -16.61 -77.96 -42.12
C PHE H 229 -16.79 -77.67 -40.64
N LEU H 230 -18.03 -77.57 -40.17
CA LEU H 230 -18.29 -77.10 -38.82
C LEU H 230 -18.20 -78.21 -37.78
N ASP H 231 -18.87 -79.34 -38.01
CA ASP H 231 -18.98 -80.34 -36.96
C ASP H 231 -17.63 -80.90 -36.53
N ASN H 232 -16.58 -80.71 -37.32
CA ASN H 232 -15.20 -80.95 -36.87
C ASN H 232 -14.40 -79.70 -37.25
N ILE H 233 -14.45 -78.71 -36.37
CA ILE H 233 -13.87 -77.41 -36.69
C ILE H 233 -12.38 -77.38 -36.38
N SER H 234 -11.94 -78.11 -35.35
CA SER H 234 -10.54 -78.09 -34.96
C SER H 234 -9.61 -78.52 -36.09
N ASP H 235 -10.12 -79.26 -37.07
CA ASP H 235 -9.29 -79.80 -38.14
C ASP H 235 -8.80 -78.74 -39.11
N TYR H 236 -9.33 -77.54 -39.04
CA TYR H 236 -9.02 -76.57 -40.09
C TYR H 236 -8.52 -75.23 -39.58
N VAL H 237 -9.06 -74.74 -38.47
CA VAL H 237 -8.66 -73.46 -37.91
C VAL H 237 -8.11 -73.71 -36.51
N ALA H 238 -6.89 -73.25 -36.27
CA ALA H 238 -6.30 -73.38 -34.94
C ALA H 238 -6.81 -72.30 -34.00
N MET H 239 -6.95 -71.07 -34.51
CA MET H 239 -7.49 -69.98 -33.73
C MET H 239 -8.02 -68.93 -34.68
N GLY H 240 -9.08 -68.26 -34.26
CA GLY H 240 -9.75 -67.27 -35.05
C GLY H 240 -11.23 -67.31 -34.81
N LYS H 241 -12.00 -66.72 -35.72
CA LYS H 241 -13.44 -66.66 -35.59
C LYS H 241 -14.09 -67.06 -36.90
N VAL H 242 -15.22 -67.77 -36.78
CA VAL H 242 -16.04 -68.19 -37.91
C VAL H 242 -17.38 -67.51 -37.76
N ASP H 243 -17.79 -66.76 -38.77
CA ASP H 243 -19.01 -65.97 -38.65
C ASP H 243 -19.71 -65.86 -39.98
N LYS H 244 -21.02 -65.70 -39.93
CA LYS H 244 -21.79 -65.40 -41.11
C LYS H 244 -21.66 -63.91 -41.42
N ILE H 245 -21.12 -63.59 -42.59
CA ILE H 245 -20.91 -62.21 -42.98
C ILE H 245 -21.67 -61.93 -44.27
N SER H 246 -22.19 -60.72 -44.37
CA SER H 246 -22.72 -60.25 -45.64
C SER H 246 -21.57 -59.78 -46.52
N LEU H 247 -21.78 -59.86 -47.83
CA LEU H 247 -20.72 -59.52 -48.76
C LEU H 247 -20.74 -58.07 -49.17
N GLY H 248 -21.66 -57.26 -48.63
CA GLY H 248 -21.65 -55.83 -48.85
C GLY H 248 -22.92 -55.35 -49.52
N PHE H 249 -22.75 -54.46 -50.50
CA PHE H 249 -23.85 -53.75 -51.12
C PHE H 249 -23.45 -53.45 -52.56
N ASP H 250 -24.27 -53.86 -53.52
CA ASP H 250 -23.91 -53.68 -54.92
C ASP H 250 -24.41 -52.33 -55.44
N ILE H 251 -23.49 -51.56 -56.03
CA ILE H 251 -23.83 -50.22 -56.50
C ILE H 251 -24.81 -50.29 -57.67
N ALA H 252 -24.66 -51.28 -58.54
CA ALA H 252 -25.46 -51.32 -59.75
C ALA H 252 -26.94 -51.51 -59.43
N ASN H 253 -27.28 -52.54 -58.65
CA ASN H 253 -28.67 -52.86 -58.41
C ASN H 253 -29.18 -52.35 -57.08
N THR H 254 -28.33 -51.75 -56.26
CA THR H 254 -28.71 -51.16 -54.98
C THR H 254 -29.41 -52.17 -54.07
N LYS H 255 -28.68 -53.23 -53.73
CA LYS H 255 -29.15 -54.25 -52.81
C LYS H 255 -27.97 -54.74 -51.99
N ARG H 256 -28.27 -55.51 -50.95
CA ARG H 256 -27.22 -56.28 -50.33
C ARG H 256 -26.72 -57.34 -51.31
N LYS H 257 -25.54 -57.88 -51.03
CA LYS H 257 -24.90 -58.77 -52.01
C LYS H 257 -25.25 -60.23 -51.76
N GLU H 258 -24.82 -60.77 -50.64
CA GLU H 258 -25.06 -62.17 -50.27
C GLU H 258 -24.74 -62.29 -48.79
N MET H 259 -24.93 -63.50 -48.27
CA MET H 259 -24.48 -63.83 -46.93
C MET H 259 -23.82 -65.19 -46.98
N LEU H 260 -22.62 -65.28 -46.43
CA LEU H 260 -21.85 -66.51 -46.47
C LEU H 260 -21.13 -66.67 -45.13
N THR H 261 -21.06 -67.91 -44.67
CA THR H 261 -20.16 -68.19 -43.57
C THR H 261 -18.73 -67.99 -44.04
N ALA H 262 -17.92 -67.38 -43.19
CA ALA H 262 -16.54 -67.07 -43.55
C ALA H 262 -15.65 -67.23 -42.33
N ILE H 263 -14.37 -67.45 -42.61
CA ILE H 263 -13.33 -67.43 -41.60
C ILE H 263 -12.80 -66.01 -41.56
N LEU H 264 -13.14 -65.27 -40.52
CA LEU H 264 -12.81 -63.85 -40.46
C LEU H 264 -11.32 -63.64 -40.57
N GLU H 265 -10.93 -62.58 -41.26
CA GLU H 265 -9.52 -62.26 -41.43
C GLU H 265 -8.83 -62.14 -40.07
N GLY H 266 -7.59 -62.59 -40.03
CA GLY H 266 -6.88 -62.69 -38.78
C GLY H 266 -6.98 -64.04 -38.11
N SER H 267 -7.58 -65.03 -38.76
CA SER H 267 -7.66 -66.37 -38.21
C SER H 267 -6.43 -67.20 -38.63
N ILE H 268 -6.14 -68.21 -37.82
CA ILE H 268 -5.04 -69.13 -38.09
C ILE H 268 -5.64 -70.42 -38.63
N VAL H 269 -5.34 -70.70 -39.89
CA VAL H 269 -5.88 -71.86 -40.58
C VAL H 269 -4.79 -72.91 -40.70
N LYS H 270 -5.19 -74.17 -40.65
CA LYS H 270 -4.27 -75.28 -40.84
C LYS H 270 -4.27 -75.71 -42.30
N ARG H 271 -3.13 -76.26 -42.74
CA ARG H 271 -2.94 -76.59 -44.14
C ARG H 271 -4.06 -77.46 -44.69
N SER H 272 -4.63 -78.34 -43.85
CA SER H 272 -5.68 -79.22 -44.29
C SER H 272 -6.83 -78.47 -44.96
N ILE H 273 -7.19 -77.31 -44.41
CA ILE H 273 -8.31 -76.56 -44.96
C ILE H 273 -8.19 -76.42 -46.47
N ILE H 274 -6.96 -76.20 -46.96
CA ILE H 274 -6.77 -76.03 -48.40
C ILE H 274 -7.38 -77.21 -49.14
N ASP H 275 -6.88 -78.41 -48.87
CA ASP H 275 -7.39 -79.59 -49.58
C ASP H 275 -8.89 -79.72 -49.37
N PHE H 276 -9.36 -79.41 -48.16
CA PHE H 276 -10.79 -79.51 -47.91
C PHE H 276 -11.57 -78.63 -48.87
N ILE H 277 -11.19 -77.35 -48.97
CA ILE H 277 -11.90 -76.46 -49.89
C ILE H 277 -11.75 -76.98 -51.31
N LYS H 278 -10.62 -77.62 -51.61
CA LYS H 278 -10.40 -78.08 -52.96
C LYS H 278 -11.24 -79.30 -53.31
N ASN H 279 -11.81 -79.98 -52.31
CA ASN H 279 -12.56 -81.20 -52.59
C ASN H 279 -14.07 -81.00 -52.56
N GLU H 280 -14.56 -79.83 -52.18
CA GLU H 280 -15.99 -79.63 -51.95
C GLU H 280 -16.56 -78.54 -52.84
N ILE H 281 -16.16 -78.50 -54.11
CA ILE H 281 -16.65 -77.49 -55.05
C ILE H 281 -16.83 -78.11 -56.43
N LYS H 282 -18.08 -78.26 -56.85
CA LYS H 282 -18.39 -78.64 -58.22
C LYS H 282 -18.16 -77.44 -59.14
N ASN H 283 -18.09 -77.72 -60.45
CA ASN H 283 -17.69 -76.72 -61.44
C ASN H 283 -18.40 -75.39 -61.25
N ASP H 284 -19.71 -75.42 -61.03
CA ASP H 284 -20.49 -74.19 -60.89
C ASP H 284 -20.00 -73.30 -59.76
N LEU H 285 -20.11 -73.79 -58.53
CA LEU H 285 -19.64 -72.99 -57.41
C LEU H 285 -18.12 -72.90 -57.39
N ARG H 286 -17.43 -73.79 -58.10
CA ARG H 286 -15.99 -73.62 -58.27
C ARG H 286 -15.71 -72.32 -59.02
N TYR H 287 -16.44 -72.08 -60.11
CA TYR H 287 -16.27 -70.84 -60.85
C TYR H 287 -16.71 -69.64 -60.00
N ARG H 288 -17.84 -69.78 -59.32
CA ARG H 288 -18.31 -68.75 -58.41
C ARG H 288 -17.23 -68.32 -57.41
N PHE H 289 -16.69 -69.29 -56.68
CA PHE H 289 -15.72 -68.98 -55.65
C PHE H 289 -14.35 -68.65 -56.21
N SER H 290 -14.05 -69.07 -57.44
CA SER H 290 -12.86 -68.57 -58.11
C SER H 290 -12.99 -67.08 -58.37
N LYS H 291 -14.19 -66.64 -58.75
CA LYS H 291 -14.43 -65.20 -58.87
C LYS H 291 -14.27 -64.51 -57.53
N TYR H 292 -14.89 -65.08 -56.49
CA TYR H 292 -14.75 -64.53 -55.15
C TYR H 292 -13.29 -64.35 -54.77
N GLU H 293 -12.46 -65.38 -55.02
CA GLU H 293 -11.04 -65.26 -54.72
C GLU H 293 -10.35 -64.26 -55.62
N LYS H 294 -10.81 -64.12 -56.86
CA LYS H 294 -10.24 -63.13 -57.75
C LYS H 294 -10.39 -61.74 -57.17
N ILE H 295 -11.55 -61.43 -56.60
CA ILE H 295 -11.71 -60.09 -56.02
C ILE H 295 -11.11 -60.00 -54.61
N GLY H 296 -10.72 -61.12 -54.01
CA GLY H 296 -9.81 -61.06 -52.89
C GLY H 296 -10.21 -61.69 -51.57
N TYR H 297 -11.06 -62.71 -51.57
CA TYR H 297 -11.55 -63.21 -50.30
C TYR H 297 -10.63 -64.25 -49.67
N ASN H 298 -10.12 -65.20 -50.43
CA ASN H 298 -9.37 -66.30 -49.83
C ASN H 298 -7.88 -66.02 -50.03
N THR H 299 -7.34 -65.17 -49.17
CA THR H 299 -5.92 -64.85 -49.17
C THR H 299 -5.29 -65.41 -47.92
N LEU H 300 -4.17 -66.12 -48.08
CA LEU H 300 -3.43 -66.67 -46.96
C LEU H 300 -2.02 -66.13 -46.98
N MET H 301 -1.46 -65.97 -45.80
CA MET H 301 -0.07 -65.59 -45.65
C MET H 301 0.59 -66.58 -44.70
N SER H 302 1.88 -66.80 -44.92
CA SER H 302 2.63 -67.74 -44.10
C SER H 302 3.15 -67.04 -42.86
N LEU H 303 3.03 -67.72 -41.72
CA LEU H 303 3.61 -67.19 -40.49
C LEU H 303 5.12 -67.11 -40.58
N CYS H 304 5.72 -67.80 -41.56
CA CYS H 304 7.15 -67.70 -41.82
C CYS H 304 7.53 -66.28 -42.23
N LYS H 305 7.03 -65.84 -43.38
CA LYS H 305 7.40 -64.55 -43.94
C LYS H 305 6.24 -64.01 -44.76
N LEU H 306 6.43 -62.82 -45.32
CA LEU H 306 5.40 -62.22 -46.15
C LEU H 306 5.34 -62.96 -47.47
N ALA H 307 4.56 -64.03 -47.51
CA ALA H 307 4.37 -64.81 -48.74
C ALA H 307 2.90 -65.22 -48.82
N LEU H 308 2.22 -64.73 -49.85
CA LEU H 308 0.78 -64.91 -49.98
C LEU H 308 0.45 -66.08 -50.89
N ARG H 309 -0.80 -66.50 -50.83
CA ARG H 309 -1.35 -67.44 -51.80
C ARG H 309 -2.86 -67.46 -51.68
N LYS H 310 -3.53 -67.65 -52.81
CA LYS H 310 -4.94 -67.94 -52.76
C LYS H 310 -5.16 -69.42 -52.49
N ILE H 311 -6.36 -69.75 -52.03
CA ILE H 311 -6.67 -71.15 -51.74
C ILE H 311 -6.93 -71.91 -53.04
N LEU H 312 -7.95 -71.50 -53.80
CA LEU H 312 -8.23 -72.16 -55.08
C LEU H 312 -7.19 -71.78 -56.12
N SER H 313 -7.09 -70.49 -56.42
CA SER H 313 -6.12 -70.01 -57.39
C SER H 313 -4.80 -69.65 -56.69
N ALA I 2 -6.25 49.70 18.13
CA ALA I 2 -6.01 50.99 17.51
C ALA I 2 -4.75 51.64 18.06
N ILE I 3 -4.43 52.82 17.52
CA ILE I 3 -3.20 53.49 17.90
C ILE I 3 -3.30 54.13 19.28
N ASP I 4 -4.52 54.45 19.72
CA ASP I 4 -4.67 55.02 21.05
C ASP I 4 -4.37 53.98 22.13
N PHE I 5 -4.74 52.73 21.89
CA PHE I 5 -4.26 51.64 22.74
C PHE I 5 -2.74 51.74 22.93
N LEU I 6 -2.02 51.95 21.83
CA LEU I 6 -0.57 51.98 21.90
C LEU I 6 -0.08 53.18 22.69
N VAL I 7 -0.64 54.37 22.43
CA VAL I 7 -0.18 55.53 23.17
C VAL I 7 -0.55 55.45 24.64
N ASN I 8 -1.52 54.62 25.02
CA ASN I 8 -1.94 54.52 26.40
C ASN I 8 -1.40 53.29 27.14
N ILE I 9 -0.70 52.39 26.43
CA ILE I 9 -0.28 51.12 27.05
C ILE I 9 0.57 51.37 28.29
N LEU I 10 1.39 52.42 28.29
CA LEU I 10 2.24 52.68 29.46
C LEU I 10 1.39 53.11 30.66
N GLU I 11 0.43 53.99 30.44
CA GLU I 11 -0.52 54.35 31.48
C GLU I 11 -1.23 53.12 32.02
N LEU I 12 -1.64 52.22 31.13
CA LEU I 12 -2.35 51.03 31.56
C LEU I 12 -1.45 50.13 32.42
N ILE I 13 -0.19 50.02 32.03
CA ILE I 13 0.76 49.27 32.85
C ILE I 13 0.84 49.88 34.23
N LYS I 14 0.98 51.20 34.31
CA LYS I 14 1.13 51.85 35.60
C LYS I 14 -0.13 51.72 36.46
N GLU I 15 -1.31 51.62 35.83
CA GLU I 15 -2.53 51.68 36.62
C GLU I 15 -3.17 50.33 36.89
N LYS I 16 -2.80 49.28 36.19
CA LYS I 16 -3.34 47.96 36.50
C LYS I 16 -2.39 47.12 37.35
N GLN I 17 -1.16 46.93 36.88
CA GLN I 17 -0.01 46.47 37.65
C GLN I 17 -0.03 45.01 38.05
N CYS I 18 -1.16 44.36 37.95
CA CYS I 18 -1.19 42.91 37.98
C CYS I 18 -2.32 42.35 37.15
N ASN I 19 -3.10 43.19 36.48
CA ASN I 19 -4.36 42.80 35.89
C ASN I 19 -4.39 42.98 34.39
N ILE I 20 -3.34 43.51 33.79
CA ILE I 20 -3.21 43.46 32.36
C ILE I 20 -2.34 42.27 31.99
N ASN I 21 -2.51 41.81 30.77
CA ASN I 21 -1.67 40.76 30.22
C ASN I 21 -0.28 41.34 29.98
N LEU I 22 0.68 40.97 30.82
CA LEU I 22 2.02 41.52 30.67
C LEU I 22 2.64 41.14 29.34
N PHE I 23 2.31 39.95 28.83
CA PHE I 23 2.89 39.52 27.57
C PHE I 23 2.48 40.45 26.44
N SER I 24 1.18 40.61 26.24
CA SER I 24 0.70 41.50 25.19
C SER I 24 1.03 42.96 25.49
N ALA I 25 1.06 43.34 26.76
CA ALA I 25 1.42 44.71 27.10
C ALA I 25 2.83 45.03 26.64
N ILE I 26 3.77 44.14 26.93
CA ILE I 26 5.15 44.35 26.50
C ILE I 26 5.26 44.26 24.98
N SER I 27 4.52 43.34 24.37
CA SER I 27 4.52 43.26 22.91
C SER I 27 4.04 44.57 22.28
N LEU I 28 3.04 45.20 22.88
CA LEU I 28 2.50 46.43 22.32
C LEU I 28 3.44 47.60 22.56
N THR I 29 3.95 47.74 23.78
CA THR I 29 4.88 48.82 24.04
C THR I 29 6.18 48.63 23.26
N SER I 30 6.45 47.43 22.78
CA SER I 30 7.57 47.25 21.86
C SER I 30 7.36 48.01 20.57
N ILE I 31 6.11 48.15 20.12
CA ILE I 31 5.87 48.94 18.92
C ILE I 31 6.21 50.41 19.17
N VAL I 32 5.84 50.92 20.34
CA VAL I 32 6.24 52.27 20.72
C VAL I 32 7.75 52.37 20.78
N TYR I 33 8.41 51.38 21.37
CA TYR I 33 9.86 51.44 21.51
C TYR I 33 10.55 51.38 20.16
N ASN I 34 9.98 50.67 19.20
CA ASN I 34 10.59 50.51 17.90
C ASN I 34 10.13 51.56 16.89
N ASN I 35 9.19 52.42 17.27
CA ASN I 35 8.88 53.60 16.48
C ASN I 35 9.00 54.86 17.31
N PHE I 36 9.82 54.81 18.37
CA PHE I 36 10.03 55.92 19.28
C PHE I 36 10.13 57.28 18.61
N GLY I 37 11.04 57.42 17.64
CA GLY I 37 11.19 58.70 16.98
C GLY I 37 9.93 59.18 16.30
N GLU I 38 9.04 58.26 15.95
CA GLU I 38 7.79 58.62 15.29
C GLU I 38 6.67 58.93 16.28
N PHE I 39 6.61 58.18 17.38
CA PHE I 39 5.66 58.48 18.43
C PHE I 39 5.98 59.78 19.15
N LEU I 40 7.09 60.43 18.80
CA LEU I 40 7.48 61.70 19.40
C LEU I 40 7.45 62.85 18.41
N SER I 41 6.72 62.70 17.30
CA SER I 41 6.53 63.81 16.37
C SER I 41 5.06 64.21 16.44
N ASN I 42 4.74 64.99 17.47
CA ASN I 42 3.37 65.45 17.75
C ASN I 42 2.34 64.34 17.64
N ASN I 43 2.73 63.10 17.89
CA ASN I 43 1.83 61.96 17.84
C ASN I 43 1.80 61.23 19.17
N GLN I 44 1.91 61.98 20.26
CA GLN I 44 1.74 61.44 21.60
C GLN I 44 0.28 61.51 22.06
N SER I 45 -0.63 61.80 21.14
CA SER I 45 -2.05 62.06 21.40
C SER I 45 -2.27 63.28 22.27
N TYR I 46 -1.20 64.01 22.60
CA TYR I 46 -1.28 65.22 23.41
C TYR I 46 -1.88 64.93 24.78
N SER I 47 -1.50 63.79 25.35
CA SER I 47 -2.03 63.41 26.66
C SER I 47 -1.27 64.13 27.76
N THR I 48 -1.48 63.72 29.00
CA THR I 48 -0.85 64.34 30.15
C THR I 48 -0.25 63.34 31.13
N ASN I 49 -0.60 62.06 31.03
CA ASN I 49 0.00 61.04 31.88
C ASN I 49 0.97 60.13 31.16
N ASN I 50 0.91 60.05 29.84
CA ASN I 50 1.78 59.15 29.09
C ASN I 50 3.24 59.53 29.32
N PRO I 51 4.08 58.60 29.77
CA PRO I 51 5.50 58.92 29.97
C PRO I 51 6.20 59.45 28.74
N LEU I 52 5.57 59.38 27.57
CA LEU I 52 6.16 59.94 26.36
C LEU I 52 6.29 61.45 26.40
N LEU I 53 5.60 62.11 27.34
CA LEU I 53 5.65 63.57 27.41
C LEU I 53 7.04 64.05 27.77
N LYS I 54 7.64 63.49 28.81
CA LYS I 54 8.91 64.00 29.31
C LYS I 54 10.01 63.92 28.27
N TYR I 55 9.88 63.06 27.27
CA TYR I 55 10.89 63.01 26.23
C TYR I 55 10.74 64.14 25.23
N HIS I 56 9.75 65.01 25.40
CA HIS I 56 9.74 66.30 24.72
C HIS I 56 10.28 67.41 25.60
N ILE I 57 10.39 67.16 26.91
CA ILE I 57 10.88 68.17 27.84
C ILE I 57 12.40 68.09 28.02
N ILE I 58 12.98 66.93 27.83
CA ILE I 58 14.41 66.75 27.99
C ILE I 58 15.12 67.14 26.70
N ILE I 59 16.23 67.85 26.83
CA ILE I 59 17.05 68.25 25.70
C ILE I 59 18.40 67.57 25.90
N LEU I 60 18.61 66.45 25.22
CA LEU I 60 19.84 65.70 25.38
C LEU I 60 20.93 66.17 24.42
N ASN I 61 20.57 66.45 23.18
CA ASN I 61 21.53 66.98 22.22
C ASN I 61 20.74 67.84 21.24
N ASP I 62 20.83 69.16 21.40
CA ASP I 62 20.10 70.06 20.53
C ASP I 62 20.76 70.21 19.16
N LYS I 63 22.01 69.77 19.02
CA LYS I 63 22.70 69.91 17.74
C LYS I 63 22.09 69.00 16.68
N ASN I 64 22.17 67.69 16.91
CA ASN I 64 21.69 66.70 15.96
C ASN I 64 20.48 66.00 16.57
N LYS I 65 19.37 66.00 15.83
CA LYS I 65 18.12 65.51 16.40
C LYS I 65 18.06 63.99 16.41
N THR I 66 18.69 63.32 15.45
CA THR I 66 18.62 61.86 15.44
C THR I 66 19.43 61.28 16.59
N LYS I 67 20.58 61.88 16.93
CA LYS I 67 21.28 61.45 18.12
C LYS I 67 20.43 61.65 19.36
N ASP I 68 19.75 62.80 19.43
CA ASP I 68 18.87 63.08 20.56
C ASP I 68 17.79 62.02 20.69
N VAL I 69 17.18 61.62 19.57
CA VAL I 69 16.16 60.58 19.62
C VAL I 69 16.78 59.25 20.05
N GLU I 70 18.02 58.98 19.62
CA GLU I 70 18.69 57.75 20.05
C GLU I 70 18.88 57.72 21.56
N GLU I 71 19.37 58.82 22.13
CA GLU I 71 19.58 58.81 23.58
C GLU I 71 18.26 58.76 24.33
N LYS I 72 17.24 59.45 23.81
CA LYS I 72 15.92 59.37 24.41
C LYS I 72 15.39 57.95 24.36
N ARG I 73 15.68 57.23 23.27
CA ARG I 73 15.22 55.85 23.15
C ARG I 73 15.93 54.95 24.15
N ASN I 74 17.22 55.15 24.35
CA ASN I 74 17.93 54.37 25.37
C ASN I 74 17.36 54.65 26.76
N ILE I 75 17.13 55.93 27.08
CA ILE I 75 16.53 56.28 28.35
C ILE I 75 15.16 55.64 28.48
N PHE I 76 14.40 55.59 27.39
CA PHE I 76 13.06 55.03 27.44
C PHE I 76 13.10 53.52 27.63
N LYS I 77 14.11 52.86 27.06
CA LYS I 77 14.27 51.44 27.31
C LYS I 77 14.52 51.18 28.79
N ARG I 78 15.44 51.95 29.38
CA ARG I 78 15.66 51.81 30.82
C ARG I 78 14.39 52.11 31.61
N GLU I 79 13.62 53.09 31.16
CA GLU I 79 12.41 53.48 31.88
C GLU I 79 11.33 52.41 31.77
N VAL I 80 11.24 51.75 30.62
CA VAL I 80 10.29 50.64 30.47
C VAL I 80 10.67 49.50 31.38
N ALA I 81 11.96 49.17 31.44
CA ALA I 81 12.41 48.13 32.36
C ALA I 81 12.04 48.47 33.79
N GLU I 82 12.29 49.71 34.20
CA GLU I 82 11.96 50.12 35.56
C GLU I 82 10.47 50.08 35.81
N LEU I 83 9.68 50.52 34.83
CA LEU I 83 8.23 50.50 34.93
C LEU I 83 7.71 49.10 35.19
N ILE I 84 8.12 48.15 34.34
CA ILE I 84 7.66 46.77 34.51
C ILE I 84 8.10 46.21 35.86
N SER I 85 9.35 46.48 36.24
CA SER I 85 9.85 45.92 37.50
C SER I 85 9.10 46.48 38.70
N ARG I 86 8.69 47.74 38.63
CA ARG I 86 8.06 48.39 39.78
C ARG I 86 6.58 48.07 39.85
N ASN I 87 5.86 48.25 38.75
CA ASN I 87 4.41 48.16 38.78
C ASN I 87 3.93 46.72 38.75
N PHE I 88 4.47 45.91 37.84
CA PHE I 88 4.02 44.52 37.77
C PHE I 88 4.56 43.75 38.96
N LYS I 89 3.70 43.46 39.92
CA LYS I 89 4.10 42.75 41.12
C LYS I 89 3.33 41.45 41.21
N LEU I 90 3.67 40.64 42.20
CA LEU I 90 3.13 39.31 42.34
C LEU I 90 1.86 39.34 43.18
N ASP I 91 0.82 38.67 42.70
CA ASP I 91 -0.38 38.37 43.47
C ASP I 91 -0.57 36.87 43.35
N GLY I 92 0.09 36.12 44.24
CA GLY I 92 0.14 34.68 44.11
C GLY I 92 -0.96 33.93 44.83
N GLU I 93 -2.14 34.54 44.92
CA GLU I 93 -3.27 33.84 45.49
C GLU I 93 -3.93 32.93 44.46
N LYS I 94 -4.03 33.40 43.21
CA LYS I 94 -4.50 32.52 42.14
C LYS I 94 -3.60 31.31 41.99
N VAL I 95 -2.31 31.47 42.28
CA VAL I 95 -1.38 30.36 42.15
C VAL I 95 -1.60 29.36 43.27
N ARG I 96 -1.82 29.83 44.49
CA ARG I 96 -2.08 28.91 45.58
C ARG I 96 -3.41 28.18 45.37
N ASN I 97 -4.40 28.88 44.85
CA ASN I 97 -5.65 28.21 44.48
C ASN I 97 -5.42 27.16 43.43
N TYR I 98 -4.65 27.50 42.39
CA TYR I 98 -4.38 26.56 41.31
C TYR I 98 -3.68 25.32 41.82
N PHE I 99 -2.66 25.50 42.66
CA PHE I 99 -1.93 24.34 43.14
C PHE I 99 -2.73 23.52 44.13
N ASP I 100 -3.58 24.15 44.93
CA ASP I 100 -4.41 23.38 45.85
C ASP I 100 -5.46 22.56 45.09
N SER I 101 -6.11 23.19 44.10
CA SER I 101 -7.07 22.46 43.31
C SER I 101 -6.41 21.32 42.54
N LEU I 102 -5.24 21.58 41.97
CA LEU I 102 -4.52 20.53 41.26
C LEU I 102 -4.09 19.42 42.21
N LYS I 103 -3.73 19.77 43.44
CA LYS I 103 -3.40 18.75 44.42
C LYS I 103 -4.60 17.87 44.71
N GLU I 104 -5.78 18.47 44.84
CA GLU I 104 -6.97 17.65 45.04
C GLU I 104 -7.24 16.76 43.85
N VAL I 105 -7.06 17.30 42.64
CA VAL I 105 -7.25 16.50 41.43
C VAL I 105 -6.32 15.30 41.44
N LEU I 106 -5.04 15.52 41.76
CA LEU I 106 -4.07 14.44 41.75
C LEU I 106 -4.32 13.44 42.87
N LYS I 107 -4.82 13.90 44.02
CA LYS I 107 -5.21 12.95 45.05
C LYS I 107 -6.35 12.06 44.57
N SER I 108 -7.32 12.65 43.88
CA SER I 108 -8.42 11.84 43.37
C SER I 108 -7.95 10.84 42.33
N LEU I 109 -6.86 11.12 41.63
CA LEU I 109 -6.26 10.19 40.70
C LEU I 109 -5.30 9.22 41.37
N LYS I 110 -5.22 9.25 42.71
CA LYS I 110 -4.43 8.30 43.48
C LYS I 110 -2.93 8.44 43.25
N TYR I 111 -2.47 9.68 43.06
CA TYR I 111 -1.05 9.95 42.95
C TYR I 111 -0.44 10.26 44.31
N THR I 112 0.85 9.98 44.44
CA THR I 112 1.64 10.49 45.55
C THR I 112 2.20 11.85 45.13
N ILE I 113 1.75 12.90 45.79
CA ILE I 113 2.14 14.25 45.42
C ILE I 113 3.27 14.71 46.32
N VAL I 114 4.24 15.40 45.72
CA VAL I 114 5.36 16.00 46.45
C VAL I 114 5.38 17.46 46.03
N ASP I 115 4.89 18.35 46.89
CA ASP I 115 4.85 19.77 46.58
C ASP I 115 6.07 20.46 47.14
N VAL I 116 6.76 21.20 46.28
CA VAL I 116 8.07 21.75 46.55
C VAL I 116 7.99 23.26 46.42
N GLU I 117 8.42 23.97 47.44
CA GLU I 117 8.55 25.42 47.39
C GLU I 117 10.02 25.77 47.40
N ILE I 118 10.45 26.56 46.42
CA ILE I 118 11.82 26.97 46.29
C ILE I 118 11.87 28.48 46.15
N THR I 119 12.79 29.11 46.85
CA THR I 119 12.96 30.55 46.83
C THR I 119 14.24 30.90 46.09
N THR I 120 14.16 31.91 45.23
CA THR I 120 15.36 32.37 44.55
C THR I 120 16.24 33.16 45.51
N ARG I 121 17.54 32.95 45.41
CA ARG I 121 18.50 33.62 46.28
C ARG I 121 19.15 34.82 45.63
N THR I 122 19.42 34.75 44.34
CA THR I 122 19.95 35.87 43.55
C THR I 122 18.95 36.20 42.45
N ARG I 123 19.32 37.11 41.58
CA ARG I 123 18.47 37.41 40.43
C ARG I 123 18.51 36.26 39.44
N ALA I 124 17.35 35.69 39.16
CA ALA I 124 17.26 34.49 38.32
C ALA I 124 16.92 34.84 36.88
N LEU I 125 17.39 34.01 35.97
CA LEU I 125 17.09 34.13 34.54
C LEU I 125 16.60 32.78 34.06
N ILE I 126 15.30 32.64 33.89
CA ILE I 126 14.70 31.44 33.34
C ILE I 126 14.09 31.80 32.00
N GLY I 127 14.43 31.03 30.97
CA GLY I 127 13.88 31.28 29.65
C GLY I 127 14.43 32.53 29.03
N VAL I 128 15.76 32.68 29.03
CA VAL I 128 16.37 33.89 28.54
C VAL I 128 16.20 34.04 27.03
N SER I 129 15.91 32.94 26.32
CA SER I 129 15.66 33.01 24.90
C SER I 129 14.17 32.96 24.55
N THR I 130 13.30 32.86 25.54
CA THR I 130 11.87 32.95 25.34
C THR I 130 11.49 34.39 24.98
N SER I 131 10.33 34.54 24.33
CA SER I 131 9.82 35.86 23.94
C SER I 131 9.11 36.50 25.12
N LEU I 132 9.75 37.47 25.76
CA LEU I 132 9.05 38.42 26.63
C LEU I 132 10.01 39.58 26.82
N GLY I 133 9.65 40.74 26.30
CA GLY I 133 10.64 41.80 26.19
C GLY I 133 11.70 41.53 25.16
N LYS I 134 11.60 40.41 24.43
CA LYS I 134 12.56 40.09 23.38
C LYS I 134 12.61 41.20 22.33
N LEU I 135 11.48 41.82 22.03
CA LEU I 135 11.45 42.87 21.03
C LEU I 135 11.83 44.23 21.58
N ILE I 136 12.07 44.34 22.89
CA ILE I 136 12.63 45.54 23.49
C ILE I 136 14.05 45.28 24.01
N PHE I 137 14.22 44.22 24.79
CA PHE I 137 15.45 43.95 25.50
C PHE I 137 16.35 42.94 24.81
N GLY I 138 15.89 42.27 23.75
CA GLY I 138 16.69 41.22 23.17
C GLY I 138 16.87 40.03 24.07
N SER I 139 16.22 40.02 25.22
CA SER I 139 16.30 38.94 26.18
C SER I 139 14.90 38.74 26.73
N GLY I 140 14.60 37.51 27.15
CA GLY I 140 13.27 37.16 27.57
C GLY I 140 13.26 36.54 28.96
N ILE I 141 12.04 36.24 29.40
CA ILE I 141 11.81 35.47 30.60
C ILE I 141 10.70 34.48 30.28
N SER I 142 10.82 33.26 30.77
CA SER I 142 9.80 32.27 30.50
C SER I 142 8.52 32.71 31.21
N PHE I 143 7.51 33.07 30.42
CA PHE I 143 6.33 33.74 30.93
C PHE I 143 5.09 33.00 30.44
N ASP I 144 4.23 32.62 31.37
CA ASP I 144 2.92 32.06 31.03
C ASP I 144 1.96 33.21 30.83
N PRO I 145 1.45 33.44 29.63
CA PRO I 145 0.58 34.60 29.40
C PRO I 145 -0.86 34.38 29.80
N TYR I 146 -1.21 33.24 30.37
CA TYR I 146 -2.56 33.02 30.88
C TYR I 146 -2.61 32.90 32.39
N MET I 147 -1.55 32.41 33.01
CA MET I 147 -1.36 32.69 34.43
C MET I 147 -0.84 34.09 34.66
N ASN I 148 -0.40 34.76 33.60
CA ASN I 148 0.13 36.12 33.67
C ASN I 148 1.31 36.20 34.64
N LEU I 149 2.14 35.18 34.64
CA LEU I 149 3.25 35.06 35.57
C LEU I 149 4.46 34.47 34.88
N PRO I 150 5.66 34.79 35.36
CA PRO I 150 6.83 34.02 34.93
C PRO I 150 6.77 32.65 35.55
N TYR I 151 7.41 31.69 34.90
CA TYR I 151 7.36 30.35 35.43
C TYR I 151 8.62 29.61 35.04
N ILE I 152 8.84 28.49 35.70
CA ILE I 152 9.94 27.58 35.40
C ILE I 152 9.31 26.35 34.73
N PRO I 153 9.66 26.04 33.49
CA PRO I 153 9.04 24.92 32.79
C PRO I 153 9.26 23.62 33.53
N ALA I 154 8.26 22.75 33.47
CA ALA I 154 8.41 21.42 34.05
C ALA I 154 9.57 20.67 33.41
N SER I 155 9.82 20.92 32.13
CA SER I 155 10.86 20.19 31.44
C SER I 155 12.24 20.59 31.92
N GLU I 156 12.46 21.85 32.31
CA GLU I 156 13.77 22.22 32.84
C GLU I 156 14.01 21.59 34.20
N ILE I 157 12.99 21.62 35.06
CA ILE I 157 13.13 21.01 36.38
C ILE I 157 13.42 19.53 36.22
N LYS I 158 12.65 18.85 35.36
CA LYS I 158 12.89 17.44 35.12
C LYS I 158 14.29 17.20 34.57
N GLY I 159 14.74 18.04 33.65
CA GLY I 159 16.05 17.84 33.05
C GLY I 159 17.19 18.02 34.03
N ILE I 160 17.09 19.03 34.88
CA ILE I 160 18.13 19.25 35.88
C ILE I 160 18.15 18.12 36.90
N VAL I 161 16.97 17.72 37.39
CA VAL I 161 16.91 16.60 38.32
C VAL I 161 17.46 15.34 37.67
N ARG I 162 17.16 15.12 36.39
CA ARG I 162 17.58 13.90 35.73
C ARG I 162 19.07 13.91 35.46
N SER I 163 19.64 15.06 35.12
CA SER I 163 21.08 15.09 34.91
C SER I 163 21.83 14.89 36.22
N TYR I 164 21.29 15.39 37.33
CA TYR I 164 21.91 15.09 38.61
C TYR I 164 21.80 13.62 38.95
N ILE I 165 20.61 13.03 38.73
CA ILE I 165 20.45 11.61 39.05
C ILE I 165 21.32 10.76 38.15
N GLU I 166 21.52 11.17 36.90
CA GLU I 166 22.53 10.52 36.08
C GLU I 166 23.89 10.61 36.75
N GLY I 167 24.41 11.81 36.90
CA GLY I 167 25.71 12.02 37.49
C GLY I 167 25.95 11.31 38.81
N LYS I 168 24.87 10.98 39.53
CA LYS I 168 25.03 10.29 40.81
C LYS I 168 24.82 8.78 40.69
N LEU I 169 23.64 8.34 40.26
CA LEU I 169 23.29 6.92 40.28
C LEU I 169 23.40 6.24 38.93
N GLY I 170 24.07 6.85 37.95
CA GLY I 170 24.21 6.12 36.71
C GLY I 170 23.07 6.34 35.74
N GLU I 171 23.39 6.25 34.45
CA GLU I 171 22.39 6.38 33.41
C GLU I 171 21.33 5.29 33.50
N GLN I 172 21.70 4.10 33.99
CA GLN I 172 20.72 3.02 34.06
C GLN I 172 19.63 3.34 35.07
N GLU I 173 20.00 3.82 36.26
CA GLU I 173 18.99 4.22 37.22
C GLU I 173 18.23 5.45 36.74
N ALA I 174 18.93 6.37 36.09
CA ALA I 174 18.25 7.52 35.52
C ALA I 174 17.15 7.09 34.55
N GLU I 175 17.40 6.05 33.76
CA GLU I 175 16.38 5.55 32.85
C GLU I 175 15.34 4.70 33.56
N GLU I 176 15.70 4.05 34.65
CA GLU I 176 14.70 3.33 35.42
C GLU I 176 13.71 4.28 36.08
N ILE I 177 14.12 5.51 36.30
CA ILE I 177 13.24 6.51 36.91
C ILE I 177 12.51 7.33 35.86
N PHE I 178 13.23 7.89 34.91
CA PHE I 178 12.67 8.82 33.95
C PHE I 178 12.39 8.20 32.60
N GLY I 179 12.71 6.94 32.41
CA GLY I 179 12.40 6.28 31.17
C GLY I 179 13.35 6.64 30.04
N ASN I 180 13.11 6.00 28.91
CA ASN I 180 13.93 6.16 27.72
C ASN I 180 13.03 6.07 26.51
N GLU I 181 13.63 5.92 25.33
CA GLU I 181 12.83 5.80 24.12
C GLU I 181 11.98 4.53 24.08
N GLU I 182 12.10 3.64 25.06
CA GLU I 182 11.33 2.40 25.08
C GLU I 182 10.41 2.26 26.28
N ARG I 183 10.64 2.99 27.36
CA ARG I 183 9.77 2.98 28.51
C ARG I 183 9.49 4.40 28.93
N GLU I 184 8.26 4.66 29.38
CA GLU I 184 7.93 6.00 29.79
C GLU I 184 8.37 6.24 31.22
N GLY I 185 8.52 7.52 31.55
CA GLY I 185 8.96 7.87 32.88
C GLY I 185 7.92 7.57 33.94
N ASN I 186 8.39 7.52 35.18
CA ASN I 186 7.52 7.26 36.31
C ASN I 186 7.23 8.49 37.15
N VAL I 187 7.84 9.63 36.83
CA VAL I 187 7.77 10.81 37.67
C VAL I 187 7.27 11.97 36.82
N ASN I 188 6.24 12.65 37.30
CA ASN I 188 5.66 13.78 36.59
C ASN I 188 5.95 15.08 37.32
N PHE I 189 6.23 16.12 36.55
CA PHE I 189 6.56 17.43 37.07
C PHE I 189 5.59 18.46 36.51
N THR I 190 5.10 19.34 37.36
CA THR I 190 4.38 20.50 36.86
C THR I 190 5.34 21.66 36.68
N ASP I 191 4.86 22.69 35.99
CA ASP I 191 5.61 23.94 35.96
C ASP I 191 5.67 24.54 37.36
N ALA I 192 6.63 25.43 37.56
CA ALA I 192 6.80 26.12 38.82
C ALA I 192 6.38 27.58 38.65
N TYR I 193 5.49 28.03 39.51
CA TYR I 193 4.98 29.39 39.46
C TYR I 193 5.32 30.13 40.74
N PRO I 194 5.49 31.45 40.68
CA PRO I 194 5.80 32.22 41.89
C PRO I 194 4.55 32.38 42.74
N THR I 195 4.59 31.88 43.97
CA THR I 195 3.45 31.99 44.87
C THR I 195 3.53 33.16 45.83
N ARG I 196 4.73 33.61 46.17
CA ARG I 196 4.87 34.73 47.09
C ARG I 196 6.21 35.38 46.85
N SER I 197 6.32 36.63 47.31
CA SER I 197 7.56 37.38 47.16
C SER I 197 7.61 38.42 48.27
N LYS I 198 8.82 38.90 48.54
CA LYS I 198 8.99 39.95 49.52
C LYS I 198 8.80 41.33 48.92
N ASP I 199 9.01 41.46 47.61
CA ASP I 199 9.02 42.77 46.96
C ASP I 199 8.82 42.53 45.46
N PHE I 200 9.38 43.42 44.65
CA PHE I 200 9.36 43.30 43.20
C PHE I 200 9.49 41.87 42.73
N LEU I 201 8.75 41.54 41.68
CA LEU I 201 8.83 40.24 41.03
C LEU I 201 9.87 40.23 39.91
N PHE I 202 9.95 41.30 39.13
CA PHE I 202 11.00 41.52 38.16
C PHE I 202 11.91 42.63 38.64
N VAL I 203 13.17 42.57 38.23
CA VAL I 203 14.08 43.70 38.40
C VAL I 203 14.91 43.87 37.15
N PRO I 204 15.38 45.08 36.91
CA PRO I 204 16.28 45.28 35.77
C PRO I 204 17.67 44.77 36.07
N ASP I 205 18.41 44.52 35.00
CA ASP I 205 19.81 44.16 35.11
C ASP I 205 20.48 44.55 33.82
N VAL I 206 21.79 44.31 33.76
CA VAL I 206 22.55 44.61 32.56
C VAL I 206 23.66 43.58 32.44
N ILE I 207 24.02 43.30 31.20
CA ILE I 207 25.23 42.57 30.86
C ILE I 207 25.94 43.40 29.82
N THR I 208 27.25 43.55 29.95
CA THR I 208 28.02 44.44 29.09
C THR I 208 29.27 43.71 28.62
N PRO I 209 29.13 42.84 27.63
CA PRO I 209 30.32 42.20 27.05
C PRO I 209 31.23 43.24 26.39
N HIS I 210 32.51 43.16 26.71
CA HIS I 210 33.54 43.96 26.08
C HIS I 210 34.36 43.15 25.07
N TYR I 211 34.76 41.95 25.45
CA TYR I 211 35.72 41.15 24.70
C TYR I 211 35.09 39.81 24.38
N ASN I 212 33.87 39.84 23.87
CA ASN I 212 33.17 38.63 23.49
C ASN I 212 33.33 38.48 21.98
N GLY I 213 34.09 37.47 21.57
CA GLY I 213 34.37 37.28 20.16
C GLY I 213 35.09 38.47 19.57
N LYS I 214 36.12 38.93 20.25
CA LYS I 214 36.88 40.10 19.84
C LYS I 214 38.33 39.71 19.58
N LYS I 215 38.88 40.19 18.48
CA LYS I 215 40.28 39.92 18.17
C LYS I 215 41.20 40.44 19.26
N SER I 216 41.19 41.74 19.48
CA SER I 216 42.18 42.38 20.34
C SER I 216 41.51 43.57 21.03
N GLU I 217 42.31 44.29 21.81
CA GLU I 217 41.80 45.49 22.46
C GLU I 217 41.32 46.52 21.46
N ALA I 218 41.81 46.48 20.22
CA ALA I 218 41.28 47.38 19.20
C ALA I 218 39.83 47.07 18.90
N ASP I 219 39.42 45.82 19.06
CA ASP I 219 38.04 45.44 18.88
C ASP I 219 37.18 45.70 20.11
N ALA I 220 37.80 46.00 21.24
CA ALA I 220 37.07 46.15 22.49
C ALA I 220 36.08 47.30 22.41
N GLU I 221 34.87 47.05 22.88
CA GLU I 221 33.86 48.07 23.05
C GLU I 221 32.76 47.48 23.90
N PRO I 222 32.28 48.20 24.91
CA PRO I 222 31.15 47.71 25.69
C PRO I 222 29.89 47.80 24.84
N ARG I 223 29.05 46.78 24.93
CA ARG I 223 27.72 46.82 24.32
C ARG I 223 26.75 46.42 25.43
N PRO I 224 26.20 47.39 26.16
CA PRO I 224 25.37 47.06 27.32
C PRO I 224 24.02 46.54 26.88
N VAL I 225 23.48 45.61 27.66
CA VAL I 225 22.22 44.95 27.35
C VAL I 225 21.34 45.03 28.58
N ILE I 226 20.47 46.03 28.63
CA ILE I 226 19.46 46.10 29.69
C ILE I 226 18.46 44.99 29.47
N HIS I 227 18.12 44.29 30.54
CA HIS I 227 17.16 43.20 30.43
C HIS I 227 16.51 42.99 31.78
N LEU I 228 15.44 42.21 31.77
CA LEU I 228 14.69 41.91 32.98
C LEU I 228 15.14 40.58 33.55
N THR I 229 15.15 40.49 34.86
CA THR I 229 15.44 39.25 35.57
C THR I 229 14.39 39.07 36.65
N ILE I 230 14.39 37.90 37.25
CA ILE I 230 13.47 37.61 38.35
C ILE I 230 14.14 37.99 39.64
N ALA I 231 13.53 38.91 40.38
CA ALA I 231 14.10 39.44 41.60
C ALA I 231 14.41 38.33 42.60
N PRO I 232 15.34 38.57 43.51
CA PRO I 232 15.57 37.61 44.60
C PRO I 232 14.42 37.59 45.58
N LYS I 233 14.39 36.51 46.35
CA LYS I 233 13.40 36.26 47.40
C LYS I 233 12.00 35.97 46.85
N VAL I 234 11.90 35.61 45.57
CA VAL I 234 10.65 35.18 45.00
C VAL I 234 10.53 33.68 45.18
N THR I 235 9.44 33.24 45.79
CA THR I 235 9.20 31.82 46.02
C THR I 235 8.43 31.24 44.85
N PHE I 236 8.89 30.12 44.33
CA PHE I 236 8.18 29.36 43.32
C PHE I 236 7.67 28.07 43.93
N ARG I 237 6.60 27.54 43.35
CA ARG I 237 6.01 26.31 43.81
C ARG I 237 5.74 25.42 42.62
N PHE I 238 5.98 24.12 42.77
CA PHE I 238 5.64 23.15 41.75
C PHE I 238 5.36 21.82 42.43
N LEU I 239 4.77 20.91 41.67
CA LEU I 239 4.39 19.60 42.19
C LEU I 239 5.21 18.52 41.52
N ILE I 240 5.36 17.41 42.22
CA ILE I 240 5.95 16.19 41.69
C ILE I 240 5.05 15.05 42.12
N TYR I 241 4.49 14.35 41.15
CA TYR I 241 3.54 13.29 41.44
C TYR I 241 3.92 12.03 40.69
N TYR I 242 3.57 10.90 41.27
CA TYR I 242 3.93 9.60 40.72
C TYR I 242 3.06 8.56 41.39
N LYS I 243 3.21 7.31 40.95
CA LYS I 243 2.46 6.19 41.51
C LYS I 243 3.38 5.19 42.19
N ARG I 244 4.43 4.74 41.51
CA ARG I 244 5.35 3.78 42.08
C ARG I 244 6.09 4.40 43.27
N GLU I 245 5.92 3.83 44.45
CA GLU I 245 6.49 4.43 45.65
C GLU I 245 8.01 4.48 45.59
N ASP I 246 8.64 3.41 45.10
CA ASP I 246 10.09 3.35 45.19
C ASP I 246 10.69 4.19 44.07
N VAL I 247 10.18 5.41 43.93
CA VAL I 247 10.80 6.45 43.14
C VAL I 247 10.86 7.76 43.90
N GLY I 248 10.28 7.82 45.09
CA GLY I 248 10.33 9.04 45.88
C GLY I 248 11.67 9.26 46.56
N LYS I 249 12.40 8.19 46.84
CA LYS I 249 13.70 8.33 47.47
C LYS I 249 14.67 9.19 46.66
N PRO I 250 14.90 8.93 45.36
CA PRO I 250 15.84 9.79 44.63
C PRO I 250 15.38 11.23 44.54
N ILE I 251 14.10 11.43 44.22
CA ILE I 251 13.54 12.79 44.16
C ILE I 251 13.82 13.53 45.47
N CYS I 252 13.39 12.95 46.59
CA CYS I 252 13.71 13.48 47.91
C CYS I 252 15.16 13.92 48.01
N ASP I 253 16.09 13.05 47.60
CA ASP I 253 17.50 13.37 47.75
C ASP I 253 17.92 14.45 46.77
N SER I 254 17.38 14.42 45.56
CA SER I 254 17.91 15.26 44.49
C SER I 254 17.53 16.72 44.66
N MET I 255 16.38 16.99 45.27
CA MET I 255 15.88 18.37 45.28
C MET I 255 16.78 19.33 46.05
N PRO I 256 17.16 19.05 47.31
CA PRO I 256 17.93 20.08 48.04
C PRO I 256 19.23 20.45 47.37
N ILE I 257 19.89 19.51 46.70
CA ILE I 257 21.21 19.79 46.15
C ILE I 257 21.10 20.61 44.87
N ILE I 258 20.30 20.14 43.91
CA ILE I 258 20.34 20.73 42.58
C ILE I 258 19.92 22.19 42.56
N LEU I 259 19.20 22.65 43.58
CA LEU I 259 18.78 24.04 43.59
C LEU I 259 19.89 24.96 44.06
N ILE I 260 20.81 24.47 44.89
CA ILE I 260 21.94 25.29 45.28
C ILE I 260 22.72 25.72 44.05
N ARG I 261 23.10 24.75 43.22
CA ARG I 261 23.57 25.04 41.88
C ARG I 261 22.42 25.60 41.05
N GLY I 262 22.76 26.24 39.94
CA GLY I 262 21.79 27.03 39.21
C GLY I 262 20.61 26.22 38.72
N LEU I 263 19.57 26.96 38.34
CA LEU I 263 18.34 26.37 37.82
C LEU I 263 17.85 27.02 36.55
N GLY I 264 18.35 28.20 36.20
CA GLY I 264 18.00 28.82 34.94
C GLY I 264 19.20 29.07 34.07
N ALA I 265 19.35 30.30 33.59
CA ALA I 265 20.46 30.67 32.73
C ALA I 265 21.59 31.31 33.52
N ARG I 266 22.76 31.33 32.90
CA ARG I 266 24.03 31.86 33.40
C ARG I 266 24.22 31.68 34.89
N SER I 267 24.09 30.44 35.35
CA SER I 267 24.47 30.09 36.71
C SER I 267 25.98 30.09 36.91
N SER I 268 26.75 30.02 35.84
CA SER I 268 28.21 30.05 35.97
C SER I 268 28.70 31.32 36.64
N VAL I 269 27.92 32.39 36.57
CA VAL I 269 28.28 33.64 37.23
C VAL I 269 27.25 33.91 38.32
N GLY I 270 26.69 32.84 38.89
CA GLY I 270 25.87 32.92 40.08
C GLY I 270 24.59 33.69 39.98
N TYR I 271 23.80 33.47 38.92
CA TYR I 271 22.55 34.17 38.76
C TYR I 271 21.36 33.38 39.30
N SER I 272 21.10 32.20 38.76
CA SER I 272 19.83 31.53 39.00
C SER I 272 19.96 30.49 40.11
N LEU I 273 20.28 30.97 41.30
CA LEU I 273 20.44 30.09 42.45
C LEU I 273 19.18 30.13 43.30
N PHE I 274 18.84 28.99 43.89
CA PHE I 274 17.60 28.82 44.62
C PHE I 274 17.86 28.15 45.95
N GLU I 275 17.00 28.43 46.91
CA GLU I 275 16.98 27.70 48.17
C GLU I 275 15.74 26.83 48.23
N LEU I 276 15.89 25.68 48.89
CA LEU I 276 14.75 24.80 49.11
C LEU I 276 13.98 25.31 50.32
N ARG I 277 12.79 25.84 50.09
CA ARG I 277 12.00 26.40 51.19
C ARG I 277 11.23 25.31 51.92
N LYS I 278 10.55 24.44 51.18
CA LYS I 278 9.78 23.37 51.81
C LYS I 278 9.61 22.21 50.85
N ILE I 279 9.42 21.03 51.43
CA ILE I 279 9.07 19.82 50.69
C ILE I 279 8.10 19.03 51.55
N GLU I 280 6.88 18.86 51.05
CA GLU I 280 5.88 18.02 51.69
C GLU I 280 5.58 16.83 50.80
N VAL I 281 5.41 15.66 51.41
CA VAL I 281 5.10 14.43 50.69
C VAL I 281 3.77 13.91 51.19
N ILE I 282 2.90 13.54 50.28
CA ILE I 282 1.56 13.05 50.60
C ILE I 282 1.41 11.68 49.96
N LYS I 283 1.57 10.62 50.75
CA LYS I 283 1.44 9.27 50.24
C LYS I 283 -0.03 8.91 50.04
N ALA I 284 -0.36 8.39 48.87
CA ALA I 284 -1.72 7.97 48.59
C ALA I 284 -2.13 6.81 49.49
N ALA I 285 -3.05 7.07 50.42
CA ALA I 285 -3.45 6.06 51.39
C ALA I 285 -4.80 5.43 51.05
N GLU J 2 30.03 21.72 40.73
CA GLU J 2 30.03 20.31 41.08
C GLU J 2 30.75 20.07 42.40
N GLU J 3 31.82 20.84 42.65
CA GLU J 3 32.46 20.79 43.95
C GLU J 3 33.20 22.11 44.19
N LEU J 4 33.16 22.58 45.42
CA LEU J 4 33.85 23.82 45.77
C LEU J 4 35.35 23.63 45.63
N LEU J 5 36.00 24.49 44.85
CA LEU J 5 37.42 24.38 44.60
C LEU J 5 38.24 25.19 45.59
N MET J 6 37.99 26.49 45.65
CA MET J 6 38.68 27.36 46.59
C MET J 6 37.73 28.43 47.05
N SER J 7 38.15 29.19 48.06
CA SER J 7 37.31 30.23 48.63
C SER J 7 38.22 31.38 49.02
N LEU J 8 37.94 32.57 48.51
CA LEU J 8 38.81 33.74 48.69
C LEU J 8 38.02 34.86 49.33
N LYS J 9 38.35 35.18 50.58
CA LYS J 9 37.81 36.38 51.20
C LYS J 9 38.62 37.57 50.70
N LEU J 10 38.00 38.41 49.90
CA LEU J 10 38.67 39.56 49.31
C LEU J 10 38.17 40.84 49.96
N LYS J 11 38.78 41.94 49.57
CA LYS J 11 38.39 43.24 50.09
C LYS J 11 38.68 44.27 49.02
N ALA J 12 37.66 45.03 48.62
CA ALA J 12 37.81 46.08 47.65
C ALA J 12 37.68 47.43 48.36
N LEU J 13 38.50 48.39 47.96
CA LEU J 13 38.46 49.73 48.54
C LEU J 13 37.88 50.68 47.51
N TYR J 14 36.87 51.45 47.94
CA TYR J 14 36.11 52.37 47.10
C TYR J 14 35.75 51.76 45.75
N PRO J 15 34.99 50.66 45.74
CA PRO J 15 34.56 50.10 44.47
C PRO J 15 33.54 51.01 43.81
N LEU J 16 33.64 51.14 42.49
CA LEU J 16 32.72 51.95 41.73
C LEU J 16 31.90 51.05 40.82
N THR J 17 31.43 49.94 41.37
CA THR J 17 30.61 49.01 40.62
C THR J 17 29.39 49.70 40.05
N GLY J 18 29.06 49.39 38.81
CA GLY J 18 27.90 49.94 38.15
C GLY J 18 26.93 48.84 37.76
N GLY J 19 25.64 49.14 37.88
CA GLY J 19 24.62 48.22 37.44
C GLY J 19 23.94 48.74 36.19
N TYR J 20 22.64 48.48 36.04
CA TYR J 20 21.96 48.92 34.83
C TYR J 20 21.87 50.44 34.75
N ASN J 21 21.89 51.13 35.88
CA ASN J 21 21.90 52.59 35.92
C ASN J 21 23.29 53.15 36.09
N ARG J 22 24.32 52.31 35.98
CA ARG J 22 25.73 52.69 36.15
C ARG J 22 26.06 53.07 37.59
N HIS J 23 25.35 52.50 38.56
CA HIS J 23 25.62 52.74 39.97
C HIS J 23 25.57 51.42 40.73
N SER J 24 26.14 51.43 41.93
CA SER J 24 26.14 50.25 42.76
C SER J 24 24.81 50.02 43.46
N ILE J 25 23.86 50.94 43.33
CA ILE J 25 22.57 50.82 43.97
C ILE J 25 21.51 51.38 43.03
N ASN J 26 20.29 50.89 43.18
CA ASN J 26 19.19 51.30 42.32
C ASN J 26 17.91 51.14 43.11
N PRO J 27 16.77 51.61 42.56
CA PRO J 27 15.50 51.46 43.28
C PRO J 27 15.13 50.04 43.69
N PHE J 28 15.83 49.03 43.19
CA PHE J 28 15.39 47.66 43.39
C PHE J 28 16.33 46.83 44.23
N TYR J 29 17.64 46.97 44.05
CA TYR J 29 18.59 46.23 44.86
C TYR J 29 19.89 47.00 44.93
N GLU J 30 20.76 46.56 45.84
CA GLU J 30 22.12 47.05 45.92
C GLU J 30 23.07 45.92 45.54
N GLU J 31 24.07 46.23 44.74
CA GLU J 31 25.03 45.21 44.32
C GLU J 31 26.40 45.87 44.23
N LEU J 32 27.23 45.59 45.23
CA LEU J 32 28.56 46.19 45.31
C LEU J 32 29.59 45.42 44.50
N VAL J 33 29.40 44.12 44.32
CA VAL J 33 30.31 43.27 43.57
C VAL J 33 29.49 42.46 42.59
N ARG J 34 29.84 42.55 41.30
CA ARG J 34 29.13 41.81 40.28
C ARG J 34 29.92 40.59 39.87
N PRO J 35 29.42 39.38 40.10
CA PRO J 35 30.17 38.18 39.67
C PRO J 35 30.51 38.16 38.19
N THR J 36 29.64 38.71 37.35
CA THR J 36 29.95 38.81 35.93
C THR J 36 31.17 39.67 35.66
N GLU J 37 31.36 40.73 36.43
CA GLU J 37 32.55 41.54 36.29
C GLU J 37 33.80 40.82 36.75
N ILE J 38 33.68 40.03 37.83
CA ILE J 38 34.81 39.23 38.26
C ILE J 38 35.20 38.22 37.20
N LYS J 39 34.21 37.55 36.60
CA LYS J 39 34.50 36.60 35.54
C LYS J 39 35.14 37.28 34.33
N GLY J 40 34.60 38.42 33.90
CA GLY J 40 35.17 39.11 32.76
C GLY J 40 36.57 39.62 32.99
N LEU J 41 36.83 40.16 34.18
CA LEU J 41 38.17 40.64 34.48
C LEU J 41 39.13 39.48 34.69
N TRP J 42 38.65 38.36 35.22
CA TRP J 42 39.49 37.18 35.30
C TRP J 42 39.93 36.73 33.93
N ARG J 43 39.00 36.69 32.97
CA ARG J 43 39.38 36.32 31.62
C ARG J 43 40.31 37.34 30.97
N TRP J 44 40.09 38.63 31.21
CA TRP J 44 40.96 39.65 30.65
C TRP J 44 42.38 39.55 31.20
N TRP J 45 42.51 39.40 32.52
CA TRP J 45 43.82 39.22 33.12
C TRP J 45 44.46 37.91 32.67
N ASN J 46 43.66 36.88 32.47
CA ASN J 46 44.20 35.62 31.98
C ASN J 46 44.80 35.78 30.59
N ARG J 47 44.12 36.52 29.72
CA ARG J 47 44.69 36.74 28.39
C ARG J 47 45.95 37.59 28.46
N VAL J 48 45.95 38.60 29.33
CA VAL J 48 47.16 39.41 29.51
C VAL J 48 48.32 38.53 29.98
N LEU J 49 48.06 37.67 30.96
CA LEU J 49 49.11 36.82 31.52
C LEU J 49 49.60 35.81 30.49
N PHE J 50 48.70 35.30 29.66
CA PHE J 50 49.10 34.33 28.67
C PHE J 50 49.94 34.97 27.57
N ASN J 51 49.59 36.17 27.12
CA ASN J 51 50.48 36.84 26.17
C ASN J 51 51.80 37.19 26.83
N THR J 52 51.79 37.58 28.10
CA THR J 52 53.03 37.80 28.84
C THR J 52 53.93 36.58 28.75
N LEU J 53 53.40 35.42 29.11
CA LEU J 53 54.16 34.19 29.04
C LEU J 53 54.67 33.95 27.63
N ALA J 54 53.76 33.88 26.66
CA ALA J 54 54.12 33.59 25.28
C ALA J 54 55.18 34.54 24.72
N TYR J 55 55.25 35.75 25.28
CA TYR J 55 56.25 36.69 24.81
C TYR J 55 57.56 36.58 25.57
N SER J 56 57.52 36.09 26.81
CA SER J 56 58.77 35.86 27.54
C SER J 56 59.43 34.54 27.19
N THR J 57 58.81 33.72 26.36
CA THR J 57 59.44 32.49 25.90
C THR J 57 59.58 32.44 24.38
N LYS J 58 58.50 32.71 23.64
CA LYS J 58 58.52 32.58 22.20
C LYS J 58 58.57 33.91 21.46
N GLY J 59 58.42 35.03 22.17
CA GLY J 59 58.32 36.31 21.50
C GLY J 59 57.13 36.42 20.58
N LYS J 60 56.12 35.58 20.76
CA LYS J 60 54.90 35.60 19.96
C LYS J 60 53.74 36.10 20.78
N LEU J 61 52.78 36.71 20.10
CA LEU J 61 51.58 37.27 20.72
C LEU J 61 50.36 36.75 19.99
N TYR J 62 49.39 36.23 20.74
CA TYR J 62 48.22 35.61 20.15
C TYR J 62 46.99 36.48 20.37
N THR J 63 46.07 36.42 19.42
CA THR J 63 44.81 37.15 19.51
C THR J 63 44.03 36.70 20.74
N TYR J 64 43.15 37.59 21.22
CA TYR J 64 42.30 37.23 22.34
C TYR J 64 41.36 36.10 21.97
N GLU J 65 40.85 36.11 20.73
CA GLU J 65 40.01 35.01 20.27
C GLU J 65 40.67 33.67 20.50
N SER J 66 41.92 33.54 20.03
CA SER J 66 42.59 32.26 20.09
C SER J 66 42.92 31.88 21.53
N ILE J 67 43.28 32.86 22.36
CA ILE J 67 43.59 32.55 23.75
C ILE J 67 42.36 32.03 24.46
N ASP J 68 41.22 32.70 24.30
CA ASP J 68 40.01 32.21 24.96
C ASP J 68 39.50 30.93 24.34
N ARG J 69 39.78 30.71 23.05
CA ARG J 69 39.47 29.42 22.44
C ARG J 69 40.32 28.31 23.02
N LEU J 70 41.55 28.62 23.43
CA LEU J 70 42.40 27.65 24.09
C LEU J 70 41.97 27.36 25.51
N PHE J 71 41.45 28.37 26.22
CA PHE J 71 41.03 28.21 27.59
C PHE J 71 39.55 27.91 27.74
N GLU J 72 38.86 27.62 26.64
CA GLU J 72 37.42 27.46 26.70
C GLU J 72 37.03 26.20 27.47
N ASP J 73 38.00 25.40 27.89
CA ASP J 73 37.68 24.26 28.72
C ASP J 73 37.52 24.62 30.18
N VAL J 74 38.08 25.74 30.64
CA VAL J 74 37.85 26.21 32.00
C VAL J 74 36.88 27.38 32.02
N PHE J 75 37.00 28.29 31.07
CA PHE J 75 36.18 29.50 31.06
C PHE J 75 34.94 29.37 30.21
N GLY J 76 34.80 28.29 29.45
CA GLY J 76 33.63 28.09 28.62
C GLY J 76 33.54 29.00 27.43
N SER J 77 32.74 28.63 26.44
CA SER J 77 32.51 29.46 25.28
C SER J 77 31.12 29.16 24.76
N GLU J 78 30.82 29.62 23.55
CA GLU J 78 29.55 29.30 22.94
C GLU J 78 29.40 27.81 22.68
N ASN J 79 30.49 27.04 22.72
CA ASN J 79 30.45 25.62 22.44
C ASN J 79 30.59 24.76 23.70
N LYS J 80 30.86 25.36 24.84
CA LYS J 80 31.09 24.57 26.03
C LYS J 80 30.79 25.41 27.26
N LYS J 81 30.13 24.83 28.24
CA LYS J 81 29.81 25.54 29.47
C LYS J 81 31.06 25.65 30.32
N SER J 82 31.24 26.82 30.94
CA SER J 82 32.39 27.04 31.79
C SER J 82 32.48 25.98 32.87
N ALA J 83 33.69 25.50 33.11
CA ALA J 83 33.92 24.51 34.15
C ALA J 83 34.00 25.13 35.53
N VAL J 84 34.28 26.43 35.61
CA VAL J 84 34.37 27.13 36.88
C VAL J 84 33.10 27.94 37.09
N ARG J 85 32.54 27.88 38.29
CA ARG J 85 31.36 28.65 38.66
C ARG J 85 31.74 29.59 39.80
N LEU J 86 31.61 30.89 39.55
CA LEU J 86 31.91 31.90 40.56
C LEU J 86 30.68 32.19 41.41
N GLU J 87 30.91 32.39 42.71
CA GLU J 87 29.82 32.70 43.64
C GLU J 87 30.29 33.75 44.64
N VAL J 88 29.95 35.00 44.38
CA VAL J 88 30.23 36.07 45.30
C VAL J 88 29.23 36.04 46.46
N ILE J 89 29.73 36.19 47.68
CA ILE J 89 28.90 36.34 48.86
C ILE J 89 29.38 37.59 49.59
N THR J 90 28.77 38.73 49.30
CA THR J 90 29.07 39.96 50.03
C THR J 90 28.32 39.92 51.35
N ASP J 91 29.06 39.88 52.46
CA ASP J 91 28.43 39.91 53.76
C ASP J 91 27.67 41.22 53.96
N GLU J 92 26.52 41.12 54.64
CA GLU J 92 25.49 42.15 54.77
C GLU J 92 24.68 42.31 53.49
N GLY J 93 24.82 41.38 52.54
CA GLY J 93 24.26 41.56 51.22
C GLY J 93 22.78 41.29 51.11
N ASN J 94 22.03 41.57 52.17
CA ASN J 94 20.58 41.38 52.16
C ASN J 94 19.92 42.55 51.44
N ASP J 95 18.60 42.64 51.55
CA ASP J 95 17.84 43.59 50.75
C ASP J 95 18.16 45.03 51.16
N ASN J 96 18.72 45.79 50.22
CA ASN J 96 18.92 47.22 50.39
C ASN J 96 18.72 47.86 49.02
N ARG J 97 18.11 49.03 49.00
CA ARG J 97 17.84 49.71 47.74
C ARG J 97 17.67 51.19 48.02
N PHE J 98 17.78 51.97 46.95
CA PHE J 98 17.65 53.41 47.06
C PHE J 98 16.18 53.79 47.11
N GLU J 99 15.76 54.43 48.20
CA GLU J 99 14.39 54.91 48.36
C GLU J 99 14.42 56.40 48.60
N LEU J 100 13.79 57.15 47.70
CA LEU J 100 13.62 58.60 47.88
C LEU J 100 12.27 58.81 48.56
N SER J 101 12.31 58.91 49.89
CA SER J 101 11.07 59.00 50.65
C SER J 101 10.29 60.26 50.30
N TYR J 102 10.98 61.37 50.08
CA TYR J 102 10.35 62.58 49.56
C TYR J 102 11.43 63.57 49.14
N VAL J 103 11.07 64.42 48.20
CA VAL J 103 11.89 65.53 47.76
C VAL J 103 10.99 66.75 47.62
N GLU J 104 11.37 67.84 48.29
CA GLU J 104 10.51 69.02 48.37
C GLU J 104 10.85 69.96 47.21
N LEU J 105 10.38 69.58 46.03
CA LEU J 105 10.23 70.50 44.92
C LEU J 105 8.81 71.08 44.97
N ASP J 106 8.35 71.63 43.85
CA ASP J 106 7.25 72.59 43.68
C ASP J 106 7.75 74.01 43.88
N LYS J 107 9.01 74.21 44.21
CA LYS J 107 9.64 75.51 44.08
C LYS J 107 10.59 75.58 42.89
N VAL J 108 11.28 74.49 42.60
CA VAL J 108 12.10 74.43 41.39
C VAL J 108 11.20 74.46 40.17
N ILE J 109 10.05 73.79 40.25
CA ILE J 109 9.12 73.76 39.13
C ILE J 109 8.62 75.17 38.82
N ASP J 110 8.42 75.97 39.86
CA ASP J 110 7.98 77.35 39.67
C ASP J 110 8.95 78.11 38.78
N CYS J 111 10.21 78.16 39.17
CA CYS J 111 11.21 78.94 38.44
C CYS J 111 11.63 78.28 37.13
N LEU J 112 10.96 77.22 36.70
CA LEU J 112 11.32 76.53 35.48
C LEU J 112 10.38 76.78 34.32
N ARG J 113 9.10 77.03 34.57
CA ARG J 113 8.11 77.03 33.52
C ARG J 113 8.40 78.10 32.46
N ASN J 114 7.86 77.87 31.27
CA ASN J 114 7.94 78.78 30.13
C ASN J 114 9.36 79.00 29.64
N TYR J 115 10.35 78.30 30.18
CA TYR J 115 11.74 78.55 29.88
C TYR J 115 12.42 77.29 29.36
N LYS J 116 13.67 77.46 28.93
CA LYS J 116 14.56 76.36 28.57
C LYS J 116 15.84 76.56 29.37
N ARG J 117 15.96 75.84 30.48
CA ARG J 117 17.07 76.00 31.40
C ARG J 117 17.72 74.66 31.69
N LYS J 118 19.00 74.71 32.04
CA LYS J 118 19.75 73.53 32.47
C LYS J 118 19.78 73.52 33.99
N VAL J 119 19.33 72.42 34.58
CA VAL J 119 19.20 72.29 36.03
C VAL J 119 20.39 71.49 36.52
N SER J 120 21.41 72.18 37.02
CA SER J 120 22.58 71.53 37.57
C SER J 120 22.38 71.26 39.06
N LEU J 121 23.08 70.25 39.57
CA LEU J 121 23.04 69.92 40.98
C LEU J 121 24.44 70.01 41.58
N ASP J 122 24.46 70.06 42.91
CA ASP J 122 25.70 70.04 43.66
C ASP J 122 25.35 69.66 45.09
N PHE J 123 26.12 68.75 45.66
CA PHE J 123 25.76 68.11 46.91
C PHE J 123 26.73 68.43 48.03
N ILE J 124 27.80 69.17 47.75
CA ILE J 124 28.65 69.74 48.78
C ILE J 124 27.82 70.83 49.44
N ASP J 125 28.28 71.36 50.58
CA ASP J 125 27.56 72.25 51.50
C ASP J 125 26.64 71.43 52.39
N ASN J 126 26.65 70.11 52.28
CA ASN J 126 25.86 69.15 53.04
C ASN J 126 24.37 69.27 52.76
N THR J 127 23.96 70.20 51.90
CA THR J 127 22.57 70.32 51.50
C THR J 127 22.50 70.37 49.99
N LEU J 128 21.57 69.62 49.43
CA LEU J 128 21.44 69.55 47.98
C LEU J 128 20.91 70.86 47.45
N ILE J 129 21.70 71.55 46.64
CA ILE J 129 21.24 72.74 45.95
C ILE J 129 20.94 72.35 44.52
N ALA J 130 20.08 73.13 43.87
CA ALA J 130 19.72 72.93 42.49
C ALA J 130 20.04 74.23 41.77
N GLU J 131 21.26 74.34 41.27
CA GLU J 131 21.61 75.47 40.44
C GLU J 131 20.79 75.45 39.16
N ILE J 132 20.45 76.65 38.68
CA ILE J 132 19.81 76.82 37.37
C ILE J 132 20.63 77.83 36.60
N GLU J 133 21.07 77.46 35.39
CA GLU J 133 21.86 78.37 34.59
C GLU J 133 21.11 79.66 34.26
N GLY J 134 19.80 79.70 34.50
CA GLY J 134 19.03 80.92 34.44
C GLY J 134 19.17 81.73 35.72
N SER J 135 20.33 81.57 36.37
CA SER J 135 20.76 82.41 37.47
C SER J 135 19.80 82.33 38.66
N THR J 136 19.72 81.14 39.23
CA THR J 136 19.14 80.97 40.56
C THR J 136 19.63 79.65 41.12
N LYS J 137 19.81 79.59 42.44
CA LYS J 137 20.35 78.42 43.12
C LYS J 137 19.45 78.13 44.32
N ILE J 138 18.45 77.29 44.11
CA ILE J 138 17.50 76.93 45.17
C ILE J 138 18.07 75.76 45.96
N PRO J 139 18.19 75.88 47.29
CA PRO J 139 18.55 74.72 48.10
C PRO J 139 17.38 73.77 48.22
N ILE J 140 17.63 72.49 47.97
CA ILE J 140 16.59 71.47 47.92
C ILE J 140 16.61 70.70 49.24
N SER J 141 15.43 70.52 49.83
CA SER J 141 15.26 69.63 50.97
C SER J 141 14.79 68.28 50.48
N PHE J 142 15.33 67.22 51.06
CA PHE J 142 15.02 65.87 50.62
C PHE J 142 15.34 64.91 51.74
N LYS J 143 14.73 63.74 51.67
CA LYS J 143 15.11 62.63 52.53
C LYS J 143 15.27 61.39 51.69
N SER J 144 16.42 60.74 51.80
CA SER J 144 16.71 59.52 51.08
C SER J 144 16.93 58.39 52.08
N ASN J 145 17.26 57.23 51.55
CA ASN J 145 17.57 56.06 52.36
C ASN J 145 19.06 55.90 52.57
N LEU J 146 19.89 56.43 51.68
CA LEU J 146 21.33 56.30 51.79
C LEU J 146 21.87 57.53 52.50
N ASP J 147 22.77 57.31 53.46
CA ASP J 147 23.32 58.38 54.27
C ASP J 147 24.74 58.64 53.79
N ILE J 148 24.90 59.64 52.92
CA ILE J 148 26.21 59.99 52.40
C ILE J 148 27.06 60.51 53.55
N ASP J 149 28.08 59.76 53.93
CA ASP J 149 28.80 59.81 55.20
C ASP J 149 29.58 61.07 55.42
N LYS J 150 29.51 62.10 54.57
CA LYS J 150 30.23 63.36 54.76
C LYS J 150 31.72 63.17 54.51
N ILE J 151 32.15 61.93 54.38
CA ILE J 151 33.47 61.62 53.84
C ILE J 151 33.37 61.35 52.35
N ILE J 152 32.24 60.81 51.89
CA ILE J 152 32.08 60.52 50.48
C ILE J 152 31.91 61.80 49.69
N LYS J 153 31.18 62.78 50.23
CA LYS J 153 31.05 64.05 49.55
C LYS J 153 32.42 64.67 49.30
N ASP J 154 33.30 64.60 50.29
CA ASP J 154 34.63 65.17 50.14
C ASP J 154 35.48 64.33 49.19
N LEU J 155 35.37 62.99 49.28
CA LEU J 155 36.11 62.14 48.36
C LEU J 155 35.72 62.41 46.92
N VAL J 156 34.46 62.74 46.68
CA VAL J 156 34.04 63.04 45.31
C VAL J 156 34.40 64.47 44.93
N HIS J 157 34.33 65.41 45.86
CA HIS J 157 34.62 66.80 45.52
C HIS J 157 36.11 67.05 45.34
N ASN J 158 36.95 66.25 45.98
CA ASN J 158 38.40 66.43 45.88
C ASN J 158 38.97 65.68 44.68
N ASN J 159 38.57 64.44 44.48
CA ASN J 159 39.07 63.64 43.37
C ASN J 159 38.60 64.24 42.05
N LYS J 160 39.53 64.81 41.28
CA LYS J 160 39.16 65.48 40.04
C LYS J 160 38.64 64.50 38.99
N LEU J 161 38.94 63.21 39.13
CA LEU J 161 38.41 62.22 38.20
C LEU J 161 36.95 61.92 38.51
N LEU J 162 36.63 61.71 39.78
CA LEU J 162 35.24 61.46 40.17
C LEU J 162 34.34 62.62 39.80
N SER J 163 34.68 63.82 40.27
CA SER J 163 33.91 65.01 39.93
C SER J 163 33.84 65.25 38.43
N PHE J 164 34.68 64.58 37.64
CA PHE J 164 34.58 64.71 36.20
C PHE J 164 33.53 63.74 35.64
N GLU J 165 33.60 62.48 36.04
CA GLU J 165 32.59 61.53 35.62
C GLU J 165 31.25 61.77 36.30
N LEU J 166 31.17 62.77 37.18
CA LEU J 166 29.92 63.17 37.80
C LEU J 166 29.13 64.16 36.94
N LEU J 167 29.74 64.73 35.92
CA LEU J 167 29.02 65.63 35.02
C LEU J 167 27.84 64.93 34.37
N GLY J 168 27.94 63.64 34.09
CA GLY J 168 26.88 62.94 33.41
C GLY J 168 25.67 62.62 34.27
N PHE J 169 25.83 62.67 35.59
CA PHE J 169 24.76 62.32 36.52
C PHE J 169 24.25 63.55 37.26
N LYS J 170 24.36 64.72 36.66
CA LYS J 170 24.22 65.96 37.41
C LYS J 170 23.21 66.94 36.84
N SER J 171 22.84 66.85 35.57
CA SER J 171 22.10 67.92 34.92
C SER J 171 21.07 67.36 33.96
N VAL J 172 20.07 68.19 33.69
CA VAL J 172 19.13 68.00 32.60
C VAL J 172 18.82 69.37 32.03
N GLU J 173 18.60 69.44 30.72
CA GLU J 173 18.24 70.68 30.05
C GLU J 173 16.73 70.64 29.83
N ILE J 174 16.00 71.19 30.80
CA ILE J 174 14.55 71.13 30.78
C ILE J 174 14.00 72.23 29.89
N ASP J 175 13.07 71.88 29.02
CA ASP J 175 12.45 72.83 28.09
C ASP J 175 10.97 72.90 28.44
N ALA J 176 10.56 74.00 29.07
CA ALA J 176 9.18 74.20 29.44
C ALA J 176 8.49 75.27 28.58
N THR J 177 9.12 75.68 27.49
CA THR J 177 8.52 76.68 26.60
C THR J 177 7.15 76.24 26.13
N LYS J 178 7.06 75.04 25.56
CA LYS J 178 5.80 74.48 25.09
C LYS J 178 5.02 73.96 26.29
N ILE J 179 3.92 73.24 26.02
CA ILE J 179 3.05 72.73 27.06
C ILE J 179 3.85 71.90 28.05
N SER J 180 3.85 72.32 29.32
CA SER J 180 4.68 71.70 30.34
C SER J 180 3.92 71.76 31.65
N ASP J 181 3.28 70.65 32.02
CA ASP J 181 2.61 70.58 33.31
C ASP J 181 3.66 70.55 34.42
N LYS J 182 3.17 70.58 35.66
CA LYS J 182 4.05 70.53 36.82
C LYS J 182 4.41 69.10 37.21
N LYS J 183 3.51 68.15 36.99
CA LYS J 183 3.73 66.78 37.46
C LYS J 183 4.89 66.12 36.73
N ILE J 184 4.95 66.24 35.41
CA ILE J 184 5.99 65.54 34.67
C ILE J 184 7.34 66.21 34.89
N LEU J 185 7.35 67.53 35.11
CA LEU J 185 8.59 68.16 35.55
C LEU J 185 9.01 67.65 36.91
N LYS J 186 8.04 67.36 37.77
CA LYS J 186 8.36 66.78 39.07
C LYS J 186 9.03 65.43 38.91
N GLU J 187 8.48 64.57 38.05
CA GLU J 187 9.11 63.27 37.85
C GLU J 187 10.47 63.39 37.19
N ILE J 188 10.62 64.33 36.25
CA ILE J 188 11.93 64.56 35.62
C ILE J 188 12.97 64.90 36.68
N LEU J 189 12.68 65.91 37.50
CA LEU J 189 13.65 66.33 38.50
C LEU J 189 13.83 65.25 39.56
N ARG J 190 12.79 64.47 39.83
CA ARG J 190 12.91 63.40 40.81
C ARG J 190 13.87 62.33 40.32
N ASP J 191 13.76 61.92 39.05
CA ASP J 191 14.69 60.93 38.54
C ASP J 191 16.10 61.50 38.43
N LEU J 192 16.22 62.79 38.09
CA LEU J 192 17.54 63.41 38.08
C LEU J 192 18.18 63.37 39.46
N ILE J 193 17.40 63.63 40.50
CA ILE J 193 17.93 63.60 41.85
C ILE J 193 18.29 62.17 42.26
N THR J 194 17.47 61.19 41.87
CA THR J 194 17.82 59.80 42.17
C THR J 194 19.14 59.43 41.49
N ASN J 195 19.25 59.78 40.20
CA ASN J 195 20.44 59.47 39.44
C ASN J 195 21.68 60.17 40.02
N TYR J 196 21.50 61.34 40.62
CA TYR J 196 22.62 62.04 41.22
C TYR J 196 22.99 61.46 42.58
N LEU J 197 21.99 61.11 43.39
CA LEU J 197 22.25 60.64 44.73
C LEU J 197 22.78 59.21 44.77
N GLU J 198 22.36 58.37 43.82
CA GLU J 198 22.86 57.00 43.79
C GLU J 198 24.36 56.95 43.55
N TYR J 199 24.89 57.95 42.84
CA TYR J 199 26.33 58.01 42.58
C TYR J 199 27.15 58.06 43.85
N PHE J 200 26.58 58.55 44.95
CA PHE J 200 27.31 58.71 46.20
C PHE J 200 27.18 57.50 47.12
N ASN J 201 26.75 56.36 46.59
CA ASN J 201 26.69 55.14 47.38
C ASN J 201 28.05 54.52 47.61
N ILE J 202 29.12 55.22 47.22
CA ILE J 202 30.49 54.75 47.38
C ILE J 202 30.74 54.39 48.83
N LYS J 203 31.04 53.13 49.09
CA LYS J 203 31.52 52.67 50.38
C LYS J 203 33.02 52.45 50.33
N GLN J 204 33.66 52.56 51.48
CA GLN J 204 35.04 52.12 51.64
C GLN J 204 35.03 50.71 52.21
N GLU J 205 35.99 49.90 51.77
CA GLU J 205 36.18 48.55 52.28
C GLU J 205 34.90 47.72 52.12
N VAL J 206 34.60 47.41 50.86
CA VAL J 206 33.65 46.34 50.58
C VAL J 206 34.39 45.02 50.73
N THR J 207 33.78 44.07 51.44
CA THR J 207 34.39 42.79 51.74
C THR J 207 33.48 41.68 51.27
N PHE J 208 33.98 40.80 50.41
CA PHE J 208 33.18 39.72 49.88
C PHE J 208 33.99 38.43 49.86
N THR J 209 33.28 37.32 49.75
CA THR J 209 33.87 35.99 49.64
C THR J 209 33.61 35.47 48.24
N LEU J 210 34.67 35.14 47.53
CA LEU J 210 34.57 34.62 46.17
C LEU J 210 34.79 33.11 46.23
N ASN J 211 33.70 32.36 46.13
CA ASN J 211 33.82 30.92 45.98
C ASN J 211 34.04 30.56 44.53
N ILE J 212 34.76 29.48 44.31
CA ILE J 212 34.99 28.95 42.97
C ILE J 212 34.63 27.48 42.99
N TYR J 213 33.67 27.10 42.16
CA TYR J 213 33.27 25.72 42.05
C TYR J 213 33.81 25.15 40.75
N LEU J 214 34.01 23.84 40.73
CA LEU J 214 34.65 23.19 39.60
C LEU J 214 33.80 22.01 39.17
N ASP J 215 33.55 21.92 37.88
CA ASP J 215 32.88 20.75 37.30
C ASP J 215 33.94 19.70 37.02
N LYS J 216 33.93 18.62 37.79
CA LYS J 216 34.87 17.54 37.55
C LYS J 216 34.47 16.69 36.35
N SER J 217 33.16 16.61 36.07
CA SER J 217 32.68 15.81 34.95
C SER J 217 33.40 16.17 33.66
N ARG J 218 33.70 17.44 33.45
CA ARG J 218 34.54 17.86 32.32
C ARG J 218 35.95 17.34 32.57
N GLU J 219 36.31 16.28 31.86
CA GLU J 219 37.48 15.49 32.23
C GLU J 219 38.77 16.21 31.85
N HIS J 220 39.89 15.53 32.13
CA HIS J 220 41.19 15.97 31.67
C HIS J 220 41.30 15.68 30.18
N LYS J 221 40.55 16.43 29.37
CA LYS J 221 40.40 16.12 27.96
C LYS J 221 41.75 16.04 27.27
N GLN J 222 42.46 17.18 27.19
CA GLN J 222 43.84 17.14 26.73
C GLN J 222 44.78 17.70 27.79
N ASN J 223 44.56 18.93 28.20
CA ASN J 223 45.43 19.64 29.13
C ASN J 223 44.64 20.42 30.17
N PHE J 224 43.60 19.80 30.73
CA PHE J 224 42.70 20.54 31.59
C PHE J 224 43.39 20.99 32.87
N GLU J 225 44.18 20.11 33.49
CA GLU J 225 44.73 20.43 34.80
C GLU J 225 45.69 21.61 34.74
N ASP J 226 46.56 21.64 33.74
CA ASP J 226 47.49 22.75 33.59
C ASP J 226 46.82 24.03 33.12
N LYS J 227 45.84 23.95 32.22
CA LYS J 227 45.02 25.11 31.90
C LYS J 227 44.38 25.69 33.15
N LEU J 228 43.84 24.82 34.01
CA LEU J 228 43.18 25.27 35.22
C LEU J 228 44.18 25.92 36.17
N LYS J 229 45.36 25.33 36.32
CA LYS J 229 46.36 25.91 37.19
C LYS J 229 46.78 27.29 36.68
N PHE J 230 46.97 27.41 35.37
CA PHE J 230 47.30 28.70 34.79
C PHE J 230 46.18 29.71 35.04
N ALA J 231 44.94 29.26 34.95
CA ALA J 231 43.81 30.15 35.18
C ALA J 231 43.76 30.61 36.63
N LEU J 232 44.06 29.70 37.56
CA LEU J 232 44.13 30.09 38.96
C LEU J 232 45.25 31.07 39.24
N TYR J 233 46.39 30.89 38.57
CA TYR J 233 47.45 31.89 38.67
C TYR J 233 46.99 33.23 38.11
N SER J 234 46.26 33.21 37.00
CA SER J 234 45.74 34.43 36.43
C SER J 234 44.77 35.11 37.38
N LEU J 235 43.99 34.32 38.10
CA LEU J 235 43.08 34.87 39.10
C LEU J 235 43.85 35.53 40.23
N LEU J 236 44.93 34.89 40.68
CA LEU J 236 45.78 35.51 41.70
C LEU J 236 46.39 36.81 41.19
N VAL J 237 46.85 36.82 39.94
CA VAL J 237 47.45 38.02 39.37
C VAL J 237 46.40 39.12 39.24
N PHE J 238 45.17 38.74 38.94
CA PHE J 238 44.06 39.70 38.94
C PHE J 238 43.83 40.29 40.33
N ILE J 239 43.79 39.44 41.35
CA ILE J 239 43.58 39.94 42.69
C ILE J 239 44.74 40.81 43.15
N LEU J 240 45.93 40.59 42.61
CA LEU J 240 47.11 41.34 43.05
C LEU J 240 47.33 42.62 42.28
N LEU J 241 47.03 42.65 40.99
CA LEU J 241 47.34 43.79 40.14
C LEU J 241 46.14 44.60 39.72
N GLY J 242 44.93 44.05 39.83
CA GLY J 242 43.74 44.71 39.32
C GLY J 242 42.70 44.91 40.40
N GLY J 243 41.62 45.58 40.00
CA GLY J 243 40.48 45.78 40.87
C GLY J 243 39.18 45.49 40.12
N ILE J 244 38.09 45.63 40.85
CA ILE J 244 36.76 45.41 40.29
C ILE J 244 36.07 46.74 40.13
N GLY J 245 35.18 46.81 39.16
CA GLY J 245 34.36 47.98 38.97
C GLY J 245 34.98 48.99 38.02
N ARG J 246 34.57 50.23 38.20
CA ARG J 246 34.91 51.32 37.31
C ARG J 246 36.24 51.94 37.70
N LYS J 247 36.99 52.39 36.69
CA LYS J 247 38.26 53.09 36.86
C LYS J 247 39.18 52.36 37.83
N THR J 248 39.38 51.06 37.58
CA THR J 248 40.37 50.32 38.34
C THR J 248 41.78 50.70 37.93
N SER J 249 41.94 51.31 36.76
CA SER J 249 43.23 51.81 36.32
C SER J 249 43.70 53.01 37.12
N ARG J 250 42.87 53.53 38.03
CA ARG J 250 43.21 54.70 38.82
C ARG J 250 43.03 54.43 40.30
N GLY J 251 43.14 53.17 40.71
CA GLY J 251 43.19 52.81 42.10
C GLY J 251 41.86 52.42 42.71
N PHE J 252 40.75 52.83 42.11
CA PHE J 252 39.45 52.50 42.66
C PHE J 252 39.16 51.01 42.50
N GLY J 253 38.41 50.47 43.45
CA GLY J 253 38.07 49.07 43.39
C GLY J 253 39.24 48.13 43.61
N SER J 254 40.38 48.64 44.06
CA SER J 254 41.56 47.81 44.27
C SER J 254 41.25 46.66 45.20
N LEU J 255 41.71 45.47 44.84
CA LEU J 255 41.45 44.26 45.59
C LEU J 255 42.59 43.96 46.55
N SER J 256 42.28 43.16 47.56
CA SER J 256 43.27 42.74 48.54
C SER J 256 42.81 41.45 49.18
N ILE J 257 43.75 40.53 49.34
CA ILE J 257 43.45 39.22 49.90
C ILE J 257 43.30 39.32 51.41
N ILE J 258 42.33 38.61 51.95
CA ILE J 258 42.16 38.46 53.39
C ILE J 258 42.33 37.01 53.84
N ASP J 259 41.84 36.07 53.05
CA ASP J 259 41.95 34.66 53.39
C ASP J 259 41.68 33.77 52.19
N VAL J 260 42.55 32.80 51.95
CA VAL J 260 42.38 31.82 50.90
C VAL J 260 42.30 30.45 51.55
N LYS J 261 41.42 29.59 51.03
CA LYS J 261 41.28 28.24 51.55
C LYS J 261 41.07 27.30 50.38
N CYS J 262 42.05 26.43 50.13
CA CYS J 262 41.88 25.39 49.14
C CYS J 262 40.97 24.30 49.66
N TYR J 263 40.38 23.57 48.72
CA TYR J 263 39.59 22.39 49.04
C TYR J 263 39.94 21.22 48.15
N ASP J 264 40.82 21.42 47.17
CA ASP J 264 41.37 20.36 46.33
C ASP J 264 42.86 20.65 46.20
N ASN J 265 43.65 20.05 47.09
CA ASN J 265 45.07 20.37 47.15
C ASN J 265 45.76 20.15 45.81
N SER J 266 45.41 19.05 45.13
CA SER J 266 46.10 18.62 43.92
C SER J 266 46.03 19.63 42.78
N ILE J 267 45.19 20.65 42.89
CA ILE J 267 45.02 21.63 41.84
C ILE J 267 45.49 23.02 42.28
N CYS J 268 45.18 23.39 43.51
CA CYS J 268 45.37 24.77 43.95
C CYS J 268 46.31 24.95 45.12
N LYS J 269 46.91 23.88 45.66
CA LYS J 269 47.70 24.02 46.87
C LYS J 269 48.99 24.77 46.60
N LYS J 270 49.22 25.19 45.35
CA LYS J 270 50.30 26.10 45.03
C LYS J 270 49.78 27.51 44.78
N ILE J 271 48.49 27.75 45.02
CA ILE J 271 47.93 29.08 44.96
C ILE J 271 47.56 29.47 46.38
N GLU J 272 47.10 28.49 47.15
CA GLU J 272 46.76 28.74 48.55
C GLU J 272 47.92 29.43 49.28
N ASP J 273 49.08 28.79 49.30
CA ASP J 273 50.24 29.36 49.99
C ASP J 273 50.76 30.60 49.27
N LEU J 274 50.73 30.58 47.94
CA LEU J 274 51.28 31.71 47.20
C LEU J 274 50.44 32.96 47.40
N ALA J 275 49.20 32.79 47.88
CA ALA J 275 48.38 33.93 48.28
C ALA J 275 48.51 34.21 49.76
N LYS J 276 48.72 33.18 50.57
CA LYS J 276 49.16 33.39 51.95
C LYS J 276 50.37 34.30 51.99
N ASN J 277 51.13 34.33 50.91
CA ASN J 277 52.32 35.17 50.76
C ASN J 277 51.96 36.65 50.73
N PHE J 278 50.69 36.99 50.95
CA PHE J 278 50.26 38.39 50.90
C PHE J 278 49.41 38.80 52.09
N LEU J 279 49.27 37.95 53.11
CA LEU J 279 48.53 38.35 54.29
C LEU J 279 49.33 39.24 55.23
N LYS J 280 50.61 39.48 54.94
CA LYS J 280 51.44 40.30 55.81
C LYS J 280 52.58 40.85 54.97
N ILE J 281 52.63 42.16 54.81
CA ILE J 281 53.60 42.83 53.94
C ILE J 281 54.25 43.95 54.74
N SER J 282 55.45 43.69 55.27
CA SER J 282 56.08 44.64 56.18
C SER J 282 56.50 45.91 55.46
N SER J 283 57.24 45.78 54.36
CA SER J 283 57.76 46.93 53.65
C SER J 283 57.42 46.83 52.18
N GLY J 284 57.66 47.92 51.46
CA GLY J 284 57.38 47.94 50.04
C GLY J 284 58.27 46.99 49.26
N ASN J 285 59.57 46.97 49.60
CA ASN J 285 60.50 46.12 48.87
C ASN J 285 60.10 44.66 48.96
N GLU J 286 59.64 44.23 50.15
CA GLU J 286 59.14 42.87 50.30
C GLU J 286 58.00 42.60 49.33
N LEU J 287 57.10 43.56 49.16
CA LEU J 287 55.96 43.38 48.28
C LEU J 287 56.40 43.32 46.82
N LYS J 288 57.26 44.25 46.41
CA LYS J 288 57.78 44.20 45.05
C LYS J 288 58.48 42.88 44.79
N SER J 289 59.16 42.34 45.79
CA SER J 289 59.84 41.07 45.62
C SER J 289 58.84 39.94 45.46
N LYS J 290 57.78 39.95 46.27
CA LYS J 290 56.74 38.93 46.16
C LYS J 290 56.09 38.96 44.80
N ILE J 291 55.84 40.17 44.28
CA ILE J 291 55.21 40.32 42.98
C ILE J 291 56.14 39.82 41.87
N GLU J 292 57.42 40.16 41.96
CA GLU J 292 58.35 39.65 40.97
C GLU J 292 58.48 38.14 41.07
N SER J 293 58.36 37.60 42.28
CA SER J 293 58.38 36.16 42.51
C SER J 293 57.24 35.47 41.80
N ILE J 294 56.01 35.90 42.06
CA ILE J 294 54.86 35.32 41.36
C ILE J 294 54.97 35.52 39.86
N LEU J 295 55.41 36.70 39.44
CA LEU J 295 55.49 36.98 38.00
C LEU J 295 56.49 36.05 37.32
N ASP J 296 57.66 35.86 37.92
CA ASP J 296 58.68 35.00 37.34
C ASP J 296 58.26 33.54 37.40
N CYS J 297 57.61 33.13 38.49
CA CYS J 297 57.18 31.75 38.64
C CYS J 297 56.44 31.27 37.40
N ILE J 298 55.43 32.03 36.98
CA ILE J 298 54.68 31.66 35.79
C ILE J 298 55.48 31.86 34.51
N LYS J 299 56.53 32.67 34.54
CA LYS J 299 57.26 32.99 33.32
C LYS J 299 58.12 31.83 32.82
N ASN J 300 58.99 31.27 33.66
CA ASN J 300 59.83 30.18 33.19
C ASN J 300 59.74 28.94 34.07
N SER J 301 59.73 29.15 35.38
CA SER J 301 59.80 28.05 36.33
C SER J 301 58.55 27.20 36.31
N CYS J 302 57.39 27.85 36.19
CA CYS J 302 56.13 27.12 36.27
C CYS J 302 55.78 26.53 34.91
N ILE J 303 54.50 26.24 34.70
CA ILE J 303 54.06 24.97 34.14
C ILE J 303 54.95 24.47 33.01
N ASP J 304 54.81 25.03 31.80
CA ASP J 304 55.78 24.98 30.71
C ASP J 304 55.09 25.45 29.44
N THR J 305 55.75 25.28 28.30
CA THR J 305 55.15 25.48 26.99
C THR J 305 54.21 24.33 26.59
N LEU J 306 53.72 23.55 27.57
CA LEU J 306 53.04 22.29 27.27
C LEU J 306 51.81 22.48 26.39
N TYR J 307 50.96 23.46 26.70
CA TYR J 307 49.76 23.69 25.90
C TYR J 307 49.92 24.80 24.89
N ILE J 308 51.00 25.59 24.97
CA ILE J 308 51.29 26.55 23.91
C ILE J 308 51.73 25.84 22.64
N GLU J 309 52.05 24.55 22.72
CA GLU J 309 52.39 23.78 21.53
C GLU J 309 51.16 23.34 20.74
N ASN J 310 49.98 23.47 21.33
CA ASN J 310 48.76 23.20 20.57
C ASN J 310 48.62 24.23 19.44
N ASN J 311 48.21 23.74 18.28
CA ASN J 311 48.05 24.60 17.10
C ASN J 311 46.64 25.13 16.96
N ILE J 312 46.12 25.74 18.02
CA ILE J 312 44.87 26.47 17.97
C ILE J 312 45.07 27.97 18.14
N LEU J 313 46.20 28.40 18.70
CA LEU J 313 46.48 29.81 18.84
C LEU J 313 46.71 30.45 17.48
N SER J 314 46.79 31.78 17.48
CA SER J 314 46.93 32.54 16.23
C SER J 314 47.72 33.80 16.54
N GLU J 315 48.94 33.87 16.03
CA GLU J 315 49.77 35.06 16.20
C GLU J 315 49.03 36.31 15.73
N ILE J 316 49.24 37.42 16.43
CA ILE J 316 48.54 38.65 16.10
C ILE J 316 49.12 39.27 14.85
N ASP J 317 48.28 39.90 14.06
CA ASP J 317 48.77 40.84 13.08
C ASP J 317 49.31 42.07 13.80
N PRO J 318 50.47 42.58 13.41
CA PRO J 318 51.07 43.68 14.18
C PRO J 318 50.37 45.01 13.98
N LYS J 319 49.82 45.25 12.80
CA LYS J 319 49.27 46.54 12.45
C LYS J 319 47.75 46.60 12.59
N LYS J 320 47.08 45.47 12.76
CA LYS J 320 45.63 45.43 12.88
C LYS J 320 45.16 44.98 14.25
N ASN J 321 46.06 44.61 15.14
CA ASN J 321 45.69 44.11 16.46
C ASN J 321 46.45 44.85 17.54
N VAL J 322 45.89 44.83 18.75
CA VAL J 322 46.51 45.44 19.92
C VAL J 322 46.22 44.56 21.13
N VAL J 323 47.26 43.99 21.71
CA VAL J 323 47.11 43.18 22.91
C VAL J 323 48.06 43.70 23.97
N TYR J 324 47.77 43.37 25.22
CA TYR J 324 48.54 43.85 26.35
C TYR J 324 49.17 42.67 27.08
N PHE J 325 50.28 42.92 27.75
CA PHE J 325 50.96 41.89 28.52
C PHE J 325 51.80 42.56 29.59
N ILE J 326 52.06 41.80 30.64
CA ILE J 326 52.76 42.33 31.81
C ILE J 326 54.25 42.44 31.52
N ASN J 327 54.86 43.51 32.00
CA ASN J 327 56.30 43.70 31.93
C ASN J 327 56.84 43.73 33.35
N SER J 328 57.67 42.75 33.69
CA SER J 328 58.08 42.55 35.07
C SER J 328 58.86 43.73 35.63
N ASP J 329 59.45 44.57 34.78
CA ASP J 329 60.33 45.62 35.28
C ASP J 329 59.56 46.74 35.95
N LEU J 330 58.34 47.02 35.50
CA LEU J 330 57.63 48.26 35.80
C LEU J 330 56.67 48.04 36.96
N PHE J 331 57.20 47.91 38.17
CA PHE J 331 56.37 47.52 39.30
C PHE J 331 56.71 48.31 40.57
N GLU J 332 56.73 49.63 40.46
CA GLU J 332 56.99 50.50 41.60
C GLU J 332 56.01 50.24 42.74
N VAL J 333 56.52 50.31 43.98
CA VAL J 333 55.71 50.13 45.18
C VAL J 333 56.12 51.17 46.21
N LYS J 334 55.14 51.87 46.77
CA LYS J 334 55.38 52.86 47.82
C LYS J 334 54.32 52.71 48.91
N ARG J 335 54.70 53.04 50.13
CA ARG J 335 53.79 52.93 51.26
C ARG J 335 52.83 54.10 51.28
N ILE J 336 51.57 53.82 51.64
CA ILE J 336 50.46 54.73 51.37
C ILE J 336 50.30 55.80 52.44
N ASN J 337 49.95 55.36 53.65
CA ASN J 337 49.72 56.22 54.81
C ASN J 337 48.42 57.03 54.72
N ASP J 338 47.82 57.11 53.53
CA ASP J 338 46.52 57.76 53.34
C ASP J 338 45.92 57.41 51.99
N LYS J 339 44.80 56.70 51.97
CA LYS J 339 44.28 56.19 50.70
C LYS J 339 43.56 57.27 49.89
N GLU J 340 42.73 58.07 50.55
CA GLU J 340 41.93 59.07 49.85
C GLU J 340 42.83 60.07 49.12
N LYS J 341 43.85 60.56 49.82
CA LYS J 341 44.75 61.52 49.19
C LYS J 341 45.52 60.88 48.04
N VAL J 342 45.89 59.61 48.18
CA VAL J 342 46.54 58.91 47.08
C VAL J 342 45.65 58.88 45.85
N LEU J 343 44.40 58.45 46.03
CA LEU J 343 43.47 58.43 44.90
C LEU J 343 43.32 59.81 44.29
N ALA J 344 43.30 60.85 45.11
CA ALA J 344 43.16 62.20 44.57
C ALA J 344 44.40 62.64 43.82
N ASN J 345 45.59 62.16 44.22
CA ASN J 345 46.83 62.54 43.55
C ASN J 345 47.06 61.75 42.26
N ILE J 346 46.37 60.62 42.10
CA ILE J 346 46.47 59.93 40.81
C ILE J 346 46.18 60.89 39.67
N TYR J 347 45.29 61.86 39.89
CA TYR J 347 45.02 62.85 38.85
C TYR J 347 46.23 63.71 38.56
N LYS J 348 46.98 64.09 39.60
CA LYS J 348 48.25 64.77 39.37
C LYS J 348 49.16 63.91 38.52
N ALA J 349 49.08 62.60 38.69
CA ALA J 349 49.94 61.71 37.91
C ALA J 349 49.55 61.69 36.45
N VAL J 350 48.24 61.57 36.16
CA VAL J 350 47.80 61.15 34.84
C VAL J 350 47.20 62.28 34.03
N SER J 351 47.14 63.49 34.56
CA SER J 351 46.56 64.63 33.83
C SER J 351 47.66 65.42 33.15
N SER J 352 47.40 65.86 31.92
CA SER J 352 48.39 66.58 31.14
C SER J 352 48.85 67.85 31.85
N GLU J 353 47.98 68.45 32.65
CA GLU J 353 48.32 69.64 33.43
C GLU J 353 48.35 69.31 34.92
N GLY J 354 48.63 68.05 35.26
CA GLY J 354 48.80 67.68 36.65
C GLY J 354 50.19 68.07 37.14
N CYS J 355 50.24 68.62 38.35
CA CYS J 355 51.52 69.06 38.88
C CYS J 355 52.29 67.91 39.51
N CYS J 356 52.35 66.78 38.83
CA CYS J 356 53.37 65.77 39.05
C CYS J 356 54.05 65.36 37.76
N ILE J 357 53.29 65.17 36.68
CA ILE J 357 53.90 64.89 35.40
C ILE J 357 54.43 66.16 34.76
N LYS J 358 53.87 67.32 35.14
CA LYS J 358 54.49 68.59 34.76
C LYS J 358 55.87 68.72 35.37
N SER J 359 56.05 68.22 36.59
CA SER J 359 57.34 68.28 37.29
C SER J 359 58.21 67.07 37.00
N ILE J 360 57.74 66.14 36.16
CA ILE J 360 58.56 65.01 35.74
C ILE J 360 58.83 65.03 34.24
N ILE J 361 57.99 65.66 33.44
CA ILE J 361 58.18 65.77 32.01
C ILE J 361 57.95 67.21 31.60
N THR J 362 58.78 67.72 30.69
CA THR J 362 58.64 69.06 30.13
C THR J 362 58.42 68.95 28.62
N ASP J 363 58.42 70.12 27.96
CA ASP J 363 58.23 70.26 26.52
C ASP J 363 56.78 70.00 26.14
N LYS J 364 56.04 69.41 27.09
CA LYS J 364 54.60 69.20 27.05
C LYS J 364 54.20 68.27 25.91
N TYR J 365 55.01 68.21 24.85
CA TYR J 365 54.62 67.46 23.67
C TYR J 365 54.74 65.98 23.95
N VAL J 366 55.96 65.53 24.25
CA VAL J 366 56.15 64.20 24.81
C VAL J 366 55.15 63.96 25.93
N ARG J 367 54.86 65.00 26.73
CA ARG J 367 53.91 64.82 27.81
C ARG J 367 52.59 64.31 27.25
N LYS J 368 51.98 65.09 26.35
CA LYS J 368 50.80 64.60 25.65
C LYS J 368 51.08 63.23 25.09
N SER J 369 52.16 63.11 24.31
CA SER J 369 52.54 61.84 23.73
C SER J 369 52.54 60.75 24.79
N PHE J 370 53.28 60.99 25.89
CA PHE J 370 53.38 59.97 26.93
C PHE J 370 52.00 59.52 27.37
N LEU J 371 51.16 60.48 27.76
CA LEU J 371 49.84 60.11 28.23
C LEU J 371 49.05 59.45 27.12
N ILE J 372 49.16 59.97 25.89
CA ILE J 372 48.40 59.36 24.80
C ILE J 372 48.85 57.92 24.58
N ALA J 373 50.11 57.62 24.90
CA ALA J 373 50.58 56.25 24.77
C ALA J 373 50.40 55.45 26.05
N PHE J 374 50.18 56.11 27.19
CA PHE J 374 50.10 55.40 28.46
C PHE J 374 48.90 55.79 29.32
N GLY J 375 48.06 56.70 28.85
CA GLY J 375 46.91 57.10 29.64
C GLY J 375 45.61 56.83 28.93
N GLY J 376 45.57 55.79 28.11
CA GLY J 376 44.34 55.52 27.42
C GLY J 376 44.00 56.61 26.42
N TYR J 377 42.74 56.59 26.00
CA TYR J 377 42.28 57.53 25.00
C TYR J 377 42.25 58.96 25.54
N ARG J 378 42.47 59.91 24.65
CA ARG J 378 42.33 61.32 24.97
C ARG J 378 41.74 62.04 23.78
N LYS J 379 41.16 63.21 24.03
CA LYS J 379 40.46 63.96 22.99
C LYS J 379 41.36 65.08 22.49
N VAL J 380 42.27 64.71 21.57
CA VAL J 380 43.09 65.67 20.85
C VAL J 380 42.47 65.92 19.49
N GLU J 381 42.53 67.16 19.03
CA GLU J 381 41.92 67.52 17.75
C GLU J 381 42.79 68.54 17.04
N LYS J 382 42.81 68.44 15.71
CA LYS J 382 43.67 69.24 14.83
C LYS J 382 43.12 70.66 14.68
N ASP J 383 43.39 71.49 15.68
CA ASP J 383 42.96 72.86 15.46
C ASP J 383 44.07 73.89 15.64
N LYS J 384 44.93 73.74 16.66
CA LYS J 384 45.88 74.78 17.02
C LYS J 384 47.30 74.25 17.05
N GLY J 385 47.67 73.48 16.02
CA GLY J 385 49.07 73.20 15.76
C GLY J 385 49.73 72.19 16.68
N LEU J 386 49.43 72.26 17.98
CA LEU J 386 50.12 71.41 18.94
C LEU J 386 50.01 69.93 18.59
N ASP J 387 48.90 69.52 17.98
CA ASP J 387 48.82 68.17 17.44
C ASP J 387 49.58 68.04 16.14
N ILE J 388 49.64 69.11 15.35
CA ILE J 388 50.23 69.05 14.01
C ILE J 388 51.70 68.68 14.11
N GLY J 389 52.03 67.50 13.61
CA GLY J 389 53.42 67.10 13.54
C GLY J 389 54.03 66.73 14.87
N PHE J 390 54.00 67.67 15.83
CA PHE J 390 54.77 67.53 17.06
C PHE J 390 54.47 66.20 17.74
N ILE J 391 53.21 65.98 18.10
CA ILE J 391 52.85 64.71 18.74
C ILE J 391 52.87 63.58 17.72
N LYS J 392 52.53 63.88 16.46
CA LYS J 392 52.74 62.92 15.38
C LYS J 392 54.21 62.55 15.28
N ASN J 393 55.11 63.49 15.55
CA ASN J 393 56.54 63.23 15.53
C ASN J 393 56.98 62.37 16.71
N TYR J 394 56.52 62.71 17.91
CA TYR J 394 56.93 61.95 19.08
C TYR J 394 56.34 60.56 19.13
N LEU J 395 55.65 60.13 18.07
CA LEU J 395 55.14 58.77 17.97
C LEU J 395 55.58 58.04 16.70
N CYS J 396 56.37 58.67 15.83
CA CYS J 396 56.85 58.01 14.62
C CYS J 396 57.70 56.79 14.97
N GLU J 397 57.38 55.65 14.36
CA GLU J 397 58.27 54.50 14.49
C GLU J 397 59.54 54.65 13.67
N THR J 398 59.49 55.48 12.63
CA THR J 398 60.67 55.91 11.90
C THR J 398 61.16 57.22 12.50
N CYS J 399 61.98 57.96 11.75
CA CYS J 399 61.96 59.41 11.86
C CYS J 399 62.64 60.11 13.03
N GLU J 400 62.92 59.42 14.13
CA GLU J 400 63.84 59.90 15.19
C GLU J 400 63.84 58.90 16.33
N THR J 401 64.63 59.18 17.38
CA THR J 401 64.68 58.36 18.59
C THR J 401 64.71 59.22 19.86
N VAL J 402 64.32 60.50 19.75
CA VAL J 402 64.38 61.35 20.95
C VAL J 402 63.23 61.02 21.89
N SER J 403 62.18 60.39 21.39
CA SER J 403 61.08 59.88 22.20
C SER J 403 61.28 58.38 22.40
N SER J 404 61.21 57.95 23.64
CA SER J 404 61.47 56.53 23.89
C SER J 404 60.30 55.65 23.52
N PHE J 405 59.26 56.13 22.86
CA PHE J 405 58.11 55.29 22.52
C PHE J 405 57.66 55.63 21.11
N ASN J 406 57.61 54.62 20.25
CA ASN J 406 57.21 54.77 18.87
C ASN J 406 56.12 53.76 18.56
N ILE J 407 54.94 54.24 18.20
CA ILE J 407 53.82 53.35 17.91
C ILE J 407 54.07 52.68 16.57
N VAL J 408 53.71 51.41 16.47
CA VAL J 408 54.16 50.52 15.40
C VAL J 408 53.91 51.12 14.02
N ASP J 409 52.66 51.40 13.69
CA ASP J 409 52.34 51.87 12.35
C ASP J 409 51.94 53.34 12.33
N PHE J 410 52.18 54.05 13.43
CA PHE J 410 51.89 55.48 13.48
C PHE J 410 52.77 56.23 12.50
N LEU J 411 52.20 56.68 11.39
CA LEU J 411 52.98 57.26 10.31
C LEU J 411 52.76 58.77 10.19
N LEU J 412 53.76 59.45 9.65
CA LEU J 412 53.71 60.90 9.42
C LEU J 412 52.76 61.18 8.27
N SER J 413 51.56 61.65 8.57
CA SER J 413 50.52 61.97 7.60
C SER J 413 50.04 60.74 6.83
N GLU J 414 50.50 59.56 7.19
CA GLU J 414 50.21 58.32 6.50
C GLU J 414 49.44 57.38 7.42
N GLY J 415 48.54 57.93 8.22
CA GLY J 415 47.83 57.14 9.21
C GLY J 415 46.88 56.16 8.56
N SER J 416 47.06 54.86 8.82
CA SER J 416 46.24 53.85 8.19
C SER J 416 45.29 53.17 9.17
N PHE J 417 45.82 52.47 10.18
CA PHE J 417 44.97 51.97 11.25
C PHE J 417 45.40 52.45 12.62
N MET J 418 46.66 52.24 13.00
CA MET J 418 47.07 52.51 14.37
C MET J 418 46.98 53.99 14.70
N SER J 419 47.09 54.85 13.69
CA SER J 419 46.91 56.27 13.93
C SER J 419 45.50 56.57 14.43
N ASP J 420 44.48 56.10 13.70
CA ASP J 420 43.12 56.31 14.15
C ASP J 420 42.86 55.64 15.48
N TYR J 421 43.37 54.42 15.66
CA TYR J 421 43.17 53.72 16.92
C TYR J 421 43.73 54.50 18.10
N ILE J 422 44.89 55.13 17.91
CA ILE J 422 45.50 55.85 19.02
C ILE J 422 44.85 57.20 19.21
N LEU J 423 44.40 57.83 18.13
CA LEU J 423 43.89 59.19 18.20
C LEU J 423 42.37 59.30 18.18
N GLN J 424 41.66 58.24 17.79
CA GLN J 424 40.22 58.39 17.62
C GLN J 424 39.41 57.35 18.38
N TYR J 425 39.96 56.15 18.57
CA TYR J 425 39.20 55.08 19.22
C TYR J 425 38.98 55.45 20.68
N GLU J 426 37.71 55.71 21.04
CA GLU J 426 37.42 56.29 22.34
C GLU J 426 37.65 55.33 23.48
N HIS J 427 37.42 54.03 23.28
CA HIS J 427 37.50 53.06 24.37
C HIS J 427 38.87 52.39 24.34
N ARG J 428 39.84 53.06 24.93
CA ARG J 428 41.19 52.53 25.06
C ARG J 428 41.60 52.56 26.52
N ASN J 429 41.93 51.41 27.09
CA ASN J 429 42.40 51.36 28.46
C ASN J 429 43.74 52.06 28.58
N SER J 430 44.08 52.43 29.81
CA SER J 430 45.35 53.07 30.10
C SER J 430 46.38 52.02 30.47
N LEU J 431 47.59 52.18 29.93
CA LEU J 431 48.67 51.24 30.28
C LEU J 431 49.23 51.57 31.66
N LEU J 432 49.44 52.84 31.96
CA LEU J 432 49.84 53.24 33.30
C LEU J 432 48.68 53.02 34.25
N ARG J 433 48.90 52.19 35.27
CA ARG J 433 47.83 51.81 36.18
C ARG J 433 48.33 51.89 37.61
N PHE J 434 47.41 52.17 38.53
CA PHE J 434 47.73 52.29 39.94
C PHE J 434 46.80 51.40 40.74
N LYS J 435 47.33 50.83 41.81
CA LYS J 435 46.55 49.97 42.68
C LYS J 435 46.94 50.24 44.12
N LEU J 436 46.05 49.90 45.04
CA LEU J 436 46.29 50.07 46.46
C LEU J 436 46.00 48.76 47.16
N ILE J 437 46.93 48.30 47.98
CA ILE J 437 46.81 47.00 48.64
C ILE J 437 46.84 47.23 50.14
N SER J 438 46.22 46.31 50.86
CA SER J 438 46.36 46.21 52.30
C SER J 438 46.48 44.74 52.66
N ASP J 439 46.94 44.48 53.87
CA ASP J 439 47.04 43.13 54.39
C ASP J 439 46.23 43.03 55.68
N ASN J 440 46.36 41.89 56.36
CA ASN J 440 45.72 41.76 57.67
C ASN J 440 46.29 42.75 58.67
N SER J 441 47.52 43.22 58.45
CA SER J 441 48.06 44.35 59.18
C SER J 441 47.59 45.64 58.54
N ASN J 442 47.86 46.76 59.21
CA ASN J 442 47.48 48.07 58.68
C ASN J 442 48.58 48.66 57.83
N ASN J 443 49.07 47.87 56.88
CA ASN J 443 50.07 48.32 55.91
C ASN J 443 49.40 48.49 54.56
N SER J 444 49.73 49.58 53.87
CA SER J 444 49.09 49.91 52.62
C SER J 444 50.14 50.41 51.63
N TYR J 445 50.05 49.95 50.39
CA TYR J 445 51.07 50.23 49.40
C TYR J 445 50.44 50.65 48.08
N LEU J 446 51.12 51.55 47.40
CA LEU J 446 50.71 52.02 46.07
C LEU J 446 51.56 51.29 45.04
N ILE J 447 50.94 50.37 44.30
CA ILE J 447 51.59 49.85 43.11
C ILE J 447 51.31 50.79 41.96
N GLY J 448 52.34 51.11 41.21
CA GLY J 448 52.17 51.74 39.92
C GLY J 448 52.86 50.88 38.90
N TYR J 449 52.15 50.45 37.87
CA TYR J 449 52.76 49.63 36.84
C TYR J 449 52.34 50.12 35.47
N ILE J 450 53.04 49.64 34.46
CA ILE J 450 52.75 49.96 33.08
C ILE J 450 52.69 48.65 32.31
N LEU J 451 51.49 48.23 31.93
CA LEU J 451 51.36 47.07 31.07
C LEU J 451 52.06 47.33 29.76
N HIS J 452 52.73 46.31 29.25
CA HIS J 452 53.39 46.43 27.96
C HIS J 452 52.38 46.14 26.85
N SER J 453 52.34 46.99 25.85
CA SER J 453 51.42 46.80 24.75
C SER J 453 52.15 46.22 23.55
N SER J 454 51.38 45.97 22.49
CA SER J 454 51.92 45.40 21.27
C SER J 454 52.04 46.42 20.15
N TYR J 455 51.63 47.67 20.38
CA TYR J 455 51.88 48.71 19.39
C TYR J 455 53.14 49.50 19.68
N PHE J 456 53.87 49.15 20.73
CA PHE J 456 55.16 49.78 20.98
C PHE J 456 56.24 49.05 20.19
N LYS J 457 56.97 49.79 19.37
CA LYS J 457 58.06 49.23 18.58
C LYS J 457 59.31 49.16 19.45
N LYS J 458 59.34 48.14 20.32
CA LYS J 458 60.46 47.90 21.22
C LYS J 458 60.79 49.15 22.05
N ILE J 459 59.82 49.50 22.89
CA ILE J 459 59.94 50.69 23.72
C ILE J 459 61.23 50.65 24.55
N ASP J 460 61.78 51.83 24.80
CA ASP J 460 62.95 52.00 25.67
C ASP J 460 62.51 51.79 27.11
N ILE J 461 62.74 50.59 27.62
CA ILE J 461 62.23 50.18 28.93
C ILE J 461 62.96 50.93 30.04
N LYS J 462 63.97 51.70 29.69
CA LYS J 462 64.78 52.41 30.69
C LYS J 462 64.27 53.81 30.99
N TYR J 463 63.84 54.55 29.98
CA TYR J 463 63.34 55.91 30.20
C TYR J 463 62.04 55.87 30.99
N VAL J 464 61.05 55.12 30.50
CA VAL J 464 59.76 55.07 31.17
C VAL J 464 59.84 54.41 32.53
N ARG J 465 60.89 53.64 32.80
CA ARG J 465 60.95 52.93 34.07
C ARG J 465 61.09 53.88 35.24
N CYS J 466 62.01 54.84 35.14
CA CYS J 466 62.20 55.78 36.24
C CYS J 466 61.34 57.02 36.09
N ILE J 467 60.62 57.15 34.99
CA ILE J 467 59.43 58.00 34.99
C ILE J 467 58.42 57.46 35.99
N LEU J 468 58.31 56.14 36.07
CA LEU J 468 57.26 55.55 36.89
C LEU J 468 57.58 55.67 38.37
N GLU J 469 58.83 55.47 38.78
CA GLU J 469 59.17 55.74 40.16
C GLU J 469 58.92 57.18 40.54
N LYS J 470 59.21 58.12 39.64
CA LYS J 470 59.00 59.52 39.96
C LYS J 470 57.51 59.82 40.11
N LEU J 471 56.70 59.28 39.21
CA LEU J 471 55.25 59.44 39.33
C LEU J 471 54.74 58.84 40.64
N THR J 472 55.19 57.63 40.95
CA THR J 472 54.73 56.96 42.16
C THR J 472 55.14 57.72 43.41
N TYR J 473 56.28 58.40 43.36
CA TYR J 473 56.70 59.24 44.48
C TYR J 473 55.80 60.45 44.60
N CYS J 474 55.63 61.19 43.51
CA CYS J 474 54.93 62.46 43.57
C CYS J 474 53.48 62.32 44.02
N VAL J 475 52.88 61.15 43.83
CA VAL J 475 51.48 60.94 44.17
C VAL J 475 51.33 60.22 45.51
N ILE J 476 52.34 60.31 46.37
CA ILE J 476 52.25 59.64 47.66
C ILE J 476 53.19 60.29 48.66
N SER M 2 -59.61 25.02 17.42
CA SER M 2 -58.35 24.48 16.92
C SER M 2 -58.15 24.83 15.45
N THR M 3 -57.09 24.29 14.85
CA THR M 3 -56.78 24.50 13.45
C THR M 3 -57.38 23.39 12.61
N GLN M 4 -58.17 23.76 11.61
CA GLN M 4 -58.90 22.81 10.79
C GLN M 4 -58.50 22.97 9.32
N ARG M 5 -58.20 21.87 8.68
CA ARG M 5 -57.77 21.86 7.29
C ARG M 5 -58.68 20.97 6.46
N GLU M 6 -58.57 21.12 5.15
CA GLU M 6 -59.21 20.20 4.21
C GLU M 6 -58.27 20.00 3.02
N TYR M 7 -58.56 18.96 2.25
CA TYR M 7 -57.65 18.42 1.25
C TYR M 7 -58.19 18.70 -0.15
N VAL M 8 -57.67 19.75 -0.79
CA VAL M 8 -58.05 20.07 -2.16
C VAL M 8 -57.21 19.18 -3.07
N PHE M 9 -57.83 18.15 -3.63
CA PHE M 9 -57.15 17.35 -4.63
C PHE M 9 -56.83 18.18 -5.86
N ILE M 10 -55.84 17.73 -6.63
CA ILE M 10 -55.50 18.43 -7.86
C ILE M 10 -55.47 17.44 -9.01
N PRO M 11 -56.63 16.98 -9.50
CA PRO M 11 -56.65 16.25 -10.76
C PRO M 11 -56.87 17.18 -11.94
N ILE M 12 -56.97 16.62 -13.15
CA ILE M 12 -57.44 17.41 -14.28
C ILE M 12 -58.95 17.52 -14.29
N THR M 13 -59.63 16.87 -13.36
CA THR M 13 -61.08 17.01 -13.22
C THR M 13 -61.44 18.33 -12.55
N ASN M 14 -62.47 18.99 -13.08
CA ASN M 14 -62.92 20.27 -12.54
C ASN M 14 -63.97 20.02 -11.45
N SER M 15 -63.48 19.65 -10.27
CA SER M 15 -64.30 19.49 -9.08
C SER M 15 -63.59 20.16 -7.91
N ILE M 16 -63.12 21.38 -8.13
CA ILE M 16 -61.96 21.92 -7.44
C ILE M 16 -62.34 23.09 -6.53
N THR M 17 -63.09 24.05 -7.06
CA THR M 17 -63.26 25.32 -6.34
C THR M 17 -64.53 25.32 -5.50
N ILE M 18 -65.63 24.81 -6.04
CA ILE M 18 -66.92 24.87 -5.33
C ILE M 18 -66.95 23.61 -4.46
N ASP M 19 -66.19 23.66 -3.37
CA ASP M 19 -66.25 22.60 -2.38
C ASP M 19 -65.92 23.02 -0.95
N VAL M 20 -65.64 24.29 -0.67
CA VAL M 20 -65.11 24.68 0.63
C VAL M 20 -65.60 26.07 1.02
N LYS M 21 -65.72 26.29 2.33
CA LYS M 21 -66.09 27.59 2.89
C LYS M 21 -64.91 28.55 2.90
N ILE M 22 -63.88 28.20 3.67
CA ILE M 22 -62.84 29.14 4.07
C ILE M 22 -61.74 29.08 3.01
N THR M 23 -61.86 29.94 1.99
CA THR M 23 -60.84 29.98 0.96
C THR M 23 -59.46 30.27 1.57
N ILE M 24 -59.34 31.35 2.33
CA ILE M 24 -58.18 31.54 3.18
C ILE M 24 -58.67 31.76 4.60
N GLY M 25 -59.36 32.87 4.83
CA GLY M 25 -60.02 33.12 6.09
C GLY M 25 -59.03 33.36 7.21
N GLY M 26 -58.33 32.29 7.60
CA GLY M 26 -57.36 32.37 8.67
C GLY M 26 -56.01 32.86 8.18
N SER M 27 -54.94 32.30 8.73
CA SER M 27 -53.60 32.73 8.37
C SER M 27 -52.73 31.55 7.95
N ASP M 28 -52.93 30.41 8.59
CA ASP M 28 -51.99 29.28 8.52
C ASP M 28 -52.45 28.28 7.49
N HIS M 29 -52.06 28.50 6.23
CA HIS M 29 -52.08 27.42 5.26
C HIS M 29 -50.94 26.46 5.55
N ILE M 30 -51.14 25.20 5.16
CA ILE M 30 -50.05 24.24 5.24
C ILE M 30 -49.24 24.25 3.96
N THR M 31 -49.89 24.12 2.82
CA THR M 31 -49.22 24.26 1.55
C THR M 31 -48.83 25.72 1.34
N ASN M 32 -47.59 25.93 0.90
CA ASN M 32 -47.06 27.26 0.63
C ASN M 32 -46.49 27.30 -0.78
N ILE M 33 -46.44 28.50 -1.35
CA ILE M 33 -45.85 28.74 -2.67
C ILE M 33 -44.93 29.93 -2.49
N ASP M 34 -43.64 29.69 -2.30
CA ASP M 34 -42.73 30.74 -1.86
C ASP M 34 -41.36 30.52 -2.52
N GLU M 35 -41.15 31.22 -3.64
CA GLU M 35 -39.84 31.47 -4.23
C GLU M 35 -39.20 30.22 -4.83
N ARG M 36 -39.78 29.06 -4.58
CA ARG M 36 -39.25 27.82 -5.14
C ARG M 36 -40.32 26.88 -5.66
N GLY M 37 -41.59 27.12 -5.37
CA GLY M 37 -42.68 26.30 -5.83
C GLY M 37 -43.60 25.95 -4.69
N ILE M 38 -44.40 24.91 -4.93
CA ILE M 38 -45.32 24.46 -3.90
C ILE M 38 -44.56 23.76 -2.78
N HIS M 39 -45.19 23.67 -1.61
CA HIS M 39 -44.55 23.05 -0.46
C HIS M 39 -45.59 22.33 0.38
N ASN M 40 -45.14 21.32 1.13
CA ASN M 40 -45.98 20.58 2.06
C ASN M 40 -47.18 19.93 1.37
N VAL M 41 -47.02 19.54 0.10
CA VAL M 41 -48.09 18.86 -0.62
C VAL M 41 -48.44 17.56 0.10
N LEU M 42 -49.73 17.27 0.17
CA LEU M 42 -50.22 16.09 0.87
C LEU M 42 -50.59 15.01 -0.13
N VAL M 43 -50.08 13.80 0.11
CA VAL M 43 -50.40 12.63 -0.69
C VAL M 43 -51.16 11.64 0.18
N ILE M 44 -52.17 11.01 -0.40
CA ILE M 44 -52.93 9.97 0.28
C ILE M 44 -52.82 8.69 -0.52
N THR M 45 -52.46 7.60 0.15
CA THR M 45 -52.30 6.31 -0.48
C THR M 45 -53.49 5.41 -0.16
N GLY M 46 -53.83 4.55 -1.11
CA GLY M 46 -54.99 3.70 -0.96
C GLY M 46 -56.29 4.36 -1.36
N TYR M 47 -56.22 5.44 -2.14
CA TYR M 47 -57.40 6.16 -2.58
C TYR M 47 -57.21 6.56 -4.02
N ALA M 48 -58.26 6.41 -4.82
CA ALA M 48 -58.23 6.84 -6.21
C ALA M 48 -59.29 7.89 -6.46
N VAL M 49 -59.01 8.81 -7.38
CA VAL M 49 -59.99 9.84 -7.69
C VAL M 49 -61.17 9.21 -8.41
N ASP M 50 -62.36 9.78 -8.18
CA ASP M 50 -63.62 9.25 -8.68
C ASP M 50 -64.33 10.36 -9.46
N GLU M 51 -63.66 10.87 -10.49
CA GLU M 51 -63.97 12.10 -11.21
C GLU M 51 -65.46 12.42 -11.33
N LYS M 52 -66.31 11.40 -11.46
CA LYS M 52 -67.75 11.64 -11.40
C LYS M 52 -68.08 12.10 -9.99
N ASN M 53 -68.22 13.42 -9.81
CA ASN M 53 -68.24 14.05 -8.49
C ASN M 53 -66.93 13.71 -7.76
N GLY M 54 -65.84 14.24 -8.32
CA GLY M 54 -64.52 13.80 -7.95
C GLY M 54 -64.24 13.82 -6.47
N ARG M 55 -64.14 12.62 -5.90
CA ARG M 55 -63.80 12.42 -4.50
C ARG M 55 -62.95 11.17 -4.41
N LEU M 56 -62.13 11.10 -3.36
CA LEU M 56 -61.22 9.97 -3.24
C LEU M 56 -61.98 8.76 -2.73
N VAL M 57 -62.12 7.75 -3.57
CA VAL M 57 -62.75 6.50 -3.19
C VAL M 57 -61.66 5.56 -2.68
N PRO M 58 -61.86 4.88 -1.55
CA PRO M 58 -60.79 4.09 -0.94
C PRO M 58 -60.68 2.70 -1.56
N THR M 59 -59.55 2.44 -2.20
CA THR M 59 -59.15 1.07 -2.48
C THR M 59 -58.29 0.58 -1.33
N LEU M 60 -57.88 -0.68 -1.40
CA LEU M 60 -56.90 -1.21 -0.46
C LEU M 60 -55.51 -1.25 -1.07
N ASP M 61 -55.26 -0.44 -2.09
CA ASP M 61 -54.05 -0.58 -2.88
C ASP M 61 -53.05 0.51 -2.54
N PRO M 62 -51.96 0.18 -1.85
CA PRO M 62 -50.95 1.21 -1.56
C PRO M 62 -50.38 1.88 -2.80
N CYS M 63 -50.39 1.20 -3.95
CA CYS M 63 -49.86 1.79 -5.16
C CYS M 63 -50.70 2.96 -5.65
N ASP M 64 -51.99 3.00 -5.31
CA ASP M 64 -52.84 4.11 -5.67
C ASP M 64 -52.60 5.28 -4.73
N TYR M 65 -52.56 6.49 -5.30
CA TYR M 65 -52.45 7.67 -4.47
C TYR M 65 -53.06 8.86 -5.18
N VAL M 66 -53.43 9.86 -4.39
CA VAL M 66 -53.85 11.15 -4.89
C VAL M 66 -53.04 12.21 -4.18
N LYS M 67 -52.49 13.14 -4.94
CA LYS M 67 -51.77 14.27 -4.39
C LYS M 67 -52.64 15.52 -4.46
N GLY M 68 -52.47 16.39 -3.49
CA GLY M 68 -53.25 17.61 -3.46
C GLY M 68 -52.73 18.54 -2.38
N ILE M 69 -53.24 19.74 -2.40
CA ILE M 69 -52.85 20.75 -1.43
C ILE M 69 -53.73 20.62 -0.20
N LEU M 70 -53.21 21.09 0.93
CA LEU M 70 -53.92 21.09 2.20
C LEU M 70 -54.09 22.54 2.62
N VAL M 71 -55.34 22.97 2.77
CA VAL M 71 -55.64 24.37 3.07
C VAL M 71 -56.51 24.42 4.32
N ALA M 72 -56.18 25.32 5.24
CA ALA M 72 -57.00 25.51 6.42
C ALA M 72 -58.40 25.93 6.02
N GLY M 73 -59.41 25.29 6.62
CA GLY M 73 -60.78 25.63 6.30
C GLY M 73 -61.74 24.54 6.73
N THR M 74 -62.89 24.53 6.05
CA THR M 74 -64.05 23.68 6.33
C THR M 74 -64.94 23.66 5.10
N PRO M 75 -65.44 22.49 4.67
CA PRO M 75 -66.04 22.40 3.33
C PRO M 75 -67.47 22.93 3.19
N GLN M 76 -67.59 24.12 2.61
CA GLN M 76 -68.75 24.59 1.85
C GLN M 76 -70.09 24.53 2.59
N GLN M 77 -70.09 24.03 3.82
CA GLN M 77 -71.28 23.85 4.63
C GLN M 77 -72.45 23.29 3.83
N ALA M 78 -72.22 22.12 3.22
CA ALA M 78 -73.28 21.33 2.59
C ALA M 78 -73.06 19.86 2.86
N GLN M 79 -72.48 19.53 4.01
CA GLN M 79 -71.78 18.27 4.22
C GLN M 79 -71.89 17.81 5.67
N SER M 80 -70.93 17.00 6.10
CA SER M 80 -70.83 16.28 7.38
C SER M 80 -71.61 14.98 7.32
N ASN M 81 -72.11 14.60 6.15
CA ASN M 81 -72.63 13.27 5.92
C ASN M 81 -71.78 12.48 4.93
N ASP M 82 -70.83 13.15 4.25
CA ASP M 82 -70.19 12.55 3.08
C ASP M 82 -68.69 12.82 2.97
N PHE M 83 -68.06 13.44 3.96
CA PHE M 83 -66.63 13.65 3.92
C PHE M 83 -65.97 12.92 5.09
N LEU M 84 -64.68 12.66 4.94
CA LEU M 84 -63.90 12.08 6.04
C LEU M 84 -63.30 13.22 6.85
N THR M 85 -63.70 13.30 8.11
CA THR M 85 -63.05 14.19 9.06
C THR M 85 -62.11 13.37 9.93
N LEU M 86 -60.91 13.88 10.14
CA LEU M 86 -59.89 13.13 10.86
C LEU M 86 -59.13 14.08 11.77
N LYS M 87 -58.87 13.65 13.00
CA LYS M 87 -57.99 14.37 13.91
C LYS M 87 -56.65 13.64 13.93
N LEU M 88 -55.66 14.21 13.26
CA LEU M 88 -54.38 13.58 13.04
C LEU M 88 -53.27 14.34 13.75
N PRO M 89 -52.32 13.65 14.37
CA PRO M 89 -51.28 14.35 15.12
C PRO M 89 -50.17 14.93 14.26
N ALA M 90 -50.53 15.54 13.14
CA ALA M 90 -49.68 16.50 12.43
C ALA M 90 -48.41 15.89 11.85
N ASN M 91 -48.13 14.63 12.17
CA ASN M 91 -46.93 13.97 11.70
C ASN M 91 -47.23 12.70 10.91
N LYS M 92 -48.39 12.09 11.13
CA LYS M 92 -48.84 10.98 10.31
C LYS M 92 -49.08 11.38 8.86
N LEU M 93 -49.09 12.68 8.56
CA LEU M 93 -49.46 13.15 7.23
C LEU M 93 -48.29 12.96 6.28
N TYR M 94 -48.50 12.17 5.24
CA TYR M 94 -47.48 11.96 4.22
C TYR M 94 -47.36 13.24 3.41
N LEU M 95 -46.35 14.04 3.71
CA LEU M 95 -46.15 15.33 3.06
C LEU M 95 -44.99 15.26 2.08
N ILE M 96 -45.13 15.98 0.98
CA ILE M 96 -44.08 16.11 -0.02
C ILE M 96 -43.62 17.56 -0.05
N ARG M 97 -42.32 17.73 -0.28
CA ARG M 97 -41.72 19.05 -0.38
C ARG M 97 -41.90 19.84 0.91
N LYS M 98 -41.48 19.22 2.01
CA LYS M 98 -41.59 19.88 3.31
C LYS M 98 -40.68 21.10 3.34
N LYS M 99 -41.15 22.14 4.01
CA LYS M 99 -40.30 23.30 4.31
C LYS M 99 -40.15 23.53 5.81
N GLY M 100 -41.26 23.62 6.54
CA GLY M 100 -41.19 23.89 7.95
C GLY M 100 -41.66 22.75 8.83
N ASN M 101 -42.69 23.02 9.64
CA ASN M 101 -43.22 22.02 10.55
C ASN M 101 -44.69 22.30 10.77
N ILE M 102 -45.33 21.39 11.50
CA ILE M 102 -46.79 21.39 11.63
C ILE M 102 -47.17 21.75 13.07
N SER M 103 -48.46 22.05 13.25
CA SER M 103 -49.00 22.62 14.48
C SER M 103 -49.34 21.57 15.52
N ASP M 104 -48.67 20.43 15.46
CA ASP M 104 -48.72 19.40 16.49
C ASP M 104 -50.08 18.70 16.59
N ASP M 105 -51.06 19.10 15.79
CA ASP M 105 -52.37 18.48 15.75
C ASP M 105 -53.16 19.11 14.61
N LEU M 106 -54.06 18.33 14.03
CA LEU M 106 -54.75 18.80 12.83
C LEU M 106 -56.12 18.15 12.74
N LYS M 107 -56.98 18.79 11.97
CA LYS M 107 -58.30 18.27 11.66
C LYS M 107 -58.49 18.42 10.15
N ILE M 108 -58.46 17.30 9.45
CA ILE M 108 -58.46 17.28 8.00
C ILE M 108 -59.81 16.82 7.51
N TYR M 109 -60.29 17.46 6.44
CA TYR M 109 -61.51 17.06 5.74
C TYR M 109 -61.13 16.60 4.35
N ILE M 110 -61.45 15.34 4.03
CA ILE M 110 -61.12 14.76 2.73
C ILE M 110 -62.41 14.43 1.99
N PRO M 111 -62.52 14.78 0.71
CA PRO M 111 -63.71 14.42 -0.07
C PRO M 111 -63.79 12.92 -0.32
N TYR M 112 -64.72 12.27 0.38
CA TYR M 112 -64.79 10.83 0.42
C TYR M 112 -66.06 10.34 -0.26
N SER M 113 -65.98 9.13 -0.84
CA SER M 113 -67.14 8.47 -1.42
C SER M 113 -67.14 7.01 -1.00
N SER M 114 -68.31 6.40 -1.11
CA SER M 114 -68.43 4.97 -0.88
C SER M 114 -67.70 4.22 -1.99
N PRO M 115 -67.33 2.96 -1.75
CA PRO M 115 -66.58 2.21 -2.75
C PRO M 115 -67.41 1.67 -3.90
N ASP M 116 -68.74 1.71 -3.82
CA ASP M 116 -69.62 1.32 -4.92
C ASP M 116 -69.35 -0.13 -5.36
N ALA M 117 -69.72 -1.06 -4.48
CA ALA M 117 -69.43 -2.45 -4.75
C ALA M 117 -70.33 -2.99 -5.87
N ARG M 118 -70.24 -2.35 -7.04
CA ARG M 118 -70.93 -2.82 -8.24
C ARG M 118 -70.03 -2.73 -9.46
N ASN M 119 -68.73 -2.57 -9.28
CA ASN M 119 -67.80 -2.47 -10.40
C ASN M 119 -66.40 -2.72 -9.88
N SER M 120 -65.64 -3.56 -10.58
CA SER M 120 -64.28 -3.85 -10.16
C SER M 120 -63.43 -2.58 -10.27
N MET M 121 -62.91 -2.12 -9.13
CA MET M 121 -62.15 -0.88 -9.13
C MET M 121 -60.78 -1.09 -9.75
N LYS M 122 -60.69 -1.01 -11.08
CA LYS M 122 -59.41 -0.91 -11.75
C LYS M 122 -59.02 0.55 -11.85
N THR M 123 -57.76 0.85 -11.58
CA THR M 123 -57.27 2.20 -11.57
C THR M 123 -56.22 2.40 -12.65
N LYS M 124 -55.87 3.66 -12.89
CA LYS M 124 -54.89 3.98 -13.91
C LYS M 124 -54.12 5.22 -13.51
N PRO M 125 -52.81 5.26 -13.76
CA PRO M 125 -52.04 6.47 -13.44
C PRO M 125 -52.36 7.58 -14.42
N VAL M 126 -52.50 8.79 -13.89
CA VAL M 126 -52.85 9.94 -14.71
C VAL M 126 -52.03 11.13 -14.24
N SER M 127 -51.36 11.77 -15.18
CA SER M 127 -50.60 12.99 -14.95
C SER M 127 -51.43 14.20 -15.36
N ILE M 128 -50.84 15.38 -15.23
CA ILE M 128 -51.54 16.62 -15.51
C ILE M 128 -50.92 17.29 -16.72
N SER M 129 -51.78 17.77 -17.62
CA SER M 129 -51.42 18.33 -18.91
C SER M 129 -52.47 19.35 -19.32
N ASP M 130 -52.60 19.63 -20.62
CA ASP M 130 -53.73 20.41 -21.13
C ASP M 130 -53.71 21.84 -20.59
N ASP M 131 -52.73 22.60 -21.08
CA ASP M 131 -52.36 23.92 -20.57
C ASP M 131 -53.56 24.73 -20.07
N THR M 132 -54.70 24.66 -20.75
CA THR M 132 -55.90 25.32 -20.23
C THR M 132 -56.34 24.72 -18.89
N ILE M 133 -56.15 23.41 -18.71
CA ILE M 133 -56.52 22.80 -17.43
C ILE M 133 -55.62 23.31 -16.31
N VAL M 134 -54.31 23.39 -16.55
CA VAL M 134 -53.44 23.93 -15.52
C VAL M 134 -53.72 25.42 -15.32
N ASN M 135 -54.20 26.11 -16.35
CA ASN M 135 -54.53 27.52 -16.19
C ASN M 135 -55.74 27.70 -15.28
N ASN M 136 -56.79 26.90 -15.51
CA ASN M 136 -57.95 27.01 -14.65
C ASN M 136 -57.68 26.43 -13.27
N ILE M 137 -56.69 25.56 -13.12
CA ILE M 137 -56.31 25.14 -11.78
C ILE M 137 -55.51 26.24 -11.10
N ILE M 138 -54.78 27.05 -11.85
CA ILE M 138 -54.07 28.18 -11.28
C ILE M 138 -55.05 29.24 -10.80
N LYS M 139 -56.00 29.62 -11.66
CA LYS M 139 -56.90 30.69 -11.30
C LYS M 139 -57.98 30.22 -10.32
N GLU M 140 -58.55 29.03 -10.55
CA GLU M 140 -59.64 28.56 -9.73
C GLU M 140 -59.18 27.89 -8.45
N VAL M 141 -57.88 27.62 -8.30
CA VAL M 141 -57.38 27.09 -7.04
C VAL M 141 -56.29 28.00 -6.49
N PHE M 142 -55.20 28.16 -7.24
CA PHE M 142 -54.03 28.89 -6.74
C PHE M 142 -54.19 30.40 -6.86
N ASP M 143 -55.36 30.87 -7.28
CA ASP M 143 -55.75 32.26 -7.13
C ASP M 143 -57.03 32.41 -6.33
N LYS M 144 -57.83 31.36 -6.23
CA LYS M 144 -58.90 31.32 -5.25
C LYS M 144 -58.35 31.16 -3.83
N ILE M 145 -57.14 30.63 -3.69
CA ILE M 145 -56.51 30.40 -2.40
C ILE M 145 -55.27 31.26 -2.22
N TYR M 146 -54.35 31.21 -3.18
CA TYR M 146 -53.11 31.97 -3.13
C TYR M 146 -53.23 33.21 -4.01
N ASN M 147 -54.13 34.11 -3.59
CA ASN M 147 -54.31 35.38 -4.27
C ASN M 147 -53.08 36.27 -4.18
N ILE M 148 -52.09 35.90 -3.37
CA ILE M 148 -50.80 36.58 -3.37
C ILE M 148 -50.18 36.55 -4.76
N THR M 149 -50.59 35.59 -5.59
CA THR M 149 -50.23 35.62 -7.00
C THR M 149 -50.74 36.92 -7.62
N GLN M 150 -49.89 37.54 -8.46
CA GLN M 150 -50.12 38.86 -9.04
C GLN M 150 -50.13 39.97 -7.99
N LYS M 151 -49.59 39.69 -6.80
CA LYS M 151 -49.34 40.72 -5.80
C LYS M 151 -47.86 40.88 -5.52
N GLU M 152 -47.16 39.79 -5.23
CA GLU M 152 -45.72 39.79 -5.14
C GLU M 152 -45.07 38.80 -6.12
N LYS M 153 -45.61 37.59 -6.23
CA LYS M 153 -44.96 36.51 -6.94
C LYS M 153 -45.48 36.48 -8.38
N VAL M 154 -44.67 36.99 -9.30
CA VAL M 154 -45.02 36.99 -10.72
C VAL M 154 -44.51 35.76 -11.45
N LYS M 155 -43.65 34.96 -10.81
CA LYS M 155 -43.03 33.82 -11.49
C LYS M 155 -43.97 32.64 -11.58
N ILE M 156 -45.16 32.85 -12.15
CA ILE M 156 -46.17 31.80 -12.21
C ILE M 156 -45.74 30.65 -13.10
N GLU M 157 -44.73 30.84 -13.94
CA GLU M 157 -44.15 29.71 -14.66
C GLU M 157 -43.56 28.71 -13.68
N LYS M 158 -42.97 29.20 -12.60
CA LYS M 158 -42.30 28.35 -11.63
C LYS M 158 -43.30 27.54 -10.82
N VAL M 159 -44.56 27.96 -10.79
CA VAL M 159 -45.60 27.14 -10.17
C VAL M 159 -46.31 26.27 -11.19
N LYS M 160 -46.47 26.73 -12.43
CA LYS M 160 -47.15 25.90 -13.42
C LYS M 160 -46.31 24.70 -13.84
N GLU M 161 -44.99 24.87 -13.92
CA GLU M 161 -44.15 23.71 -14.22
C GLU M 161 -44.21 22.66 -13.12
N ASP M 162 -44.28 23.10 -11.87
CA ASP M 162 -44.41 22.12 -10.79
C ASP M 162 -45.81 21.52 -10.75
N ILE M 163 -46.83 22.26 -11.18
CA ILE M 163 -48.13 21.63 -11.37
C ILE M 163 -48.04 20.53 -12.40
N LYS M 164 -47.33 20.79 -13.50
CA LYS M 164 -47.11 19.76 -14.51
C LYS M 164 -46.39 18.56 -13.93
N GLU M 165 -45.29 18.80 -13.20
CA GLU M 165 -44.35 17.75 -12.86
C GLU M 165 -44.62 17.07 -11.53
N LEU M 166 -45.59 17.55 -10.76
CA LEU M 166 -45.69 17.15 -9.35
C LEU M 166 -46.96 16.41 -9.00
N PHE M 167 -48.11 16.84 -9.49
CA PHE M 167 -49.39 16.27 -9.09
C PHE M 167 -49.80 15.20 -10.09
N SER M 168 -49.38 13.97 -9.83
CA SER M 168 -49.94 12.81 -10.50
C SER M 168 -50.92 12.14 -9.56
N TYR M 169 -51.73 11.24 -10.10
CA TYR M 169 -52.68 10.54 -9.25
C TYR M 169 -53.13 9.27 -9.97
N TYR M 170 -54.12 8.60 -9.39
CA TYR M 170 -54.66 7.37 -9.96
C TYR M 170 -56.17 7.50 -10.05
N ALA M 171 -56.70 7.33 -11.25
CA ALA M 171 -58.12 7.45 -11.51
C ALA M 171 -58.76 6.07 -11.64
N LEU M 172 -60.08 6.08 -11.75
CA LEU M 172 -60.85 4.84 -11.93
C LEU M 172 -61.02 4.46 -13.39
N GLU M 173 -61.09 5.44 -14.29
CA GLU M 173 -61.26 5.22 -15.72
C GLU M 173 -62.64 4.63 -16.02
N GLN M 174 -63.40 4.34 -14.98
CA GLN M 174 -64.71 3.70 -15.13
C GLN M 174 -65.82 4.75 -15.21
N SER N 2 -50.12 26.08 -37.02
CA SER N 2 -48.96 25.64 -36.26
C SER N 2 -47.69 25.82 -37.09
N THR N 3 -47.18 24.73 -37.65
CA THR N 3 -46.00 24.75 -38.49
C THR N 3 -46.05 23.57 -39.44
N GLN N 4 -45.88 23.85 -40.73
CA GLN N 4 -46.15 22.89 -41.78
C GLN N 4 -44.88 22.18 -42.23
N ARG N 5 -44.98 20.87 -42.41
CA ARG N 5 -43.87 20.04 -42.83
C ARG N 5 -44.27 19.27 -44.08
N GLU N 6 -43.49 19.41 -45.14
CA GLU N 6 -43.69 18.71 -46.39
C GLU N 6 -42.61 17.63 -46.55
N TYR N 7 -43.05 16.41 -46.83
CA TYR N 7 -42.15 15.28 -46.94
C TYR N 7 -41.66 15.15 -48.38
N VAL N 8 -40.37 15.38 -48.59
CA VAL N 8 -39.76 15.17 -49.90
C VAL N 8 -39.17 13.77 -49.92
N PHE N 9 -39.84 12.86 -50.62
CA PHE N 9 -39.29 11.55 -50.90
C PHE N 9 -38.10 11.68 -51.85
N ILE N 10 -37.14 10.77 -51.71
CA ILE N 10 -35.93 10.83 -52.53
C ILE N 10 -35.73 9.50 -53.25
N PRO N 11 -36.41 9.27 -54.37
CA PRO N 11 -36.11 8.11 -55.20
C PRO N 11 -35.17 8.45 -56.33
N ILE N 12 -34.73 7.45 -57.09
CA ILE N 12 -33.81 7.70 -58.20
C ILE N 12 -34.49 8.35 -59.40
N THR N 13 -35.81 8.47 -59.40
CA THR N 13 -36.52 8.97 -60.57
C THR N 13 -36.47 10.49 -60.63
N ASN N 14 -36.68 11.01 -61.84
CA ASN N 14 -36.72 12.44 -62.09
C ASN N 14 -38.19 12.87 -62.20
N SER N 15 -38.83 13.10 -61.05
CA SER N 15 -40.19 13.59 -61.05
C SER N 15 -40.49 14.54 -59.90
N ILE N 16 -39.48 15.12 -59.27
CA ILE N 16 -39.66 15.96 -58.11
C ILE N 16 -39.41 17.42 -58.45
N THR N 17 -39.65 17.82 -59.70
CA THR N 17 -39.22 19.12 -60.21
C THR N 17 -39.64 20.27 -59.32
N ILE N 18 -40.95 20.56 -59.26
CA ILE N 18 -41.51 21.54 -58.34
C ILE N 18 -42.90 21.09 -57.94
N ASP N 19 -43.07 20.71 -56.67
CA ASP N 19 -44.40 20.52 -56.09
C ASP N 19 -44.50 21.05 -54.67
N VAL N 20 -43.39 21.53 -54.09
CA VAL N 20 -43.41 22.19 -52.82
C VAL N 20 -43.43 23.70 -53.09
N LYS N 21 -43.75 24.48 -52.06
CA LYS N 21 -43.74 25.92 -52.20
C LYS N 21 -42.65 26.57 -51.36
N ILE N 22 -42.64 26.33 -50.06
CA ILE N 22 -41.81 27.11 -49.13
C ILE N 22 -40.36 26.65 -49.23
N THR N 23 -39.48 27.56 -49.65
CA THR N 23 -38.05 27.28 -49.65
C THR N 23 -37.45 27.57 -48.27
N ILE N 24 -37.78 28.72 -47.68
CA ILE N 24 -37.41 29.01 -46.31
C ILE N 24 -38.68 29.21 -45.50
N GLY N 25 -39.42 30.27 -45.79
CA GLY N 25 -40.77 30.42 -45.30
C GLY N 25 -40.84 30.64 -43.81
N GLY N 26 -40.53 29.58 -43.06
CA GLY N 26 -40.53 29.63 -41.61
C GLY N 26 -39.19 30.12 -41.09
N SER N 27 -38.62 29.39 -40.13
CA SER N 27 -37.33 29.78 -39.58
C SER N 27 -36.41 28.58 -39.34
N ASP N 28 -36.70 27.42 -39.94
CA ASP N 28 -35.88 26.23 -39.74
C ASP N 28 -36.31 25.11 -40.68
N HIS N 29 -35.63 23.98 -40.58
CA HIS N 29 -36.06 22.71 -41.15
C HIS N 29 -36.00 21.64 -40.08
N ILE N 30 -36.44 20.44 -40.42
CA ILE N 30 -36.29 19.28 -39.55
C ILE N 30 -35.15 18.39 -40.00
N THR N 31 -35.12 18.05 -41.28
CA THR N 31 -33.96 17.44 -41.88
C THR N 31 -32.90 18.51 -42.13
N ASN N 32 -31.69 18.28 -41.65
CA ASN N 32 -30.62 19.27 -41.73
C ASN N 32 -29.41 18.68 -42.43
N ILE N 33 -28.42 19.53 -42.68
CA ILE N 33 -27.13 19.13 -43.25
C ILE N 33 -26.01 19.88 -42.54
N ASP N 34 -25.34 19.24 -41.58
CA ASP N 34 -24.29 19.89 -40.79
C ASP N 34 -23.04 19.01 -40.75
N GLU N 35 -22.24 19.09 -41.82
CA GLU N 35 -20.86 18.60 -41.85
C GLU N 35 -20.66 17.17 -41.36
N ARG N 36 -21.75 16.42 -41.24
CA ARG N 36 -21.67 15.03 -40.78
C ARG N 36 -22.57 14.13 -41.61
N GLY N 37 -23.11 14.62 -42.71
CA GLY N 37 -24.17 13.94 -43.40
C GLY N 37 -25.50 14.62 -43.15
N ILE N 38 -26.53 13.99 -43.64
CA ILE N 38 -27.89 14.49 -43.49
C ILE N 38 -28.47 13.93 -42.21
N HIS N 39 -29.13 14.78 -41.43
CA HIS N 39 -29.65 14.39 -40.14
C HIS N 39 -31.17 14.49 -40.12
N ASN N 40 -31.78 13.73 -39.22
CA ASN N 40 -33.24 13.72 -39.03
C ASN N 40 -33.95 13.36 -40.33
N VAL N 41 -33.66 12.17 -40.83
CA VAL N 41 -34.25 11.66 -42.06
C VAL N 41 -35.47 10.83 -41.71
N LEU N 42 -36.60 11.13 -42.33
CA LEU N 42 -37.85 10.44 -42.06
C LEU N 42 -37.95 9.18 -42.91
N VAL N 43 -38.53 8.14 -42.33
CA VAL N 43 -38.79 6.89 -43.02
C VAL N 43 -40.23 6.49 -42.76
N ILE N 44 -40.95 6.19 -43.84
CA ILE N 44 -42.36 5.79 -43.76
C ILE N 44 -42.43 4.33 -44.18
N THR N 45 -42.89 3.48 -43.28
CA THR N 45 -43.00 2.06 -43.57
C THR N 45 -44.41 1.74 -44.03
N GLY N 46 -44.54 0.64 -44.76
CA GLY N 46 -45.81 0.27 -45.33
C GLY N 46 -46.20 1.06 -46.56
N TYR N 47 -45.25 1.76 -47.18
CA TYR N 47 -45.53 2.52 -48.38
C TYR N 47 -44.45 2.24 -49.41
N ALA N 48 -44.82 2.36 -50.68
CA ALA N 48 -43.89 2.11 -51.77
C ALA N 48 -43.97 3.25 -52.78
N VAL N 49 -42.85 3.51 -53.43
CA VAL N 49 -42.82 4.57 -54.43
C VAL N 49 -43.43 4.04 -55.73
N ASP N 50 -43.84 4.98 -56.58
CA ASP N 50 -44.50 4.71 -57.85
C ASP N 50 -43.74 5.42 -58.97
N GLU N 51 -42.45 5.12 -59.07
CA GLU N 51 -41.44 5.94 -59.73
C GLU N 51 -41.88 6.60 -61.05
N LYS N 52 -42.87 6.03 -61.75
CA LYS N 52 -43.54 6.81 -62.77
C LYS N 52 -44.42 7.85 -62.09
N ASN N 53 -43.90 9.06 -61.91
CA ASN N 53 -44.53 10.09 -61.08
C ASN N 53 -44.69 9.58 -59.65
N GLY N 54 -43.55 9.33 -59.01
CA GLY N 54 -43.50 8.63 -57.74
C GLY N 54 -44.26 9.26 -56.60
N ARG N 55 -45.37 8.63 -56.21
CA ARG N 55 -46.08 8.99 -55.01
C ARG N 55 -46.20 7.74 -54.14
N LEU N 56 -46.28 7.94 -52.84
CA LEU N 56 -46.20 6.83 -51.90
C LEU N 56 -47.54 6.12 -51.87
N VAL N 57 -47.64 5.04 -52.63
CA VAL N 57 -48.84 4.20 -52.58
C VAL N 57 -48.74 3.30 -51.36
N PRO N 58 -49.81 3.17 -50.58
CA PRO N 58 -49.73 2.35 -49.37
C PRO N 58 -49.71 0.86 -49.70
N THR N 59 -49.25 0.10 -48.72
CA THR N 59 -49.42 -1.34 -48.69
C THR N 59 -49.27 -1.81 -47.26
N LEU N 60 -49.97 -2.88 -46.92
CA LEU N 60 -49.98 -3.35 -45.55
C LEU N 60 -48.74 -4.16 -45.21
N ASP N 61 -47.66 -3.97 -45.97
CA ASP N 61 -46.43 -4.73 -45.77
C ASP N 61 -45.46 -3.90 -44.95
N PRO N 62 -45.21 -4.26 -43.69
CA PRO N 62 -44.24 -3.50 -42.88
C PRO N 62 -42.83 -3.55 -43.41
N CYS N 63 -42.54 -4.39 -44.41
CA CYS N 63 -41.21 -4.47 -44.97
C CYS N 63 -40.93 -3.40 -46.01
N ASP N 64 -41.97 -2.86 -46.64
CA ASP N 64 -41.78 -1.77 -47.59
C ASP N 64 -41.64 -0.46 -46.84
N TYR N 65 -40.77 0.40 -47.33
CA TYR N 65 -40.55 1.68 -46.69
C TYR N 65 -39.95 2.64 -47.71
N VAL N 66 -40.11 3.92 -47.43
CA VAL N 66 -39.57 4.99 -48.24
C VAL N 66 -38.89 5.99 -47.33
N LYS N 67 -37.65 6.34 -47.65
CA LYS N 67 -36.89 7.29 -46.86
C LYS N 67 -36.81 8.62 -47.59
N GLY N 68 -36.86 9.70 -46.83
CA GLY N 68 -36.77 11.03 -47.42
C GLY N 68 -36.59 12.07 -46.35
N ILE N 69 -36.61 13.33 -46.79
CA ILE N 69 -36.38 14.45 -45.90
C ILE N 69 -37.71 15.11 -45.57
N LEU N 70 -37.73 15.83 -44.45
CA LEU N 70 -38.88 16.64 -44.05
C LEU N 70 -38.48 18.11 -44.11
N VAL N 71 -38.92 18.79 -45.17
CA VAL N 71 -38.68 20.22 -45.29
C VAL N 71 -39.84 20.95 -44.61
N ALA N 72 -39.61 22.20 -44.26
CA ALA N 72 -40.66 23.02 -43.68
C ALA N 72 -41.40 23.74 -44.80
N GLY N 73 -42.71 23.55 -44.86
CA GLY N 73 -43.49 24.27 -45.85
C GLY N 73 -44.77 23.53 -46.21
N THR N 74 -45.43 24.04 -47.24
CA THR N 74 -46.72 23.58 -47.75
C THR N 74 -46.63 23.45 -49.26
N PRO N 75 -47.28 22.44 -49.84
CA PRO N 75 -47.03 22.14 -51.27
C PRO N 75 -47.79 22.98 -52.29
N GLN N 76 -47.10 23.95 -52.90
CA GLN N 76 -47.41 24.46 -54.23
C GLN N 76 -48.76 25.14 -54.38
N GLN N 77 -49.59 25.10 -53.34
CA GLN N 77 -50.98 25.58 -53.43
C GLN N 77 -51.70 25.07 -54.68
N ALA N 78 -51.38 23.84 -55.08
CA ALA N 78 -52.06 23.17 -56.18
C ALA N 78 -52.58 21.79 -55.77
N GLN N 79 -52.62 21.53 -54.47
CA GLN N 79 -52.82 20.18 -53.94
C GLN N 79 -53.74 20.31 -52.74
N SER N 80 -53.71 19.29 -51.87
CA SER N 80 -54.67 18.99 -50.82
C SER N 80 -55.89 18.29 -51.38
N ASN N 81 -55.75 17.71 -52.58
CA ASN N 81 -56.73 16.79 -53.12
C ASN N 81 -56.19 15.38 -53.30
N ASP N 82 -54.87 15.20 -53.21
CA ASP N 82 -54.26 13.88 -53.30
C ASP N 82 -53.26 13.57 -52.21
N PHE N 83 -52.70 14.57 -51.53
CA PHE N 83 -51.72 14.32 -50.48
C PHE N 83 -52.41 13.84 -49.23
N LEU N 84 -51.71 12.98 -48.48
CA LEU N 84 -52.07 12.74 -47.10
C LEU N 84 -51.61 13.91 -46.25
N THR N 85 -52.56 14.60 -45.63
CA THR N 85 -52.25 15.58 -44.60
C THR N 85 -52.51 14.96 -43.25
N LEU N 86 -51.60 15.13 -42.32
CA LEU N 86 -51.81 14.52 -41.01
C LEU N 86 -50.98 15.22 -39.95
N LYS N 87 -51.59 15.40 -38.78
CA LYS N 87 -50.93 16.02 -37.65
C LYS N 87 -50.70 14.98 -36.57
N LEU N 88 -49.49 14.95 -36.03
CA LEU N 88 -49.05 13.89 -35.14
C LEU N 88 -48.01 14.45 -34.18
N PRO N 89 -47.91 13.90 -32.96
CA PRO N 89 -47.12 14.57 -31.92
C PRO N 89 -45.62 14.31 -31.95
N ALA N 90 -45.01 14.31 -33.13
CA ALA N 90 -43.57 14.50 -33.27
C ALA N 90 -42.73 13.42 -32.61
N ASN N 91 -43.36 12.48 -31.92
CA ASN N 91 -42.64 11.35 -31.34
C ASN N 91 -43.14 10.04 -31.91
N LYS N 92 -44.14 10.07 -32.77
CA LYS N 92 -44.51 8.94 -33.59
C LYS N 92 -43.65 8.83 -34.83
N LEU N 93 -42.89 9.87 -35.15
CA LEU N 93 -42.11 9.91 -36.37
C LEU N 93 -40.97 8.92 -36.30
N TYR N 94 -40.92 8.00 -37.27
CA TYR N 94 -39.81 7.07 -37.40
C TYR N 94 -38.67 7.82 -38.08
N LEU N 95 -37.87 8.50 -37.27
CA LEU N 95 -36.72 9.26 -37.73
C LEU N 95 -35.45 8.45 -37.59
N ILE N 96 -34.49 8.75 -38.46
CA ILE N 96 -33.14 8.20 -38.39
C ILE N 96 -32.17 9.35 -38.41
N ARG N 97 -30.94 9.08 -37.96
CA ARG N 97 -29.93 10.12 -37.77
C ARG N 97 -30.46 11.22 -36.86
N LYS N 98 -31.12 10.81 -35.77
CA LYS N 98 -31.80 11.74 -34.88
C LYS N 98 -30.80 12.67 -34.22
N LYS N 99 -30.97 13.98 -34.43
CA LYS N 99 -30.09 14.98 -33.85
C LYS N 99 -30.82 15.87 -32.86
N GLY N 100 -31.91 16.51 -33.27
CA GLY N 100 -32.64 17.39 -32.37
C GLY N 100 -34.01 16.86 -32.01
N ASN N 101 -34.57 17.35 -30.92
CA ASN N 101 -35.96 17.09 -30.57
C ASN N 101 -36.87 17.94 -31.44
N ILE N 102 -38.13 17.50 -31.56
CA ILE N 102 -39.06 18.10 -32.50
C ILE N 102 -40.13 18.86 -31.71
N SER N 103 -40.94 19.62 -32.43
CA SER N 103 -41.69 20.77 -31.90
C SER N 103 -43.13 20.45 -31.53
N ASP N 104 -43.39 19.27 -30.96
CA ASP N 104 -44.61 18.90 -30.24
C ASP N 104 -45.81 18.61 -31.14
N ASP N 105 -45.77 18.98 -32.43
CA ASP N 105 -46.85 18.69 -33.37
C ASP N 105 -46.45 19.14 -34.76
N LEU N 106 -46.83 18.39 -35.79
CA LEU N 106 -46.42 18.72 -37.14
C LEU N 106 -47.55 18.46 -38.11
N LYS N 107 -47.64 19.30 -39.13
CA LYS N 107 -48.56 19.11 -40.24
C LYS N 107 -47.75 18.51 -41.39
N ILE N 108 -47.96 17.23 -41.66
CA ILE N 108 -47.15 16.49 -42.62
C ILE N 108 -47.97 16.24 -43.87
N TYR N 109 -47.38 16.57 -45.03
CA TYR N 109 -47.98 16.34 -46.32
C TYR N 109 -47.16 15.27 -47.04
N ILE N 110 -47.86 14.25 -47.53
CA ILE N 110 -47.20 13.08 -48.10
C ILE N 110 -47.82 12.77 -49.47
N PRO N 111 -47.02 12.62 -50.52
CA PRO N 111 -47.57 12.25 -51.83
C PRO N 111 -48.24 10.89 -51.78
N TYR N 112 -49.53 10.87 -52.07
CA TYR N 112 -50.35 9.68 -51.90
C TYR N 112 -50.95 9.25 -53.23
N SER N 113 -51.17 7.96 -53.37
CA SER N 113 -51.85 7.38 -54.51
C SER N 113 -52.65 6.19 -54.01
N SER N 114 -53.93 6.14 -54.38
CA SER N 114 -54.73 5.01 -53.94
C SER N 114 -54.15 3.72 -54.53
N PRO N 115 -54.15 2.64 -53.76
CA PRO N 115 -53.58 1.38 -54.26
C PRO N 115 -54.13 0.94 -55.59
N ASP N 116 -55.37 1.31 -55.93
CA ASP N 116 -55.94 1.07 -57.26
C ASP N 116 -55.94 -0.43 -57.57
N ALA N 117 -56.80 -1.14 -56.84
CA ALA N 117 -56.75 -2.60 -56.86
C ALA N 117 -57.28 -3.17 -58.17
N ARG N 118 -56.65 -2.77 -59.26
CA ARG N 118 -56.85 -3.39 -60.57
C ARG N 118 -55.57 -4.00 -61.10
N ASN N 119 -54.52 -4.04 -60.29
CA ASN N 119 -53.30 -4.77 -60.56
C ASN N 119 -52.59 -4.99 -59.22
N SER N 120 -52.12 -6.22 -58.99
CA SER N 120 -51.54 -6.55 -57.70
C SER N 120 -50.28 -5.73 -57.45
N MET N 121 -50.04 -5.41 -56.18
CA MET N 121 -48.92 -4.56 -55.79
C MET N 121 -47.76 -5.44 -55.32
N LYS N 122 -46.70 -5.47 -56.12
CA LYS N 122 -45.44 -6.11 -55.75
C LYS N 122 -44.36 -5.04 -55.70
N THR N 123 -43.47 -5.14 -54.72
CA THR N 123 -42.48 -4.10 -54.45
C THR N 123 -41.08 -4.67 -54.55
N LYS N 124 -40.13 -3.82 -54.96
CA LYS N 124 -38.74 -4.21 -55.14
C LYS N 124 -37.85 -3.23 -54.39
N PRO N 125 -36.89 -3.71 -53.61
CA PRO N 125 -35.96 -2.80 -52.95
C PRO N 125 -35.04 -2.13 -53.96
N VAL N 126 -34.89 -0.81 -53.85
CA VAL N 126 -34.11 -0.03 -54.79
C VAL N 126 -33.31 1.00 -54.03
N SER N 127 -32.01 1.08 -54.33
CA SER N 127 -31.13 2.09 -53.77
C SER N 127 -30.74 3.10 -54.85
N ILE N 128 -30.04 4.14 -54.43
CA ILE N 128 -29.70 5.27 -55.29
C ILE N 128 -28.24 5.13 -55.67
N SER N 129 -28.00 4.57 -56.85
CA SER N 129 -26.68 4.43 -57.46
C SER N 129 -26.70 5.21 -58.77
N ASP N 130 -25.69 4.99 -59.61
CA ASP N 130 -25.53 5.70 -60.88
C ASP N 130 -25.32 7.19 -60.62
N ASP N 131 -24.12 7.47 -60.09
CA ASP N 131 -23.78 8.77 -59.50
C ASP N 131 -24.18 9.96 -60.35
N THR N 132 -24.48 9.77 -61.63
CA THR N 132 -25.23 10.78 -62.36
C THR N 132 -26.47 11.18 -61.58
N ILE N 133 -27.14 10.21 -60.97
CA ILE N 133 -28.37 10.48 -60.24
C ILE N 133 -28.10 11.31 -59.00
N VAL N 134 -27.07 10.95 -58.24
CA VAL N 134 -26.80 11.70 -57.01
C VAL N 134 -26.30 13.10 -57.35
N ASN N 135 -25.52 13.23 -58.42
CA ASN N 135 -25.03 14.54 -58.85
C ASN N 135 -26.17 15.44 -59.33
N ASN N 136 -27.18 14.86 -59.97
CA ASN N 136 -28.29 15.72 -60.34
C ASN N 136 -29.22 15.98 -59.16
N ILE N 137 -29.34 15.04 -58.22
CA ILE N 137 -30.31 15.22 -57.16
C ILE N 137 -29.82 16.20 -56.10
N ILE N 138 -28.52 16.22 -55.80
CA ILE N 138 -28.02 17.24 -54.87
C ILE N 138 -28.43 18.62 -55.36
N LYS N 139 -28.12 18.93 -56.62
CA LYS N 139 -28.52 20.20 -57.22
C LYS N 139 -30.03 20.34 -57.25
N GLU N 140 -30.76 19.26 -57.56
CA GLU N 140 -32.18 19.37 -57.84
C GLU N 140 -32.97 19.70 -56.58
N VAL N 141 -32.63 19.10 -55.44
CA VAL N 141 -33.34 19.36 -54.19
C VAL N 141 -32.54 20.25 -53.25
N PHE N 142 -31.34 19.84 -52.86
CA PHE N 142 -30.68 20.50 -51.76
C PHE N 142 -30.26 21.92 -52.11
N ASP N 143 -29.73 22.12 -53.33
CA ASP N 143 -29.42 23.47 -53.78
C ASP N 143 -30.64 24.38 -53.79
N LYS N 144 -31.84 23.81 -53.78
CA LYS N 144 -33.06 24.61 -53.74
C LYS N 144 -33.62 24.76 -52.34
N ILE N 145 -33.35 23.80 -51.46
CA ILE N 145 -33.86 23.81 -50.09
C ILE N 145 -32.75 24.18 -49.11
N TYR N 146 -31.63 23.47 -49.18
CA TYR N 146 -30.48 23.77 -48.34
C TYR N 146 -29.49 24.63 -49.13
N ASN N 147 -29.88 25.90 -49.32
CA ASN N 147 -28.93 26.86 -49.87
C ASN N 147 -27.67 26.94 -49.04
N ILE N 148 -27.66 26.32 -47.86
CA ILE N 148 -26.44 26.19 -47.07
C ILE N 148 -25.35 25.47 -47.86
N THR N 149 -25.71 24.37 -48.52
CA THR N 149 -24.75 23.68 -49.35
C THR N 149 -24.42 24.52 -50.58
N GLN N 150 -23.20 24.34 -51.09
CA GLN N 150 -22.60 25.20 -52.10
C GLN N 150 -22.41 26.61 -51.52
N LYS N 151 -22.69 26.76 -50.23
CA LYS N 151 -22.39 27.97 -49.48
C LYS N 151 -21.80 27.70 -48.12
N GLU N 152 -21.81 26.45 -47.65
CA GLU N 152 -21.15 26.03 -46.42
C GLU N 152 -20.08 24.98 -46.65
N LYS N 153 -20.29 24.13 -47.64
CA LYS N 153 -19.52 22.90 -47.81
C LYS N 153 -18.78 22.93 -49.14
N VAL N 154 -17.48 22.68 -49.08
CA VAL N 154 -16.74 22.25 -50.26
C VAL N 154 -16.77 20.73 -50.19
N LYS N 155 -17.34 20.21 -49.10
CA LYS N 155 -17.46 18.78 -48.87
C LYS N 155 -18.80 18.27 -49.40
N ILE N 156 -18.97 18.41 -50.71
CA ILE N 156 -20.18 17.90 -51.35
C ILE N 156 -20.12 16.40 -51.50
N GLU N 157 -18.92 15.85 -51.65
CA GLU N 157 -18.77 14.40 -51.79
C GLU N 157 -19.29 13.67 -50.56
N LYS N 158 -19.20 14.27 -49.38
CA LYS N 158 -19.69 13.60 -48.17
C LYS N 158 -21.22 13.60 -48.14
N VAL N 159 -21.83 14.75 -48.42
CA VAL N 159 -23.28 14.89 -48.44
C VAL N 159 -23.82 14.22 -49.70
N LYS N 160 -22.92 13.65 -50.49
CA LYS N 160 -23.25 12.82 -51.63
C LYS N 160 -23.18 11.33 -51.31
N GLU N 161 -22.12 10.92 -50.61
CA GLU N 161 -22.00 9.53 -50.20
C GLU N 161 -23.05 9.15 -49.18
N ASP N 162 -23.45 10.10 -48.31
CA ASP N 162 -24.55 9.80 -47.39
C ASP N 162 -25.83 9.52 -48.16
N ILE N 163 -26.06 10.26 -49.24
CA ILE N 163 -27.17 9.94 -50.13
C ILE N 163 -27.01 8.54 -50.70
N LYS N 164 -25.81 8.25 -51.21
CA LYS N 164 -25.59 6.97 -51.87
C LYS N 164 -25.81 5.80 -50.92
N GLU N 165 -25.58 5.99 -49.62
CA GLU N 165 -25.68 4.89 -48.66
C GLU N 165 -26.76 5.11 -47.61
N LEU N 166 -27.71 6.00 -47.87
CA LEU N 166 -28.71 6.27 -46.84
C LEU N 166 -30.14 6.19 -47.34
N PHE N 167 -30.41 6.60 -48.59
CA PHE N 167 -31.77 6.69 -49.11
C PHE N 167 -32.07 5.50 -50.00
N SER N 168 -32.48 4.40 -49.38
CA SER N 168 -33.07 3.29 -50.10
C SER N 168 -34.59 3.42 -50.02
N TYR N 169 -35.29 2.57 -50.77
CA TYR N 169 -36.75 2.60 -50.74
C TYR N 169 -37.26 1.35 -51.45
N TYR N 170 -38.57 1.29 -51.68
CA TYR N 170 -39.19 0.20 -52.40
C TYR N 170 -40.05 0.74 -53.53
N ALA N 171 -39.97 0.09 -54.68
CA ALA N 171 -40.69 0.47 -55.89
C ALA N 171 -41.73 -0.60 -56.23
N LEU N 172 -42.39 -0.42 -57.36
CA LEU N 172 -43.57 -1.21 -57.72
C LEU N 172 -43.37 -2.12 -58.92
N GLU N 173 -42.63 -1.71 -59.95
CA GLU N 173 -42.46 -2.47 -61.19
C GLU N 173 -43.80 -2.61 -61.93
N GLN N 174 -44.41 -1.48 -62.22
CA GLN N 174 -45.59 -1.47 -63.09
C GLN N 174 -45.58 -0.23 -63.97
N SER O 2 -29.32 -34.56 -92.39
CA SER O 2 -28.84 -34.14 -91.07
C SER O 2 -29.99 -33.60 -90.23
N THR O 3 -29.89 -33.75 -88.92
CA THR O 3 -30.92 -33.32 -87.98
C THR O 3 -30.40 -32.13 -87.17
N GLN O 4 -30.54 -30.94 -87.75
CA GLN O 4 -30.17 -29.72 -87.05
C GLN O 4 -31.24 -29.37 -86.04
N ARG O 5 -30.82 -28.79 -84.92
CA ARG O 5 -31.72 -28.49 -83.81
C ARG O 5 -31.43 -27.11 -83.28
N GLU O 6 -32.47 -26.27 -83.23
CA GLU O 6 -32.36 -24.92 -82.70
C GLU O 6 -33.03 -24.84 -81.33
N TYR O 7 -32.53 -23.93 -80.50
CA TYR O 7 -32.80 -23.86 -79.08
C TYR O 7 -33.60 -22.60 -78.77
N VAL O 8 -34.79 -22.78 -78.21
CA VAL O 8 -35.68 -21.68 -77.84
C VAL O 8 -35.73 -21.58 -76.32
N PHE O 9 -35.58 -20.35 -75.83
CA PHE O 9 -35.62 -20.05 -74.41
C PHE O 9 -37.04 -19.70 -73.98
N ILE O 10 -37.27 -19.77 -72.68
CA ILE O 10 -38.61 -19.53 -72.13
C ILE O 10 -38.60 -18.25 -71.30
N PRO O 11 -38.91 -17.10 -71.89
CA PRO O 11 -39.13 -15.90 -71.10
C PRO O 11 -40.57 -15.86 -70.59
N ILE O 12 -40.92 -14.76 -69.93
CA ILE O 12 -42.27 -14.55 -69.45
C ILE O 12 -43.02 -13.71 -70.47
N THR O 13 -42.41 -13.50 -71.63
CA THR O 13 -42.96 -12.67 -72.69
C THR O 13 -43.45 -13.54 -73.84
N ASN O 14 -44.33 -12.97 -74.66
CA ASN O 14 -44.90 -13.67 -75.81
C ASN O 14 -44.03 -13.52 -77.05
N SER O 15 -42.75 -13.82 -76.91
CA SER O 15 -41.77 -13.73 -77.98
C SER O 15 -41.70 -15.00 -78.81
N ILE O 16 -42.63 -15.94 -78.58
CA ILE O 16 -42.56 -17.29 -79.12
C ILE O 16 -43.76 -17.57 -80.03
N THR O 17 -44.24 -16.55 -80.76
CA THR O 17 -45.39 -16.77 -81.63
C THR O 17 -45.05 -17.73 -82.76
N ILE O 18 -44.15 -17.32 -83.65
CA ILE O 18 -43.69 -18.15 -84.77
C ILE O 18 -42.19 -17.95 -84.85
N ASP O 19 -41.42 -18.99 -84.51
CA ASP O 19 -39.99 -18.83 -84.37
C ASP O 19 -39.16 -19.99 -84.92
N VAL O 20 -39.75 -20.90 -85.70
CA VAL O 20 -39.02 -22.02 -86.25
C VAL O 20 -39.71 -22.50 -87.51
N LYS O 21 -38.91 -23.02 -88.45
CA LYS O 21 -39.43 -23.60 -89.68
C LYS O 21 -39.86 -25.04 -89.52
N ILE O 22 -39.07 -25.84 -88.82
CA ILE O 22 -39.30 -27.28 -88.72
C ILE O 22 -40.17 -27.56 -87.51
N THR O 23 -41.30 -28.25 -87.74
CA THR O 23 -42.15 -28.67 -86.63
C THR O 23 -41.56 -29.87 -85.93
N ILE O 24 -41.43 -30.99 -86.64
CA ILE O 24 -40.62 -32.11 -86.18
C ILE O 24 -39.62 -32.42 -87.28
N GLY O 25 -40.10 -32.53 -88.52
CA GLY O 25 -39.22 -32.67 -89.66
C GLY O 25 -38.58 -34.04 -89.74
N GLY O 26 -37.71 -34.33 -88.77
CA GLY O 26 -37.16 -35.66 -88.62
C GLY O 26 -38.19 -36.55 -87.95
N SER O 27 -37.74 -37.39 -87.01
CA SER O 27 -38.66 -38.27 -86.30
C SER O 27 -38.54 -38.14 -84.79
N ASP O 28 -37.81 -37.14 -84.28
CA ASP O 28 -37.56 -37.07 -82.86
C ASP O 28 -37.10 -35.68 -82.46
N HIS O 29 -37.29 -35.36 -81.18
CA HIS O 29 -36.76 -34.17 -80.56
C HIS O 29 -36.06 -34.56 -79.27
N ILE O 30 -35.00 -33.82 -78.93
CA ILE O 30 -34.29 -34.09 -77.68
C ILE O 30 -35.21 -33.80 -76.49
N THR O 31 -35.69 -32.57 -76.40
CA THR O 31 -36.61 -32.20 -75.33
C THR O 31 -37.93 -32.91 -75.52
N ASN O 32 -38.27 -33.81 -74.61
CA ASN O 32 -39.52 -34.56 -74.70
C ASN O 32 -40.33 -34.37 -73.42
N ILE O 33 -41.59 -34.77 -73.48
CA ILE O 33 -42.54 -34.59 -72.38
C ILE O 33 -43.26 -35.92 -72.20
N ASP O 34 -42.80 -36.73 -71.24
CA ASP O 34 -43.28 -38.11 -71.08
C ASP O 34 -43.78 -38.31 -69.64
N GLU O 35 -45.05 -37.98 -69.41
CA GLU O 35 -45.85 -38.42 -68.27
C GLU O 35 -45.23 -38.04 -66.92
N ARG O 36 -44.11 -37.34 -66.96
CA ARG O 36 -43.45 -36.85 -65.77
C ARG O 36 -43.08 -35.38 -65.89
N GLY O 37 -43.28 -34.78 -67.06
CA GLY O 37 -42.91 -33.41 -67.34
C GLY O 37 -41.89 -33.33 -68.44
N ILE O 38 -41.32 -32.13 -68.59
CA ILE O 38 -40.33 -31.89 -69.64
C ILE O 38 -39.01 -32.55 -69.27
N HIS O 39 -38.39 -33.22 -70.22
CA HIS O 39 -37.08 -33.80 -70.05
C HIS O 39 -36.11 -33.21 -71.06
N ASN O 40 -34.82 -33.36 -70.77
CA ASN O 40 -33.75 -32.92 -71.66
C ASN O 40 -33.74 -31.40 -71.84
N VAL O 41 -34.12 -30.67 -70.79
CA VAL O 41 -34.00 -29.21 -70.81
C VAL O 41 -32.54 -28.81 -70.95
N LEU O 42 -32.26 -27.81 -71.77
CA LEU O 42 -30.90 -27.35 -71.98
C LEU O 42 -30.69 -26.03 -71.26
N VAL O 43 -29.47 -25.82 -70.78
CA VAL O 43 -29.10 -24.62 -70.01
C VAL O 43 -27.84 -24.04 -70.64
N ILE O 44 -27.84 -22.73 -70.88
CA ILE O 44 -26.68 -22.04 -71.41
C ILE O 44 -26.15 -21.10 -70.34
N THR O 45 -24.85 -21.15 -70.11
CA THR O 45 -24.17 -20.29 -69.16
C THR O 45 -23.54 -19.11 -69.90
N GLY O 46 -23.50 -17.97 -69.23
CA GLY O 46 -22.82 -16.81 -69.76
C GLY O 46 -23.61 -15.97 -70.73
N TYR O 47 -24.83 -16.35 -71.06
CA TYR O 47 -25.67 -15.59 -71.98
C TYR O 47 -26.93 -15.14 -71.26
N ALA O 48 -27.35 -13.91 -71.55
CA ALA O 48 -28.48 -13.30 -70.85
C ALA O 48 -29.63 -13.05 -71.81
N VAL O 49 -30.77 -12.68 -71.25
CA VAL O 49 -32.01 -12.49 -71.99
C VAL O 49 -32.28 -11.00 -72.13
N ASP O 50 -32.65 -10.59 -73.35
CA ASP O 50 -33.06 -9.24 -73.68
C ASP O 50 -34.31 -9.27 -74.53
N GLU O 51 -35.35 -9.97 -74.03
CA GLU O 51 -36.57 -10.31 -74.77
C GLU O 51 -37.06 -9.23 -75.72
N LYS O 52 -36.94 -7.96 -75.35
CA LYS O 52 -37.16 -6.85 -76.29
C LYS O 52 -35.96 -6.78 -77.23
N ASN O 53 -36.16 -7.16 -78.49
CA ASN O 53 -35.10 -7.65 -79.36
C ASN O 53 -34.47 -8.91 -78.75
N GLY O 54 -35.33 -9.93 -78.64
CA GLY O 54 -34.96 -11.08 -77.82
C GLY O 54 -34.19 -12.17 -78.53
N ARG O 55 -32.87 -12.07 -78.43
CA ARG O 55 -31.95 -13.15 -78.77
C ARG O 55 -30.84 -13.08 -77.73
N LEU O 56 -30.35 -14.25 -77.30
CA LEU O 56 -29.57 -14.33 -76.08
C LEU O 56 -28.27 -13.54 -76.24
N VAL O 57 -28.18 -12.45 -75.49
CA VAL O 57 -27.02 -11.55 -75.58
C VAL O 57 -25.81 -12.21 -74.95
N PRO O 58 -24.63 -12.08 -75.54
CA PRO O 58 -23.41 -12.66 -74.94
C PRO O 58 -22.92 -11.83 -73.77
N THR O 59 -23.10 -12.36 -72.57
CA THR O 59 -22.54 -11.78 -71.36
C THR O 59 -21.28 -12.57 -71.01
N LEU O 60 -20.65 -12.24 -69.90
CA LEU O 60 -19.51 -13.00 -69.40
C LEU O 60 -19.72 -13.38 -67.95
N ASP O 61 -20.93 -13.79 -67.59
CA ASP O 61 -21.24 -14.12 -66.21
C ASP O 61 -21.42 -15.62 -66.08
N PRO O 62 -20.52 -16.32 -65.41
CA PRO O 62 -20.79 -17.74 -65.11
C PRO O 62 -22.07 -17.95 -64.32
N CYS O 63 -22.60 -16.91 -63.67
CA CYS O 63 -23.93 -16.96 -63.07
C CYS O 63 -24.99 -16.36 -63.98
N ASP O 64 -24.86 -16.51 -65.29
CA ASP O 64 -25.89 -16.07 -66.23
C ASP O 64 -26.38 -17.31 -66.98
N TYR O 65 -27.38 -17.96 -66.43
CA TYR O 65 -27.91 -19.19 -67.00
C TYR O 65 -29.30 -18.92 -67.57
N VAL O 66 -29.47 -19.25 -68.84
CA VAL O 66 -30.77 -19.23 -69.49
C VAL O 66 -31.16 -20.66 -69.80
N LYS O 67 -32.34 -21.06 -69.34
CA LYS O 67 -32.84 -22.39 -69.62
C LYS O 67 -33.72 -22.37 -70.86
N GLY O 68 -34.03 -23.56 -71.37
CA GLY O 68 -34.88 -23.63 -72.54
C GLY O 68 -34.93 -25.05 -73.08
N ILE O 69 -35.55 -25.17 -74.25
CA ILE O 69 -35.72 -26.45 -74.92
C ILE O 69 -35.21 -26.33 -76.34
N LEU O 70 -34.56 -27.37 -76.83
CA LEU O 70 -34.09 -27.40 -78.21
C LEU O 70 -34.89 -28.44 -78.99
N VAL O 71 -35.23 -28.10 -80.23
CA VAL O 71 -35.97 -29.01 -81.10
C VAL O 71 -35.35 -28.94 -82.48
N ALA O 72 -35.48 -30.05 -83.22
CA ALA O 72 -35.06 -30.06 -84.61
C ALA O 72 -35.73 -28.93 -85.37
N GLY O 73 -34.92 -28.01 -85.88
CA GLY O 73 -35.47 -26.83 -86.51
C GLY O 73 -34.40 -26.02 -87.20
N THR O 74 -34.86 -25.09 -88.03
CA THR O 74 -34.04 -24.11 -88.71
C THR O 74 -34.83 -22.81 -88.67
N PRO O 75 -34.17 -21.67 -88.45
CA PRO O 75 -34.93 -20.43 -88.22
C PRO O 75 -35.44 -19.76 -89.48
N GLN O 76 -36.72 -19.98 -89.82
CA GLN O 76 -37.53 -19.04 -90.59
C GLN O 76 -36.95 -18.67 -91.95
N GLN O 77 -35.77 -19.22 -92.28
CA GLN O 77 -34.96 -18.80 -93.42
C GLN O 77 -34.83 -17.27 -93.45
N ALA O 78 -34.96 -16.64 -92.28
CA ALA O 78 -34.81 -15.21 -92.13
C ALA O 78 -33.67 -14.87 -91.17
N GLN O 79 -32.85 -15.85 -90.83
CA GLN O 79 -31.84 -15.70 -89.80
C GLN O 79 -30.58 -16.39 -90.29
N SER O 80 -29.66 -16.66 -89.36
CA SER O 80 -28.25 -17.03 -89.55
C SER O 80 -27.43 -15.78 -89.88
N ASN O 81 -28.07 -14.63 -90.04
CA ASN O 81 -27.35 -13.36 -90.13
C ASN O 81 -26.83 -12.91 -88.78
N ASP O 82 -27.39 -13.43 -87.69
CA ASP O 82 -26.91 -13.11 -86.35
C ASP O 82 -26.89 -14.32 -85.41
N PHE O 83 -27.34 -15.48 -85.85
CA PHE O 83 -27.58 -16.59 -84.94
C PHE O 83 -26.30 -17.38 -84.68
N LEU O 84 -26.22 -17.94 -83.47
CA LEU O 84 -25.13 -18.83 -83.08
C LEU O 84 -25.29 -20.16 -83.80
N THR O 85 -24.68 -20.28 -84.97
CA THR O 85 -24.57 -21.55 -85.67
C THR O 85 -23.26 -22.23 -85.27
N LEU O 86 -23.35 -23.31 -84.51
CA LEU O 86 -22.17 -23.98 -84.01
C LEU O 86 -22.35 -25.48 -84.16
N LYS O 87 -21.26 -26.21 -83.95
CA LYS O 87 -21.25 -27.67 -84.09
C LYS O 87 -20.43 -28.25 -82.96
N LEU O 88 -21.05 -29.06 -82.10
CA LEU O 88 -20.35 -29.64 -80.97
C LEU O 88 -20.83 -31.06 -80.76
N PRO O 89 -19.98 -31.93 -80.18
CA PRO O 89 -20.33 -33.35 -80.11
C PRO O 89 -21.21 -33.76 -78.94
N ALA O 90 -22.23 -32.97 -78.63
CA ALA O 90 -23.37 -33.39 -77.83
C ALA O 90 -23.00 -33.85 -76.40
N ASN O 91 -21.74 -33.75 -76.03
CA ASN O 91 -21.31 -34.01 -74.66
C ASN O 91 -20.84 -32.73 -73.98
N LYS O 92 -21.05 -31.59 -74.62
CA LYS O 92 -20.71 -30.29 -74.07
C LYS O 92 -21.95 -29.47 -73.78
N LEU O 93 -23.08 -30.13 -73.56
CA LEU O 93 -24.35 -29.46 -73.32
C LEU O 93 -24.91 -29.89 -71.96
N TYR O 94 -25.19 -28.91 -71.11
CA TYR O 94 -25.72 -29.14 -69.77
C TYR O 94 -27.22 -29.38 -69.90
N LEU O 95 -27.62 -30.63 -69.80
CA LEU O 95 -29.03 -31.01 -69.83
C LEU O 95 -29.44 -31.58 -68.48
N ILE O 96 -30.65 -31.25 -68.06
CA ILE O 96 -31.12 -31.64 -66.74
C ILE O 96 -32.28 -32.61 -66.90
N ARG O 97 -32.45 -33.48 -65.90
CA ARG O 97 -33.46 -34.53 -65.91
C ARG O 97 -33.31 -35.43 -67.13
N LYS O 98 -32.08 -35.81 -67.44
CA LYS O 98 -31.81 -36.60 -68.62
C LYS O 98 -32.54 -37.94 -68.54
N LYS O 99 -32.70 -38.57 -69.71
CA LYS O 99 -33.29 -39.90 -69.79
C LYS O 99 -32.57 -40.80 -70.78
N GLY O 100 -31.47 -40.33 -71.37
CA GLY O 100 -30.70 -41.16 -72.27
C GLY O 100 -29.49 -40.42 -72.79
N ASN O 101 -28.75 -41.08 -73.67
CA ASN O 101 -27.64 -40.45 -74.38
C ASN O 101 -28.10 -40.03 -75.77
N ILE O 102 -27.21 -39.36 -76.51
CA ILE O 102 -27.57 -38.72 -77.78
C ILE O 102 -26.46 -38.89 -78.80
N SER O 103 -26.74 -38.42 -80.02
CA SER O 103 -25.99 -38.72 -81.24
C SER O 103 -24.51 -38.43 -81.14
N ASP O 104 -24.08 -37.65 -80.14
CA ASP O 104 -22.68 -37.27 -79.95
C ASP O 104 -22.12 -36.47 -81.13
N ASP O 105 -22.99 -35.84 -81.91
CA ASP O 105 -22.57 -34.82 -82.87
C ASP O 105 -23.80 -34.01 -83.27
N LEU O 106 -23.84 -32.75 -82.89
CA LEU O 106 -25.02 -31.92 -83.15
C LEU O 106 -24.61 -30.51 -83.56
N LYS O 107 -25.27 -30.01 -84.59
CA LYS O 107 -25.22 -28.60 -84.93
C LYS O 107 -26.34 -27.89 -84.18
N ILE O 108 -25.98 -26.80 -83.50
CA ILE O 108 -26.91 -26.06 -82.68
C ILE O 108 -27.06 -24.65 -83.23
N TYR O 109 -28.30 -24.19 -83.33
CA TYR O 109 -28.62 -22.81 -83.66
C TYR O 109 -29.18 -22.13 -82.42
N ILE O 110 -28.67 -20.94 -82.12
CA ILE O 110 -29.05 -20.22 -80.90
C ILE O 110 -29.42 -18.77 -81.22
N PRO O 111 -30.54 -18.26 -80.71
CA PRO O 111 -30.85 -16.84 -80.90
C PRO O 111 -29.80 -15.97 -80.24
N TYR O 112 -29.08 -15.20 -81.05
CA TYR O 112 -27.88 -14.49 -80.61
C TYR O 112 -27.97 -13.05 -81.10
N SER O 113 -28.22 -12.12 -80.18
CA SER O 113 -28.34 -10.71 -80.54
C SER O 113 -26.96 -10.08 -80.67
N SER O 114 -26.97 -8.77 -80.94
CA SER O 114 -25.79 -7.92 -80.85
C SER O 114 -25.18 -8.06 -79.47
N PRO O 115 -23.88 -7.80 -79.32
CA PRO O 115 -23.28 -7.75 -77.97
C PRO O 115 -23.70 -6.53 -77.17
N ASP O 116 -24.54 -5.65 -77.73
CA ASP O 116 -25.08 -4.48 -77.04
C ASP O 116 -23.97 -3.64 -76.42
N ALA O 117 -23.11 -3.11 -77.30
CA ALA O 117 -21.96 -2.34 -76.87
C ALA O 117 -22.34 -0.89 -76.60
N ARG O 118 -23.42 -0.66 -75.84
CA ARG O 118 -23.82 0.68 -75.45
C ARG O 118 -24.22 0.82 -73.98
N ASN O 119 -24.66 -0.24 -73.31
CA ASN O 119 -25.14 -0.17 -71.94
C ASN O 119 -24.51 -1.28 -71.12
N SER O 120 -24.07 -0.94 -69.90
CA SER O 120 -23.44 -1.91 -69.01
C SER O 120 -24.48 -2.94 -68.56
N MET O 121 -24.30 -4.19 -68.97
CA MET O 121 -25.35 -5.19 -68.82
C MET O 121 -25.51 -5.64 -67.37
N LYS O 122 -26.40 -4.97 -66.64
CA LYS O 122 -26.74 -5.36 -65.28
C LYS O 122 -27.91 -6.35 -65.33
N THR O 123 -27.71 -7.51 -64.74
CA THR O 123 -28.59 -8.63 -64.99
C THR O 123 -29.56 -8.83 -63.82
N LYS O 124 -30.47 -9.78 -63.96
CA LYS O 124 -31.52 -9.98 -62.98
C LYS O 124 -32.13 -11.37 -63.12
N PRO O 125 -32.30 -12.12 -62.03
CA PRO O 125 -32.97 -13.41 -62.13
C PRO O 125 -34.46 -13.23 -62.35
N VAL O 126 -35.00 -13.94 -63.33
CA VAL O 126 -36.42 -13.92 -63.63
C VAL O 126 -36.94 -15.35 -63.63
N SER O 127 -38.00 -15.58 -62.88
CA SER O 127 -38.67 -16.87 -62.83
C SER O 127 -39.90 -16.85 -63.73
N ILE O 128 -40.46 -18.03 -63.96
CA ILE O 128 -41.64 -18.18 -64.82
C ILE O 128 -42.81 -18.54 -63.90
N SER O 129 -43.66 -17.55 -63.66
CA SER O 129 -44.83 -17.71 -62.78
C SER O 129 -45.96 -16.91 -63.41
N ASP O 130 -46.98 -16.56 -62.62
CA ASP O 130 -48.15 -15.83 -63.09
C ASP O 130 -48.91 -16.66 -64.14
N ASP O 131 -49.54 -17.72 -63.63
CA ASP O 131 -50.05 -18.86 -64.41
C ASP O 131 -50.68 -18.50 -65.75
N THR O 132 -51.24 -17.30 -65.88
CA THR O 132 -51.68 -16.87 -67.21
C THR O 132 -50.50 -16.87 -68.19
N ILE O 133 -49.31 -16.50 -67.71
CA ILE O 133 -48.12 -16.59 -68.54
C ILE O 133 -47.78 -18.04 -68.82
N VAL O 134 -48.00 -18.92 -67.84
CA VAL O 134 -47.80 -20.36 -68.04
C VAL O 134 -48.70 -20.86 -69.16
N ASN O 135 -49.96 -20.48 -69.12
CA ASN O 135 -50.92 -20.95 -70.12
C ASN O 135 -50.61 -20.38 -71.49
N ASN O 136 -50.24 -19.10 -71.57
CA ASN O 136 -49.96 -18.54 -72.89
C ASN O 136 -48.67 -19.10 -73.47
N ILE O 137 -47.66 -19.36 -72.64
CA ILE O 137 -46.44 -19.97 -73.17
C ILE O 137 -46.69 -21.42 -73.57
N ILE O 138 -47.59 -22.12 -72.86
CA ILE O 138 -47.96 -23.47 -73.29
C ILE O 138 -48.67 -23.42 -74.64
N LYS O 139 -49.65 -22.54 -74.77
CA LYS O 139 -50.41 -22.43 -76.01
C LYS O 139 -49.58 -21.90 -77.16
N GLU O 140 -48.46 -21.23 -76.87
CA GLU O 140 -47.59 -20.75 -77.94
C GLU O 140 -46.76 -21.87 -78.53
N VAL O 141 -45.89 -22.47 -77.73
CA VAL O 141 -44.84 -23.35 -78.22
C VAL O 141 -45.14 -24.82 -77.94
N PHE O 142 -45.72 -25.11 -76.78
CA PHE O 142 -45.97 -26.50 -76.40
C PHE O 142 -47.01 -27.19 -77.29
N ASP O 143 -47.52 -26.49 -78.32
CA ASP O 143 -48.31 -27.10 -79.37
C ASP O 143 -47.74 -26.84 -80.76
N LYS O 144 -47.15 -25.66 -80.98
CA LYS O 144 -46.53 -25.34 -82.26
C LYS O 144 -45.48 -26.38 -82.63
N ILE O 145 -44.75 -26.89 -81.65
CA ILE O 145 -43.73 -27.92 -81.89
C ILE O 145 -44.30 -29.27 -81.49
N TYR O 146 -44.74 -29.38 -80.24
CA TYR O 146 -45.22 -30.65 -79.70
C TYR O 146 -46.74 -30.68 -79.82
N ASN O 147 -47.23 -31.28 -80.91
CA ASN O 147 -48.63 -31.65 -80.92
C ASN O 147 -48.92 -32.77 -79.93
N ILE O 148 -47.88 -33.38 -79.36
CA ILE O 148 -48.06 -34.47 -78.40
C ILE O 148 -48.85 -33.99 -77.19
N THR O 149 -48.74 -32.71 -76.85
CA THR O 149 -49.65 -32.09 -75.90
C THR O 149 -51.07 -32.18 -76.48
N GLN O 150 -52.01 -32.63 -75.66
CA GLN O 150 -53.37 -32.95 -76.08
C GLN O 150 -53.39 -34.04 -77.16
N LYS O 151 -52.35 -34.84 -77.23
CA LYS O 151 -52.32 -36.02 -78.09
C LYS O 151 -52.02 -37.29 -77.31
N GLU O 152 -51.04 -37.26 -76.40
CA GLU O 152 -50.76 -38.39 -75.53
C GLU O 152 -50.66 -37.89 -74.09
N LYS O 153 -50.23 -36.64 -73.93
CA LYS O 153 -50.09 -36.04 -72.62
C LYS O 153 -51.45 -35.59 -72.11
N VAL O 154 -52.09 -36.45 -71.31
CA VAL O 154 -53.28 -36.07 -70.56
C VAL O 154 -52.90 -35.40 -69.25
N LYS O 155 -51.59 -35.29 -68.96
CA LYS O 155 -51.12 -34.71 -67.71
C LYS O 155 -50.69 -33.25 -67.93
N ILE O 156 -51.68 -32.42 -68.26
CA ILE O 156 -51.42 -30.98 -68.29
C ILE O 156 -51.37 -30.43 -66.87
N GLU O 157 -52.08 -31.08 -65.94
CA GLU O 157 -52.08 -30.64 -64.54
C GLU O 157 -50.69 -30.62 -63.95
N LYS O 158 -49.73 -31.35 -64.54
CA LYS O 158 -48.36 -31.36 -64.04
C LYS O 158 -47.47 -30.35 -64.75
N VAL O 159 -47.64 -30.20 -66.08
CA VAL O 159 -46.73 -29.36 -66.84
C VAL O 159 -46.77 -27.92 -66.36
N LYS O 160 -47.86 -27.50 -65.72
CA LYS O 160 -47.96 -26.17 -65.15
C LYS O 160 -46.86 -25.94 -64.13
N GLU O 161 -46.89 -26.69 -63.02
CA GLU O 161 -45.87 -26.51 -61.99
C GLU O 161 -44.50 -26.93 -62.49
N ASP O 162 -44.44 -27.83 -63.47
CA ASP O 162 -43.16 -28.16 -64.08
C ASP O 162 -42.49 -26.91 -64.66
N ILE O 163 -43.20 -26.23 -65.56
CA ILE O 163 -42.65 -25.02 -66.18
C ILE O 163 -42.45 -23.94 -65.12
N LYS O 164 -43.31 -23.89 -64.11
CA LYS O 164 -43.13 -22.91 -63.03
C LYS O 164 -41.79 -23.11 -62.33
N GLU O 165 -41.52 -24.34 -61.88
CA GLU O 165 -40.37 -24.61 -61.05
C GLU O 165 -39.07 -24.67 -61.84
N LEU O 166 -39.12 -25.12 -63.09
CA LEU O 166 -37.89 -25.50 -63.76
C LEU O 166 -37.24 -24.34 -64.49
N PHE O 167 -38.00 -23.58 -65.27
CA PHE O 167 -37.41 -22.61 -66.17
C PHE O 167 -37.22 -21.28 -65.47
N SER O 168 -36.04 -20.71 -65.65
CA SER O 168 -35.70 -19.39 -65.13
C SER O 168 -34.52 -18.89 -65.94
N TYR O 169 -34.25 -17.60 -65.84
CA TYR O 169 -33.22 -17.03 -66.69
C TYR O 169 -32.70 -15.73 -66.08
N TYR O 170 -31.78 -15.10 -66.80
CA TYR O 170 -31.19 -13.84 -66.39
C TYR O 170 -31.44 -12.81 -67.48
N ALA O 171 -32.06 -11.69 -67.11
CA ALA O 171 -32.45 -10.65 -68.05
C ALA O 171 -31.70 -9.35 -67.74
N LEU O 172 -31.63 -8.48 -68.75
CA LEU O 172 -30.93 -7.21 -68.58
C LEU O 172 -31.79 -6.14 -67.92
N GLU O 173 -33.11 -6.17 -68.16
CA GLU O 173 -34.05 -5.19 -67.61
C GLU O 173 -33.66 -3.75 -67.98
N GLN O 174 -33.02 -3.58 -69.14
CA GLN O 174 -32.62 -2.26 -69.60
C GLN O 174 -33.21 -1.95 -70.98
N SER P 2 -45.49 -23.29 33.69
CA SER P 2 -44.51 -22.31 33.24
C SER P 2 -43.10 -22.88 33.30
N THR P 3 -42.11 -22.00 33.48
CA THR P 3 -40.70 -22.38 33.50
C THR P 3 -40.00 -21.61 34.60
N GLN P 4 -39.49 -22.33 35.60
CA GLN P 4 -39.02 -21.74 36.85
C GLN P 4 -37.54 -22.00 37.05
N ARG P 5 -36.84 -20.99 37.56
CA ARG P 5 -35.42 -21.07 37.86
C ARG P 5 -35.14 -20.25 39.12
N GLU P 6 -34.06 -20.62 39.80
CA GLU P 6 -33.60 -19.92 40.99
C GLU P 6 -32.17 -19.47 40.79
N TYR P 7 -31.88 -18.25 41.18
CA TYR P 7 -30.55 -17.66 41.01
C TYR P 7 -29.78 -17.83 42.30
N VAL P 8 -28.67 -18.57 42.24
CA VAL P 8 -27.80 -18.75 43.39
C VAL P 8 -26.51 -17.99 43.13
N PHE P 9 -26.10 -17.19 44.12
CA PHE P 9 -24.92 -16.36 44.02
C PHE P 9 -23.66 -17.17 44.35
N ILE P 10 -22.52 -16.61 43.98
CA ILE P 10 -21.24 -17.28 44.17
C ILE P 10 -20.37 -16.47 45.12
N PRO P 11 -20.51 -16.66 46.43
CA PRO P 11 -19.65 -15.97 47.38
C PRO P 11 -18.39 -16.76 47.68
N ILE P 12 -17.61 -16.28 48.65
CA ILE P 12 -16.48 -17.02 49.16
C ILE P 12 -16.76 -17.42 50.60
N THR P 13 -18.04 -17.60 50.94
CA THR P 13 -18.47 -17.88 52.30
C THR P 13 -19.24 -19.20 52.35
N ASN P 14 -19.64 -19.58 53.57
CA ASN P 14 -20.26 -20.87 53.83
C ASN P 14 -21.68 -20.70 54.37
N SER P 15 -22.48 -19.83 53.73
CA SER P 15 -23.90 -19.74 54.01
C SER P 15 -24.73 -20.26 52.84
N ILE P 16 -24.13 -21.10 52.00
CA ILE P 16 -24.77 -21.66 50.83
C ILE P 16 -25.36 -23.04 51.14
N THR P 17 -25.67 -23.30 52.41
CA THR P 17 -25.68 -24.66 52.95
C THR P 17 -26.57 -25.60 52.15
N ILE P 18 -27.88 -25.41 52.23
CA ILE P 18 -28.87 -26.04 51.35
C ILE P 18 -30.06 -25.11 51.30
N ASP P 19 -30.42 -24.66 50.10
CA ASP P 19 -31.56 -23.76 49.99
C ASP P 19 -32.52 -24.10 48.86
N VAL P 20 -32.18 -25.01 47.96
CA VAL P 20 -33.06 -25.39 46.87
C VAL P 20 -33.23 -26.91 46.87
N LYS P 21 -34.48 -27.37 46.97
CA LYS P 21 -34.75 -28.79 46.84
C LYS P 21 -34.53 -29.24 45.40
N ILE P 22 -35.09 -28.48 44.46
CA ILE P 22 -35.10 -28.86 43.05
C ILE P 22 -33.82 -28.31 42.43
N THR P 23 -32.74 -29.07 42.54
CA THR P 23 -31.53 -28.72 41.81
C THR P 23 -31.67 -29.08 40.33
N ILE P 24 -32.34 -30.18 40.02
CA ILE P 24 -32.56 -30.56 38.63
C ILE P 24 -34.06 -30.50 38.33
N GLY P 25 -34.83 -31.40 38.96
CA GLY P 25 -36.27 -31.39 38.81
C GLY P 25 -36.70 -31.83 37.42
N GLY P 26 -36.42 -30.97 36.44
CA GLY P 26 -36.62 -31.29 35.04
C GLY P 26 -35.33 -31.78 34.42
N SER P 27 -34.94 -31.21 33.28
CA SER P 27 -33.66 -31.56 32.69
C SER P 27 -32.88 -30.38 32.13
N ASP P 28 -33.48 -29.20 31.97
CA ASP P 28 -32.82 -28.06 31.34
C ASP P 28 -32.60 -26.93 32.34
N HIS P 29 -31.49 -26.23 32.19
CA HIS P 29 -31.12 -25.06 32.98
C HIS P 29 -30.80 -23.91 32.04
N ILE P 30 -30.21 -22.86 32.60
CA ILE P 30 -29.85 -21.68 31.81
C ILE P 30 -28.33 -21.61 31.67
N THR P 31 -27.62 -21.53 32.79
CA THR P 31 -26.17 -21.53 32.76
C THR P 31 -25.65 -22.88 32.29
N ASN P 32 -24.67 -22.84 31.39
CA ASN P 32 -24.11 -24.06 30.83
C ASN P 32 -22.62 -24.15 31.19
N ILE P 33 -22.09 -25.36 31.04
CA ILE P 33 -20.65 -25.61 31.08
C ILE P 33 -20.34 -26.49 29.88
N ASP P 34 -20.00 -25.86 28.75
CA ASP P 34 -19.84 -26.58 27.49
C ASP P 34 -18.39 -26.51 27.03
N GLU P 35 -17.57 -27.39 27.59
CA GLU P 35 -16.22 -27.67 27.11
C GLU P 35 -15.34 -26.43 26.91
N ARG P 36 -15.78 -25.28 27.40
CA ARG P 36 -14.99 -24.05 27.35
C ARG P 36 -15.03 -23.23 28.63
N GLY P 37 -16.05 -23.35 29.45
CA GLY P 37 -16.26 -22.46 30.56
C GLY P 37 -17.74 -22.23 30.78
N ILE P 38 -18.09 -21.47 31.79
CA ILE P 38 -19.50 -21.29 32.13
C ILE P 38 -20.10 -20.22 31.23
N HIS P 39 -21.39 -20.36 30.94
CA HIS P 39 -22.09 -19.48 30.03
C HIS P 39 -23.40 -19.02 30.65
N ASN P 40 -24.00 -18.00 30.04
CA ASN P 40 -25.27 -17.44 30.48
C ASN P 40 -25.27 -17.16 31.99
N VAL P 41 -24.20 -16.52 32.44
CA VAL P 41 -24.07 -16.17 33.85
C VAL P 41 -24.88 -14.93 34.14
N LEU P 42 -25.63 -14.94 35.23
CA LEU P 42 -26.56 -13.86 35.55
C LEU P 42 -25.93 -12.91 36.57
N VAL P 43 -25.95 -11.62 36.27
CA VAL P 43 -25.43 -10.59 37.15
C VAL P 43 -26.56 -9.64 37.49
N ILE P 44 -26.85 -9.52 38.78
CA ILE P 44 -27.91 -8.64 39.27
C ILE P 44 -27.24 -7.39 39.83
N THR P 45 -27.59 -6.23 39.28
CA THR P 45 -27.01 -4.97 39.71
C THR P 45 -27.93 -4.30 40.71
N GLY P 46 -27.35 -3.37 41.47
CA GLY P 46 -28.09 -2.73 42.53
C GLY P 46 -28.28 -3.58 43.77
N TYR P 47 -27.46 -4.61 43.94
CA TYR P 47 -27.61 -5.55 45.03
C TYR P 47 -26.24 -5.88 45.61
N ALA P 48 -26.24 -6.31 46.88
CA ALA P 48 -25.03 -6.79 47.52
C ALA P 48 -25.35 -8.11 48.24
N VAL P 49 -24.32 -8.79 48.70
CA VAL P 49 -24.52 -10.05 49.42
C VAL P 49 -24.45 -9.78 50.91
N ASP P 50 -24.96 -10.74 51.68
CA ASP P 50 -25.07 -10.66 53.13
C ASP P 50 -24.43 -11.90 53.75
N GLU P 51 -23.16 -12.16 53.41
CA GLU P 51 -22.44 -13.38 53.77
C GLU P 51 -22.78 -13.93 55.14
N LYS P 52 -22.95 -13.06 56.14
CA LYS P 52 -23.52 -13.49 57.41
C LYS P 52 -25.04 -13.44 57.30
N ASN P 53 -25.69 -14.59 57.49
CA ASN P 53 -27.08 -14.79 57.08
C ASN P 53 -27.22 -14.54 55.57
N GLY P 54 -26.55 -15.41 54.81
CA GLY P 54 -26.38 -15.25 53.38
C GLY P 54 -27.64 -15.01 52.57
N ARG P 55 -27.69 -13.86 51.91
CA ARG P 55 -28.79 -13.46 51.05
C ARG P 55 -28.31 -12.31 50.16
N LEU P 56 -29.23 -11.71 49.43
CA LEU P 56 -28.96 -10.49 48.69
C LEU P 56 -29.76 -9.34 49.29
N VAL P 57 -29.20 -8.14 49.25
CA VAL P 57 -29.80 -6.97 49.88
C VAL P 57 -29.80 -5.82 48.88
N PRO P 58 -30.91 -5.09 48.75
CA PRO P 58 -31.02 -4.03 47.74
C PRO P 58 -30.30 -2.77 48.17
N THR P 59 -29.17 -2.50 47.51
CA THR P 59 -28.61 -1.17 47.49
C THR P 59 -29.28 -0.41 46.34
N LEU P 60 -29.00 0.88 46.21
CA LEU P 60 -29.44 1.62 45.04
C LEU P 60 -28.30 2.01 44.13
N ASP P 61 -27.07 1.76 44.53
CA ASP P 61 -25.93 2.13 43.70
C ASP P 61 -25.88 1.20 42.49
N PRO P 62 -25.94 1.73 41.27
CA PRO P 62 -25.72 0.87 40.09
C PRO P 62 -24.32 0.31 40.01
N CYS P 63 -23.39 0.80 40.84
CA CYS P 63 -22.03 0.30 40.87
C CYS P 63 -21.88 -0.99 41.67
N ASP P 64 -22.96 -1.47 42.27
CA ASP P 64 -22.95 -2.72 43.02
C ASP P 64 -23.57 -3.82 42.18
N TYR P 65 -23.06 -5.04 42.38
CA TYR P 65 -23.59 -6.17 41.62
C TYR P 65 -23.25 -7.46 42.35
N VAL P 66 -24.06 -8.48 42.07
CA VAL P 66 -23.83 -9.84 42.53
C VAL P 66 -23.95 -10.76 41.34
N LYS P 67 -22.96 -11.60 41.12
CA LYS P 67 -22.99 -12.55 40.02
C LYS P 67 -23.38 -13.93 40.53
N GLY P 68 -23.87 -14.76 39.63
CA GLY P 68 -24.22 -16.10 40.00
C GLY P 68 -24.89 -16.83 38.85
N ILE P 69 -25.43 -18.01 39.16
CA ILE P 69 -25.94 -18.93 38.16
C ILE P 69 -27.43 -19.14 38.38
N LEU P 70 -28.17 -19.17 37.28
CA LEU P 70 -29.60 -19.48 37.28
C LEU P 70 -29.77 -20.96 37.00
N VAL P 71 -30.27 -21.70 37.98
CA VAL P 71 -30.47 -23.14 37.86
C VAL P 71 -31.94 -23.43 38.15
N ALA P 72 -32.53 -24.32 37.36
CA ALA P 72 -33.96 -24.59 37.48
C ALA P 72 -34.29 -25.19 38.84
N GLY P 73 -35.23 -24.57 39.55
CA GLY P 73 -35.59 -25.07 40.87
C GLY P 73 -36.49 -24.11 41.61
N THR P 74 -36.50 -24.26 42.94
CA THR P 74 -37.41 -23.57 43.84
C THR P 74 -36.85 -23.67 45.25
N PRO P 75 -36.97 -22.63 46.08
CA PRO P 75 -36.20 -22.61 47.33
C PRO P 75 -36.76 -23.44 48.46
N GLN P 76 -36.18 -24.63 48.69
CA GLN P 76 -36.32 -25.37 49.94
C GLN P 76 -37.78 -25.68 50.31
N GLN P 77 -38.73 -25.25 49.49
CA GLN P 77 -40.16 -25.43 49.70
C GLN P 77 -40.59 -25.24 51.15
N ALA P 78 -39.99 -24.25 51.82
CA ALA P 78 -40.38 -23.79 53.13
C ALA P 78 -40.25 -22.28 53.20
N GLN P 79 -40.60 -21.61 52.10
CA GLN P 79 -40.20 -20.25 51.79
C GLN P 79 -41.37 -19.50 51.15
N SER P 80 -41.06 -18.46 50.38
CA SER P 80 -41.97 -17.43 49.87
C SER P 80 -42.22 -16.33 50.90
N ASN P 81 -41.31 -16.22 51.87
CA ASN P 81 -41.29 -15.08 52.76
C ASN P 81 -39.96 -14.33 52.74
N ASP P 82 -38.91 -14.87 52.11
CA ASP P 82 -37.61 -14.23 52.11
C ASP P 82 -36.89 -14.35 50.76
N PHE P 83 -37.56 -14.86 49.73
CA PHE P 83 -36.97 -14.97 48.39
C PHE P 83 -37.89 -14.26 47.41
N LEU P 84 -37.35 -13.25 46.73
CA LEU P 84 -38.16 -12.51 45.76
C LEU P 84 -38.43 -13.35 44.53
N THR P 85 -39.68 -13.33 44.09
CA THR P 85 -40.11 -14.07 42.91
C THR P 85 -40.55 -13.08 41.84
N LEU P 86 -40.12 -13.30 40.61
CA LEU P 86 -40.55 -12.43 39.52
C LEU P 86 -40.26 -13.10 38.18
N LYS P 87 -41.15 -12.87 37.23
CA LYS P 87 -41.03 -13.49 35.91
C LYS P 87 -40.73 -12.43 34.86
N LEU P 88 -39.73 -12.72 34.03
CA LEU P 88 -39.17 -11.83 33.03
C LEU P 88 -39.09 -12.51 31.67
N PRO P 89 -39.24 -11.76 30.58
CA PRO P 89 -39.30 -12.39 29.26
C PRO P 89 -37.94 -12.69 28.62
N ALA P 90 -37.01 -13.27 29.38
CA ALA P 90 -35.75 -13.80 28.84
C ALA P 90 -34.87 -12.75 28.19
N ASN P 91 -35.30 -11.50 28.18
CA ASN P 91 -34.45 -10.41 27.70
C ASN P 91 -34.34 -9.29 28.71
N LYS P 92 -34.88 -9.47 29.91
CA LYS P 92 -34.68 -8.57 31.02
C LYS P 92 -33.53 -9.01 31.91
N LEU P 93 -32.64 -9.85 31.40
CA LEU P 93 -31.62 -10.50 32.20
C LEU P 93 -30.24 -10.08 31.71
N TYR P 94 -29.49 -9.42 32.60
CA TYR P 94 -28.08 -9.15 32.35
C TYR P 94 -27.33 -10.46 32.45
N LEU P 95 -26.97 -11.03 31.30
CA LEU P 95 -26.36 -12.34 31.20
C LEU P 95 -24.98 -12.21 30.59
N ILE P 96 -23.97 -12.64 31.32
CA ILE P 96 -22.60 -12.66 30.83
C ILE P 96 -22.38 -13.96 30.06
N ARG P 97 -21.62 -13.87 28.96
CA ARG P 97 -21.20 -15.02 28.18
C ARG P 97 -22.41 -15.82 27.70
N LYS P 98 -23.19 -15.16 26.84
CA LYS P 98 -24.35 -15.78 26.25
C LYS P 98 -23.96 -16.91 25.31
N LYS P 99 -24.80 -17.94 25.26
CA LYS P 99 -24.74 -18.91 24.16
C LYS P 99 -26.03 -18.96 23.36
N GLY P 100 -27.17 -19.13 24.02
CA GLY P 100 -28.45 -19.08 23.34
C GLY P 100 -29.51 -18.57 24.30
N ASN P 101 -30.45 -17.81 23.74
CA ASN P 101 -31.47 -17.16 24.53
C ASN P 101 -32.61 -18.12 24.84
N ILE P 102 -33.48 -17.69 25.76
CA ILE P 102 -34.29 -18.62 26.55
C ILE P 102 -35.73 -18.60 26.04
N SER P 103 -36.58 -19.43 26.65
CA SER P 103 -37.91 -19.79 26.17
C SER P 103 -38.92 -18.66 26.27
N ASP P 104 -38.44 -17.43 26.45
CA ASP P 104 -39.17 -16.17 26.39
C ASP P 104 -39.93 -15.83 27.67
N ASP P 105 -39.88 -16.67 28.70
CA ASP P 105 -40.46 -16.33 29.99
C ASP P 105 -39.75 -17.14 31.05
N LEU P 106 -39.44 -16.50 32.17
CA LEU P 106 -38.69 -17.13 33.24
C LEU P 106 -39.27 -16.68 34.57
N LYS P 107 -39.50 -17.63 35.47
CA LYS P 107 -39.91 -17.31 36.84
C LYS P 107 -38.68 -17.47 37.72
N ILE P 108 -38.05 -16.36 38.06
CA ILE P 108 -36.79 -16.36 38.79
C ILE P 108 -37.08 -16.13 40.26
N TYR P 109 -36.54 -17.01 41.10
CA TYR P 109 -36.44 -16.83 42.54
C TYR P 109 -35.06 -16.29 42.87
N ILE P 110 -34.99 -15.37 43.83
CA ILE P 110 -33.72 -14.74 44.21
C ILE P 110 -33.64 -14.64 45.73
N PRO P 111 -32.53 -15.05 46.36
CA PRO P 111 -32.40 -14.97 47.82
C PRO P 111 -32.39 -13.53 48.32
N TYR P 112 -33.40 -13.15 49.08
CA TYR P 112 -33.59 -11.76 49.47
C TYR P 112 -33.32 -11.56 50.95
N SER P 113 -32.69 -10.44 51.29
CA SER P 113 -32.41 -10.07 52.66
C SER P 113 -33.22 -8.83 53.03
N SER P 114 -33.51 -8.71 54.32
CA SER P 114 -34.07 -7.48 54.84
C SER P 114 -33.03 -6.37 54.68
N PRO P 115 -33.39 -5.25 54.05
CA PRO P 115 -32.44 -4.12 53.94
C PRO P 115 -31.93 -3.65 55.29
N ASP P 116 -32.75 -3.74 56.34
CA ASP P 116 -32.33 -3.48 57.72
C ASP P 116 -31.74 -2.07 57.86
N ALA P 117 -32.63 -1.09 57.74
CA ALA P 117 -32.21 0.30 57.84
C ALA P 117 -31.84 0.62 59.28
N ARG P 118 -30.77 0.00 59.75
CA ARG P 118 -30.24 0.18 61.09
C ARG P 118 -28.81 0.69 61.12
N ASN P 119 -27.99 0.29 60.15
CA ASN P 119 -26.61 0.74 60.02
C ASN P 119 -26.39 1.26 58.61
N SER P 120 -25.20 1.82 58.39
CA SER P 120 -24.82 2.24 57.05
C SER P 120 -24.50 1.01 56.19
N MET P 121 -24.77 1.12 54.89
CA MET P 121 -24.48 0.03 53.96
C MET P 121 -23.22 0.38 53.19
N LYS P 122 -22.08 0.09 53.82
CA LYS P 122 -20.80 0.15 53.13
C LYS P 122 -20.63 -1.08 52.26
N THR P 123 -20.00 -0.92 51.11
CA THR P 123 -19.76 -2.03 50.21
C THR P 123 -18.30 -2.03 49.78
N LYS P 124 -17.81 -3.23 49.44
CA LYS P 124 -16.47 -3.38 48.95
C LYS P 124 -16.48 -4.50 47.92
N PRO P 125 -15.81 -4.33 46.80
CA PRO P 125 -15.74 -5.42 45.81
C PRO P 125 -14.95 -6.59 46.39
N VAL P 126 -15.54 -7.77 46.31
CA VAL P 126 -14.93 -8.98 46.84
C VAL P 126 -14.78 -9.96 45.68
N SER P 127 -13.55 -10.11 45.19
CA SER P 127 -13.26 -11.06 44.15
C SER P 127 -13.29 -12.48 44.72
N ILE P 128 -12.95 -13.46 43.88
CA ILE P 128 -12.88 -14.85 44.31
C ILE P 128 -11.49 -15.37 44.00
N SER P 129 -10.80 -15.83 45.04
CA SER P 129 -9.46 -16.38 44.95
C SER P 129 -9.36 -17.43 46.04
N ASP P 130 -8.13 -17.79 46.44
CA ASP P 130 -7.91 -18.82 47.45
C ASP P 130 -8.49 -20.16 46.99
N ASP P 131 -7.81 -20.71 45.98
CA ASP P 131 -8.30 -21.86 45.20
C ASP P 131 -8.77 -23.02 46.06
N THR P 132 -8.43 -23.01 47.35
CA THR P 132 -9.08 -23.92 48.28
C THR P 132 -10.59 -23.69 48.27
N ILE P 133 -11.02 -22.44 48.10
CA ILE P 133 -12.45 -22.15 48.10
C ILE P 133 -13.06 -22.52 46.75
N VAL P 134 -12.32 -22.30 45.66
CA VAL P 134 -12.74 -22.81 44.37
C VAL P 134 -13.05 -24.29 44.46
N ASN P 135 -12.19 -25.03 45.16
CA ASN P 135 -12.42 -26.46 45.38
C ASN P 135 -13.76 -26.69 46.07
N ASN P 136 -13.96 -26.05 47.23
CA ASN P 136 -15.18 -26.30 47.96
C ASN P 136 -16.39 -25.68 47.27
N ILE P 137 -16.21 -24.55 46.59
CA ILE P 137 -17.34 -23.97 45.85
C ILE P 137 -17.82 -24.95 44.80
N ILE P 138 -16.88 -25.53 44.03
CA ILE P 138 -17.26 -26.57 43.08
C ILE P 138 -17.95 -27.71 43.81
N LYS P 139 -17.24 -28.34 44.75
CA LYS P 139 -17.74 -29.52 45.46
C LYS P 139 -19.04 -29.27 46.20
N GLU P 140 -19.47 -28.02 46.35
CA GLU P 140 -20.68 -27.71 47.09
C GLU P 140 -21.84 -27.22 46.23
N VAL P 141 -21.58 -26.64 45.04
CA VAL P 141 -22.65 -26.17 44.19
C VAL P 141 -22.71 -26.89 42.85
N PHE P 142 -21.55 -27.16 42.23
CA PHE P 142 -21.56 -27.61 40.85
C PHE P 142 -21.96 -29.07 40.72
N ASP P 143 -21.23 -29.96 41.40
CA ASP P 143 -21.57 -31.37 41.37
C ASP P 143 -22.99 -31.62 41.89
N LYS P 144 -23.55 -30.68 42.66
CA LYS P 144 -24.94 -30.77 43.04
C LYS P 144 -25.88 -30.24 41.95
N ILE P 145 -25.43 -29.25 41.20
CA ILE P 145 -26.22 -28.66 40.13
C ILE P 145 -26.00 -29.39 38.81
N TYR P 146 -24.74 -29.68 38.49
CA TYR P 146 -24.40 -30.52 37.35
C TYR P 146 -23.65 -31.73 37.89
N ASN P 147 -24.32 -32.87 37.95
CA ASN P 147 -23.59 -34.12 38.14
C ASN P 147 -22.65 -34.40 36.98
N ILE P 148 -22.78 -33.62 35.90
CA ILE P 148 -21.87 -33.66 34.76
C ILE P 148 -20.44 -33.35 35.16
N THR P 149 -20.22 -32.74 36.33
CA THR P 149 -18.87 -32.48 36.80
C THR P 149 -18.09 -33.78 36.91
N GLN P 150 -16.91 -33.80 36.28
CA GLN P 150 -16.08 -35.01 36.19
C GLN P 150 -16.82 -36.14 35.48
N LYS P 151 -17.57 -35.79 34.44
CA LYS P 151 -18.24 -36.76 33.59
C LYS P 151 -17.75 -36.72 32.16
N GLU P 152 -17.79 -35.57 31.51
CA GLU P 152 -17.27 -35.41 30.16
C GLU P 152 -16.23 -34.31 30.06
N LYS P 153 -16.39 -33.23 30.81
CA LYS P 153 -15.41 -32.15 30.87
C LYS P 153 -14.52 -32.42 32.08
N VAL P 154 -13.35 -33.02 31.84
CA VAL P 154 -12.38 -33.27 32.91
C VAL P 154 -11.55 -32.04 33.23
N LYS P 155 -11.83 -30.91 32.59
CA LYS P 155 -11.03 -29.70 32.73
C LYS P 155 -11.57 -28.80 33.83
N ILE P 156 -11.74 -29.34 35.04
CA ILE P 156 -12.16 -28.51 36.16
C ILE P 156 -11.12 -27.48 36.52
N GLU P 157 -9.91 -27.58 35.97
CA GLU P 157 -8.96 -26.47 36.01
C GLU P 157 -9.36 -25.36 35.06
N LYS P 158 -10.01 -25.71 33.94
CA LYS P 158 -10.51 -24.69 33.04
C LYS P 158 -11.66 -23.92 33.68
N VAL P 159 -12.62 -24.64 34.27
CA VAL P 159 -13.65 -23.96 35.04
C VAL P 159 -13.06 -23.27 36.26
N LYS P 160 -11.89 -23.72 36.72
CA LYS P 160 -11.21 -23.05 37.82
C LYS P 160 -10.76 -21.66 37.40
N GLU P 161 -9.95 -21.57 36.34
CA GLU P 161 -9.56 -20.26 35.83
C GLU P 161 -10.76 -19.47 35.31
N ASP P 162 -11.86 -20.16 35.00
CA ASP P 162 -13.09 -19.49 34.61
C ASP P 162 -13.68 -18.72 35.79
N ILE P 163 -13.94 -19.41 36.90
CA ILE P 163 -14.39 -18.74 38.11
C ILE P 163 -13.38 -17.68 38.53
N LYS P 164 -12.10 -17.95 38.31
CA LYS P 164 -11.04 -17.02 38.69
C LYS P 164 -11.08 -15.75 37.84
N GLU P 165 -12.01 -15.67 36.90
CA GLU P 165 -12.17 -14.48 36.07
C GLU P 165 -13.61 -14.05 35.87
N LEU P 166 -14.59 -14.84 36.26
CA LEU P 166 -15.97 -14.60 35.87
C LEU P 166 -16.91 -14.31 37.03
N PHE P 167 -16.56 -14.71 38.25
CA PHE P 167 -17.41 -14.50 39.42
C PHE P 167 -16.80 -13.42 40.30
N SER P 168 -17.47 -12.27 40.35
CA SER P 168 -17.18 -11.20 41.28
C SER P 168 -18.49 -10.75 41.91
N TYR P 169 -18.40 -9.94 42.96
CA TYR P 169 -19.59 -9.40 43.58
C TYR P 169 -19.21 -8.23 44.48
N TYR P 170 -20.23 -7.66 45.13
CA TYR P 170 -20.06 -6.63 46.14
C TYR P 170 -20.71 -7.10 47.42
N ALA P 171 -19.98 -7.05 48.52
CA ALA P 171 -20.47 -7.50 49.82
C ALA P 171 -20.68 -6.31 50.74
N LEU P 172 -21.23 -6.60 51.91
CA LEU P 172 -21.31 -5.63 52.99
C LEU P 172 -20.10 -5.69 53.91
N GLU P 173 -19.63 -6.90 54.23
CA GLU P 173 -18.55 -7.12 55.18
C GLU P 173 -18.90 -6.52 56.53
N GLN P 174 -20.01 -7.00 57.09
CA GLN P 174 -20.48 -6.59 58.40
C GLN P 174 -21.01 -7.80 59.16
N SER Q 2 15.70 -13.67 63.04
CA SER Q 2 15.23 -12.60 62.17
C SER Q 2 16.12 -12.43 60.94
N THR Q 3 15.83 -11.40 60.15
CA THR Q 3 16.65 -11.03 59.01
C THR Q 3 17.72 -10.04 59.44
N GLN Q 4 18.93 -10.21 58.93
CA GLN Q 4 20.01 -9.28 59.21
C GLN Q 4 20.94 -9.21 58.03
N ARG Q 5 21.29 -8.00 57.63
CA ARG Q 5 22.23 -7.77 56.55
C ARG Q 5 23.35 -6.86 57.02
N GLU Q 6 24.44 -6.87 56.28
CA GLU Q 6 25.59 -6.02 56.51
C GLU Q 6 25.85 -5.26 55.21
N TYR Q 7 25.99 -3.95 55.34
CA TYR Q 7 26.27 -3.09 54.20
C TYR Q 7 27.78 -3.00 54.04
N VAL Q 8 28.28 -3.37 52.87
CA VAL Q 8 29.70 -3.29 52.58
C VAL Q 8 29.93 -2.19 51.57
N PHE Q 9 30.72 -1.20 51.98
CA PHE Q 9 31.24 -0.15 51.13
C PHE Q 9 31.94 -0.74 49.92
N ILE Q 10 31.96 0.02 48.81
CA ILE Q 10 32.70 -0.39 47.63
C ILE Q 10 33.56 0.77 47.16
N PRO Q 11 34.65 1.09 47.85
CA PRO Q 11 35.55 2.14 47.41
C PRO Q 11 36.68 1.61 46.55
N ILE Q 12 37.62 2.49 46.17
CA ILE Q 12 38.84 2.08 45.49
C ILE Q 12 39.96 1.78 46.48
N THR Q 13 39.64 1.67 47.77
CA THR Q 13 40.61 1.37 48.82
C THR Q 13 39.97 0.31 49.71
N ASN Q 14 40.57 -0.88 49.75
CA ASN Q 14 39.87 -2.05 50.26
C ASN Q 14 40.59 -2.69 51.44
N SER Q 15 40.12 -2.35 52.63
CA SER Q 15 40.16 -3.23 53.79
C SER Q 15 38.95 -4.14 53.83
N ILE Q 16 38.33 -4.30 52.67
CA ILE Q 16 37.05 -4.96 52.46
C ILE Q 16 37.20 -6.45 52.69
N THR Q 17 38.42 -6.89 53.01
CA THR Q 17 38.74 -8.31 52.99
C THR Q 17 38.15 -9.05 54.19
N ILE Q 18 38.59 -8.71 55.41
CA ILE Q 18 38.21 -9.43 56.62
C ILE Q 18 37.71 -8.39 57.63
N ASP Q 19 36.41 -8.15 57.63
CA ASP Q 19 35.76 -7.38 58.69
C ASP Q 19 34.47 -7.99 59.20
N VAL Q 20 33.84 -8.89 58.45
CA VAL Q 20 32.59 -9.53 58.81
C VAL Q 20 32.77 -11.04 58.64
N LYS Q 21 31.69 -11.79 58.90
CA LYS Q 21 31.77 -13.25 58.92
C LYS Q 21 31.01 -13.91 57.78
N ILE Q 22 29.70 -13.65 57.67
CA ILE Q 22 28.83 -14.51 56.89
C ILE Q 22 29.09 -14.35 55.40
N THR Q 23 29.24 -15.49 54.72
CA THR Q 23 29.39 -15.56 53.28
C THR Q 23 28.16 -16.15 52.60
N ILE Q 24 27.50 -17.11 53.24
CA ILE Q 24 26.26 -17.67 52.71
C ILE Q 24 25.12 -17.30 53.67
N GLY Q 25 25.20 -17.79 54.90
CA GLY Q 25 24.30 -17.36 55.96
C GLY Q 25 22.89 -17.86 55.80
N GLY Q 26 22.19 -17.34 54.79
CA GLY Q 26 20.82 -17.71 54.52
C GLY Q 26 20.65 -18.22 53.10
N SER Q 27 19.42 -18.67 52.82
CA SER Q 27 19.08 -19.16 51.50
C SER Q 27 19.04 -18.06 50.45
N ASP Q 28 19.01 -16.79 50.86
CA ASP Q 28 18.88 -15.70 49.91
C ASP Q 28 19.69 -14.50 50.39
N HIS Q 29 20.00 -13.62 49.45
CA HIS Q 29 20.66 -12.35 49.71
C HIS Q 29 19.79 -11.22 49.17
N ILE Q 30 20.28 -9.99 49.30
CA ILE Q 30 19.58 -8.83 48.77
C ILE Q 30 20.20 -8.43 47.44
N THR Q 31 21.46 -8.02 47.47
CA THR Q 31 22.15 -7.61 46.26
C THR Q 31 22.44 -8.82 45.38
N ASN Q 32 21.93 -8.81 44.16
CA ASN Q 32 22.09 -9.92 43.22
C ASN Q 32 22.79 -9.42 41.96
N ILE Q 33 23.56 -10.33 41.34
CA ILE Q 33 24.23 -10.05 40.06
C ILE Q 33 23.83 -11.19 39.12
N ASP Q 34 22.72 -11.01 38.39
CA ASP Q 34 22.15 -12.10 37.61
C ASP Q 34 21.70 -11.55 36.26
N GLU Q 35 22.49 -11.81 35.21
CA GLU Q 35 22.09 -11.74 33.81
C GLU Q 35 21.84 -10.33 33.28
N ARG Q 36 21.80 -9.34 34.17
CA ARG Q 36 21.52 -7.97 33.74
C ARG Q 36 22.33 -6.94 34.49
N GLY Q 37 23.26 -7.37 35.33
CA GLY Q 37 24.05 -6.48 36.16
C GLY Q 37 23.81 -6.75 37.63
N ILE Q 38 24.30 -5.84 38.45
CA ILE Q 38 24.06 -5.92 39.88
C ILE Q 38 22.67 -5.38 40.20
N HIS Q 39 22.10 -5.80 41.32
CA HIS Q 39 20.74 -5.46 41.68
C HIS Q 39 20.68 -5.02 43.13
N ASN Q 40 19.72 -4.14 43.43
CA ASN Q 40 19.41 -3.72 44.80
C ASN Q 40 20.60 -3.09 45.51
N VAL Q 41 21.43 -2.36 44.76
CA VAL Q 41 22.53 -1.62 45.37
C VAL Q 41 21.99 -0.52 46.26
N LEU Q 42 22.48 -0.45 47.49
CA LEU Q 42 22.03 0.55 48.45
C LEU Q 42 22.96 1.76 48.45
N VAL Q 43 22.40 2.91 48.80
CA VAL Q 43 23.14 4.18 48.86
C VAL Q 43 22.82 4.86 50.18
N ILE Q 44 23.83 5.47 50.79
CA ILE Q 44 23.68 6.18 52.06
C ILE Q 44 24.13 7.61 51.85
N THR Q 45 23.22 8.56 52.06
CA THR Q 45 23.54 9.96 51.88
C THR Q 45 23.99 10.58 53.21
N GLY Q 46 24.68 11.71 53.11
CA GLY Q 46 25.19 12.36 54.30
C GLY Q 46 26.34 11.65 54.97
N TYR Q 47 26.96 10.70 54.29
CA TYR Q 47 28.08 9.96 54.84
C TYR Q 47 29.25 10.01 53.87
N ALA Q 48 30.42 9.66 54.37
CA ALA Q 48 31.61 9.53 53.55
C ALA Q 48 32.44 8.38 54.09
N VAL Q 49 33.19 7.73 53.21
CA VAL Q 49 34.02 6.61 53.63
C VAL Q 49 35.27 7.12 54.33
N ASP Q 50 35.99 6.21 54.95
CA ASP Q 50 37.17 6.50 55.76
C ASP Q 50 38.30 5.66 55.17
N GLU Q 51 38.52 5.84 53.87
CA GLU Q 51 39.19 4.90 52.99
C GLU Q 51 40.30 4.07 53.64
N LYS Q 52 41.15 4.69 54.45
CA LYS Q 52 42.09 3.89 55.24
C LYS Q 52 41.31 3.04 56.23
N ASN Q 53 41.20 1.74 55.96
CA ASN Q 53 40.33 0.84 56.70
C ASN Q 53 38.91 1.40 56.72
N GLY Q 54 38.35 1.51 55.51
CA GLY Q 54 37.14 2.26 55.26
C GLY Q 54 35.92 1.88 56.07
N ARG Q 55 35.36 2.87 56.75
CA ARG Q 55 34.05 2.77 57.37
C ARG Q 55 33.23 3.98 56.98
N LEU Q 56 31.93 3.92 57.21
CA LEU Q 56 31.06 5.05 56.92
C LEU Q 56 31.13 6.06 58.04
N VAL Q 57 31.45 7.30 57.71
CA VAL Q 57 31.63 8.37 58.67
C VAL Q 57 30.45 9.31 58.54
N PRO Q 58 29.68 9.54 59.60
CA PRO Q 58 28.50 10.39 59.47
C PRO Q 58 28.86 11.86 59.34
N THR Q 59 28.77 12.37 58.12
CA THR Q 59 28.77 13.81 57.88
C THR Q 59 27.32 14.26 58.05
N LEU Q 60 26.99 15.49 57.67
CA LEU Q 60 25.58 15.83 57.55
C LEU Q 60 25.28 16.66 56.30
N ASP Q 61 26.26 16.91 55.45
CA ASP Q 61 25.97 17.49 54.14
C ASP Q 61 25.17 16.49 53.32
N PRO Q 62 24.04 16.89 52.73
CA PRO Q 62 23.29 15.96 51.89
C PRO Q 62 24.00 15.62 50.59
N CYS Q 63 24.98 16.40 50.17
CA CYS Q 63 25.69 16.10 48.92
C CYS Q 63 26.53 14.84 49.06
N ASP Q 64 27.28 14.73 50.16
CA ASP Q 64 28.14 13.56 50.36
C ASP Q 64 27.31 12.29 50.44
N TYR Q 65 27.67 11.30 49.64
CA TYR Q 65 26.96 10.03 49.60
C TYR Q 65 27.97 8.91 49.38
N VAL Q 66 27.54 7.69 49.71
CA VAL Q 66 28.39 6.51 49.58
C VAL Q 66 27.53 5.33 49.20
N LYS Q 67 27.92 4.61 48.16
CA LYS Q 67 27.18 3.46 47.70
C LYS Q 67 27.87 2.18 48.13
N GLY Q 68 27.07 1.12 48.28
CA GLY Q 68 27.61 -0.17 48.67
C GLY Q 68 26.55 -1.23 48.47
N ILE Q 69 26.93 -2.48 48.74
CA ILE Q 69 26.03 -3.59 48.50
C ILE Q 69 25.74 -4.32 49.80
N LEU Q 70 24.59 -4.98 49.85
CA LEU Q 70 24.08 -5.59 51.07
C LEU Q 70 24.25 -7.10 51.00
N VAL Q 71 24.96 -7.66 51.97
CA VAL Q 71 25.13 -9.11 52.10
C VAL Q 71 24.89 -9.49 53.54
N ALA Q 72 24.16 -10.57 53.77
CA ALA Q 72 23.78 -10.94 55.12
C ALA Q 72 25.00 -11.17 56.01
N GLY Q 73 24.87 -10.87 57.30
CA GLY Q 73 25.93 -11.15 58.25
C GLY Q 73 26.15 -10.14 59.35
N THR Q 74 26.47 -10.62 60.56
CA THR Q 74 26.89 -9.71 61.61
C THR Q 74 28.41 -9.60 61.64
N PRO Q 75 28.97 -8.41 61.84
CA PRO Q 75 30.41 -8.24 61.62
C PRO Q 75 31.29 -8.79 62.73
N GLN Q 76 31.87 -9.95 62.49
CA GLN Q 76 33.02 -10.52 63.21
C GLN Q 76 32.80 -10.61 64.73
N GLN Q 77 31.63 -10.16 65.18
CA GLN Q 77 31.17 -10.20 66.57
C GLN Q 77 32.28 -9.98 67.60
N ALA Q 78 33.12 -8.97 67.36
CA ALA Q 78 33.94 -8.36 68.39
C ALA Q 78 33.50 -6.92 68.57
N GLN Q 79 32.19 -6.71 68.42
CA GLN Q 79 31.62 -5.44 67.98
C GLN Q 79 30.37 -5.19 68.79
N SER Q 80 29.49 -4.34 68.25
CA SER Q 80 28.34 -3.68 68.89
C SER Q 80 28.80 -2.45 69.64
N ASN Q 81 30.04 -2.00 69.43
CA ASN Q 81 30.51 -0.73 69.93
C ASN Q 81 30.86 0.26 68.84
N ASP Q 82 31.17 -0.20 67.63
CA ASP Q 82 31.67 0.68 66.59
C ASP Q 82 30.86 0.69 65.30
N PHE Q 83 30.00 -0.28 65.06
CA PHE Q 83 29.21 -0.31 63.84
C PHE Q 83 27.75 0.00 64.13
N LEU Q 84 27.10 0.65 63.16
CA LEU Q 84 25.74 1.16 63.35
C LEU Q 84 24.74 0.05 63.06
N THR Q 85 23.79 -0.15 63.97
CA THR Q 85 22.77 -1.19 63.84
C THR Q 85 21.41 -0.52 63.69
N LEU Q 86 20.68 -0.88 62.64
CA LEU Q 86 19.39 -0.28 62.36
C LEU Q 86 18.37 -1.38 62.09
N LYS Q 87 17.11 -0.97 61.94
CA LYS Q 87 16.00 -1.91 61.75
C LYS Q 87 14.93 -1.19 60.92
N LEU Q 88 14.97 -1.40 59.61
CA LEU Q 88 14.14 -0.63 58.69
C LEU Q 88 13.13 -1.52 57.98
N PRO Q 89 11.95 -0.98 57.64
CA PRO Q 89 10.90 -1.82 57.06
C PRO Q 89 11.01 -2.02 55.56
N ALA Q 90 12.22 -2.25 55.04
CA ALA Q 90 12.47 -2.62 53.66
C ALA Q 90 11.91 -1.64 52.65
N ASN Q 91 11.42 -0.49 53.08
CA ASN Q 91 10.95 0.54 52.15
C ASN Q 91 11.59 1.89 52.36
N LYS Q 92 12.21 2.14 53.52
CA LYS Q 92 13.00 3.34 53.70
C LYS Q 92 14.40 3.19 53.15
N LEU Q 93 14.75 2.03 52.62
CA LEU Q 93 16.08 1.80 52.10
C LEU Q 93 16.21 2.44 50.73
N TYR Q 94 17.39 2.94 50.43
CA TYR Q 94 17.65 3.61 49.15
C TYR Q 94 18.19 2.61 48.13
N LEU Q 95 17.38 1.60 47.87
CA LEU Q 95 17.80 0.55 46.95
C LEU Q 95 17.81 1.06 45.52
N ILE Q 96 18.92 0.81 44.83
CA ILE Q 96 19.10 1.17 43.44
C ILE Q 96 19.13 -0.11 42.61
N ARG Q 97 18.45 -0.08 41.46
CA ARG Q 97 18.35 -1.22 40.56
C ARG Q 97 17.66 -2.41 41.26
N LYS Q 98 16.43 -2.17 41.67
CA LYS Q 98 15.65 -3.19 42.35
C LYS Q 98 15.22 -4.29 41.38
N LYS Q 99 15.06 -5.50 41.92
CA LYS Q 99 14.26 -6.53 41.25
C LYS Q 99 13.13 -7.03 42.15
N GLY Q 100 13.42 -7.36 43.40
CA GLY Q 100 12.39 -7.77 44.34
C GLY Q 100 12.68 -7.23 45.72
N ASN Q 101 11.61 -6.95 46.45
CA ASN Q 101 11.74 -6.34 47.76
C ASN Q 101 11.71 -7.41 48.85
N ILE Q 102 11.72 -6.96 50.11
CA ILE Q 102 12.04 -7.81 51.24
C ILE Q 102 10.80 -7.86 52.15
N SER Q 103 10.90 -8.57 53.27
CA SER Q 103 9.87 -8.88 54.26
C SER Q 103 9.38 -7.68 55.05
N ASP Q 104 9.77 -6.46 54.70
CA ASP Q 104 9.34 -5.23 55.37
C ASP Q 104 9.86 -5.15 56.81
N ASP Q 105 10.94 -5.85 57.09
CA ASP Q 105 11.74 -5.62 58.30
C ASP Q 105 13.09 -6.28 58.05
N LEU Q 106 14.14 -5.47 57.98
CA LEU Q 106 15.48 -6.01 57.74
C LEU Q 106 16.49 -5.20 58.53
N LYS Q 107 17.37 -5.90 59.24
CA LYS Q 107 18.35 -5.28 60.11
C LYS Q 107 19.65 -5.07 59.33
N ILE Q 108 20.24 -3.88 59.48
CA ILE Q 108 21.39 -3.47 58.69
C ILE Q 108 22.56 -3.19 59.63
N TYR Q 109 23.74 -3.66 59.23
CA TYR Q 109 25.00 -3.33 59.88
C TYR Q 109 25.86 -2.55 58.90
N ILE Q 110 26.28 -1.36 59.28
CA ILE Q 110 27.13 -0.55 58.42
C ILE Q 110 28.42 -0.21 59.17
N PRO Q 111 29.56 -0.17 58.48
CA PRO Q 111 30.82 0.17 59.16
C PRO Q 111 30.83 1.62 59.61
N TYR Q 112 30.73 1.84 60.91
CA TYR Q 112 30.51 3.16 61.47
C TYR Q 112 31.71 3.60 62.30
N SER Q 113 31.79 4.90 62.56
CA SER Q 113 32.78 5.45 63.48
C SER Q 113 32.31 6.83 63.90
N SER Q 114 32.87 7.30 65.00
CA SER Q 114 32.57 8.65 65.46
C SER Q 114 33.09 9.67 64.44
N PRO Q 115 32.42 10.82 64.33
CA PRO Q 115 32.82 11.81 63.32
C PRO Q 115 34.10 12.55 63.66
N ASP Q 116 34.77 12.16 64.75
CA ASP Q 116 36.16 12.54 65.01
C ASP Q 116 36.32 14.05 65.07
N ALA Q 117 35.76 14.65 66.11
CA ALA Q 117 35.75 16.11 66.20
C ALA Q 117 37.12 16.66 66.62
N ARG Q 118 38.16 16.29 65.90
CA ARG Q 118 39.49 16.87 66.06
C ARG Q 118 40.10 17.21 64.71
N ASN Q 119 39.35 17.02 63.62
CA ASN Q 119 39.83 17.26 62.26
C ASN Q 119 38.70 17.85 61.43
N SER Q 120 39.06 18.70 60.49
CA SER Q 120 38.11 19.24 59.53
C SER Q 120 37.79 18.17 58.51
N MET Q 121 36.59 17.58 58.60
CA MET Q 121 36.17 16.53 57.67
C MET Q 121 35.86 17.17 56.32
N LYS Q 122 36.91 17.33 55.52
CA LYS Q 122 36.80 17.90 54.18
C LYS Q 122 36.83 16.74 53.18
N THR Q 123 35.66 16.39 52.64
CA THR Q 123 35.52 15.22 51.79
C THR Q 123 35.83 15.55 50.33
N LYS Q 124 35.91 14.49 49.51
CA LYS Q 124 36.21 14.60 48.10
C LYS Q 124 35.56 13.45 47.35
N PRO Q 125 35.05 13.68 46.13
CA PRO Q 125 34.34 12.64 45.39
C PRO Q 125 35.26 11.71 44.63
N VAL Q 126 34.92 10.43 44.62
CA VAL Q 126 35.76 9.38 44.07
C VAL Q 126 34.92 8.45 43.23
N SER Q 127 35.41 8.10 42.05
CA SER Q 127 34.83 7.08 41.19
C SER Q 127 35.71 5.85 41.19
N ILE Q 128 35.29 4.84 40.43
CA ILE Q 128 36.03 3.58 40.33
C ILE Q 128 36.53 3.45 38.90
N SER Q 129 37.80 3.77 38.70
CA SER Q 129 38.49 3.56 37.43
C SER Q 129 39.75 2.77 37.70
N ASP Q 130 40.66 2.68 36.72
CA ASP Q 130 41.84 1.81 36.83
C ASP Q 130 41.41 0.37 37.07
N ASP Q 131 40.78 -0.19 36.02
CA ASP Q 131 40.04 -1.44 36.08
C ASP Q 131 40.81 -2.59 36.73
N THR Q 132 42.12 -2.42 36.96
CA THR Q 132 42.80 -3.31 37.89
C THR Q 132 42.10 -3.31 39.25
N ILE Q 133 41.68 -2.12 39.70
CA ILE Q 133 40.90 -2.04 40.93
C ILE Q 133 39.60 -2.81 40.79
N VAL Q 134 38.97 -2.72 39.62
CA VAL Q 134 37.73 -3.46 39.37
C VAL Q 134 37.98 -4.95 39.46
N ASN Q 135 39.12 -5.42 38.95
CA ASN Q 135 39.43 -6.84 39.02
C ASN Q 135 39.69 -7.29 40.45
N ASN Q 136 40.41 -6.46 41.23
CA ASN Q 136 40.65 -6.88 42.60
C ASN Q 136 39.36 -6.85 43.42
N ILE Q 137 38.43 -5.96 43.11
CA ILE Q 137 37.17 -5.98 43.87
C ILE Q 137 36.28 -7.13 43.39
N ILE Q 138 36.38 -7.50 42.11
CA ILE Q 138 35.81 -8.77 41.66
C ILE Q 138 36.35 -9.90 42.50
N LYS Q 139 37.64 -9.87 42.81
CA LYS Q 139 38.27 -10.92 43.59
C LYS Q 139 37.96 -10.84 45.08
N GLU Q 140 37.61 -9.66 45.59
CA GLU Q 140 37.57 -9.45 47.03
C GLU Q 140 36.17 -9.48 47.64
N VAL Q 141 35.13 -9.10 46.89
CA VAL Q 141 33.76 -9.34 47.34
C VAL Q 141 32.98 -10.09 46.28
N PHE Q 142 33.10 -9.65 45.02
CA PHE Q 142 32.40 -10.33 43.94
C PHE Q 142 32.97 -11.71 43.64
N ASP Q 143 33.96 -12.16 44.42
CA ASP Q 143 34.42 -13.54 44.45
C ASP Q 143 34.18 -14.18 45.81
N LYS Q 144 34.47 -13.48 46.90
CA LYS Q 144 34.17 -14.00 48.23
C LYS Q 144 32.68 -14.24 48.39
N ILE Q 145 31.88 -13.19 48.18
CA ILE Q 145 30.44 -13.32 48.36
C ILE Q 145 29.81 -14.01 47.15
N TYR Q 146 30.01 -13.46 45.98
CA TYR Q 146 29.43 -14.01 44.75
C TYR Q 146 30.45 -14.86 44.01
N ASN Q 147 30.87 -15.95 44.65
CA ASN Q 147 31.64 -16.95 43.92
C ASN Q 147 30.81 -17.65 42.87
N ILE Q 148 29.50 -17.37 42.82
CA ILE Q 148 28.65 -17.77 41.71
C ILE Q 148 29.22 -17.24 40.39
N THR Q 149 29.98 -16.16 40.44
CA THR Q 149 30.63 -15.63 39.25
C THR Q 149 31.75 -16.56 38.79
N GLN Q 150 31.89 -16.70 37.48
CA GLN Q 150 32.93 -17.48 36.82
C GLN Q 150 32.68 -18.98 36.97
N LYS Q 151 31.67 -19.33 37.76
CA LYS Q 151 31.11 -20.68 37.76
C LYS Q 151 29.70 -20.72 37.21
N GLU Q 152 28.93 -19.65 37.36
CA GLU Q 152 27.60 -19.54 36.78
C GLU Q 152 27.48 -18.39 35.79
N LYS Q 153 27.98 -17.22 36.16
CA LYS Q 153 27.79 -16.00 35.39
C LYS Q 153 29.08 -15.65 34.65
N VAL Q 154 29.03 -15.72 33.33
CA VAL Q 154 30.11 -15.21 32.49
C VAL Q 154 29.82 -13.80 32.02
N LYS Q 155 28.90 -13.12 32.68
CA LYS Q 155 28.57 -11.72 32.42
C LYS Q 155 29.55 -10.81 33.14
N ILE Q 156 30.85 -11.07 32.98
CA ILE Q 156 31.82 -10.29 33.72
C ILE Q 156 32.00 -8.92 33.07
N GLU Q 157 31.82 -8.84 31.74
CA GLU Q 157 31.88 -7.55 31.06
C GLU Q 157 30.85 -6.58 31.62
N LYS Q 158 29.62 -7.07 31.84
CA LYS Q 158 28.54 -6.22 32.32
C LYS Q 158 28.65 -5.92 33.81
N VAL Q 159 29.30 -6.78 34.59
CA VAL Q 159 29.58 -6.44 35.98
C VAL Q 159 30.87 -5.66 36.11
N LYS Q 160 31.68 -5.59 35.06
CA LYS Q 160 32.79 -4.63 35.03
C LYS Q 160 32.31 -3.24 34.68
N GLU Q 161 31.46 -3.14 33.65
CA GLU Q 161 31.03 -1.85 33.13
C GLU Q 161 30.02 -1.15 34.03
N ASP Q 162 29.44 -1.85 35.01
CA ASP Q 162 28.54 -1.19 35.92
C ASP Q 162 29.18 -0.83 37.26
N ILE Q 163 30.27 -1.49 37.63
CA ILE Q 163 31.05 -1.02 38.78
C ILE Q 163 31.53 0.40 38.52
N LYS Q 164 32.05 0.66 37.32
CA LYS Q 164 32.44 2.00 36.91
C LYS Q 164 31.25 2.93 36.74
N GLU Q 165 30.04 2.43 36.92
CA GLU Q 165 28.77 3.10 36.68
C GLU Q 165 27.89 3.17 37.91
N LEU Q 166 27.86 2.11 38.72
CA LEU Q 166 26.92 1.99 39.82
C LEU Q 166 27.50 2.41 41.16
N PHE Q 167 28.81 2.64 41.25
CA PHE Q 167 29.47 2.88 42.53
C PHE Q 167 30.39 4.09 42.40
N SER Q 168 30.03 5.16 43.08
CA SER Q 168 30.87 6.34 43.22
C SER Q 168 30.48 6.98 44.55
N TYR Q 169 31.46 7.51 45.27
CA TYR Q 169 31.24 7.85 46.68
C TYR Q 169 32.00 9.12 47.01
N TYR Q 170 32.01 9.46 48.29
CA TYR Q 170 32.82 10.55 48.81
C TYR Q 170 33.70 10.01 49.92
N ALA Q 171 34.99 10.31 49.85
CA ALA Q 171 35.95 9.89 50.85
C ALA Q 171 36.47 11.10 51.62
N LEU Q 172 37.29 10.83 52.62
CA LEU Q 172 37.92 11.89 53.39
C LEU Q 172 39.22 12.37 52.77
N GLU Q 173 39.98 11.46 52.15
CA GLU Q 173 41.26 11.75 51.51
C GLU Q 173 42.30 12.22 52.51
N GLN Q 174 41.95 12.23 53.80
CA GLN Q 174 42.90 12.55 54.86
C GLN Q 174 42.79 11.48 55.95
N SER R 2 42.28 -40.75 -16.28
CA SER R 2 41.30 -39.81 -15.78
C SER R 2 41.48 -38.42 -16.40
N THR R 3 40.38 -37.69 -16.52
CA THR R 3 40.38 -36.34 -17.07
C THR R 3 40.42 -35.33 -15.94
N GLN R 4 41.30 -34.33 -16.05
CA GLN R 4 41.53 -33.37 -14.98
C GLN R 4 41.73 -31.98 -15.56
N ARG R 5 41.33 -30.98 -14.77
CA ARG R 5 41.32 -29.59 -15.20
C ARG R 5 42.21 -28.75 -14.30
N GLU R 6 42.46 -27.51 -14.72
CA GLU R 6 43.24 -26.55 -13.95
C GLU R 6 42.52 -25.21 -13.98
N TYR R 7 42.59 -24.51 -12.86
CA TYR R 7 41.90 -23.23 -12.69
C TYR R 7 42.90 -22.09 -12.81
N VAL R 8 42.76 -21.27 -13.83
CA VAL R 8 43.60 -20.08 -14.00
C VAL R 8 42.83 -18.87 -13.50
N PHE R 9 43.22 -18.36 -12.35
CA PHE R 9 42.67 -17.14 -11.78
C PHE R 9 42.89 -15.97 -12.74
N ILE R 10 41.97 -15.01 -12.69
CA ILE R 10 42.01 -13.86 -13.58
C ILE R 10 42.14 -12.57 -12.78
N PRO R 11 43.32 -12.25 -12.25
CA PRO R 11 43.50 -10.98 -11.54
C PRO R 11 43.93 -9.86 -12.48
N ILE R 12 44.21 -8.69 -11.90
CA ILE R 12 44.68 -7.55 -12.68
C ILE R 12 46.19 -7.59 -12.87
N THR R 13 46.92 -8.07 -11.86
CA THR R 13 48.37 -8.00 -11.83
C THR R 13 48.99 -9.01 -12.81
N ASN R 14 50.32 -9.07 -12.80
CA ASN R 14 51.08 -9.90 -13.73
C ASN R 14 51.51 -11.22 -13.09
N SER R 15 50.52 -12.04 -12.74
CA SER R 15 50.77 -13.41 -12.35
C SER R 15 50.38 -14.40 -13.44
N ILE R 16 50.03 -13.92 -14.63
CA ILE R 16 49.32 -14.71 -15.62
C ILE R 16 50.22 -14.95 -16.83
N THR R 17 51.53 -15.04 -16.59
CA THR R 17 52.46 -15.30 -17.68
C THR R 17 52.47 -16.78 -18.06
N ILE R 18 52.87 -17.65 -17.12
CA ILE R 18 52.81 -19.08 -17.33
C ILE R 18 52.69 -19.77 -15.98
N ASP R 19 51.77 -20.72 -15.90
CA ASP R 19 51.64 -21.58 -14.74
C ASP R 19 51.33 -23.02 -15.15
N VAL R 20 51.47 -23.36 -16.42
CA VAL R 20 50.86 -24.56 -16.98
C VAL R 20 51.94 -25.53 -17.46
N LYS R 21 51.54 -26.79 -17.58
CA LYS R 21 52.24 -27.76 -18.42
C LYS R 21 51.44 -28.15 -19.65
N ILE R 22 50.18 -27.72 -19.75
CA ILE R 22 49.35 -27.97 -20.91
C ILE R 22 48.90 -26.63 -21.48
N THR R 23 49.08 -26.46 -22.79
CA THR R 23 48.58 -25.29 -23.51
C THR R 23 47.26 -25.57 -24.21
N ILE R 24 47.20 -26.64 -24.98
CA ILE R 24 45.95 -27.17 -25.52
C ILE R 24 45.78 -28.61 -25.10
N GLY R 25 46.72 -29.48 -25.51
CA GLY R 25 46.71 -30.85 -25.09
C GLY R 25 45.61 -31.66 -25.75
N GLY R 26 44.37 -31.38 -25.38
CA GLY R 26 43.22 -32.00 -26.00
C GLY R 26 42.32 -30.99 -26.68
N SER R 27 41.03 -31.05 -26.41
CA SER R 27 40.11 -30.00 -26.84
C SER R 27 39.09 -29.60 -25.79
N ASP R 28 38.96 -30.32 -24.69
CA ASP R 28 37.87 -30.11 -23.75
C ASP R 28 38.29 -29.08 -22.70
N HIS R 29 37.89 -27.83 -22.91
CA HIS R 29 37.90 -26.80 -21.88
C HIS R 29 36.45 -26.48 -21.56
N ILE R 30 36.15 -26.22 -20.29
CA ILE R 30 34.77 -25.90 -19.95
C ILE R 30 34.46 -24.46 -20.33
N THR R 31 35.39 -23.55 -20.11
CA THR R 31 35.18 -22.17 -20.51
C THR R 31 35.24 -22.07 -22.03
N ASN R 32 34.24 -21.42 -22.61
CA ASN R 32 34.15 -21.26 -24.05
C ASN R 32 33.80 -19.82 -24.38
N ILE R 33 34.01 -19.48 -25.64
CA ILE R 33 33.69 -18.16 -26.18
C ILE R 33 32.68 -18.41 -27.29
N ASP R 34 31.39 -18.41 -26.94
CA ASP R 34 30.34 -18.81 -27.87
C ASP R 34 29.69 -17.56 -28.45
N GLU R 35 30.50 -16.77 -29.16
CA GLU R 35 30.02 -15.67 -29.97
C GLU R 35 29.28 -14.61 -29.14
N ARG R 36 29.19 -14.84 -27.83
CA ARG R 36 28.39 -14.00 -26.95
C ARG R 36 29.14 -13.66 -25.67
N GLY R 37 30.43 -13.95 -25.60
CA GLY R 37 31.17 -13.77 -24.37
C GLY R 37 31.66 -15.08 -23.80
N ILE R 38 31.75 -15.16 -22.48
CA ILE R 38 32.37 -16.29 -21.80
C ILE R 38 31.29 -17.13 -21.14
N HIS R 39 31.39 -18.44 -21.31
CA HIS R 39 30.45 -19.37 -20.69
C HIS R 39 31.20 -20.34 -19.79
N ASN R 40 30.48 -20.85 -18.79
CA ASN R 40 31.02 -21.82 -17.82
C ASN R 40 32.23 -21.24 -17.08
N VAL R 41 31.97 -20.19 -16.31
CA VAL R 41 33.00 -19.52 -15.53
C VAL R 41 32.91 -19.98 -14.09
N LEU R 42 34.05 -20.34 -13.51
CA LEU R 42 34.09 -20.87 -12.15
C LEU R 42 34.24 -19.75 -11.13
N VAL R 43 33.61 -19.96 -9.98
CA VAL R 43 33.68 -19.03 -8.86
C VAL R 43 34.05 -19.81 -7.61
N ILE R 44 35.11 -19.39 -6.94
CA ILE R 44 35.48 -19.93 -5.64
C ILE R 44 35.16 -18.87 -4.59
N THR R 45 34.43 -19.27 -3.56
CA THR R 45 34.04 -18.35 -2.49
C THR R 45 34.91 -18.57 -1.27
N GLY R 46 35.01 -17.52 -0.45
CA GLY R 46 35.81 -17.58 0.74
C GLY R 46 37.31 -17.51 0.52
N TYR R 47 37.75 -17.38 -0.72
CA TYR R 47 39.17 -17.29 -1.03
C TYR R 47 39.48 -15.92 -1.59
N ALA R 48 40.74 -15.53 -1.51
CA ALA R 48 41.15 -14.19 -1.88
C ALA R 48 42.50 -14.25 -2.58
N VAL R 49 42.66 -13.48 -3.65
CA VAL R 49 43.96 -13.47 -4.31
C VAL R 49 44.93 -12.68 -3.44
N ASP R 50 46.20 -13.04 -3.54
CA ASP R 50 47.26 -12.45 -2.75
C ASP R 50 48.35 -11.95 -3.68
N GLU R 51 47.97 -11.15 -4.68
CA GLU R 51 48.69 -11.02 -5.94
C GLU R 51 50.20 -10.98 -5.79
N LYS R 52 50.70 -10.62 -4.61
CA LYS R 52 52.11 -10.85 -4.32
C LYS R 52 52.36 -12.35 -4.39
N ASN R 53 52.98 -12.83 -5.47
CA ASN R 53 53.06 -14.26 -5.75
C ASN R 53 51.64 -14.84 -5.85
N GLY R 54 50.88 -14.28 -6.80
CA GLY R 54 49.43 -14.47 -6.84
C GLY R 54 48.94 -15.90 -6.95
N ARG R 55 48.42 -16.41 -5.84
CA ARG R 55 47.80 -17.73 -5.76
C ARG R 55 46.78 -17.66 -4.63
N LEU R 56 45.59 -18.22 -4.87
CA LEU R 56 44.45 -17.96 -4.01
C LEU R 56 44.70 -18.26 -2.54
N VAL R 57 44.67 -17.22 -1.72
CA VAL R 57 44.76 -17.41 -0.27
C VAL R 57 43.36 -17.67 0.28
N PRO R 58 43.18 -18.74 1.05
CA PRO R 58 41.85 -19.03 1.60
C PRO R 58 41.54 -18.22 2.84
N THR R 59 40.29 -17.81 2.96
CA THR R 59 39.74 -17.17 4.14
C THR R 59 38.49 -17.93 4.56
N LEU R 60 37.82 -17.44 5.60
CA LEU R 60 36.54 -17.99 6.00
C LEU R 60 35.42 -16.97 5.87
N ASP R 61 35.60 -15.99 4.99
CA ASP R 61 34.60 -14.97 4.76
C ASP R 61 33.89 -15.27 3.45
N PRO R 62 32.58 -15.54 3.47
CA PRO R 62 31.90 -15.91 2.22
C PRO R 62 31.85 -14.78 1.21
N CYS R 63 31.88 -13.52 1.66
CA CYS R 63 31.92 -12.43 0.70
C CYS R 63 33.22 -12.42 -0.10
N ASP R 64 34.29 -12.97 0.46
CA ASP R 64 35.52 -13.13 -0.30
C ASP R 64 35.29 -14.15 -1.40
N TYR R 65 35.62 -13.78 -2.63
CA TYR R 65 35.46 -14.70 -3.75
C TYR R 65 36.48 -14.36 -4.81
N VAL R 66 36.49 -15.17 -5.86
CA VAL R 66 37.39 -14.98 -6.99
C VAL R 66 36.80 -15.70 -8.19
N LYS R 67 36.78 -15.03 -9.33
CA LYS R 67 36.27 -15.62 -10.56
C LYS R 67 37.43 -15.95 -11.47
N GLY R 68 37.27 -17.02 -12.24
CA GLY R 68 38.30 -17.41 -13.18
C GLY R 68 37.76 -18.44 -14.14
N ILE R 69 38.56 -18.76 -15.14
CA ILE R 69 38.20 -19.75 -16.15
C ILE R 69 38.96 -21.04 -15.88
N LEU R 70 38.29 -22.16 -16.12
CA LEU R 70 38.83 -23.49 -15.82
C LEU R 70 39.18 -24.18 -17.13
N VAL R 71 40.39 -24.73 -17.19
CA VAL R 71 40.89 -25.42 -18.38
C VAL R 71 41.61 -26.68 -17.92
N ALA R 72 41.82 -27.60 -18.86
CA ALA R 72 42.46 -28.87 -18.53
C ALA R 72 43.97 -28.75 -18.55
N GLY R 73 44.61 -29.44 -17.62
CA GLY R 73 46.06 -29.43 -17.54
C GLY R 73 46.53 -29.80 -16.15
N THR R 74 47.81 -29.54 -15.90
CA THR R 74 48.50 -29.82 -14.65
C THR R 74 49.54 -28.71 -14.52
N PRO R 75 49.57 -28.00 -13.40
CA PRO R 75 50.22 -26.68 -13.40
C PRO R 75 51.75 -26.69 -13.31
N GLN R 76 52.40 -26.43 -14.45
CA GLN R 76 53.80 -26.03 -14.53
C GLN R 76 54.77 -27.07 -14.00
N GLN R 77 54.24 -28.17 -13.45
CA GLN R 77 55.02 -29.20 -12.76
C GLN R 77 56.14 -28.59 -11.91
N ALA R 78 55.75 -27.60 -11.10
CA ALA R 78 56.59 -27.09 -10.02
C ALA R 78 55.85 -27.17 -8.69
N GLN R 79 54.86 -28.05 -8.61
CA GLN R 79 53.85 -28.01 -7.56
C GLN R 79 53.58 -29.44 -7.11
N SER R 80 52.43 -29.63 -6.45
CA SER R 80 52.03 -30.74 -5.58
C SER R 80 52.62 -30.52 -4.19
N ASN R 81 53.29 -29.40 -3.96
CA ASN R 81 53.74 -29.01 -2.63
C ASN R 81 52.78 -28.06 -1.95
N ASP R 82 52.10 -27.20 -2.72
CA ASP R 82 51.22 -26.18 -2.13
C ASP R 82 49.96 -25.97 -2.96
N PHE R 83 49.53 -26.93 -3.77
CA PHE R 83 48.31 -26.81 -4.56
C PHE R 83 47.26 -27.80 -4.07
N LEU R 84 46.01 -27.36 -4.07
CA LEU R 84 44.91 -28.17 -3.56
C LEU R 84 44.17 -28.88 -4.69
N THR R 85 44.87 -29.79 -5.36
CA THR R 85 44.20 -30.66 -6.32
C THR R 85 43.20 -31.53 -5.58
N LEU R 86 42.01 -31.65 -6.16
CA LEU R 86 40.92 -32.34 -5.48
C LEU R 86 39.87 -32.75 -6.51
N LYS R 87 39.06 -33.73 -6.12
CA LYS R 87 38.11 -34.37 -7.01
C LYS R 87 36.70 -33.87 -6.71
N LEU R 88 36.07 -33.25 -7.71
CA LEU R 88 34.70 -32.76 -7.63
C LEU R 88 33.89 -33.35 -8.78
N PRO R 89 32.65 -33.74 -8.52
CA PRO R 89 31.86 -34.34 -9.61
C PRO R 89 31.19 -33.30 -10.50
N ALA R 90 31.95 -32.25 -10.84
CA ALA R 90 31.59 -31.26 -11.86
C ALA R 90 30.27 -30.55 -11.57
N ASN R 91 29.62 -30.89 -10.46
CA ASN R 91 28.38 -30.25 -10.07
C ASN R 91 28.51 -29.44 -8.79
N LYS R 92 29.34 -29.90 -7.85
CA LYS R 92 29.50 -29.20 -6.59
C LYS R 92 30.19 -27.86 -6.74
N LEU R 93 30.75 -27.56 -7.91
CA LEU R 93 31.48 -26.32 -8.10
C LEU R 93 30.50 -25.22 -8.52
N TYR R 94 30.64 -24.06 -7.89
CA TYR R 94 29.77 -22.93 -8.19
C TYR R 94 30.17 -22.33 -9.53
N LEU R 95 29.60 -22.86 -10.60
CA LEU R 95 29.85 -22.37 -11.94
C LEU R 95 28.74 -21.41 -12.35
N ILE R 96 29.14 -20.29 -12.97
CA ILE R 96 28.20 -19.31 -13.48
C ILE R 96 28.31 -19.26 -14.99
N ARG R 97 27.32 -18.61 -15.61
CA ARG R 97 27.22 -18.50 -17.06
C ARG R 97 27.33 -19.87 -17.72
N LYS R 98 26.41 -20.75 -17.33
CA LYS R 98 26.42 -22.12 -17.82
C LYS R 98 25.79 -22.18 -19.21
N LYS R 99 26.56 -22.67 -20.18
CA LYS R 99 26.03 -22.94 -21.50
C LYS R 99 26.03 -24.43 -21.82
N GLY R 100 27.18 -25.09 -21.72
CA GLY R 100 27.25 -26.52 -21.92
C GLY R 100 26.75 -27.28 -20.71
N ASN R 101 27.21 -28.53 -20.59
CA ASN R 101 26.90 -29.39 -19.46
C ASN R 101 28.19 -29.77 -18.76
N ILE R 102 28.09 -30.71 -17.83
CA ILE R 102 29.24 -31.17 -17.07
C ILE R 102 29.47 -32.65 -17.37
N SER R 103 30.73 -33.07 -17.21
CA SER R 103 31.13 -34.45 -17.45
C SER R 103 30.75 -35.39 -16.32
N ASP R 104 30.21 -34.86 -15.23
CA ASP R 104 29.73 -35.55 -14.04
C ASP R 104 30.87 -36.03 -13.14
N ASP R 105 32.13 -35.90 -13.56
CA ASP R 105 33.24 -36.25 -12.70
C ASP R 105 34.48 -35.52 -13.19
N LEU R 106 35.23 -34.93 -12.25
CA LEU R 106 36.37 -34.11 -12.61
C LEU R 106 37.38 -34.14 -11.47
N LYS R 107 38.48 -33.40 -11.68
CA LYS R 107 39.50 -33.20 -10.65
C LYS R 107 40.31 -32.00 -11.10
N ILE R 108 40.37 -30.96 -10.28
CA ILE R 108 40.90 -29.69 -10.72
C ILE R 108 42.11 -29.32 -9.87
N TYR R 109 42.95 -28.45 -10.44
CA TYR R 109 44.12 -27.92 -9.77
C TYR R 109 43.95 -26.42 -9.65
N ILE R 110 44.24 -25.88 -8.47
CA ILE R 110 44.01 -24.47 -8.19
C ILE R 110 45.26 -23.84 -7.60
N PRO R 111 45.60 -22.62 -7.99
CA PRO R 111 46.79 -21.98 -7.41
C PRO R 111 46.54 -21.60 -5.96
N TYR R 112 47.11 -22.37 -5.05
CA TYR R 112 46.85 -22.23 -3.62
C TYR R 112 48.07 -21.65 -2.93
N SER R 113 47.83 -21.02 -1.78
CA SER R 113 48.91 -20.59 -0.90
C SER R 113 48.38 -20.50 0.51
N SER R 114 49.13 -21.04 1.46
CA SER R 114 48.77 -20.91 2.85
C SER R 114 48.70 -19.43 3.21
N PRO R 115 47.77 -19.05 4.07
CA PRO R 115 47.46 -17.62 4.24
C PRO R 115 48.53 -16.80 4.92
N ASP R 116 49.72 -17.37 5.13
CA ASP R 116 50.87 -16.67 5.71
C ASP R 116 50.46 -15.83 6.91
N ALA R 117 50.03 -16.49 7.99
CA ALA R 117 49.29 -15.81 9.04
C ALA R 117 50.18 -14.92 9.90
N ARG R 118 50.91 -14.02 9.24
CA ARG R 118 51.56 -12.89 9.88
C ARG R 118 50.81 -11.60 9.64
N ASN R 119 49.76 -11.65 8.83
CA ASN R 119 48.98 -10.47 8.47
C ASN R 119 47.51 -10.76 8.70
N SER R 120 46.78 -9.73 9.14
CA SER R 120 45.32 -9.79 9.11
C SER R 120 44.87 -9.80 7.66
N MET R 121 44.06 -10.79 7.30
CA MET R 121 43.65 -10.91 5.91
C MET R 121 42.64 -9.82 5.56
N LYS R 122 43.14 -8.66 5.15
CA LYS R 122 42.29 -7.52 4.81
C LYS R 122 41.94 -7.60 3.32
N THR R 123 40.86 -8.32 3.04
CA THR R 123 40.39 -8.49 1.68
C THR R 123 39.48 -7.32 1.30
N LYS R 124 39.61 -6.85 0.07
CA LYS R 124 38.77 -5.79 -0.45
C LYS R 124 38.51 -6.06 -1.92
N PRO R 125 37.38 -5.63 -2.46
CA PRO R 125 37.04 -5.95 -3.85
C PRO R 125 37.94 -5.20 -4.82
N VAL R 126 38.22 -5.87 -5.95
CA VAL R 126 38.99 -5.27 -7.04
C VAL R 126 38.29 -5.62 -8.34
N SER R 127 37.88 -4.60 -9.08
CA SER R 127 37.14 -4.79 -10.33
C SER R 127 38.09 -4.64 -11.51
N ILE R 128 38.00 -5.57 -12.46
CA ILE R 128 38.87 -5.54 -13.63
C ILE R 128 38.49 -4.35 -14.51
N SER R 129 39.48 -3.50 -14.77
CA SER R 129 39.33 -2.24 -15.49
C SER R 129 40.64 -1.93 -16.22
N ASP R 130 40.91 -0.66 -16.51
CA ASP R 130 42.20 -0.26 -17.06
C ASP R 130 42.42 -0.87 -18.44
N ASP R 131 41.67 -0.38 -19.43
CA ASP R 131 41.53 -0.97 -20.76
C ASP R 131 42.84 -1.50 -21.35
N THR R 132 43.98 -0.90 -21.01
CA THR R 132 45.24 -1.47 -21.44
C THR R 132 45.63 -2.73 -20.67
N ILE R 133 44.93 -3.06 -19.60
CA ILE R 133 45.18 -4.34 -18.93
C ILE R 133 44.35 -5.45 -19.55
N VAL R 134 43.13 -5.16 -20.01
CA VAL R 134 42.40 -6.18 -20.75
C VAL R 134 43.07 -6.43 -22.10
N ASN R 135 43.78 -5.44 -22.63
CA ASN R 135 44.52 -5.63 -23.87
C ASN R 135 45.60 -6.68 -23.71
N ASN R 136 46.20 -6.77 -22.52
CA ASN R 136 47.19 -7.81 -22.29
C ASN R 136 46.58 -9.09 -21.73
N ILE R 137 45.41 -9.01 -21.09
CA ILE R 137 44.75 -10.25 -20.66
C ILE R 137 44.23 -11.00 -21.88
N ILE R 138 43.99 -10.28 -22.97
CA ILE R 138 43.63 -10.94 -24.23
C ILE R 138 44.71 -11.93 -24.63
N LYS R 139 45.97 -11.57 -24.40
CA LYS R 139 47.10 -12.36 -24.88
C LYS R 139 47.62 -13.34 -23.85
N GLU R 140 47.78 -12.89 -22.60
CA GLU R 140 48.54 -13.67 -21.63
C GLU R 140 47.83 -14.95 -21.23
N VAL R 141 46.49 -14.99 -21.30
CA VAL R 141 45.72 -16.19 -21.00
C VAL R 141 44.80 -16.56 -22.16
N PHE R 142 44.08 -15.58 -22.70
CA PHE R 142 43.15 -15.88 -23.80
C PHE R 142 43.85 -16.11 -25.09
N ASP R 143 45.16 -16.26 -25.11
CA ASP R 143 45.88 -16.78 -26.26
C ASP R 143 46.82 -17.91 -25.90
N LYS R 144 47.49 -17.83 -24.74
CA LYS R 144 48.26 -18.98 -24.27
C LYS R 144 47.37 -20.13 -23.84
N ILE R 145 46.04 -19.93 -23.85
CA ILE R 145 45.08 -21.01 -23.69
C ILE R 145 44.17 -21.00 -24.90
N TYR R 146 43.38 -19.94 -25.04
CA TYR R 146 42.42 -19.81 -26.13
C TYR R 146 43.01 -18.99 -27.27
N ASN R 147 44.13 -19.48 -27.81
CA ASN R 147 44.65 -18.97 -29.08
C ASN R 147 43.60 -19.11 -30.17
N ILE R 148 42.51 -19.80 -29.83
CA ILE R 148 41.25 -19.70 -30.55
C ILE R 148 40.90 -18.24 -30.84
N THR R 149 41.42 -17.32 -30.01
CA THR R 149 41.36 -15.90 -30.32
C THR R 149 41.86 -15.64 -31.73
N GLN R 150 41.11 -14.81 -32.46
CA GLN R 150 41.33 -14.44 -33.86
C GLN R 150 41.06 -15.59 -34.82
N LYS R 151 40.76 -16.79 -34.33
CA LYS R 151 40.42 -17.88 -35.24
C LYS R 151 38.96 -17.81 -35.65
N GLU R 152 38.06 -17.61 -34.70
CA GLU R 152 36.64 -17.39 -34.98
C GLU R 152 36.09 -16.16 -34.27
N LYS R 153 36.84 -15.53 -33.38
CA LYS R 153 36.34 -14.37 -32.63
C LYS R 153 36.76 -13.09 -33.34
N VAL R 154 35.99 -12.74 -34.36
CA VAL R 154 36.19 -11.45 -35.02
C VAL R 154 35.64 -10.32 -34.18
N LYS R 155 34.77 -10.61 -33.23
CA LYS R 155 34.22 -9.61 -32.33
C LYS R 155 34.94 -9.62 -30.98
N ILE R 156 36.24 -9.35 -31.02
CA ILE R 156 37.03 -9.29 -29.80
C ILE R 156 36.51 -8.19 -28.89
N GLU R 157 36.12 -7.06 -29.49
CA GLU R 157 35.55 -5.96 -28.71
C GLU R 157 34.21 -6.32 -28.07
N LYS R 158 33.63 -7.47 -28.39
CA LYS R 158 32.54 -7.98 -27.57
C LYS R 158 33.08 -8.60 -26.28
N VAL R 159 34.04 -9.52 -26.41
CA VAL R 159 34.47 -10.36 -25.30
C VAL R 159 35.46 -9.59 -24.44
N LYS R 160 35.62 -8.29 -24.70
CA LYS R 160 36.30 -7.42 -23.76
C LYS R 160 35.32 -6.61 -22.91
N GLU R 161 34.10 -6.38 -23.39
CA GLU R 161 33.10 -5.72 -22.55
C GLU R 161 32.80 -6.57 -21.31
N ASP R 162 32.70 -7.89 -21.50
CA ASP R 162 32.26 -8.75 -20.42
C ASP R 162 33.35 -8.93 -19.37
N ILE R 163 34.57 -9.30 -19.80
CA ILE R 163 35.68 -9.43 -18.86
C ILE R 163 35.83 -8.18 -18.02
N LYS R 164 35.56 -7.02 -18.63
CA LYS R 164 35.55 -5.77 -17.88
C LYS R 164 34.55 -5.77 -16.74
N GLU R 165 33.54 -6.65 -16.79
CA GLU R 165 32.54 -6.74 -15.74
C GLU R 165 32.23 -8.16 -15.27
N LEU R 166 32.58 -9.20 -16.02
CA LEU R 166 32.33 -10.57 -15.60
C LEU R 166 33.37 -11.11 -14.63
N PHE R 167 34.32 -10.31 -14.20
CA PHE R 167 35.33 -10.78 -13.26
C PHE R 167 35.54 -9.75 -12.17
N SER R 168 35.86 -10.23 -10.99
CA SER R 168 36.09 -9.43 -9.79
C SER R 168 36.54 -10.39 -8.70
N TYR R 169 37.23 -9.86 -7.71
CA TYR R 169 37.82 -10.72 -6.71
C TYR R 169 38.22 -9.89 -5.51
N TYR R 170 38.31 -10.55 -4.37
CA TYR R 170 38.82 -9.92 -3.16
C TYR R 170 40.31 -10.21 -3.07
N ALA R 171 41.10 -9.17 -2.81
CA ALA R 171 42.54 -9.28 -2.73
C ALA R 171 43.02 -8.82 -1.36
N LEU R 172 44.16 -9.36 -0.93
CA LEU R 172 44.75 -8.93 0.33
C LEU R 172 45.06 -7.44 0.31
N GLU R 173 45.30 -6.87 -0.88
CA GLU R 173 45.45 -5.44 -1.09
C GLU R 173 46.65 -4.87 -0.34
N GLN R 174 47.39 -5.72 0.36
CA GLN R 174 48.49 -5.28 1.20
C GLN R 174 49.80 -5.93 0.78
N SER S 2 30.35 14.80 -44.59
CA SER S 2 30.11 15.08 -43.18
C SER S 2 29.67 16.52 -42.98
N THR S 3 29.16 16.82 -41.79
CA THR S 3 28.71 18.15 -41.43
C THR S 3 29.68 18.79 -40.45
N GLN S 4 29.53 20.10 -40.30
CA GLN S 4 30.37 20.87 -39.40
C GLN S 4 29.66 22.19 -39.10
N ARG S 5 29.47 22.50 -37.83
CA ARG S 5 28.83 23.73 -37.43
C ARG S 5 29.87 24.71 -36.92
N GLU S 6 29.43 25.94 -36.68
CA GLU S 6 30.28 26.95 -36.06
C GLU S 6 29.49 27.70 -35.02
N TYR S 7 30.00 27.71 -33.80
CA TYR S 7 29.37 28.46 -32.73
C TYR S 7 29.69 29.94 -32.88
N VAL S 8 28.69 30.77 -32.63
CA VAL S 8 28.87 32.22 -32.57
C VAL S 8 28.22 32.72 -31.28
N PHE S 9 29.00 33.43 -30.48
CA PHE S 9 28.49 33.88 -29.20
C PHE S 9 27.55 35.07 -29.39
N ILE S 10 26.69 35.28 -28.40
CA ILE S 10 25.65 36.29 -28.46
C ILE S 10 25.92 37.35 -27.40
N PRO S 11 26.77 38.33 -27.67
CA PRO S 11 27.05 39.36 -26.68
C PRO S 11 26.10 40.55 -26.82
N ILE S 12 26.37 41.59 -26.05
CA ILE S 12 25.60 42.82 -26.08
C ILE S 12 26.27 43.82 -27.03
N THR S 13 27.26 43.34 -27.78
CA THR S 13 28.14 44.20 -28.55
C THR S 13 27.84 44.17 -30.05
N ASN S 14 28.33 45.19 -30.73
CA ASN S 14 28.29 45.28 -32.20
C ASN S 14 29.65 44.91 -32.78
N SER S 15 30.00 43.64 -32.66
CA SER S 15 31.27 43.17 -33.18
C SER S 15 31.13 41.80 -33.87
N ILE S 16 29.94 41.50 -34.39
CA ILE S 16 29.66 40.18 -34.94
C ILE S 16 29.11 40.37 -36.35
N THR S 17 29.39 41.52 -36.96
CA THR S 17 28.83 41.81 -38.27
C THR S 17 29.36 40.84 -39.31
N ILE S 18 30.68 40.83 -39.54
CA ILE S 18 31.30 39.90 -40.47
C ILE S 18 32.62 39.42 -39.88
N ASP S 19 32.66 38.16 -39.44
CA ASP S 19 33.89 37.43 -39.18
C ASP S 19 33.78 36.01 -39.72
N VAL S 20 32.88 35.77 -40.67
CA VAL S 20 32.48 34.43 -41.07
C VAL S 20 32.23 34.39 -42.57
N LYS S 21 32.42 33.22 -43.17
CA LYS S 21 32.26 33.03 -44.61
C LYS S 21 31.14 32.06 -44.97
N ILE S 22 30.16 31.87 -44.11
CA ILE S 22 29.12 30.88 -44.34
C ILE S 22 27.75 31.48 -44.06
N THR S 23 26.76 31.07 -44.85
CA THR S 23 25.37 31.47 -44.66
C THR S 23 24.46 30.29 -44.39
N ILE S 24 24.54 29.24 -45.21
CA ILE S 24 23.75 28.03 -44.99
C ILE S 24 24.68 26.83 -44.92
N GLY S 25 25.41 26.58 -46.00
CA GLY S 25 26.31 25.45 -46.07
C GLY S 25 25.60 24.11 -46.24
N GLY S 26 24.92 23.66 -45.19
CA GLY S 26 24.24 22.39 -45.20
C GLY S 26 22.76 22.53 -45.55
N SER S 27 21.94 21.66 -44.97
CA SER S 27 20.50 21.69 -45.18
C SER S 27 19.73 22.18 -43.96
N ASP S 28 20.30 22.05 -42.76
CA ASP S 28 19.61 22.43 -41.54
C ASP S 28 20.63 22.85 -40.50
N HIS S 29 20.13 23.48 -39.44
CA HIS S 29 20.96 23.95 -38.35
C HIS S 29 20.45 23.37 -37.03
N ILE S 30 21.37 23.21 -36.07
CA ILE S 30 20.97 22.73 -34.75
C ILE S 30 20.05 23.75 -34.08
N THR S 31 20.43 25.02 -34.13
CA THR S 31 19.57 26.08 -33.59
C THR S 31 18.38 26.30 -34.51
N ASN S 32 17.19 26.37 -33.92
CA ASN S 32 15.95 26.43 -34.68
C ASN S 32 15.07 27.58 -34.20
N ILE S 33 14.27 28.11 -35.12
CA ILE S 33 13.22 29.08 -34.81
C ILE S 33 11.99 28.64 -35.60
N ASP S 34 11.01 28.03 -34.90
CA ASP S 34 9.75 27.64 -35.55
C ASP S 34 8.57 28.14 -34.73
N GLU S 35 8.21 29.42 -34.91
CA GLU S 35 7.00 30.01 -34.35
C GLU S 35 6.95 29.90 -32.83
N ARG S 36 8.01 29.36 -32.22
CA ARG S 36 8.10 29.21 -30.78
C ARG S 36 9.27 29.94 -30.16
N GLY S 37 10.27 30.32 -30.97
CA GLY S 37 11.46 30.96 -30.45
C GLY S 37 12.69 30.13 -30.73
N ILE S 38 13.75 30.37 -29.98
CA ILE S 38 15.01 29.67 -30.18
C ILE S 38 14.91 28.27 -29.59
N HIS S 39 15.68 27.34 -30.15
CA HIS S 39 15.75 25.98 -29.65
C HIS S 39 17.15 25.44 -29.90
N ASN S 40 17.55 24.47 -29.08
CA ASN S 40 18.86 23.83 -29.18
C ASN S 40 19.98 24.86 -29.11
N VAL S 41 20.05 25.54 -27.97
CA VAL S 41 21.02 26.60 -27.75
C VAL S 41 22.19 26.02 -26.98
N LEU S 42 23.38 26.08 -27.57
CA LEU S 42 24.57 25.61 -26.88
C LEU S 42 24.88 26.51 -25.70
N VAL S 43 25.23 25.89 -24.57
CA VAL S 43 25.57 26.62 -23.35
C VAL S 43 27.01 26.26 -23.03
N ILE S 44 27.94 27.06 -23.54
CA ILE S 44 29.35 26.87 -23.21
C ILE S 44 29.59 27.32 -21.77
N THR S 45 30.18 26.45 -20.97
CA THR S 45 30.44 26.73 -19.57
C THR S 45 31.94 26.83 -19.33
N GLY S 46 32.30 27.47 -18.23
CA GLY S 46 33.68 27.65 -17.86
C GLY S 46 34.43 28.69 -18.67
N TYR S 47 33.78 29.36 -19.61
CA TYR S 47 34.42 30.34 -20.46
C TYR S 47 33.76 31.70 -20.29
N ALA S 48 34.55 32.76 -20.39
CA ALA S 48 34.05 34.13 -20.33
C ALA S 48 34.09 34.74 -21.72
N VAL S 49 33.74 36.03 -21.80
CA VAL S 49 33.75 36.77 -23.06
C VAL S 49 34.71 37.93 -22.95
N ASP S 50 35.32 38.28 -24.09
CA ASP S 50 36.36 39.29 -24.16
C ASP S 50 35.96 40.37 -25.17
N GLU S 51 34.74 40.91 -25.00
CA GLU S 51 34.07 41.70 -26.04
C GLU S 51 34.93 42.83 -26.60
N LYS S 52 36.03 43.18 -25.93
CA LYS S 52 37.05 43.97 -26.58
C LYS S 52 37.72 43.10 -27.63
N ASN S 53 37.26 43.17 -28.88
CA ASN S 53 37.53 42.14 -29.88
C ASN S 53 37.00 40.78 -29.39
N GLY S 54 35.67 40.73 -29.33
CA GLY S 54 34.92 39.62 -28.76
C GLY S 54 35.41 38.22 -29.06
N ARG S 55 35.75 37.50 -27.99
CA ARG S 55 36.19 36.11 -28.06
C ARG S 55 35.76 35.43 -26.77
N LEU S 56 35.99 34.12 -26.69
CA LEU S 56 35.62 33.36 -25.50
C LEU S 56 36.89 33.05 -24.69
N VAL S 57 37.16 33.90 -23.71
CA VAL S 57 38.28 33.63 -22.80
C VAL S 57 37.97 32.39 -21.99
N PRO S 58 38.91 31.49 -21.79
CA PRO S 58 38.67 30.36 -20.89
C PRO S 58 38.92 30.73 -19.44
N THR S 59 38.09 30.24 -18.55
CA THR S 59 38.24 30.46 -17.12
C THR S 59 38.19 29.10 -16.43
N LEU S 60 38.11 29.12 -15.11
CA LEU S 60 37.99 27.89 -14.36
C LEU S 60 36.69 27.77 -13.59
N ASP S 61 35.87 28.80 -13.58
CA ASP S 61 34.62 28.76 -12.84
C ASP S 61 33.58 27.94 -13.59
N PRO S 62 33.01 26.90 -12.97
CA PRO S 62 31.75 26.37 -13.49
C PRO S 62 30.66 27.42 -13.53
N CYS S 63 30.76 28.45 -12.69
CA CYS S 63 29.77 29.52 -12.69
C CYS S 63 29.81 30.34 -13.96
N ASP S 64 30.99 30.52 -14.54
CA ASP S 64 31.11 31.29 -15.77
C ASP S 64 30.60 30.48 -16.95
N TYR S 65 29.84 31.14 -17.82
CA TYR S 65 29.30 30.47 -18.99
C TYR S 65 29.06 31.50 -20.08
N VAL S 66 28.92 30.99 -21.31
CA VAL S 66 28.53 31.81 -22.46
C VAL S 66 27.53 31.00 -23.28
N LYS S 67 26.49 31.66 -23.76
CA LYS S 67 25.48 31.02 -24.59
C LYS S 67 25.55 31.57 -26.01
N GLY S 68 24.99 30.81 -26.94
CA GLY S 68 25.01 31.20 -28.33
C GLY S 68 24.35 30.15 -29.19
N ILE S 69 24.23 30.48 -30.48
CA ILE S 69 23.50 29.67 -31.42
C ILE S 69 24.48 28.87 -32.27
N LEU S 70 23.96 27.87 -32.98
CA LEU S 70 24.77 26.95 -33.76
C LEU S 70 24.31 26.92 -35.20
N VAL S 71 25.22 27.26 -36.12
CA VAL S 71 24.98 27.16 -37.56
C VAL S 71 26.23 26.58 -38.20
N ALA S 72 26.04 25.96 -39.37
CA ALA S 72 27.14 25.32 -40.07
C ALA S 72 28.13 26.35 -40.59
N GLY S 73 29.36 25.91 -40.80
CA GLY S 73 30.36 26.69 -41.51
C GLY S 73 31.65 26.80 -40.73
N THR S 74 32.61 27.49 -41.34
CA THR S 74 33.92 27.81 -40.80
C THR S 74 34.15 29.31 -40.88
N PRO S 75 34.94 29.88 -39.96
CA PRO S 75 35.05 31.35 -39.92
C PRO S 75 36.00 31.96 -40.95
N GLN S 76 35.44 32.49 -42.03
CA GLN S 76 36.06 33.52 -42.87
C GLN S 76 37.36 33.09 -43.54
N GLN S 77 37.84 31.88 -43.24
CA GLN S 77 39.18 31.43 -43.63
C GLN S 77 40.20 32.55 -43.43
N ALA S 78 40.20 33.09 -42.22
CA ALA S 78 41.23 34.00 -41.72
C ALA S 78 41.63 33.57 -40.32
N GLN S 79 41.47 32.29 -40.04
CA GLN S 79 41.55 31.72 -38.70
C GLN S 79 42.31 30.40 -38.84
N SER S 80 42.08 29.50 -37.87
CA SER S 80 42.80 28.24 -37.68
C SER S 80 44.11 28.43 -36.94
N ASN S 81 44.23 29.54 -36.23
CA ASN S 81 45.33 29.77 -35.29
C ASN S 81 44.85 30.35 -33.96
N ASP S 82 43.55 30.63 -33.81
CA ASP S 82 43.02 31.15 -32.56
C ASP S 82 41.64 30.59 -32.22
N PHE S 83 41.28 29.41 -32.72
CA PHE S 83 39.94 28.87 -32.53
C PHE S 83 40.01 27.52 -31.84
N LEU S 84 39.08 27.30 -30.91
CA LEU S 84 38.97 26.01 -30.21
C LEU S 84 38.09 25.05 -31.01
N THR S 85 38.51 24.81 -32.25
CA THR S 85 37.79 23.86 -33.10
C THR S 85 37.99 22.43 -32.60
N LEU S 86 36.94 21.63 -32.71
CA LEU S 86 36.98 20.27 -32.20
C LEU S 86 35.75 19.50 -32.68
N LYS S 87 35.85 18.17 -32.60
CA LYS S 87 34.76 17.28 -32.96
C LYS S 87 34.05 16.79 -31.72
N LEU S 88 32.72 16.76 -31.78
CA LEU S 88 31.91 16.33 -30.65
C LEU S 88 30.97 15.21 -31.06
N PRO S 89 30.76 14.22 -30.20
CA PRO S 89 29.81 13.16 -30.55
C PRO S 89 28.37 13.53 -30.22
N ALA S 90 28.01 14.79 -30.50
CA ALA S 90 26.62 15.25 -30.51
C ALA S 90 25.86 14.91 -29.22
N ASN S 91 26.55 14.57 -28.14
CA ASN S 91 25.86 14.28 -26.90
C ASN S 91 26.44 15.11 -25.76
N LYS S 92 27.73 15.39 -25.83
CA LYS S 92 28.41 16.19 -24.83
C LYS S 92 28.10 17.68 -24.95
N LEU S 93 27.17 18.05 -25.82
CA LEU S 93 26.80 19.45 -26.00
C LEU S 93 25.76 19.84 -24.95
N TYR S 94 26.06 20.89 -24.20
CA TYR S 94 25.09 21.44 -23.26
C TYR S 94 24.09 22.27 -24.04
N LEU S 95 22.87 21.77 -24.18
CA LEU S 95 21.83 22.43 -24.96
C LEU S 95 20.59 22.61 -24.09
N ILE S 96 19.83 23.67 -24.41
CA ILE S 96 18.57 23.96 -23.74
C ILE S 96 17.48 24.04 -24.80
N ARG S 97 16.25 23.76 -24.37
CA ARG S 97 15.11 23.64 -25.29
C ARG S 97 15.39 22.62 -26.39
N LYS S 98 15.80 21.43 -25.98
CA LYS S 98 16.15 20.38 -26.93
C LYS S 98 14.93 19.94 -27.72
N LYS S 99 14.88 20.31 -28.99
CA LYS S 99 13.77 19.97 -29.87
C LYS S 99 14.15 18.97 -30.95
N GLY S 100 15.23 19.22 -31.67
CA GLY S 100 15.68 18.29 -32.70
C GLY S 100 16.97 17.59 -32.34
N ASN S 101 16.94 16.27 -32.28
CA ASN S 101 18.12 15.51 -31.91
C ASN S 101 19.20 15.64 -32.98
N ILE S 102 20.40 15.18 -32.66
CA ILE S 102 21.55 15.33 -33.53
C ILE S 102 22.00 13.95 -34.01
N SER S 103 22.85 13.94 -35.03
CA SER S 103 23.20 12.73 -35.78
C SER S 103 24.56 12.17 -35.40
N ASP S 104 24.90 12.18 -34.12
CA ASP S 104 26.01 11.48 -33.48
C ASP S 104 27.37 12.14 -33.71
N ASP S 105 27.47 13.15 -34.56
CA ASP S 105 28.78 13.76 -34.79
C ASP S 105 28.60 15.16 -35.34
N LEU S 106 29.63 15.98 -35.13
CA LEU S 106 29.68 17.34 -35.66
C LEU S 106 31.06 17.92 -35.38
N LYS S 107 31.26 19.14 -35.87
CA LYS S 107 32.47 19.92 -35.66
C LYS S 107 32.07 21.36 -35.43
N ILE S 108 32.72 22.02 -34.47
CA ILE S 108 32.39 23.39 -34.10
C ILE S 108 33.65 24.21 -33.97
N TYR S 109 33.53 25.50 -34.26
CA TYR S 109 34.60 26.47 -34.09
C TYR S 109 34.20 27.49 -33.03
N ILE S 110 35.20 28.04 -32.35
CA ILE S 110 34.94 28.94 -31.23
C ILE S 110 35.77 30.21 -31.34
N PRO S 111 35.17 31.39 -31.22
CA PRO S 111 35.96 32.63 -31.09
C PRO S 111 36.72 32.64 -29.78
N TYR S 112 38.04 32.52 -29.84
CA TYR S 112 38.83 32.17 -28.67
C TYR S 112 40.10 33.01 -28.61
N SER S 113 40.61 33.19 -27.39
CA SER S 113 41.83 33.95 -27.17
C SER S 113 42.57 33.38 -25.98
N SER S 114 43.85 33.74 -25.88
CA SER S 114 44.65 33.33 -24.75
C SER S 114 44.03 33.84 -23.45
N PRO S 115 44.26 33.14 -22.34
CA PRO S 115 43.68 33.59 -21.07
C PRO S 115 44.24 34.91 -20.56
N ASP S 116 45.17 35.52 -21.31
CA ASP S 116 45.70 36.84 -20.98
C ASP S 116 46.34 36.84 -19.58
N ALA S 117 47.47 36.14 -19.50
CA ALA S 117 48.15 36.00 -18.21
C ALA S 117 48.82 37.32 -17.83
N ARG S 118 48.02 38.36 -17.59
CA ARG S 118 48.53 39.64 -17.13
C ARG S 118 47.66 40.27 -16.05
N ASN S 119 46.51 39.68 -15.72
CA ASN S 119 45.61 40.27 -14.73
C ASN S 119 44.68 39.20 -14.21
N SER S 120 44.28 39.35 -12.95
CA SER S 120 43.23 38.51 -12.39
C SER S 120 41.95 38.73 -13.18
N MET S 121 41.30 37.62 -13.55
CA MET S 121 40.12 37.68 -14.40
C MET S 121 38.87 37.62 -13.52
N LYS S 122 38.51 38.77 -12.96
CA LYS S 122 37.35 38.89 -12.09
C LYS S 122 36.13 39.22 -12.96
N THR S 123 35.23 38.25 -13.10
CA THR S 123 34.17 38.33 -14.09
C THR S 123 32.97 39.12 -13.57
N LYS S 124 32.06 39.43 -14.51
CA LYS S 124 30.84 40.17 -14.22
C LYS S 124 29.70 39.63 -15.08
N PRO S 125 28.65 39.08 -14.45
CA PRO S 125 27.54 38.52 -15.23
C PRO S 125 26.61 39.62 -15.69
N VAL S 126 26.43 39.74 -17.00
CA VAL S 126 25.62 40.79 -17.58
C VAL S 126 24.63 40.17 -18.55
N SER S 127 23.35 40.53 -18.40
CA SER S 127 22.34 40.11 -19.35
C SER S 127 22.34 41.06 -20.54
N ILE S 128 21.46 40.79 -21.50
CA ILE S 128 21.34 41.61 -22.69
C ILE S 128 19.95 42.24 -22.69
N SER S 129 19.88 43.45 -22.18
CA SER S 129 18.70 44.28 -22.15
C SER S 129 19.01 45.50 -23.01
N ASP S 130 18.24 46.57 -22.91
CA ASP S 130 18.32 47.70 -23.83
C ASP S 130 17.93 47.26 -25.25
N ASP S 131 16.63 46.99 -25.38
CA ASP S 131 16.00 46.40 -26.55
C ASP S 131 16.51 46.98 -27.87
N THR S 132 17.04 48.20 -27.86
CA THR S 132 17.78 48.68 -29.03
C THR S 132 18.84 47.68 -29.44
N ILE S 133 19.57 47.13 -28.46
CA ILE S 133 20.54 46.10 -28.75
C ILE S 133 19.86 44.80 -29.16
N VAL S 134 18.67 44.53 -28.63
CA VAL S 134 17.93 43.35 -29.08
C VAL S 134 17.64 43.44 -30.58
N ASN S 135 17.25 44.62 -31.05
CA ASN S 135 16.91 44.79 -32.45
C ASN S 135 18.17 44.78 -33.32
N ASN S 136 19.22 45.49 -32.91
CA ASN S 136 20.43 45.41 -33.73
C ASN S 136 21.10 44.04 -33.66
N ILE S 137 20.73 43.20 -32.70
CA ILE S 137 21.25 41.84 -32.69
C ILE S 137 20.37 40.90 -33.51
N ILE S 138 19.08 41.20 -33.63
CA ILE S 138 18.26 40.47 -34.60
C ILE S 138 18.69 40.83 -36.01
N LYS S 139 19.11 42.07 -36.23
CA LYS S 139 19.52 42.48 -37.57
C LYS S 139 20.94 42.05 -37.90
N GLU S 140 21.85 42.17 -36.93
CA GLU S 140 23.26 41.84 -37.19
C GLU S 140 23.41 40.38 -37.60
N VAL S 141 22.99 39.46 -36.74
CA VAL S 141 23.24 38.04 -36.94
C VAL S 141 21.95 37.25 -37.15
N PHE S 142 20.89 37.57 -36.38
CA PHE S 142 19.65 36.82 -36.54
C PHE S 142 18.92 37.12 -37.84
N ASP S 143 19.44 38.03 -38.68
CA ASP S 143 18.92 38.21 -40.04
C ASP S 143 19.85 37.61 -41.08
N LYS S 144 21.14 37.93 -41.00
CA LYS S 144 22.10 37.50 -42.02
C LYS S 144 22.07 36.00 -42.23
N ILE S 145 22.15 35.22 -41.15
CA ILE S 145 22.11 33.77 -41.27
C ILE S 145 20.68 33.24 -41.25
N TYR S 146 19.76 33.94 -40.59
CA TYR S 146 18.36 33.54 -40.54
C TYR S 146 17.57 34.46 -41.46
N ASN S 147 17.55 34.11 -42.75
CA ASN S 147 16.59 34.71 -43.66
C ASN S 147 15.19 34.15 -43.45
N ILE S 148 15.05 33.11 -42.62
CA ILE S 148 13.75 32.64 -42.16
C ILE S 148 12.92 33.80 -41.60
N THR S 149 13.58 34.81 -41.05
CA THR S 149 12.88 35.99 -40.58
C THR S 149 12.25 36.74 -41.74
N GLN S 150 11.07 37.32 -41.47
CA GLN S 150 10.24 38.06 -42.41
C GLN S 150 9.99 37.26 -43.70
N LYS S 151 10.26 35.96 -43.66
CA LYS S 151 9.96 35.05 -44.76
C LYS S 151 8.92 34.01 -44.34
N GLU S 152 9.18 33.28 -43.26
CA GLU S 152 8.19 32.43 -42.63
C GLU S 152 7.70 32.97 -41.29
N LYS S 153 8.52 33.75 -40.58
CA LYS S 153 8.23 34.20 -39.23
C LYS S 153 7.92 35.69 -39.25
N VAL S 154 6.68 36.04 -38.92
CA VAL S 154 6.31 37.43 -38.69
C VAL S 154 6.32 37.79 -37.22
N LYS S 155 6.62 36.85 -36.33
CA LYS S 155 6.53 37.07 -34.88
C LYS S 155 7.89 37.46 -34.29
N ILE S 156 8.39 38.61 -34.74
CA ILE S 156 9.62 39.16 -34.17
C ILE S 156 9.49 39.29 -32.66
N GLU S 157 8.37 39.89 -32.22
CA GLU S 157 8.15 40.09 -30.80
C GLU S 157 8.03 38.78 -30.02
N LYS S 158 7.98 37.63 -30.70
CA LYS S 158 8.20 36.38 -29.99
C LYS S 158 9.69 36.09 -29.86
N VAL S 159 10.41 36.06 -30.99
CA VAL S 159 11.85 35.83 -30.91
C VAL S 159 12.50 36.92 -30.08
N LYS S 160 11.83 38.06 -29.94
CA LYS S 160 12.26 39.08 -29.00
C LYS S 160 12.34 38.52 -27.57
N GLU S 161 11.19 38.10 -27.03
CA GLU S 161 11.13 37.77 -25.62
C GLU S 161 12.02 36.60 -25.25
N ASP S 162 12.41 35.77 -26.21
CA ASP S 162 13.35 34.69 -25.91
C ASP S 162 14.78 35.21 -25.82
N ILE S 163 15.16 36.11 -26.71
CA ILE S 163 16.51 36.66 -26.67
C ILE S 163 16.76 37.38 -25.36
N LYS S 164 15.72 37.95 -24.76
CA LYS S 164 15.87 38.60 -23.47
C LYS S 164 16.22 37.59 -22.38
N GLU S 165 15.40 36.54 -22.24
CA GLU S 165 15.50 35.64 -21.10
C GLU S 165 16.37 34.41 -21.35
N LEU S 166 16.58 34.03 -22.61
CA LEU S 166 17.27 32.78 -22.92
C LEU S 166 18.72 32.98 -23.30
N PHE S 167 19.19 34.22 -23.40
CA PHE S 167 20.56 34.51 -23.79
C PHE S 167 21.19 35.42 -22.76
N SER S 168 22.22 34.92 -22.08
CA SER S 168 23.04 35.72 -21.18
C SER S 168 24.49 35.31 -21.42
N TYR S 169 25.38 35.80 -20.57
CA TYR S 169 26.79 35.41 -20.57
C TYR S 169 27.46 36.10 -19.40
N TYR S 170 28.59 35.55 -19.00
CA TYR S 170 29.48 36.22 -18.06
C TYR S 170 30.52 37.01 -18.82
N ALA S 171 30.76 38.24 -18.38
CA ALA S 171 31.72 39.13 -19.00
C ALA S 171 33.00 39.18 -18.18
N LEU S 172 34.05 39.69 -18.80
CA LEU S 172 35.34 39.81 -18.12
C LEU S 172 35.40 41.02 -17.19
N GLU S 173 34.83 42.14 -17.62
CA GLU S 173 34.98 43.48 -17.03
C GLU S 173 36.35 44.07 -17.36
N GLN S 174 37.25 43.30 -17.94
CA GLN S 174 38.59 43.78 -18.23
C GLN S 174 38.81 43.94 -19.74
N SER T 2 -10.26 60.66 -24.36
CA SER T 2 -11.38 60.30 -23.49
C SER T 2 -11.84 61.49 -22.64
N THR T 3 -11.89 61.30 -21.33
CA THR T 3 -12.49 62.27 -20.43
C THR T 3 -11.41 62.89 -19.54
N GLN T 4 -11.83 63.88 -18.74
CA GLN T 4 -10.92 64.78 -18.05
C GLN T 4 -11.27 64.87 -16.56
N ARG T 5 -10.25 65.17 -15.75
CA ARG T 5 -10.42 65.35 -14.31
C ARG T 5 -9.53 66.50 -13.84
N GLU T 6 -9.72 66.89 -12.59
CA GLU T 6 -8.93 67.93 -11.94
C GLU T 6 -8.94 67.69 -10.44
N TYR T 7 -7.84 68.10 -9.80
CA TYR T 7 -7.51 67.72 -8.43
C TYR T 7 -7.67 68.93 -7.51
N VAL T 8 -8.71 68.90 -6.67
CA VAL T 8 -8.91 69.90 -5.63
C VAL T 8 -8.27 69.39 -4.35
N PHE T 9 -7.33 70.16 -3.82
CA PHE T 9 -6.66 69.79 -2.59
C PHE T 9 -7.51 70.18 -1.38
N ILE T 10 -6.98 69.95 -0.19
CA ILE T 10 -7.66 70.34 1.05
C ILE T 10 -6.80 71.34 1.79
N PRO T 11 -6.95 72.64 1.54
CA PRO T 11 -6.10 73.63 2.21
C PRO T 11 -6.65 74.11 3.54
N ILE T 12 -5.95 75.08 4.13
CA ILE T 12 -6.49 75.80 5.27
C ILE T 12 -7.31 77.00 4.82
N THR T 13 -7.04 77.51 3.62
CA THR T 13 -7.59 78.78 3.17
C THR T 13 -8.92 78.59 2.47
N ASN T 14 -9.63 79.70 2.31
CA ASN T 14 -10.90 79.75 1.57
C ASN T 14 -10.58 79.77 0.07
N SER T 15 -10.08 78.65 -0.41
CA SER T 15 -9.47 78.56 -1.73
C SER T 15 -10.41 78.02 -2.80
N ILE T 16 -11.66 77.75 -2.46
CA ILE T 16 -12.55 77.02 -3.36
C ILE T 16 -13.74 77.87 -3.81
N THR T 17 -13.55 79.18 -3.94
CA THR T 17 -14.64 80.03 -4.41
C THR T 17 -14.84 79.91 -5.93
N ILE T 18 -13.78 80.15 -6.71
CA ILE T 18 -13.82 79.98 -8.16
C ILE T 18 -12.60 79.15 -8.56
N ASP T 19 -12.78 77.83 -8.60
CA ASP T 19 -11.69 76.95 -9.04
C ASP T 19 -12.20 75.77 -9.85
N VAL T 20 -13.34 75.90 -10.53
CA VAL T 20 -13.93 74.80 -11.27
C VAL T 20 -14.67 75.31 -12.51
N LYS T 21 -14.83 74.43 -13.48
CA LYS T 21 -15.69 74.65 -14.63
C LYS T 21 -16.74 73.57 -14.82
N ILE T 22 -16.49 72.36 -14.31
CA ILE T 22 -17.39 71.23 -14.50
C ILE T 22 -17.53 70.50 -13.17
N THR T 23 -18.77 70.27 -12.75
CA THR T 23 -19.01 69.45 -11.57
C THR T 23 -18.90 67.97 -11.92
N ILE T 24 -19.72 67.50 -12.86
CA ILE T 24 -19.70 66.11 -13.28
C ILE T 24 -19.28 66.01 -14.74
N GLY T 25 -20.05 66.63 -15.63
CA GLY T 25 -19.73 66.61 -17.04
C GLY T 25 -19.98 65.26 -17.69
N GLY T 26 -19.19 64.26 -17.31
CA GLY T 26 -19.32 62.94 -17.87
C GLY T 26 -20.20 62.02 -17.04
N SER T 27 -19.66 60.87 -16.64
CA SER T 27 -20.41 59.88 -15.88
C SER T 27 -19.80 59.62 -14.51
N ASP T 28 -18.53 59.28 -14.44
CA ASP T 28 -17.89 58.79 -13.22
C ASP T 28 -16.75 59.71 -12.81
N HIS T 29 -16.14 59.38 -11.67
CA HIS T 29 -15.05 60.16 -11.10
C HIS T 29 -14.12 59.19 -10.37
N ILE T 30 -13.29 59.72 -9.48
CA ILE T 30 -12.31 58.91 -8.74
C ILE T 30 -12.64 58.89 -7.25
N THR T 31 -12.73 60.05 -6.61
CA THR T 31 -13.10 60.08 -5.20
C THR T 31 -14.58 59.79 -5.03
N ASN T 32 -14.91 59.15 -3.90
CA ASN T 32 -16.27 58.74 -3.61
C ASN T 32 -16.63 59.13 -2.19
N ILE T 33 -17.94 59.16 -1.90
CA ILE T 33 -18.44 59.26 -0.53
C ILE T 33 -19.62 58.30 -0.42
N ASP T 34 -19.40 57.12 0.15
CA ASP T 34 -20.41 56.05 0.12
C ASP T 34 -20.50 55.36 1.48
N GLU T 35 -21.34 55.90 2.35
CA GLU T 35 -21.86 55.23 3.54
C GLU T 35 -20.79 54.89 4.57
N ARG T 36 -19.53 55.18 4.26
CA ARG T 36 -18.46 54.97 5.23
C ARG T 36 -17.36 56.02 5.17
N GLY T 37 -17.54 57.11 4.40
CA GLY T 37 -16.60 58.19 4.38
C GLY T 37 -16.17 58.49 2.96
N ILE T 38 -15.05 59.19 2.82
CA ILE T 38 -14.47 59.51 1.53
C ILE T 38 -13.60 58.35 1.07
N HIS T 39 -13.68 58.02 -0.21
CA HIS T 39 -12.97 56.89 -0.78
C HIS T 39 -12.00 57.38 -1.84
N ASN T 40 -10.99 56.56 -2.12
CA ASN T 40 -10.04 56.79 -3.22
C ASN T 40 -9.41 58.17 -3.17
N VAL T 41 -9.38 58.79 -1.99
CA VAL T 41 -8.73 60.09 -1.86
C VAL T 41 -7.27 59.95 -2.29
N LEU T 42 -6.71 61.04 -2.82
CA LEU T 42 -5.38 61.00 -3.40
C LEU T 42 -4.45 61.91 -2.61
N VAL T 43 -3.15 61.60 -2.70
CA VAL T 43 -2.10 62.42 -2.10
C VAL T 43 -1.02 62.64 -3.15
N ILE T 44 -0.41 63.81 -3.14
CA ILE T 44 0.72 64.13 -4.00
C ILE T 44 1.89 64.47 -3.09
N THR T 45 2.94 63.67 -3.17
CA THR T 45 4.06 63.82 -2.26
C THR T 45 5.24 64.45 -2.98
N GLY T 46 6.01 65.25 -2.24
CA GLY T 46 7.11 65.99 -2.81
C GLY T 46 6.78 67.41 -3.22
N TYR T 47 5.55 67.86 -3.02
CA TYR T 47 5.14 69.23 -3.27
C TYR T 47 4.65 69.86 -1.97
N ALA T 48 4.44 71.17 -2.01
CA ALA T 48 3.92 71.88 -0.85
C ALA T 48 2.84 72.87 -1.29
N VAL T 49 1.87 73.08 -0.42
CA VAL T 49 0.80 74.03 -0.69
C VAL T 49 1.31 75.44 -0.49
N ASP T 50 0.77 76.38 -1.27
CA ASP T 50 1.34 77.71 -1.48
C ASP T 50 0.26 78.78 -1.30
N GLU T 51 -0.36 78.78 -0.11
CA GLU T 51 -1.52 79.61 0.21
C GLU T 51 -1.42 81.05 -0.30
N LYS T 52 -0.21 81.50 -0.65
CA LYS T 52 -0.08 82.73 -1.40
C LYS T 52 -0.67 82.49 -2.78
N ASN T 53 -1.97 82.78 -2.95
CA ASN T 53 -2.73 82.33 -4.11
C ASN T 53 -2.62 80.81 -4.26
N GLY T 54 -3.23 80.13 -3.28
CA GLY T 54 -2.97 78.73 -3.01
C GLY T 54 -2.85 77.80 -4.20
N ARG T 55 -1.64 77.29 -4.40
CA ARG T 55 -1.31 76.31 -5.42
C ARG T 55 -0.29 75.35 -4.82
N LEU T 56 0.21 74.43 -5.65
CA LEU T 56 1.15 73.41 -5.21
C LEU T 56 2.53 73.74 -5.75
N VAL T 57 3.46 74.02 -4.85
CA VAL T 57 4.86 74.27 -5.19
C VAL T 57 5.63 72.96 -5.01
N PRO T 58 6.40 72.53 -6.00
CA PRO T 58 7.17 71.29 -5.83
C PRO T 58 8.30 71.46 -4.83
N THR T 59 8.85 70.33 -4.42
CA THR T 59 10.00 70.30 -3.51
C THR T 59 10.90 69.16 -3.97
N LEU T 60 11.92 68.85 -3.17
CA LEU T 60 12.82 67.74 -3.47
C LEU T 60 12.84 66.65 -2.41
N ASP T 61 12.21 66.86 -1.25
CA ASP T 61 12.22 65.75 -0.29
C ASP T 61 10.90 65.00 -0.38
N PRO T 62 10.94 63.69 -0.41
CA PRO T 62 9.73 62.88 -0.60
C PRO T 62 8.89 62.71 0.65
N CYS T 63 8.69 63.80 1.38
CA CYS T 63 7.79 63.81 2.52
C CYS T 63 6.92 65.05 2.59
N ASP T 64 7.07 66.00 1.68
CA ASP T 64 6.12 67.10 1.58
C ASP T 64 4.95 66.59 0.76
N TYR T 65 3.95 66.07 1.46
CA TYR T 65 2.77 65.50 0.82
C TYR T 65 1.55 66.37 1.11
N VAL T 66 0.69 66.49 0.11
CA VAL T 66 -0.52 67.28 0.18
C VAL T 66 -1.68 66.41 -0.27
N LYS T 67 -2.75 66.39 0.52
CA LYS T 67 -3.86 65.47 0.31
C LYS T 67 -5.06 66.19 -0.27
N GLY T 68 -5.76 65.53 -1.18
CA GLY T 68 -6.96 66.09 -1.77
C GLY T 68 -7.69 65.04 -2.60
N ILE T 69 -8.79 65.48 -3.20
CA ILE T 69 -9.62 64.64 -4.05
C ILE T 69 -9.53 65.17 -5.47
N LEU T 70 -10.14 64.44 -6.40
CA LEU T 70 -10.18 64.91 -7.78
C LEU T 70 -11.39 64.35 -8.50
N VAL T 71 -12.09 65.24 -9.22
CA VAL T 71 -13.29 64.90 -9.97
C VAL T 71 -13.21 65.57 -11.33
N ALA T 72 -14.17 65.25 -12.19
CA ALA T 72 -14.11 65.67 -13.59
C ALA T 72 -14.22 67.18 -13.72
N GLY T 73 -13.34 67.76 -14.55
CA GLY T 73 -13.42 69.18 -14.85
C GLY T 73 -12.12 69.82 -15.30
N THR T 74 -12.22 70.93 -16.12
CA THR T 74 -11.13 71.82 -16.49
C THR T 74 -11.10 73.03 -15.55
N PRO T 75 -9.92 73.60 -15.29
CA PRO T 75 -9.81 74.54 -14.16
C PRO T 75 -10.65 75.82 -14.26
N GLN T 76 -10.32 76.72 -15.19
CA GLN T 76 -10.94 78.04 -15.13
C GLN T 76 -11.21 78.71 -16.47
N GLN T 77 -10.91 78.08 -17.62
CA GLN T 77 -11.00 78.68 -18.96
C GLN T 77 -9.95 79.77 -19.16
N ALA T 78 -9.21 80.16 -18.13
CA ALA T 78 -8.13 81.13 -18.24
C ALA T 78 -6.77 80.54 -17.91
N GLN T 79 -6.73 79.53 -17.03
CA GLN T 79 -5.52 78.78 -16.73
C GLN T 79 -5.45 77.56 -17.63
N SER T 80 -4.61 76.59 -17.24
CA SER T 80 -3.98 75.57 -18.08
C SER T 80 -2.79 76.15 -18.83
N ASN T 81 -2.30 77.29 -18.37
CA ASN T 81 -1.02 77.85 -18.76
C ASN T 81 -0.05 77.94 -17.59
N ASP T 82 -0.55 78.12 -16.37
CA ASP T 82 0.25 78.07 -15.16
C ASP T 82 0.05 76.79 -14.35
N PHE T 83 -1.17 76.23 -14.37
CA PHE T 83 -1.40 74.93 -13.76
C PHE T 83 -0.72 73.86 -14.58
N LEU T 84 0.30 73.20 -14.01
CA LEU T 84 1.01 72.18 -14.76
C LEU T 84 0.06 71.01 -14.99
N THR T 85 -0.41 70.87 -16.22
CA THR T 85 -1.24 69.74 -16.58
C THR T 85 -0.36 68.52 -16.78
N LEU T 86 -0.92 67.33 -16.53
CA LEU T 86 -0.19 66.14 -16.94
C LEU T 86 -1.14 64.96 -17.04
N LYS T 87 -0.63 63.91 -17.68
CA LYS T 87 -1.41 62.75 -18.09
C LYS T 87 -0.81 61.49 -17.48
N LEU T 88 -1.61 60.77 -16.71
CA LEU T 88 -1.14 59.55 -16.09
C LEU T 88 -2.01 58.37 -16.51
N PRO T 89 -1.43 57.16 -16.58
CA PRO T 89 -2.22 55.99 -17.00
C PRO T 89 -2.96 55.30 -15.86
N ALA T 90 -3.59 56.07 -14.97
CA ALA T 90 -4.53 55.55 -13.97
C ALA T 90 -3.93 54.54 -13.02
N ASN T 91 -2.63 54.26 -13.13
CA ASN T 91 -1.94 53.36 -12.22
C ASN T 91 -0.75 54.01 -11.53
N LYS T 92 -0.24 55.12 -12.04
CA LYS T 92 0.72 55.94 -11.33
C LYS T 92 0.04 56.94 -10.41
N LEU T 93 -1.22 56.69 -10.06
CA LEU T 93 -1.99 57.56 -9.17
C LEU T 93 -1.95 56.94 -7.78
N TYR T 94 -1.22 57.59 -6.87
CA TYR T 94 -1.07 57.07 -5.51
C TYR T 94 -2.29 57.50 -4.71
N LEU T 95 -3.30 56.63 -4.69
CA LEU T 95 -4.54 56.88 -3.99
C LEU T 95 -4.44 56.44 -2.53
N ILE T 96 -5.49 56.75 -1.77
CA ILE T 96 -5.60 56.35 -0.36
C ILE T 96 -7.00 55.81 -0.11
N ARG T 97 -7.09 54.73 0.67
CA ARG T 97 -8.35 54.06 0.96
C ARG T 97 -9.05 53.58 -0.31
N LYS T 98 -8.25 53.18 -1.30
CA LYS T 98 -8.78 52.76 -2.58
C LYS T 98 -9.76 51.61 -2.42
N LYS T 99 -10.87 51.67 -3.17
CA LYS T 99 -11.84 50.59 -3.17
C LYS T 99 -12.15 50.07 -4.57
N GLY T 100 -12.17 50.95 -5.58
CA GLY T 100 -12.53 50.55 -6.93
C GLY T 100 -11.44 50.88 -7.92
N ASN T 101 -11.58 50.29 -9.11
CA ASN T 101 -10.62 50.47 -10.20
C ASN T 101 -11.21 51.36 -11.27
N ILE T 102 -10.34 52.09 -11.97
CA ILE T 102 -10.76 53.20 -12.82
C ILE T 102 -10.41 52.87 -14.27
N SER T 103 -10.62 53.84 -15.18
CA SER T 103 -10.76 53.60 -16.62
C SER T 103 -9.44 53.60 -17.37
N ASP T 104 -8.34 53.24 -16.72
CA ASP T 104 -7.05 52.91 -17.34
C ASP T 104 -6.28 54.13 -17.84
N ASP T 105 -6.85 55.33 -17.81
CA ASP T 105 -6.12 56.49 -18.33
C ASP T 105 -6.76 57.76 -17.78
N LEU T 106 -5.95 58.81 -17.66
CA LEU T 106 -6.51 60.05 -17.13
C LEU T 106 -5.63 61.28 -17.33
N LYS T 107 -6.23 62.32 -17.91
CA LYS T 107 -5.69 63.68 -17.92
C LYS T 107 -6.07 64.37 -16.62
N ILE T 108 -5.13 65.08 -16.01
CA ILE T 108 -5.38 65.72 -14.72
C ILE T 108 -4.65 67.05 -14.65
N TYR T 109 -5.34 68.03 -14.07
CA TYR T 109 -4.82 69.38 -13.83
C TYR T 109 -4.58 69.55 -12.33
N ILE T 110 -3.54 70.28 -11.98
CA ILE T 110 -3.25 70.57 -10.58
C ILE T 110 -2.83 72.03 -10.43
N PRO T 111 -3.30 72.71 -9.39
CA PRO T 111 -2.90 74.12 -9.18
C PRO T 111 -1.43 74.24 -8.81
N TYR T 112 -0.63 74.77 -9.72
CA TYR T 112 0.82 74.71 -9.60
C TYR T 112 1.39 76.12 -9.55
N SER T 113 2.07 76.44 -8.46
CA SER T 113 2.85 77.66 -8.33
C SER T 113 4.33 77.35 -8.50
N SER T 114 5.07 78.31 -9.07
CA SER T 114 6.47 78.11 -9.39
C SER T 114 7.26 77.69 -8.16
N PRO T 115 8.36 76.96 -8.34
CA PRO T 115 9.07 76.38 -7.19
C PRO T 115 9.66 77.39 -6.22
N ASP T 116 9.46 78.68 -6.46
CA ASP T 116 9.82 79.74 -5.51
C ASP T 116 11.32 79.73 -5.21
N ALA T 117 12.11 80.09 -6.24
CA ALA T 117 13.53 80.32 -6.03
C ALA T 117 13.77 81.72 -5.46
N ARG T 118 13.03 82.06 -4.40
CA ARG T 118 13.18 83.35 -3.75
C ARG T 118 13.28 83.25 -2.24
N ASN T 119 13.16 82.05 -1.67
CA ASN T 119 13.26 81.86 -0.23
C ASN T 119 13.50 80.37 0.02
N SER T 120 14.58 80.05 0.73
CA SER T 120 14.86 78.67 1.11
C SER T 120 13.72 78.14 1.96
N MET T 121 12.98 77.18 1.42
CA MET T 121 11.68 76.80 1.94
C MET T 121 11.82 76.00 3.23
N LYS T 122 11.13 76.44 4.27
CA LYS T 122 10.99 75.73 5.54
C LYS T 122 9.51 75.39 5.72
N THR T 123 9.10 74.25 5.18
CA THR T 123 7.72 73.79 5.33
C THR T 123 7.57 72.89 6.55
N LYS T 124 6.43 73.02 7.21
CA LYS T 124 6.16 72.31 8.46
C LYS T 124 4.89 71.50 8.33
N PRO T 125 4.75 70.44 9.14
CA PRO T 125 3.49 69.69 9.15
C PRO T 125 2.35 70.53 9.68
N VAL T 126 1.20 70.43 9.03
CA VAL T 126 0.02 71.20 9.40
C VAL T 126 -1.12 70.23 9.68
N SER T 127 -2.02 70.65 10.57
CA SER T 127 -3.13 69.84 11.05
C SER T 127 -4.45 70.53 10.71
N ILE T 128 -5.37 69.79 10.11
CA ILE T 128 -6.69 70.31 9.76
C ILE T 128 -7.58 70.09 10.98
N SER T 129 -7.67 71.13 11.81
CA SER T 129 -8.47 71.09 13.04
C SER T 129 -9.41 72.29 13.07
N ASP T 130 -9.99 72.59 14.22
CA ASP T 130 -10.90 73.72 14.38
C ASP T 130 -12.13 73.56 13.47
N ASP T 131 -12.98 72.62 13.89
CA ASP T 131 -14.11 72.16 13.08
C ASP T 131 -14.91 73.30 12.44
N THR T 132 -14.81 74.53 12.96
CA THR T 132 -15.36 75.66 12.23
C THR T 132 -14.70 75.83 10.86
N ILE T 133 -13.49 75.31 10.66
CA ILE T 133 -12.82 75.45 9.36
C ILE T 133 -13.28 74.38 8.37
N VAL T 134 -13.62 73.18 8.84
CA VAL T 134 -14.22 72.20 7.95
C VAL T 134 -15.69 72.53 7.68
N ASN T 135 -16.34 73.25 8.60
CA ASN T 135 -17.59 73.89 8.25
C ASN T 135 -17.40 74.79 7.03
N ASN T 136 -16.24 75.45 6.92
CA ASN T 136 -15.93 76.18 5.71
C ASN T 136 -15.68 75.23 4.54
N ILE T 137 -14.98 74.11 4.78
CA ILE T 137 -14.57 73.25 3.69
C ILE T 137 -15.75 72.43 3.15
N ILE T 138 -16.74 72.12 3.99
CA ILE T 138 -17.97 71.53 3.47
C ILE T 138 -18.55 72.43 2.38
N LYS T 139 -18.76 73.70 2.70
CA LYS T 139 -19.16 74.69 1.72
C LYS T 139 -18.20 74.72 0.54
N GLU T 140 -16.90 74.58 0.82
CA GLU T 140 -15.88 74.70 -0.21
C GLU T 140 -16.09 73.67 -1.31
N VAL T 141 -16.20 72.40 -0.92
CA VAL T 141 -16.13 71.29 -1.87
C VAL T 141 -17.40 70.44 -1.85
N PHE T 142 -17.81 69.99 -0.66
CA PHE T 142 -18.72 68.87 -0.56
C PHE T 142 -20.16 69.23 -0.89
N ASP T 143 -20.40 70.49 -1.23
CA ASP T 143 -21.63 70.91 -1.87
C ASP T 143 -21.40 71.67 -3.17
N LYS T 144 -20.23 72.29 -3.31
CA LYS T 144 -19.90 72.98 -4.56
C LYS T 144 -19.82 72.00 -5.73
N ILE T 145 -19.15 70.88 -5.54
CA ILE T 145 -18.95 69.92 -6.62
C ILE T 145 -20.00 68.81 -6.60
N TYR T 146 -20.40 68.38 -5.40
CA TYR T 146 -21.35 67.27 -5.25
C TYR T 146 -22.52 67.74 -4.40
N ASN T 147 -23.63 68.09 -5.04
CA ASN T 147 -24.86 68.35 -4.31
C ASN T 147 -25.51 67.05 -3.81
N ILE T 148 -24.82 65.92 -3.97
CA ILE T 148 -25.33 64.65 -3.46
C ILE T 148 -25.37 64.66 -1.94
N THR T 149 -24.54 65.47 -1.30
CA THR T 149 -24.74 65.77 0.12
C THR T 149 -26.05 66.53 0.28
N GLN T 150 -26.80 66.18 1.33
CA GLN T 150 -28.20 66.55 1.56
C GLN T 150 -29.14 65.83 0.58
N LYS T 151 -28.60 65.06 -0.36
CA LYS T 151 -29.36 64.12 -1.17
C LYS T 151 -29.04 62.68 -0.84
N GLU T 152 -27.85 62.40 -0.31
CA GLU T 152 -27.42 61.08 0.11
C GLU T 152 -27.09 61.02 1.59
N LYS T 153 -26.70 62.14 2.20
CA LYS T 153 -25.99 62.15 3.47
C LYS T 153 -26.91 62.59 4.61
N VAL T 154 -27.17 61.66 5.53
CA VAL T 154 -27.29 61.95 6.95
C VAL T 154 -26.03 61.53 7.68
N LYS T 155 -25.04 61.01 6.95
CA LYS T 155 -23.83 60.41 7.49
C LYS T 155 -22.72 61.43 7.62
N ILE T 156 -23.05 62.58 8.19
CA ILE T 156 -22.07 63.66 8.34
C ILE T 156 -21.19 63.42 9.54
N GLU T 157 -21.58 62.51 10.44
CA GLU T 157 -20.83 62.26 11.66
C GLU T 157 -19.46 61.67 11.34
N LYS T 158 -19.39 60.80 10.33
CA LYS T 158 -18.13 60.15 9.99
C LYS T 158 -17.28 61.04 9.09
N VAL T 159 -17.87 61.57 8.01
CA VAL T 159 -17.10 62.35 7.06
C VAL T 159 -16.59 63.64 7.67
N LYS T 160 -17.24 64.17 8.70
CA LYS T 160 -16.71 65.35 9.37
C LYS T 160 -15.40 65.04 10.07
N GLU T 161 -15.43 64.03 10.95
CA GLU T 161 -14.19 63.54 11.58
C GLU T 161 -13.20 63.07 10.53
N ASP T 162 -13.66 62.57 9.39
CA ASP T 162 -12.76 62.16 8.31
C ASP T 162 -11.99 63.36 7.78
N ILE T 163 -12.69 64.42 7.40
CA ILE T 163 -12.04 65.63 6.92
C ILE T 163 -11.16 66.23 8.00
N LYS T 164 -11.51 66.02 9.27
CA LYS T 164 -10.71 66.54 10.37
C LYS T 164 -9.53 65.65 10.74
N GLU T 165 -9.43 64.45 10.18
CA GLU T 165 -8.24 63.65 10.46
C GLU T 165 -7.54 63.14 9.21
N LEU T 166 -8.29 62.76 8.17
CA LEU T 166 -7.69 62.07 7.04
C LEU T 166 -6.79 63.00 6.23
N PHE T 167 -7.11 64.27 6.17
CA PHE T 167 -6.39 65.21 5.33
C PHE T 167 -5.20 65.79 6.08
N SER T 168 -4.16 66.13 5.32
CA SER T 168 -2.96 66.74 5.88
C SER T 168 -2.16 67.34 4.73
N TYR T 169 -1.18 68.15 5.09
CA TYR T 169 -0.32 68.80 4.11
C TYR T 169 0.85 69.44 4.84
N TYR T 170 1.99 69.48 4.17
CA TYR T 170 3.15 70.22 4.65
C TYR T 170 3.13 71.59 3.99
N ALA T 171 2.61 72.58 4.69
CA ALA T 171 2.52 73.93 4.17
C ALA T 171 3.79 74.70 4.48
N LEU T 172 4.11 75.67 3.62
CA LEU T 172 5.27 76.52 3.85
C LEU T 172 5.04 77.47 5.02
N GLU T 173 3.79 77.63 5.46
CA GLU T 173 3.39 78.54 6.54
C GLU T 173 3.99 79.95 6.38
N GLN T 174 4.32 80.31 5.14
CA GLN T 174 4.92 81.62 4.85
C GLN T 174 4.21 82.28 3.67
N SER U 2 -7.36 92.02 56.57
CA SER U 2 -6.14 91.34 56.20
C SER U 2 -5.76 90.25 57.20
N THR U 3 -4.67 89.55 56.93
CA THR U 3 -4.17 88.51 57.82
C THR U 3 -2.64 88.53 57.78
N GLN U 4 -2.02 88.40 58.94
CA GLN U 4 -0.57 88.54 59.06
C GLN U 4 0.02 87.35 59.80
N ARG U 5 1.32 87.16 59.59
CA ARG U 5 2.08 86.05 60.15
C ARG U 5 3.49 86.50 60.46
N GLU U 6 3.95 86.23 61.67
CA GLU U 6 5.36 86.38 62.02
C GLU U 6 6.06 85.04 61.85
N TYR U 7 7.33 85.10 61.43
CA TYR U 7 8.14 83.91 61.21
C TYR U 7 9.10 83.76 62.38
N VAL U 8 8.97 82.65 63.11
CA VAL U 8 9.89 82.35 64.21
C VAL U 8 10.98 81.41 63.69
N PHE U 9 12.23 81.81 63.92
CA PHE U 9 13.40 80.97 63.69
C PHE U 9 13.36 79.73 64.59
N ILE U 10 14.25 78.79 64.30
CA ILE U 10 14.34 77.58 65.11
C ILE U 10 15.77 77.05 65.08
N PRO U 11 16.71 77.72 65.75
CA PRO U 11 18.05 77.14 65.92
C PRO U 11 18.12 76.25 67.14
N ILE U 12 19.34 75.83 67.50
CA ILE U 12 19.55 75.07 68.72
C ILE U 12 19.76 76.04 69.88
N THR U 13 19.45 77.32 69.65
CA THR U 13 19.56 78.33 70.69
C THR U 13 18.23 78.48 71.42
N ASN U 14 18.26 79.25 72.51
CA ASN U 14 17.10 79.38 73.39
C ASN U 14 16.73 80.84 73.64
N SER U 15 16.59 81.61 72.56
CA SER U 15 15.99 82.94 72.63
C SER U 15 14.52 82.90 72.27
N ILE U 16 13.82 81.85 72.71
CA ILE U 16 12.58 81.38 72.11
C ILE U 16 11.35 82.02 72.75
N THR U 17 11.38 82.19 74.07
CA THR U 17 10.16 82.54 74.79
C THR U 17 9.72 83.98 74.51
N ILE U 18 10.55 84.95 74.88
CA ILE U 18 10.14 86.36 74.83
C ILE U 18 10.50 86.87 73.45
N ASP U 19 9.65 86.55 72.47
CA ASP U 19 9.75 87.16 71.15
C ASP U 19 8.41 87.51 70.53
N VAL U 20 7.30 87.01 71.04
CA VAL U 20 6.02 87.01 70.32
C VAL U 20 5.02 87.87 71.09
N LYS U 21 3.90 88.17 70.44
CA LYS U 21 2.72 88.76 71.07
C LYS U 21 1.50 87.88 70.91
N ILE U 22 1.35 87.31 69.72
CA ILE U 22 0.11 86.66 69.31
C ILE U 22 0.41 85.19 69.00
N THR U 23 -0.39 84.30 69.58
CA THR U 23 -0.22 82.87 69.34
C THR U 23 -1.10 82.41 68.19
N ILE U 24 -2.42 82.63 68.29
CA ILE U 24 -3.36 82.21 67.27
C ILE U 24 -4.01 83.41 66.58
N GLY U 25 -4.30 84.48 67.33
CA GLY U 25 -4.98 85.61 66.75
C GLY U 25 -6.44 85.32 66.49
N GLY U 26 -6.70 84.44 65.54
CA GLY U 26 -8.04 83.99 65.24
C GLY U 26 -8.20 82.50 65.52
N SER U 27 -8.27 81.69 64.47
CA SER U 27 -8.43 80.26 64.63
C SER U 27 -7.63 79.42 63.64
N ASP U 28 -6.78 80.01 62.81
CA ASP U 28 -6.15 79.28 61.72
C ASP U 28 -4.67 79.59 61.62
N HIS U 29 -3.89 78.59 61.24
CA HIS U 29 -2.46 78.72 60.96
C HIS U 29 -2.13 77.90 59.72
N ILE U 30 -0.85 77.86 59.38
CA ILE U 30 -0.34 77.09 58.25
C ILE U 30 0.51 75.92 58.74
N THR U 31 1.39 76.15 59.70
CA THR U 31 2.08 75.05 60.35
C THR U 31 1.07 74.18 61.08
N ASN U 32 0.96 72.93 60.66
CA ASN U 32 0.00 72.00 61.25
C ASN U 32 0.73 70.74 61.67
N ILE U 33 0.22 70.11 62.73
CA ILE U 33 0.79 68.89 63.29
C ILE U 33 -0.32 67.85 63.24
N ASP U 34 -0.39 67.09 62.14
CA ASP U 34 -1.53 66.21 61.89
C ASP U 34 -1.03 64.80 61.58
N GLU U 35 -0.67 64.06 62.62
CA GLU U 35 -0.37 62.62 62.56
C GLU U 35 0.59 62.25 61.42
N ARG U 36 1.27 63.23 60.84
CA ARG U 36 2.25 62.98 59.81
C ARG U 36 3.45 63.91 59.89
N GLY U 37 3.50 64.77 60.88
CA GLY U 37 4.61 65.71 61.05
C GLY U 37 4.17 67.15 60.82
N ILE U 38 5.14 68.04 60.99
CA ILE U 38 4.92 69.45 60.72
C ILE U 38 4.67 69.64 59.23
N HIS U 39 3.96 70.70 58.87
CA HIS U 39 3.61 70.93 57.48
C HIS U 39 3.69 72.41 57.16
N ASN U 40 3.71 72.70 55.86
CA ASN U 40 3.73 74.07 55.33
C ASN U 40 4.91 74.89 55.84
N VAL U 41 5.96 74.23 56.33
CA VAL U 41 7.13 74.93 56.85
C VAL U 41 7.72 75.82 55.78
N LEU U 42 8.11 77.03 56.18
CA LEU U 42 8.66 78.01 55.26
C LEU U 42 10.18 78.05 55.39
N VAL U 43 10.84 78.47 54.31
CA VAL U 43 12.29 78.60 54.25
C VAL U 43 12.64 79.95 53.65
N ILE U 44 13.60 80.63 54.25
CA ILE U 44 14.11 81.89 53.74
C ILE U 44 15.40 81.62 52.99
N THR U 45 15.48 82.13 51.76
CA THR U 45 16.63 81.89 50.91
C THR U 45 17.57 83.10 50.94
N GLY U 46 18.80 82.87 51.38
CA GLY U 46 19.80 83.90 51.39
C GLY U 46 19.98 84.66 52.69
N TYR U 47 19.36 84.22 53.78
CA TYR U 47 19.51 84.89 55.07
C TYR U 47 20.01 83.89 56.11
N ALA U 48 20.77 84.38 57.08
CA ALA U 48 21.34 83.54 58.13
C ALA U 48 21.08 84.18 59.49
N VAL U 49 21.14 83.35 60.53
CA VAL U 49 20.85 83.79 61.89
C VAL U 49 21.99 84.62 62.42
N ASP U 50 21.76 85.28 63.57
CA ASP U 50 22.62 86.33 64.11
C ASP U 50 22.85 86.08 65.60
N GLU U 51 23.45 84.93 65.92
CA GLU U 51 23.40 84.23 67.20
C GLU U 51 23.19 85.13 68.43
N LYS U 52 23.78 86.32 68.44
CA LYS U 52 23.49 87.29 69.51
C LYS U 52 22.04 87.74 69.35
N ASN U 53 21.14 86.97 69.94
CA ASN U 53 19.69 87.13 69.76
C ASN U 53 19.34 87.07 68.28
N GLY U 54 19.58 85.89 67.71
CA GLY U 54 19.61 85.71 66.27
C GLY U 54 18.34 86.11 65.53
N ARG U 55 18.42 87.24 64.84
CA ARG U 55 17.42 87.64 63.86
C ARG U 55 18.11 87.72 62.50
N LEU U 56 17.39 87.30 61.46
CA LEU U 56 18.03 86.96 60.19
C LEU U 56 18.75 88.14 59.55
N VAL U 57 20.07 88.09 59.55
CA VAL U 57 20.88 89.10 58.88
C VAL U 57 20.98 88.72 57.40
N PRO U 58 20.71 89.66 56.49
CA PRO U 58 20.64 89.29 55.07
C PRO U 58 22.02 89.13 54.47
N THR U 59 22.42 87.89 54.25
CA THR U 59 23.60 87.60 53.45
C THR U 59 23.19 87.51 51.98
N LEU U 60 24.18 87.29 51.11
CA LEU U 60 23.90 87.15 49.69
C LEU U 60 24.03 85.72 49.19
N ASP U 61 24.59 84.83 50.00
CA ASP U 61 24.74 83.43 49.67
C ASP U 61 23.39 82.80 49.39
N PRO U 62 23.10 82.44 48.13
CA PRO U 62 21.84 81.72 47.87
C PRO U 62 21.79 80.38 48.54
N CYS U 63 22.95 79.75 48.76
CA CYS U 63 23.03 78.49 49.47
C CYS U 63 23.01 78.66 50.97
N ASP U 64 22.68 79.86 51.46
CA ASP U 64 22.39 80.11 52.85
C ASP U 64 20.89 80.17 53.05
N TYR U 65 20.40 79.58 54.13
CA TYR U 65 18.96 79.55 54.35
C TYR U 65 18.69 79.34 55.83
N VAL U 66 17.44 79.55 56.20
CA VAL U 66 16.94 79.27 57.54
C VAL U 66 15.50 78.77 57.41
N LYS U 67 15.18 77.72 58.16
CA LYS U 67 13.83 77.22 58.24
C LYS U 67 13.22 77.61 59.58
N GLY U 68 11.89 77.58 59.65
CA GLY U 68 11.22 77.94 60.88
C GLY U 68 9.73 77.83 60.73
N ILE U 69 9.04 78.28 61.78
CA ILE U 69 7.59 78.13 61.87
C ILE U 69 6.94 79.48 61.63
N LEU U 70 5.94 79.52 60.76
CA LEU U 70 5.25 80.77 60.43
C LEU U 70 3.90 80.77 61.13
N VAL U 71 3.75 81.64 62.13
CA VAL U 71 2.59 81.68 63.00
C VAL U 71 2.00 83.09 62.95
N ALA U 72 0.67 83.20 62.94
CA ALA U 72 0.04 84.51 62.80
C ALA U 72 0.30 85.38 64.02
N GLY U 73 0.63 86.64 63.78
CA GLY U 73 0.69 87.61 64.86
C GLY U 73 1.79 88.63 64.63
N THR U 74 1.77 89.67 65.48
CA THR U 74 2.66 90.82 65.57
C THR U 74 3.85 90.51 66.47
N PRO U 75 5.05 90.96 66.09
CA PRO U 75 6.26 90.48 66.78
C PRO U 75 6.31 90.76 68.27
N GLN U 76 6.39 92.02 68.68
CA GLN U 76 6.43 92.31 70.12
C GLN U 76 5.70 93.59 70.50
N GLN U 77 5.02 94.27 69.58
CA GLN U 77 4.23 95.47 69.83
C GLN U 77 5.08 96.67 70.24
N ALA U 78 6.36 96.46 70.50
CA ALA U 78 7.34 97.55 70.59
C ALA U 78 8.22 97.63 69.35
N GLN U 79 8.13 96.65 68.46
CA GLN U 79 8.82 96.59 67.18
C GLN U 79 8.08 97.40 66.12
N SER U 80 8.34 97.09 64.85
CA SER U 80 7.96 97.88 63.67
C SER U 80 8.94 99.02 63.53
N ASN U 81 10.13 98.82 64.06
CA ASN U 81 11.25 99.74 63.86
C ASN U 81 12.50 99.06 63.31
N ASP U 82 12.63 97.74 63.43
CA ASP U 82 13.87 97.06 63.08
C ASP U 82 13.62 95.75 62.36
N PHE U 83 12.50 95.62 61.66
CA PHE U 83 12.17 94.34 61.01
C PHE U 83 11.91 94.52 59.52
N LEU U 84 11.42 93.46 58.87
CA LEU U 84 11.03 93.49 57.46
C LEU U 84 9.53 93.23 57.39
N THR U 85 8.76 94.30 57.22
CA THR U 85 7.32 94.19 57.03
C THR U 85 7.02 94.14 55.55
N LEU U 86 6.38 93.06 55.11
CA LEU U 86 6.09 92.90 53.69
C LEU U 86 4.91 91.96 53.49
N LYS U 87 4.21 92.13 52.37
CA LYS U 87 3.05 91.34 52.02
C LYS U 87 3.10 91.02 50.53
N LEU U 88 2.93 89.75 50.19
CA LEU U 88 2.99 89.30 48.81
C LEU U 88 2.15 88.03 48.69
N PRO U 89 1.60 87.75 47.48
CA PRO U 89 0.39 86.91 47.37
C PRO U 89 0.58 85.42 47.58
N ALA U 90 1.32 85.05 48.63
CA ALA U 90 1.28 83.70 49.21
C ALA U 90 1.70 82.62 48.23
N ASN U 91 2.00 82.98 46.98
CA ASN U 91 2.50 82.05 45.99
C ASN U 91 3.98 82.22 45.76
N LYS U 92 4.59 83.25 46.33
CA LYS U 92 6.03 83.44 46.30
C LYS U 92 6.70 82.97 47.58
N LEU U 93 5.99 82.19 48.39
CA LEU U 93 6.53 81.63 49.62
C LEU U 93 7.10 80.25 49.34
N TYR U 94 8.41 80.10 49.53
CA TYR U 94 9.04 78.79 49.46
C TYR U 94 8.64 78.00 50.70
N LEU U 95 7.66 77.12 50.55
CA LEU U 95 7.19 76.27 51.64
C LEU U 95 7.78 74.86 51.53
N ILE U 96 7.51 74.06 52.56
CA ILE U 96 7.90 72.66 52.61
C ILE U 96 6.80 71.87 53.29
N ARG U 97 6.51 70.68 52.76
CA ARG U 97 5.44 69.83 53.27
C ARG U 97 4.10 70.56 53.22
N LYS U 98 3.78 71.09 52.03
CA LYS U 98 2.56 71.87 51.86
C LYS U 98 1.36 70.95 52.01
N LYS U 99 0.71 71.00 53.18
CA LYS U 99 -0.51 70.24 53.38
C LYS U 99 -1.75 70.99 52.95
N GLY U 100 -1.68 72.31 52.81
CA GLY U 100 -2.78 73.07 52.26
C GLY U 100 -2.31 74.18 51.35
N ASN U 101 -3.21 75.11 51.04
CA ASN U 101 -2.87 76.34 50.34
C ASN U 101 -3.74 77.45 50.88
N ILE U 102 -3.22 78.67 50.79
CA ILE U 102 -3.78 79.80 51.51
C ILE U 102 -4.44 80.74 50.49
N SER U 103 -5.04 81.81 51.00
CA SER U 103 -6.02 82.63 50.29
C SER U 103 -5.39 83.67 49.37
N ASP U 104 -4.16 83.44 48.91
CA ASP U 104 -3.47 84.23 47.89
C ASP U 104 -3.03 85.60 48.40
N ASP U 105 -2.96 85.81 49.70
CA ASP U 105 -2.28 86.99 50.23
C ASP U 105 -2.03 86.81 51.72
N LEU U 106 -0.91 87.38 52.17
CA LEU U 106 -0.50 87.37 53.57
C LEU U 106 0.52 88.48 53.76
N LYS U 107 0.68 88.89 55.01
CA LYS U 107 1.63 89.96 55.36
C LYS U 107 2.51 89.42 56.48
N ILE U 108 3.81 89.40 56.26
CA ILE U 108 4.74 88.67 57.12
C ILE U 108 5.66 89.63 57.86
N TYR U 109 5.91 89.30 59.12
CA TYR U 109 6.97 89.90 59.93
C TYR U 109 8.10 88.88 60.05
N ILE U 110 9.24 89.17 59.46
CA ILE U 110 10.43 88.33 59.58
C ILE U 110 11.49 89.12 60.35
N PRO U 111 12.08 88.54 61.40
CA PRO U 111 13.08 89.29 62.18
C PRO U 111 14.31 89.63 61.35
N TYR U 112 14.53 90.93 61.15
CA TYR U 112 15.68 91.43 60.44
C TYR U 112 16.77 91.84 61.42
N SER U 113 18.01 91.86 60.92
CA SER U 113 19.14 92.41 61.66
C SER U 113 20.06 93.10 60.68
N SER U 114 20.72 94.15 61.18
CA SER U 114 21.57 94.98 60.34
C SER U 114 22.64 94.14 59.65
N PRO U 115 23.11 94.56 58.47
CA PRO U 115 24.16 93.81 57.78
C PRO U 115 25.51 93.84 58.50
N ASP U 116 25.72 94.74 59.46
CA ASP U 116 26.93 94.79 60.28
C ASP U 116 28.20 94.80 59.40
N ALA U 117 28.35 95.90 58.66
CA ALA U 117 29.42 95.99 57.67
C ALA U 117 30.78 96.27 58.31
N ARG U 118 31.19 95.42 59.26
CA ARG U 118 32.54 95.47 59.80
C ARG U 118 33.19 94.11 59.94
N ASN U 119 32.44 93.01 59.89
CA ASN U 119 32.98 91.68 60.14
C ASN U 119 32.54 90.76 59.01
N SER U 120 33.50 90.17 58.29
CA SER U 120 33.18 89.19 57.26
C SER U 120 32.56 87.97 57.92
N MET U 121 31.25 87.80 57.76
CA MET U 121 30.51 86.78 58.49
C MET U 121 30.41 85.51 57.66
N LYS U 122 31.48 84.73 57.70
CA LYS U 122 31.45 83.38 57.16
C LYS U 122 30.46 82.53 57.94
N THR U 123 29.64 81.78 57.22
CA THR U 123 28.44 81.15 57.79
C THR U 123 28.63 79.64 57.86
N LYS U 124 28.15 79.05 58.96
CA LYS U 124 28.31 77.63 59.25
C LYS U 124 26.97 76.92 59.24
N PRO U 125 26.85 75.77 58.57
CA PRO U 125 25.59 75.02 58.60
C PRO U 125 25.38 74.38 59.96
N VAL U 126 24.16 74.49 60.48
CA VAL U 126 23.84 73.97 61.80
C VAL U 126 22.51 73.23 61.72
N SER U 127 22.47 72.04 62.30
CA SER U 127 21.29 71.20 62.34
C SER U 127 20.80 71.09 63.79
N ILE U 128 19.79 70.24 63.98
CA ILE U 128 19.29 69.92 65.31
C ILE U 128 19.93 68.62 65.76
N SER U 129 20.80 68.71 66.76
CA SER U 129 21.38 67.55 67.42
C SER U 129 21.13 67.67 68.92
N ASP U 130 21.75 66.81 69.72
CA ASP U 130 21.71 66.92 71.18
C ASP U 130 20.26 66.87 71.67
N ASP U 131 19.69 65.66 71.58
CA ASP U 131 18.27 65.41 71.85
C ASP U 131 17.74 66.14 73.06
N THR U 132 18.61 66.49 74.01
CA THR U 132 18.20 67.39 75.08
C THR U 132 17.76 68.75 74.54
N ILE U 133 18.40 69.23 73.47
CA ILE U 133 18.04 70.54 72.91
C ILE U 133 16.63 70.50 72.35
N VAL U 134 16.31 69.50 71.54
CA VAL U 134 14.97 69.41 70.98
C VAL U 134 13.95 69.12 72.07
N ASN U 135 14.32 68.30 73.06
CA ASN U 135 13.40 68.02 74.17
C ASN U 135 13.12 69.27 74.99
N ASN U 136 14.08 70.22 75.02
CA ASN U 136 13.81 71.50 75.66
C ASN U 136 12.95 72.39 74.77
N ILE U 137 13.23 72.40 73.47
CA ILE U 137 12.46 73.18 72.51
C ILE U 137 11.00 72.73 72.50
N ILE U 138 10.75 71.46 72.87
CA ILE U 138 9.39 70.91 72.85
C ILE U 138 8.42 71.87 73.55
N LYS U 139 8.66 72.11 74.83
CA LYS U 139 7.77 72.93 75.63
C LYS U 139 8.01 74.43 75.47
N GLU U 140 8.96 74.84 74.61
CA GLU U 140 9.29 76.25 74.49
C GLU U 140 8.24 77.02 73.69
N VAL U 141 8.09 76.68 72.41
CA VAL U 141 7.34 77.50 71.47
C VAL U 141 6.12 76.78 70.93
N PHE U 142 6.24 75.50 70.57
CA PHE U 142 5.11 74.77 70.01
C PHE U 142 3.94 74.73 70.98
N ASP U 143 4.20 74.87 72.27
CA ASP U 143 3.16 75.06 73.27
C ASP U 143 2.79 76.53 73.46
N LYS U 144 3.78 77.42 73.38
CA LYS U 144 3.48 78.85 73.30
C LYS U 144 2.66 79.17 72.05
N ILE U 145 2.68 78.30 71.04
CA ILE U 145 1.93 78.52 69.82
C ILE U 145 0.68 77.65 69.82
N TYR U 146 0.87 76.33 69.84
CA TYR U 146 -0.22 75.39 69.69
C TYR U 146 -0.51 74.70 71.03
N ASN U 147 -1.74 74.85 71.51
CA ASN U 147 -2.19 74.04 72.63
C ASN U 147 -2.52 72.61 72.22
N ILE U 148 -2.65 72.36 70.91
CA ILE U 148 -3.01 71.04 70.41
C ILE U 148 -1.99 69.99 70.87
N THR U 149 -0.76 70.42 71.13
CA THR U 149 0.28 69.50 71.61
C THR U 149 -0.19 68.74 72.84
N GLN U 150 0.09 67.44 72.87
CA GLN U 150 -0.32 66.49 73.90
C GLN U 150 -1.83 66.31 73.98
N LYS U 151 -2.58 66.81 73.00
CA LYS U 151 -4.03 66.62 72.95
C LYS U 151 -4.48 65.79 71.77
N GLU U 152 -3.75 65.80 70.66
CA GLU U 152 -4.06 64.97 69.50
C GLU U 152 -2.87 64.15 69.05
N LYS U 153 -1.66 64.70 69.14
CA LYS U 153 -0.43 63.99 68.77
C LYS U 153 0.13 63.31 70.01
N VAL U 154 -0.17 62.02 70.18
CA VAL U 154 0.46 61.27 71.25
C VAL U 154 1.83 60.76 70.85
N LYS U 155 2.06 60.53 69.56
CA LYS U 155 3.36 60.07 69.07
C LYS U 155 4.25 61.23 68.65
N ILE U 156 4.39 62.21 69.55
CA ILE U 156 5.17 63.40 69.25
C ILE U 156 6.62 63.10 68.92
N GLU U 157 7.08 61.88 69.19
CA GLU U 157 8.41 61.48 68.73
C GLU U 157 8.56 61.78 67.24
N LYS U 158 7.54 61.43 66.45
CA LYS U 158 7.49 61.87 65.06
C LYS U 158 7.76 63.36 64.97
N VAL U 159 6.89 64.16 65.59
CA VAL U 159 7.13 65.59 65.71
C VAL U 159 8.56 65.85 66.16
N LYS U 160 8.97 65.19 67.25
CA LYS U 160 10.34 65.29 67.72
C LYS U 160 11.31 65.05 66.59
N GLU U 161 11.22 63.86 65.96
CA GLU U 161 12.12 63.53 64.88
C GLU U 161 12.05 64.56 63.77
N ASP U 162 10.85 65.07 63.50
CA ASP U 162 10.68 66.06 62.45
C ASP U 162 11.50 67.31 62.74
N ILE U 163 11.52 67.75 64.00
CA ILE U 163 12.35 68.89 64.38
C ILE U 163 13.82 68.61 64.04
N LYS U 164 14.26 67.38 64.24
CA LYS U 164 15.60 66.99 63.81
C LYS U 164 15.64 66.59 62.35
N GLU U 165 14.51 66.14 61.79
CA GLU U 165 14.48 65.69 60.41
C GLU U 165 14.51 66.85 59.43
N LEU U 166 14.04 68.02 59.84
CA LEU U 166 13.63 69.06 58.91
C LEU U 166 14.23 70.42 59.20
N PHE U 167 14.71 70.69 60.40
CA PHE U 167 15.09 72.04 60.81
C PHE U 167 16.61 72.15 60.81
N SER U 168 17.16 72.41 59.64
CA SER U 168 18.56 72.78 59.48
C SER U 168 18.60 74.21 58.97
N TYR U 169 19.73 74.87 59.18
CA TYR U 169 19.83 76.29 58.83
C TYR U 169 21.31 76.65 58.73
N TYR U 170 21.57 77.94 58.60
CA TYR U 170 22.92 78.47 58.62
C TYR U 170 23.05 79.49 59.73
N ALA U 171 24.23 79.57 60.32
CA ALA U 171 24.47 80.36 61.52
C ALA U 171 25.67 81.27 61.30
N LEU U 172 25.60 82.47 61.89
CA LEU U 172 26.55 83.53 61.57
C LEU U 172 27.98 83.15 61.91
N GLU U 173 28.16 82.25 62.89
CA GLU U 173 29.47 81.75 63.32
C GLU U 173 30.30 82.81 64.05
N GLN U 174 29.85 84.06 64.07
CA GLN U 174 30.59 85.13 64.74
C GLN U 174 29.66 86.05 65.51
N SER V 2 80.08 80.21 40.28
CA SER V 2 78.86 79.77 39.61
C SER V 2 77.64 79.99 40.51
N THR V 3 77.04 78.89 40.97
CA THR V 3 75.83 78.96 41.79
C THR V 3 75.89 77.86 42.85
N GLN V 4 75.96 78.28 44.11
CA GLN V 4 75.89 77.36 45.24
C GLN V 4 74.60 77.57 46.01
N ARG V 5 74.01 76.46 46.45
CA ARG V 5 72.77 76.45 47.20
C ARG V 5 72.90 75.47 48.36
N GLU V 6 71.86 75.42 49.19
CA GLU V 6 71.79 74.49 50.29
C GLU V 6 70.35 74.00 50.39
N TYR V 7 70.21 72.70 50.61
CA TYR V 7 68.91 72.03 50.76
C TYR V 7 68.63 71.87 52.25
N VAL V 8 67.57 72.50 52.73
CA VAL V 8 67.17 72.40 54.11
C VAL V 8 65.85 71.65 54.19
N PHE V 9 65.74 70.77 55.17
CA PHE V 9 64.60 69.90 55.34
C PHE V 9 63.48 70.61 56.12
N ILE V 10 62.31 69.99 56.11
CA ILE V 10 61.15 70.52 56.83
C ILE V 10 60.53 69.37 57.63
N PRO V 11 60.99 69.16 58.86
CA PRO V 11 60.43 68.10 59.70
C PRO V 11 59.33 68.63 60.60
N ILE V 12 58.83 67.76 61.49
CA ILE V 12 57.98 68.22 62.57
C ILE V 12 58.79 68.84 63.71
N THR V 13 60.10 68.61 63.73
CA THR V 13 60.98 69.11 64.77
C THR V 13 61.56 70.47 64.38
N ASN V 14 61.93 71.24 65.39
CA ASN V 14 62.59 72.53 65.19
C ASN V 14 64.10 72.44 65.33
N SER V 15 64.73 71.54 64.57
CA SER V 15 66.19 71.43 64.56
C SER V 15 66.80 72.13 63.35
N ILE V 16 66.26 73.30 63.00
CA ILE V 16 66.68 74.01 61.80
C ILE V 16 67.21 75.41 62.10
N THR V 17 66.83 76.01 63.23
CA THR V 17 67.08 77.44 63.44
C THR V 17 68.57 77.78 63.46
N ILE V 18 69.41 76.92 64.02
CA ILE V 18 70.84 77.21 64.14
C ILE V 18 71.61 76.05 63.52
N ASP V 19 71.81 76.11 62.20
CA ASP V 19 72.94 75.43 61.59
C ASP V 19 73.49 76.19 60.39
N VAL V 20 72.95 77.36 60.06
CA VAL V 20 73.17 77.99 58.77
C VAL V 20 73.80 79.35 58.96
N LYS V 21 74.56 79.77 57.95
CA LYS V 21 75.23 81.06 57.95
C LYS V 21 74.57 82.06 57.01
N ILE V 22 74.38 81.67 55.75
CA ILE V 22 73.81 82.55 54.74
C ILE V 22 72.44 82.02 54.36
N THR V 23 71.46 82.92 54.28
CA THR V 23 70.11 82.53 53.89
C THR V 23 69.89 82.68 52.39
N ILE V 24 70.21 83.85 51.82
CA ILE V 24 70.04 84.09 50.39
C ILE V 24 71.40 84.21 49.68
N GLY V 25 72.20 85.22 50.01
CA GLY V 25 73.53 85.33 49.46
C GLY V 25 73.57 85.73 48.00
N GLY V 26 73.08 84.86 47.13
CA GLY V 26 73.11 85.08 45.70
C GLY V 26 71.98 85.98 45.24
N SER V 27 71.64 85.84 43.95
CA SER V 27 70.63 86.67 43.30
C SER V 27 69.51 85.86 42.68
N ASP V 28 69.36 84.59 43.07
CA ASP V 28 68.33 83.75 42.50
C ASP V 28 68.09 82.56 43.42
N HIS V 29 66.86 82.05 43.39
CA HIS V 29 66.47 80.90 44.21
C HIS V 29 65.57 80.00 43.38
N ILE V 30 66.01 78.76 43.18
CA ILE V 30 65.21 77.82 42.41
C ILE V 30 63.87 77.56 43.10
N THR V 31 63.88 77.39 44.42
CA THR V 31 62.64 77.28 45.16
C THR V 31 61.95 78.64 45.19
N ASN V 32 60.62 78.62 45.10
CA ASN V 32 59.86 79.84 44.85
C ASN V 32 58.61 79.87 45.71
N ILE V 33 58.00 81.06 45.76
CA ILE V 33 56.68 81.26 46.36
C ILE V 33 55.92 82.14 45.37
N ASP V 34 55.19 81.52 44.45
CA ASP V 34 54.60 82.24 43.33
C ASP V 34 53.08 82.08 43.34
N GLU V 35 52.41 82.89 44.18
CA GLU V 35 50.98 83.15 44.16
C GLU V 35 50.10 81.92 43.92
N ARG V 36 50.67 80.72 44.03
CA ARG V 36 49.94 79.47 43.92
C ARG V 36 50.28 78.55 45.09
N GLY V 37 51.55 78.56 45.47
CA GLY V 37 52.08 77.67 46.48
C GLY V 37 53.58 77.58 46.35
N ILE V 38 54.19 76.58 47.00
CA ILE V 38 55.63 76.41 46.87
C ILE V 38 55.95 75.78 45.53
N HIS V 39 57.07 76.19 44.94
CA HIS V 39 57.54 75.66 43.67
C HIS V 39 58.96 75.16 43.82
N ASN V 40 59.30 74.12 43.05
CA ASN V 40 60.65 73.57 43.00
C ASN V 40 61.09 73.03 44.37
N VAL V 41 60.36 72.05 44.84
CA VAL V 41 60.72 71.33 46.07
C VAL V 41 61.55 70.11 45.72
N LEU V 42 62.64 69.91 46.43
CA LEU V 42 63.55 68.80 46.19
C LEU V 42 63.23 67.63 47.11
N VAL V 43 63.20 66.43 46.55
CA VAL V 43 62.99 65.20 47.30
C VAL V 43 64.20 64.30 47.07
N ILE V 44 64.65 63.64 48.15
CA ILE V 44 65.83 62.78 48.08
C ILE V 44 65.40 61.38 48.53
N THR V 45 65.67 60.39 47.69
CA THR V 45 65.27 59.03 47.99
C THR V 45 66.29 58.35 48.91
N GLY V 46 65.78 57.48 49.79
CA GLY V 46 66.62 56.68 50.63
C GLY V 46 67.11 57.34 51.91
N TYR V 47 67.10 58.67 51.97
CA TYR V 47 67.59 59.36 53.15
C TYR V 47 66.50 59.47 54.19
N ALA V 48 66.87 59.30 55.45
CA ALA V 48 65.95 59.37 56.57
C ALA V 48 66.48 60.39 57.57
N VAL V 49 65.59 61.24 58.09
CA VAL V 49 66.01 62.34 58.93
C VAL V 49 66.61 61.83 60.24
N ASP V 50 67.48 62.64 60.81
CA ASP V 50 68.15 62.45 62.09
C ASP V 50 67.86 63.66 62.98
N GLU V 51 66.58 64.00 63.09
CA GLU V 51 66.09 65.24 63.70
C GLU V 51 66.84 65.66 64.96
N LYS V 52 67.13 64.71 65.85
CA LYS V 52 68.05 64.99 66.95
C LYS V 52 69.43 65.19 66.34
N ASN V 53 69.89 66.44 66.32
CA ASN V 53 71.00 66.87 65.46
C ASN V 53 70.62 66.63 63.98
N GLY V 54 69.63 67.41 63.54
CA GLY V 54 68.92 67.17 62.29
C GLY V 54 69.75 67.07 61.02
N ARG V 55 69.84 65.87 60.46
CA ARG V 55 70.55 65.60 59.23
C ARG V 55 69.90 64.38 58.58
N LEU V 56 70.23 64.14 57.31
CA LEU V 56 69.68 63.00 56.58
C LEU V 56 70.67 61.84 56.63
N VAL V 57 70.37 60.86 57.48
CA VAL V 57 71.11 59.59 57.51
C VAL V 57 70.87 58.88 56.20
N PRO V 58 71.90 58.63 55.40
CA PRO V 58 71.70 58.02 54.07
C PRO V 58 71.47 56.52 54.19
N THR V 59 70.22 56.11 54.01
CA THR V 59 69.87 54.70 53.90
C THR V 59 69.71 54.36 52.43
N LEU V 60 69.87 53.09 52.10
CA LEU V 60 69.77 52.65 50.72
C LEU V 60 68.42 52.03 50.40
N ASP V 61 67.43 52.24 51.25
CA ASP V 61 66.07 51.82 50.99
C ASP V 61 65.35 52.85 50.14
N PRO V 62 64.98 52.53 48.90
CA PRO V 62 64.32 53.53 48.05
C PRO V 62 62.97 53.96 48.56
N CYS V 63 62.32 53.16 49.39
CA CYS V 63 61.00 53.53 49.90
C CYS V 63 61.04 54.73 50.85
N ASP V 64 62.22 55.11 51.32
CA ASP V 64 62.33 56.26 52.22
C ASP V 64 62.75 57.50 51.45
N TYR V 65 62.30 58.65 51.95
CA TYR V 65 62.48 59.90 51.23
C TYR V 65 62.30 61.06 52.18
N VAL V 66 63.00 62.16 51.88
CA VAL V 66 62.83 63.42 52.58
C VAL V 66 62.78 64.51 51.52
N LYS V 67 61.86 65.46 51.71
CA LYS V 67 61.70 66.56 50.78
C LYS V 67 61.84 67.88 51.51
N GLY V 68 62.57 68.81 50.89
CA GLY V 68 62.81 70.11 51.48
C GLY V 68 62.99 71.19 50.44
N ILE V 69 63.42 72.37 50.86
CA ILE V 69 63.64 73.47 49.94
C ILE V 69 65.15 73.62 49.72
N LEU V 70 65.51 74.41 48.71
CA LEU V 70 66.91 74.68 48.41
C LEU V 70 67.05 76.16 48.09
N VAL V 71 67.88 76.84 48.87
CA VAL V 71 68.13 78.27 48.69
C VAL V 71 69.63 78.50 48.76
N ALA V 72 70.11 79.49 48.01
CA ALA V 72 71.54 79.73 47.91
C ALA V 72 72.13 80.09 49.28
N GLY V 73 73.45 79.99 49.37
CA GLY V 73 74.15 80.39 50.58
C GLY V 73 75.35 79.50 50.82
N THR V 74 75.77 79.46 52.10
CA THR V 74 76.95 78.74 52.56
C THR V 74 76.72 78.35 54.02
N PRO V 75 76.82 77.07 54.37
CA PRO V 75 76.43 76.60 55.72
C PRO V 75 77.51 76.61 56.81
N GLN V 76 77.77 77.79 57.37
CA GLN V 76 78.56 77.91 58.59
C GLN V 76 79.92 77.24 58.45
N GLN V 77 80.85 77.91 57.76
CA GLN V 77 82.06 77.33 57.17
C GLN V 77 82.66 76.16 57.95
N ALA V 78 82.59 76.19 59.26
CA ALA V 78 83.11 75.07 60.05
C ALA V 78 82.22 73.86 59.82
N GLN V 79 82.33 73.27 58.64
CA GLN V 79 81.50 72.17 58.17
C GLN V 79 82.34 71.35 57.19
N SER V 80 81.67 70.56 56.35
CA SER V 80 82.29 69.64 55.39
C SER V 80 82.93 68.44 56.09
N ASN V 81 82.69 68.31 57.39
CA ASN V 81 82.91 67.07 58.12
C ASN V 81 81.61 66.37 58.45
N ASP V 82 80.48 67.05 58.32
CA ASP V 82 79.16 66.50 58.59
C ASP V 82 78.23 66.51 57.40
N PHE V 83 78.21 67.59 56.62
CA PHE V 83 77.27 67.73 55.53
C PHE V 83 77.74 66.98 54.28
N LEU V 84 76.80 66.78 53.36
CA LEU V 84 77.08 66.25 52.03
C LEU V 84 76.88 67.39 51.03
N THR V 85 77.97 67.88 50.47
CA THR V 85 77.94 68.94 49.47
C THR V 85 78.43 68.40 48.15
N LEU V 86 77.79 68.82 47.06
CA LEU V 86 78.04 68.22 45.76
C LEU V 86 77.31 69.04 44.70
N LYS V 87 77.88 69.11 43.50
CA LYS V 87 77.24 69.81 42.41
C LYS V 87 76.76 68.82 41.35
N LEU V 88 75.67 69.20 40.69
CA LEU V 88 75.01 68.38 39.70
C LEU V 88 74.42 69.28 38.63
N PRO V 89 74.06 68.72 37.46
CA PRO V 89 73.45 69.57 36.43
C PRO V 89 71.95 69.74 36.59
N ALA V 90 71.50 69.91 37.83
CA ALA V 90 70.15 70.41 38.13
C ALA V 90 69.02 69.57 37.53
N ASN V 91 69.36 68.48 36.84
CA ASN V 91 68.36 67.63 36.24
C ASN V 91 68.27 66.27 36.88
N LYS V 92 69.33 65.80 37.54
CA LYS V 92 69.28 64.61 38.37
C LYS V 92 68.75 64.90 39.76
N LEU V 93 68.18 66.09 39.94
CA LEU V 93 67.45 66.45 41.13
C LEU V 93 66.00 65.97 41.00
N TYR V 94 65.49 65.32 42.05
CA TYR V 94 64.07 64.98 42.08
C TYR V 94 63.31 66.21 42.55
N LEU V 95 63.19 67.19 41.65
CA LEU V 95 62.56 68.47 41.94
C LEU V 95 61.09 68.39 41.57
N ILE V 96 60.22 68.44 42.57
CA ILE V 96 58.78 68.27 42.37
C ILE V 96 58.11 69.63 42.47
N ARG V 97 56.91 69.73 41.90
CA ARG V 97 56.27 71.02 41.60
C ARG V 97 57.20 71.95 40.84
N LYS V 98 58.00 71.37 39.95
CA LYS V 98 58.97 72.12 39.17
C LYS V 98 58.30 73.18 38.32
N LYS V 99 58.56 74.44 38.62
CA LYS V 99 58.15 75.55 37.76
C LYS V 99 59.28 75.97 36.83
N GLY V 100 60.41 76.38 37.42
CA GLY V 100 61.46 77.01 36.65
C GLY V 100 62.40 76.01 35.99
N ASN V 101 63.18 76.52 35.06
CA ASN V 101 64.17 75.73 34.35
C ASN V 101 65.48 75.72 35.14
N ILE V 102 66.56 75.26 34.52
CA ILE V 102 67.80 75.00 35.21
C ILE V 102 68.96 75.71 34.51
N SER V 103 70.04 75.90 35.26
CA SER V 103 71.33 76.26 34.68
C SER V 103 72.18 75.05 34.39
N ASP V 104 71.63 73.85 34.60
CA ASP V 104 72.29 72.55 34.47
C ASP V 104 73.71 72.53 35.03
N ASP V 105 73.94 73.25 36.12
CA ASP V 105 75.08 73.08 37.03
C ASP V 105 74.86 73.90 38.29
N LEU V 106 75.01 73.27 39.46
CA LEU V 106 74.87 73.99 40.72
C LEU V 106 75.43 73.11 41.83
N LYS V 107 76.06 73.75 42.82
CA LYS V 107 76.71 73.07 43.94
C LYS V 107 75.89 73.28 45.20
N ILE V 108 75.26 72.21 45.70
CA ILE V 108 74.32 72.30 46.81
C ILE V 108 74.85 71.51 47.98
N TYR V 109 74.65 72.07 49.18
CA TYR V 109 75.00 71.43 50.45
C TYR V 109 73.78 70.70 51.01
N ILE V 110 73.96 69.46 51.45
CA ILE V 110 72.89 68.66 52.03
C ILE V 110 73.33 68.23 53.42
N PRO V 111 72.48 68.39 54.45
CA PRO V 111 72.85 67.90 55.79
C PRO V 111 72.99 66.39 55.83
N TYR V 112 74.21 65.92 56.03
CA TYR V 112 74.50 64.49 56.13
C TYR V 112 74.81 64.13 57.57
N SER V 113 74.55 62.87 57.92
CA SER V 113 74.93 62.34 59.21
C SER V 113 75.56 60.96 59.00
N SER V 114 76.38 60.56 59.95
CA SER V 114 76.96 59.23 59.89
C SER V 114 75.84 58.19 59.82
N PRO V 115 76.06 57.07 59.12
CA PRO V 115 75.00 56.07 58.98
C PRO V 115 74.48 55.54 60.31
N ASP V 116 75.15 55.82 61.43
CA ASP V 116 74.69 55.41 62.76
C ASP V 116 74.54 53.89 62.86
N ALA V 117 75.67 53.20 62.71
CA ALA V 117 75.67 51.74 62.80
C ALA V 117 75.71 51.29 64.25
N ARG V 118 74.79 51.82 65.06
CA ARG V 118 74.71 51.45 66.48
C ARG V 118 73.30 51.05 66.89
N ASN V 119 72.32 51.15 66.01
CA ASN V 119 70.96 50.76 66.34
C ASN V 119 70.33 50.10 65.11
N SER V 120 69.11 49.61 65.29
CA SER V 120 68.32 49.07 64.18
C SER V 120 67.43 50.19 63.64
N MET V 121 67.52 50.44 62.34
CA MET V 121 66.92 51.63 61.74
C MET V 121 65.45 51.38 61.39
N LYS V 122 64.63 51.41 62.43
CA LYS V 122 63.17 51.30 62.28
C LYS V 122 62.62 52.65 61.83
N THR V 123 62.83 52.96 60.56
CA THR V 123 62.38 54.23 60.03
C THR V 123 60.85 54.30 60.06
N LYS V 124 60.32 55.52 59.97
CA LYS V 124 58.90 55.72 60.16
C LYS V 124 58.43 56.97 59.41
N PRO V 125 57.36 56.88 58.62
CA PRO V 125 56.93 58.03 57.83
C PRO V 125 56.07 58.98 58.65
N VAL V 126 56.28 60.28 58.43
CA VAL V 126 55.53 61.32 59.11
C VAL V 126 55.34 62.51 58.17
N SER V 127 54.25 63.24 58.38
CA SER V 127 53.90 64.44 57.64
C SER V 127 53.52 65.52 58.63
N ILE V 128 53.27 66.72 58.12
CA ILE V 128 53.00 67.87 58.96
C ILE V 128 51.49 68.09 59.03
N SER V 129 50.94 67.99 60.23
CA SER V 129 49.54 68.27 60.53
C SER V 129 49.50 68.87 61.93
N ASP V 130 48.30 68.99 62.50
CA ASP V 130 48.13 69.54 63.84
C ASP V 130 48.70 70.96 63.91
N ASP V 131 47.96 71.87 63.28
CA ASP V 131 48.42 73.17 62.79
C ASP V 131 49.36 73.92 63.74
N THR V 132 49.31 73.61 65.02
CA THR V 132 50.22 74.20 66.01
C THR V 132 51.65 74.26 65.51
N ILE V 133 52.10 73.24 64.77
CA ILE V 133 53.50 73.18 64.34
C ILE V 133 53.67 73.71 62.91
N VAL V 134 52.67 74.37 62.35
CA VAL V 134 52.91 75.14 61.13
C VAL V 134 53.22 76.58 61.47
N ASN V 135 52.80 77.05 62.65
CA ASN V 135 53.18 78.39 63.10
C ASN V 135 54.69 78.55 63.08
N ASN V 136 55.40 77.65 63.76
CA ASN V 136 56.85 77.75 63.82
C ASN V 136 57.51 77.45 62.48
N ILE V 137 56.86 76.66 61.62
CA ILE V 137 57.48 76.43 60.31
C ILE V 137 57.33 77.66 59.42
N ILE V 138 56.30 78.49 59.63
CA ILE V 138 56.30 79.79 58.99
C ILE V 138 57.31 80.70 59.66
N LYS V 139 57.54 80.48 60.96
CA LYS V 139 58.43 81.35 61.74
C LYS V 139 59.88 81.23 61.26
N GLU V 140 60.36 79.99 61.08
CA GLU V 140 61.80 79.79 61.06
C GLU V 140 62.38 79.35 59.71
N VAL V 141 61.57 78.89 58.76
CA VAL V 141 62.07 78.59 57.42
C VAL V 141 61.55 79.57 56.39
N PHE V 142 60.32 80.04 56.52
CA PHE V 142 59.73 80.90 55.50
C PHE V 142 59.74 82.37 55.88
N ASP V 143 60.37 82.71 57.00
CA ASP V 143 60.69 84.10 57.31
C ASP V 143 62.19 84.32 57.42
N LYS V 144 62.88 83.49 58.20
CA LYS V 144 64.33 83.58 58.33
C LYS V 144 65.02 83.58 56.96
N ILE V 145 64.49 82.80 56.02
CA ILE V 145 65.11 82.66 54.71
C ILE V 145 64.52 83.63 53.70
N TYR V 146 63.19 83.57 53.51
CA TYR V 146 62.56 84.32 52.44
C TYR V 146 62.18 85.71 52.88
N ASN V 147 62.27 86.66 51.95
CA ASN V 147 61.86 88.04 52.16
C ASN V 147 60.48 88.32 51.61
N ILE V 148 59.77 87.28 51.16
CA ILE V 148 58.51 87.49 50.48
C ILE V 148 57.35 87.54 51.46
N THR V 149 57.41 86.74 52.53
CA THR V 149 56.32 86.68 53.49
C THR V 149 56.02 88.07 54.03
N GLN V 150 54.74 88.45 53.96
CA GLN V 150 54.21 89.72 54.45
C GLN V 150 54.67 90.90 53.60
N LYS V 151 55.38 90.65 52.50
CA LYS V 151 55.88 91.72 51.64
C LYS V 151 55.25 91.76 50.25
N GLU V 152 54.86 90.62 49.70
CA GLU V 152 54.32 90.59 48.34
C GLU V 152 52.97 89.90 48.26
N LYS V 153 52.75 88.86 49.09
CA LYS V 153 51.63 87.96 48.92
C LYS V 153 50.82 87.86 50.21
N VAL V 154 49.50 87.73 50.06
CA VAL V 154 48.56 87.74 51.18
C VAL V 154 48.11 86.32 51.49
N LYS V 155 48.04 85.46 50.48
CA LYS V 155 47.49 84.11 50.60
C LYS V 155 48.47 83.25 51.39
N ILE V 156 48.45 83.41 52.72
CA ILE V 156 49.37 82.65 53.55
C ILE V 156 48.77 81.35 54.07
N GLU V 157 47.44 81.26 54.20
CA GLU V 157 46.87 79.95 54.45
C GLU V 157 47.07 79.05 53.24
N LYS V 158 47.24 79.64 52.06
CA LYS V 158 47.73 78.89 50.91
C LYS V 158 49.00 78.12 51.26
N VAL V 159 50.00 78.82 51.77
CA VAL V 159 51.29 78.19 52.11
C VAL V 159 51.21 77.60 53.51
N LYS V 160 50.01 77.57 54.09
CA LYS V 160 49.72 76.73 55.25
C LYS V 160 49.38 75.32 54.79
N GLU V 161 48.30 75.20 54.02
CA GLU V 161 47.89 73.87 53.56
C GLU V 161 48.86 73.30 52.54
N ASP V 162 49.47 74.12 51.66
CA ASP V 162 50.36 73.48 50.68
C ASP V 162 51.65 73.01 51.33
N ILE V 163 52.08 73.63 52.43
CA ILE V 163 53.27 73.13 53.09
C ILE V 163 52.95 71.89 53.92
N LYS V 164 51.77 71.84 54.56
CA LYS V 164 51.47 70.65 55.34
C LYS V 164 50.82 69.55 54.51
N GLU V 165 50.61 69.80 53.22
CA GLU V 165 50.15 68.81 52.24
C GLU V 165 51.26 68.31 51.35
N LEU V 166 52.22 69.17 51.01
CA LEU V 166 53.34 68.77 50.17
C LEU V 166 54.35 67.93 50.95
N PHE V 167 54.72 68.38 52.14
CA PHE V 167 55.94 67.89 52.79
C PHE V 167 55.67 66.67 53.64
N SER V 168 56.40 65.60 53.35
CA SER V 168 56.38 64.37 54.12
C SER V 168 57.78 63.79 54.09
N TYR V 169 58.07 62.91 55.05
CA TYR V 169 59.44 62.41 55.17
C TYR V 169 59.44 61.17 56.05
N TYR V 170 60.65 60.65 56.28
CA TYR V 170 60.87 59.50 57.15
C TYR V 170 61.83 59.90 58.25
N ALA V 171 61.52 59.46 59.47
CA ALA V 171 62.39 59.66 60.63
C ALA V 171 62.92 58.32 61.10
N LEU V 172 63.76 58.36 62.13
CA LEU V 172 64.41 57.16 62.63
C LEU V 172 63.90 56.71 63.99
N GLU V 173 63.23 57.60 64.73
CA GLU V 173 62.42 57.30 65.92
C GLU V 173 63.15 56.54 67.03
N GLN V 174 64.47 56.38 66.93
CA GLN V 174 65.19 55.73 68.01
C GLN V 174 66.00 56.74 68.81
N SER W 2 19.73 -90.65 -14.23
CA SER W 2 18.35 -90.39 -14.66
C SER W 2 18.08 -90.98 -16.04
N THR W 3 17.56 -90.15 -16.94
CA THR W 3 17.10 -90.60 -18.25
C THR W 3 17.75 -89.72 -19.31
N GLN W 4 17.65 -90.17 -20.57
CA GLN W 4 18.07 -89.38 -21.72
C GLN W 4 17.44 -89.96 -22.98
N ARG W 5 17.57 -89.23 -24.10
CA ARG W 5 16.91 -89.57 -25.35
C ARG W 5 17.86 -89.25 -26.51
N GLU W 6 17.38 -89.47 -27.73
CA GLU W 6 18.12 -89.18 -28.95
C GLU W 6 17.14 -89.03 -30.11
N TYR W 7 17.63 -88.42 -31.18
CA TYR W 7 16.83 -87.92 -32.29
C TYR W 7 16.96 -88.81 -33.52
N VAL W 8 15.84 -89.11 -34.16
CA VAL W 8 15.81 -89.80 -35.45
C VAL W 8 14.87 -89.02 -36.37
N PHE W 9 15.17 -89.03 -37.67
CA PHE W 9 14.41 -88.28 -38.66
C PHE W 9 13.92 -89.19 -39.77
N ILE W 10 12.98 -88.68 -40.55
CA ILE W 10 12.34 -89.47 -41.60
C ILE W 10 12.42 -88.70 -42.92
N PRO W 11 13.52 -88.83 -43.67
CA PRO W 11 13.63 -88.15 -44.96
C PRO W 11 12.98 -88.92 -46.11
N ILE W 12 13.23 -88.46 -47.33
CA ILE W 12 12.85 -89.19 -48.54
C ILE W 12 14.01 -90.13 -48.89
N THR W 13 14.93 -90.30 -47.94
CA THR W 13 16.12 -91.11 -48.13
C THR W 13 16.17 -92.22 -47.08
N ASN W 14 16.81 -93.33 -47.44
CA ASN W 14 17.09 -94.42 -46.51
C ASN W 14 18.44 -94.22 -45.80
N SER W 15 18.61 -93.06 -45.18
CA SER W 15 19.85 -92.72 -44.48
C SER W 15 19.69 -92.84 -42.96
N ILE W 16 18.95 -93.84 -42.49
CA ILE W 16 18.72 -94.05 -41.07
C ILE W 16 19.24 -95.41 -40.61
N THR W 17 19.81 -96.20 -41.52
CA THR W 17 20.20 -97.58 -41.21
C THR W 17 21.11 -97.65 -39.99
N ILE W 18 22.26 -97.00 -40.06
CA ILE W 18 23.18 -96.99 -38.92
C ILE W 18 23.12 -95.63 -38.24
N ASP W 19 22.27 -95.53 -37.22
CA ASP W 19 22.21 -94.28 -36.46
C ASP W 19 22.54 -94.47 -34.99
N VAL W 20 21.90 -95.41 -34.31
CA VAL W 20 22.07 -95.63 -32.88
C VAL W 20 21.99 -97.14 -32.65
N LYS W 21 22.40 -97.57 -31.46
CA LYS W 21 22.35 -98.97 -31.07
C LYS W 21 21.20 -99.28 -30.12
N ILE W 22 20.11 -98.54 -30.19
CA ILE W 22 19.04 -98.63 -29.20
C ILE W 22 17.76 -99.15 -29.83
N THR W 23 17.01 -99.92 -29.04
CA THR W 23 15.65 -100.33 -29.39
C THR W 23 14.63 -99.75 -28.41
N ILE W 24 14.83 -99.96 -27.10
CA ILE W 24 13.93 -99.46 -26.07
C ILE W 24 14.64 -98.43 -25.18
N GLY W 25 15.79 -98.81 -24.62
CA GLY W 25 16.52 -97.96 -23.69
C GLY W 25 15.95 -98.02 -22.29
N GLY W 26 14.84 -97.33 -22.07
CA GLY W 26 14.10 -97.46 -20.83
C GLY W 26 13.07 -98.56 -20.95
N SER W 27 11.82 -98.25 -20.60
CA SER W 27 10.69 -99.14 -20.83
C SER W 27 9.50 -98.44 -21.46
N ASP W 28 9.37 -97.13 -21.28
CA ASP W 28 8.32 -96.33 -21.89
C ASP W 28 8.97 -95.27 -22.76
N HIS W 29 8.17 -94.69 -23.66
CA HIS W 29 8.71 -93.89 -24.75
C HIS W 29 8.04 -92.53 -24.81
N ILE W 30 8.76 -91.58 -25.42
CA ILE W 30 8.17 -90.27 -25.72
C ILE W 30 7.06 -90.45 -26.75
N THR W 31 7.39 -90.93 -27.93
CA THR W 31 6.39 -91.20 -28.95
C THR W 31 5.71 -92.53 -28.69
N ASN W 32 4.39 -92.55 -28.82
CA ASN W 32 3.55 -93.69 -28.47
C ASN W 32 2.92 -94.31 -29.71
N ILE W 33 2.34 -95.48 -29.55
CA ILE W 33 1.68 -96.21 -30.63
C ILE W 33 0.31 -96.61 -30.10
N ASP W 34 -0.71 -95.77 -30.36
CA ASP W 34 -2.09 -96.10 -29.99
C ASP W 34 -3.08 -95.79 -31.12
N GLU W 35 -3.17 -96.68 -32.11
CA GLU W 35 -4.37 -96.99 -32.87
C GLU W 35 -5.09 -95.77 -33.46
N ARG W 36 -4.49 -94.58 -33.34
CA ARG W 36 -5.01 -93.42 -34.05
C ARG W 36 -3.86 -92.65 -34.69
N GLY W 37 -2.77 -93.33 -34.98
CA GLY W 37 -1.61 -92.69 -35.55
C GLY W 37 -0.52 -92.40 -34.55
N ILE W 38 0.28 -91.38 -34.84
CA ILE W 38 1.46 -91.07 -34.06
C ILE W 38 1.09 -90.17 -32.89
N HIS W 39 2.01 -90.07 -31.92
CA HIS W 39 1.79 -89.27 -30.73
C HIS W 39 3.12 -88.71 -30.24
N ASN W 40 3.07 -87.50 -29.68
CA ASN W 40 4.25 -86.84 -29.11
C ASN W 40 5.37 -86.74 -30.15
N VAL W 41 5.03 -86.28 -31.34
CA VAL W 41 5.96 -86.23 -32.46
C VAL W 41 6.64 -84.88 -32.50
N LEU W 42 7.98 -84.90 -32.57
CA LEU W 42 8.75 -83.68 -32.43
C LEU W 42 8.87 -82.94 -33.76
N VAL W 43 8.81 -81.61 -33.68
CA VAL W 43 9.03 -80.74 -34.83
C VAL W 43 10.13 -79.77 -34.45
N ILE W 44 11.20 -79.74 -35.24
CA ILE W 44 12.32 -78.82 -35.00
C ILE W 44 12.49 -77.98 -36.25
N THR W 45 12.41 -76.66 -36.09
CA THR W 45 12.62 -75.72 -37.17
C THR W 45 14.08 -75.29 -37.24
N GLY W 46 14.48 -74.85 -38.44
CA GLY W 46 15.82 -74.33 -38.65
C GLY W 46 16.88 -75.34 -39.00
N TYR W 47 16.49 -76.58 -39.32
CA TYR W 47 17.44 -77.64 -39.65
C TYR W 47 16.97 -78.31 -40.94
N ALA W 48 17.84 -78.35 -41.95
CA ALA W 48 17.47 -78.87 -43.25
C ALA W 48 18.34 -80.06 -43.63
N VAL W 49 17.77 -81.00 -44.37
CA VAL W 49 18.38 -82.32 -44.52
C VAL W 49 19.38 -82.34 -45.67
N ASP W 50 20.19 -83.39 -45.68
CA ASP W 50 21.37 -83.55 -46.55
C ASP W 50 21.28 -84.87 -47.32
N GLU W 51 20.19 -85.07 -48.06
CA GLU W 51 19.62 -86.37 -48.41
C GLU W 51 20.65 -87.50 -48.55
N LYS W 52 21.69 -87.30 -49.33
CA LYS W 52 22.72 -88.32 -49.50
C LYS W 52 23.67 -88.28 -48.29
N ASN W 53 23.74 -89.40 -47.56
CA ASN W 53 24.38 -89.44 -46.25
C ASN W 53 23.69 -88.46 -45.30
N GLY W 54 22.40 -88.74 -45.07
CA GLY W 54 21.49 -87.84 -44.40
C GLY W 54 21.97 -87.21 -43.11
N ARG W 55 22.05 -85.87 -43.12
CA ARG W 55 22.33 -85.06 -41.95
C ARG W 55 21.35 -83.91 -41.94
N LEU W 56 21.42 -83.05 -40.91
CA LEU W 56 20.65 -81.82 -40.86
C LEU W 56 21.57 -80.66 -40.52
N VAL W 57 21.65 -79.70 -41.44
CA VAL W 57 22.45 -78.50 -41.29
C VAL W 57 21.61 -77.44 -40.59
N PRO W 58 22.16 -76.75 -39.60
CA PRO W 58 21.45 -75.62 -38.99
C PRO W 58 21.46 -74.37 -39.87
N THR W 59 20.31 -74.02 -40.43
CA THR W 59 20.18 -72.81 -41.21
C THR W 59 19.83 -71.65 -40.29
N LEU W 60 19.44 -70.52 -40.88
CA LEU W 60 18.99 -69.35 -40.16
C LEU W 60 17.55 -69.03 -40.55
N ASP W 61 16.73 -70.08 -40.69
CA ASP W 61 15.36 -69.93 -41.14
C ASP W 61 14.39 -70.36 -40.05
N PRO W 62 13.33 -69.58 -39.80
CA PRO W 62 12.33 -69.99 -38.81
C PRO W 62 11.34 -71.00 -39.36
N CYS W 63 11.02 -70.91 -40.65
CA CYS W 63 10.03 -71.82 -41.24
C CYS W 63 10.66 -73.02 -41.93
N ASP W 64 11.98 -73.13 -41.94
CA ASP W 64 12.64 -74.34 -42.38
C ASP W 64 12.53 -75.38 -41.27
N TYR W 65 11.66 -76.38 -41.46
CA TYR W 65 11.34 -77.29 -40.37
C TYR W 65 11.45 -78.74 -40.82
N VAL W 66 11.89 -79.60 -39.90
CA VAL W 66 11.94 -81.04 -40.09
C VAL W 66 11.42 -81.69 -38.82
N LYS W 67 10.65 -82.76 -38.97
CA LYS W 67 10.12 -83.46 -37.81
C LYS W 67 10.94 -84.70 -37.51
N GLY W 68 10.95 -85.09 -36.23
CA GLY W 68 11.75 -86.18 -35.74
C GLY W 68 11.15 -86.78 -34.49
N ILE W 69 11.81 -87.83 -34.01
CA ILE W 69 11.32 -88.65 -32.91
C ILE W 69 12.46 -88.89 -31.92
N LEU W 70 12.15 -88.81 -30.63
CA LEU W 70 13.12 -88.96 -29.55
C LEU W 70 12.86 -90.24 -28.78
N VAL W 71 13.88 -91.10 -28.70
CA VAL W 71 13.81 -92.35 -27.95
C VAL W 71 15.12 -92.51 -27.18
N ALA W 72 15.04 -93.20 -26.04
CA ALA W 72 16.12 -93.21 -25.05
C ALA W 72 17.37 -93.92 -25.58
N GLY W 73 18.45 -93.17 -25.76
CA GLY W 73 19.72 -93.75 -26.12
C GLY W 73 20.69 -92.70 -26.64
N THR W 74 21.88 -93.17 -27.02
CA THR W 74 22.94 -92.33 -27.56
C THR W 74 23.61 -93.07 -28.72
N PRO W 75 23.98 -92.35 -29.80
CA PRO W 75 24.34 -93.01 -31.06
C PRO W 75 25.73 -93.61 -31.09
N GLN W 76 25.79 -94.95 -31.11
CA GLN W 76 26.88 -95.72 -31.71
C GLN W 76 28.20 -95.69 -30.96
N GLN W 77 28.35 -94.85 -29.94
CA GLN W 77 29.67 -94.48 -29.45
C GLN W 77 30.63 -94.17 -30.59
N ALA W 78 30.14 -93.40 -31.58
CA ALA W 78 30.92 -92.96 -32.72
C ALA W 78 30.68 -91.49 -33.01
N GLN W 79 30.40 -90.71 -31.96
CA GLN W 79 29.96 -89.33 -32.08
C GLN W 79 30.64 -88.55 -30.95
N SER W 80 30.08 -87.39 -30.62
CA SER W 80 30.60 -86.40 -29.66
C SER W 80 31.64 -85.51 -30.33
N ASN W 81 31.77 -85.62 -31.66
CA ASN W 81 32.61 -84.72 -32.43
C ASN W 81 31.86 -84.01 -33.56
N ASP W 82 30.75 -84.58 -34.03
CA ASP W 82 30.01 -84.02 -35.16
C ASP W 82 28.52 -83.85 -34.91
N PHE W 83 27.99 -84.32 -33.78
CA PHE W 83 26.58 -84.16 -33.44
C PHE W 83 26.42 -82.94 -32.53
N LEU W 84 25.20 -82.77 -32.01
CA LEU W 84 24.96 -81.91 -30.85
C LEU W 84 24.20 -82.71 -29.80
N THR W 85 24.03 -82.11 -28.63
CA THR W 85 23.24 -82.74 -27.57
C THR W 85 23.00 -81.72 -26.47
N LEU W 86 21.82 -81.79 -25.86
CA LEU W 86 21.51 -80.86 -24.78
C LEU W 86 20.42 -81.46 -23.90
N LYS W 87 20.28 -80.89 -22.71
CA LYS W 87 19.36 -81.35 -21.69
C LYS W 87 18.43 -80.20 -21.34
N LEU W 88 17.20 -80.24 -21.86
CA LEU W 88 16.19 -79.19 -21.78
C LEU W 88 15.24 -79.48 -20.62
N PRO W 89 14.58 -78.46 -20.05
CA PRO W 89 13.66 -78.72 -18.93
C PRO W 89 12.31 -79.27 -19.38
N ALA W 90 12.35 -80.22 -20.32
CA ALA W 90 11.24 -81.07 -20.72
C ALA W 90 10.10 -80.34 -21.43
N ASN W 91 10.16 -79.01 -21.52
CA ASN W 91 9.10 -78.26 -22.18
C ASN W 91 9.65 -77.26 -23.19
N LYS W 92 10.92 -77.37 -23.55
CA LYS W 92 11.49 -76.61 -24.66
C LYS W 92 11.26 -77.31 -25.99
N LEU W 93 10.30 -78.23 -26.06
CA LEU W 93 10.12 -79.11 -27.20
C LEU W 93 8.80 -78.79 -27.87
N TYR W 94 8.85 -78.43 -29.14
CA TYR W 94 7.64 -78.25 -29.95
C TYR W 94 7.33 -79.59 -30.59
N LEU W 95 6.54 -80.40 -29.90
CA LEU W 95 6.18 -81.73 -30.36
C LEU W 95 4.68 -81.86 -30.50
N ILE W 96 4.23 -82.30 -31.68
CA ILE W 96 2.81 -82.39 -31.99
C ILE W 96 2.19 -83.55 -31.20
N ARG W 97 0.92 -83.38 -30.83
CA ARG W 97 0.13 -84.41 -30.15
C ARG W 97 0.75 -84.79 -28.81
N LYS W 98 0.84 -83.80 -27.93
CA LYS W 98 1.35 -84.02 -26.59
C LYS W 98 0.34 -84.82 -25.76
N LYS W 99 0.71 -86.04 -25.37
CA LYS W 99 -0.18 -86.92 -24.64
C LYS W 99 0.31 -87.18 -23.22
N GLY W 100 1.53 -87.69 -23.06
CA GLY W 100 2.00 -88.05 -21.74
C GLY W 100 2.62 -86.90 -20.97
N ASN W 101 2.56 -87.01 -19.65
CA ASN W 101 3.18 -86.02 -18.78
C ASN W 101 4.70 -86.10 -18.90
N ILE W 102 5.33 -84.96 -19.13
CA ILE W 102 6.78 -84.89 -19.32
C ILE W 102 7.48 -85.09 -17.98
N SER W 103 8.79 -85.35 -18.04
CA SER W 103 9.58 -85.74 -16.87
C SER W 103 10.34 -84.58 -16.24
N ASP W 104 9.94 -83.33 -16.53
CA ASP W 104 10.53 -82.13 -15.95
C ASP W 104 12.01 -81.96 -16.31
N ASP W 105 12.54 -82.88 -17.10
CA ASP W 105 13.94 -82.89 -17.49
C ASP W 105 14.11 -83.99 -18.52
N LEU W 106 15.02 -83.77 -19.47
CA LEU W 106 15.30 -84.82 -20.44
C LEU W 106 16.55 -84.45 -21.24
N LYS W 107 17.43 -85.43 -21.43
CA LYS W 107 18.66 -85.27 -22.20
C LYS W 107 18.47 -85.87 -23.58
N ILE W 108 18.73 -85.09 -24.63
CA ILE W 108 18.51 -85.53 -25.99
C ILE W 108 19.68 -85.11 -26.86
N TYR W 109 20.19 -86.04 -27.66
CA TYR W 109 21.20 -85.78 -28.69
C TYR W 109 20.52 -85.44 -30.02
N ILE W 110 21.29 -84.87 -30.94
CA ILE W 110 20.79 -84.43 -32.24
C ILE W 110 21.83 -84.73 -33.31
N PRO W 111 21.44 -85.34 -34.43
CA PRO W 111 22.36 -85.48 -35.56
C PRO W 111 22.65 -84.14 -36.19
N TYR W 112 23.85 -83.63 -35.98
CA TYR W 112 24.23 -82.30 -36.42
C TYR W 112 25.16 -82.38 -37.63
N SER W 113 25.10 -81.36 -38.47
CA SER W 113 26.03 -81.21 -39.57
C SER W 113 26.67 -79.83 -39.49
N SER W 114 27.95 -79.76 -39.83
CA SER W 114 28.61 -78.48 -39.93
C SER W 114 27.92 -77.66 -41.03
N PRO W 115 27.84 -76.33 -40.86
CA PRO W 115 27.15 -75.51 -41.87
C PRO W 115 27.69 -75.68 -43.27
N ASP W 116 28.94 -76.13 -43.43
CA ASP W 116 29.58 -76.26 -44.73
C ASP W 116 29.57 -74.92 -45.46
N ALA W 117 30.26 -73.94 -44.86
CA ALA W 117 30.19 -72.55 -45.29
C ALA W 117 31.02 -72.30 -46.56
N ARG W 118 30.71 -73.10 -47.59
CA ARG W 118 31.31 -72.91 -48.90
C ARG W 118 30.29 -73.02 -50.03
N ASN W 119 29.00 -73.19 -49.73
CA ASN W 119 27.97 -73.36 -50.74
C ASN W 119 26.83 -72.38 -50.51
N SER W 120 26.25 -71.94 -51.62
CA SER W 120 25.08 -71.06 -51.61
C SER W 120 23.85 -71.93 -51.44
N MET W 121 23.52 -72.27 -50.19
CA MET W 121 22.47 -73.23 -49.92
C MET W 121 21.12 -72.52 -49.90
N LYS W 122 20.29 -72.82 -50.89
CA LYS W 122 18.87 -72.49 -50.84
C LYS W 122 18.10 -73.80 -50.78
N THR W 123 17.33 -73.98 -49.72
CA THR W 123 16.68 -75.25 -49.43
C THR W 123 15.46 -75.42 -50.32
N LYS W 124 14.65 -76.43 -50.01
CA LYS W 124 13.32 -76.55 -50.57
C LYS W 124 12.53 -77.49 -49.70
N PRO W 125 11.30 -77.15 -49.33
CA PRO W 125 10.46 -78.11 -48.61
C PRO W 125 9.92 -79.16 -49.56
N VAL W 126 9.83 -80.39 -49.05
CA VAL W 126 9.28 -81.51 -49.80
C VAL W 126 8.37 -82.31 -48.89
N SER W 127 7.40 -82.97 -49.51
CA SER W 127 6.46 -83.83 -48.81
C SER W 127 6.88 -85.29 -48.96
N ILE W 128 6.49 -86.10 -47.98
CA ILE W 128 6.74 -87.53 -48.06
C ILE W 128 5.84 -88.13 -49.14
N SER W 129 6.40 -89.07 -49.91
CA SER W 129 5.66 -89.80 -50.92
C SER W 129 5.90 -91.29 -50.75
N ASP W 130 5.51 -92.10 -51.73
CA ASP W 130 5.93 -93.50 -51.82
C ASP W 130 5.52 -94.27 -50.56
N ASP W 131 4.21 -94.48 -50.41
CA ASP W 131 3.65 -95.24 -49.30
C ASP W 131 4.52 -96.43 -48.91
N THR W 132 5.12 -97.07 -49.91
CA THR W 132 6.09 -98.13 -49.65
C THR W 132 7.27 -97.64 -48.82
N ILE W 133 7.70 -96.38 -49.05
CA ILE W 133 8.95 -95.92 -48.42
C ILE W 133 8.83 -95.99 -46.89
N VAL W 134 7.73 -95.49 -46.33
CA VAL W 134 7.59 -95.60 -44.88
C VAL W 134 6.99 -96.94 -44.49
N ASN W 135 6.18 -97.56 -45.37
CA ASN W 135 5.69 -98.91 -45.15
C ASN W 135 6.83 -99.90 -44.94
N ASN W 136 8.06 -99.54 -45.30
CA ASN W 136 9.22 -100.35 -44.94
C ASN W 136 10.33 -99.57 -44.25
N ILE W 137 10.17 -98.26 -44.03
CA ILE W 137 10.96 -97.62 -43.00
C ILE W 137 10.50 -98.11 -41.63
N ILE W 138 9.25 -98.59 -41.54
CA ILE W 138 8.84 -99.37 -40.38
C ILE W 138 9.59 -100.69 -40.34
N LYS W 139 9.98 -101.22 -41.50
CA LYS W 139 10.92 -102.34 -41.51
C LYS W 139 12.31 -101.89 -41.08
N GLU W 140 12.64 -100.64 -41.33
CA GLU W 140 13.96 -100.11 -41.01
C GLU W 140 14.07 -99.73 -39.54
N VAL W 141 13.25 -98.78 -39.07
CA VAL W 141 13.38 -98.27 -37.72
C VAL W 141 12.10 -98.42 -36.91
N PHE W 142 10.93 -98.08 -37.48
CA PHE W 142 9.71 -98.04 -36.69
C PHE W 142 9.36 -99.38 -36.05
N ASP W 143 9.88 -100.49 -36.58
CA ASP W 143 9.84 -101.75 -35.87
C ASP W 143 11.14 -102.03 -35.10
N LYS W 144 12.27 -101.55 -35.63
CA LYS W 144 13.53 -101.65 -34.89
C LYS W 144 13.47 -100.83 -33.61
N ILE W 145 12.95 -99.60 -33.70
CA ILE W 145 12.85 -98.74 -32.52
C ILE W 145 11.61 -99.08 -31.69
N TYR W 146 10.59 -99.69 -32.31
CA TYR W 146 9.35 -100.04 -31.61
C TYR W 146 8.91 -101.41 -32.10
N ASN W 147 9.27 -102.45 -31.33
CA ASN W 147 8.89 -103.81 -31.68
C ASN W 147 7.38 -103.99 -31.82
N ILE W 148 6.59 -102.98 -31.45
CA ILE W 148 5.14 -103.08 -31.45
C ILE W 148 4.58 -103.39 -32.83
N THR W 149 5.36 -103.18 -33.89
CA THR W 149 4.90 -103.44 -35.25
C THR W 149 4.49 -104.90 -35.42
N GLN W 150 3.35 -105.12 -36.08
CA GLN W 150 2.75 -106.43 -36.31
C GLN W 150 2.26 -107.10 -35.04
N LYS W 151 2.14 -106.34 -33.93
CA LYS W 151 1.74 -106.95 -32.67
C LYS W 151 0.53 -106.24 -32.06
N GLU W 152 0.43 -104.92 -32.21
CA GLU W 152 -0.67 -104.17 -31.64
C GLU W 152 -1.59 -103.56 -32.70
N LYS W 153 -1.04 -102.76 -33.61
CA LYS W 153 -1.84 -101.93 -34.49
C LYS W 153 -2.46 -102.79 -35.58
N VAL W 154 -3.78 -102.99 -35.49
CA VAL W 154 -4.49 -103.78 -36.49
C VAL W 154 -4.71 -103.00 -37.78
N LYS W 155 -4.58 -101.67 -37.73
CA LYS W 155 -4.75 -100.82 -38.91
C LYS W 155 -3.38 -100.28 -39.31
N ILE W 156 -2.67 -101.05 -40.12
CA ILE W 156 -1.33 -100.63 -40.58
C ILE W 156 -1.45 -99.41 -41.48
N GLU W 157 -2.35 -99.46 -42.44
CA GLU W 157 -2.52 -98.32 -43.35
C GLU W 157 -2.98 -97.07 -42.62
N LYS W 158 -3.52 -97.20 -41.41
CA LYS W 158 -3.80 -96.03 -40.58
C LYS W 158 -2.54 -95.23 -40.29
N VAL W 159 -1.54 -95.90 -39.69
CA VAL W 159 -0.29 -95.19 -39.45
C VAL W 159 0.39 -94.84 -40.76
N LYS W 160 0.19 -95.64 -41.81
CA LYS W 160 0.76 -95.27 -43.10
C LYS W 160 0.21 -93.92 -43.58
N GLU W 161 -1.11 -93.73 -43.50
CA GLU W 161 -1.70 -92.49 -43.98
C GLU W 161 -1.41 -91.32 -43.04
N ASP W 162 -1.25 -91.56 -41.73
CA ASP W 162 -0.91 -90.39 -40.92
C ASP W 162 0.53 -89.98 -41.14
N ILE W 163 1.41 -90.94 -41.45
CA ILE W 163 2.75 -90.56 -41.86
C ILE W 163 2.72 -89.85 -43.21
N LYS W 164 1.78 -90.24 -44.07
CA LYS W 164 1.54 -89.50 -45.31
C LYS W 164 1.21 -88.05 -45.03
N GLU W 165 0.24 -87.80 -44.14
CA GLU W 165 -0.33 -86.48 -43.98
C GLU W 165 0.47 -85.58 -43.05
N LEU W 166 1.02 -86.14 -41.97
CA LEU W 166 1.75 -85.32 -41.00
C LEU W 166 3.09 -84.88 -41.54
N PHE W 167 3.96 -85.84 -41.85
CA PHE W 167 5.36 -85.54 -42.08
C PHE W 167 5.60 -84.87 -43.42
N SER W 168 6.29 -83.73 -43.38
CA SER W 168 6.82 -83.05 -44.54
C SER W 168 7.89 -82.09 -44.02
N TYR W 169 9.00 -81.97 -44.76
CA TYR W 169 10.20 -81.39 -44.18
C TYR W 169 10.92 -80.57 -45.24
N TYR W 170 12.18 -80.23 -44.97
CA TYR W 170 12.99 -79.43 -45.88
C TYR W 170 14.28 -80.16 -46.22
N ALA W 171 14.79 -79.88 -47.42
CA ALA W 171 16.03 -80.47 -47.92
C ALA W 171 16.99 -79.38 -48.37
N LEU W 172 18.29 -79.65 -48.17
CA LEU W 172 19.31 -78.78 -48.75
C LEU W 172 19.28 -78.80 -50.27
N GLU W 173 18.80 -79.90 -50.86
CA GLU W 173 18.72 -80.10 -52.30
C GLU W 173 20.09 -80.02 -52.97
N GLN W 174 21.17 -80.20 -52.21
CA GLN W 174 22.52 -80.04 -52.75
C GLN W 174 23.34 -81.31 -52.56
N SER X 2 -69.76 -13.83 -8.93
CA SER X 2 -69.56 -13.16 -7.65
C SER X 2 -69.04 -14.11 -6.58
N THR X 3 -67.79 -13.94 -6.21
CA THR X 3 -67.18 -14.66 -5.09
C THR X 3 -66.98 -13.67 -3.96
N GLN X 4 -67.66 -13.91 -2.85
CA GLN X 4 -67.74 -12.94 -1.75
C GLN X 4 -66.72 -13.30 -0.69
N ARG X 5 -65.84 -12.35 -0.36
CA ARG X 5 -64.87 -12.55 0.71
C ARG X 5 -64.94 -11.38 1.68
N GLU X 6 -64.77 -11.69 2.96
CA GLU X 6 -64.70 -10.70 4.01
C GLU X 6 -63.34 -10.80 4.69
N TYR X 7 -62.87 -9.66 5.18
CA TYR X 7 -61.54 -9.53 5.76
C TYR X 7 -61.66 -9.55 7.28
N VAL X 8 -61.25 -10.65 7.89
CA VAL X 8 -61.27 -10.77 9.34
C VAL X 8 -59.88 -10.45 9.86
N PHE X 9 -59.81 -9.33 10.57
CA PHE X 9 -58.64 -8.95 11.33
C PHE X 9 -58.19 -10.08 12.25
N ILE X 10 -56.89 -10.15 12.49
CA ILE X 10 -56.35 -11.09 13.47
C ILE X 10 -55.72 -10.28 14.60
N PRO X 11 -56.51 -9.75 15.52
CA PRO X 11 -55.96 -8.94 16.61
C PRO X 11 -55.62 -9.78 17.82
N ILE X 12 -55.23 -9.13 18.91
CA ILE X 12 -55.12 -9.79 20.19
C ILE X 12 -56.38 -9.57 21.04
N THR X 13 -57.50 -9.24 20.40
CA THR X 13 -58.78 -9.07 21.08
C THR X 13 -59.76 -10.15 20.64
N ASN X 14 -60.59 -10.58 21.59
CA ASN X 14 -61.56 -11.65 21.36
C ASN X 14 -62.77 -11.13 20.57
N SER X 15 -62.50 -10.70 19.34
CA SER X 15 -63.51 -10.08 18.48
C SER X 15 -63.76 -10.91 17.23
N ILE X 16 -63.87 -12.22 17.38
CA ILE X 16 -64.01 -13.11 16.23
C ILE X 16 -65.18 -14.09 16.35
N THR X 17 -65.87 -14.16 17.49
CA THR X 17 -66.79 -15.26 17.75
C THR X 17 -67.98 -15.24 16.80
N ILE X 18 -68.65 -14.10 16.67
CA ILE X 18 -69.95 -14.04 16.01
C ILE X 18 -69.94 -12.95 14.94
N ASP X 19 -68.76 -12.58 14.44
CA ASP X 19 -68.72 -11.56 13.40
C ASP X 19 -69.20 -12.12 12.06
N VAL X 20 -68.48 -13.10 11.53
CA VAL X 20 -68.85 -13.69 10.25
C VAL X 20 -70.10 -14.55 10.42
N LYS X 21 -70.89 -14.65 9.36
CA LYS X 21 -71.98 -15.62 9.31
C LYS X 21 -71.65 -16.83 8.46
N ILE X 22 -70.88 -16.66 7.39
CA ILE X 22 -70.73 -17.68 6.37
C ILE X 22 -69.44 -18.44 6.65
N THR X 23 -69.54 -19.75 6.76
CA THR X 23 -68.40 -20.56 7.16
C THR X 23 -67.53 -20.91 5.96
N ILE X 24 -68.15 -21.32 4.85
CA ILE X 24 -67.41 -21.72 3.66
C ILE X 24 -67.82 -20.90 2.43
N GLY X 25 -69.12 -20.68 2.23
CA GLY X 25 -69.59 -19.92 1.10
C GLY X 25 -69.60 -20.76 -0.16
N GLY X 26 -68.42 -21.00 -0.72
CA GLY X 26 -68.28 -21.94 -1.81
C GLY X 26 -67.65 -23.22 -1.32
N SER X 27 -66.38 -23.45 -1.68
CA SER X 27 -65.59 -24.51 -1.09
C SER X 27 -64.15 -24.06 -0.87
N ASP X 28 -63.94 -22.75 -0.68
CA ASP X 28 -62.58 -22.22 -0.71
C ASP X 28 -62.48 -20.98 0.16
N HIS X 29 -61.24 -20.67 0.53
CA HIS X 29 -60.87 -19.36 1.05
C HIS X 29 -59.54 -18.99 0.40
N ILE X 30 -59.37 -17.69 0.13
CA ILE X 30 -58.10 -17.22 -0.41
C ILE X 30 -56.96 -17.57 0.51
N THR X 31 -57.09 -17.22 1.78
CA THR X 31 -56.09 -17.60 2.77
C THR X 31 -56.20 -19.08 3.09
N ASN X 32 -55.08 -19.78 3.04
CA ASN X 32 -55.06 -21.22 3.26
C ASN X 32 -53.90 -21.60 4.16
N ILE X 33 -53.94 -22.82 4.67
CA ILE X 33 -52.89 -23.37 5.53
C ILE X 33 -52.55 -24.75 5.00
N ASP X 34 -51.39 -24.88 4.36
CA ASP X 34 -50.97 -26.15 3.77
C ASP X 34 -49.54 -26.49 4.22
N GLU X 35 -49.43 -27.07 5.41
CA GLU X 35 -48.26 -27.82 5.88
C GLU X 35 -46.95 -27.06 5.77
N ARG X 36 -47.03 -25.75 5.54
CA ARG X 36 -45.87 -24.88 5.68
C ARG X 36 -46.23 -23.57 6.36
N GLY X 37 -47.49 -23.36 6.69
CA GLY X 37 -47.94 -22.15 7.34
C GLY X 37 -49.01 -21.46 6.53
N ILE X 38 -49.44 -20.31 7.06
CA ILE X 38 -50.51 -19.56 6.42
C ILE X 38 -50.04 -18.97 5.11
N HIS X 39 -50.99 -18.73 4.20
CA HIS X 39 -50.69 -18.22 2.88
C HIS X 39 -51.73 -17.20 2.48
N ASN X 40 -51.32 -16.28 1.61
CA ASN X 40 -52.20 -15.24 1.07
C ASN X 40 -52.82 -14.40 2.17
N VAL X 41 -52.02 -14.06 3.18
CA VAL X 41 -52.47 -13.11 4.20
C VAL X 41 -52.63 -11.74 3.57
N LEU X 42 -53.66 -11.01 3.99
CA LEU X 42 -53.92 -9.69 3.44
C LEU X 42 -53.46 -8.61 4.39
N VAL X 43 -52.90 -7.55 3.83
CA VAL X 43 -52.46 -6.39 4.58
C VAL X 43 -53.22 -5.18 4.06
N ILE X 44 -53.84 -4.44 4.96
CA ILE X 44 -54.55 -3.22 4.60
C ILE X 44 -53.83 -2.05 5.25
N THR X 45 -53.31 -1.15 4.42
CA THR X 45 -52.47 -0.07 4.89
C THR X 45 -53.25 1.23 4.89
N GLY X 46 -52.96 2.08 5.88
CA GLY X 46 -53.73 3.28 6.09
C GLY X 46 -54.94 3.09 6.96
N TYR X 47 -54.95 2.05 7.79
CA TYR X 47 -56.06 1.77 8.68
C TYR X 47 -55.50 1.25 9.99
N ALA X 48 -56.18 1.58 11.08
CA ALA X 48 -55.78 1.14 12.39
C ALA X 48 -56.90 0.34 13.04
N VAL X 49 -56.55 -0.43 14.05
CA VAL X 49 -57.51 -1.23 14.78
C VAL X 49 -58.13 -0.36 15.88
N ASP X 50 -59.42 -0.58 16.13
CA ASP X 50 -60.19 0.12 17.14
C ASP X 50 -60.63 -0.90 18.19
N GLU X 51 -59.66 -1.68 18.69
CA GLU X 51 -59.86 -2.94 19.39
C GLU X 51 -61.08 -3.00 20.31
N LYS X 52 -61.39 -1.93 21.03
CA LYS X 52 -62.67 -1.85 21.72
C LYS X 52 -63.76 -1.70 20.67
N ASN X 53 -64.50 -2.78 20.41
CA ASN X 53 -65.25 -2.96 19.16
C ASN X 53 -64.29 -2.91 17.98
N GLY X 54 -63.43 -3.93 17.94
CA GLY X 54 -62.35 -3.97 16.97
C GLY X 54 -62.79 -3.97 15.52
N ARG X 55 -62.62 -2.83 14.87
CA ARG X 55 -62.78 -2.71 13.43
C ARG X 55 -61.66 -1.82 12.92
N LEU X 56 -61.70 -1.46 11.65
CA LEU X 56 -60.62 -0.70 11.04
C LEU X 56 -61.04 0.75 10.84
N VAL X 57 -60.12 1.65 11.11
CA VAL X 57 -60.37 3.09 11.06
C VAL X 57 -59.41 3.68 10.02
N PRO X 58 -59.88 4.49 9.10
CA PRO X 58 -58.99 5.06 8.07
C PRO X 58 -58.19 6.24 8.61
N THR X 59 -56.91 6.02 8.85
CA THR X 59 -55.97 7.12 8.99
C THR X 59 -55.19 7.27 7.69
N LEU X 60 -54.80 8.50 7.39
CA LEU X 60 -54.10 8.76 6.14
C LEU X 60 -52.61 8.44 6.23
N ASP X 61 -52.20 7.61 7.20
CA ASP X 61 -50.81 7.30 7.40
C ASP X 61 -50.45 6.04 6.64
N PRO X 62 -49.56 6.09 5.64
CA PRO X 62 -49.14 4.87 4.96
C PRO X 62 -48.32 3.95 5.83
N CYS X 63 -47.96 4.37 7.03
CA CYS X 63 -47.22 3.52 7.95
C CYS X 63 -48.10 2.63 8.80
N ASP X 64 -49.41 2.90 8.83
CA ASP X 64 -50.33 2.10 9.62
C ASP X 64 -50.91 0.98 8.77
N TYR X 65 -50.83 -0.24 9.28
CA TYR X 65 -51.35 -1.38 8.55
C TYR X 65 -51.99 -2.35 9.53
N VAL X 66 -52.95 -3.12 9.01
CA VAL X 66 -53.56 -4.21 9.75
C VAL X 66 -53.45 -5.46 8.89
N LYS X 67 -53.02 -6.55 9.51
CA LYS X 67 -52.88 -7.83 8.83
C LYS X 67 -54.02 -8.75 9.25
N GLY X 68 -54.70 -9.32 8.27
CA GLY X 68 -55.80 -10.22 8.54
C GLY X 68 -55.94 -11.21 7.41
N ILE X 69 -56.99 -12.03 7.49
CA ILE X 69 -57.18 -13.08 6.50
C ILE X 69 -58.51 -12.87 5.78
N LEU X 70 -58.54 -13.30 4.52
CA LEU X 70 -59.73 -13.20 3.69
C LEU X 70 -60.42 -14.56 3.64
N VAL X 71 -61.69 -14.59 4.05
CA VAL X 71 -62.47 -15.82 3.98
C VAL X 71 -63.71 -15.57 3.15
N ALA X 72 -64.18 -16.60 2.47
CA ALA X 72 -65.42 -16.47 1.73
C ALA X 72 -66.58 -16.33 2.69
N GLY X 73 -67.39 -15.29 2.51
CA GLY X 73 -68.46 -15.02 3.43
C GLY X 73 -69.20 -13.75 3.09
N THR X 74 -70.05 -13.34 4.03
CA THR X 74 -70.88 -12.15 3.96
C THR X 74 -71.14 -11.84 5.43
N PRO X 75 -70.87 -10.62 5.89
CA PRO X 75 -70.60 -10.44 7.32
C PRO X 75 -71.71 -10.84 8.28
N GLN X 76 -72.82 -10.10 8.33
CA GLN X 76 -73.88 -10.51 9.26
C GLN X 76 -75.28 -10.10 8.83
N GLN X 77 -75.46 -9.41 7.71
CA GLN X 77 -76.76 -8.99 7.20
C GLN X 77 -77.50 -8.01 8.11
N ALA X 78 -76.90 -7.65 9.25
CA ALA X 78 -77.41 -6.59 10.10
C ALA X 78 -76.58 -5.31 9.95
N GLN X 79 -76.14 -5.02 8.72
CA GLN X 79 -75.03 -4.13 8.44
C GLN X 79 -75.26 -3.38 7.13
N SER X 80 -74.15 -2.97 6.50
CA SER X 80 -74.04 -1.99 5.42
C SER X 80 -73.94 -0.59 6.02
N ASN X 81 -73.70 -0.54 7.33
CA ASN X 81 -73.35 0.71 7.98
C ASN X 81 -71.97 0.68 8.64
N ASP X 82 -71.35 -0.49 8.76
CA ASP X 82 -70.03 -0.59 9.36
C ASP X 82 -69.14 -1.55 8.57
N PHE X 83 -69.27 -1.54 7.25
CA PHE X 83 -68.45 -2.38 6.40
C PHE X 83 -68.14 -1.66 5.11
N LEU X 84 -66.86 -1.59 4.77
CA LEU X 84 -66.44 -1.17 3.44
C LEU X 84 -66.59 -2.37 2.51
N THR X 85 -67.51 -2.28 1.56
CA THR X 85 -67.68 -3.33 0.56
C THR X 85 -67.20 -2.79 -0.77
N LEU X 86 -66.41 -3.57 -1.48
CA LEU X 86 -65.75 -3.05 -2.67
C LEU X 86 -65.28 -4.18 -3.57
N LYS X 87 -65.26 -3.92 -4.87
CA LYS X 87 -64.94 -4.92 -5.88
C LYS X 87 -63.56 -4.61 -6.46
N LEU X 88 -62.61 -5.52 -6.26
CA LEU X 88 -61.23 -5.35 -6.68
C LEU X 88 -60.77 -6.53 -7.52
N PRO X 89 -59.96 -6.29 -8.53
CA PRO X 89 -59.56 -7.40 -9.41
C PRO X 89 -58.40 -8.22 -8.88
N ALA X 90 -58.39 -8.51 -7.58
CA ALA X 90 -57.56 -9.55 -6.99
C ALA X 90 -56.06 -9.33 -7.20
N ASN X 91 -55.70 -8.27 -7.91
CA ASN X 91 -54.32 -7.90 -8.11
C ASN X 91 -53.97 -6.59 -7.43
N LYS X 92 -54.96 -5.88 -6.90
CA LYS X 92 -54.75 -4.77 -6.01
C LYS X 92 -54.65 -5.21 -4.56
N LEU X 93 -54.85 -6.49 -4.29
CA LEU X 93 -54.75 -6.99 -2.93
C LEU X 93 -53.29 -7.12 -2.55
N TYR X 94 -52.87 -6.34 -1.56
CA TYR X 94 -51.52 -6.45 -1.02
C TYR X 94 -51.48 -7.70 -0.15
N LEU X 95 -51.30 -8.82 -0.82
CA LEU X 95 -51.24 -10.12 -0.17
C LEU X 95 -49.80 -10.46 0.18
N ILE X 96 -49.65 -11.28 1.22
CA ILE X 96 -48.36 -11.62 1.78
C ILE X 96 -48.26 -13.14 1.86
N ARG X 97 -47.07 -13.66 1.61
CA ARG X 97 -46.84 -15.11 1.54
C ARG X 97 -47.75 -15.75 0.51
N LYS X 98 -47.70 -15.22 -0.70
CA LYS X 98 -48.54 -15.71 -1.78
C LYS X 98 -48.27 -17.19 -2.04
N LYS X 99 -49.30 -17.89 -2.50
CA LYS X 99 -49.17 -19.27 -2.94
C LYS X 99 -49.45 -19.42 -4.43
N GLY X 100 -50.60 -18.95 -4.89
CA GLY X 100 -50.97 -19.02 -6.29
C GLY X 100 -51.52 -17.68 -6.75
N ASN X 101 -52.49 -17.75 -7.66
CA ASN X 101 -53.15 -16.57 -8.18
C ASN X 101 -54.63 -16.59 -7.81
N ILE X 102 -55.28 -15.45 -7.95
CA ILE X 102 -56.67 -15.28 -7.53
C ILE X 102 -57.53 -15.03 -8.76
N SER X 103 -58.86 -15.11 -8.58
CA SER X 103 -59.83 -15.17 -9.65
C SER X 103 -60.09 -13.82 -10.33
N ASP X 104 -59.21 -12.84 -10.14
CA ASP X 104 -59.20 -11.59 -10.89
C ASP X 104 -60.43 -10.72 -10.67
N ASP X 105 -61.34 -11.09 -9.78
CA ASP X 105 -62.42 -10.19 -9.38
C ASP X 105 -63.02 -10.70 -8.08
N LEU X 106 -62.99 -9.87 -7.06
CA LEU X 106 -63.46 -10.26 -5.74
C LEU X 106 -64.25 -9.11 -5.12
N LYS X 107 -65.16 -9.47 -4.24
CA LYS X 107 -65.90 -8.52 -3.44
C LYS X 107 -65.42 -8.65 -2.01
N ILE X 108 -64.90 -7.57 -1.44
CA ILE X 108 -64.28 -7.56 -0.13
C ILE X 108 -65.15 -6.75 0.81
N TYR X 109 -65.39 -7.30 2.00
CA TYR X 109 -66.09 -6.61 3.08
C TYR X 109 -65.11 -6.43 4.23
N ILE X 110 -64.90 -5.19 4.64
CA ILE X 110 -63.93 -4.84 5.67
C ILE X 110 -64.69 -4.25 6.84
N PRO X 111 -64.45 -4.71 8.07
CA PRO X 111 -65.05 -4.06 9.25
C PRO X 111 -64.56 -2.64 9.39
N TYR X 112 -65.44 -1.67 9.17
CA TYR X 112 -65.06 -0.28 9.01
C TYR X 112 -65.57 0.54 10.19
N SER X 113 -65.04 1.75 10.31
CA SER X 113 -65.46 2.69 11.34
C SER X 113 -65.22 4.10 10.84
N SER X 114 -65.91 5.01 11.40
CA SER X 114 -65.52 6.34 10.97
C SER X 114 -64.44 6.90 11.90
N PRO X 115 -63.64 7.84 11.42
CA PRO X 115 -62.46 8.27 12.19
C PRO X 115 -62.76 8.86 13.56
N ASP X 116 -63.96 9.40 13.79
CA ASP X 116 -64.29 10.03 15.07
C ASP X 116 -63.31 11.17 15.40
N ALA X 117 -63.42 12.23 14.61
CA ALA X 117 -62.47 13.33 14.72
C ALA X 117 -62.75 14.16 15.97
N ARG X 118 -62.81 13.49 17.11
CA ARG X 118 -62.96 14.13 18.41
C ARG X 118 -61.90 13.66 19.39
N ASN X 119 -60.93 12.88 18.92
CA ASN X 119 -59.77 12.48 19.71
C ASN X 119 -58.69 12.07 18.72
N SER X 120 -57.49 12.60 18.87
CA SER X 120 -56.48 12.50 17.83
C SER X 120 -56.07 11.04 17.64
N MET X 121 -56.19 10.56 16.39
CA MET X 121 -55.83 9.19 16.08
C MET X 121 -54.32 9.03 16.09
N LYS X 122 -53.77 8.68 17.24
CA LYS X 122 -52.35 8.41 17.39
C LYS X 122 -52.19 6.90 17.56
N THR X 123 -51.68 6.24 16.54
CA THR X 123 -51.64 4.79 16.49
C THR X 123 -50.36 4.26 17.14
N LYS X 124 -50.45 3.04 17.64
CA LYS X 124 -49.32 2.34 18.24
C LYS X 124 -49.23 0.95 17.63
N PRO X 125 -48.03 0.48 17.34
CA PRO X 125 -47.88 -0.86 16.78
C PRO X 125 -48.10 -1.92 17.85
N VAL X 126 -48.69 -3.04 17.42
CA VAL X 126 -48.91 -4.18 18.30
C VAL X 126 -48.52 -5.44 17.54
N SER X 127 -47.68 -6.26 18.15
CA SER X 127 -47.32 -7.55 17.61
C SER X 127 -47.98 -8.65 18.43
N ILE X 128 -48.35 -9.74 17.77
CA ILE X 128 -49.08 -10.82 18.42
C ILE X 128 -48.07 -11.74 19.09
N SER X 129 -47.92 -11.57 20.39
CA SER X 129 -47.20 -12.45 21.29
C SER X 129 -48.26 -12.98 22.24
N ASP X 130 -47.85 -13.47 23.42
CA ASP X 130 -48.82 -13.95 24.39
C ASP X 130 -49.50 -15.23 23.92
N ASP X 131 -48.71 -16.29 23.79
CA ASP X 131 -49.21 -17.59 23.34
C ASP X 131 -50.38 -18.11 24.16
N THR X 132 -50.69 -17.48 25.30
CA THR X 132 -51.92 -17.75 26.02
C THR X 132 -53.15 -17.27 25.25
N ILE X 133 -52.96 -16.43 24.24
CA ILE X 133 -54.05 -15.87 23.47
C ILE X 133 -54.11 -16.45 22.05
N VAL X 134 -52.95 -16.75 21.46
CA VAL X 134 -52.95 -17.44 20.17
C VAL X 134 -53.71 -18.76 20.27
N ASN X 135 -53.79 -19.33 21.48
CA ASN X 135 -54.62 -20.51 21.68
C ASN X 135 -56.06 -20.23 21.31
N ASN X 136 -56.65 -19.17 21.89
CA ASN X 136 -58.03 -18.85 21.54
C ASN X 136 -58.15 -18.22 20.15
N ILE X 137 -57.06 -17.72 19.56
CA ILE X 137 -57.12 -17.34 18.16
C ILE X 137 -57.32 -18.58 17.29
N ILE X 138 -56.55 -19.63 17.56
CA ILE X 138 -56.74 -20.88 16.84
C ILE X 138 -58.09 -21.50 17.16
N LYS X 139 -58.57 -21.32 18.38
CA LYS X 139 -59.82 -21.95 18.80
C LYS X 139 -61.04 -21.19 18.31
N GLU X 140 -60.90 -19.91 18.00
CA GLU X 140 -62.03 -19.10 17.54
C GLU X 140 -62.01 -18.87 16.03
N VAL X 141 -60.93 -18.30 15.48
CA VAL X 141 -60.93 -18.01 14.06
C VAL X 141 -60.45 -19.20 13.24
N PHE X 142 -59.50 -19.97 13.78
CA PHE X 142 -58.86 -21.03 13.00
C PHE X 142 -59.49 -22.39 13.22
N ASP X 143 -60.73 -22.43 13.66
CA ASP X 143 -61.52 -23.65 13.63
C ASP X 143 -62.87 -23.43 12.97
N LYS X 144 -63.50 -22.27 13.19
CA LYS X 144 -64.75 -21.97 12.50
C LYS X 144 -64.56 -21.75 11.02
N ILE X 145 -63.31 -21.59 10.56
CA ILE X 145 -63.06 -21.37 9.14
C ILE X 145 -62.10 -22.44 8.64
N TYR X 146 -61.24 -22.94 9.54
CA TYR X 146 -60.37 -24.07 9.21
C TYR X 146 -60.47 -25.09 10.34
N ASN X 147 -61.51 -25.91 10.31
CA ASN X 147 -61.54 -27.02 11.25
C ASN X 147 -60.76 -28.20 10.71
N ILE X 148 -60.30 -28.11 9.46
CA ILE X 148 -59.33 -29.07 8.93
C ILE X 148 -58.07 -29.08 9.78
N THR X 149 -57.83 -28.03 10.55
CA THR X 149 -56.79 -28.04 11.55
C THR X 149 -57.13 -29.06 12.64
N GLN X 150 -56.09 -29.74 13.15
CA GLN X 150 -56.24 -30.86 14.08
C GLN X 150 -56.93 -32.05 13.41
N LYS X 151 -56.80 -32.14 12.09
CA LYS X 151 -57.22 -33.31 11.31
C LYS X 151 -56.10 -33.83 10.44
N GLU X 152 -55.29 -32.94 9.86
CA GLU X 152 -54.10 -33.32 9.12
C GLU X 152 -52.90 -32.45 9.47
N LYS X 153 -53.10 -31.26 10.00
CA LYS X 153 -52.00 -30.38 10.42
C LYS X 153 -51.65 -30.72 11.86
N VAL X 154 -50.78 -31.73 12.02
CA VAL X 154 -50.16 -31.97 13.32
C VAL X 154 -49.02 -31.00 13.56
N LYS X 155 -48.65 -30.22 12.56
CA LYS X 155 -47.68 -29.15 12.72
C LYS X 155 -48.36 -27.90 13.25
N ILE X 156 -49.11 -28.02 14.34
CA ILE X 156 -49.78 -26.86 14.91
C ILE X 156 -48.76 -25.86 15.41
N GLU X 157 -47.59 -26.34 15.86
CA GLU X 157 -46.51 -25.42 16.22
C GLU X 157 -46.13 -24.52 15.05
N LYS X 158 -46.23 -25.03 13.82
CA LYS X 158 -45.90 -24.23 12.66
C LYS X 158 -46.98 -23.20 12.35
N VAL X 159 -48.24 -23.65 12.32
CA VAL X 159 -49.33 -22.72 12.04
C VAL X 159 -49.49 -21.70 13.15
N LYS X 160 -48.94 -21.96 14.34
CA LYS X 160 -49.06 -21.02 15.45
C LYS X 160 -47.79 -20.23 15.70
N GLU X 161 -46.67 -20.61 15.08
CA GLU X 161 -45.46 -19.82 15.21
C GLU X 161 -45.44 -18.64 14.25
N ASP X 162 -46.18 -18.71 13.15
CA ASP X 162 -46.23 -17.58 12.24
C ASP X 162 -47.25 -16.55 12.70
N ILE X 163 -48.37 -16.99 13.27
CA ILE X 163 -49.27 -16.07 13.95
C ILE X 163 -48.48 -15.19 14.92
N LYS X 164 -47.42 -15.75 15.50
CA LYS X 164 -46.53 -14.97 16.32
C LYS X 164 -45.63 -14.04 15.53
N GLU X 165 -45.52 -14.23 14.21
CA GLU X 165 -44.59 -13.40 13.45
C GLU X 165 -45.22 -12.81 12.19
N LEU X 166 -46.23 -13.48 11.64
CA LEU X 166 -46.86 -13.01 10.42
C LEU X 166 -47.99 -12.03 10.69
N PHE X 167 -48.45 -11.91 11.93
CA PHE X 167 -49.57 -11.05 12.25
C PHE X 167 -49.12 -9.98 13.23
N SER X 168 -49.49 -8.74 12.93
CA SER X 168 -49.16 -7.55 13.69
C SER X 168 -49.91 -6.41 13.02
N TYR X 169 -50.16 -5.35 13.76
CA TYR X 169 -51.07 -4.33 13.27
C TYR X 169 -50.83 -3.03 14.03
N TYR X 170 -51.67 -2.05 13.77
CA TYR X 170 -51.62 -0.76 14.45
C TYR X 170 -52.96 -0.47 15.10
N ALA X 171 -52.95 -0.28 16.40
CA ALA X 171 -54.17 0.02 17.15
C ALA X 171 -54.04 1.39 17.78
N LEU X 172 -55.15 2.13 17.84
CA LEU X 172 -55.12 3.46 18.44
C LEU X 172 -54.74 3.39 19.91
N GLU X 173 -55.06 2.29 20.59
CA GLU X 173 -54.79 2.10 22.02
C GLU X 173 -55.24 3.31 22.82
N GLN X 174 -56.51 3.69 22.63
CA GLN X 174 -57.08 4.84 23.31
C GLN X 174 -58.55 4.59 23.63
N SER Y 2 -63.46 -13.38 -58.81
CA SER Y 2 -62.08 -13.09 -58.41
C SER Y 2 -61.76 -13.73 -57.07
N THR Y 3 -60.98 -13.01 -56.25
CA THR Y 3 -60.68 -13.46 -54.89
C THR Y 3 -60.57 -12.22 -54.01
N GLN Y 4 -61.69 -11.86 -53.40
CA GLN Y 4 -61.81 -10.66 -52.60
C GLN Y 4 -61.97 -11.01 -51.13
N ARG Y 5 -61.37 -10.19 -50.28
CA ARG Y 5 -61.50 -10.28 -48.85
C ARG Y 5 -61.62 -8.88 -48.29
N GLU Y 6 -62.38 -8.75 -47.21
CA GLU Y 6 -62.44 -7.51 -46.47
C GLU Y 6 -61.87 -7.78 -45.09
N TYR Y 7 -61.18 -6.78 -44.55
CA TYR Y 7 -60.50 -6.89 -43.27
C TYR Y 7 -61.40 -6.28 -42.20
N VAL Y 8 -61.97 -7.12 -41.35
CA VAL Y 8 -62.78 -6.64 -40.25
C VAL Y 8 -61.91 -6.58 -39.00
N PHE Y 9 -61.77 -5.37 -38.48
CA PHE Y 9 -61.05 -5.11 -37.23
C PHE Y 9 -61.81 -5.74 -36.06
N ILE Y 10 -61.07 -6.01 -34.99
CA ILE Y 10 -61.66 -6.62 -33.81
C ILE Y 10 -61.43 -5.75 -32.58
N PRO Y 11 -62.05 -4.57 -32.50
CA PRO Y 11 -61.93 -3.75 -31.30
C PRO Y 11 -62.92 -4.18 -30.24
N ILE Y 12 -63.05 -3.39 -29.17
CA ILE Y 12 -64.01 -3.71 -28.13
C ILE Y 12 -65.32 -2.96 -28.36
N THR Y 13 -65.50 -2.46 -29.57
CA THR Y 13 -66.75 -1.82 -29.97
C THR Y 13 -67.49 -2.67 -30.98
N ASN Y 14 -68.79 -2.39 -31.13
CA ASN Y 14 -69.71 -3.26 -31.84
C ASN Y 14 -70.22 -2.64 -33.14
N SER Y 15 -69.34 -1.96 -33.88
CA SER Y 15 -69.76 -1.11 -35.00
C SER Y 15 -69.29 -1.62 -36.36
N ILE Y 16 -69.12 -2.93 -36.50
CA ILE Y 16 -68.68 -3.52 -37.77
C ILE Y 16 -69.49 -4.73 -38.17
N THR Y 17 -70.57 -5.06 -37.45
CA THR Y 17 -71.40 -6.21 -37.77
C THR Y 17 -72.20 -6.01 -39.06
N ILE Y 18 -71.90 -4.97 -39.81
CA ILE Y 18 -72.69 -4.58 -40.98
C ILE Y 18 -71.92 -4.79 -42.28
N ASP Y 19 -70.76 -4.15 -42.41
CA ASP Y 19 -70.14 -3.93 -43.72
C ASP Y 19 -69.51 -5.22 -44.27
N VAL Y 20 -70.35 -6.24 -44.41
CA VAL Y 20 -69.98 -7.47 -45.09
C VAL Y 20 -71.22 -7.94 -45.85
N LYS Y 21 -71.19 -7.85 -47.18
CA LYS Y 21 -72.32 -8.26 -48.00
C LYS Y 21 -72.06 -9.54 -48.78
N ILE Y 22 -71.08 -10.33 -48.35
CA ILE Y 22 -70.85 -11.64 -48.96
C ILE Y 22 -70.87 -12.71 -47.89
N THR Y 23 -69.92 -12.65 -46.96
CA THR Y 23 -69.86 -13.45 -45.75
C THR Y 23 -69.53 -14.91 -46.03
N ILE Y 24 -69.73 -15.37 -47.26
CA ILE Y 24 -69.36 -16.74 -47.63
C ILE Y 24 -68.60 -16.73 -48.95
N GLY Y 25 -69.23 -16.19 -49.99
CA GLY Y 25 -68.62 -16.05 -51.30
C GLY Y 25 -68.46 -17.37 -52.01
N GLY Y 26 -67.49 -18.16 -51.56
CA GLY Y 26 -67.30 -19.51 -52.04
C GLY Y 26 -67.52 -20.48 -50.91
N SER Y 27 -66.43 -21.07 -50.41
CA SER Y 27 -66.51 -21.87 -49.20
C SER Y 27 -65.29 -21.65 -48.29
N ASP Y 28 -64.47 -20.63 -48.55
CA ASP Y 28 -63.22 -20.45 -47.83
C ASP Y 28 -63.12 -19.04 -47.26
N HIS Y 29 -62.37 -18.93 -46.18
CA HIS Y 29 -61.90 -17.67 -45.64
C HIS Y 29 -60.39 -17.78 -45.41
N ILE Y 30 -59.76 -16.64 -45.19
CA ILE Y 30 -58.34 -16.64 -44.86
C ILE Y 30 -58.13 -16.88 -43.37
N THR Y 31 -58.80 -16.13 -42.52
CA THR Y 31 -58.78 -16.43 -41.10
C THR Y 31 -59.63 -17.65 -40.81
N ASN Y 32 -59.07 -18.62 -40.10
CA ASN Y 32 -59.73 -19.89 -39.83
C ASN Y 32 -59.90 -20.08 -38.34
N ILE Y 33 -60.82 -20.98 -37.98
CA ILE Y 33 -60.97 -21.43 -36.60
C ILE Y 33 -61.15 -22.94 -36.61
N ASP Y 34 -60.06 -23.67 -36.36
CA ASP Y 34 -60.05 -25.11 -36.52
C ASP Y 34 -59.39 -25.75 -35.30
N GLU Y 35 -60.19 -26.05 -34.28
CA GLU Y 35 -59.90 -26.97 -33.18
C GLU Y 35 -58.57 -26.70 -32.47
N ARG Y 36 -57.95 -25.58 -32.78
CA ARG Y 36 -56.76 -25.14 -32.05
C ARG Y 36 -56.76 -23.66 -31.72
N GLY Y 37 -57.61 -22.87 -32.34
CA GLY Y 37 -57.66 -21.44 -32.14
C GLY Y 37 -57.76 -20.75 -33.47
N ILE Y 38 -57.69 -19.43 -33.42
CA ILE Y 38 -57.80 -18.61 -34.63
C ILE Y 38 -56.48 -18.64 -35.38
N HIS Y 39 -56.55 -18.66 -36.70
CA HIS Y 39 -55.37 -18.73 -37.54
C HIS Y 39 -55.39 -17.62 -38.58
N ASN Y 40 -54.22 -17.31 -39.10
CA ASN Y 40 -54.04 -16.34 -40.19
C ASN Y 40 -54.57 -14.97 -39.81
N VAL Y 41 -54.51 -14.63 -38.53
CA VAL Y 41 -54.94 -13.32 -38.06
C VAL Y 41 -54.12 -12.24 -38.76
N LEU Y 42 -54.79 -11.24 -39.29
CA LEU Y 42 -54.10 -10.17 -40.01
C LEU Y 42 -53.72 -9.07 -39.05
N VAL Y 43 -52.53 -8.51 -39.26
CA VAL Y 43 -52.03 -7.36 -38.53
C VAL Y 43 -51.73 -6.27 -39.53
N ILE Y 44 -52.18 -5.06 -39.26
CA ILE Y 44 -51.91 -3.92 -40.12
C ILE Y 44 -51.17 -2.87 -39.30
N THR Y 45 -50.02 -2.45 -39.78
CA THR Y 45 -49.18 -1.52 -39.05
C THR Y 45 -49.29 -0.13 -39.64
N GLY Y 46 -49.05 0.87 -38.80
CA GLY Y 46 -49.20 2.25 -39.21
C GLY Y 46 -50.62 2.73 -39.24
N TYR Y 47 -51.54 2.03 -38.58
CA TYR Y 47 -52.95 2.36 -38.60
C TYR Y 47 -53.51 2.19 -37.19
N ALA Y 48 -54.46 3.06 -36.85
CA ALA Y 48 -55.13 3.01 -35.57
C ALA Y 48 -56.63 3.06 -35.79
N VAL Y 49 -57.39 2.58 -34.80
CA VAL Y 49 -58.84 2.53 -34.94
C VAL Y 49 -59.43 3.83 -34.45
N ASP Y 50 -60.66 4.10 -34.88
CA ASP Y 50 -61.36 5.34 -34.63
C ASP Y 50 -62.80 5.05 -34.21
N GLU Y 51 -62.97 4.29 -33.13
CA GLU Y 51 -64.27 3.72 -32.73
C GLU Y 51 -65.47 4.61 -33.03
N LYS Y 52 -65.32 5.92 -32.82
CA LYS Y 52 -66.31 6.89 -33.32
C LYS Y 52 -66.13 6.98 -34.83
N ASN Y 53 -67.03 6.34 -35.58
CA ASN Y 53 -66.79 6.01 -36.99
C ASN Y 53 -65.63 5.02 -37.12
N GLY Y 54 -65.87 3.85 -36.55
CA GLY Y 54 -64.84 2.83 -36.43
C GLY Y 54 -64.23 2.39 -37.74
N ARG Y 55 -63.01 2.83 -37.99
CA ARG Y 55 -62.25 2.46 -39.18
C ARG Y 55 -60.78 2.49 -38.80
N LEU Y 56 -59.90 2.52 -39.80
CA LEU Y 56 -58.47 2.56 -39.56
C LEU Y 56 -57.94 3.88 -40.10
N VAL Y 57 -57.28 4.64 -39.25
CA VAL Y 57 -56.73 5.94 -39.61
C VAL Y 57 -55.24 5.77 -39.89
N PRO Y 58 -54.74 6.23 -41.02
CA PRO Y 58 -53.33 6.01 -41.33
C PRO Y 58 -52.41 6.88 -40.49
N THR Y 59 -51.78 6.27 -39.48
CA THR Y 59 -50.70 6.90 -38.77
C THR Y 59 -49.43 6.72 -39.60
N LEU Y 60 -48.31 7.27 -39.13
CA LEU Y 60 -47.02 6.91 -39.67
C LEU Y 60 -46.18 6.16 -38.66
N ASP Y 61 -46.71 5.92 -37.47
CA ASP Y 61 -46.00 5.25 -36.41
C ASP Y 61 -45.97 3.75 -36.68
N PRO Y 62 -44.79 3.16 -36.89
CA PRO Y 62 -44.71 1.72 -37.07
C PRO Y 62 -45.05 0.93 -35.83
N CYS Y 63 -45.24 1.57 -34.68
CA CYS Y 63 -45.66 0.88 -33.47
C CYS Y 63 -47.17 0.87 -33.30
N ASP Y 64 -47.91 1.44 -34.25
CA ASP Y 64 -49.37 1.38 -34.27
C ASP Y 64 -49.81 0.22 -35.15
N TYR Y 65 -50.63 -0.65 -34.59
CA TYR Y 65 -51.13 -1.78 -35.36
C TYR Y 65 -52.57 -2.06 -34.97
N VAL Y 66 -53.30 -2.65 -35.92
CA VAL Y 66 -54.65 -3.12 -35.71
C VAL Y 66 -54.68 -4.59 -36.10
N LYS Y 67 -55.12 -5.45 -35.19
CA LYS Y 67 -55.24 -6.87 -35.46
C LYS Y 67 -56.70 -7.21 -35.72
N GLY Y 68 -56.95 -7.89 -36.83
CA GLY Y 68 -58.30 -8.31 -37.16
C GLY Y 68 -58.30 -9.54 -38.03
N ILE Y 69 -59.45 -9.85 -38.64
CA ILE Y 69 -59.56 -11.06 -39.45
C ILE Y 69 -59.96 -10.70 -40.87
N LEU Y 70 -59.39 -11.42 -41.82
CA LEU Y 70 -59.70 -11.26 -43.24
C LEU Y 70 -60.76 -12.28 -43.62
N VAL Y 71 -61.89 -11.82 -44.15
CA VAL Y 71 -62.97 -12.71 -44.55
C VAL Y 71 -63.35 -12.42 -45.99
N ALA Y 72 -63.63 -13.46 -46.75
CA ALA Y 72 -64.08 -13.30 -48.13
C ALA Y 72 -65.38 -12.48 -48.13
N GLY Y 73 -65.34 -11.31 -48.76
CA GLY Y 73 -66.47 -10.42 -48.64
C GLY Y 73 -66.38 -9.25 -49.60
N THR Y 74 -67.20 -8.25 -49.30
CA THR Y 74 -67.38 -7.00 -50.02
C THR Y 74 -68.17 -6.09 -49.08
N PRO Y 75 -67.80 -4.82 -48.93
CA PRO Y 75 -68.35 -4.04 -47.81
C PRO Y 75 -69.87 -3.86 -47.82
N GLN Y 76 -70.41 -3.03 -48.72
CA GLN Y 76 -71.86 -2.93 -48.86
C GLN Y 76 -72.28 -2.63 -50.30
N GLN Y 77 -71.32 -2.33 -51.17
CA GLN Y 77 -71.48 -1.56 -52.40
C GLN Y 77 -71.84 -0.11 -52.09
N ALA Y 78 -72.03 0.23 -50.80
CA ALA Y 78 -72.24 1.60 -50.35
C ALA Y 78 -70.92 2.28 -49.99
N GLN Y 79 -69.86 1.92 -50.69
CA GLN Y 79 -68.48 2.31 -50.42
C GLN Y 79 -67.77 2.43 -51.76
N SER Y 80 -66.45 2.27 -51.77
CA SER Y 80 -65.55 2.59 -52.87
C SER Y 80 -65.32 4.09 -52.90
N ASN Y 81 -65.51 4.72 -51.75
CA ASN Y 81 -65.01 6.06 -51.49
C ASN Y 81 -64.39 6.20 -50.10
N ASP Y 82 -64.59 5.23 -49.20
CA ASP Y 82 -64.04 5.29 -47.86
C ASP Y 82 -63.43 3.95 -47.44
N PHE Y 83 -62.83 3.24 -48.39
CA PHE Y 83 -62.21 1.94 -48.16
C PHE Y 83 -60.90 1.87 -48.93
N LEU Y 84 -59.84 1.42 -48.26
CA LEU Y 84 -58.63 1.07 -49.01
C LEU Y 84 -58.89 -0.20 -49.80
N THR Y 85 -58.85 -0.07 -51.12
CA THR Y 85 -58.94 -1.21 -52.02
C THR Y 85 -57.55 -1.49 -52.56
N LEU Y 86 -57.03 -2.68 -52.26
CA LEU Y 86 -55.66 -2.98 -52.65
C LEU Y 86 -55.51 -4.45 -53.02
N LYS Y 87 -54.87 -4.69 -54.15
CA LYS Y 87 -54.54 -6.04 -54.61
C LYS Y 87 -53.06 -6.29 -54.35
N LEU Y 88 -52.77 -7.38 -53.65
CA LEU Y 88 -51.39 -7.69 -53.31
C LEU Y 88 -51.20 -9.19 -53.25
N PRO Y 89 -49.99 -9.70 -53.50
CA PRO Y 89 -49.81 -11.13 -53.71
C PRO Y 89 -49.68 -11.97 -52.46
N ALA Y 90 -50.47 -11.69 -51.43
CA ALA Y 90 -50.74 -12.66 -50.37
C ALA Y 90 -49.50 -13.09 -49.60
N ASN Y 91 -48.34 -12.62 -49.99
CA ASN Y 91 -47.12 -12.82 -49.21
C ASN Y 91 -46.59 -11.50 -48.72
N LYS Y 92 -47.22 -10.40 -49.08
CA LYS Y 92 -47.06 -9.14 -48.38
C LYS Y 92 -47.97 -9.05 -47.16
N LEU Y 93 -48.82 -10.04 -46.95
CA LEU Y 93 -49.72 -10.05 -45.81
C LEU Y 93 -48.93 -10.35 -44.54
N TYR Y 94 -49.03 -9.45 -43.56
CA TYR Y 94 -48.39 -9.69 -42.27
C TYR Y 94 -49.39 -10.44 -41.42
N LEU Y 95 -49.35 -11.76 -41.53
CA LEU Y 95 -50.24 -12.65 -40.81
C LEU Y 95 -49.54 -13.26 -39.61
N ILE Y 96 -50.30 -13.49 -38.55
CA ILE Y 96 -49.81 -14.18 -37.37
C ILE Y 96 -50.67 -15.42 -37.18
N ARG Y 97 -50.11 -16.37 -36.44
CA ARG Y 97 -50.77 -17.67 -36.20
C ARG Y 97 -51.02 -18.38 -37.54
N LYS Y 98 -50.00 -18.42 -38.37
CA LYS Y 98 -50.17 -18.96 -39.72
C LYS Y 98 -50.39 -20.46 -39.68
N LYS Y 99 -51.33 -20.93 -40.50
CA LYS Y 99 -51.64 -22.34 -40.60
C LYS Y 99 -51.36 -22.90 -41.97
N GLY Y 100 -51.86 -22.28 -43.03
CA GLY Y 100 -51.68 -22.80 -44.37
C GLY Y 100 -50.98 -21.84 -45.31
N ASN Y 101 -51.42 -21.79 -46.55
CA ASN Y 101 -50.88 -20.89 -47.55
C ASN Y 101 -52.00 -20.12 -48.22
N ILE Y 102 -51.62 -19.09 -48.97
CA ILE Y 102 -52.57 -18.13 -49.50
C ILE Y 102 -52.44 -18.08 -51.02
N SER Y 103 -53.47 -17.55 -51.67
CA SER Y 103 -53.69 -17.66 -53.11
C SER Y 103 -52.69 -16.85 -53.94
N ASP Y 104 -51.72 -16.20 -53.32
CA ASP Y 104 -50.65 -15.47 -54.00
C ASP Y 104 -51.16 -14.26 -54.80
N ASP Y 105 -52.45 -13.94 -54.69
CA ASP Y 105 -52.99 -12.69 -55.24
C ASP Y 105 -54.35 -12.46 -54.62
N LEU Y 106 -54.53 -11.36 -53.92
CA LEU Y 106 -55.79 -11.09 -53.25
C LEU Y 106 -56.20 -9.64 -53.44
N LYS Y 107 -57.51 -9.42 -53.50
CA LYS Y 107 -58.07 -8.09 -53.34
C LYS Y 107 -58.50 -7.97 -51.88
N ILE Y 108 -58.20 -6.82 -51.26
CA ILE Y 108 -58.49 -6.62 -49.85
C ILE Y 108 -59.07 -5.23 -49.67
N TYR Y 109 -60.17 -5.16 -48.93
CA TYR Y 109 -60.85 -3.91 -48.61
C TYR Y 109 -60.69 -3.65 -47.13
N ILE Y 110 -60.11 -2.51 -46.79
CA ILE Y 110 -59.84 -2.13 -45.41
C ILE Y 110 -60.68 -0.91 -45.08
N PRO Y 111 -61.41 -0.92 -43.97
CA PRO Y 111 -62.14 0.29 -43.54
C PRO Y 111 -61.20 1.45 -43.32
N TYR Y 112 -61.31 2.48 -44.15
CA TYR Y 112 -60.33 3.55 -44.19
C TYR Y 112 -60.95 4.85 -43.69
N SER Y 113 -60.08 5.84 -43.47
CA SER Y 113 -60.51 7.17 -43.10
C SER Y 113 -59.44 8.16 -43.49
N SER Y 114 -59.82 9.41 -43.56
CA SER Y 114 -58.82 10.44 -43.78
C SER Y 114 -58.14 10.78 -42.45
N PRO Y 115 -56.87 11.15 -42.48
CA PRO Y 115 -56.20 11.50 -41.22
C PRO Y 115 -56.79 12.73 -40.54
N ASP Y 116 -57.37 13.67 -41.30
CA ASP Y 116 -58.01 14.84 -40.72
C ASP Y 116 -57.01 15.65 -39.88
N ALA Y 117 -56.08 16.27 -40.58
CA ALA Y 117 -54.98 16.96 -39.90
C ALA Y 117 -55.50 18.17 -39.15
N ARG Y 118 -56.29 17.91 -38.12
CA ARG Y 118 -56.98 18.89 -37.28
C ARG Y 118 -56.71 18.68 -35.81
N ASN Y 119 -56.65 17.43 -35.36
CA ASN Y 119 -56.37 17.10 -33.97
C ASN Y 119 -55.23 16.10 -33.96
N SER Y 120 -54.25 16.30 -33.08
CA SER Y 120 -53.08 15.45 -33.04
C SER Y 120 -53.48 13.99 -32.87
N MET Y 121 -52.99 13.15 -33.77
CA MET Y 121 -53.37 11.74 -33.82
C MET Y 121 -52.54 10.95 -32.80
N LYS Y 122 -52.81 11.21 -31.53
CA LYS Y 122 -52.20 10.46 -30.45
C LYS Y 122 -53.00 9.20 -30.18
N THR Y 123 -52.29 8.09 -29.98
CA THR Y 123 -52.90 6.78 -29.90
C THR Y 123 -52.55 6.10 -28.59
N LYS Y 124 -53.31 5.06 -28.26
CA LYS Y 124 -53.19 4.33 -27.02
C LYS Y 124 -53.36 2.85 -27.32
N PRO Y 125 -52.57 1.99 -26.69
CA PRO Y 125 -52.80 0.55 -26.85
C PRO Y 125 -54.08 0.12 -26.15
N VAL Y 126 -54.82 -0.76 -26.80
CA VAL Y 126 -56.06 -1.31 -26.28
C VAL Y 126 -56.01 -2.82 -26.43
N SER Y 127 -56.27 -3.53 -25.35
CA SER Y 127 -56.43 -4.98 -25.39
C SER Y 127 -57.91 -5.32 -25.18
N ILE Y 128 -58.30 -6.48 -25.68
CA ILE Y 128 -59.68 -6.92 -25.55
C ILE Y 128 -59.89 -7.44 -24.13
N SER Y 129 -60.60 -6.66 -23.33
CA SER Y 129 -61.09 -7.03 -22.01
C SER Y 129 -62.60 -6.94 -22.04
N ASP Y 130 -63.22 -7.03 -20.86
CA ASP Y 130 -64.67 -6.94 -20.72
C ASP Y 130 -65.35 -8.08 -21.47
N ASP Y 131 -65.15 -9.29 -20.93
CA ASP Y 131 -65.54 -10.52 -21.63
C ASP Y 131 -66.99 -10.51 -22.10
N THR Y 132 -67.82 -9.59 -21.60
CA THR Y 132 -69.07 -9.30 -22.27
C THR Y 132 -68.82 -8.86 -23.71
N ILE Y 133 -67.78 -8.06 -23.92
CA ILE Y 133 -67.39 -7.69 -25.28
C ILE Y 133 -66.88 -8.92 -26.03
N VAL Y 134 -66.21 -9.83 -25.34
CA VAL Y 134 -65.79 -11.08 -25.97
C VAL Y 134 -67.00 -11.84 -26.50
N ASN Y 135 -68.05 -11.92 -25.67
CA ASN Y 135 -69.26 -12.63 -26.08
C ASN Y 135 -69.91 -11.95 -27.28
N ASN Y 136 -70.13 -10.64 -27.20
CA ASN Y 136 -70.80 -9.98 -28.32
C ASN Y 136 -69.91 -9.86 -29.55
N ILE Y 137 -68.60 -10.06 -29.43
CA ILE Y 137 -67.77 -10.10 -30.63
C ILE Y 137 -67.79 -11.50 -31.22
N ILE Y 138 -68.01 -12.52 -30.40
CA ILE Y 138 -68.34 -13.84 -30.94
C ILE Y 138 -69.66 -13.77 -31.70
N LYS Y 139 -70.65 -13.09 -31.10
CA LYS Y 139 -71.98 -13.04 -31.68
C LYS Y 139 -72.00 -12.25 -32.98
N GLU Y 140 -71.41 -11.04 -32.96
CA GLU Y 140 -71.47 -10.15 -34.11
C GLU Y 140 -70.47 -10.52 -35.20
N VAL Y 141 -69.41 -11.25 -34.87
CA VAL Y 141 -68.38 -11.53 -35.86
C VAL Y 141 -68.23 -13.04 -36.03
N PHE Y 142 -67.81 -13.72 -34.97
CA PHE Y 142 -67.43 -15.11 -35.13
C PHE Y 142 -68.62 -16.03 -35.37
N ASP Y 143 -69.82 -15.59 -35.01
CA ASP Y 143 -71.02 -16.38 -35.27
C ASP Y 143 -71.52 -16.17 -36.70
N LYS Y 144 -71.88 -14.94 -37.04
CA LYS Y 144 -72.52 -14.65 -38.31
C LYS Y 144 -71.52 -14.42 -39.44
N ILE Y 145 -70.24 -14.68 -39.21
CA ILE Y 145 -69.27 -14.86 -40.28
C ILE Y 145 -68.88 -16.31 -40.42
N TYR Y 146 -68.51 -16.95 -39.32
CA TYR Y 146 -68.26 -18.38 -39.27
C TYR Y 146 -69.54 -19.04 -38.78
N ASN Y 147 -70.42 -19.34 -39.73
CA ASN Y 147 -71.71 -19.96 -39.41
C ASN Y 147 -71.57 -21.23 -38.59
N ILE Y 148 -70.41 -21.89 -38.65
CA ILE Y 148 -70.19 -23.13 -37.92
C ILE Y 148 -69.80 -22.89 -36.47
N THR Y 149 -69.71 -21.64 -36.04
CA THR Y 149 -69.39 -21.34 -34.65
C THR Y 149 -70.50 -21.87 -33.75
N GLN Y 150 -70.10 -22.61 -32.71
CA GLN Y 150 -71.04 -23.26 -31.80
C GLN Y 150 -71.98 -24.20 -32.56
N LYS Y 151 -71.48 -24.75 -33.67
CA LYS Y 151 -72.23 -25.74 -34.44
C LYS Y 151 -71.38 -26.99 -34.64
N GLU Y 152 -70.07 -26.81 -34.73
CA GLU Y 152 -69.12 -27.92 -34.69
C GLU Y 152 -68.07 -27.78 -33.61
N LYS Y 153 -67.60 -26.57 -33.35
CA LYS Y 153 -66.58 -26.37 -32.32
C LYS Y 153 -67.19 -26.67 -30.96
N VAL Y 154 -66.62 -27.68 -30.29
CA VAL Y 154 -67.06 -28.00 -28.94
C VAL Y 154 -66.35 -27.11 -27.92
N LYS Y 155 -65.13 -26.68 -28.22
CA LYS Y 155 -64.34 -25.90 -27.28
C LYS Y 155 -64.42 -24.41 -27.65
N ILE Y 156 -65.61 -23.84 -27.47
CA ILE Y 156 -65.78 -22.42 -27.74
C ILE Y 156 -65.06 -21.57 -26.71
N GLU Y 157 -64.82 -22.10 -25.51
CA GLU Y 157 -64.03 -21.35 -24.55
C GLU Y 157 -62.59 -21.22 -25.02
N LYS Y 158 -62.12 -22.12 -25.88
CA LYS Y 158 -60.80 -21.95 -26.48
C LYS Y 158 -60.71 -20.68 -27.31
N VAL Y 159 -61.62 -20.53 -28.28
CA VAL Y 159 -61.63 -19.31 -29.09
C VAL Y 159 -61.95 -18.09 -28.24
N LYS Y 160 -62.67 -18.26 -27.13
CA LYS Y 160 -62.80 -17.16 -26.18
C LYS Y 160 -61.44 -16.74 -25.62
N GLU Y 161 -60.72 -17.70 -25.03
CA GLU Y 161 -59.39 -17.42 -24.48
C GLU Y 161 -58.47 -16.81 -25.52
N ASP Y 162 -58.63 -17.19 -26.79
CA ASP Y 162 -57.74 -16.67 -27.83
C ASP Y 162 -58.17 -15.30 -28.32
N ILE Y 163 -59.45 -14.96 -28.22
CA ILE Y 163 -59.84 -13.57 -28.42
C ILE Y 163 -59.32 -12.72 -27.27
N LYS Y 164 -59.23 -13.30 -26.09
CA LYS Y 164 -58.73 -12.56 -24.92
C LYS Y 164 -57.30 -12.08 -25.15
N GLU Y 165 -56.48 -12.87 -25.85
CA GLU Y 165 -55.05 -12.62 -25.93
C GLU Y 165 -54.56 -12.16 -27.29
N LEU Y 166 -55.27 -12.47 -28.37
CA LEU Y 166 -54.69 -12.23 -29.68
C LEU Y 166 -54.98 -10.83 -30.21
N PHE Y 167 -56.23 -10.39 -30.15
CA PHE Y 167 -56.62 -9.15 -30.80
C PHE Y 167 -56.39 -7.97 -29.87
N SER Y 168 -55.45 -7.12 -30.25
CA SER Y 168 -55.21 -5.85 -29.59
C SER Y 168 -54.97 -4.84 -30.69
N TYR Y 169 -54.94 -3.57 -30.34
CA TYR Y 169 -54.85 -2.56 -31.37
C TYR Y 169 -54.43 -1.24 -30.75
N TYR Y 170 -54.39 -0.21 -31.57
CA TYR Y 170 -54.12 1.14 -31.12
C TYR Y 170 -55.30 2.02 -31.50
N ALA Y 171 -55.73 2.86 -30.57
CA ALA Y 171 -56.91 3.69 -30.75
C ALA Y 171 -56.55 5.16 -30.58
N LEU Y 172 -57.14 6.01 -31.41
CA LEU Y 172 -56.95 7.45 -31.24
C LEU Y 172 -57.65 7.95 -29.98
N GLU Y 173 -58.90 7.52 -29.77
CA GLU Y 173 -59.75 7.84 -28.64
C GLU Y 173 -60.18 9.31 -28.60
N GLN Y 174 -59.92 10.07 -29.66
CA GLN Y 174 -60.44 11.42 -29.78
C GLN Y 174 -61.13 11.59 -31.13
N SER Z 2 -14.84 7.57 -70.50
CA SER Z 2 -14.87 6.14 -70.23
C SER Z 2 -13.47 5.56 -70.04
N THR Z 3 -13.42 4.37 -69.44
CA THR Z 3 -12.21 3.57 -69.37
C THR Z 3 -12.48 2.24 -70.06
N GLN Z 4 -11.52 1.78 -70.84
CA GLN Z 4 -11.73 0.66 -71.75
C GLN Z 4 -10.56 -0.31 -71.69
N ARG Z 5 -10.87 -1.60 -71.83
CA ARG Z 5 -9.88 -2.65 -71.80
C ARG Z 5 -10.18 -3.69 -72.87
N GLU Z 6 -9.13 -4.41 -73.25
CA GLU Z 6 -9.24 -5.57 -74.11
C GLU Z 6 -8.61 -6.76 -73.40
N TYR Z 7 -9.20 -7.93 -73.62
CA TYR Z 7 -8.79 -9.17 -72.97
C TYR Z 7 -7.86 -9.92 -73.91
N VAL Z 8 -6.61 -10.08 -73.51
CA VAL Z 8 -5.64 -10.80 -74.33
C VAL Z 8 -5.40 -12.17 -73.72
N PHE Z 9 -5.51 -13.20 -74.57
CA PHE Z 9 -5.35 -14.59 -74.17
C PHE Z 9 -3.92 -14.86 -73.75
N ILE Z 10 -3.66 -16.09 -73.31
CA ILE Z 10 -2.30 -16.55 -73.00
C ILE Z 10 -2.15 -17.99 -73.49
N PRO Z 11 -1.87 -18.19 -74.78
CA PRO Z 11 -1.68 -19.56 -75.30
C PRO Z 11 -0.24 -20.03 -75.28
N ILE Z 12 -0.01 -21.22 -75.81
CA ILE Z 12 1.35 -21.70 -76.11
C ILE Z 12 1.64 -21.49 -77.58
N THR Z 13 0.82 -20.69 -78.25
CA THR Z 13 1.09 -20.25 -79.61
C THR Z 13 1.33 -18.75 -79.61
N ASN Z 14 2.14 -18.28 -80.56
CA ASN Z 14 2.63 -16.90 -80.55
C ASN Z 14 2.11 -16.17 -81.78
N SER Z 15 0.90 -15.61 -81.67
CA SER Z 15 0.38 -14.57 -82.55
C SER Z 15 -0.20 -13.43 -81.73
N ILE Z 16 0.14 -13.38 -80.44
CA ILE Z 16 -0.59 -12.62 -79.44
C ILE Z 16 -0.17 -11.15 -79.41
N THR Z 17 1.11 -10.86 -79.61
CA THR Z 17 1.60 -9.51 -79.40
C THR Z 17 1.00 -8.50 -80.36
N ILE Z 18 0.31 -8.94 -81.41
CA ILE Z 18 -0.35 -7.98 -82.28
C ILE Z 18 -1.84 -8.05 -81.95
N ASP Z 19 -2.25 -7.35 -80.89
CA ASP Z 19 -3.65 -7.27 -80.53
C ASP Z 19 -4.05 -5.93 -79.91
N VAL Z 20 -3.14 -4.97 -79.79
CA VAL Z 20 -3.40 -3.70 -79.12
C VAL Z 20 -2.61 -2.62 -79.85
N LYS Z 21 -3.00 -1.37 -79.61
CA LYS Z 21 -2.33 -0.21 -80.17
C LYS Z 21 -1.65 0.66 -79.14
N ILE Z 22 -2.38 1.10 -78.12
CA ILE Z 22 -1.83 1.97 -77.08
C ILE Z 22 -1.45 1.12 -75.88
N THR Z 23 -0.24 1.35 -75.37
CA THR Z 23 0.30 0.50 -74.32
C THR Z 23 -0.38 0.78 -72.97
N ILE Z 24 -0.50 2.06 -72.62
CA ILE Z 24 -1.10 2.46 -71.34
C ILE Z 24 -2.44 3.16 -71.56
N GLY Z 25 -2.46 4.23 -72.35
CA GLY Z 25 -3.68 4.96 -72.62
C GLY Z 25 -4.11 5.83 -71.46
N GLY Z 26 -4.50 5.20 -70.35
CA GLY Z 26 -4.91 5.93 -69.16
C GLY Z 26 -3.93 5.76 -68.03
N SER Z 27 -4.44 5.50 -66.83
CA SER Z 27 -3.57 5.29 -65.67
C SER Z 27 -4.06 4.13 -64.81
N ASP Z 28 -4.83 3.20 -65.36
CA ASP Z 28 -5.46 2.14 -64.57
C ASP Z 28 -5.34 0.82 -65.32
N HIS Z 29 -4.48 -0.06 -64.81
CA HIS Z 29 -4.42 -1.45 -65.25
C HIS Z 29 -4.74 -2.32 -64.05
N ILE Z 30 -5.76 -3.17 -64.17
CA ILE Z 30 -6.12 -4.06 -63.09
C ILE Z 30 -5.13 -5.20 -62.98
N THR Z 31 -4.75 -5.79 -64.12
CA THR Z 31 -3.84 -6.93 -64.13
C THR Z 31 -2.44 -6.41 -63.87
N ASN Z 32 -2.02 -6.45 -62.62
CA ASN Z 32 -0.71 -5.96 -62.21
C ASN Z 32 -0.02 -7.03 -61.38
N ILE Z 33 1.31 -7.07 -61.49
CA ILE Z 33 2.12 -8.07 -60.81
C ILE Z 33 3.08 -7.33 -59.90
N ASP Z 34 3.14 -7.75 -58.64
CA ASP Z 34 3.99 -7.09 -57.65
C ASP Z 34 4.51 -8.15 -56.68
N GLU Z 35 5.73 -8.61 -56.95
CA GLU Z 35 6.62 -9.35 -56.05
C GLU Z 35 6.01 -10.62 -55.45
N ARG Z 36 4.82 -11.05 -55.90
CA ARG Z 36 4.30 -12.33 -55.43
C ARG Z 36 3.85 -13.21 -56.58
N GLY Z 37 3.22 -12.61 -57.59
CA GLY Z 37 2.61 -13.37 -58.65
C GLY Z 37 1.60 -12.50 -59.39
N ILE Z 38 0.81 -13.16 -60.22
CA ILE Z 38 -0.10 -12.46 -61.13
C ILE Z 38 -1.37 -12.12 -60.36
N HIS Z 39 -2.12 -11.13 -60.85
CA HIS Z 39 -3.34 -10.72 -60.18
C HIS Z 39 -4.34 -10.22 -61.20
N ASN Z 40 -5.61 -10.38 -60.86
CA ASN Z 40 -6.74 -9.84 -61.60
C ASN Z 40 -6.82 -10.36 -63.03
N VAL Z 41 -6.24 -11.54 -63.27
CA VAL Z 41 -6.41 -12.20 -64.55
C VAL Z 41 -7.85 -12.68 -64.70
N LEU Z 42 -8.50 -12.28 -65.79
CA LEU Z 42 -9.85 -12.72 -66.04
C LEU Z 42 -9.81 -14.14 -66.59
N VAL Z 43 -10.84 -14.92 -66.26
CA VAL Z 43 -10.99 -16.29 -66.73
C VAL Z 43 -12.38 -16.37 -67.36
N ILE Z 44 -12.45 -16.36 -68.68
CA ILE Z 44 -13.72 -16.52 -69.37
C ILE Z 44 -14.05 -18.00 -69.40
N THR Z 45 -15.33 -18.31 -69.36
CA THR Z 45 -15.80 -19.68 -69.46
C THR Z 45 -16.73 -19.81 -70.66
N GLY Z 46 -16.89 -21.03 -71.13
CA GLY Z 46 -17.72 -21.29 -72.29
C GLY Z 46 -17.13 -20.86 -73.61
N TYR Z 47 -15.83 -20.57 -73.67
CA TYR Z 47 -15.16 -20.23 -74.91
C TYR Z 47 -14.04 -21.25 -75.18
N ALA Z 48 -13.73 -21.43 -76.46
CA ALA Z 48 -12.71 -22.39 -76.87
C ALA Z 48 -11.74 -21.71 -77.83
N VAL Z 49 -10.45 -21.92 -77.58
CA VAL Z 49 -9.40 -21.24 -78.33
C VAL Z 49 -9.35 -21.80 -79.75
N ASP Z 50 -8.64 -21.11 -80.63
CA ASP Z 50 -8.47 -21.45 -82.04
C ASP Z 50 -7.00 -21.34 -82.42
N GLU Z 51 -6.14 -22.01 -81.66
CA GLU Z 51 -4.71 -21.71 -81.53
C GLU Z 51 -4.02 -21.32 -82.83
N LYS Z 52 -4.48 -21.84 -83.98
CA LYS Z 52 -4.08 -21.27 -85.25
C LYS Z 52 -4.78 -19.92 -85.42
N ASN Z 53 -4.10 -18.84 -85.03
CA ASN Z 53 -4.75 -17.57 -84.73
C ASN Z 53 -5.79 -17.77 -83.62
N GLY Z 54 -5.27 -18.05 -82.43
CA GLY Z 54 -6.10 -18.38 -81.29
C GLY Z 54 -7.14 -17.32 -80.96
N ARG Z 55 -8.40 -17.63 -81.26
CA ARG Z 55 -9.51 -16.73 -81.01
C ARG Z 55 -10.62 -17.55 -80.35
N LEU Z 56 -11.14 -17.05 -79.25
CA LEU Z 56 -12.01 -17.83 -78.38
C LEU Z 56 -13.35 -18.01 -79.06
N VAL Z 57 -13.55 -19.18 -79.64
CA VAL Z 57 -14.84 -19.49 -80.26
C VAL Z 57 -15.88 -19.70 -79.15
N PRO Z 58 -16.99 -18.99 -79.18
CA PRO Z 58 -18.01 -19.23 -78.16
C PRO Z 58 -18.67 -20.60 -78.28
N THR Z 59 -18.39 -21.48 -77.33
CA THR Z 59 -19.06 -22.75 -77.20
C THR Z 59 -20.08 -22.68 -76.05
N LEU Z 60 -20.71 -23.81 -75.78
CA LEU Z 60 -21.71 -23.89 -74.73
C LEU Z 60 -21.24 -24.64 -73.50
N ASP Z 61 -20.04 -25.21 -73.54
CA ASP Z 61 -19.55 -26.05 -72.45
C ASP Z 61 -19.02 -25.18 -71.31
N PRO Z 62 -19.68 -25.20 -70.14
CA PRO Z 62 -19.15 -24.44 -69.00
C PRO Z 62 -17.79 -24.91 -68.54
N CYS Z 63 -17.43 -26.16 -68.83
CA CYS Z 63 -16.12 -26.67 -68.41
C CYS Z 63 -14.98 -26.02 -69.20
N ASP Z 64 -15.26 -25.50 -70.39
CA ASP Z 64 -14.24 -24.87 -71.20
C ASP Z 64 -13.99 -23.45 -70.73
N TYR Z 65 -12.71 -23.09 -70.60
CA TYR Z 65 -12.36 -21.77 -70.10
C TYR Z 65 -11.04 -21.32 -70.69
N VAL Z 66 -10.82 -20.01 -70.64
CA VAL Z 66 -9.62 -19.35 -71.16
C VAL Z 66 -9.22 -18.27 -70.16
N LYS Z 67 -8.00 -18.35 -69.66
CA LYS Z 67 -7.49 -17.39 -68.68
C LYS Z 67 -6.54 -16.43 -69.38
N GLY Z 68 -6.89 -15.14 -69.38
CA GLY Z 68 -6.05 -14.12 -69.95
C GLY Z 68 -6.15 -12.83 -69.15
N ILE Z 69 -5.36 -11.85 -69.58
CA ILE Z 69 -5.22 -10.63 -68.79
C ILE Z 69 -5.99 -9.50 -69.46
N LEU Z 70 -6.52 -8.61 -68.63
CA LEU Z 70 -7.28 -7.45 -69.08
C LEU Z 70 -6.34 -6.24 -69.08
N VAL Z 71 -6.14 -5.66 -70.26
CA VAL Z 71 -5.21 -4.54 -70.36
C VAL Z 71 -5.89 -3.39 -71.10
N ALA Z 72 -5.57 -2.17 -70.66
CA ALA Z 72 -6.18 -0.98 -71.26
C ALA Z 72 -5.49 -0.68 -72.58
N GLY Z 73 -6.29 -0.55 -73.64
CA GLY Z 73 -5.74 -0.26 -74.94
C GLY Z 73 -6.76 -0.52 -76.03
N THR Z 74 -6.55 0.14 -77.15
CA THR Z 74 -7.49 -0.14 -78.23
C THR Z 74 -7.06 -1.38 -78.99
N PRO Z 75 -7.99 -2.28 -79.32
CA PRO Z 75 -7.59 -3.52 -79.97
C PRO Z 75 -7.29 -3.35 -81.45
N GLN Z 76 -6.00 -3.27 -81.78
CA GLN Z 76 -5.48 -3.34 -83.14
C GLN Z 76 -5.89 -2.18 -84.04
N GLN Z 77 -6.85 -1.37 -83.59
CA GLN Z 77 -7.49 -0.33 -84.42
C GLN Z 77 -7.87 -0.85 -85.81
N ALA Z 78 -8.02 -2.17 -85.94
CA ALA Z 78 -8.46 -2.82 -87.17
C ALA Z 78 -9.54 -3.83 -86.84
N GLN Z 79 -10.35 -3.50 -85.83
CA GLN Z 79 -11.29 -4.42 -85.22
C GLN Z 79 -12.55 -3.61 -84.94
N SER Z 80 -13.41 -4.13 -84.05
CA SER Z 80 -14.73 -3.61 -83.69
C SER Z 80 -15.75 -3.98 -84.75
N ASN Z 81 -15.33 -4.76 -85.75
CA ASN Z 81 -16.24 -5.41 -86.68
C ASN Z 81 -16.35 -6.90 -86.45
N ASP Z 82 -15.30 -7.54 -85.93
CA ASP Z 82 -15.32 -8.95 -85.61
C ASP Z 82 -15.07 -9.25 -84.14
N PHE Z 83 -14.39 -8.38 -83.41
CA PHE Z 83 -14.22 -8.60 -81.98
C PHE Z 83 -15.55 -8.55 -81.24
N LEU Z 84 -15.57 -9.18 -80.07
CA LEU Z 84 -16.72 -9.16 -79.18
C LEU Z 84 -16.57 -7.99 -78.21
N THR Z 85 -17.38 -6.95 -78.39
CA THR Z 85 -17.33 -5.76 -77.58
C THR Z 85 -18.52 -5.74 -76.62
N LEU Z 86 -18.24 -5.65 -75.33
CA LEU Z 86 -19.32 -5.60 -74.33
C LEU Z 86 -18.86 -4.81 -73.12
N LYS Z 87 -19.75 -3.99 -72.58
CA LYS Z 87 -19.48 -3.28 -71.34
C LYS Z 87 -20.26 -3.94 -70.21
N LEU Z 88 -19.57 -4.24 -69.12
CA LEU Z 88 -20.14 -4.96 -67.99
C LEU Z 88 -19.74 -4.27 -66.69
N PRO Z 89 -20.58 -4.35 -65.66
CA PRO Z 89 -20.35 -3.52 -64.48
C PRO Z 89 -19.35 -4.10 -63.49
N ALA Z 90 -18.26 -4.68 -63.98
CA ALA Z 90 -17.02 -4.86 -63.23
C ALA Z 90 -17.16 -5.65 -61.93
N ASN Z 91 -18.37 -6.15 -61.63
CA ASN Z 91 -18.59 -6.93 -60.44
C ASN Z 91 -19.06 -8.34 -60.73
N LYS Z 92 -19.63 -8.57 -61.91
CA LYS Z 92 -20.05 -9.88 -62.37
C LYS Z 92 -18.99 -10.55 -63.23
N LEU Z 93 -17.75 -10.06 -63.19
CA LEU Z 93 -16.69 -10.56 -64.05
C LEU Z 93 -15.86 -11.58 -63.28
N TYR Z 94 -15.81 -12.80 -63.79
CA TYR Z 94 -15.04 -13.86 -63.17
C TYR Z 94 -13.55 -13.57 -63.36
N LEU Z 95 -12.90 -13.04 -62.32
CA LEU Z 95 -11.46 -12.88 -62.31
C LEU Z 95 -10.90 -13.44 -61.02
N ILE Z 96 -9.80 -14.15 -61.12
CA ILE Z 96 -9.21 -14.85 -59.99
C ILE Z 96 -7.99 -14.06 -59.51
N ARG Z 97 -7.66 -14.24 -58.23
CA ARG Z 97 -6.56 -13.54 -57.59
C ARG Z 97 -6.80 -12.03 -57.56
N LYS Z 98 -7.96 -11.64 -57.05
CA LYS Z 98 -8.27 -10.22 -56.92
C LYS Z 98 -7.42 -9.58 -55.83
N LYS Z 99 -7.03 -8.34 -56.07
CA LYS Z 99 -6.32 -7.54 -55.08
C LYS Z 99 -7.09 -6.29 -54.67
N GLY Z 100 -7.65 -5.56 -55.64
CA GLY Z 100 -8.40 -4.36 -55.34
C GLY Z 100 -9.68 -4.28 -56.13
N ASN Z 101 -10.62 -3.51 -55.59
CA ASN Z 101 -11.91 -3.30 -56.24
C ASN Z 101 -11.73 -2.49 -57.52
N ILE Z 102 -12.67 -2.67 -58.45
CA ILE Z 102 -12.56 -2.09 -59.78
C ILE Z 102 -13.65 -1.02 -59.93
N SER Z 103 -13.72 -0.39 -61.11
CA SER Z 103 -14.45 0.85 -61.33
C SER Z 103 -15.94 0.64 -61.60
N ASP Z 104 -16.50 -0.50 -61.22
CA ASP Z 104 -17.95 -0.70 -61.14
C ASP Z 104 -18.61 -0.78 -62.52
N ASP Z 105 -17.86 -0.49 -63.59
CA ASP Z 105 -18.33 -0.69 -64.96
C ASP Z 105 -17.18 -0.44 -65.91
N LEU Z 106 -17.09 -1.26 -66.97
CA LEU Z 106 -15.97 -1.11 -67.89
C LEU Z 106 -16.27 -1.88 -69.17
N LYS Z 107 -15.65 -1.42 -70.27
CA LYS Z 107 -15.87 -1.96 -71.61
C LYS Z 107 -14.73 -2.90 -71.98
N ILE Z 108 -15.08 -4.02 -72.60
CA ILE Z 108 -14.17 -5.14 -72.81
C ILE Z 108 -14.22 -5.56 -74.27
N TYR Z 109 -13.04 -5.73 -74.87
CA TYR Z 109 -12.89 -6.24 -76.23
C TYR Z 109 -12.33 -7.66 -76.19
N ILE Z 110 -12.94 -8.56 -76.96
CA ILE Z 110 -12.65 -9.99 -76.89
C ILE Z 110 -12.25 -10.47 -78.27
N PRO Z 111 -11.15 -11.20 -78.42
CA PRO Z 111 -10.88 -11.91 -79.67
C PRO Z 111 -11.97 -12.93 -79.98
N TYR Z 112 -12.44 -12.90 -81.22
CA TYR Z 112 -13.66 -13.60 -81.59
C TYR Z 112 -13.47 -14.24 -82.96
N SER Z 113 -14.47 -15.01 -83.38
CA SER Z 113 -14.46 -15.63 -84.70
C SER Z 113 -15.86 -16.15 -84.99
N SER Z 114 -16.08 -16.50 -86.25
CA SER Z 114 -17.22 -17.32 -86.60
C SER Z 114 -17.07 -18.68 -85.94
N PRO Z 115 -18.17 -19.30 -85.51
CA PRO Z 115 -18.07 -20.61 -84.85
C PRO Z 115 -17.48 -21.69 -85.74
N ASP Z 116 -17.56 -21.54 -87.06
CA ASP Z 116 -17.07 -22.54 -88.01
C ASP Z 116 -17.79 -23.88 -87.80
N ALA Z 117 -19.09 -23.85 -88.06
CA ALA Z 117 -19.92 -25.03 -87.86
C ALA Z 117 -19.81 -25.99 -89.04
N ARG Z 118 -18.58 -26.30 -89.44
CA ARG Z 118 -18.27 -27.36 -90.40
C ARG Z 118 -17.18 -28.26 -89.82
N ASN Z 119 -17.10 -28.31 -88.50
CA ASN Z 119 -16.08 -29.08 -87.81
C ASN Z 119 -16.53 -29.25 -86.37
N SER Z 120 -16.71 -30.50 -85.94
CA SER Z 120 -17.21 -30.76 -84.59
C SER Z 120 -16.26 -30.17 -83.56
N MET Z 121 -16.74 -29.18 -82.82
CA MET Z 121 -15.91 -28.52 -81.81
C MET Z 121 -15.72 -29.44 -80.60
N LYS Z 122 -14.70 -30.27 -80.64
CA LYS Z 122 -14.35 -31.15 -79.53
C LYS Z 122 -13.11 -30.56 -78.87
N THR Z 123 -13.32 -29.83 -77.77
CA THR Z 123 -12.25 -29.11 -77.11
C THR Z 123 -11.30 -30.08 -76.41
N LYS Z 124 -10.31 -29.52 -75.73
CA LYS Z 124 -9.22 -30.29 -75.16
C LYS Z 124 -8.51 -29.48 -74.09
N PRO Z 125 -8.35 -30.03 -72.88
CA PRO Z 125 -7.65 -29.29 -71.80
C PRO Z 125 -6.18 -29.14 -72.13
N VAL Z 126 -5.72 -27.89 -72.22
CA VAL Z 126 -4.37 -27.58 -72.68
C VAL Z 126 -3.68 -26.71 -71.65
N SER Z 127 -2.49 -27.12 -71.22
CA SER Z 127 -1.67 -26.38 -70.29
C SER Z 127 -0.66 -25.53 -71.03
N ILE Z 128 0.20 -24.84 -70.27
CA ILE Z 128 1.34 -24.12 -70.81
C ILE Z 128 2.59 -24.74 -70.22
N SER Z 129 3.23 -25.60 -71.00
CA SER Z 129 4.47 -26.28 -70.64
C SER Z 129 5.57 -25.85 -71.60
N ASP Z 130 6.73 -26.50 -71.50
CA ASP Z 130 7.92 -26.14 -72.29
C ASP Z 130 8.26 -24.66 -72.10
N ASP Z 131 8.71 -24.38 -70.88
CA ASP Z 131 8.87 -23.02 -70.36
C ASP Z 131 9.61 -22.08 -71.31
N THR Z 132 10.26 -22.64 -72.33
CA THR Z 132 10.75 -21.81 -73.42
C THR Z 132 9.61 -21.15 -74.18
N ILE Z 133 8.46 -21.83 -74.28
CA ILE Z 133 7.29 -21.27 -74.97
C ILE Z 133 6.61 -20.18 -74.15
N VAL Z 134 6.97 -20.01 -72.89
CA VAL Z 134 6.52 -18.85 -72.12
C VAL Z 134 7.69 -17.89 -72.00
N ASN Z 135 8.91 -18.43 -72.02
CA ASN Z 135 10.11 -17.59 -72.02
C ASN Z 135 10.04 -16.53 -73.11
N ASN Z 136 9.63 -16.92 -74.32
CA ASN Z 136 9.58 -15.97 -75.42
C ASN Z 136 8.39 -15.03 -75.29
N ILE Z 137 7.20 -15.56 -74.99
CA ILE Z 137 6.01 -14.73 -75.00
C ILE Z 137 6.06 -13.69 -73.89
N ILE Z 138 6.77 -13.96 -72.79
CA ILE Z 138 6.96 -12.93 -71.77
C ILE Z 138 7.71 -11.75 -72.35
N LYS Z 139 8.88 -12.00 -72.94
CA LYS Z 139 9.61 -10.93 -73.61
C LYS Z 139 8.89 -10.42 -74.85
N GLU Z 140 7.80 -11.06 -75.24
CA GLU Z 140 6.93 -10.60 -76.31
C GLU Z 140 5.73 -9.83 -75.76
N VAL Z 141 5.00 -10.43 -74.83
CA VAL Z 141 3.78 -9.83 -74.28
C VAL Z 141 4.09 -9.08 -73.00
N PHE Z 142 4.72 -9.77 -72.04
CA PHE Z 142 4.97 -9.20 -70.72
C PHE Z 142 6.02 -8.10 -70.73
N ASP Z 143 6.52 -7.69 -71.90
CA ASP Z 143 7.34 -6.48 -72.01
C ASP Z 143 6.64 -5.35 -72.72
N LYS Z 144 5.80 -5.64 -73.72
CA LYS Z 144 5.01 -4.60 -74.37
C LYS Z 144 3.71 -4.34 -73.62
N ILE Z 145 3.42 -5.10 -72.57
CA ILE Z 145 2.28 -4.85 -71.70
C ILE Z 145 2.80 -4.42 -70.34
N TYR Z 146 3.92 -5.00 -69.93
CA TYR Z 146 4.54 -4.70 -68.64
C TYR Z 146 5.98 -4.26 -68.86
N ASN Z 147 6.20 -2.94 -68.93
CA ASN Z 147 7.56 -2.43 -68.80
C ASN Z 147 8.08 -2.62 -67.39
N ILE Z 148 7.19 -2.68 -66.41
CA ILE Z 148 7.56 -2.78 -65.00
C ILE Z 148 8.33 -4.05 -64.68
N THR Z 149 8.18 -5.11 -65.48
CA THR Z 149 9.05 -6.26 -65.33
C THR Z 149 10.45 -5.91 -65.80
N GLN Z 150 11.46 -6.48 -65.12
CA GLN Z 150 12.88 -6.21 -65.36
C GLN Z 150 13.25 -4.73 -65.13
N LYS Z 151 12.35 -3.95 -64.54
CA LYS Z 151 12.72 -2.71 -63.86
C LYS Z 151 12.14 -2.63 -62.47
N GLU Z 152 11.17 -3.48 -62.14
CA GLU Z 152 10.77 -3.76 -60.76
C GLU Z 152 10.78 -5.25 -60.45
N LYS Z 153 10.65 -6.12 -61.45
CA LYS Z 153 10.63 -7.56 -61.27
C LYS Z 153 12.01 -8.11 -61.59
N VAL Z 154 12.73 -8.58 -60.57
CA VAL Z 154 13.99 -9.29 -60.80
C VAL Z 154 13.85 -10.79 -60.57
N LYS Z 155 12.85 -11.22 -59.79
CA LYS Z 155 12.56 -12.64 -59.62
C LYS Z 155 11.57 -13.09 -60.70
N ILE Z 156 12.04 -13.03 -61.95
CA ILE Z 156 11.25 -13.48 -63.09
C ILE Z 156 10.92 -14.97 -62.98
N GLU Z 157 11.74 -15.73 -62.25
CA GLU Z 157 11.42 -17.13 -62.02
C GLU Z 157 10.04 -17.31 -61.39
N LYS Z 158 9.61 -16.35 -60.57
CA LYS Z 158 8.27 -16.46 -59.96
C LYS Z 158 7.16 -16.02 -60.91
N VAL Z 159 7.48 -15.23 -61.93
CA VAL Z 159 6.51 -15.02 -63.01
C VAL Z 159 6.60 -16.13 -64.04
N LYS Z 160 7.51 -17.08 -63.85
CA LYS Z 160 7.49 -18.33 -64.61
C LYS Z 160 6.67 -19.40 -63.89
N GLU Z 161 6.90 -19.56 -62.59
CA GLU Z 161 6.32 -20.62 -61.77
C GLU Z 161 4.83 -20.46 -61.57
N ASP Z 162 4.20 -19.46 -62.20
CA ASP Z 162 2.77 -19.26 -62.15
C ASP Z 162 2.13 -19.49 -63.51
N ILE Z 163 2.64 -18.84 -64.55
CA ILE Z 163 2.19 -19.08 -65.92
C ILE Z 163 2.40 -20.56 -66.23
N LYS Z 164 3.31 -21.20 -65.50
CA LYS Z 164 3.50 -22.64 -65.64
C LYS Z 164 2.20 -23.40 -65.40
N GLU Z 165 1.45 -23.04 -64.36
CA GLU Z 165 0.20 -23.72 -64.04
C GLU Z 165 -1.00 -22.81 -63.80
N LEU Z 166 -0.80 -21.53 -63.47
CA LEU Z 166 -1.94 -20.65 -63.26
C LEU Z 166 -2.65 -20.29 -64.56
N PHE Z 167 -2.05 -20.59 -65.71
CA PHE Z 167 -2.65 -20.32 -67.01
C PHE Z 167 -2.85 -21.64 -67.75
N SER Z 168 -4.08 -22.10 -67.81
CA SER Z 168 -4.49 -23.20 -68.65
C SER Z 168 -5.62 -22.72 -69.56
N TYR Z 169 -6.13 -23.61 -70.39
CA TYR Z 169 -7.29 -23.28 -71.22
C TYR Z 169 -7.83 -24.57 -71.84
N TYR Z 170 -8.79 -24.41 -72.73
CA TYR Z 170 -9.25 -25.48 -73.60
C TYR Z 170 -9.07 -25.05 -75.04
N ALA Z 171 -8.36 -25.85 -75.82
CA ALA Z 171 -8.13 -25.58 -77.22
C ALA Z 171 -8.98 -26.50 -78.07
N LEU Z 172 -9.03 -26.19 -79.37
CA LEU Z 172 -9.87 -26.95 -80.29
C LEU Z 172 -9.09 -27.81 -81.28
N GLU Z 173 -7.77 -27.63 -81.37
CA GLU Z 173 -6.89 -28.34 -82.29
C GLU Z 173 -7.50 -28.48 -83.69
N GLN Z 174 -8.25 -27.48 -84.11
CA GLN Z 174 -8.87 -27.48 -85.42
C GLN Z 174 -8.31 -26.35 -86.28
N SER AA 2 -31.97 9.83 63.24
CA SER AA 2 -31.32 11.08 62.88
C SER AA 2 -32.22 11.92 61.97
N THR AA 3 -31.94 11.86 60.68
CA THR AA 3 -32.69 12.59 59.67
C THR AA 3 -33.30 11.59 58.69
N GLN AA 4 -34.53 11.86 58.26
CA GLN AA 4 -35.27 10.97 57.39
C GLN AA 4 -35.60 11.69 56.09
N ARG AA 5 -34.86 11.37 55.03
CA ARG AA 5 -35.25 11.77 53.69
C ARG AA 5 -36.21 10.73 53.12
N GLU AA 6 -36.86 11.09 52.02
CA GLU AA 6 -37.89 10.24 51.44
C GLU AA 6 -37.94 10.48 49.94
N TYR AA 7 -38.15 9.41 49.19
CA TYR AA 7 -38.10 9.44 47.74
C TYR AA 7 -39.51 9.53 47.18
N VAL AA 8 -39.81 10.64 46.50
CA VAL AA 8 -41.08 10.79 45.82
C VAL AA 8 -40.80 10.70 44.32
N PHE AA 9 -41.32 9.63 43.72
CA PHE AA 9 -41.17 9.35 42.30
C PHE AA 9 -42.16 10.19 41.50
N ILE AA 10 -41.82 10.42 40.23
CA ILE AA 10 -42.59 11.34 39.40
C ILE AA 10 -43.04 10.62 38.12
N PRO AA 11 -44.12 9.85 38.17
CA PRO AA 11 -44.73 9.35 36.94
C PRO AA 11 -45.80 10.31 36.44
N ILE AA 12 -46.47 9.98 35.33
CA ILE AA 12 -47.52 10.84 34.80
C ILE AA 12 -48.91 10.40 35.26
N THR AA 13 -48.99 9.37 36.08
CA THR AA 13 -50.24 8.98 36.71
C THR AA 13 -50.28 9.56 38.11
N ASN AA 14 -51.47 9.89 38.58
CA ASN AA 14 -51.61 10.69 39.79
C ASN AA 14 -51.25 9.90 41.04
N SER AA 15 -49.97 9.53 41.18
CA SER AA 15 -49.43 8.92 42.39
C SER AA 15 -48.69 9.93 43.25
N ILE AA 16 -49.14 11.17 43.26
CA ILE AA 16 -48.37 12.27 43.84
C ILE AA 16 -49.09 12.99 44.97
N THR AA 17 -50.42 12.96 45.02
CA THR AA 17 -51.19 13.84 45.90
C THR AA 17 -50.94 13.60 47.38
N ILE AA 18 -51.34 12.46 47.91
CA ILE AA 18 -51.27 12.19 49.34
C ILE AA 18 -50.47 10.90 49.53
N ASP AA 19 -49.15 11.03 49.71
CA ASP AA 19 -48.32 9.90 50.07
C ASP AA 19 -47.33 10.18 51.19
N VAL AA 20 -46.94 11.43 51.44
CA VAL AA 20 -46.07 11.78 52.55
C VAL AA 20 -46.79 12.78 53.45
N LYS AA 21 -46.79 12.52 54.75
CA LYS AA 21 -47.42 13.43 55.69
C LYS AA 21 -46.63 14.70 55.89
N ILE AA 22 -45.37 14.73 55.47
CA ILE AA 22 -44.46 15.83 55.76
C ILE AA 22 -44.15 16.55 54.46
N THR AA 23 -44.14 17.88 54.52
CA THR AA 23 -43.57 18.66 53.44
C THR AA 23 -42.11 18.98 53.69
N ILE AA 24 -41.76 19.38 54.91
CA ILE AA 24 -40.37 19.67 55.26
C ILE AA 24 -39.95 18.90 56.50
N GLY AA 25 -40.72 19.04 57.58
CA GLY AA 25 -40.35 18.42 58.84
C GLY AA 25 -39.20 19.15 59.51
N GLY AA 26 -38.02 19.08 58.90
CA GLY AA 26 -36.86 19.81 59.40
C GLY AA 26 -36.63 21.11 58.65
N SER AA 27 -35.51 21.20 57.94
CA SER AA 27 -35.20 22.40 57.18
C SER AA 27 -34.55 22.11 55.84
N ASP AA 28 -34.49 20.85 55.40
CA ASP AA 28 -33.63 20.48 54.29
C ASP AA 28 -34.39 19.70 53.22
N HIS AA 29 -34.19 20.10 51.97
CA HIS AA 29 -34.52 19.30 50.79
C HIS AA 29 -33.21 19.12 50.02
N ILE AA 30 -32.67 17.90 50.01
CA ILE AA 30 -31.44 17.69 49.28
C ILE AA 30 -31.66 17.80 47.78
N THR AA 31 -32.90 17.64 47.32
CA THR AA 31 -33.28 18.06 45.99
C THR AA 31 -33.68 19.53 46.03
N ASN AA 32 -33.16 20.32 45.10
CA ASN AA 32 -33.38 21.75 45.10
C ASN AA 32 -34.12 22.19 43.85
N ILE AA 33 -34.72 23.37 43.94
CA ILE AA 33 -35.20 24.13 42.78
C ILE AA 33 -34.73 25.55 43.00
N ASP AA 34 -33.59 25.91 42.40
CA ASP AA 34 -32.95 27.20 42.63
C ASP AA 34 -32.61 27.85 41.30
N GLU AA 35 -33.60 28.55 40.73
CA GLU AA 35 -33.41 29.56 39.69
C GLU AA 35 -32.57 29.09 38.51
N ARG AA 36 -32.32 27.79 38.43
CA ARG AA 36 -31.62 27.20 37.29
C ARG AA 36 -32.24 25.89 36.84
N GLY AA 37 -33.26 25.40 37.54
CA GLY AA 37 -33.81 24.08 37.33
C GLY AA 37 -33.75 23.27 38.61
N ILE AA 38 -34.06 22.00 38.48
CA ILE AA 38 -34.01 21.10 39.62
C ILE AA 38 -32.59 20.58 39.79
N HIS AA 39 -32.22 20.24 41.02
CA HIS AA 39 -30.87 19.78 41.30
C HIS AA 39 -30.93 18.59 42.23
N ASN AA 40 -29.88 17.78 42.19
CA ASN AA 40 -29.75 16.56 43.00
C ASN AA 40 -30.97 15.66 42.83
N VAL AA 41 -31.28 15.34 41.58
CA VAL AA 41 -32.44 14.52 41.26
C VAL AA 41 -32.07 13.05 41.38
N LEU AA 42 -32.85 12.29 42.12
CA LEU AA 42 -32.53 10.90 42.37
C LEU AA 42 -33.02 10.02 41.23
N VAL AA 43 -32.26 8.98 40.94
CA VAL AA 43 -32.63 8.00 39.92
C VAL AA 43 -32.32 6.63 40.46
N ILE AA 44 -33.28 5.71 40.35
CA ILE AA 44 -33.11 4.34 40.81
C ILE AA 44 -33.23 3.44 39.60
N THR AA 45 -32.17 2.70 39.32
CA THR AA 45 -32.14 1.81 38.17
C THR AA 45 -32.51 0.40 38.60
N GLY AA 46 -33.03 -0.38 37.66
CA GLY AA 46 -33.51 -1.70 37.95
C GLY AA 46 -34.92 -1.75 38.50
N TYR AA 47 -35.59 -0.61 38.66
CA TYR AA 47 -36.94 -0.57 39.18
C TYR AA 47 -37.87 0.07 38.16
N ALA AA 48 -39.13 -0.36 38.17
CA ALA AA 48 -40.16 0.20 37.33
C ALA AA 48 -41.37 0.56 38.20
N VAL AA 49 -42.18 1.48 37.69
CA VAL AA 49 -43.36 1.93 38.41
C VAL AA 49 -44.53 1.02 38.05
N ASP AA 50 -45.57 1.06 38.88
CA ASP AA 50 -46.74 0.21 38.75
C ASP AA 50 -47.97 1.08 38.65
N GLU AA 51 -47.98 2.00 37.68
CA GLU AA 51 -48.83 3.18 37.64
C GLU AA 51 -50.23 2.99 38.22
N LYS AA 52 -50.84 1.83 38.01
CA LYS AA 52 -52.07 1.58 38.76
C LYS AA 52 -51.71 1.51 40.24
N ASN AA 53 -52.01 2.58 40.98
CA ASN AA 53 -51.57 2.74 42.36
C ASN AA 53 -50.05 2.59 42.45
N GLY AA 54 -49.36 3.50 41.77
CA GLY AA 54 -47.94 3.40 41.51
C GLY AA 54 -47.03 3.15 42.69
N ARG AA 55 -46.21 2.11 42.56
CA ARG AA 55 -45.14 1.78 43.50
C ARG AA 55 -44.00 1.18 42.69
N LEU AA 56 -42.79 1.68 42.92
CA LEU AA 56 -41.64 1.18 42.18
C LEU AA 56 -41.47 -0.31 42.43
N VAL AA 57 -41.60 -1.10 41.37
CA VAL AA 57 -41.48 -2.56 41.46
C VAL AA 57 -40.06 -2.94 41.06
N PRO AA 58 -39.40 -3.82 41.79
CA PRO AA 58 -38.05 -4.23 41.41
C PRO AA 58 -38.03 -5.18 40.23
N THR AA 59 -37.64 -4.68 39.07
CA THR AA 59 -37.19 -5.56 38.00
C THR AA 59 -35.72 -5.89 38.28
N LEU AA 60 -35.06 -6.53 37.33
CA LEU AA 60 -33.62 -6.72 37.44
C LEU AA 60 -32.87 -6.07 36.29
N ASP AA 61 -33.58 -5.48 35.34
CA ASP AA 61 -32.96 -4.88 34.18
C ASP AA 61 -32.33 -3.54 34.57
N PRO AA 62 -31.01 -3.37 34.40
CA PRO AA 62 -30.42 -2.04 34.62
C PRO AA 62 -30.89 -1.02 33.60
N CYS AA 63 -31.68 -1.41 32.62
CA CYS AA 63 -32.25 -0.45 31.68
C CYS AA 63 -33.42 0.30 32.30
N ASP AA 64 -34.26 -0.40 33.07
CA ASP AA 64 -35.42 0.24 33.70
C ASP AA 64 -34.96 1.18 34.81
N TYR AA 65 -35.10 2.48 34.59
CA TYR AA 65 -34.82 3.46 35.61
C TYR AA 65 -36.07 4.26 35.93
N VAL AA 66 -36.10 4.78 37.15
CA VAL AA 66 -37.15 5.70 37.61
C VAL AA 66 -36.47 6.96 38.13
N LYS AA 67 -36.87 8.11 37.60
CA LYS AA 67 -36.32 9.39 37.98
C LYS AA 67 -37.31 10.14 38.87
N GLY AA 68 -36.92 10.39 40.12
CA GLY AA 68 -37.76 11.16 41.02
C GLY AA 68 -36.95 12.10 41.88
N ILE AA 69 -37.58 12.76 42.84
CA ILE AA 69 -36.89 13.70 43.70
C ILE AA 69 -36.87 13.14 45.12
N LEU AA 70 -36.05 13.76 45.97
CA LEU AA 70 -35.71 13.23 47.28
C LEU AA 70 -35.81 14.35 48.31
N VAL AA 71 -36.91 14.36 49.07
CA VAL AA 71 -37.18 15.39 50.07
C VAL AA 71 -37.45 14.72 51.41
N ALA AA 72 -37.04 15.37 52.49
CA ALA AA 72 -37.21 14.79 53.81
C ALA AA 72 -38.69 14.68 54.16
N GLY AA 73 -39.05 13.57 54.78
CA GLY AA 73 -40.43 13.35 55.17
C GLY AA 73 -40.65 11.95 55.69
N THR AA 74 -41.89 11.72 56.13
CA THR AA 74 -42.33 10.44 56.66
C THR AA 74 -43.55 9.98 55.88
N PRO AA 75 -43.52 8.85 55.19
CA PRO AA 75 -44.63 8.48 54.34
C PRO AA 75 -45.83 7.89 55.08
N GLN AA 76 -46.83 8.73 55.32
CA GLN AA 76 -48.19 8.33 55.70
C GLN AA 76 -48.25 7.61 57.04
N GLN AA 77 -47.09 7.23 57.58
CA GLN AA 77 -46.93 6.49 58.84
C GLN AA 77 -48.06 5.49 59.06
N ALA AA 78 -48.24 4.57 58.11
CA ALA AA 78 -49.03 3.36 58.27
C ALA AA 78 -48.30 2.20 57.62
N GLN AA 79 -46.98 2.33 57.56
CA GLN AA 79 -46.14 1.60 56.62
C GLN AA 79 -44.88 1.18 57.36
N SER AA 80 -43.83 0.88 56.60
CA SER AA 80 -42.55 0.26 57.01
C SER AA 80 -42.72 -1.25 57.09
N ASN AA 81 -43.92 -1.76 56.83
CA ASN AA 81 -44.12 -3.17 56.50
C ASN AA 81 -44.13 -3.40 55.00
N ASP AA 82 -44.13 -2.34 54.20
CA ASP AA 82 -44.25 -2.46 52.76
C ASP AA 82 -43.28 -1.63 51.95
N PHE AA 83 -42.62 -0.63 52.53
CA PHE AA 83 -41.71 0.23 51.80
C PHE AA 83 -40.27 -0.24 51.91
N LEU AA 84 -39.45 0.25 51.00
CA LEU AA 84 -38.03 -0.07 50.98
C LEU AA 84 -37.31 0.94 51.88
N THR AA 85 -36.75 0.47 52.98
CA THR AA 85 -36.07 1.31 53.96
C THR AA 85 -34.57 1.13 53.83
N LEU AA 86 -33.84 2.24 53.71
CA LEU AA 86 -32.42 2.17 53.43
C LEU AA 86 -31.66 3.22 54.21
N LYS AA 87 -30.42 2.91 54.57
CA LYS AA 87 -29.52 3.85 55.23
C LYS AA 87 -28.17 3.78 54.52
N LEU AA 88 -27.93 4.74 53.63
CA LEU AA 88 -26.76 4.71 52.75
C LEU AA 88 -25.82 5.87 52.97
N PRO AA 89 -24.53 5.70 52.65
CA PRO AA 89 -23.56 6.77 52.90
C PRO AA 89 -23.43 7.81 51.79
N ALA AA 90 -24.56 8.32 51.30
CA ALA AA 90 -24.61 9.61 50.61
C ALA AA 90 -23.88 9.67 49.28
N ASN AA 91 -23.17 8.62 48.91
CA ASN AA 91 -22.43 8.62 47.65
C ASN AA 91 -22.78 7.41 46.80
N LYS AA 92 -23.61 6.51 47.30
CA LYS AA 92 -24.21 5.46 46.48
C LYS AA 92 -25.46 5.95 45.78
N LEU AA 93 -25.70 7.26 45.77
CA LEU AA 93 -26.90 7.83 45.18
C LEU AA 93 -26.57 8.33 43.78
N TYR AA 94 -27.41 7.94 42.82
CA TYR AA 94 -27.19 8.24 41.41
C TYR AA 94 -27.91 9.54 41.04
N LEU AA 95 -27.47 10.61 41.69
CA LEU AA 95 -28.06 11.92 41.52
C LEU AA 95 -27.62 12.56 40.21
N ILE AA 96 -28.56 13.20 39.53
CA ILE AA 96 -28.26 13.95 38.32
C ILE AA 96 -28.46 15.43 38.63
N ARG AA 97 -27.70 16.27 37.95
CA ARG AA 97 -27.64 17.71 38.21
C ARG AA 97 -27.28 17.96 39.68
N LYS AA 98 -26.07 17.55 40.04
CA LYS AA 98 -25.59 17.77 41.40
C LYS AA 98 -25.31 19.24 41.62
N LYS AA 99 -25.77 19.76 42.75
CA LYS AA 99 -25.50 21.13 43.15
C LYS AA 99 -24.76 21.22 44.47
N GLY AA 100 -25.26 20.59 45.52
CA GLY AA 100 -24.57 20.54 46.79
C GLY AA 100 -24.35 19.12 47.26
N ASN AA 101 -23.34 18.89 48.09
CA ASN AA 101 -23.04 17.56 48.58
C ASN AA 101 -23.81 17.27 49.85
N ILE AA 102 -23.75 16.01 50.29
CA ILE AA 102 -24.76 15.45 51.19
C ILE AA 102 -24.08 14.93 52.45
N SER AA 103 -24.90 14.79 53.51
CA SER AA 103 -24.46 14.78 54.91
C SER AA 103 -24.00 13.42 55.43
N ASP AA 104 -23.50 12.56 54.53
CA ASP AA 104 -22.73 11.35 54.80
C ASP AA 104 -23.58 10.18 55.29
N ASP AA 105 -24.86 10.35 55.56
CA ASP AA 105 -25.70 9.23 55.96
C ASP AA 105 -27.15 9.61 55.72
N LEU AA 106 -27.87 8.75 55.01
CA LEU AA 106 -29.23 9.03 54.59
C LEU AA 106 -30.11 7.86 54.99
N LYS AA 107 -31.31 8.17 55.46
CA LYS AA 107 -32.38 7.20 55.58
C LYS AA 107 -33.42 7.54 54.52
N ILE AA 108 -33.77 6.55 53.70
CA ILE AA 108 -34.59 6.75 52.53
C ILE AA 108 -35.68 5.69 52.51
N TYR AA 109 -36.91 6.12 52.25
CA TYR AA 109 -38.04 5.23 52.03
C TYR AA 109 -38.39 5.26 50.54
N ILE AA 110 -38.68 4.09 49.99
CA ILE AA 110 -38.99 3.99 48.57
C ILE AA 110 -40.30 3.22 48.41
N PRO AA 111 -41.25 3.75 47.63
CA PRO AA 111 -42.48 3.01 47.33
C PRO AA 111 -42.18 1.67 46.69
N TYR AA 112 -42.50 0.61 47.40
CA TYR AA 112 -42.12 -0.73 46.99
C TYR AA 112 -43.36 -1.53 46.62
N SER AA 113 -43.12 -2.67 45.96
CA SER AA 113 -44.19 -3.55 45.55
C SER AA 113 -43.58 -4.89 45.15
N SER AA 114 -44.11 -5.98 45.69
CA SER AA 114 -43.64 -7.28 45.27
C SER AA 114 -44.11 -7.57 43.85
N PRO AA 115 -43.29 -8.24 43.05
CA PRO AA 115 -43.57 -8.32 41.60
C PRO AA 115 -44.76 -9.19 41.23
N ASP AA 116 -45.38 -9.91 42.17
CA ASP AA 116 -46.59 -10.69 41.90
C ASP AA 116 -46.36 -11.67 40.75
N ALA AA 117 -45.51 -12.65 41.03
CA ALA AA 117 -44.92 -13.47 39.98
C ALA AA 117 -45.94 -14.41 39.34
N ARG AA 118 -47.00 -13.84 38.77
CA ARG AA 118 -47.88 -14.57 37.87
C ARG AA 118 -48.12 -13.86 36.55
N ASN AA 119 -47.81 -12.56 36.45
CA ASN AA 119 -47.93 -11.81 35.22
C ASN AA 119 -46.63 -11.04 34.98
N SER AA 120 -45.84 -11.51 34.02
CA SER AA 120 -44.54 -10.90 33.75
C SER AA 120 -44.69 -9.43 33.39
N MET AA 121 -43.78 -8.62 33.91
CA MET AA 121 -43.69 -7.22 33.53
C MET AA 121 -42.71 -7.08 32.39
N LYS AA 122 -43.11 -6.35 31.35
CA LYS AA 122 -42.25 -6.01 30.23
C LYS AA 122 -42.30 -4.50 30.10
N THR AA 123 -41.49 -3.82 30.91
CA THR AA 123 -41.60 -2.37 31.03
C THR AA 123 -41.41 -1.68 29.69
N LYS AA 124 -42.02 -0.51 29.56
CA LYS AA 124 -41.83 0.31 28.39
C LYS AA 124 -41.41 1.71 28.83
N PRO AA 125 -40.58 2.37 28.03
CA PRO AA 125 -40.11 3.71 28.40
C PRO AA 125 -41.24 4.72 28.32
N VAL AA 126 -41.38 5.52 29.38
CA VAL AA 126 -42.38 6.57 29.46
C VAL AA 126 -41.67 7.89 29.59
N SER AA 127 -41.95 8.80 28.67
CA SER AA 127 -41.58 10.20 28.80
C SER AA 127 -42.70 10.96 29.48
N ILE AA 128 -42.42 12.19 29.89
CA ILE AA 128 -43.43 13.04 30.50
C ILE AA 128 -43.93 14.03 29.45
N SER AA 129 -45.17 13.83 29.03
CA SER AA 129 -45.87 14.72 28.13
C SER AA 129 -47.23 14.95 28.80
N ASP AA 130 -48.19 15.47 28.05
CA ASP AA 130 -49.44 16.02 28.60
C ASP AA 130 -49.13 17.24 29.47
N ASP AA 131 -48.75 18.31 28.77
CA ASP AA 131 -48.37 19.59 29.37
C ASP AA 131 -49.34 20.04 30.45
N THR AA 132 -50.58 19.55 30.46
CA THR AA 132 -51.46 19.83 31.57
C THR AA 132 -51.08 19.01 32.80
N ILE AA 133 -50.49 17.83 32.61
CA ILE AA 133 -49.97 17.05 33.73
C ILE AA 133 -48.74 17.73 34.30
N VAL AA 134 -48.00 18.46 33.48
CA VAL AA 134 -46.94 19.32 33.99
C VAL AA 134 -47.47 20.19 35.12
N ASN AA 135 -48.61 20.82 34.88
CA ASN AA 135 -49.18 21.72 35.88
C ASN AA 135 -49.69 20.97 37.11
N ASN AA 136 -50.24 19.77 36.95
CA ASN AA 136 -50.72 19.07 38.13
C ASN AA 136 -49.57 18.55 38.97
N ILE AA 137 -48.45 18.18 38.33
CA ILE AA 137 -47.25 17.86 39.09
C ILE AA 137 -46.74 19.10 39.81
N ILE AA 138 -46.75 20.26 39.14
CA ILE AA 138 -46.30 21.49 39.80
C ILE AA 138 -47.15 21.78 41.02
N LYS AA 139 -48.46 21.56 40.92
CA LYS AA 139 -49.36 21.92 42.00
C LYS AA 139 -49.64 20.77 42.97
N GLU AA 140 -49.03 19.60 42.77
CA GLU AA 140 -49.24 18.47 43.66
C GLU AA 140 -48.00 18.04 44.41
N VAL AA 141 -46.80 18.35 43.89
CA VAL AA 141 -45.56 18.16 44.62
C VAL AA 141 -44.76 19.46 44.72
N PHE AA 142 -44.64 20.20 43.63
CA PHE AA 142 -43.84 21.44 43.64
C PHE AA 142 -44.59 22.61 44.25
N ASP AA 143 -45.77 22.38 44.82
CA ASP AA 143 -46.41 23.30 45.74
C ASP AA 143 -46.58 22.72 47.12
N LYS AA 144 -46.67 21.39 47.23
CA LYS AA 144 -46.79 20.71 48.52
C LYS AA 144 -45.44 20.41 49.16
N ILE AA 145 -44.33 20.66 48.47
CA ILE AA 145 -43.01 20.44 49.03
C ILE AA 145 -42.20 21.72 48.94
N TYR AA 146 -42.09 22.27 47.74
CA TYR AA 146 -41.35 23.52 47.50
C TYR AA 146 -42.36 24.66 47.43
N ASN AA 147 -42.81 25.09 48.61
CA ASN AA 147 -43.83 26.13 48.69
C ASN AA 147 -43.37 27.46 48.10
N ILE AA 148 -42.07 27.62 47.87
CA ILE AA 148 -41.55 28.87 47.30
C ILE AA 148 -42.11 29.11 45.90
N THR AA 149 -42.61 28.07 45.24
CA THR AA 149 -43.15 28.22 43.89
C THR AA 149 -44.27 29.25 43.89
N GLN AA 150 -44.35 29.99 42.78
CA GLN AA 150 -45.26 31.13 42.59
C GLN AA 150 -45.25 32.11 43.76
N LYS AA 151 -44.16 32.13 44.52
CA LYS AA 151 -43.94 33.09 45.59
C LYS AA 151 -42.67 33.90 45.39
N GLU AA 152 -41.64 33.29 44.79
CA GLU AA 152 -40.37 33.94 44.52
C GLU AA 152 -39.98 33.71 43.06
N LYS AA 153 -40.50 32.64 42.48
CA LYS AA 153 -40.07 32.17 41.18
C LYS AA 153 -40.86 32.85 40.07
N VAL AA 154 -40.16 33.56 39.19
CA VAL AA 154 -40.74 34.00 37.93
C VAL AA 154 -40.27 33.14 36.76
N LYS AA 155 -39.31 32.25 36.99
CA LYS AA 155 -38.91 31.28 35.97
C LYS AA 155 -39.56 29.93 36.25
N ILE AA 156 -40.87 29.86 36.01
CA ILE AA 156 -41.56 28.59 36.07
C ILE AA 156 -41.58 27.91 34.70
N GLU AA 157 -41.43 28.66 33.61
CA GLU AA 157 -41.21 28.03 32.32
C GLU AA 157 -39.91 27.25 32.29
N LYS AA 158 -38.89 27.76 32.99
CA LYS AA 158 -37.62 27.03 33.11
C LYS AA 158 -37.82 25.69 33.80
N VAL AA 159 -38.53 25.68 34.94
CA VAL AA 159 -38.77 24.43 35.64
C VAL AA 159 -39.72 23.53 34.85
N LYS AA 160 -40.58 24.10 34.01
CA LYS AA 160 -41.52 23.28 33.24
C LYS AA 160 -40.82 22.53 32.11
N GLU AA 161 -40.04 23.27 31.31
CA GLU AA 161 -39.39 22.64 30.16
C GLU AA 161 -38.42 21.55 30.57
N ASP AA 162 -38.10 21.42 31.87
CA ASP AA 162 -37.28 20.32 32.35
C ASP AA 162 -38.02 19.35 33.25
N ILE AA 163 -39.14 19.74 33.86
CA ILE AA 163 -39.99 18.71 34.44
C ILE AA 163 -40.55 17.83 33.35
N LYS AA 164 -40.55 18.32 32.10
CA LYS AA 164 -40.92 17.47 30.99
C LYS AA 164 -39.80 16.52 30.58
N GLU AA 165 -38.55 17.01 30.51
CA GLU AA 165 -37.48 16.25 29.87
C GLU AA 165 -36.51 15.58 30.83
N LEU AA 166 -36.23 16.18 31.99
CA LEU AA 166 -35.34 15.59 32.97
C LEU AA 166 -35.97 14.44 33.73
N PHE AA 167 -37.20 14.04 33.40
CA PHE AA 167 -37.92 13.03 34.16
C PHE AA 167 -38.55 12.02 33.21
N SER AA 168 -37.83 10.94 32.95
CA SER AA 168 -38.35 9.78 32.25
C SER AA 168 -38.39 8.60 33.20
N TYR AA 169 -39.08 7.55 32.81
CA TYR AA 169 -39.15 6.37 33.66
C TYR AA 169 -39.62 5.18 32.83
N TYR AA 170 -40.00 4.09 33.51
CA TYR AA 170 -40.42 2.87 32.85
C TYR AA 170 -41.68 2.33 33.53
N ALA AA 171 -42.61 1.84 32.73
CA ALA AA 171 -43.89 1.33 33.22
C ALA AA 171 -43.99 -0.18 33.02
N LEU AA 172 -44.62 -0.86 33.98
CA LEU AA 172 -44.63 -2.32 34.00
C LEU AA 172 -45.35 -2.97 32.82
N GLU AA 173 -45.97 -2.18 31.93
CA GLU AA 173 -46.70 -2.61 30.74
C GLU AA 173 -48.09 -3.16 31.08
N GLN AA 174 -48.41 -3.42 32.34
CA GLN AA 174 -49.72 -3.92 32.69
C GLN AA 174 -50.24 -3.26 33.96
N SER BA 2 38.43 28.06 69.65
CA SER BA 2 37.98 28.85 68.50
C SER BA 2 36.47 29.05 68.50
N THR BA 3 35.75 28.23 67.74
CA THR BA 3 34.32 28.45 67.51
C THR BA 3 33.59 27.11 67.56
N GLN BA 4 32.50 27.08 68.32
CA GLN BA 4 31.70 25.88 68.51
C GLN BA 4 30.23 26.25 68.62
N ARG BA 5 29.36 25.36 68.16
CA ARG BA 5 27.92 25.60 68.19
C ARG BA 5 27.18 24.35 68.63
N GLU BA 6 25.89 24.52 68.91
CA GLU BA 6 24.99 23.44 69.27
C GLU BA 6 23.78 23.47 68.37
N TYR BA 7 23.36 22.31 67.88
CA TYR BA 7 22.21 22.21 67.01
C TYR BA 7 20.97 21.89 67.83
N VAL BA 8 20.02 22.83 67.86
CA VAL BA 8 18.80 22.67 68.62
C VAL BA 8 17.67 22.45 67.64
N PHE BA 9 17.24 21.20 67.51
CA PHE BA 9 16.14 20.91 66.61
C PHE BA 9 14.82 21.34 67.24
N ILE BA 10 13.82 21.57 66.39
CA ILE BA 10 12.57 22.19 66.82
C ILE BA 10 11.41 21.22 66.62
N PRO BA 11 11.10 20.37 67.61
CA PRO BA 11 9.86 19.60 67.54
C PRO BA 11 8.71 20.29 68.26
N ILE BA 12 7.50 19.75 68.10
CA ILE BA 12 6.35 20.24 68.84
C ILE BA 12 6.55 20.05 70.34
N THR BA 13 7.45 19.15 70.72
CA THR BA 13 7.55 18.70 72.10
C THR BA 13 8.23 19.74 72.98
N ASN BA 14 7.79 19.78 74.25
CA ASN BA 14 8.50 20.48 75.31
C ASN BA 14 9.71 19.69 75.80
N SER BA 15 10.10 18.65 75.08
CA SER BA 15 11.23 17.80 75.45
C SER BA 15 12.57 18.41 75.07
N ILE BA 16 12.63 19.71 74.80
CA ILE BA 16 13.85 20.36 74.37
C ILE BA 16 14.19 21.50 75.32
N THR BA 17 13.83 21.35 76.60
CA THR BA 17 14.12 22.42 77.56
C THR BA 17 15.55 22.35 78.06
N ILE BA 18 15.93 21.25 78.70
CA ILE BA 18 17.26 21.12 79.30
C ILE BA 18 18.18 20.59 78.20
N ASP BA 19 18.65 21.52 77.36
CA ASP BA 19 19.57 21.21 76.28
C ASP BA 19 20.82 22.09 76.31
N VAL BA 20 20.92 23.01 77.25
CA VAL BA 20 21.84 24.13 77.16
C VAL BA 20 22.95 23.99 78.19
N LYS BA 21 24.09 24.62 77.87
CA LYS BA 21 25.12 24.91 78.84
C LYS BA 21 25.64 26.34 78.75
N ILE BA 22 25.49 27.00 77.61
CA ILE BA 22 26.00 28.35 77.40
C ILE BA 22 24.89 29.21 76.81
N THR BA 23 24.90 30.49 77.17
CA THR BA 23 23.96 31.46 76.60
C THR BA 23 24.47 32.05 75.28
N ILE BA 24 25.70 32.58 75.27
CA ILE BA 24 26.31 33.12 74.06
C ILE BA 24 27.69 32.52 73.88
N GLY BA 25 28.53 32.64 74.91
CA GLY BA 25 29.87 32.09 74.89
C GLY BA 25 30.85 32.93 74.11
N GLY BA 26 30.71 32.92 72.78
CA GLY BA 26 31.58 33.69 71.93
C GLY BA 26 31.07 35.11 71.73
N SER BA 27 30.90 35.50 70.47
CA SER BA 27 30.32 36.81 70.18
C SER BA 27 29.32 36.75 69.03
N ASP BA 28 28.71 35.59 68.77
CA ASP BA 28 27.91 35.42 67.56
C ASP BA 28 27.05 34.18 67.68
N HIS BA 29 25.86 34.26 67.09
CA HIS BA 29 25.01 33.10 66.83
C HIS BA 29 24.86 32.93 65.33
N ILE BA 30 24.96 31.68 64.87
CA ILE BA 30 24.81 31.40 63.45
C ILE BA 30 23.42 31.81 62.97
N THR BA 31 22.40 31.26 63.60
CA THR BA 31 21.03 31.63 63.27
C THR BA 31 20.78 33.09 63.66
N ASN BA 32 20.00 33.80 62.84
CA ASN BA 32 19.65 35.17 63.11
C ASN BA 32 18.14 35.35 63.07
N ILE BA 33 17.64 36.26 63.92
CA ILE BA 33 16.26 36.71 63.87
C ILE BA 33 16.32 38.23 63.81
N ASP BA 34 16.36 38.77 62.59
CA ASP BA 34 16.63 40.19 62.35
C ASP BA 34 15.48 40.77 61.54
N GLU BA 35 14.41 41.19 62.24
CA GLU BA 35 13.29 41.97 61.72
C GLU BA 35 12.66 41.38 60.47
N ARG BA 36 12.99 40.13 60.13
CA ARG BA 36 12.36 39.43 59.03
C ARG BA 36 12.06 37.97 59.34
N GLY BA 37 12.46 37.48 60.51
CA GLY BA 37 12.28 36.10 60.87
C GLY BA 37 13.59 35.36 61.00
N ILE BA 38 13.49 34.03 60.93
CA ILE BA 38 14.64 33.16 61.08
C ILE BA 38 15.66 33.39 59.96
N HIS BA 39 16.89 32.95 60.21
CA HIS BA 39 17.94 32.95 59.21
C HIS BA 39 18.93 31.84 59.53
N ASN BA 40 19.58 31.31 58.50
CA ASN BA 40 20.59 30.27 58.62
C ASN BA 40 20.06 29.08 59.42
N VAL BA 41 19.03 28.45 58.88
CA VAL BA 41 18.44 27.28 59.49
C VAL BA 41 19.11 26.03 58.94
N LEU BA 42 19.43 25.09 59.82
CA LEU BA 42 20.21 23.91 59.46
C LEU BA 42 19.31 22.68 59.37
N VAL BA 43 19.44 21.93 58.26
CA VAL BA 43 18.69 20.72 58.02
C VAL BA 43 19.64 19.52 58.10
N ILE BA 44 19.19 18.45 58.73
CA ILE BA 44 19.92 17.19 58.76
C ILE BA 44 18.99 16.11 58.22
N THR BA 45 19.36 15.55 57.07
CA THR BA 45 18.54 14.51 56.46
C THR BA 45 18.99 13.13 56.92
N GLY BA 46 18.14 12.14 56.66
CA GLY BA 46 18.40 10.80 57.14
C GLY BA 46 18.26 10.62 58.63
N TYR BA 47 17.66 11.59 59.32
CA TYR BA 47 17.50 11.56 60.76
C TYR BA 47 16.06 11.86 61.12
N ALA BA 48 15.52 11.08 62.05
CA ALA BA 48 14.21 11.31 62.61
C ALA BA 48 14.34 11.63 64.10
N VAL BA 49 13.50 12.54 64.59
CA VAL BA 49 13.54 12.88 66.00
C VAL BA 49 12.94 11.73 66.81
N ASP BA 50 13.28 11.70 68.10
CA ASP BA 50 12.88 10.63 69.01
C ASP BA 50 12.20 11.27 70.22
N GLU BA 51 11.13 12.02 69.96
CA GLU BA 51 10.42 12.84 70.94
C GLU BA 51 10.25 12.16 72.29
N LYS BA 52 10.39 10.84 72.33
CA LYS BA 52 10.58 10.12 73.59
C LYS BA 52 11.95 10.51 74.14
N ASN BA 53 11.99 11.55 74.97
CA ASN BA 53 13.23 12.21 75.35
C ASN BA 53 14.00 12.64 74.10
N GLY BA 54 13.37 13.57 73.38
CA GLY BA 54 13.72 13.92 72.02
C GLY BA 54 15.18 14.21 71.68
N ARG BA 55 15.75 13.32 70.88
CA ARG BA 55 17.05 13.49 70.25
C ARG BA 55 16.93 13.05 68.80
N LEU BA 56 18.03 13.11 68.06
CA LEU BA 56 18.02 12.69 66.67
C LEU BA 56 18.47 11.24 66.56
N VAL BA 57 17.77 10.46 65.73
CA VAL BA 57 18.07 9.06 65.51
C VAL BA 57 18.40 8.88 64.04
N PRO BA 58 19.50 8.22 63.70
CA PRO BA 58 19.86 8.08 62.28
C PRO BA 58 19.01 7.01 61.62
N THR BA 59 18.48 7.34 60.45
CA THR BA 59 17.80 6.38 59.59
C THR BA 59 18.59 6.28 58.29
N LEU BA 60 18.06 5.52 57.34
CA LEU BA 60 18.69 5.35 56.05
C LEU BA 60 17.77 5.78 54.93
N ASP BA 61 17.11 6.93 55.11
CA ASP BA 61 16.09 7.41 54.18
C ASP BA 61 16.33 8.88 53.93
N PRO BA 62 16.53 9.31 52.68
CA PRO BA 62 16.72 10.74 52.40
C PRO BA 62 15.44 11.56 52.50
N CYS BA 63 14.28 10.93 52.60
CA CYS BA 63 13.04 11.66 52.82
C CYS BA 63 12.84 12.05 54.27
N ASP BA 64 13.63 11.50 55.18
CA ASP BA 64 13.58 11.88 56.58
C ASP BA 64 14.56 13.01 56.82
N TYR BA 65 14.11 14.04 57.54
CA TYR BA 65 14.94 15.21 57.76
C TYR BA 65 14.40 16.00 58.94
N VAL BA 66 15.31 16.71 59.62
CA VAL BA 66 14.99 17.49 60.79
C VAL BA 66 15.62 18.87 60.63
N LYS BA 67 14.82 19.90 60.84
CA LYS BA 67 15.28 21.29 60.77
C LYS BA 67 15.55 21.82 62.18
N GLY BA 68 16.41 22.83 62.24
CA GLY BA 68 16.69 23.46 63.52
C GLY BA 68 17.64 24.63 63.37
N ILE BA 69 18.20 25.06 64.50
CA ILE BA 69 19.03 26.26 64.57
C ILE BA 69 20.38 25.91 65.17
N LEU BA 70 21.33 26.83 65.00
CA LEU BA 70 22.70 26.66 65.48
C LEU BA 70 23.00 27.74 66.52
N VAL BA 71 22.84 27.39 67.78
CA VAL BA 71 23.19 28.27 68.89
C VAL BA 71 24.64 28.03 69.27
N ALA BA 72 25.29 29.08 69.75
CA ALA BA 72 26.69 29.00 70.15
C ALA BA 72 26.80 28.45 71.56
N GLY BA 73 27.69 27.49 71.77
CA GLY BA 73 27.96 26.98 73.10
C GLY BA 73 28.39 25.53 73.06
N THR BA 74 28.45 24.94 74.25
CA THR BA 74 28.72 23.54 74.52
C THR BA 74 27.47 22.90 75.09
N PRO BA 75 27.30 21.58 74.95
CA PRO BA 75 25.96 21.00 75.18
C PRO BA 75 25.40 21.08 76.59
N GLN BA 76 25.93 20.29 77.53
CA GLN BA 76 25.38 20.27 78.87
C GLN BA 76 26.42 20.03 79.97
N GLN BA 77 27.59 19.50 79.57
CA GLN BA 77 28.57 18.86 80.43
C GLN BA 77 28.06 17.50 80.89
N ALA BA 78 26.79 17.21 80.64
CA ALA BA 78 26.19 15.91 80.92
C ALA BA 78 26.04 15.09 79.64
N GLN BA 79 27.18 14.78 79.03
CA GLN BA 79 27.25 14.14 77.73
C GLN BA 79 28.50 13.28 77.68
N SER BA 80 28.97 13.00 76.46
CA SER BA 80 30.07 12.09 76.09
C SER BA 80 29.56 10.65 75.97
N ASN BA 81 28.26 10.45 75.98
CA ASN BA 81 27.66 9.15 75.69
C ASN BA 81 26.55 9.18 74.66
N ASP BA 82 25.91 10.33 74.44
CA ASP BA 82 24.73 10.41 73.59
C ASP BA 82 24.90 11.32 72.39
N PHE BA 83 25.38 12.55 72.57
CA PHE BA 83 25.48 13.48 71.46
C PHE BA 83 26.64 13.10 70.54
N LEU BA 84 26.66 13.69 69.35
CA LEU BA 84 27.73 13.47 68.38
C LEU BA 84 28.32 14.81 67.94
N THR BA 85 29.54 15.08 68.38
CA THR BA 85 30.26 16.28 67.96
C THR BA 85 31.04 16.01 66.68
N LEU BA 86 31.14 17.04 65.84
CA LEU BA 86 31.86 16.90 64.59
C LEU BA 86 32.34 18.26 64.11
N LYS BA 87 33.44 18.26 63.37
CA LYS BA 87 34.02 19.48 62.82
C LYS BA 87 33.87 19.47 61.31
N LEU BA 88 33.20 20.50 60.79
CA LEU BA 88 32.91 20.60 59.36
C LEU BA 88 33.30 21.96 58.83
N PRO BA 89 33.73 22.04 57.57
CA PRO BA 89 34.22 23.33 57.06
C PRO BA 89 33.11 24.26 56.59
N ALA BA 90 32.03 24.32 57.36
CA ALA BA 90 31.04 25.41 57.30
C ALA BA 90 30.33 25.51 55.95
N ASN BA 91 30.72 24.69 54.98
CA ASN BA 91 30.01 24.61 53.71
C ASN BA 91 29.36 23.26 53.51
N LYS BA 92 29.62 22.32 54.41
CA LYS BA 92 28.96 21.02 54.42
C LYS BA 92 27.75 21.02 55.34
N LEU BA 93 27.11 22.16 55.48
CA LEU BA 93 25.85 22.30 56.22
C LEU BA 93 24.80 22.82 55.26
N TYR BA 94 23.65 22.18 55.21
CA TYR BA 94 22.56 22.69 54.40
C TYR BA 94 21.83 23.75 55.21
N LEU BA 95 22.14 25.01 54.93
CA LEU BA 95 21.58 26.13 55.68
C LEU BA 95 20.38 26.69 54.94
N ILE BA 96 19.19 26.52 55.52
CA ILE BA 96 18.01 27.18 54.97
C ILE BA 96 18.08 28.68 55.28
N ARG BA 97 17.71 29.49 54.30
CA ARG BA 97 17.68 30.94 54.45
C ARG BA 97 19.06 31.49 54.81
N LYS BA 98 20.04 31.14 53.98
CA LYS BA 98 21.40 31.66 54.17
C LYS BA 98 21.38 33.17 54.12
N LYS BA 99 21.67 33.80 55.27
CA LYS BA 99 21.62 35.24 55.40
C LYS BA 99 22.99 35.90 55.27
N GLY BA 100 24.01 35.34 55.91
CA GLY BA 100 25.33 35.95 55.88
C GLY BA 100 26.38 35.03 55.31
N ASN BA 101 27.57 35.02 55.93
CA ASN BA 101 28.67 34.17 55.51
C ASN BA 101 29.11 33.30 56.69
N ILE BA 102 30.23 32.61 56.51
CA ILE BA 102 30.72 31.61 57.45
C ILE BA 102 32.18 31.92 57.78
N SER BA 103 32.78 31.07 58.62
CA SER BA 103 34.19 31.17 58.99
C SER BA 103 35.01 29.99 58.49
N ASP BA 104 34.39 29.05 57.76
CA ASP BA 104 35.04 27.98 57.01
C ASP BA 104 35.52 26.80 57.85
N ASP BA 105 35.29 26.81 59.16
CA ASP BA 105 35.52 25.60 59.97
C ASP BA 105 34.81 25.77 61.30
N LEU BA 106 33.84 24.89 61.58
CA LEU BA 106 33.03 24.99 62.78
C LEU BA 106 32.86 23.61 63.41
N LYS BA 107 32.90 23.57 64.73
CA LYS BA 107 32.58 22.38 65.50
C LYS BA 107 31.14 22.47 65.99
N ILE BA 108 30.38 21.39 65.82
CA ILE BA 108 28.95 21.37 66.09
C ILE BA 108 28.61 20.14 66.91
N TYR BA 109 27.56 20.26 67.73
CA TYR BA 109 27.01 19.17 68.53
C TYR BA 109 25.55 19.00 68.16
N ILE BA 110 25.19 17.81 67.70
CA ILE BA 110 23.79 17.50 67.39
C ILE BA 110 23.30 16.47 68.40
N PRO BA 111 22.08 16.60 68.90
CA PRO BA 111 21.60 15.65 69.92
C PRO BA 111 21.29 14.30 69.29
N TYR BA 112 22.17 13.32 69.52
CA TYR BA 112 22.05 12.02 68.88
C TYR BA 112 21.55 10.98 69.85
N SER BA 113 20.80 10.02 69.33
CA SER BA 113 20.32 8.88 70.09
C SER BA 113 20.61 7.61 69.31
N SER BA 114 20.87 6.53 70.04
CA SER BA 114 21.13 5.25 69.39
C SER BA 114 19.89 4.80 68.62
N PRO BA 115 20.07 4.06 67.52
CA PRO BA 115 18.91 3.69 66.70
C PRO BA 115 17.95 2.72 67.36
N ASP BA 116 18.36 2.02 68.43
CA ASP BA 116 17.48 1.16 69.21
C ASP BA 116 16.83 0.09 68.32
N ALA BA 117 17.68 -0.81 67.83
CA ALA BA 117 17.27 -1.84 66.88
C ALA BA 117 16.53 -2.99 67.60
N ARG BA 118 15.41 -2.63 68.21
CA ARG BA 118 14.50 -3.61 68.80
C ARG BA 118 13.06 -3.35 68.38
N ASN BA 119 12.84 -2.37 67.51
CA ASN BA 119 11.54 -2.11 66.91
C ASN BA 119 11.80 -1.49 65.55
N SER BA 120 10.96 -1.83 64.58
CA SER BA 120 11.10 -1.25 63.24
C SER BA 120 10.95 0.25 63.33
N MET BA 121 11.99 0.98 62.90
CA MET BA 121 12.03 2.43 63.05
C MET BA 121 11.37 3.11 61.84
N LYS BA 122 10.09 2.82 61.67
CA LYS BA 122 9.30 3.44 60.60
C LYS BA 122 8.71 4.74 61.11
N THR BA 123 9.19 5.85 60.56
CA THR BA 123 8.86 7.20 60.97
C THR BA 123 7.89 7.86 60.01
N LYS BA 124 7.28 8.93 60.47
CA LYS BA 124 6.26 9.66 59.72
C LYS BA 124 6.48 11.16 59.89
N PRO BA 125 5.99 11.96 58.95
CA PRO BA 125 6.24 13.40 59.02
C PRO BA 125 5.40 14.09 60.08
N VAL BA 126 5.87 15.26 60.49
CA VAL BA 126 5.22 16.10 61.49
C VAL BA 126 5.50 17.56 61.15
N SER BA 127 4.44 18.34 61.00
CA SER BA 127 4.55 19.79 60.84
C SER BA 127 4.11 20.48 62.12
N ILE BA 128 4.83 21.53 62.51
CA ILE BA 128 4.55 22.23 63.75
C ILE BA 128 3.41 23.21 63.49
N SER BA 129 2.23 22.85 63.96
CA SER BA 129 1.01 23.65 63.94
C SER BA 129 0.60 23.93 65.38
N ASP BA 130 -0.64 24.37 65.59
CA ASP BA 130 -1.20 24.56 66.92
C ASP BA 130 -0.44 25.66 67.67
N ASP BA 131 -0.64 26.88 67.16
CA ASP BA 131 0.18 28.05 67.48
C ASP BA 131 0.40 28.30 68.97
N THR BA 132 -0.42 27.74 69.86
CA THR BA 132 -0.13 27.90 71.28
C THR BA 132 1.21 27.28 71.63
N ILE BA 133 1.56 26.16 70.98
CA ILE BA 133 2.91 25.62 71.15
C ILE BA 133 3.92 26.55 70.50
N VAL BA 134 3.53 27.26 69.44
CA VAL BA 134 4.44 28.23 68.85
C VAL BA 134 4.64 29.39 69.80
N ASN BA 135 3.56 29.88 70.40
CA ASN BA 135 3.68 31.00 71.33
C ASN BA 135 4.39 30.62 72.61
N ASN BA 136 4.42 29.34 72.97
CA ASN BA 136 5.20 28.96 74.14
C ASN BA 136 6.62 28.52 73.78
N ILE BA 137 6.86 28.13 72.53
CA ILE BA 137 8.23 27.85 72.12
C ILE BA 137 8.98 29.14 71.89
N ILE BA 138 8.28 30.23 71.56
CA ILE BA 138 8.89 31.56 71.66
C ILE BA 138 9.44 31.77 73.07
N LYS BA 139 8.61 31.51 74.08
CA LYS BA 139 9.05 31.61 75.47
C LYS BA 139 10.26 30.71 75.73
N GLU BA 140 10.16 29.45 75.31
CA GLU BA 140 11.16 28.45 75.67
C GLU BA 140 12.51 28.75 75.03
N VAL BA 141 12.56 28.75 73.69
CA VAL BA 141 13.84 28.84 73.00
C VAL BA 141 14.14 30.23 72.48
N PHE BA 142 13.14 31.08 72.26
CA PHE BA 142 13.35 32.42 71.75
C PHE BA 142 13.16 33.48 72.83
N ASP BA 143 13.14 33.08 74.10
CA ASP BA 143 13.20 34.02 75.21
C ASP BA 143 14.18 33.58 76.28
N LYS BA 144 14.81 32.42 76.13
CA LYS BA 144 15.93 32.02 76.97
C LYS BA 144 17.27 32.29 76.32
N ILE BA 145 17.32 32.34 74.98
CA ILE BA 145 18.54 32.60 74.24
C ILE BA 145 18.40 33.84 73.37
N TYR BA 146 17.30 33.95 72.63
CA TYR BA 146 17.05 35.12 71.79
C TYR BA 146 16.15 36.10 72.52
N ASN BA 147 16.69 36.65 73.59
CA ASN BA 147 15.98 37.66 74.37
C ASN BA 147 15.84 38.99 73.65
N ILE BA 148 16.28 39.09 72.40
CA ILE BA 148 15.90 40.22 71.56
C ILE BA 148 14.39 40.32 71.49
N THR BA 149 13.72 39.17 71.39
CA THR BA 149 12.30 39.10 71.67
C THR BA 149 12.02 39.72 73.04
N GLN BA 150 11.11 40.68 73.07
CA GLN BA 150 10.77 41.57 74.18
C GLN BA 150 11.78 42.73 74.32
N LYS BA 151 12.90 42.73 73.60
CA LYS BA 151 13.88 43.79 73.75
C LYS BA 151 13.76 44.87 72.67
N GLU BA 152 13.87 44.48 71.41
CA GLU BA 152 13.70 45.38 70.28
C GLU BA 152 12.61 44.94 69.32
N LYS BA 153 12.39 43.64 69.18
CA LYS BA 153 11.57 43.06 68.12
C LYS BA 153 10.16 42.88 68.64
N VAL BA 154 9.27 43.80 68.26
CA VAL BA 154 7.85 43.65 68.62
C VAL BA 154 7.13 42.72 67.64
N LYS BA 155 7.71 42.46 66.47
CA LYS BA 155 7.12 41.57 65.49
C LYS BA 155 7.54 40.13 65.77
N ILE BA 156 6.92 39.56 66.81
CA ILE BA 156 7.17 38.14 67.10
C ILE BA 156 6.16 37.26 66.36
N GLU BA 157 5.04 37.81 65.93
CA GLU BA 157 4.20 37.10 64.96
C GLU BA 157 4.95 36.86 63.65
N LYS BA 158 5.98 37.66 63.37
CA LYS BA 158 6.85 37.41 62.23
C LYS BA 158 7.48 36.02 62.30
N VAL BA 159 7.79 35.55 63.51
CA VAL BA 159 8.32 34.20 63.66
C VAL BA 159 7.21 33.19 63.94
N LYS BA 160 6.05 33.62 64.42
CA LYS BA 160 4.93 32.69 64.50
C LYS BA 160 4.56 32.20 63.10
N GLU BA 161 4.50 33.12 62.13
CA GLU BA 161 4.11 32.76 60.77
C GLU BA 161 5.01 31.68 60.19
N ASP BA 162 6.29 31.67 60.57
CA ASP BA 162 7.20 30.69 59.99
C ASP BA 162 7.33 29.42 60.83
N ILE BA 163 7.39 29.53 62.15
CA ILE BA 163 7.38 28.31 62.97
C ILE BA 163 6.14 27.49 62.67
N LYS BA 164 5.04 28.15 62.31
CA LYS BA 164 3.89 27.40 61.84
C LYS BA 164 4.01 26.98 60.38
N GLU BA 165 5.09 27.36 59.69
CA GLU BA 165 5.20 27.10 58.26
C GLU BA 165 6.55 26.55 57.80
N LEU BA 166 7.61 26.63 58.61
CA LEU BA 166 8.90 26.11 58.17
C LEU BA 166 9.37 24.93 59.01
N PHE BA 167 9.53 25.09 60.32
CA PHE BA 167 10.28 24.11 61.10
C PHE BA 167 9.51 22.81 61.24
N SER BA 168 9.41 22.06 60.14
CA SER BA 168 8.81 20.74 60.14
C SER BA 168 9.90 19.71 60.36
N TYR BA 169 9.51 18.44 60.47
CA TYR BA 169 10.48 17.38 60.73
C TYR BA 169 9.77 16.04 60.55
N TYR BA 170 10.49 14.95 60.86
CA TYR BA 170 9.93 13.61 60.90
C TYR BA 170 10.15 13.04 62.30
N ALA BA 171 9.35 12.04 62.65
CA ALA BA 171 9.42 11.46 63.99
C ALA BA 171 9.06 9.99 63.94
N LEU BA 172 9.76 9.19 64.74
CA LEU BA 172 9.48 7.75 64.80
C LEU BA 172 8.04 7.49 65.21
N GLU BA 173 7.50 8.32 66.11
CA GLU BA 173 6.14 8.16 66.62
C GLU BA 173 5.95 6.79 67.26
N GLN BA 174 7.01 6.25 67.83
CA GLN BA 174 6.98 4.95 68.51
C GLN BA 174 7.25 5.13 70.00
N SER CA 2 48.57 -11.27 21.29
CA SER CA 2 47.22 -11.22 20.74
C SER CA 2 46.39 -12.43 21.17
N THR CA 3 45.09 -12.20 21.39
CA THR CA 3 44.19 -13.30 21.67
C THR CA 3 44.10 -14.21 20.45
N GLN CA 4 44.14 -15.52 20.68
CA GLN CA 4 44.12 -16.52 19.61
C GLN CA 4 43.13 -17.61 19.96
N ARG CA 5 42.17 -17.85 19.06
CA ARG CA 5 41.08 -18.78 19.29
C ARG CA 5 41.22 -20.04 18.43
N GLU CA 6 40.74 -21.14 18.99
CA GLU CA 6 40.72 -22.44 18.33
C GLU CA 6 39.28 -22.79 17.96
N TYR CA 7 39.08 -23.18 16.71
CA TYR CA 7 37.77 -23.54 16.18
C TYR CA 7 37.63 -25.06 16.19
N VAL CA 8 36.41 -25.53 16.42
CA VAL CA 8 36.15 -26.96 16.49
C VAL CA 8 34.76 -27.25 15.95
N PHE CA 9 34.71 -28.14 14.97
CA PHE CA 9 33.46 -28.68 14.45
C PHE CA 9 32.73 -29.47 15.55
N ILE CA 10 31.41 -29.58 15.38
CA ILE CA 10 30.59 -30.36 16.30
C ILE CA 10 29.86 -31.44 15.51
N PRO CA 11 30.48 -32.58 15.25
CA PRO CA 11 29.82 -33.63 14.48
C PRO CA 11 29.02 -34.54 15.39
N ILE CA 12 28.28 -35.46 14.75
CA ILE CA 12 27.60 -36.50 15.51
C ILE CA 12 28.55 -37.56 16.03
N THR CA 13 29.73 -37.68 15.45
CA THR CA 13 30.70 -38.69 15.83
C THR CA 13 31.73 -38.07 16.77
N ASN CA 14 32.18 -38.87 17.74
CA ASN CA 14 33.11 -38.39 18.76
C ASN CA 14 34.54 -38.49 18.21
N SER CA 15 34.97 -37.40 17.59
CA SER CA 15 36.36 -37.24 17.15
C SER CA 15 36.92 -35.89 17.60
N ILE CA 16 36.47 -35.41 18.76
CA ILE CA 16 36.87 -34.12 19.29
C ILE CA 16 37.31 -34.28 20.74
N THR CA 17 37.41 -35.53 21.21
CA THR CA 17 37.74 -35.77 22.61
C THR CA 17 39.11 -35.19 22.95
N ILE CA 18 40.16 -35.72 22.33
CA ILE CA 18 41.47 -35.12 22.47
C ILE CA 18 41.86 -34.44 21.16
N ASP CA 19 41.44 -33.19 21.01
CA ASP CA 19 42.00 -32.25 20.04
C ASP CA 19 42.18 -30.87 20.62
N VAL CA 20 41.53 -30.54 21.72
CA VAL CA 20 41.73 -29.28 22.44
C VAL CA 20 42.61 -29.55 23.65
N LYS CA 21 43.56 -28.65 23.90
CA LYS CA 21 44.34 -28.69 25.12
C LYS CA 21 44.15 -27.42 25.95
N ILE CA 22 44.36 -26.25 25.37
CA ILE CA 22 44.11 -25.00 26.08
C ILE CA 22 42.59 -24.88 26.28
N THR CA 23 42.15 -25.10 27.52
CA THR CA 23 40.73 -24.95 27.81
C THR CA 23 40.34 -23.47 27.78
N ILE CA 24 40.97 -22.66 28.63
CA ILE CA 24 40.82 -21.23 28.54
C ILE CA 24 42.18 -20.59 28.33
N GLY CA 25 43.07 -20.70 29.32
CA GLY CA 25 44.37 -20.08 29.21
C GLY CA 25 44.28 -18.57 29.32
N GLY CA 26 43.55 -17.96 28.39
CA GLY CA 26 43.38 -16.52 28.34
C GLY CA 26 42.32 -16.01 29.29
N SER CA 27 41.42 -15.15 28.81
CA SER CA 27 40.47 -14.51 29.70
C SER CA 27 39.07 -14.37 29.11
N ASP CA 28 38.78 -14.97 27.96
CA ASP CA 28 37.44 -14.84 27.39
C ASP CA 28 37.24 -15.89 26.30
N HIS CA 29 35.97 -16.20 26.06
CA HIS CA 29 35.56 -17.12 25.01
C HIS CA 29 34.52 -16.43 24.13
N ILE CA 30 34.76 -16.43 22.82
CA ILE CA 30 33.80 -15.85 21.89
C ILE CA 30 32.47 -16.59 21.97
N THR CA 31 32.51 -17.92 21.88
CA THR CA 31 31.30 -18.72 21.99
C THR CA 31 30.86 -18.78 23.44
N ASN CA 32 29.58 -18.52 23.68
CA ASN CA 32 29.03 -18.38 25.03
C ASN CA 32 27.91 -19.38 25.27
N ILE CA 33 27.47 -19.41 26.53
CA ILE CA 33 26.16 -19.95 26.91
C ILE CA 33 25.56 -18.98 27.92
N ASP CA 34 24.59 -18.18 27.48
CA ASP CA 34 23.99 -17.12 28.31
C ASP CA 34 22.48 -17.20 28.28
N GLU CA 35 21.90 -18.04 29.14
CA GLU CA 35 20.47 -18.01 29.46
C GLU CA 35 19.59 -18.25 28.23
N ARG CA 36 20.21 -18.44 27.07
CA ARG CA 36 19.46 -18.63 25.84
C ARG CA 36 20.04 -19.75 24.98
N GLY CA 37 21.05 -20.46 25.46
CA GLY CA 37 21.72 -21.47 24.66
C GLY CA 37 23.07 -20.99 24.18
N ILE CA 38 23.62 -21.77 23.25
CA ILE CA 38 24.93 -21.45 22.69
C ILE CA 38 24.85 -20.12 21.95
N HIS CA 39 25.88 -19.29 22.10
CA HIS CA 39 25.90 -17.96 21.52
C HIS CA 39 27.17 -17.75 20.70
N ASN CA 40 27.12 -16.75 19.83
CA ASN CA 40 28.26 -16.29 19.04
C ASN CA 40 29.01 -17.46 18.41
N VAL CA 41 28.30 -18.14 17.52
CA VAL CA 41 28.82 -19.33 16.85
C VAL CA 41 29.33 -18.94 15.47
N LEU CA 42 30.43 -19.57 15.05
CA LEU CA 42 31.01 -19.33 13.74
C LEU CA 42 30.60 -20.43 12.78
N VAL CA 43 30.15 -20.02 11.59
CA VAL CA 43 29.85 -20.93 10.50
C VAL CA 43 30.86 -20.65 9.40
N ILE CA 44 31.37 -21.71 8.78
CA ILE CA 44 32.40 -21.60 7.75
C ILE CA 44 31.89 -22.25 6.48
N THR CA 45 32.22 -21.66 5.34
CA THR CA 45 31.70 -22.07 4.05
C THR CA 45 32.73 -22.90 3.29
N GLY CA 46 32.22 -23.77 2.41
CA GLY CA 46 33.09 -24.50 1.51
C GLY CA 46 33.91 -25.59 2.16
N TYR CA 47 33.47 -26.13 3.28
CA TYR CA 47 34.17 -27.22 3.94
C TYR CA 47 33.17 -28.22 4.49
N ALA CA 48 33.46 -29.50 4.30
CA ALA CA 48 32.66 -30.57 4.87
C ALA CA 48 33.44 -31.23 6.00
N VAL CA 49 32.89 -32.32 6.53
CA VAL CA 49 33.53 -33.04 7.62
C VAL CA 49 33.82 -34.45 7.14
N ASP CA 50 34.90 -35.03 7.68
CA ASP CA 50 35.45 -36.30 7.23
C ASP CA 50 35.51 -37.26 8.41
N GLU CA 51 34.37 -37.52 9.04
CA GLU CA 51 34.23 -38.17 10.35
C GLU CA 51 35.29 -39.23 10.60
N LYS CA 52 35.66 -39.98 9.56
CA LYS CA 52 36.78 -40.91 9.66
C LYS CA 52 38.04 -40.06 9.83
N ASN CA 53 38.48 -39.90 11.08
CA ASN CA 53 39.46 -38.87 11.43
C ASN CA 53 38.90 -37.49 11.08
N GLY CA 54 37.76 -37.17 11.69
CA GLY CA 54 36.95 -36.03 11.30
C GLY CA 54 37.66 -34.69 11.36
N ARG CA 55 37.78 -34.03 10.21
CA ARG CA 55 38.32 -32.68 10.11
C ARG CA 55 37.75 -32.02 8.87
N LEU CA 56 37.90 -30.70 8.78
CA LEU CA 56 37.27 -29.93 7.72
C LEU CA 56 38.06 -30.08 6.44
N VAL CA 57 37.54 -30.83 5.50
CA VAL CA 57 38.18 -31.01 4.19
C VAL CA 57 37.78 -29.84 3.29
N PRO CA 58 38.72 -29.23 2.59
CA PRO CA 58 38.40 -28.09 1.72
C PRO CA 58 37.75 -28.54 0.42
N THR CA 59 36.47 -28.23 0.27
CA THR CA 59 35.76 -28.37 -0.99
C THR CA 59 35.53 -26.99 -1.58
N LEU CA 60 34.93 -26.95 -2.77
CA LEU CA 60 34.62 -25.70 -3.43
C LEU CA 60 33.13 -25.44 -3.51
N ASP CA 61 32.32 -26.20 -2.77
CA ASP CA 61 30.87 -26.06 -2.80
C ASP CA 61 30.45 -25.05 -1.75
N PRO CA 62 29.95 -23.87 -2.14
CA PRO CA 62 29.42 -22.95 -1.12
C PRO CA 62 28.20 -23.49 -0.41
N CYS CA 63 27.53 -24.49 -0.98
CA CYS CA 63 26.38 -25.09 -0.31
C CYS CA 63 26.78 -25.88 0.93
N ASP CA 64 28.03 -26.32 1.00
CA ASP CA 64 28.51 -27.03 2.17
C ASP CA 64 29.01 -26.04 3.21
N TYR CA 65 28.89 -26.43 4.47
CA TYR CA 65 29.25 -25.54 5.56
C TYR CA 65 29.36 -26.36 6.83
N VAL CA 66 30.12 -25.83 7.78
CA VAL CA 66 30.21 -26.38 9.12
C VAL CA 66 30.03 -25.26 10.12
N LYS CA 67 29.16 -25.48 11.09
CA LYS CA 67 29.00 -24.59 12.23
C LYS CA 67 29.85 -25.11 13.37
N GLY CA 68 30.64 -24.24 13.98
CA GLY CA 68 31.64 -24.68 14.94
C GLY CA 68 31.77 -23.74 16.12
N ILE CA 69 32.36 -24.27 17.18
CA ILE CA 69 32.67 -23.52 18.40
C ILE CA 69 34.00 -22.81 18.20
N LEU CA 70 34.10 -21.60 18.75
CA LEU CA 70 35.29 -20.77 18.63
C LEU CA 70 35.74 -20.42 20.05
N VAL CA 71 36.60 -21.26 20.61
CA VAL CA 71 36.94 -21.18 22.02
C VAL CA 71 38.35 -20.62 22.17
N ALA CA 72 38.72 -20.31 23.41
CA ALA CA 72 40.12 -20.02 23.72
C ALA CA 72 40.90 -21.32 23.66
N GLY CA 73 41.93 -21.37 22.82
CA GLY CA 73 42.68 -22.61 22.66
C GLY CA 73 43.83 -22.43 21.69
N THR CA 74 44.67 -23.46 21.65
CA THR CA 74 45.80 -23.58 20.75
C THR CA 74 45.89 -25.08 20.52
N PRO CA 75 46.00 -25.54 19.26
CA PRO CA 75 45.82 -26.97 18.99
C PRO CA 75 47.00 -27.83 19.37
N GLN CA 76 46.89 -28.49 20.53
CA GLN CA 76 47.67 -29.65 20.91
C GLN CA 76 49.17 -29.43 20.93
N GLN CA 77 49.63 -28.22 20.62
CA GLN CA 77 51.05 -27.88 20.57
C GLN CA 77 51.85 -28.84 19.69
N ALA CA 78 51.17 -29.55 18.79
CA ALA CA 78 51.75 -30.56 17.90
C ALA CA 78 51.21 -30.34 16.49
N GLN CA 79 51.31 -29.11 16.02
CA GLN CA 79 50.45 -28.58 14.97
C GLN CA 79 51.30 -28.06 13.82
N SER CA 80 50.68 -27.29 12.92
CA SER CA 80 51.30 -26.54 11.82
C SER CA 80 51.54 -27.39 10.58
N ASN CA 81 50.98 -28.59 10.52
CA ASN CA 81 50.98 -29.38 9.29
C ASN CA 81 49.61 -29.89 8.91
N ASP CA 82 48.61 -29.75 9.77
CA ASP CA 82 47.26 -30.20 9.48
C ASP CA 82 46.19 -29.23 9.98
N PHE CA 83 46.56 -28.06 10.47
CA PHE CA 83 45.62 -27.10 11.04
C PHE CA 83 45.84 -25.75 10.38
N LEU CA 84 44.83 -25.28 9.66
CA LEU CA 84 44.93 -23.99 9.00
C LEU CA 84 45.00 -22.88 10.03
N THR CA 85 46.09 -22.10 10.00
CA THR CA 85 46.23 -20.93 10.84
C THR CA 85 45.73 -19.71 10.09
N LEU CA 86 45.01 -18.84 10.79
CA LEU CA 86 44.40 -17.67 10.18
C LEU CA 86 44.41 -16.51 11.16
N LYS CA 87 44.74 -15.32 10.65
CA LYS CA 87 44.63 -14.07 11.41
C LYS CA 87 43.63 -13.17 10.69
N LEU CA 88 42.46 -12.99 11.29
CA LEU CA 88 41.36 -12.26 10.66
C LEU CA 88 40.86 -11.15 11.57
N PRO CA 89 40.65 -9.95 11.03
CA PRO CA 89 40.31 -8.78 11.84
C PRO CA 89 38.87 -8.74 12.36
N ALA CA 90 38.39 -9.88 12.85
CA ALA CA 90 37.19 -9.97 13.68
C ALA CA 90 35.90 -9.54 13.00
N ASN CA 91 35.96 -9.12 11.74
CA ASN CA 91 34.77 -8.84 10.97
C ASN CA 91 34.55 -9.81 9.81
N LYS CA 92 35.62 -10.43 9.32
CA LYS CA 92 35.47 -11.49 8.34
C LYS CA 92 34.80 -12.72 8.94
N LEU CA 93 34.92 -12.90 10.26
CA LEU CA 93 34.26 -14.00 10.95
C LEU CA 93 32.76 -13.93 10.73
N TYR CA 94 32.18 -15.03 10.22
CA TYR CA 94 30.74 -15.10 10.02
C TYR CA 94 30.11 -15.64 11.29
N LEU CA 95 29.72 -14.74 12.16
CA LEU CA 95 29.17 -15.09 13.47
C LEU CA 95 27.66 -14.92 13.47
N ILE CA 96 26.96 -15.86 14.09
CA ILE CA 96 25.52 -15.80 14.25
C ILE CA 96 25.21 -15.84 15.74
N ARG CA 97 24.03 -15.33 16.09
CA ARG CA 97 23.60 -15.20 17.48
C ARG CA 97 24.63 -14.42 18.29
N LYS CA 98 25.11 -13.32 17.72
CA LYS CA 98 26.08 -12.47 18.38
C LYS CA 98 25.40 -11.66 19.48
N LYS CA 99 26.05 -11.61 20.65
CA LYS CA 99 25.60 -10.78 21.76
C LYS CA 99 26.58 -9.67 22.06
N GLY CA 100 27.84 -10.01 22.34
CA GLY CA 100 28.88 -9.04 22.51
C GLY CA 100 29.84 -9.01 21.33
N ASN CA 101 30.64 -7.96 21.27
CA ASN CA 101 31.56 -7.73 20.16
C ASN CA 101 32.98 -8.10 20.56
N ILE CA 102 33.86 -8.10 19.56
CA ILE CA 102 35.26 -8.48 19.72
C ILE CA 102 36.13 -7.27 19.40
N SER CA 103 37.36 -7.30 19.93
CA SER CA 103 38.26 -6.15 19.91
C SER CA 103 39.04 -6.03 18.60
N ASP CA 104 38.53 -6.60 17.51
CA ASP CA 104 39.01 -6.31 16.16
C ASP CA 104 40.40 -6.87 15.87
N ASP CA 105 40.64 -8.11 16.28
CA ASP CA 105 41.69 -8.97 15.71
C ASP CA 105 41.60 -10.32 16.39
N LEU CA 106 42.17 -11.33 15.74
CA LEU CA 106 42.13 -12.69 16.26
C LEU CA 106 42.97 -13.62 15.39
N LYS CA 107 43.46 -14.67 16.02
CA LYS CA 107 44.10 -15.80 15.32
C LYS CA 107 43.29 -17.06 15.62
N ILE CA 108 42.91 -17.77 14.57
CA ILE CA 108 42.02 -18.91 14.68
C ILE CA 108 42.70 -20.12 14.06
N TYR CA 109 42.75 -21.22 14.81
CA TYR CA 109 43.27 -22.48 14.32
C TYR CA 109 42.12 -23.45 14.06
N ILE CA 110 42.05 -23.99 12.84
CA ILE CA 110 40.94 -24.84 12.45
C ILE CA 110 41.44 -26.19 11.97
N PRO CA 111 40.73 -27.28 12.27
CA PRO CA 111 41.18 -28.64 11.91
C PRO CA 111 41.00 -28.94 10.43
N TYR CA 112 42.11 -28.98 9.71
CA TYR CA 112 42.15 -29.20 8.27
C TYR CA 112 42.33 -30.68 7.96
N SER CA 113 42.15 -31.04 6.69
CA SER CA 113 42.51 -32.36 6.19
C SER CA 113 42.86 -32.27 4.71
N SER CA 114 43.69 -33.21 4.26
CA SER CA 114 44.11 -33.23 2.87
C SER CA 114 42.93 -33.53 1.94
N PRO CA 115 42.92 -32.93 0.75
CA PRO CA 115 41.74 -33.08 -0.12
C PRO CA 115 41.53 -34.49 -0.62
N ASP CA 116 42.60 -35.30 -0.69
CA ASP CA 116 42.53 -36.69 -1.16
C ASP CA 116 41.98 -36.77 -2.58
N ALA CA 117 42.76 -36.23 -3.51
CA ALA CA 117 42.30 -36.06 -4.88
C ALA CA 117 42.30 -37.37 -5.66
N ARG CA 118 41.66 -38.40 -5.10
CA ARG CA 118 41.48 -39.67 -5.79
C ARG CA 118 40.06 -40.21 -5.68
N ASN CA 119 39.25 -39.69 -4.76
CA ASN CA 119 37.89 -40.16 -4.54
C ASN CA 119 36.97 -38.97 -4.66
N SER CA 120 36.08 -39.02 -5.66
CA SER CA 120 35.13 -37.92 -5.88
C SER CA 120 34.35 -37.63 -4.62
N MET CA 121 34.57 -36.46 -4.04
CA MET CA 121 33.96 -36.10 -2.77
C MET CA 121 32.47 -35.84 -2.98
N LYS CA 122 31.63 -36.61 -2.30
CA LYS CA 122 30.18 -36.51 -2.42
C LYS CA 122 29.61 -36.13 -1.06
N THR CA 123 29.21 -34.87 -0.94
CA THR CA 123 28.87 -34.27 0.34
C THR CA 123 27.39 -34.49 0.64
N LYS CA 124 27.09 -34.78 1.89
CA LYS CA 124 25.73 -35.04 2.33
C LYS CA 124 25.37 -34.14 3.51
N PRO CA 125 24.15 -33.61 3.54
CA PRO CA 125 23.72 -32.79 4.69
C PRO CA 125 23.41 -33.68 5.89
N VAL CA 126 23.98 -33.32 7.04
CA VAL CA 126 23.84 -34.10 8.26
C VAL CA 126 23.42 -33.14 9.37
N SER CA 127 22.49 -33.58 10.21
CA SER CA 127 21.99 -32.77 11.29
C SER CA 127 22.05 -33.54 12.60
N ILE CA 128 22.44 -32.85 13.66
CA ILE CA 128 22.66 -33.51 14.93
C ILE CA 128 21.32 -33.84 15.57
N SER CA 129 21.12 -35.11 15.88
CA SER CA 129 19.89 -35.59 16.49
C SER CA 129 20.28 -36.67 17.49
N ASP CA 130 19.33 -37.50 17.91
CA ASP CA 130 19.63 -38.64 18.77
C ASP CA 130 20.28 -38.17 20.08
N ASP CA 131 19.45 -37.56 20.92
CA ASP CA 131 19.86 -36.83 22.11
C ASP CA 131 20.97 -37.51 22.92
N THR CA 132 21.09 -38.83 22.79
CA THR CA 132 22.29 -39.52 23.26
C THR CA 132 23.55 -38.83 22.74
N ILE CA 133 23.57 -38.53 21.44
CA ILE CA 133 24.75 -37.93 20.83
C ILE CA 133 25.01 -36.54 21.41
N VAL CA 134 23.95 -35.75 21.60
CA VAL CA 134 24.20 -34.48 22.25
C VAL CA 134 24.42 -34.67 23.74
N ASN CA 135 23.88 -35.75 24.33
CA ASN CA 135 24.15 -36.03 25.73
C ASN CA 135 25.63 -36.24 25.98
N ASN CA 136 26.36 -36.83 25.04
CA ASN CA 136 27.79 -36.94 25.24
C ASN CA 136 28.56 -35.77 24.65
N ILE CA 137 28.01 -35.07 23.66
CA ILE CA 137 28.67 -33.89 23.12
C ILE CA 137 28.70 -32.77 24.16
N ILE CA 138 27.70 -32.70 25.04
CA ILE CA 138 27.72 -31.66 26.06
C ILE CA 138 28.90 -31.85 27.00
N LYS CA 139 29.19 -33.09 27.39
CA LYS CA 139 30.24 -33.32 28.36
C LYS CA 139 31.62 -33.31 27.69
N GLU CA 140 31.73 -33.88 26.49
CA GLU CA 140 32.99 -33.83 25.78
C GLU CA 140 33.32 -32.44 25.28
N VAL CA 141 32.34 -31.52 25.28
CA VAL CA 141 32.61 -30.17 24.80
C VAL CA 141 32.35 -29.15 25.89
N PHE CA 142 31.09 -29.01 26.30
CA PHE CA 142 30.68 -27.89 27.12
C PHE CA 142 30.83 -28.15 28.61
N ASP CA 143 31.26 -29.35 28.97
CA ASP CA 143 31.74 -29.63 30.32
C ASP CA 143 33.26 -29.70 30.39
N LYS CA 144 33.92 -29.94 29.25
CA LYS CA 144 35.37 -29.80 29.18
C LYS CA 144 35.77 -28.35 28.95
N ILE CA 145 35.08 -27.66 28.05
CA ILE CA 145 35.45 -26.30 27.68
C ILE CA 145 34.79 -25.28 28.61
N TYR CA 146 33.50 -25.44 28.90
CA TYR CA 146 32.76 -24.49 29.71
C TYR CA 146 32.68 -25.04 31.13
N ASN CA 147 33.62 -24.62 31.97
CA ASN CA 147 33.53 -24.93 33.40
C ASN CA 147 32.34 -24.27 34.06
N ILE CA 148 31.54 -23.52 33.30
CA ILE CA 148 30.41 -22.76 33.84
C ILE CA 148 29.22 -23.68 34.09
N THR CA 149 28.67 -24.24 33.02
CA THR CA 149 27.47 -25.07 33.18
C THR CA 149 27.87 -26.43 33.74
N GLN CA 150 26.94 -27.05 34.46
CA GLN CA 150 27.13 -28.07 35.49
C GLN CA 150 27.56 -27.40 36.79
N LYS CA 151 27.45 -26.07 36.87
CA LYS CA 151 27.47 -25.34 38.12
C LYS CA 151 26.33 -24.35 38.25
N GLU CA 152 25.62 -24.02 37.17
CA GLU CA 152 24.63 -22.96 37.15
C GLU CA 152 23.22 -23.45 36.86
N LYS CA 153 23.01 -24.14 35.74
CA LYS CA 153 21.68 -24.54 35.30
C LYS CA 153 21.63 -26.04 35.10
N VAL CA 154 20.46 -26.63 35.38
CA VAL CA 154 20.08 -27.89 34.74
C VAL CA 154 19.41 -27.62 33.41
N LYS CA 155 19.38 -26.36 32.96
CA LYS CA 155 18.95 -25.99 31.63
C LYS CA 155 20.05 -26.33 30.65
N ILE CA 156 20.36 -27.61 30.54
CA ILE CA 156 21.28 -28.11 29.53
C ILE CA 156 20.54 -28.77 28.38
N GLU CA 157 19.31 -29.26 28.59
CA GLU CA 157 18.42 -29.47 27.47
C GLU CA 157 18.12 -28.15 26.77
N LYS CA 158 18.30 -27.03 27.46
CA LYS CA 158 18.17 -25.72 26.83
C LYS CA 158 19.24 -25.52 25.76
N VAL CA 159 20.47 -25.94 26.04
CA VAL CA 159 21.52 -25.90 25.02
C VAL CA 159 21.53 -27.16 24.18
N LYS CA 160 20.93 -28.25 24.68
CA LYS CA 160 20.75 -29.45 23.85
C LYS CA 160 19.85 -29.16 22.66
N GLU CA 161 18.73 -28.47 22.90
CA GLU CA 161 17.85 -28.10 21.82
C GLU CA 161 18.54 -27.17 20.84
N ASP CA 162 19.52 -26.40 21.30
CA ASP CA 162 20.27 -25.54 20.40
C ASP CA 162 21.28 -26.34 19.58
N ILE CA 163 21.91 -27.33 20.20
CA ILE CA 163 22.84 -28.19 19.46
C ILE CA 163 22.09 -28.93 18.36
N LYS CA 164 20.99 -29.59 18.72
CA LYS CA 164 20.18 -30.24 17.70
C LYS CA 164 19.63 -29.23 16.71
N GLU CA 165 19.36 -28.01 17.17
CA GLU CA 165 18.76 -26.99 16.33
C GLU CA 165 19.75 -26.40 15.34
N LEU CA 166 20.85 -25.86 15.84
CA LEU CA 166 21.71 -25.01 15.02
C LEU CA 166 22.77 -25.80 14.25
N PHE CA 167 23.56 -26.60 14.95
CA PHE CA 167 24.74 -27.20 14.34
C PHE CA 167 24.34 -28.30 13.37
N SER CA 168 23.92 -27.88 12.19
CA SER CA 168 23.92 -28.75 11.02
C SER CA 168 25.29 -28.66 10.36
N TYR CA 169 25.57 -29.58 9.46
CA TYR CA 169 26.84 -29.55 8.75
C TYR CA 169 26.73 -30.48 7.54
N TYR CA 170 27.86 -30.71 6.89
CA TYR CA 170 27.93 -31.54 5.71
C TYR CA 170 29.12 -32.48 5.83
N ALA CA 171 28.95 -33.70 5.32
CA ALA CA 171 29.98 -34.73 5.43
C ALA CA 171 30.37 -35.23 4.05
N LEU CA 172 31.47 -35.96 3.99
CA LEU CA 172 32.00 -36.40 2.71
C LEU CA 172 31.49 -37.77 2.27
N GLU CA 173 30.94 -38.56 3.18
CA GLU CA 173 30.41 -39.89 2.88
C GLU CA 173 31.52 -40.87 2.50
N GLN CA 174 32.76 -40.40 2.44
CA GLN CA 174 33.91 -41.25 2.15
C GLN CA 174 35.05 -40.91 3.09
N SER DA 2 55.77 37.19 -7.19
CA SER DA 2 54.47 37.09 -6.54
C SER DA 2 54.29 35.71 -5.89
N THR DA 3 53.25 35.00 -6.33
CA THR DA 3 52.97 33.65 -5.87
C THR DA 3 52.32 32.88 -7.02
N GLN DA 4 53.07 31.92 -7.57
CA GLN DA 4 52.64 31.14 -8.72
C GLN DA 4 52.35 29.71 -8.28
N ARG DA 5 51.30 29.13 -8.86
CA ARG DA 5 50.90 27.77 -8.53
C ARG DA 5 50.65 27.00 -9.81
N GLU DA 6 51.03 25.73 -9.81
CA GLU DA 6 50.89 24.86 -10.96
C GLU DA 6 49.99 23.68 -10.61
N TYR DA 7 49.22 23.24 -11.59
CA TYR DA 7 48.19 22.24 -11.38
C TYR DA 7 48.76 20.83 -11.54
N VAL DA 8 48.44 19.95 -10.61
CA VAL DA 8 48.90 18.56 -10.63
C VAL DA 8 47.66 17.69 -10.74
N PHE DA 9 47.37 17.25 -11.96
CA PHE DA 9 46.35 16.23 -12.16
C PHE DA 9 46.71 14.97 -11.37
N ILE DA 10 45.69 14.23 -10.96
CA ILE DA 10 45.92 12.98 -10.23
C ILE DA 10 45.20 11.84 -10.94
N PRO DA 11 45.62 11.43 -12.13
CA PRO DA 11 44.94 10.33 -12.83
C PRO DA 11 45.53 8.97 -12.50
N ILE DA 12 45.02 7.92 -13.14
CA ILE DA 12 45.58 6.57 -12.97
C ILE DA 12 46.66 6.36 -14.02
N THR DA 13 47.08 7.43 -14.68
CA THR DA 13 48.22 7.41 -15.57
C THR DA 13 49.26 8.37 -15.02
N ASN DA 14 50.42 7.82 -14.63
CA ASN DA 14 51.42 8.60 -13.92
C ASN DA 14 52.36 9.25 -14.94
N SER DA 15 51.99 10.46 -15.35
CA SER DA 15 52.88 11.37 -16.06
C SER DA 15 53.64 12.27 -15.11
N ILE DA 16 53.95 11.75 -13.91
CA ILE DA 16 54.24 12.59 -12.76
C ILE DA 16 55.66 12.44 -12.26
N THR DA 17 56.34 11.31 -12.53
CA THR DA 17 57.73 11.17 -12.12
C THR DA 17 58.60 12.30 -12.66
N ILE DA 18 58.35 12.72 -13.89
CA ILE DA 18 59.00 13.88 -14.47
C ILE DA 18 57.88 14.83 -14.90
N ASP DA 19 57.43 15.69 -13.98
CA ASP DA 19 56.50 16.75 -14.34
C ASP DA 19 56.80 18.09 -13.67
N VAL DA 20 57.49 18.13 -12.53
CA VAL DA 20 57.65 19.35 -11.75
C VAL DA 20 59.08 19.41 -11.21
N LYS DA 21 59.66 20.60 -11.23
CA LYS DA 21 60.92 20.89 -10.56
C LYS DA 21 60.72 21.57 -9.20
N ILE DA 22 59.88 22.60 -9.17
CA ILE DA 22 59.62 23.34 -7.94
C ILE DA 22 58.59 22.53 -7.15
N THR DA 23 59.08 21.66 -6.28
CA THR DA 23 58.18 20.89 -5.43
C THR DA 23 57.35 21.82 -4.56
N ILE DA 24 58.01 22.63 -3.73
CA ILE DA 24 57.34 23.59 -2.88
C ILE DA 24 57.80 24.99 -3.26
N GLY DA 25 59.10 25.26 -3.15
CA GLY DA 25 59.65 26.51 -3.62
C GLY DA 25 59.28 27.68 -2.75
N GLY DA 26 58.01 28.05 -2.76
CA GLY DA 26 57.50 29.07 -1.87
C GLY DA 26 57.43 28.57 -0.45
N SER DA 27 57.02 29.46 0.45
CA SER DA 27 56.85 29.12 1.85
C SER DA 27 55.43 28.65 2.16
N ASP DA 28 54.70 28.14 1.17
CA ASP DA 28 53.34 27.68 1.38
C ASP DA 28 52.92 26.79 0.23
N HIS DA 29 51.65 26.38 0.25
CA HIS DA 29 51.02 25.59 -0.79
C HIS DA 29 49.56 26.02 -0.88
N ILE DA 30 48.82 25.41 -1.81
CA ILE DA 30 47.36 25.50 -1.78
C ILE DA 30 46.84 24.25 -1.12
N THR DA 31 47.16 23.09 -1.70
CA THR DA 31 46.82 21.82 -1.08
C THR DA 31 47.56 21.66 0.23
N ASN DA 32 46.94 20.94 1.16
CA ASN DA 32 47.57 20.66 2.44
C ASN DA 32 47.17 19.26 2.88
N ILE DA 33 47.99 18.67 3.75
CA ILE DA 33 47.70 17.38 4.36
C ILE DA 33 48.15 17.46 5.82
N ASP DA 34 47.20 17.44 6.76
CA ASP DA 34 47.53 17.26 8.17
C ASP DA 34 46.56 16.26 8.80
N GLU DA 35 46.87 14.98 8.59
CA GLU DA 35 46.29 13.83 9.28
C GLU DA 35 44.76 13.78 9.24
N ARG DA 36 44.13 14.65 8.46
CA ARG DA 36 42.71 14.56 8.16
C ARG DA 36 42.48 14.34 6.68
N GLY DA 37 43.53 13.97 5.97
CA GLY DA 37 43.48 13.78 4.54
C GLY DA 37 43.92 15.02 3.80
N ILE DA 38 43.65 15.00 2.50
CA ILE DA 38 43.98 16.11 1.61
C ILE DA 38 43.07 17.28 1.92
N HIS DA 39 43.42 18.47 1.44
CA HIS DA 39 42.60 19.65 1.64
C HIS DA 39 42.81 20.62 0.48
N ASN DA 40 41.85 21.52 0.31
CA ASN DA 40 41.89 22.55 -0.73
C ASN DA 40 42.13 21.95 -2.12
N VAL DA 41 41.43 20.85 -2.40
CA VAL DA 41 41.58 20.17 -3.68
C VAL DA 41 40.82 20.95 -4.76
N LEU DA 42 41.46 21.17 -5.90
CA LEU DA 42 40.85 21.88 -7.00
C LEU DA 42 40.12 20.91 -7.92
N VAL DA 43 38.99 21.36 -8.46
CA VAL DA 43 38.24 20.63 -9.47
C VAL DA 43 38.14 21.51 -10.70
N ILE DA 44 38.34 20.89 -11.87
CA ILE DA 44 38.27 21.58 -13.15
C ILE DA 44 37.24 20.87 -14.00
N THR DA 45 36.22 21.59 -14.43
CA THR DA 45 35.14 21.02 -15.21
C THR DA 45 35.24 21.46 -16.66
N GLY DA 46 34.57 20.71 -17.54
CA GLY DA 46 34.64 20.98 -18.95
C GLY DA 46 35.92 20.55 -19.62
N TYR DA 47 36.86 19.96 -18.89
CA TYR DA 47 38.09 19.44 -19.44
C TYR DA 47 38.19 17.95 -19.14
N ALA DA 48 39.08 17.28 -19.87
CA ALA DA 48 39.37 15.87 -19.64
C ALA DA 48 40.87 15.65 -19.78
N VAL DA 49 41.35 14.55 -19.20
CA VAL DA 49 42.77 14.25 -19.24
C VAL DA 49 43.17 13.80 -20.64
N ASP DA 50 44.48 13.72 -20.87
CA ASP DA 50 45.03 13.30 -22.17
C ASP DA 50 45.96 12.12 -21.92
N GLU DA 51 45.43 11.07 -21.28
CA GLU DA 51 46.19 10.05 -20.55
C GLU DA 51 47.53 9.70 -21.18
N LYS DA 52 47.60 9.67 -22.51
CA LYS DA 52 48.89 9.50 -23.16
C LYS DA 52 49.70 10.76 -22.89
N ASN DA 53 50.52 10.72 -21.84
CA ASN DA 53 51.07 11.91 -21.19
C ASN DA 53 49.94 12.83 -20.73
N GLY DA 54 49.18 12.30 -19.78
CA GLY DA 54 47.94 12.90 -19.31
C GLY DA 54 47.99 14.38 -19.03
N ARG DA 55 47.24 15.14 -19.83
CA ARG DA 55 47.12 16.58 -19.67
C ARG DA 55 45.67 16.97 -19.97
N LEU DA 56 45.31 18.19 -19.60
CA LEU DA 56 43.92 18.61 -19.67
C LEU DA 56 43.61 19.14 -21.07
N VAL DA 57 42.76 18.41 -21.80
CA VAL DA 57 42.31 18.84 -23.11
C VAL DA 57 41.00 19.60 -22.93
N PRO DA 58 40.75 20.65 -23.69
CA PRO DA 58 39.45 21.33 -23.59
C PRO DA 58 38.33 20.56 -24.26
N THR DA 59 37.47 19.96 -23.46
CA THR DA 59 36.17 19.50 -23.94
C THR DA 59 35.16 20.62 -23.71
N LEU DA 60 33.88 20.33 -23.86
CA LEU DA 60 32.85 21.31 -23.50
C LEU DA 60 31.68 20.66 -22.77
N ASP DA 61 31.89 19.48 -22.19
CA ASP DA 61 30.85 18.81 -21.43
C ASP DA 61 30.95 19.23 -19.97
N PRO DA 62 29.93 19.89 -19.41
CA PRO DA 62 29.99 20.25 -17.99
C PRO DA 62 30.04 19.05 -17.06
N CYS DA 63 29.89 17.84 -17.58
CA CYS DA 63 30.00 16.63 -16.79
C CYS DA 63 31.43 16.09 -16.74
N ASP DA 64 32.28 16.53 -17.65
CA ASP DA 64 33.67 16.09 -17.70
C ASP DA 64 34.48 16.92 -16.72
N TYR DA 65 34.89 16.30 -15.61
CA TYR DA 65 35.61 17.01 -14.56
C TYR DA 65 36.92 16.30 -14.27
N VAL DA 66 37.91 17.08 -13.85
CA VAL DA 66 39.22 16.56 -13.45
C VAL DA 66 39.56 17.14 -12.09
N LYS DA 67 40.00 16.28 -11.18
CA LYS DA 67 40.38 16.69 -9.84
C LYS DA 67 41.87 16.52 -9.66
N GLY DA 68 42.54 17.58 -9.21
CA GLY DA 68 43.97 17.53 -8.93
C GLY DA 68 44.31 18.39 -7.73
N ILE DA 69 45.59 18.34 -7.35
CA ILE DA 69 46.09 19.16 -6.25
C ILE DA 69 46.77 20.37 -6.84
N LEU DA 70 46.82 21.45 -6.06
CA LEU DA 70 47.46 22.70 -6.48
C LEU DA 70 48.66 22.96 -5.57
N VAL DA 71 49.83 23.07 -6.17
CA VAL DA 71 51.06 23.35 -5.43
C VAL DA 71 51.81 24.49 -6.13
N ALA DA 72 52.49 25.29 -5.32
CA ALA DA 72 53.21 26.44 -5.85
C ALA DA 72 54.37 26.00 -6.73
N GLY DA 73 54.75 26.87 -7.65
CA GLY DA 73 55.90 26.60 -8.50
C GLY DA 73 55.67 26.92 -9.96
N THR DA 74 56.70 26.67 -10.77
CA THR DA 74 56.67 26.92 -12.19
C THR DA 74 57.04 25.65 -12.95
N PRO DA 75 56.41 25.39 -14.09
CA PRO DA 75 56.66 24.12 -14.78
C PRO DA 75 57.98 24.08 -15.52
N GLN DA 76 58.98 23.44 -14.89
CA GLN DA 76 60.14 22.85 -15.54
C GLN DA 76 61.07 23.86 -16.23
N GLN DA 77 60.64 25.12 -16.34
CA GLN DA 77 61.22 26.03 -17.31
C GLN DA 77 61.47 25.32 -18.63
N ALA DA 78 60.55 24.42 -19.02
CA ALA DA 78 60.65 23.63 -20.24
C ALA DA 78 59.32 23.63 -20.99
N GLN DA 79 58.49 24.63 -20.72
CA GLN DA 79 57.12 24.78 -21.21
C GLN DA 79 56.91 26.24 -21.57
N SER DA 80 55.67 26.71 -21.51
CA SER DA 80 55.23 28.06 -21.85
C SER DA 80 54.96 28.17 -23.34
N ASN DA 81 54.93 27.03 -24.03
CA ASN DA 81 54.32 26.94 -25.35
C ASN DA 81 53.19 25.91 -25.36
N ASP DA 82 52.81 25.36 -24.20
CA ASP DA 82 51.79 24.32 -24.17
C ASP DA 82 50.83 24.39 -22.99
N PHE DA 83 50.93 25.38 -22.11
CA PHE DA 83 50.09 25.46 -20.92
C PHE DA 83 49.23 26.71 -20.98
N LEU DA 84 48.26 26.78 -20.06
CA LEU DA 84 47.32 27.91 -19.99
C LEU DA 84 47.45 28.56 -18.62
N THR DA 85 48.30 29.58 -18.53
CA THR DA 85 48.45 30.34 -17.31
C THR DA 85 47.33 31.38 -17.20
N LEU DA 86 46.91 31.67 -15.97
CA LEU DA 86 45.86 32.64 -15.73
C LEU DA 86 45.91 33.06 -14.27
N LYS DA 87 45.25 34.17 -13.97
CA LYS DA 87 45.18 34.70 -12.61
C LYS DA 87 43.73 34.90 -12.20
N LEU DA 88 43.40 34.48 -10.98
CA LEU DA 88 42.05 34.58 -10.45
C LEU DA 88 42.15 34.92 -8.97
N PRO DA 89 41.13 35.60 -8.40
CA PRO DA 89 41.28 36.13 -7.05
C PRO DA 89 40.95 35.15 -5.92
N ALA DA 90 41.40 33.91 -6.03
CA ALA DA 90 41.41 32.96 -4.91
C ALA DA 90 40.02 32.56 -4.42
N ASN DA 91 38.98 33.18 -4.95
CA ASN DA 91 37.63 32.72 -4.71
C ASN DA 91 36.95 32.28 -5.99
N LYS DA 92 37.62 32.43 -7.13
CA LYS DA 92 37.10 32.03 -8.44
C LYS DA 92 37.66 30.69 -8.87
N LEU DA 93 37.85 29.76 -7.92
CA LEU DA 93 38.31 28.42 -8.24
C LEU DA 93 37.59 27.43 -7.35
N TYR DA 94 37.13 26.34 -7.95
CA TYR DA 94 36.37 25.32 -7.24
C TYR DA 94 37.32 24.51 -6.37
N LEU DA 95 37.23 24.68 -5.05
CA LEU DA 95 38.13 24.02 -4.12
C LEU DA 95 37.34 23.13 -3.18
N ILE DA 96 37.73 21.87 -3.09
CA ILE DA 96 37.05 20.90 -2.25
C ILE DA 96 37.83 20.76 -0.96
N ARG DA 97 37.16 20.26 0.07
CA ARG DA 97 37.77 19.98 1.37
C ARG DA 97 38.49 21.21 1.91
N LYS DA 98 37.91 22.39 1.65
CA LYS DA 98 38.56 23.63 2.05
C LYS DA 98 38.81 23.65 3.55
N LYS DA 99 39.96 24.16 3.94
CA LYS DA 99 40.36 24.16 5.34
C LYS DA 99 40.87 25.53 5.77
N GLY DA 100 41.32 26.33 4.81
CA GLY DA 100 41.73 27.69 5.10
C GLY DA 100 41.27 28.67 4.05
N ASN DA 101 41.85 29.87 4.04
CA ASN DA 101 41.56 30.86 3.02
C ASN DA 101 42.83 31.17 2.25
N ILE DA 102 42.64 31.70 1.05
CA ILE DA 102 43.74 31.87 0.10
C ILE DA 102 44.02 33.36 -0.09
N SER DA 103 45.11 33.67 -0.80
CA SER DA 103 45.75 34.98 -0.78
C SER DA 103 45.11 36.00 -1.73
N ASP DA 104 43.85 35.81 -2.10
CA ASP DA 104 43.05 36.83 -2.79
C ASP DA 104 43.51 37.11 -4.21
N ASP DA 105 44.62 36.53 -4.64
CA ASP DA 105 45.17 36.77 -5.98
C ASP DA 105 46.18 35.69 -6.29
N LEU DA 106 45.89 34.84 -7.28
CA LEU DA 106 46.79 33.73 -7.57
C LEU DA 106 46.96 33.58 -9.07
N LYS DA 107 48.18 33.29 -9.47
CA LYS DA 107 48.52 32.93 -10.85
C LYS DA 107 48.60 31.42 -10.94
N ILE DA 108 47.92 30.84 -11.91
CA ILE DA 108 47.74 29.39 -11.99
C ILE DA 108 48.29 28.90 -13.33
N TYR DA 109 49.24 27.97 -13.27
CA TYR DA 109 49.64 27.21 -14.44
C TYR DA 109 48.88 25.89 -14.45
N ILE DA 110 48.33 25.53 -15.61
CA ILE DA 110 47.55 24.32 -15.75
C ILE DA 110 48.08 23.51 -16.93
N PRO DA 111 48.47 22.26 -16.73
CA PRO DA 111 48.78 21.39 -17.87
C PRO DA 111 47.62 21.39 -18.85
N TYR DA 112 47.94 21.59 -20.13
CA TYR DA 112 46.92 21.84 -21.14
C TYR DA 112 47.35 21.18 -22.44
N SER DA 113 46.37 20.74 -23.20
CA SER DA 113 46.60 20.10 -24.48
C SER DA 113 45.81 20.84 -25.56
N SER DA 114 46.26 20.69 -26.79
CA SER DA 114 45.54 21.30 -27.89
C SER DA 114 44.18 20.63 -28.04
N PRO DA 115 43.17 21.36 -28.52
CA PRO DA 115 41.87 20.72 -28.78
C PRO DA 115 41.97 19.54 -29.72
N ASP DA 116 42.98 19.53 -30.60
CA ASP DA 116 43.26 18.42 -31.49
C ASP DA 116 42.01 18.01 -32.27
N ALA DA 117 41.58 18.94 -33.13
CA ALA DA 117 40.35 18.75 -33.88
C ALA DA 117 40.54 17.71 -34.97
N ARG DA 118 40.91 16.49 -34.57
CA ARG DA 118 41.21 15.43 -35.50
C ARG DA 118 40.31 14.21 -35.35
N ASN DA 119 39.77 13.97 -34.16
CA ASN DA 119 38.88 12.83 -33.93
C ASN DA 119 37.96 13.18 -32.76
N SER DA 120 36.72 12.69 -32.83
CA SER DA 120 35.72 13.00 -31.81
C SER DA 120 36.21 12.59 -30.43
N MET DA 121 36.38 13.58 -29.55
CA MET DA 121 36.70 13.29 -28.16
C MET DA 121 35.50 12.61 -27.52
N LYS DA 122 35.63 11.32 -27.23
CA LYS DA 122 34.63 10.58 -26.48
C LYS DA 122 35.26 10.12 -25.18
N THR DA 123 34.77 10.65 -24.07
CA THR DA 123 35.37 10.44 -22.76
C THR DA 123 34.56 9.44 -21.96
N LYS DA 124 35.20 8.88 -20.94
CA LYS DA 124 34.57 7.92 -20.06
C LYS DA 124 34.94 8.25 -18.62
N PRO DA 125 34.04 7.95 -17.67
CA PRO DA 125 34.33 8.24 -16.26
C PRO DA 125 35.17 7.12 -15.65
N VAL DA 126 36.40 7.45 -15.27
CA VAL DA 126 37.32 6.47 -14.73
C VAL DA 126 37.64 6.84 -13.29
N SER DA 127 37.79 5.81 -12.45
CA SER DA 127 38.05 5.97 -11.04
C SER DA 127 39.52 5.73 -10.75
N ILE DA 128 39.87 5.68 -9.47
CA ILE DA 128 41.23 5.35 -9.04
C ILE DA 128 41.14 4.14 -8.10
N SER DA 129 41.38 2.96 -8.65
CA SER DA 129 41.41 1.68 -7.96
C SER DA 129 42.81 1.12 -8.11
N ASP DA 130 42.98 -0.18 -7.87
CA ASP DA 130 44.26 -0.83 -8.15
C ASP DA 130 45.39 -0.31 -7.27
N ASP DA 131 45.40 -0.75 -6.02
CA ASP DA 131 46.35 -0.36 -4.98
C ASP DA 131 47.76 -0.11 -5.48
N THR DA 132 48.22 -0.87 -6.48
CA THR DA 132 49.51 -0.55 -7.09
C THR DA 132 49.51 0.86 -7.67
N ILE DA 133 48.40 1.26 -8.30
CA ILE DA 133 48.35 2.59 -8.91
C ILE DA 133 48.28 3.67 -7.82
N VAL DA 134 47.49 3.44 -6.76
CA VAL DA 134 47.47 4.45 -5.70
C VAL DA 134 48.83 4.50 -5.01
N ASN DA 135 49.55 3.38 -5.00
CA ASN DA 135 50.86 3.34 -4.34
C ASN DA 135 51.90 4.10 -5.15
N ASN DA 136 51.94 3.89 -6.47
CA ASN DA 136 52.92 4.67 -7.23
C ASN DA 136 52.46 6.12 -7.42
N ILE DA 137 51.18 6.41 -7.20
CA ILE DA 137 50.75 7.81 -7.12
C ILE DA 137 51.28 8.46 -5.86
N ILE DA 138 50.99 7.88 -4.69
CA ILE DA 138 51.53 8.40 -3.44
C ILE DA 138 53.03 8.31 -3.38
N LYS DA 139 53.65 7.56 -4.29
CA LYS DA 139 55.10 7.52 -4.38
C LYS DA 139 55.64 8.69 -5.19
N GLU DA 140 55.20 8.83 -6.44
CA GLU DA 140 55.75 9.87 -7.30
C GLU DA 140 55.51 11.27 -6.74
N VAL DA 141 54.26 11.68 -6.63
CA VAL DA 141 53.95 13.07 -6.30
C VAL DA 141 53.84 13.29 -4.81
N PHE DA 142 53.14 12.41 -4.09
CA PHE DA 142 52.90 12.66 -2.67
C PHE DA 142 54.17 12.61 -1.85
N ASP DA 143 55.21 11.92 -2.31
CA ASP DA 143 56.48 11.93 -1.58
C ASP DA 143 57.29 13.18 -1.88
N LYS DA 144 57.63 13.42 -3.15
CA LYS DA 144 58.54 14.51 -3.47
C LYS DA 144 57.90 15.87 -3.17
N ILE DA 145 56.61 16.02 -3.46
CA ILE DA 145 55.97 17.32 -3.25
C ILE DA 145 55.65 17.52 -1.78
N TYR DA 146 55.27 16.45 -1.09
CA TYR DA 146 55.03 16.48 0.34
C TYR DA 146 55.95 15.45 0.99
N ASN DA 147 57.18 15.88 1.29
CA ASN DA 147 58.04 15.03 2.10
C ASN DA 147 57.55 14.93 3.54
N ILE DA 148 56.41 15.54 3.84
CA ILE DA 148 55.71 15.38 5.10
C ILE DA 148 55.35 13.90 5.26
N THR DA 149 55.40 13.16 4.15
CA THR DA 149 55.15 11.73 4.18
C THR DA 149 56.16 11.02 5.07
N GLN DA 150 55.65 10.23 6.02
CA GLN DA 150 56.44 9.35 6.87
C GLN DA 150 57.36 10.13 7.80
N LYS DA 151 57.40 11.45 7.66
CA LYS DA 151 58.18 12.32 8.53
C LYS DA 151 57.32 13.06 9.53
N GLU DA 152 56.14 13.50 9.09
CA GLU DA 152 55.10 14.01 9.96
C GLU DA 152 53.77 13.32 9.74
N LYS DA 153 53.49 12.86 8.52
CA LYS DA 153 52.30 12.09 8.23
C LYS DA 153 52.63 10.60 8.34
N VAL DA 154 52.13 9.96 9.39
CA VAL DA 154 52.37 8.55 9.61
C VAL DA 154 51.14 7.69 9.31
N LYS DA 155 49.93 8.24 9.43
CA LYS DA 155 48.72 7.50 9.08
C LYS DA 155 48.40 7.62 7.60
N ILE DA 156 49.37 7.24 6.76
CA ILE DA 156 49.22 7.32 5.31
C ILE DA 156 48.09 6.45 4.79
N GLU DA 157 47.49 5.61 5.64
CA GLU DA 157 46.35 4.81 5.23
C GLU DA 157 45.20 5.69 4.77
N LYS DA 158 44.96 6.81 5.47
CA LYS DA 158 43.85 7.67 5.12
C LYS DA 158 44.10 8.42 3.83
N VAL DA 159 45.31 8.97 3.66
CA VAL DA 159 45.60 9.80 2.49
C VAL DA 159 45.46 8.99 1.21
N LYS DA 160 45.67 7.67 1.29
CA LYS DA 160 45.51 6.86 0.09
C LYS DA 160 44.04 6.54 -0.16
N GLU DA 161 43.24 6.42 0.90
CA GLU DA 161 41.80 6.35 0.70
C GLU DA 161 41.23 7.68 0.26
N ASP DA 162 41.90 8.78 0.62
CA ASP DA 162 41.45 10.10 0.16
C ASP DA 162 41.65 10.27 -1.34
N ILE DA 163 42.56 9.52 -1.94
CA ILE DA 163 42.63 9.52 -3.41
C ILE DA 163 41.82 8.36 -3.99
N LYS DA 164 41.59 7.31 -3.21
CA LYS DA 164 40.74 6.23 -3.70
C LYS DA 164 39.27 6.63 -3.77
N GLU DA 165 38.84 7.61 -2.99
CA GLU DA 165 37.45 8.04 -3.01
C GLU DA 165 37.28 9.47 -3.52
N LEU DA 166 38.02 10.43 -2.98
CA LEU DA 166 37.83 11.82 -3.40
C LEU DA 166 38.24 12.02 -4.85
N PHE DA 167 39.42 11.55 -5.23
CA PHE DA 167 39.91 11.80 -6.57
C PHE DA 167 39.26 10.85 -7.57
N SER DA 168 38.92 11.40 -8.73
CA SER DA 168 38.25 10.74 -9.84
C SER DA 168 38.18 11.77 -10.95
N TYR DA 169 37.84 11.32 -12.15
CA TYR DA 169 37.87 12.22 -13.30
C TYR DA 169 37.30 11.50 -14.52
N TYR DA 170 37.19 12.26 -15.61
CA TYR DA 170 36.84 11.73 -16.91
C TYR DA 170 38.10 11.64 -17.76
N ALA DA 171 38.19 10.58 -18.58
CA ALA DA 171 39.37 10.32 -19.37
C ALA DA 171 39.00 10.24 -20.85
N LEU DA 172 39.89 10.75 -21.70
CA LEU DA 172 39.67 10.68 -23.14
C LEU DA 172 39.66 9.24 -23.64
N GLU DA 173 40.62 8.44 -23.17
CA GLU DA 173 40.80 7.05 -23.60
C GLU DA 173 41.11 6.96 -25.09
N GLN DA 174 41.50 8.08 -25.71
CA GLN DA 174 41.81 8.14 -27.13
C GLN DA 174 43.02 9.04 -27.38
N SER EA 2 25.51 83.00 -1.18
CA SER EA 2 24.78 82.27 -2.22
C SER EA 2 25.70 81.28 -2.94
N THR EA 3 25.28 80.01 -2.95
CA THR EA 3 25.97 78.97 -3.69
C THR EA 3 25.01 78.40 -4.74
N GLN EA 4 25.52 78.21 -5.95
CA GLN EA 4 24.71 77.74 -7.08
C GLN EA 4 25.12 76.32 -7.43
N ARG EA 5 24.13 75.42 -7.49
CA ARG EA 5 24.37 74.02 -7.78
C ARG EA 5 23.32 73.54 -8.76
N GLU EA 6 23.72 73.19 -9.97
CA GLU EA 6 22.81 72.54 -10.89
C GLU EA 6 22.90 71.05 -10.70
N TYR EA 7 21.75 70.41 -10.52
CA TYR EA 7 21.68 68.97 -10.58
C TYR EA 7 22.04 68.51 -11.98
N VAL EA 8 22.56 67.30 -12.08
CA VAL EA 8 22.83 66.71 -13.38
C VAL EA 8 22.60 65.20 -13.28
N PHE EA 9 22.11 64.65 -14.38
CA PHE EA 9 21.49 63.34 -14.53
C PHE EA 9 22.49 62.27 -14.97
N ILE EA 10 22.14 61.02 -14.68
CA ILE EA 10 22.96 59.86 -15.04
C ILE EA 10 22.09 58.79 -15.70
N PRO EA 11 21.60 59.01 -16.92
CA PRO EA 11 20.86 57.96 -17.63
C PRO EA 11 21.78 57.11 -18.48
N ILE EA 12 21.21 56.21 -19.28
CA ILE EA 12 21.99 55.42 -20.22
C ILE EA 12 22.09 56.14 -21.55
N THR EA 13 21.73 57.43 -21.55
CA THR EA 13 21.66 58.23 -22.76
C THR EA 13 22.68 59.37 -22.71
N ASN EA 14 23.28 59.65 -23.87
CA ASN EA 14 24.26 60.74 -24.00
C ASN EA 14 23.57 62.06 -24.34
N SER EA 15 22.68 62.47 -23.43
CA SER EA 15 22.02 63.77 -23.48
C SER EA 15 22.68 64.79 -22.58
N ILE EA 16 23.99 64.66 -22.37
CA ILE EA 16 24.71 65.41 -21.35
C ILE EA 16 25.94 66.12 -21.91
N THR EA 17 26.20 66.01 -23.21
CA THR EA 17 27.48 66.34 -23.82
C THR EA 17 28.09 67.66 -23.35
N ILE EA 18 27.44 68.77 -23.64
CA ILE EA 18 27.98 70.07 -23.27
C ILE EA 18 26.92 70.90 -22.55
N ASP EA 19 25.99 70.22 -21.88
CA ASP EA 19 25.06 70.95 -21.01
C ASP EA 19 25.75 71.27 -19.69
N VAL EA 20 26.93 71.86 -19.78
CA VAL EA 20 27.79 72.20 -18.64
C VAL EA 20 28.57 73.45 -19.00
N LYS EA 21 28.55 74.45 -18.10
CA LYS EA 21 29.36 75.65 -18.28
C LYS EA 21 30.38 75.83 -17.18
N ILE EA 22 29.96 75.79 -15.91
CA ILE EA 22 30.86 75.93 -14.77
C ILE EA 22 31.16 74.55 -14.21
N THR EA 23 32.42 74.29 -13.89
CA THR EA 23 32.83 73.03 -13.25
C THR EA 23 32.87 73.16 -11.74
N ILE EA 24 33.73 74.05 -11.22
CA ILE EA 24 33.80 74.33 -9.80
C ILE EA 24 33.56 75.80 -9.50
N GLY EA 25 34.23 76.69 -10.23
CA GLY EA 25 34.10 78.11 -9.99
C GLY EA 25 34.87 78.56 -8.77
N GLY EA 26 34.55 77.98 -7.61
CA GLY EA 26 35.22 78.32 -6.37
C GLY EA 26 35.99 77.19 -5.77
N SER EA 27 35.59 76.76 -4.57
CA SER EA 27 36.29 75.69 -3.84
C SER EA 27 35.29 74.77 -3.16
N ASP EA 28 34.23 74.38 -3.85
CA ASP EA 28 33.15 73.62 -3.25
C ASP EA 28 32.51 72.68 -4.26
N HIS EA 29 31.95 71.59 -3.73
CA HIS EA 29 31.19 70.60 -4.49
C HIS EA 29 30.30 69.84 -3.51
N ILE EA 30 29.18 69.33 -4.03
CA ILE EA 30 28.32 68.47 -3.22
C ILE EA 30 28.85 67.04 -3.23
N THR EA 31 28.98 66.45 -4.41
CA THR EA 31 29.47 65.09 -4.52
C THR EA 31 30.98 65.08 -4.53
N ASN EA 32 31.57 64.22 -3.70
CA ASN EA 32 33.01 64.10 -3.61
C ASN EA 32 33.43 62.67 -3.91
N ILE EA 33 34.72 62.49 -4.14
CA ILE EA 33 35.28 61.20 -4.50
C ILE EA 33 36.59 61.00 -3.76
N ASP EA 34 36.58 60.13 -2.74
CA ASP EA 34 37.80 59.72 -2.05
C ASP EA 34 37.82 58.20 -1.95
N GLU EA 35 38.19 57.54 -3.06
CA GLU EA 35 38.42 56.10 -3.12
C GLU EA 35 37.42 55.28 -2.32
N ARG EA 36 36.19 55.78 -2.20
CA ARG EA 36 35.10 55.09 -1.52
C ARG EA 36 33.83 55.17 -2.34
N GLY EA 37 33.96 55.34 -3.65
CA GLY EA 37 32.82 55.64 -4.50
C GLY EA 37 32.33 57.06 -4.31
N ILE EA 38 31.47 57.51 -5.21
CA ILE EA 38 30.95 58.87 -5.11
C ILE EA 38 29.96 58.96 -3.95
N HIS EA 39 29.95 60.12 -3.29
CA HIS EA 39 29.12 60.35 -2.12
C HIS EA 39 28.09 61.44 -2.41
N ASN EA 40 27.15 61.59 -1.49
CA ASN EA 40 26.21 62.72 -1.46
C ASN EA 40 25.40 62.82 -2.74
N VAL EA 41 24.71 61.73 -3.07
CA VAL EA 41 24.00 61.61 -4.35
C VAL EA 41 22.57 62.08 -4.17
N LEU EA 42 22.12 62.94 -5.08
CA LEU EA 42 20.77 63.48 -5.03
C LEU EA 42 19.78 62.49 -5.63
N VAL EA 43 18.87 61.97 -4.80
CA VAL EA 43 17.79 61.11 -5.25
C VAL EA 43 16.53 61.95 -5.37
N ILE EA 44 16.10 62.20 -6.60
CA ILE EA 44 14.88 62.93 -6.88
C ILE EA 44 13.80 61.90 -7.18
N THR EA 45 12.91 61.67 -6.22
CA THR EA 45 11.79 60.77 -6.43
C THR EA 45 10.62 61.53 -7.03
N GLY EA 46 9.54 60.82 -7.33
CA GLY EA 46 8.37 61.44 -7.91
C GLY EA 46 8.54 61.98 -9.31
N TYR EA 47 9.75 61.93 -9.86
CA TYR EA 47 10.05 62.42 -11.20
C TYR EA 47 10.57 61.27 -12.05
N ALA EA 48 10.85 61.55 -13.32
CA ALA EA 48 11.40 60.55 -14.22
C ALA EA 48 12.32 61.25 -15.23
N VAL EA 49 12.98 60.45 -16.05
CA VAL EA 49 13.88 60.96 -17.07
C VAL EA 49 13.16 60.95 -18.41
N ASP EA 50 13.64 61.80 -19.32
CA ASP EA 50 13.02 62.01 -20.62
C ASP EA 50 14.10 62.03 -21.70
N GLU EA 51 14.79 60.89 -21.87
CA GLU EA 51 15.92 60.74 -22.78
C GLU EA 51 15.75 61.47 -24.11
N LYS EA 52 14.52 61.73 -24.54
CA LYS EA 52 14.31 62.72 -25.60
C LYS EA 52 14.71 64.09 -25.05
N ASN EA 53 15.92 64.52 -25.37
CA ASN EA 53 16.58 65.63 -24.67
C ASN EA 53 16.56 65.38 -23.17
N GLY EA 54 17.30 64.35 -22.76
CA GLY EA 54 17.24 63.82 -21.41
C GLY EA 54 17.26 64.85 -20.29
N ARG EA 55 16.12 64.94 -19.60
CA ARG EA 55 15.92 65.90 -18.52
C ARG EA 55 14.91 65.31 -17.55
N LEU EA 56 14.57 66.07 -16.52
CA LEU EA 56 13.61 65.62 -15.53
C LEU EA 56 12.19 65.97 -15.97
N VAL EA 57 11.36 64.95 -16.11
CA VAL EA 57 9.91 65.12 -16.24
C VAL EA 57 9.27 64.63 -14.96
N PRO EA 58 8.47 65.44 -14.29
CA PRO EA 58 7.81 64.99 -13.06
C PRO EA 58 6.60 64.14 -13.38
N THR EA 59 6.31 63.23 -12.46
CA THR EA 59 5.04 62.51 -12.44
C THR EA 59 4.41 62.69 -11.07
N LEU EA 60 3.22 62.13 -10.91
CA LEU EA 60 2.52 62.17 -9.63
C LEU EA 60 2.57 60.82 -8.92
N ASP EA 61 3.60 60.04 -9.21
CA ASP EA 61 3.87 58.76 -8.59
C ASP EA 61 5.13 58.85 -7.77
N PRO EA 62 5.10 58.50 -6.48
CA PRO EA 62 6.33 58.53 -5.67
C PRO EA 62 7.29 57.40 -5.94
N CYS EA 63 6.88 56.39 -6.70
CA CYS EA 63 7.75 55.25 -6.99
C CYS EA 63 8.59 55.45 -8.24
N ASP EA 64 8.63 56.67 -8.78
CA ASP EA 64 9.47 57.01 -9.92
C ASP EA 64 10.58 57.93 -9.43
N TYR EA 65 11.82 57.49 -9.61
CA TYR EA 65 12.96 58.23 -9.09
C TYR EA 65 14.06 58.29 -10.13
N VAL EA 66 15.01 59.18 -9.87
CA VAL EA 66 16.28 59.24 -10.59
C VAL EA 66 17.28 59.92 -9.69
N LYS EA 67 18.49 59.36 -9.63
CA LYS EA 67 19.53 59.89 -8.77
C LYS EA 67 20.71 60.37 -9.61
N GLY EA 68 21.23 61.53 -9.24
CA GLY EA 68 22.34 62.16 -9.93
C GLY EA 68 23.18 62.96 -8.98
N ILE EA 69 23.83 64.00 -9.51
CA ILE EA 69 24.93 64.66 -8.80
C ILE EA 69 24.81 66.17 -8.98
N LEU EA 70 25.09 66.92 -7.92
CA LEU EA 70 25.05 68.37 -8.00
C LEU EA 70 26.44 68.89 -8.33
N VAL EA 71 26.51 69.83 -9.29
CA VAL EA 71 27.76 70.48 -9.65
C VAL EA 71 27.50 71.97 -9.79
N ALA EA 72 28.51 72.76 -9.43
CA ALA EA 72 28.32 74.21 -9.30
C ALA EA 72 28.17 74.86 -10.66
N GLY EA 73 27.19 75.76 -10.76
CA GLY EA 73 27.08 76.61 -11.94
C GLY EA 73 25.68 76.89 -12.43
N THR EA 74 25.39 78.16 -12.71
CA THR EA 74 24.16 78.50 -13.42
C THR EA 74 24.28 78.02 -14.87
N PRO EA 75 23.31 77.24 -15.37
CA PRO EA 75 23.57 76.40 -16.56
C PRO EA 75 24.12 77.10 -17.79
N GLN EA 76 23.39 78.05 -18.37
CA GLN EA 76 23.86 78.67 -19.61
C GLN EA 76 23.80 80.19 -19.62
N GLN EA 77 23.26 80.83 -18.58
CA GLN EA 77 23.08 82.28 -18.52
C GLN EA 77 22.25 82.81 -19.70
N ALA EA 78 21.48 81.94 -20.34
CA ALA EA 78 20.58 82.36 -21.41
C ALA EA 78 19.24 81.63 -21.33
N GLN EA 79 18.88 81.14 -20.15
CA GLN EA 79 17.73 80.27 -19.94
C GLN EA 79 17.17 80.51 -18.54
N SER EA 80 16.52 79.50 -17.96
CA SER EA 80 15.73 79.55 -16.73
C SER EA 80 14.33 80.09 -16.99
N ASN EA 81 13.80 79.81 -18.18
CA ASN EA 81 12.37 79.77 -18.40
C ASN EA 81 11.85 78.34 -18.54
N ASP EA 82 12.72 77.38 -18.85
CA ASP EA 82 12.35 75.98 -19.01
C ASP EA 82 13.08 75.05 -18.06
N PHE EA 83 13.89 75.58 -17.14
CA PHE EA 83 14.54 74.78 -16.10
C PHE EA 83 14.06 75.26 -14.73
N LEU EA 84 13.49 74.35 -13.96
CA LEU EA 84 12.92 74.71 -12.66
C LEU EA 84 14.00 75.23 -11.72
N THR EA 85 13.68 76.28 -10.98
CA THR EA 85 14.57 76.90 -10.02
C THR EA 85 13.87 77.01 -8.67
N LEU EA 86 14.56 76.59 -7.61
CA LEU EA 86 13.99 76.71 -6.27
C LEU EA 86 15.10 76.86 -5.25
N LYS EA 87 14.72 77.27 -4.05
CA LYS EA 87 15.64 77.50 -2.92
C LYS EA 87 15.30 76.53 -1.80
N LEU EA 88 16.24 75.65 -1.46
CA LEU EA 88 16.13 74.80 -0.29
C LEU EA 88 17.36 74.97 0.58
N PRO EA 89 17.18 74.98 1.90
CA PRO EA 89 18.22 75.44 2.84
C PRO EA 89 19.26 74.38 3.18
N ALA EA 90 19.78 73.69 2.17
CA ALA EA 90 20.89 72.75 2.27
C ALA EA 90 20.63 71.63 3.28
N ASN EA 91 19.42 71.49 3.77
CA ASN EA 91 19.05 70.42 4.68
C ASN EA 91 18.03 69.46 4.09
N LYS EA 92 17.32 69.86 3.05
CA LYS EA 92 16.23 69.07 2.49
C LYS EA 92 16.64 68.28 1.23
N LEU EA 93 17.92 68.31 0.86
CA LEU EA 93 18.37 67.47 -0.24
C LEU EA 93 18.46 66.02 0.23
N TYR EA 94 17.67 65.14 -0.37
CA TYR EA 94 17.77 63.73 -0.04
C TYR EA 94 19.06 63.18 -0.64
N LEU EA 95 20.12 63.17 0.17
CA LEU EA 95 21.46 62.80 -0.30
C LEU EA 95 21.84 61.46 0.31
N ILE EA 96 21.78 60.40 -0.49
CA ILE EA 96 22.30 59.11 -0.05
C ILE EA 96 23.82 59.15 -0.05
N ARG EA 97 24.43 58.26 0.73
CA ARG EA 97 25.88 58.20 0.88
C ARG EA 97 26.43 59.55 1.33
N LYS EA 98 25.65 60.29 2.10
CA LYS EA 98 26.08 61.60 2.58
C LYS EA 98 27.30 61.46 3.47
N LYS EA 99 28.26 62.36 3.29
CA LYS EA 99 29.48 62.39 4.10
C LYS EA 99 29.52 63.61 5.01
N GLY EA 100 29.37 64.81 4.46
CA GLY EA 100 29.40 66.04 5.23
C GLY EA 100 28.08 66.78 5.15
N ASN EA 101 28.07 67.96 5.76
CA ASN EA 101 26.91 68.82 5.76
C ASN EA 101 27.30 70.22 5.28
N ILE EA 102 26.33 70.90 4.68
CA ILE EA 102 26.55 72.18 4.04
C ILE EA 102 26.00 73.27 4.96
N SER EA 103 26.27 74.53 4.61
CA SER EA 103 26.09 75.69 5.49
C SER EA 103 24.66 76.23 5.46
N ASP EA 104 23.68 75.40 5.16
CA ASP EA 104 22.25 75.73 5.26
C ASP EA 104 21.83 76.77 4.22
N ASP EA 105 22.53 76.80 3.08
CA ASP EA 105 22.19 77.74 2.02
C ASP EA 105 22.74 77.22 0.71
N LEU EA 106 21.85 76.85 -0.21
CA LEU EA 106 22.23 76.52 -1.58
C LEU EA 106 21.03 76.71 -2.49
N LYS EA 107 21.31 76.83 -3.79
CA LYS EA 107 20.29 77.06 -4.80
C LYS EA 107 20.45 76.02 -5.89
N ILE EA 108 19.49 75.10 -5.98
CA ILE EA 108 19.51 74.01 -6.96
C ILE EA 108 18.91 74.50 -8.27
N TYR EA 109 19.39 73.93 -9.38
CA TYR EA 109 18.99 74.31 -10.72
C TYR EA 109 18.51 73.09 -11.51
N ILE EA 110 17.59 72.34 -10.93
CA ILE EA 110 17.11 71.06 -11.45
C ILE EA 110 16.78 71.13 -12.94
N PRO EA 111 17.53 70.42 -13.79
CA PRO EA 111 17.17 70.35 -15.22
C PRO EA 111 15.79 69.76 -15.43
N TYR EA 112 14.87 70.56 -15.93
CA TYR EA 112 13.46 70.23 -15.96
C TYR EA 112 12.92 70.37 -17.36
N SER EA 113 11.80 69.68 -17.62
CA SER EA 113 11.12 69.75 -18.90
C SER EA 113 9.62 69.80 -18.68
N SER EA 114 8.90 70.18 -19.72
CA SER EA 114 7.45 70.18 -19.66
C SER EA 114 6.94 68.76 -19.44
N PRO EA 115 5.81 68.61 -18.73
CA PRO EA 115 5.21 67.27 -18.61
C PRO EA 115 4.64 66.75 -19.91
N ASP EA 116 4.16 67.63 -20.80
CA ASP EA 116 3.61 67.24 -22.10
C ASP EA 116 2.47 66.23 -21.95
N ALA EA 117 1.36 66.72 -21.43
CA ALA EA 117 0.16 65.91 -21.28
C ALA EA 117 -0.42 65.64 -22.67
N ARG EA 118 0.21 64.73 -23.38
CA ARG EA 118 -0.26 64.25 -24.68
C ARG EA 118 -0.51 62.75 -24.68
N ASN EA 119 0.29 61.96 -23.97
CA ASN EA 119 -0.02 60.56 -23.76
C ASN EA 119 0.57 60.13 -22.41
N SER EA 120 0.14 58.95 -21.96
CA SER EA 120 0.50 58.45 -20.64
C SER EA 120 2.00 58.17 -20.55
N MET EA 121 2.67 58.87 -19.61
CA MET EA 121 4.10 58.74 -19.42
C MET EA 121 4.44 57.52 -18.56
N LYS EA 122 4.07 56.35 -19.06
CA LYS EA 122 4.45 55.11 -18.41
C LYS EA 122 5.97 54.95 -18.51
N THR EA 123 6.57 54.35 -17.49
CA THR EA 123 8.02 54.29 -17.38
C THR EA 123 8.50 52.86 -17.15
N LYS EA 124 9.82 52.70 -17.22
CA LYS EA 124 10.54 51.46 -16.99
C LYS EA 124 11.59 51.72 -15.91
N PRO EA 125 11.91 50.72 -15.09
CA PRO EA 125 13.06 50.84 -14.20
C PRO EA 125 14.34 50.45 -14.91
N VAL EA 126 15.32 51.34 -14.93
CA VAL EA 126 16.51 51.16 -15.74
C VAL EA 126 17.74 51.28 -14.84
N SER EA 127 18.56 50.24 -14.81
CA SER EA 127 19.89 50.29 -14.23
C SER EA 127 20.91 50.29 -15.36
N ILE EA 128 21.95 51.11 -15.21
CA ILE EA 128 22.93 51.25 -16.28
C ILE EA 128 23.78 49.99 -16.34
N SER EA 129 24.00 49.49 -17.55
CA SER EA 129 24.71 48.24 -17.80
C SER EA 129 25.61 48.48 -19.01
N ASP EA 130 26.07 47.39 -19.64
CA ASP EA 130 26.83 47.49 -20.88
C ASP EA 130 28.12 48.29 -20.67
N ASP EA 131 29.06 47.64 -19.97
CA ASP EA 131 30.23 48.28 -19.39
C ASP EA 131 30.96 49.25 -20.32
N THR EA 132 30.71 49.18 -21.63
CA THR EA 132 31.09 50.31 -22.47
C THR EA 132 30.41 51.59 -22.00
N ILE EA 133 29.16 51.47 -21.54
CA ILE EA 133 28.48 52.64 -20.98
C ILE EA 133 29.18 53.11 -19.72
N VAL EA 134 29.80 52.19 -18.98
CA VAL EA 134 30.55 52.59 -17.80
C VAL EA 134 31.83 53.30 -18.19
N ASN EA 135 32.56 52.75 -19.14
CA ASN EA 135 33.78 53.39 -19.63
C ASN EA 135 33.50 54.69 -20.34
N ASN EA 136 32.26 54.93 -20.74
CA ASN EA 136 31.85 56.21 -21.29
C ASN EA 136 31.38 57.18 -20.22
N ILE EA 137 30.69 56.69 -19.19
CA ILE EA 137 30.14 57.55 -18.15
C ILE EA 137 31.24 58.03 -17.21
N ILE EA 138 32.23 57.18 -16.93
CA ILE EA 138 33.42 57.64 -16.23
C ILE EA 138 34.08 58.79 -16.98
N LYS EA 139 33.85 58.89 -18.29
CA LYS EA 139 34.36 60.01 -19.08
C LYS EA 139 33.43 61.22 -19.01
N GLU EA 140 32.12 60.97 -19.12
CA GLU EA 140 31.12 62.00 -19.39
C GLU EA 140 31.34 63.26 -18.55
N VAL EA 141 31.21 63.12 -17.23
CA VAL EA 141 31.19 64.26 -16.32
C VAL EA 141 32.29 64.17 -15.28
N PHE EA 142 32.52 62.99 -14.72
CA PHE EA 142 33.39 62.83 -13.56
C PHE EA 142 34.82 63.30 -13.81
N ASP EA 143 35.27 63.34 -15.07
CA ASP EA 143 36.63 63.75 -15.38
C ASP EA 143 36.76 65.26 -15.46
N LYS EA 144 35.98 65.91 -16.31
CA LYS EA 144 36.10 67.35 -16.50
C LYS EA 144 35.36 68.16 -15.46
N ILE EA 145 34.78 67.52 -14.45
CA ILE EA 145 34.28 68.19 -13.26
C ILE EA 145 35.23 68.01 -12.08
N TYR EA 146 35.70 66.79 -11.87
CA TYR EA 146 36.74 66.49 -10.90
C TYR EA 146 37.99 66.16 -11.71
N ASN EA 147 38.78 67.19 -12.00
CA ASN EA 147 39.97 67.01 -12.82
C ASN EA 147 41.03 66.14 -12.16
N ILE EA 148 40.78 65.67 -10.93
CA ILE EA 148 41.76 64.86 -10.22
C ILE EA 148 41.60 63.37 -10.47
N THR EA 149 40.42 62.92 -10.88
CA THR EA 149 40.24 61.51 -11.19
C THR EA 149 40.93 61.18 -12.51
N GLN EA 150 41.51 59.97 -12.57
CA GLN EA 150 42.46 59.54 -13.60
C GLN EA 150 43.77 60.31 -13.51
N LYS EA 151 43.86 61.29 -12.62
CA LYS EA 151 45.09 62.03 -12.36
C LYS EA 151 45.70 61.71 -11.00
N GLU EA 152 44.92 61.12 -10.09
CA GLU EA 152 45.43 60.58 -8.84
C GLU EA 152 45.03 59.13 -8.63
N LYS EA 153 44.09 58.60 -9.41
CA LYS EA 153 43.41 57.35 -9.08
C LYS EA 153 44.23 56.12 -9.39
N VAL EA 154 44.56 55.35 -8.36
CA VAL EA 154 44.89 53.94 -8.55
C VAL EA 154 43.63 53.09 -8.42
N LYS EA 155 42.69 53.52 -7.60
CA LYS EA 155 41.41 52.82 -7.41
C LYS EA 155 40.34 53.51 -8.26
N ILE EA 156 40.53 53.41 -9.58
CA ILE EA 156 39.64 54.08 -10.51
C ILE EA 156 38.48 53.19 -10.94
N GLU EA 157 38.73 51.93 -11.29
CA GLU EA 157 37.64 51.06 -11.69
C GLU EA 157 36.78 50.62 -10.51
N LYS EA 158 37.22 50.89 -9.28
CA LYS EA 158 36.41 50.55 -8.12
C LYS EA 158 35.31 51.58 -7.88
N VAL EA 159 35.52 52.85 -8.25
CA VAL EA 159 34.42 53.79 -8.20
C VAL EA 159 33.44 53.49 -9.34
N LYS EA 160 33.90 52.84 -10.40
CA LYS EA 160 32.99 52.35 -11.44
C LYS EA 160 31.99 51.35 -10.87
N GLU EA 161 32.40 50.60 -9.85
CA GLU EA 161 31.54 49.60 -9.23
C GLU EA 161 30.29 50.22 -8.64
N ASP EA 162 30.32 51.51 -8.33
CA ASP EA 162 29.18 52.15 -7.71
C ASP EA 162 28.32 52.94 -8.70
N ILE EA 163 28.95 53.64 -9.64
CA ILE EA 163 28.17 54.29 -10.69
C ILE EA 163 27.45 53.25 -11.54
N LYS EA 164 28.13 52.13 -11.84
CA LYS EA 164 27.49 51.08 -12.60
C LYS EA 164 26.32 50.45 -11.86
N GLU EA 165 26.34 50.50 -10.52
CA GLU EA 165 25.41 49.71 -9.71
C GLU EA 165 24.25 50.53 -9.15
N LEU EA 166 24.53 51.58 -8.37
CA LEU EA 166 23.47 52.18 -7.57
C LEU EA 166 22.58 53.12 -8.36
N PHE EA 167 23.09 53.75 -9.42
CA PHE EA 167 22.35 54.79 -10.13
C PHE EA 167 21.31 54.15 -11.04
N SER EA 168 20.23 53.71 -10.43
CA SER EA 168 19.03 53.29 -11.16
C SER EA 168 18.07 54.47 -11.27
N TYR EA 169 17.28 54.48 -12.32
CA TYR EA 169 16.33 55.55 -12.57
C TYR EA 169 15.09 54.97 -13.24
N TYR EA 170 14.18 55.85 -13.65
CA TYR EA 170 12.99 55.46 -14.38
C TYR EA 170 12.91 56.27 -15.66
N ALA EA 171 12.58 55.59 -16.76
CA ALA EA 171 12.56 56.20 -18.09
C ALA EA 171 11.14 56.12 -18.66
N LEU EA 172 10.62 57.24 -19.16
CA LEU EA 172 9.21 57.33 -19.49
C LEU EA 172 8.83 56.75 -20.85
N GLU EA 173 9.68 55.86 -21.38
CA GLU EA 173 9.33 55.05 -22.54
C GLU EA 173 9.09 55.86 -23.81
N GLN EA 174 9.26 57.18 -23.74
CA GLN EA 174 9.03 58.04 -24.90
C GLN EA 174 10.21 58.97 -25.12
N SER FA 2 40.82 97.27 53.74
CA SER FA 2 40.77 96.16 52.79
C SER FA 2 40.25 96.63 51.43
N THR FA 3 39.07 96.16 51.05
CA THR FA 3 38.51 96.41 49.73
C THR FA 3 37.12 96.99 49.84
N GLN FA 4 36.65 97.60 48.75
CA GLN FA 4 35.35 98.23 48.69
C GLN FA 4 34.77 98.06 47.30
N ARG FA 5 33.53 97.57 47.23
CA ARG FA 5 32.84 97.34 45.97
C ARG FA 5 31.38 97.76 46.14
N GLU FA 6 30.67 97.83 45.01
CA GLU FA 6 29.26 98.20 45.03
C GLU FA 6 28.57 97.63 43.80
N TYR FA 7 27.35 97.15 43.99
CA TYR FA 7 26.55 96.57 42.92
C TYR FA 7 25.69 97.65 42.26
N VAL FA 8 25.54 97.52 40.95
CA VAL FA 8 24.69 98.40 40.15
C VAL FA 8 23.78 97.53 39.28
N PHE FA 9 22.49 97.73 39.44
CA PHE FA 9 21.47 96.99 38.70
C PHE FA 9 21.28 97.60 37.31
N ILE FA 10 20.70 96.82 36.40
CA ILE FA 10 20.44 97.29 35.05
C ILE FA 10 19.00 96.98 34.66
N PRO FA 11 18.06 97.88 34.92
CA PRO FA 11 16.70 97.70 34.37
C PRO FA 11 16.60 98.26 32.97
N ILE FA 12 15.41 98.25 32.39
CA ILE FA 12 15.22 98.76 31.03
C ILE FA 12 14.85 100.24 31.07
N THR FA 13 15.00 100.87 32.23
CA THR FA 13 14.80 102.31 32.38
C THR FA 13 16.02 102.91 33.05
N ASN FA 14 16.51 104.02 32.49
CA ASN FA 14 17.77 104.62 32.93
C ASN FA 14 17.52 105.53 34.13
N SER FA 15 18.03 105.15 35.30
CA SER FA 15 17.99 105.99 36.48
C SER FA 15 19.28 105.88 37.29
N ILE FA 16 20.38 105.53 36.63
CA ILE FA 16 21.64 105.29 37.33
C ILE FA 16 22.67 106.31 36.84
N THR FA 17 22.20 107.51 36.50
CA THR FA 17 23.13 108.59 36.20
C THR FA 17 23.80 109.12 37.47
N ILE FA 18 23.04 109.25 38.55
CA ILE FA 18 23.58 109.66 39.84
C ILE FA 18 24.11 108.38 40.50
N ASP FA 19 25.42 108.16 40.42
CA ASP FA 19 25.96 106.84 40.70
C ASP FA 19 27.36 106.97 41.28
N VAL FA 20 28.13 105.89 41.18
CA VAL FA 20 29.35 105.59 41.94
C VAL FA 20 30.30 106.77 42.10
N LYS FA 21 30.84 106.91 43.33
CA LYS FA 21 31.98 107.79 43.59
C LYS FA 21 33.11 107.55 42.60
N ILE FA 22 33.52 106.30 42.47
CA ILE FA 22 34.82 105.95 41.92
C ILE FA 22 34.76 105.87 40.40
N THR FA 23 35.64 106.62 39.74
CA THR FA 23 35.95 106.41 38.34
C THR FA 23 37.23 105.60 38.16
N ILE FA 24 38.22 105.85 39.02
CA ILE FA 24 39.40 105.00 39.13
C ILE FA 24 39.49 104.47 40.56
N GLY FA 25 39.68 105.36 41.54
CA GLY FA 25 39.43 105.04 42.92
C GLY FA 25 40.42 104.08 43.56
N GLY FA 26 40.37 102.82 43.12
CA GLY FA 26 41.23 101.78 43.66
C GLY FA 26 42.16 101.20 42.61
N SER FA 27 42.32 99.87 42.62
CA SER FA 27 43.21 99.22 41.68
C SER FA 27 42.65 97.89 41.19
N ASP FA 28 41.33 97.78 41.06
CA ASP FA 28 40.73 96.50 40.72
C ASP FA 28 39.29 96.69 40.26
N HIS FA 29 38.81 95.69 39.51
CA HIS FA 29 37.40 95.56 39.18
C HIS FA 29 37.08 94.08 39.04
N ILE FA 30 35.85 93.72 39.38
CA ILE FA 30 35.42 92.33 39.39
C ILE FA 30 34.71 91.96 38.10
N THR FA 31 33.75 92.80 37.67
CA THR FA 31 33.03 92.58 36.42
C THR FA 31 33.90 93.07 35.27
N ASN FA 32 34.88 92.24 34.92
CA ASN FA 32 35.81 92.56 33.83
C ASN FA 32 35.32 91.93 32.55
N ILE FA 33 35.37 92.71 31.47
CA ILE FA 33 34.87 92.28 30.16
C ILE FA 33 36.10 92.20 29.25
N ASP FA 34 36.64 90.99 29.09
CA ASP FA 34 37.92 90.80 28.42
C ASP FA 34 37.73 89.95 27.17
N GLU FA 35 37.33 90.63 26.08
CA GLU FA 35 37.34 90.06 24.73
C GLU FA 35 36.71 88.68 24.65
N ARG FA 36 35.81 88.37 25.57
CA ARG FA 36 35.03 87.14 25.49
C ARG FA 36 33.59 87.36 25.96
N GLY FA 37 33.20 88.60 26.21
CA GLY FA 37 31.90 88.91 26.78
C GLY FA 37 32.04 89.34 28.24
N ILE FA 38 30.88 89.48 28.88
CA ILE FA 38 30.86 89.91 30.26
C ILE FA 38 31.35 88.78 31.15
N HIS FA 39 31.92 89.14 32.29
CA HIS FA 39 32.31 88.19 33.32
C HIS FA 39 31.88 88.71 34.68
N ASN FA 40 31.62 87.79 35.60
CA ASN FA 40 31.37 88.11 37.01
C ASN FA 40 30.16 89.04 37.15
N VAL FA 41 29.00 88.52 36.76
CA VAL FA 41 27.73 89.21 36.91
C VAL FA 41 27.06 88.67 38.17
N LEU FA 42 27.09 89.45 39.25
CA LEU FA 42 26.57 88.96 40.52
C LEU FA 42 25.06 88.80 40.44
N VAL FA 43 24.56 87.70 40.97
CA VAL FA 43 23.14 87.38 40.99
C VAL FA 43 22.65 87.48 42.42
N ILE FA 44 21.53 88.18 42.61
CA ILE FA 44 20.92 88.31 43.93
C ILE FA 44 19.57 87.62 43.90
N THR FA 45 19.46 86.54 44.67
CA THR FA 45 18.19 85.85 44.80
C THR FA 45 17.42 86.41 45.98
N GLY FA 46 16.11 86.30 45.93
CA GLY FA 46 15.27 86.79 47.01
C GLY FA 46 15.07 88.27 47.04
N TYR FA 47 15.49 89.02 46.03
CA TYR FA 47 15.14 90.42 45.90
C TYR FA 47 14.32 90.64 44.63
N ALA FA 48 13.63 91.77 44.59
CA ALA FA 48 12.95 92.24 43.40
C ALA FA 48 13.39 93.66 43.11
N VAL FA 49 13.45 94.02 41.84
CA VAL FA 49 13.95 95.32 41.43
C VAL FA 49 12.79 96.28 41.23
N ASP FA 50 13.04 97.55 41.55
CA ASP FA 50 12.02 98.59 41.67
C ASP FA 50 12.40 99.79 40.79
N GLU FA 51 12.64 99.53 39.51
CA GLU FA 51 13.36 100.38 38.56
C GLU FA 51 13.20 101.88 38.76
N LYS FA 52 12.02 102.34 39.19
CA LYS FA 52 11.83 103.77 39.44
C LYS FA 52 12.71 104.17 40.62
N ASN FA 53 13.88 104.73 40.31
CA ASN FA 53 14.98 104.84 41.26
C ASN FA 53 15.22 103.50 41.94
N GLY FA 54 15.58 102.52 41.12
CA GLY FA 54 15.55 101.13 41.50
C GLY FA 54 16.39 100.73 42.69
N ARG FA 55 15.73 100.42 43.79
CA ARG FA 55 16.36 99.78 44.93
C ARG FA 55 15.75 98.39 45.07
N LEU FA 56 16.61 97.40 45.35
CA LEU FA 56 16.19 96.01 45.31
C LEU FA 56 15.22 95.74 46.45
N VAL FA 57 13.94 95.63 46.13
CA VAL FA 57 12.93 95.22 47.10
C VAL FA 57 13.17 93.76 47.45
N PRO FA 58 13.39 93.44 48.71
CA PRO FA 58 13.66 92.04 49.06
C PRO FA 58 12.38 91.23 49.27
N THR FA 59 12.21 90.19 48.47
CA THR FA 59 11.16 89.22 48.70
C THR FA 59 11.70 88.09 49.57
N LEU FA 60 10.94 87.01 49.67
CA LEU FA 60 11.45 85.78 50.28
C LEU FA 60 11.40 84.62 49.29
N ASP FA 61 11.40 84.92 47.99
CA ASP FA 61 11.27 83.93 46.93
C ASP FA 61 12.61 83.71 46.25
N PRO FA 62 13.11 82.47 46.19
CA PRO FA 62 14.34 82.23 45.42
C PRO FA 62 14.16 82.41 43.93
N CYS FA 63 12.94 82.30 43.40
CA CYS FA 63 12.74 82.50 41.98
C CYS FA 63 12.96 83.95 41.57
N ASP FA 64 12.80 84.89 42.49
CA ASP FA 64 13.02 86.31 42.21
C ASP FA 64 14.50 86.61 42.26
N TYR FA 65 15.07 87.02 41.14
CA TYR FA 65 16.49 87.29 41.05
C TYR FA 65 16.74 88.53 40.23
N VAL FA 66 18.00 88.98 40.23
CA VAL FA 66 18.42 90.15 39.46
C VAL FA 66 19.90 89.99 39.15
N LYS FA 67 20.29 90.35 37.94
CA LYS FA 67 21.67 90.27 37.50
C LYS FA 67 22.16 91.66 37.14
N GLY FA 68 23.32 92.03 37.66
CA GLY FA 68 23.88 93.32 37.36
C GLY FA 68 25.37 93.35 37.60
N ILE FA 69 25.93 94.54 37.47
CA ILE FA 69 27.37 94.72 37.54
C ILE FA 69 27.76 94.96 38.99
N LEU FA 70 29.02 94.69 39.33
CA LEU FA 70 29.54 95.01 40.65
C LEU FA 70 30.94 95.56 40.48
N VAL FA 71 31.09 96.87 40.68
CA VAL FA 71 32.33 97.59 40.44
C VAL FA 71 32.80 98.23 41.73
N ALA FA 72 34.12 98.35 41.89
CA ALA FA 72 34.68 98.86 43.12
C ALA FA 72 34.34 100.33 43.29
N GLY FA 73 33.62 100.65 44.38
CA GLY FA 73 33.26 102.04 44.63
C GLY FA 73 32.27 102.29 45.76
N THR FA 74 32.18 103.56 46.18
CA THR FA 74 31.24 104.12 47.15
C THR FA 74 30.10 104.78 46.38
N PRO FA 75 28.83 104.64 46.79
CA PRO FA 75 27.74 105.06 45.90
C PRO FA 75 27.68 106.55 45.55
N GLN FA 76 27.31 107.44 46.47
CA GLN FA 76 27.16 108.83 46.05
C GLN FA 76 27.41 109.88 47.12
N GLN FA 77 27.80 109.52 48.35
CA GLN FA 77 27.92 110.43 49.50
C GLN FA 77 26.54 110.85 50.01
N ALA FA 78 25.50 110.55 49.24
CA ALA FA 78 24.12 110.81 49.65
C ALA FA 78 23.46 109.50 50.06
N GLN FA 79 24.25 108.62 50.65
CA GLN FA 79 23.84 107.26 50.97
C GLN FA 79 24.38 106.94 52.36
N SER FA 80 24.45 105.65 52.69
CA SER FA 80 24.68 105.12 54.03
C SER FA 80 23.46 105.34 54.92
N ASN FA 81 22.34 105.76 54.34
CA ASN FA 81 21.06 105.88 55.02
C ASN FA 81 20.12 104.74 54.68
N ASP FA 82 20.16 104.26 53.45
CA ASP FA 82 19.27 103.21 52.98
C ASP FA 82 20.02 102.05 52.32
N PHE FA 83 21.09 102.33 51.60
CA PHE FA 83 21.86 101.27 50.95
C PHE FA 83 22.42 100.31 52.00
N LEU FA 84 22.11 99.03 51.84
CA LEU FA 84 22.65 98.01 52.73
C LEU FA 84 24.03 97.61 52.25
N THR FA 85 25.02 97.78 53.11
CA THR FA 85 26.39 97.35 52.83
C THR FA 85 26.78 96.25 53.79
N LEU FA 86 27.58 95.31 53.30
CA LEU FA 86 27.98 94.16 54.10
C LEU FA 86 29.31 93.63 53.59
N LYS FA 87 29.85 92.65 54.30
CA LYS FA 87 31.21 92.17 54.06
C LYS FA 87 31.23 90.65 54.12
N LEU FA 88 31.66 90.02 53.04
CA LEU FA 88 31.74 88.57 52.94
C LEU FA 88 33.05 88.18 52.29
N PRO FA 89 33.56 86.97 52.57
CA PRO FA 89 34.86 86.53 52.05
C PRO FA 89 34.85 86.09 50.59
N ALA FA 90 34.19 86.88 49.74
CA ALA FA 90 34.29 86.80 48.28
C ALA FA 90 33.92 85.43 47.72
N ASN FA 91 33.26 84.58 48.50
CA ASN FA 91 32.88 83.26 48.02
C ASN FA 91 31.42 82.93 48.26
N LYS FA 92 30.68 83.75 49.01
CA LYS FA 92 29.25 83.53 49.19
C LYS FA 92 28.43 84.24 48.13
N LEU FA 93 28.94 85.33 47.58
CA LEU FA 93 28.30 85.94 46.42
C LEU FA 93 28.27 84.94 45.28
N TYR FA 94 27.32 85.11 44.37
CA TYR FA 94 27.14 84.21 43.25
C TYR FA 94 27.35 84.99 41.96
N LEU FA 95 28.56 84.92 41.42
CA LEU FA 95 28.87 85.48 40.12
C LEU FA 95 28.63 84.43 39.03
N ILE FA 96 28.64 84.88 37.79
CA ILE FA 96 28.54 83.98 36.64
C ILE FA 96 29.60 84.36 35.62
N ARG FA 97 30.01 83.37 34.82
CA ARG FA 97 31.08 83.54 33.84
C ARG FA 97 32.38 83.97 34.51
N LYS FA 98 32.67 83.33 35.64
CA LYS FA 98 33.87 83.66 36.40
C LYS FA 98 35.11 83.33 35.61
N LYS FA 99 36.10 84.22 35.66
CA LYS FA 99 37.42 83.83 35.18
C LYS FA 99 38.44 83.92 36.31
N GLY FA 100 38.52 85.07 36.97
CA GLY FA 100 39.50 85.29 38.01
C GLY FA 100 38.96 85.02 39.40
N ASN FA 101 39.85 85.17 40.38
CA ASN FA 101 39.51 85.04 41.79
C ASN FA 101 39.83 86.34 42.52
N ILE FA 102 39.24 86.50 43.69
CA ILE FA 102 39.27 87.78 44.40
C ILE FA 102 40.06 87.58 45.69
N SER FA 103 40.19 88.63 46.49
CA SER FA 103 41.19 88.72 47.56
C SER FA 103 40.64 88.33 48.93
N ASP FA 104 39.77 87.32 48.99
CA ASP FA 104 39.32 86.64 50.21
C ASP FA 104 38.46 87.49 51.12
N ASP FA 105 38.14 88.72 50.74
CA ASP FA 105 37.24 89.56 51.52
C ASP FA 105 36.83 90.77 50.68
N LEU FA 106 35.56 91.16 50.79
CA LEU FA 106 35.04 92.31 50.08
C LEU FA 106 33.98 92.97 50.95
N LYS FA 107 33.77 94.27 50.70
CA LYS FA 107 32.79 95.07 51.43
C LYS FA 107 31.95 95.81 50.40
N ILE FA 108 30.69 95.42 50.25
CA ILE FA 108 29.91 95.73 49.06
C ILE FA 108 28.67 96.55 49.41
N TYR FA 109 28.39 97.54 48.57
CA TYR FA 109 27.21 98.39 48.70
C TYR FA 109 26.09 97.84 47.84
N ILE FA 110 24.91 97.64 48.43
CA ILE FA 110 23.74 97.14 47.72
C ILE FA 110 22.66 98.20 47.77
N PRO FA 111 22.19 98.71 46.62
CA PRO FA 111 21.10 99.70 46.63
C PRO FA 111 19.78 99.08 47.07
N TYR FA 112 19.38 99.38 48.30
CA TYR FA 112 18.35 98.64 49.00
C TYR FA 112 17.14 99.52 49.27
N SER FA 113 15.98 98.87 49.34
CA SER FA 113 14.74 99.51 49.73
C SER FA 113 14.06 98.69 50.81
N SER FA 114 13.40 99.36 51.74
CA SER FA 114 12.57 98.65 52.69
C SER FA 114 11.43 97.97 51.93
N PRO FA 115 10.97 96.81 52.39
CA PRO FA 115 9.98 96.04 51.62
C PRO FA 115 8.72 96.81 51.25
N ASP FA 116 8.43 97.93 51.92
CA ASP FA 116 7.33 98.82 51.53
C ASP FA 116 6.00 98.06 51.50
N ALA FA 117 5.58 97.63 52.68
CA ALA FA 117 4.35 96.84 52.79
C ALA FA 117 3.11 97.69 52.59
N ARG FA 118 2.91 98.19 51.37
CA ARG FA 118 1.70 98.90 51.00
C ARG FA 118 1.13 98.45 49.67
N ASN FA 119 1.81 97.52 48.98
CA ASN FA 119 1.36 97.05 47.68
C ASN FA 119 1.89 95.63 47.49
N SER FA 120 1.00 94.69 47.22
CA SER FA 120 1.36 93.28 47.16
C SER FA 120 2.42 93.03 46.09
N MET FA 121 3.49 92.34 46.49
CA MET FA 121 4.61 92.06 45.59
C MET FA 121 4.25 90.91 44.66
N LYS FA 122 3.61 91.26 43.55
CA LYS FA 122 3.44 90.36 42.43
C LYS FA 122 4.44 90.77 41.36
N THR FA 123 5.46 89.95 41.16
CA THR FA 123 6.56 90.32 40.29
C THR FA 123 6.30 89.85 38.85
N LYS FA 124 7.20 90.24 37.96
CA LYS FA 124 7.13 89.93 36.55
C LYS FA 124 8.55 89.75 36.06
N PRO FA 125 8.83 88.67 35.33
CA PRO FA 125 10.18 88.48 34.76
C PRO FA 125 10.38 89.39 33.55
N VAL FA 126 11.40 90.23 33.62
CA VAL FA 126 11.71 91.17 32.56
C VAL FA 126 13.08 90.81 32.00
N SER FA 127 13.17 90.73 30.68
CA SER FA 127 14.44 90.56 30.00
C SER FA 127 14.94 91.92 29.54
N ILE FA 128 16.06 91.92 28.82
CA ILE FA 128 16.60 93.13 28.23
C ILE FA 128 16.59 92.94 26.72
N SER FA 129 15.57 93.53 26.09
CA SER FA 129 15.48 93.70 24.64
C SER FA 129 15.22 95.17 24.40
N ASP FA 130 14.82 95.54 23.18
CA ASP FA 130 14.71 96.94 22.79
C ASP FA 130 16.07 97.63 22.89
N ASP FA 131 16.96 97.17 22.00
CA ASP FA 131 18.37 97.55 21.96
C ASP FA 131 18.58 99.06 21.98
N THR FA 132 17.53 99.84 21.72
CA THR FA 132 17.61 101.27 22.02
C THR FA 132 17.96 101.50 23.48
N ILE FA 133 17.45 100.65 24.37
CA ILE FA 133 17.89 100.66 25.76
C ILE FA 133 19.32 100.17 25.86
N VAL FA 134 19.68 99.17 25.06
CA VAL FA 134 21.05 98.67 25.05
C VAL FA 134 21.99 99.69 24.42
N ASN FA 135 21.63 100.18 23.23
CA ASN FA 135 22.51 101.09 22.50
C ASN FA 135 22.90 102.31 23.33
N ASN FA 136 22.08 102.67 24.32
CA ASN FA 136 22.48 103.76 25.21
C ASN FA 136 23.17 103.24 26.47
N ILE FA 137 22.72 102.12 27.02
CA ILE FA 137 23.20 101.68 28.33
C ILE FA 137 24.71 101.45 28.29
N ILE FA 138 25.24 100.97 27.15
CA ILE FA 138 26.68 100.81 27.04
C ILE FA 138 27.41 102.14 27.05
N LYS FA 139 26.70 103.27 27.04
CA LYS FA 139 27.31 104.59 27.14
C LYS FA 139 27.11 105.25 28.50
N GLU FA 140 26.12 104.81 29.28
CA GLU FA 140 25.96 105.35 30.62
C GLU FA 140 26.69 104.54 31.68
N VAL FA 141 26.62 103.21 31.60
CA VAL FA 141 27.30 102.35 32.55
C VAL FA 141 28.58 101.75 31.98
N PHE FA 142 28.58 101.43 30.69
CA PHE FA 142 29.76 100.86 30.05
C PHE FA 142 30.59 101.91 29.32
N ASP FA 143 30.34 103.19 29.55
CA ASP FA 143 31.29 104.24 29.20
C ASP FA 143 31.68 105.09 30.41
N LYS FA 144 30.72 105.57 31.20
CA LYS FA 144 31.07 106.34 32.37
C LYS FA 144 31.90 105.54 33.36
N ILE FA 145 31.85 104.21 33.28
CA ILE FA 145 32.76 103.33 34.00
C ILE FA 145 33.71 102.64 33.03
N TYR FA 146 33.17 101.85 32.10
CA TYR FA 146 33.98 101.07 31.17
C TYR FA 146 34.17 101.77 29.83
N ASN FA 147 34.63 103.03 29.80
CA ASN FA 147 34.95 103.61 28.49
C ASN FA 147 36.20 103.00 27.89
N ILE FA 148 36.63 101.90 28.50
CA ILE FA 148 37.52 100.91 27.90
C ILE FA 148 37.08 100.66 26.47
N THR FA 149 35.77 100.51 26.26
CA THR FA 149 35.21 100.34 24.93
C THR FA 149 35.54 101.57 24.08
N GLN FA 150 35.65 101.34 22.77
CA GLN FA 150 35.99 102.27 21.69
C GLN FA 150 37.47 102.61 21.62
N LYS FA 151 38.31 102.19 22.59
CA LYS FA 151 39.74 102.22 22.34
C LYS FA 151 40.45 100.94 22.74
N GLU FA 152 40.04 100.30 23.85
CA GLU FA 152 40.58 99.01 24.22
C GLU FA 152 39.74 97.85 23.67
N LYS FA 153 38.48 98.12 23.35
CA LYS FA 153 37.59 97.15 22.71
C LYS FA 153 36.88 97.84 21.56
N VAL FA 154 36.73 97.12 20.45
CA VAL FA 154 35.96 97.61 19.30
C VAL FA 154 34.94 96.59 18.83
N LYS FA 155 34.89 95.40 19.44
CA LYS FA 155 33.89 94.38 19.10
C LYS FA 155 32.79 94.46 20.15
N ILE FA 156 31.94 95.49 20.01
CA ILE FA 156 30.83 95.66 20.93
C ILE FA 156 29.83 94.51 20.79
N GLU FA 157 29.67 93.99 19.56
CA GLU FA 157 28.72 92.92 19.28
C GLU FA 157 28.90 91.75 20.25
N LYS FA 158 30.15 91.44 20.58
CA LYS FA 158 30.46 90.45 21.60
C LYS FA 158 29.74 90.77 22.90
N VAL FA 159 29.91 91.99 23.40
CA VAL FA 159 29.34 92.41 24.67
C VAL FA 159 28.04 93.17 24.39
N LYS FA 160 27.49 92.95 23.19
CA LYS FA 160 26.16 93.44 22.82
C LYS FA 160 25.11 92.33 22.91
N GLU FA 161 25.32 91.26 22.15
CA GLU FA 161 24.32 90.20 22.09
C GLU FA 161 24.17 89.52 23.44
N ASP FA 162 25.29 89.26 24.13
CA ASP FA 162 25.21 88.71 25.48
C ASP FA 162 24.40 89.62 26.39
N ILE FA 163 24.60 90.94 26.27
CA ILE FA 163 23.76 91.87 27.02
C ILE FA 163 22.29 91.60 26.72
N LYS FA 164 21.96 91.28 25.47
CA LYS FA 164 20.56 90.95 25.19
C LYS FA 164 20.22 89.46 25.35
N GLU FA 165 21.13 88.64 25.88
CA GLU FA 165 20.64 87.36 26.41
C GLU FA 165 21.09 87.07 27.83
N LEU FA 166 22.30 87.49 28.21
CA LEU FA 166 22.80 87.18 29.55
C LEU FA 166 21.96 87.87 30.62
N PHE FA 167 21.57 89.12 30.40
CA PHE FA 167 20.94 89.91 31.44
C PHE FA 167 19.43 89.73 31.45
N SER FA 168 18.89 89.51 32.65
CA SER FA 168 17.47 89.57 32.90
C SER FA 168 17.29 89.88 34.38
N TYR FA 169 16.03 90.03 34.80
CA TYR FA 169 15.74 90.33 36.20
C TYR FA 169 14.26 90.10 36.46
N TYR FA 170 13.85 90.31 37.70
CA TYR FA 170 12.46 90.23 38.11
C TYR FA 170 12.05 91.57 38.72
N ALA FA 171 11.09 92.24 38.08
CA ALA FA 171 10.61 93.53 38.55
C ALA FA 171 9.28 93.34 39.26
N LEU FA 172 9.17 93.85 40.48
CA LEU FA 172 7.99 93.55 41.30
C LEU FA 172 6.72 94.20 40.80
N GLU FA 173 6.73 94.86 39.63
CA GLU FA 173 5.55 95.37 38.92
C GLU FA 173 4.94 96.60 39.60
N GLN FA 174 5.41 96.97 40.79
CA GLN FA 174 4.92 98.17 41.46
C GLN FA 174 6.04 99.19 41.58
N SER GA 2 76.68 38.12 66.14
CA SER GA 2 76.94 39.30 65.32
C SER GA 2 77.25 38.90 63.88
N THR GA 3 76.28 39.12 63.00
CA THR GA 3 76.39 38.75 61.59
C THR GA 3 76.43 40.01 60.75
N GLN GA 4 77.49 40.16 59.97
CA GLN GA 4 77.66 41.29 59.08
C GLN GA 4 77.86 40.81 57.65
N ARG GA 5 77.77 41.74 56.71
CA ARG GA 5 77.94 41.46 55.30
C ARG GA 5 78.72 42.60 54.66
N GLU GA 6 78.92 42.49 53.35
CA GLU GA 6 79.73 43.46 52.62
C GLU GA 6 79.19 43.51 51.20
N TYR GA 7 78.78 44.70 50.77
CA TYR GA 7 78.24 44.90 49.43
C TYR GA 7 79.39 45.09 48.46
N VAL GA 8 79.41 44.30 47.39
CA VAL GA 8 80.42 44.41 46.35
C VAL GA 8 79.71 44.55 45.01
N PHE GA 9 80.07 45.58 44.27
CA PHE GA 9 79.42 45.93 43.02
C PHE GA 9 80.08 45.23 41.84
N ILE GA 10 79.35 45.14 40.74
CA ILE GA 10 79.80 44.42 39.55
C ILE GA 10 79.91 45.42 38.40
N PRO GA 11 81.03 46.14 38.29
CA PRO GA 11 81.25 47.04 37.16
C PRO GA 11 81.93 46.35 35.99
N ILE GA 12 82.29 47.12 34.97
CA ILE GA 12 82.96 46.58 33.79
C ILE GA 12 84.48 46.85 33.85
N THR GA 13 85.03 47.06 35.04
CA THR GA 13 86.45 47.35 35.20
C THR GA 13 87.06 46.43 36.25
N ASN GA 14 88.37 46.62 36.48
CA ASN GA 14 89.17 45.77 37.36
C ASN GA 14 89.36 46.44 38.72
N SER GA 15 88.32 46.37 39.55
CA SER GA 15 88.40 46.94 40.89
C SER GA 15 87.70 46.02 41.89
N ILE GA 16 87.73 44.70 41.67
CA ILE GA 16 86.98 43.79 42.53
C ILE GA 16 87.79 42.63 43.06
N THR GA 17 88.89 42.22 42.42
CA THR GA 17 89.47 40.90 42.69
C THR GA 17 89.86 40.72 44.15
N ILE GA 18 90.41 41.76 44.78
CA ILE GA 18 90.63 41.75 46.23
C ILE GA 18 90.17 43.08 46.80
N ASP GA 19 89.09 43.04 47.58
CA ASP GA 19 88.58 44.20 48.29
C ASP GA 19 88.23 43.90 49.73
N VAL GA 20 88.23 42.63 50.14
CA VAL GA 20 87.62 42.21 51.40
C VAL GA 20 88.49 41.13 52.03
N LYS GA 21 88.28 40.91 53.33
CA LYS GA 21 88.98 39.86 54.06
C LYS GA 21 88.23 38.52 53.97
N ILE GA 22 87.00 38.50 54.44
CA ILE GA 22 86.25 37.26 54.63
C ILE GA 22 85.35 37.02 53.43
N THR GA 23 85.22 35.75 53.02
CA THR GA 23 84.27 35.33 52.00
C THR GA 23 83.22 34.35 52.49
N ILE GA 24 83.53 33.52 53.49
CA ILE GA 24 82.55 32.58 54.02
C ILE GA 24 81.98 33.09 55.33
N GLY GA 25 82.83 33.21 56.35
CA GLY GA 25 82.40 33.82 57.60
C GLY GA 25 81.47 32.95 58.40
N GLY GA 26 80.26 32.74 57.89
CA GLY GA 26 79.28 31.88 58.52
C GLY GA 26 79.12 30.56 57.79
N SER GA 27 77.93 30.32 57.23
CA SER GA 27 77.70 29.10 56.47
C SER GA 27 76.84 29.28 55.24
N ASP GA 28 76.39 30.50 54.91
CA ASP GA 28 75.51 30.67 53.77
C ASP GA 28 75.58 32.12 53.29
N HIS GA 29 75.91 32.28 52.01
CA HIS GA 29 75.93 33.60 51.40
C HIS GA 29 74.50 34.09 51.16
N ILE GA 30 74.34 35.42 51.13
CA ILE GA 30 73.05 35.98 50.77
C ILE GA 30 72.71 35.64 49.32
N THR GA 31 73.56 36.05 48.39
CA THR GA 31 73.38 35.65 47.00
C THR GA 31 73.72 34.18 46.83
N ASN GA 32 72.83 33.45 46.15
CA ASN GA 32 73.05 32.04 45.86
C ASN GA 32 72.94 31.81 44.36
N ILE GA 33 73.54 30.72 43.89
CA ILE GA 33 73.46 30.28 42.50
C ILE GA 33 73.19 28.78 42.55
N ASP GA 34 71.93 28.39 42.39
CA ASP GA 34 71.52 26.99 42.55
C ASP GA 34 70.55 26.63 41.45
N GLU GA 35 71.08 26.06 40.35
CA GLU GA 35 70.29 25.38 39.33
C GLU GA 35 69.43 26.33 38.52
N ARG GA 36 69.41 27.61 38.88
CA ARG GA 36 68.62 28.59 38.15
C ARG GA 36 69.36 29.90 37.89
N GLY GA 37 70.46 30.17 38.57
CA GLY GA 37 71.17 31.41 38.36
C GLY GA 37 71.36 32.21 39.63
N ILE GA 38 71.66 33.49 39.49
CA ILE GA 38 71.90 34.35 40.64
C ILE GA 38 70.59 34.66 41.33
N HIS GA 39 70.63 34.79 42.65
CA HIS GA 39 69.46 35.15 43.43
C HIS GA 39 69.90 36.08 44.56
N ASN GA 40 68.90 36.70 45.19
CA ASN GA 40 69.14 37.64 46.28
C ASN GA 40 70.11 38.75 45.87
N VAL GA 41 70.02 39.16 44.61
CA VAL GA 41 70.79 40.31 44.16
C VAL GA 41 70.31 41.55 44.89
N LEU GA 42 71.21 42.50 45.08
CA LEU GA 42 70.84 43.74 45.74
C LEU GA 42 71.05 44.92 44.80
N VAL GA 43 70.22 45.94 44.97
CA VAL GA 43 70.29 47.16 44.18
C VAL GA 43 70.16 48.34 45.12
N ILE GA 44 71.05 49.32 44.97
CA ILE GA 44 70.99 50.54 45.74
C ILE GA 44 70.69 51.70 44.81
N THR GA 45 69.67 52.47 45.16
CA THR GA 45 69.09 53.46 44.26
C THR GA 45 69.60 54.85 44.64
N GLY GA 46 70.32 55.49 43.73
CA GLY GA 46 70.85 56.83 43.93
C GLY GA 46 72.36 56.91 43.88
N TYR GA 47 73.07 55.80 43.88
CA TYR GA 47 74.52 55.82 43.82
C TYR GA 47 74.99 55.48 42.42
N ALA GA 48 76.16 55.98 42.06
CA ALA GA 48 76.83 55.63 40.83
C ALA GA 48 78.19 55.04 41.14
N VAL GA 49 78.74 54.31 40.17
CA VAL GA 49 80.00 53.60 40.38
C VAL GA 49 81.17 54.58 40.30
N ASP GA 50 82.27 54.20 40.94
CA ASP GA 50 83.50 54.98 40.97
C ASP GA 50 84.64 54.12 40.44
N GLU GA 51 84.44 53.52 39.26
CA GLU GA 51 85.28 52.48 38.69
C GLU GA 51 86.78 52.71 38.88
N LYS GA 52 87.25 53.95 38.73
CA LYS GA 52 88.62 54.30 39.07
C LYS GA 52 88.68 54.46 40.58
N ASN GA 53 89.39 53.55 41.25
CA ASN GA 53 89.26 53.35 42.70
C ASN GA 53 87.81 53.00 43.04
N GLY GA 54 87.43 51.82 42.56
CA GLY GA 54 86.05 51.36 42.61
C GLY GA 54 85.33 51.55 43.93
N ARG GA 55 84.32 52.42 43.91
CA ARG GA 55 83.49 52.73 45.07
C ARG GA 55 82.15 53.25 44.55
N LEU GA 56 81.36 53.86 45.44
CA LEU GA 56 80.10 54.45 45.07
C LEU GA 56 80.00 55.88 45.57
N VAL GA 57 79.37 56.74 44.78
CA VAL GA 57 79.28 58.16 45.05
C VAL GA 57 77.80 58.51 45.18
N PRO GA 58 77.41 59.28 46.21
CA PRO GA 58 75.98 59.54 46.46
C PRO GA 58 75.42 60.60 45.52
N THR GA 59 74.47 60.20 44.69
CA THR GA 59 73.69 61.13 43.88
C THR GA 59 72.26 61.19 44.42
N LEU GA 60 71.62 62.35 44.26
CA LEU GA 60 70.27 62.52 44.75
C LEU GA 60 69.21 62.05 43.76
N ASP GA 61 69.61 61.39 42.67
CA ASP GA 61 68.67 60.97 41.64
C ASP GA 61 68.09 59.60 41.99
N PRO GA 62 66.77 59.47 42.09
CA PRO GA 62 66.20 58.12 42.27
C PRO GA 62 66.31 57.28 41.01
N CYS GA 63 66.35 57.91 39.84
CA CYS GA 63 66.51 57.17 38.58
C CYS GA 63 67.87 56.51 38.48
N ASP GA 64 68.79 56.83 39.39
CA ASP GA 64 70.12 56.23 39.44
C ASP GA 64 70.11 55.04 40.37
N TYR GA 65 70.77 53.96 39.94
CA TYR GA 65 70.82 52.74 40.74
C TYR GA 65 72.05 51.94 40.34
N VAL GA 66 72.48 51.07 41.24
CA VAL GA 66 73.67 50.24 41.04
C VAL GA 66 73.42 48.86 41.61
N LYS GA 67 73.83 47.85 40.84
CA LYS GA 67 73.69 46.44 41.22
C LYS GA 67 74.83 46.00 42.14
N GLY GA 68 74.60 44.89 42.83
CA GLY GA 68 75.66 44.37 43.67
C GLY GA 68 75.25 43.08 44.36
N ILE GA 69 76.25 42.46 44.98
CA ILE GA 69 76.09 41.21 45.72
C ILE GA 69 76.51 41.44 47.16
N LEU GA 70 75.75 40.89 48.10
CA LEU GA 70 76.05 41.01 49.52
C LEU GA 70 76.79 39.75 49.97
N VAL GA 71 78.11 39.84 50.01
CA VAL GA 71 78.99 38.71 50.35
C VAL GA 71 79.29 38.79 51.84
N ALA GA 72 79.39 37.62 52.48
CA ALA GA 72 79.76 37.61 53.89
C ALA GA 72 81.18 38.11 54.07
N GLY GA 73 81.37 39.04 55.00
CA GLY GA 73 82.71 39.49 55.35
C GLY GA 73 82.91 40.97 55.59
N THR GA 74 84.13 41.35 55.93
CA THR GA 74 84.53 42.72 56.20
C THR GA 74 85.88 42.97 55.52
N PRO GA 75 86.13 44.19 55.04
CA PRO GA 75 87.28 44.41 54.15
C PRO GA 75 88.67 44.50 54.79
N GLN GA 76 89.43 43.41 54.72
CA GLN GA 76 90.90 43.41 54.69
C GLN GA 76 91.58 44.08 55.87
N GLN GA 77 90.80 44.57 56.84
CA GLN GA 77 91.33 45.20 58.06
C GLN GA 77 92.30 46.33 57.75
N ALA GA 78 92.23 46.91 56.56
CA ALA GA 78 92.92 48.13 56.20
C ALA GA 78 91.93 49.22 55.84
N GLN GA 79 90.75 49.15 56.46
CA GLN GA 79 89.56 49.85 56.00
C GLN GA 79 88.83 50.39 57.24
N SER GA 80 87.53 50.66 57.07
CA SER GA 80 86.64 51.23 58.07
C SER GA 80 86.77 52.75 58.18
N ASN GA 81 87.32 53.39 57.16
CA ASN GA 81 87.38 54.84 57.09
C ASN GA 81 86.74 55.42 55.85
N ASP GA 82 86.32 54.58 54.90
CA ASP GA 82 85.70 55.07 53.67
C ASP GA 82 84.55 54.19 53.20
N PHE GA 83 84.04 53.29 54.04
CA PHE GA 83 83.04 52.31 53.63
C PHE GA 83 81.76 52.55 54.42
N LEU GA 84 80.65 52.74 53.71
CA LEU GA 84 79.35 52.91 54.35
C LEU GA 84 78.90 51.55 54.85
N THR GA 85 79.34 51.22 56.07
CA THR GA 85 78.76 50.09 56.76
C THR GA 85 77.43 50.54 57.36
N LEU GA 86 76.48 49.62 57.43
CA LEU GA 86 75.11 50.00 57.68
C LEU GA 86 74.37 48.85 58.36
N LYS GA 87 73.44 49.21 59.24
CA LYS GA 87 72.58 48.24 59.91
C LYS GA 87 71.18 48.36 59.33
N LEU GA 88 70.62 47.24 58.84
CA LEU GA 88 69.32 47.25 58.18
C LEU GA 88 68.47 46.07 58.63
N PRO GA 89 67.17 46.26 58.83
CA PRO GA 89 66.31 45.11 59.18
C PRO GA 89 65.76 44.34 57.98
N ALA GA 90 66.57 44.11 56.95
CA ALA GA 90 66.30 43.14 55.90
C ALA GA 90 65.00 43.38 55.13
N ASN GA 91 64.26 44.42 55.46
CA ASN GA 91 63.11 44.83 54.67
C ASN GA 91 63.30 46.21 54.05
N LYS GA 92 64.34 46.93 54.47
CA LYS GA 92 64.83 48.09 53.74
C LYS GA 92 65.74 47.70 52.59
N LEU GA 93 66.00 46.41 52.43
CA LEU GA 93 66.86 45.91 51.36
C LEU GA 93 66.02 45.66 50.12
N TYR GA 94 66.42 46.26 49.01
CA TYR GA 94 65.76 46.03 47.72
C TYR GA 94 66.37 44.81 47.06
N LEU GA 95 65.96 43.63 47.54
CA LEU GA 95 66.43 42.38 46.99
C LEU GA 95 65.89 42.16 45.58
N ILE GA 96 66.41 41.11 44.93
CA ILE GA 96 65.91 40.64 43.65
C ILE GA 96 65.95 39.11 43.67
N ARG GA 97 64.87 38.48 43.21
CA ARG GA 97 64.76 37.02 43.19
C ARG GA 97 64.98 36.43 44.58
N LYS GA 98 64.27 36.99 45.56
CA LYS GA 98 64.41 36.54 46.94
C LYS GA 98 63.93 35.11 47.08
N LYS GA 99 64.78 34.24 47.62
CA LYS GA 99 64.42 32.84 47.83
C LYS GA 99 64.06 32.54 49.28
N GLY GA 100 64.91 32.92 50.23
CA GLY GA 100 64.69 32.55 51.61
C GLY GA 100 64.53 33.72 52.56
N ASN GA 101 63.94 33.47 53.73
CA ASN GA 101 63.77 34.52 54.72
C ASN GA 101 65.12 34.94 55.30
N ILE GA 102 65.16 36.15 55.83
CA ILE GA 102 66.40 36.79 56.27
C ILE GA 102 66.35 36.92 57.79
N SER GA 103 67.50 37.25 58.38
CA SER GA 103 67.62 37.40 59.83
C SER GA 103 67.10 38.73 60.35
N ASP GA 104 66.65 39.62 59.45
CA ASP GA 104 66.09 40.93 59.81
C ASP GA 104 67.09 41.84 60.51
N ASP GA 105 68.38 41.61 60.30
CA ASP GA 105 69.39 42.60 60.64
C ASP GA 105 70.68 42.23 59.94
N LEU GA 106 71.19 43.13 59.11
CA LEU GA 106 72.42 42.92 58.35
C LEU GA 106 73.26 44.18 58.43
N LYS GA 107 74.56 44.00 58.65
CA LYS GA 107 75.54 45.07 58.52
C LYS GA 107 76.23 44.95 57.17
N ILE GA 108 76.33 46.06 56.46
CA ILE GA 108 76.73 46.07 55.07
C ILE GA 108 77.86 47.08 54.89
N TYR GA 109 78.98 46.62 54.34
CA TYR GA 109 80.08 47.52 54.02
C TYR GA 109 79.96 47.92 52.55
N ILE GA 110 79.62 49.18 52.33
CA ILE GA 110 79.45 49.71 50.98
C ILE GA 110 80.79 50.29 50.53
N PRO GA 111 81.21 50.03 49.29
CA PRO GA 111 82.36 50.77 48.76
C PRO GA 111 81.94 52.20 48.48
N TYR GA 112 82.35 53.12 49.35
CA TYR GA 112 81.90 54.50 49.28
C TYR GA 112 83.05 55.41 48.86
N SER GA 113 82.71 56.43 48.08
CA SER GA 113 83.68 57.38 47.56
C SER GA 113 83.33 58.78 48.02
N SER GA 114 84.35 59.64 48.05
CA SER GA 114 84.10 61.04 48.34
C SER GA 114 83.22 61.64 47.26
N PRO GA 115 82.40 62.62 47.59
CA PRO GA 115 81.55 63.25 46.57
C PRO GA 115 82.37 64.02 45.54
N ASP GA 116 83.70 64.02 45.71
CA ASP GA 116 84.67 64.65 44.81
C ASP GA 116 84.14 65.99 44.28
N ALA GA 117 83.85 66.87 45.22
CA ALA GA 117 83.09 68.09 44.91
C ALA GA 117 83.94 69.08 44.13
N ARG GA 118 84.32 68.71 42.90
CA ARG GA 118 84.87 69.66 41.95
C ARG GA 118 84.46 69.35 40.51
N ASN GA 119 83.61 68.36 40.28
CA ASN GA 119 83.17 68.01 38.93
C ASN GA 119 81.70 67.64 38.96
N SER GA 120 80.95 68.14 37.99
CA SER GA 120 79.55 67.75 37.86
C SER GA 120 79.47 66.28 37.47
N MET GA 121 78.63 65.53 38.17
CA MET GA 121 78.61 64.07 38.07
C MET GA 121 77.68 63.62 36.96
N LYS GA 122 78.10 63.92 35.73
CA LYS GA 122 77.42 63.45 34.53
C LYS GA 122 77.67 61.96 34.37
N THR GA 123 76.75 61.13 34.83
CA THR GA 123 76.89 59.68 34.75
C THR GA 123 76.09 59.13 33.57
N LYS GA 124 76.75 58.31 32.75
CA LYS GA 124 76.28 57.59 31.57
C LYS GA 124 75.83 56.19 31.95
N PRO GA 125 74.74 55.70 31.37
CA PRO GA 125 74.30 54.34 31.66
C PRO GA 125 75.18 53.32 30.96
N VAL GA 126 75.52 52.26 31.68
CA VAL GA 126 76.38 51.20 31.14
C VAL GA 126 75.79 49.85 31.53
N SER GA 127 75.69 48.96 30.56
CA SER GA 127 75.37 47.56 30.78
C SER GA 127 76.65 46.74 30.71
N ILE GA 128 76.53 45.45 31.04
CA ILE GA 128 77.67 44.54 31.07
C ILE GA 128 77.54 43.54 29.94
N SER GA 129 78.53 43.54 29.05
CA SER GA 129 78.57 42.67 27.89
C SER GA 129 80.05 42.43 27.55
N ASP GA 130 80.34 42.05 26.31
CA ASP GA 130 81.70 41.84 25.83
C ASP GA 130 82.38 40.71 26.61
N ASP GA 131 81.92 39.50 26.32
CA ASP GA 131 82.15 38.30 27.10
C ASP GA 131 83.62 38.06 27.47
N THR GA 132 84.55 38.81 26.89
CA THR GA 132 85.92 38.81 27.37
C THR GA 132 85.95 39.03 28.89
N ILE GA 133 85.46 40.18 29.35
CA ILE GA 133 85.46 40.45 30.77
C ILE GA 133 84.42 39.61 31.49
N VAL GA 134 83.39 39.14 30.79
CA VAL GA 134 82.45 38.22 31.42
C VAL GA 134 83.16 36.95 31.85
N ASN GA 135 83.97 36.37 30.95
CA ASN GA 135 84.70 35.16 31.30
C ASN GA 135 85.84 35.47 32.27
N ASN GA 136 86.31 36.71 32.28
CA ASN GA 136 87.18 37.15 33.37
C ASN GA 136 86.48 36.99 34.72
N ILE GA 137 85.30 37.60 34.85
CA ILE GA 137 84.58 37.59 36.12
C ILE GA 137 83.94 36.24 36.44
N ILE GA 138 83.86 35.33 35.46
CA ILE GA 138 83.35 33.99 35.77
C ILE GA 138 84.17 33.36 36.88
N LYS GA 139 85.48 33.62 36.89
CA LYS GA 139 86.32 33.04 37.94
C LYS GA 139 86.99 34.06 38.84
N GLU GA 140 87.23 35.30 38.38
CA GLU GA 140 87.88 36.25 39.26
C GLU GA 140 86.92 36.73 40.35
N VAL GA 141 85.62 36.72 40.07
CA VAL GA 141 84.64 37.19 41.06
C VAL GA 141 83.60 36.13 41.41
N PHE GA 142 83.42 35.11 40.60
CA PHE GA 142 82.43 34.07 40.87
C PHE GA 142 83.06 32.74 41.23
N ASP GA 143 84.36 32.70 41.54
CA ASP GA 143 84.99 31.48 42.02
C ASP GA 143 85.64 31.63 43.40
N LYS GA 144 86.35 32.73 43.65
CA LYS GA 144 86.93 32.93 44.98
C LYS GA 144 85.86 33.01 46.04
N ILE GA 145 84.69 33.54 45.68
CA ILE GA 145 83.54 33.57 46.57
C ILE GA 145 82.65 32.35 46.36
N TYR GA 146 82.35 32.05 45.11
CA TYR GA 146 81.56 30.87 44.74
C TYR GA 146 82.50 29.82 44.15
N ASN GA 147 83.17 29.08 45.03
CA ASN GA 147 83.90 27.92 44.52
C ASN GA 147 82.96 26.77 44.18
N ILE GA 148 81.66 26.98 44.30
CA ILE GA 148 80.68 26.05 43.74
C ILE GA 148 80.82 25.97 42.23
N THR GA 149 81.44 26.97 41.61
CA THR GA 149 81.64 26.94 40.17
C THR GA 149 82.37 25.68 39.75
N GLN GA 150 81.77 24.96 38.80
CA GLN GA 150 82.37 23.80 38.15
C GLN GA 150 82.52 22.59 39.06
N LYS GA 151 81.84 22.59 40.21
CA LYS GA 151 81.76 21.41 41.07
C LYS GA 151 80.35 20.86 41.15
N GLU GA 152 79.39 21.66 41.58
CA GLU GA 152 77.98 21.31 41.54
C GLU GA 152 77.22 22.07 40.47
N LYS GA 153 77.58 23.34 40.25
CA LYS GA 153 77.00 24.13 39.17
C LYS GA 153 77.84 23.90 37.91
N VAL GA 154 77.63 22.73 37.30
CA VAL GA 154 78.10 22.52 35.94
C VAL GA 154 77.42 23.48 34.99
N LYS GA 155 76.31 24.08 35.42
CA LYS GA 155 75.60 25.08 34.62
C LYS GA 155 76.01 26.49 35.02
N ILE GA 156 77.31 26.76 34.95
CA ILE GA 156 77.78 28.14 35.12
C ILE GA 156 77.63 28.96 33.86
N GLU GA 157 77.13 28.38 32.78
CA GLU GA 157 76.60 29.22 31.71
C GLU GA 157 75.27 29.83 32.12
N LYS GA 158 74.51 29.14 32.97
CA LYS GA 158 73.25 29.69 33.46
C LYS GA 158 73.48 30.87 34.39
N VAL GA 159 74.57 30.83 35.17
CA VAL GA 159 74.92 32.02 35.95
C VAL GA 159 75.40 33.14 35.04
N LYS GA 160 75.65 32.85 33.76
CA LYS GA 160 75.76 33.88 32.75
C LYS GA 160 74.41 34.20 32.13
N GLU GA 161 73.54 33.19 31.98
CA GLU GA 161 72.24 33.38 31.35
C GLU GA 161 71.44 34.51 31.98
N ASP GA 162 71.79 34.91 33.20
CA ASP GA 162 71.11 36.02 33.86
C ASP GA 162 71.91 37.32 33.86
N ILE GA 163 73.25 37.25 33.93
CA ILE GA 163 74.04 38.47 33.87
C ILE GA 163 73.98 39.10 32.49
N LYS GA 164 73.62 38.31 31.47
CA LYS GA 164 73.27 38.87 30.17
C LYS GA 164 72.24 39.97 30.31
N GLU GA 165 71.31 39.82 31.25
CA GLU GA 165 70.17 40.71 31.40
C GLU GA 165 70.14 41.48 32.71
N LEU GA 166 70.63 40.90 33.81
CA LEU GA 166 70.32 41.45 35.12
C LEU GA 166 71.16 42.68 35.45
N PHE GA 167 72.48 42.51 35.51
CA PHE GA 167 73.33 43.57 36.03
C PHE GA 167 73.48 44.70 35.01
N SER GA 168 73.54 45.92 35.54
CA SER GA 168 73.64 47.16 34.79
C SER GA 168 73.76 48.28 35.81
N TYR GA 169 74.21 49.44 35.36
CA TYR GA 169 74.53 50.52 36.30
C TYR GA 169 74.69 51.83 35.53
N TYR GA 170 75.17 52.85 36.23
CA TYR GA 170 75.53 54.13 35.65
C TYR GA 170 76.88 54.56 36.21
N ALA GA 171 77.77 55.01 35.33
CA ALA GA 171 79.14 55.33 35.71
C ALA GA 171 79.49 56.75 35.33
N LEU GA 172 80.46 57.32 36.05
CA LEU GA 172 80.86 58.69 35.78
C LEU GA 172 81.62 58.79 34.46
N GLU GA 173 82.58 57.89 34.24
CA GLU GA 173 83.37 57.82 33.01
C GLU GA 173 84.00 59.17 32.67
N GLN GA 174 84.94 59.58 33.51
CA GLN GA 174 85.64 60.85 33.30
C GLN GA 174 87.15 60.63 33.19
N SER HA 2 32.12 -61.77 -54.67
CA SER HA 2 31.40 -62.38 -53.56
C SER HA 2 31.51 -61.51 -52.31
N THR HA 3 30.54 -61.63 -51.42
CA THR HA 3 30.53 -60.87 -50.18
C THR HA 3 30.23 -61.79 -49.01
N GLN HA 4 30.84 -61.48 -47.87
CA GLN HA 4 30.56 -62.16 -46.61
C GLN HA 4 30.10 -61.11 -45.59
N ARG HA 5 29.20 -61.53 -44.71
CA ARG HA 5 28.72 -60.66 -43.64
C ARG HA 5 28.89 -61.41 -42.31
N GLU HA 6 28.47 -60.77 -41.23
CA GLU HA 6 28.69 -61.35 -39.91
C GLU HA 6 27.67 -60.81 -38.92
N TYR HA 7 27.25 -61.68 -38.01
CA TYR HA 7 26.21 -61.39 -37.04
C TYR HA 7 26.80 -60.84 -35.76
N VAL HA 8 26.26 -59.72 -35.29
CA VAL HA 8 26.61 -59.13 -34.00
C VAL HA 8 25.36 -59.15 -33.14
N PHE HA 9 25.34 -60.01 -32.13
CA PHE HA 9 24.23 -60.06 -31.19
C PHE HA 9 24.32 -58.91 -30.20
N ILE HA 10 23.18 -58.30 -29.90
CA ILE HA 10 23.14 -57.15 -28.99
C ILE HA 10 22.30 -57.45 -27.76
N PRO HA 11 22.90 -58.00 -26.71
CA PRO HA 11 22.24 -58.03 -25.40
C PRO HA 11 22.70 -56.88 -24.51
N ILE HA 12 22.05 -56.70 -23.37
CA ILE HA 12 22.59 -55.83 -22.33
C ILE HA 12 23.88 -56.41 -21.75
N THR HA 13 24.11 -57.71 -21.96
CA THR HA 13 25.30 -58.38 -21.46
C THR HA 13 26.56 -57.62 -21.82
N ASN HA 14 27.51 -57.61 -20.91
CA ASN HA 14 28.84 -57.02 -21.15
C ASN HA 14 29.84 -58.12 -21.52
N SER HA 15 29.60 -58.72 -22.68
CA SER HA 15 30.55 -59.66 -23.29
C SER HA 15 30.84 -59.26 -24.73
N ILE HA 16 30.90 -57.96 -24.98
CA ILE HA 16 31.04 -57.41 -26.32
C ILE HA 16 32.42 -56.80 -26.54
N THR HA 17 33.28 -56.78 -25.52
CA THR HA 17 34.45 -55.91 -25.49
C THR HA 17 35.21 -55.84 -26.82
N ILE HA 18 35.77 -56.97 -27.28
CA ILE HA 18 36.42 -57.04 -28.58
C ILE HA 18 36.23 -58.42 -29.17
N ASP HA 19 35.52 -58.49 -30.29
CA ASP HA 19 35.43 -59.71 -31.08
C ASP HA 19 35.66 -59.47 -32.56
N VAL HA 20 35.56 -58.23 -33.04
CA VAL HA 20 35.63 -57.90 -34.45
C VAL HA 20 36.84 -57.02 -34.70
N LYS HA 21 37.58 -57.34 -35.77
CA LYS HA 21 38.68 -56.56 -36.29
C LYS HA 21 38.39 -55.99 -37.67
N ILE HA 22 37.80 -56.79 -38.55
CA ILE HA 22 37.32 -56.28 -39.83
C ILE HA 22 35.95 -55.71 -39.56
N THR HA 23 35.93 -54.44 -39.14
CA THR HA 23 34.66 -53.80 -38.76
C THR HA 23 33.94 -53.25 -39.97
N ILE HA 24 34.64 -52.53 -40.83
CA ILE HA 24 34.04 -52.13 -42.10
C ILE HA 24 34.48 -53.10 -43.19
N GLY HA 25 35.79 -53.24 -43.39
CA GLY HA 25 36.31 -54.17 -44.38
C GLY HA 25 36.09 -53.72 -45.80
N GLY HA 26 34.82 -53.73 -46.23
CA GLY HA 26 34.45 -53.19 -47.53
C GLY HA 26 33.83 -51.82 -47.39
N SER HA 27 32.62 -51.65 -47.92
CA SER HA 27 31.86 -50.43 -47.66
C SER HA 27 30.39 -50.65 -47.33
N ASP HA 28 29.86 -51.86 -47.54
CA ASP HA 28 28.43 -52.11 -47.34
C ASP HA 28 28.24 -53.15 -46.24
N HIS HA 29 27.27 -52.91 -45.37
CA HIS HA 29 26.84 -53.86 -44.36
C HIS HA 29 25.32 -53.90 -44.33
N ILE HA 30 24.77 -55.05 -43.93
CA ILE HA 30 23.35 -55.31 -44.15
C ILE HA 30 22.48 -54.29 -43.42
N THR HA 31 22.59 -54.24 -42.10
CA THR HA 31 21.74 -53.36 -41.31
C THR HA 31 22.05 -51.90 -41.59
N ASN HA 32 21.11 -51.03 -41.22
CA ASN HA 32 21.27 -49.59 -41.36
C ASN HA 32 20.31 -48.90 -40.41
N ILE HA 33 20.49 -47.58 -40.27
CA ILE HA 33 19.58 -46.72 -39.50
C ILE HA 33 19.23 -45.52 -40.37
N ASP HA 34 17.94 -45.33 -40.64
CA ASP HA 34 17.48 -44.22 -41.47
C ASP HA 34 16.47 -43.38 -40.70
N GLU HA 35 16.97 -42.56 -39.77
CA GLU HA 35 16.21 -41.50 -39.13
C GLU HA 35 14.86 -41.93 -38.56
N ARG HA 36 14.60 -43.25 -38.50
CA ARG HA 36 13.35 -43.73 -37.91
C ARG HA 36 13.54 -45.04 -37.15
N GLY HA 37 14.75 -45.35 -36.70
CA GLY HA 37 15.02 -46.56 -35.95
C GLY HA 37 16.04 -47.43 -36.63
N ILE HA 38 16.35 -48.54 -35.98
CA ILE HA 38 17.38 -49.47 -36.43
C ILE HA 38 16.74 -50.44 -37.43
N HIS HA 39 17.32 -50.52 -38.62
CA HIS HA 39 16.79 -51.35 -39.68
C HIS HA 39 17.51 -52.70 -39.73
N ASN HA 40 16.85 -53.67 -40.37
CA ASN HA 40 17.40 -55.00 -40.63
C ASN HA 40 18.03 -55.60 -39.36
N VAL HA 41 17.16 -55.84 -38.39
CA VAL HA 41 17.52 -56.45 -37.12
C VAL HA 41 17.17 -57.92 -37.22
N LEU HA 42 18.19 -58.77 -37.39
CA LEU HA 42 17.94 -60.18 -37.64
C LEU HA 42 17.42 -60.86 -36.37
N VAL HA 43 16.31 -61.58 -36.53
CA VAL HA 43 15.83 -62.52 -35.53
C VAL HA 43 16.44 -63.88 -35.85
N ILE HA 44 16.85 -64.59 -34.81
CA ILE HA 44 17.35 -65.95 -34.96
C ILE HA 44 16.64 -66.80 -33.92
N THR HA 45 16.07 -67.91 -34.36
CA THR HA 45 15.31 -68.79 -33.48
C THR HA 45 16.14 -70.02 -33.14
N GLY HA 46 15.80 -70.64 -32.01
CA GLY HA 46 16.56 -71.77 -31.51
C GLY HA 46 17.87 -71.43 -30.84
N TYR HA 47 18.27 -70.16 -30.82
CA TYR HA 47 19.50 -69.73 -30.17
C TYR HA 47 19.18 -68.87 -28.96
N ALA HA 48 20.13 -68.82 -28.02
CA ALA HA 48 19.97 -68.03 -26.82
C ALA HA 48 21.35 -67.58 -26.34
N VAL HA 49 21.36 -66.57 -25.47
CA VAL HA 49 22.62 -66.13 -24.91
C VAL HA 49 23.03 -67.08 -23.80
N ASP HA 50 24.35 -67.20 -23.60
CA ASP HA 50 24.94 -68.17 -22.67
C ASP HA 50 25.85 -67.41 -21.69
N GLU HA 51 25.25 -66.47 -20.96
CA GLU HA 51 25.86 -65.28 -20.39
C GLU HA 51 27.35 -65.38 -20.09
N LYS HA 52 27.80 -66.50 -19.54
CA LYS HA 52 29.23 -66.66 -19.26
C LYS HA 52 30.05 -66.45 -20.54
N ASN HA 53 30.78 -65.34 -20.61
CA ASN HA 53 31.47 -64.91 -21.82
C ASN HA 53 30.55 -65.05 -23.05
N GLY HA 54 29.51 -64.22 -23.01
CA GLY HA 54 28.34 -64.33 -23.86
C GLY HA 54 28.52 -64.78 -25.30
N ARG HA 55 27.78 -65.83 -25.65
CA ARG HA 55 27.67 -66.32 -27.02
C ARG HA 55 26.29 -66.95 -27.17
N LEU HA 56 26.07 -67.66 -28.28
CA LEU HA 56 24.75 -68.17 -28.64
C LEU HA 56 24.71 -69.68 -28.55
N VAL HA 57 24.18 -70.19 -27.44
CA VAL HA 57 23.88 -71.62 -27.34
C VAL HA 57 22.78 -71.97 -28.32
N PRO HA 58 22.94 -73.00 -29.14
CA PRO HA 58 21.85 -73.51 -29.98
C PRO HA 58 20.96 -74.49 -29.23
N THR HA 59 19.76 -74.05 -28.89
CA THR HA 59 18.76 -74.93 -28.28
C THR HA 59 17.71 -75.34 -29.31
N LEU HA 60 16.78 -76.19 -28.87
CA LEU HA 60 15.80 -76.80 -29.75
C LEU HA 60 14.39 -76.35 -29.40
N ASP HA 61 14.22 -75.05 -29.15
CA ASP HA 61 12.90 -74.44 -29.01
C ASP HA 61 12.83 -73.25 -29.96
N PRO HA 62 11.87 -73.23 -30.88
CA PRO HA 62 11.71 -72.04 -31.73
C PRO HA 62 11.22 -70.83 -30.95
N CYS HA 63 10.63 -71.03 -29.77
CA CYS HA 63 10.26 -69.90 -28.92
C CYS HA 63 11.47 -69.06 -28.54
N ASP HA 64 12.65 -69.67 -28.51
CA ASP HA 64 13.87 -68.98 -28.16
C ASP HA 64 14.38 -68.19 -29.36
N TYR HA 65 14.54 -66.89 -29.20
CA TYR HA 65 14.99 -66.06 -30.30
C TYR HA 65 15.84 -64.92 -29.77
N VAL HA 66 16.82 -64.51 -30.58
CA VAL HA 66 17.75 -63.44 -30.26
C VAL HA 66 17.86 -62.53 -31.47
N LYS HA 67 17.92 -61.22 -31.22
CA LYS HA 67 18.02 -60.26 -32.31
C LYS HA 67 19.41 -59.65 -32.35
N GLY HA 68 19.81 -59.23 -33.54
CA GLY HA 68 21.13 -58.69 -33.74
C GLY HA 68 21.22 -57.91 -35.03
N ILE HA 69 22.45 -57.57 -35.41
CA ILE HA 69 22.74 -56.80 -36.61
C ILE HA 69 23.69 -57.61 -37.49
N LEU HA 70 23.86 -57.14 -38.73
CA LEU HA 70 24.73 -57.78 -39.71
C LEU HA 70 25.68 -56.74 -40.30
N VAL HA 71 26.98 -57.02 -40.22
CA VAL HA 71 28.02 -56.09 -40.62
C VAL HA 71 29.00 -56.80 -41.54
N ALA HA 72 29.66 -56.04 -42.41
CA ALA HA 72 30.62 -56.64 -43.33
C ALA HA 72 31.87 -57.13 -42.58
N GLY HA 73 32.39 -58.27 -43.01
CA GLY HA 73 33.70 -58.73 -42.59
C GLY HA 73 33.62 -60.02 -41.78
N THR HA 74 34.81 -60.45 -41.31
CA THR HA 74 35.02 -61.58 -40.42
C THR HA 74 35.62 -61.12 -39.10
N PRO HA 75 35.23 -61.71 -37.99
CA PRO HA 75 35.72 -61.26 -36.67
C PRO HA 75 37.08 -61.84 -36.30
N GLN HA 76 38.11 -60.99 -36.34
CA GLN HA 76 39.35 -61.18 -35.59
C GLN HA 76 40.20 -62.37 -36.03
N GLN HA 77 39.68 -63.20 -36.93
CA GLN HA 77 40.35 -64.41 -37.41
C GLN HA 77 41.11 -65.14 -36.30
N ALA HA 78 40.45 -65.33 -35.16
CA ALA HA 78 40.95 -66.24 -34.13
C ALA HA 78 39.98 -67.40 -33.90
N GLN HA 79 38.97 -67.51 -34.76
CA GLN HA 79 37.83 -68.39 -34.56
C GLN HA 79 37.47 -68.99 -35.91
N SER HA 80 36.23 -69.45 -36.04
CA SER HA 80 35.69 -70.42 -37.00
C SER HA 80 35.95 -71.82 -36.47
N ASN HA 81 36.65 -71.95 -35.34
CA ASN HA 81 36.54 -73.15 -34.52
C ASN HA 81 35.39 -73.05 -33.53
N ASP HA 82 34.91 -71.83 -33.28
CA ASP HA 82 33.82 -71.55 -32.35
C ASP HA 82 32.60 -70.93 -33.02
N PHE HA 83 32.80 -70.04 -34.00
CA PHE HA 83 31.68 -69.41 -34.67
C PHE HA 83 31.07 -70.34 -35.71
N LEU HA 84 29.78 -70.12 -36.01
CA LEU HA 84 29.06 -70.90 -37.03
C LEU HA 84 29.01 -70.08 -38.31
N THR HA 85 30.13 -70.07 -39.02
CA THR HA 85 30.18 -69.37 -40.30
C THR HA 85 29.33 -70.13 -41.33
N LEU HA 86 28.62 -69.38 -42.16
CA LEU HA 86 27.61 -69.95 -43.04
C LEU HA 86 27.49 -69.10 -44.30
N LYS HA 87 26.71 -69.57 -45.26
CA LYS HA 87 26.37 -68.78 -46.43
C LYS HA 87 24.91 -69.01 -46.80
N LEU HA 88 24.19 -67.92 -47.06
CA LEU HA 88 22.78 -68.00 -47.38
C LEU HA 88 22.47 -67.07 -48.54
N PRO HA 89 21.42 -67.34 -49.31
CA PRO HA 89 21.03 -66.42 -50.38
C PRO HA 89 20.12 -65.30 -49.89
N ALA HA 90 20.42 -64.75 -48.71
CA ALA HA 90 19.71 -63.61 -48.16
C ALA HA 90 18.21 -63.86 -48.03
N ASN HA 91 17.77 -65.11 -48.20
CA ASN HA 91 16.36 -65.43 -48.28
C ASN HA 91 15.85 -66.21 -47.08
N LYS HA 92 16.67 -67.05 -46.48
CA LYS HA 92 16.23 -67.85 -45.34
C LYS HA 92 16.42 -67.16 -44.00
N LEU HA 93 17.26 -66.14 -43.93
CA LEU HA 93 17.29 -65.26 -42.77
C LEU HA 93 16.28 -64.14 -42.98
N TYR HA 94 15.45 -63.89 -41.97
CA TYR HA 94 14.36 -62.94 -42.07
C TYR HA 94 14.54 -61.87 -41.00
N LEU HA 95 14.77 -60.64 -41.45
CA LEU HA 95 14.98 -59.49 -40.59
C LEU HA 95 13.74 -58.60 -40.63
N ILE HA 96 13.81 -57.46 -39.97
CA ILE HA 96 12.77 -56.45 -40.03
C ILE HA 96 13.28 -55.30 -40.89
N ARG HA 97 12.39 -54.37 -41.21
CA ARG HA 97 12.78 -53.08 -41.77
C ARG HA 97 13.47 -53.21 -43.13
N LYS HA 98 13.18 -54.25 -43.89
CA LYS HA 98 13.93 -54.48 -45.12
C LYS HA 98 13.69 -53.37 -46.13
N LYS HA 99 14.77 -52.81 -46.67
CA LYS HA 99 14.68 -51.65 -47.55
C LYS HA 99 15.08 -51.98 -48.98
N GLY HA 100 16.26 -52.55 -49.21
CA GLY HA 100 16.67 -52.86 -50.57
C GLY HA 100 16.75 -54.34 -50.84
N ASN HA 101 16.54 -54.74 -52.09
CA ASN HA 101 16.69 -56.14 -52.46
C ASN HA 101 18.14 -56.55 -52.30
N ILE HA 102 18.36 -57.60 -51.53
CA ILE HA 102 19.71 -58.02 -51.18
C ILE HA 102 20.34 -58.69 -52.39
N SER HA 103 21.66 -58.88 -52.35
CA SER HA 103 22.43 -59.34 -53.49
C SER HA 103 22.25 -60.83 -53.77
N ASP HA 104 21.22 -61.44 -53.20
CA ASP HA 104 20.78 -62.80 -53.50
C ASP HA 104 21.75 -63.85 -52.99
N ASP HA 105 22.92 -63.45 -52.49
CA ASP HA 105 23.78 -64.41 -51.78
C ASP HA 105 24.91 -63.73 -51.02
N LEU HA 106 25.01 -64.00 -49.73
CA LEU HA 106 26.12 -63.51 -48.92
C LEU HA 106 26.41 -64.51 -47.80
N LYS HA 107 27.59 -64.39 -47.22
CA LYS HA 107 27.98 -65.23 -46.10
C LYS HA 107 27.69 -64.55 -44.77
N ILE HA 108 27.82 -65.33 -43.71
CA ILE HA 108 27.37 -64.95 -42.37
C ILE HA 108 28.40 -65.47 -41.37
N TYR HA 109 28.69 -64.68 -40.33
CA TYR HA 109 29.48 -65.14 -39.19
C TYR HA 109 28.64 -64.90 -37.95
N ILE HA 110 28.21 -65.99 -37.29
CA ILE HA 110 27.47 -65.88 -36.05
C ILE HA 110 28.30 -66.44 -34.91
N PRO HA 111 28.37 -65.77 -33.77
CA PRO HA 111 29.01 -66.36 -32.58
C PRO HA 111 28.19 -67.54 -32.09
N TYR HA 112 28.83 -68.71 -32.07
CA TYR HA 112 28.18 -69.95 -31.70
C TYR HA 112 28.78 -70.47 -30.41
N SER HA 113 27.97 -71.18 -29.62
CA SER HA 113 28.38 -71.73 -28.35
C SER HA 113 28.23 -73.24 -28.36
N SER HA 114 29.17 -73.93 -27.74
CA SER HA 114 29.07 -75.37 -27.55
C SER HA 114 27.77 -75.68 -26.81
N PRO HA 115 27.08 -76.78 -27.14
CA PRO HA 115 25.87 -77.14 -26.39
C PRO HA 115 26.17 -77.41 -24.92
N ASP HA 116 27.04 -78.38 -24.67
CA ASP HA 116 27.58 -78.64 -23.33
C ASP HA 116 26.51 -78.66 -22.24
N ALA HA 117 25.61 -79.63 -22.30
CA ALA HA 117 24.51 -79.69 -21.34
C ALA HA 117 25.02 -80.07 -19.96
N ARG HA 118 25.27 -79.06 -19.13
CA ARG HA 118 25.63 -79.27 -17.74
C ARG HA 118 24.39 -79.32 -16.85
N ASN HA 119 23.55 -78.29 -16.95
CA ASN HA 119 22.22 -78.29 -16.34
C ASN HA 119 21.23 -77.80 -17.38
N SER HA 120 19.94 -77.85 -17.03
CA SER HA 120 18.90 -77.38 -17.94
C SER HA 120 19.05 -75.89 -18.20
N MET HA 121 18.81 -75.49 -19.44
CA MET HA 121 18.93 -74.09 -19.84
C MET HA 121 17.69 -73.35 -19.35
N LYS HA 122 17.82 -72.66 -18.22
CA LYS HA 122 16.71 -71.90 -17.64
C LYS HA 122 16.52 -70.63 -18.46
N THR HA 123 15.85 -70.78 -19.59
CA THR HA 123 15.66 -69.69 -20.53
C THR HA 123 14.83 -68.58 -19.89
N LYS HA 124 15.20 -67.33 -20.14
CA LYS HA 124 14.43 -66.18 -19.70
C LYS HA 124 14.35 -65.14 -20.80
N PRO HA 125 13.29 -64.34 -20.82
CA PRO HA 125 13.23 -63.24 -21.77
C PRO HA 125 13.84 -61.97 -21.18
N VAL HA 126 14.54 -61.23 -22.03
CA VAL HA 126 15.17 -59.97 -21.63
C VAL HA 126 14.82 -58.91 -22.65
N SER HA 127 14.16 -57.84 -22.19
CA SER HA 127 13.93 -56.63 -22.95
C SER HA 127 14.93 -55.57 -22.51
N ILE HA 128 15.38 -54.75 -23.47
CA ILE HA 128 16.45 -53.80 -23.19
C ILE HA 128 15.94 -52.74 -22.22
N SER HA 129 16.71 -52.50 -21.16
CA SER HA 129 16.41 -51.46 -20.18
C SER HA 129 17.68 -50.65 -19.94
N ASP HA 130 17.69 -49.80 -18.90
CA ASP HA 130 18.91 -49.18 -18.40
C ASP HA 130 19.59 -48.32 -19.46
N ASP HA 131 18.95 -47.18 -19.75
CA ASP HA 131 19.44 -46.19 -20.70
C ASP HA 131 20.96 -46.03 -20.67
N THR HA 132 21.56 -46.11 -19.48
CA THR HA 132 23.02 -46.07 -19.38
C THR HA 132 23.68 -47.17 -20.22
N ILE HA 133 23.03 -48.33 -20.33
CA ILE HA 133 23.64 -49.39 -21.13
C ILE HA 133 23.54 -49.03 -22.61
N VAL HA 134 22.45 -48.38 -23.02
CA VAL HA 134 22.38 -47.88 -24.40
C VAL HA 134 23.45 -46.83 -24.63
N ASN HA 135 23.71 -46.00 -23.62
CA ASN HA 135 24.68 -44.93 -23.76
C ASN HA 135 26.11 -45.44 -23.85
N ASN HA 136 26.43 -46.56 -23.19
CA ASN HA 136 27.77 -47.11 -23.35
C ASN HA 136 27.90 -48.06 -24.54
N ILE HA 137 26.81 -48.71 -24.96
CA ILE HA 137 26.89 -49.59 -26.12
C ILE HA 137 26.87 -48.78 -27.43
N ILE HA 138 26.25 -47.59 -27.43
CA ILE HA 138 26.30 -46.76 -28.64
C ILE HA 138 27.74 -46.30 -28.89
N LYS HA 139 28.47 -45.94 -27.84
CA LYS HA 139 29.90 -45.67 -28.01
C LYS HA 139 30.67 -46.95 -28.29
N GLU HA 140 30.23 -48.07 -27.73
CA GLU HA 140 30.92 -49.33 -27.96
C GLU HA 140 30.88 -49.73 -29.42
N VAL HA 141 29.70 -50.07 -29.94
CA VAL HA 141 29.57 -50.69 -31.25
C VAL HA 141 28.78 -49.82 -32.23
N PHE HA 142 27.72 -49.15 -31.76
CA PHE HA 142 26.84 -48.38 -32.64
C PHE HA 142 27.59 -47.28 -33.39
N ASP HA 143 28.87 -47.10 -33.11
CA ASP HA 143 29.66 -46.07 -33.76
C ASP HA 143 30.94 -46.64 -34.38
N LYS HA 144 31.52 -47.66 -33.75
CA LYS HA 144 32.70 -48.28 -34.32
C LYS HA 144 32.39 -48.92 -35.66
N ILE HA 145 31.14 -49.34 -35.87
CA ILE HA 145 30.69 -49.86 -37.14
C ILE HA 145 30.10 -48.69 -37.93
N TYR HA 146 29.08 -48.06 -37.36
CA TYR HA 146 28.45 -46.90 -37.97
C TYR HA 146 29.30 -45.67 -37.66
N ASN HA 147 30.36 -45.50 -38.44
CA ASN HA 147 31.04 -44.21 -38.47
C ASN HA 147 30.14 -43.15 -39.07
N ILE HA 148 29.13 -43.57 -39.84
CA ILE HA 148 28.08 -42.69 -40.35
C ILE HA 148 27.46 -41.90 -39.22
N THR HA 149 27.34 -42.50 -38.04
CA THR HA 149 26.69 -41.85 -36.91
C THR HA 149 27.45 -40.58 -36.52
N GLN HA 150 26.68 -39.56 -36.10
CA GLN HA 150 27.20 -38.25 -35.69
C GLN HA 150 27.68 -37.46 -36.90
N LYS HA 151 27.65 -38.10 -38.06
CA LYS HA 151 27.79 -37.45 -39.37
C LYS HA 151 26.43 -37.26 -40.05
N GLU HA 152 25.68 -38.34 -40.23
CA GLU HA 152 24.38 -38.29 -40.89
C GLU HA 152 23.21 -38.40 -39.93
N LYS HA 153 23.32 -39.26 -38.91
CA LYS HA 153 22.25 -39.52 -37.97
C LYS HA 153 22.45 -38.68 -36.72
N VAL HA 154 21.42 -37.93 -36.34
CA VAL HA 154 21.45 -37.10 -35.15
C VAL HA 154 20.32 -37.39 -34.18
N LYS HA 155 19.25 -38.04 -34.63
CA LYS HA 155 18.16 -38.38 -33.72
C LYS HA 155 18.58 -39.53 -32.83
N ILE HA 156 19.56 -39.28 -31.96
CA ILE HA 156 20.19 -40.34 -31.19
C ILE HA 156 19.22 -40.93 -30.19
N GLU HA 157 18.40 -40.08 -29.55
CA GLU HA 157 17.45 -40.57 -28.56
C GLU HA 157 16.41 -41.51 -29.14
N LYS HA 158 16.19 -41.48 -30.46
CA LYS HA 158 15.24 -42.41 -31.07
C LYS HA 158 15.83 -43.82 -31.21
N VAL HA 159 17.07 -43.93 -31.69
CA VAL HA 159 17.71 -45.25 -31.71
C VAL HA 159 17.98 -45.76 -30.31
N LYS HA 160 17.85 -44.90 -29.30
CA LYS HA 160 17.69 -45.37 -27.93
C LYS HA 160 16.25 -45.81 -27.69
N GLU HA 161 15.30 -44.98 -28.13
CA GLU HA 161 13.88 -45.27 -27.99
C GLU HA 161 13.45 -46.51 -28.74
N ASP HA 162 14.26 -46.99 -29.69
CA ASP HA 162 13.80 -48.07 -30.56
C ASP HA 162 14.21 -49.45 -30.05
N ILE HA 163 15.38 -49.57 -29.43
CA ILE HA 163 15.85 -50.89 -29.05
C ILE HA 163 15.32 -51.33 -27.68
N LYS HA 164 15.00 -50.38 -26.80
CA LYS HA 164 14.60 -50.75 -25.44
C LYS HA 164 13.34 -51.59 -25.42
N GLU HA 165 12.44 -51.37 -26.38
CA GLU HA 165 11.20 -52.13 -26.45
C GLU HA 165 11.14 -53.09 -27.63
N LEU HA 166 12.03 -52.96 -28.62
CA LEU HA 166 12.08 -53.93 -29.71
C LEU HA 166 13.12 -55.02 -29.45
N PHE HA 167 14.39 -54.63 -29.36
CA PHE HA 167 15.48 -55.57 -29.12
C PHE HA 167 15.23 -56.41 -27.87
N SER HA 168 15.04 -57.71 -28.04
CA SER HA 168 14.87 -58.62 -26.93
C SER HA 168 15.62 -59.90 -27.24
N TYR HA 169 15.89 -60.70 -26.20
CA TYR HA 169 16.63 -61.94 -26.40
C TYR HA 169 16.25 -62.90 -25.28
N TYR HA 170 16.81 -64.11 -25.36
CA TYR HA 170 16.55 -65.15 -24.39
C TYR HA 170 17.86 -65.61 -23.75
N ALA HA 171 17.77 -66.07 -22.50
CA ALA HA 171 18.94 -66.30 -21.68
C ALA HA 171 18.83 -67.64 -20.95
N LEU HA 172 19.90 -67.99 -20.23
CA LEU HA 172 20.03 -69.26 -19.54
C LEU HA 172 20.03 -69.14 -18.02
N GLU HA 173 19.94 -67.92 -17.49
CA GLU HA 173 19.86 -67.63 -16.06
C GLU HA 173 21.18 -67.85 -15.32
N GLN HA 174 22.16 -68.44 -15.97
CA GLN HA 174 23.44 -68.78 -15.32
C GLN HA 174 24.58 -68.77 -16.31
N PHE IA 10 -23.72 -103.92 -14.95
CA PHE IA 10 -24.92 -103.54 -14.22
C PHE IA 10 -24.64 -102.44 -13.20
N LEU IA 11 -25.60 -101.53 -13.04
CA LEU IA 11 -25.53 -100.45 -12.07
C LEU IA 11 -26.95 -100.12 -11.65
N ASP IA 12 -27.16 -98.93 -11.08
CA ASP IA 12 -28.40 -98.45 -10.48
C ASP IA 12 -28.60 -98.99 -9.07
N TYR IA 13 -27.53 -99.48 -8.43
CA TYR IA 13 -27.62 -100.08 -7.12
C TYR IA 13 -26.82 -99.35 -6.06
N LYS IA 14 -26.35 -98.13 -6.35
CA LYS IA 14 -25.48 -97.39 -5.44
C LYS IA 14 -26.10 -97.17 -4.07
N ILE IA 15 -27.40 -97.45 -3.91
CA ILE IA 15 -28.05 -97.34 -2.60
C ILE IA 15 -27.30 -98.15 -1.55
N ILE IA 16 -26.63 -99.23 -1.96
CA ILE IA 16 -25.77 -99.94 -1.01
C ILE IA 16 -24.51 -99.15 -0.73
N ALA IA 17 -23.99 -98.44 -1.73
CA ALA IA 17 -22.71 -97.75 -1.58
C ALA IA 17 -22.88 -96.33 -1.07
N LEU IA 18 -23.97 -95.65 -1.45
CA LEU IA 18 -24.19 -94.28 -0.98
C LEU IA 18 -24.29 -94.25 0.54
N LEU IA 19 -25.08 -95.14 1.12
CA LEU IA 19 -25.29 -95.19 2.57
C LEU IA 19 -24.35 -96.16 3.24
N HIS IA 20 -23.15 -96.36 2.69
CA HIS IA 20 -22.15 -97.16 3.37
C HIS IA 20 -21.64 -96.47 4.63
N ASP IA 21 -22.03 -95.23 4.86
CA ASP IA 21 -21.80 -94.53 6.12
C ASP IA 21 -22.97 -93.57 6.37
N PRO IA 22 -23.67 -93.73 7.48
CA PRO IA 22 -24.90 -92.97 7.70
C PRO IA 22 -24.61 -91.53 8.08
N PRO IA 23 -25.64 -90.69 8.23
CA PRO IA 23 -25.42 -89.35 8.79
C PRO IA 23 -25.41 -89.37 10.31
N ASN IA 24 -24.71 -90.37 10.88
CA ASN IA 24 -24.47 -90.45 12.31
C ASN IA 24 -23.06 -90.99 12.57
N LYS IA 25 -22.13 -90.72 11.65
CA LYS IA 25 -20.79 -91.28 11.76
C LYS IA 25 -20.02 -90.67 12.92
N ALA IA 26 -20.17 -89.37 13.15
CA ALA IA 26 -19.37 -88.69 14.17
C ALA IA 26 -19.63 -89.27 15.55
N TRP IA 27 -20.88 -89.65 15.84
CA TRP IA 27 -21.23 -90.21 17.13
C TRP IA 27 -20.89 -91.69 17.25
N VAL IA 28 -20.21 -92.26 16.24
CA VAL IA 28 -19.84 -93.67 16.27
C VAL IA 28 -18.38 -93.81 16.68
N ILE IA 29 -17.48 -93.18 15.91
CA ILE IA 29 -16.05 -93.36 16.13
C ILE IA 29 -15.68 -92.84 17.51
N THR IA 30 -14.91 -93.66 18.25
CA THR IA 30 -14.53 -93.37 19.63
C THR IA 30 -15.78 -93.11 20.48
N GLY IA 31 -16.56 -94.18 20.65
CA GLY IA 31 -17.70 -94.13 21.55
C GLY IA 31 -18.73 -93.09 21.19
N ARG IA 32 -18.76 -92.02 21.99
CA ARG IA 32 -19.81 -91.00 21.89
C ARG IA 32 -21.19 -91.64 22.02
N ALA IA 33 -21.39 -92.26 23.18
CA ALA IA 33 -22.64 -92.93 23.52
C ALA IA 33 -23.18 -92.42 24.84
N ALA IA 53 -22.82 -103.34 9.17
CA ALA IA 53 -22.14 -102.18 9.74
C ALA IA 53 -23.05 -101.47 10.74
N LYS IA 54 -23.26 -100.18 10.54
CA LYS IA 54 -24.01 -99.40 11.53
C LYS IA 54 -25.52 -99.57 11.37
N TYR IA 55 -26.06 -99.09 10.25
CA TYR IA 55 -27.49 -99.18 9.98
C TYR IA 55 -27.76 -99.47 8.52
N ILE IA 56 -27.11 -100.50 7.96
CA ILE IA 56 -26.82 -100.60 6.52
C ILE IA 56 -28.00 -100.14 5.69
N ILE IA 57 -29.15 -100.78 5.86
CA ILE IA 57 -30.41 -100.30 5.32
C ILE IA 57 -31.55 -101.12 5.89
N ASN IA 58 -32.71 -100.51 6.07
CA ASN IA 58 -33.90 -101.26 6.45
C ASN IA 58 -34.69 -101.74 5.24
N GLN IA 59 -34.56 -101.07 4.08
CA GLN IA 59 -35.20 -101.52 2.85
C GLN IA 59 -34.16 -101.54 1.72
N LEU IA 60 -33.31 -102.57 1.74
CA LEU IA 60 -32.52 -103.03 0.59
C LEU IA 60 -31.61 -104.16 1.06
N PHE IA 61 -30.91 -104.81 0.15
CA PHE IA 61 -29.89 -105.77 0.53
C PHE IA 61 -28.72 -105.08 1.24
N GLY IA 62 -27.77 -105.89 1.70
CA GLY IA 62 -26.61 -105.34 2.39
C GLY IA 62 -25.58 -104.79 1.41
N LYS IA 63 -24.79 -103.84 1.91
CA LYS IA 63 -23.80 -103.20 1.07
C LYS IA 63 -22.62 -104.15 0.79
N ASN IA 64 -22.17 -104.14 -0.46
CA ASN IA 64 -21.08 -105.02 -0.90
C ASN IA 64 -19.78 -104.23 -0.98
N TYR IA 65 -18.70 -104.84 -0.48
CA TYR IA 65 -17.37 -104.23 -0.53
C TYR IA 65 -16.32 -105.30 -0.83
N SER IA 66 -15.97 -105.45 -2.10
CA SER IA 66 -14.77 -106.19 -2.48
C SER IA 66 -13.78 -105.30 -3.22
N GLU IA 67 -14.19 -104.68 -4.33
CA GLU IA 67 -13.39 -103.66 -4.98
C GLU IA 67 -14.25 -102.52 -5.51
N LYS IA 68 -15.50 -102.40 -5.08
CA LYS IA 68 -16.43 -101.45 -5.68
C LYS IA 68 -16.60 -100.19 -4.83
N VAL IA 69 -17.03 -100.35 -3.57
CA VAL IA 69 -17.36 -99.19 -2.75
C VAL IA 69 -16.14 -98.59 -2.08
N ASP IA 70 -15.17 -99.41 -1.66
CA ASP IA 70 -14.00 -98.85 -0.99
C ASP IA 70 -12.90 -98.48 -1.97
N ASN IA 71 -12.77 -99.18 -3.09
CA ASN IA 71 -11.94 -98.64 -4.16
C ASN IA 71 -12.55 -97.39 -4.75
N ALA IA 72 -13.86 -97.18 -4.56
CA ALA IA 72 -14.46 -95.88 -4.87
C ALA IA 72 -14.12 -94.87 -3.79
N ASP IA 73 -14.14 -95.27 -2.53
CA ASP IA 73 -13.93 -94.34 -1.44
C ASP IA 73 -12.49 -93.83 -1.44
N LYS IA 74 -11.52 -94.74 -1.46
CA LYS IA 74 -10.11 -94.40 -1.41
C LYS IA 74 -9.62 -93.73 -2.70
N LEU IA 75 -10.53 -93.43 -3.62
CA LEU IA 75 -10.22 -92.61 -4.77
C LEU IA 75 -11.18 -91.44 -4.95
N ALA IA 76 -12.20 -91.31 -4.11
CA ALA IA 76 -13.20 -90.25 -4.25
C ALA IA 76 -12.78 -88.97 -3.55
N SER IA 77 -12.40 -89.04 -2.28
CA SER IA 77 -12.06 -87.85 -1.51
C SER IA 77 -10.55 -87.70 -1.40
N SER IA 78 -10.13 -86.73 -0.60
CA SER IA 78 -8.73 -86.40 -0.41
C SER IA 78 -8.16 -86.96 0.88
N ILE IA 79 -9.00 -87.29 1.85
CA ILE IA 79 -8.50 -87.79 3.13
C ILE IA 79 -7.77 -89.12 2.93
N ASP IA 80 -8.38 -90.03 2.17
CA ASP IA 80 -7.97 -91.43 2.17
C ASP IA 80 -6.51 -91.62 1.79
N ARG IA 81 -5.83 -90.59 1.32
CA ARG IA 81 -4.38 -90.61 1.23
C ARG IA 81 -3.72 -89.55 2.09
N TYR IA 82 -4.45 -88.48 2.43
CA TYR IA 82 -3.91 -87.42 3.26
C TYR IA 82 -3.49 -87.98 4.61
N LEU IA 83 -4.44 -88.47 5.38
CA LEU IA 83 -4.15 -89.01 6.71
C LEU IA 83 -3.74 -90.47 6.66
N GLY IA 84 -3.36 -90.98 5.49
CA GLY IA 84 -2.95 -92.37 5.36
C GLY IA 84 -4.09 -93.30 5.04
N SER IA 85 -3.89 -94.20 4.08
CA SER IA 85 -4.97 -95.07 3.64
C SER IA 85 -5.34 -96.08 4.71
N ILE IA 86 -4.34 -96.72 5.34
CA ILE IA 86 -4.69 -97.64 6.41
C ILE IA 86 -5.16 -96.88 7.64
N VAL IA 87 -4.60 -95.69 7.88
CA VAL IA 87 -5.05 -94.88 9.01
C VAL IA 87 -6.43 -94.28 8.75
N TYR IA 88 -6.86 -94.21 7.49
CA TYR IA 88 -8.23 -93.76 7.23
C TYR IA 88 -9.23 -94.87 7.50
N LYS IA 89 -9.10 -95.99 6.80
CA LYS IA 89 -10.03 -97.09 7.01
C LYS IA 89 -9.94 -97.66 8.41
N GLU IA 90 -8.84 -97.37 9.11
CA GLU IA 90 -8.83 -97.51 10.56
C GLU IA 90 -9.88 -96.63 11.21
N ARG IA 91 -9.91 -95.35 10.80
CA ARG IA 91 -10.77 -94.28 11.32
C ARG IA 91 -10.76 -94.19 12.83
N SER IA 92 -9.82 -94.88 13.49
CA SER IA 92 -9.44 -94.53 14.85
C SER IA 92 -7.99 -94.96 15.06
N LEU IA 93 -7.06 -94.07 14.74
CA LEU IA 93 -5.68 -94.19 15.20
C LEU IA 93 -5.17 -92.89 15.79
N PHE IA 94 -5.51 -91.75 15.20
CA PHE IA 94 -5.31 -90.44 15.79
C PHE IA 94 -6.63 -89.85 16.25
N GLU IA 95 -7.52 -90.71 16.74
CA GLU IA 95 -8.93 -90.36 16.89
C GLU IA 95 -9.10 -89.15 17.80
N ASN IA 96 -10.18 -88.41 17.53
CA ASN IA 96 -10.58 -87.28 18.34
C ASN IA 96 -11.93 -87.58 18.98
N ARG IA 97 -12.08 -87.16 20.24
CA ARG IA 97 -13.37 -87.32 20.90
C ARG IA 97 -14.33 -86.19 20.53
N SER IA 98 -13.80 -85.05 20.14
CA SER IA 98 -14.62 -83.92 19.71
C SER IA 98 -14.83 -83.98 18.20
N ILE IA 99 -15.82 -83.24 17.73
CA ILE IA 99 -16.17 -83.21 16.31
C ILE IA 99 -16.15 -81.76 15.85
N PHE IA 100 -15.07 -81.38 15.17
CA PHE IA 100 -14.99 -80.07 14.54
C PHE IA 100 -15.22 -80.24 13.05
N LEU IA 101 -15.53 -79.13 12.38
CA LEU IA 101 -15.65 -79.13 10.92
C LEU IA 101 -15.08 -77.81 10.40
N LYS IA 102 -13.89 -77.88 9.82
CA LYS IA 102 -13.27 -76.72 9.21
C LYS IA 102 -13.83 -76.52 7.80
N ASN IA 103 -13.53 -75.36 7.24
CA ASN IA 103 -14.02 -75.03 5.90
C ASN IA 103 -13.15 -75.68 4.84
N ILE IA 104 -13.81 -76.16 3.77
CA ILE IA 104 -13.08 -76.76 2.65
C ILE IA 104 -12.08 -75.78 2.08
N LEU IA 105 -12.44 -74.50 2.03
CA LEU IA 105 -11.60 -73.49 1.43
C LEU IA 105 -10.69 -72.81 2.45
N LEU IA 106 -11.16 -72.66 3.69
CA LEU IA 106 -10.42 -71.92 4.72
C LEU IA 106 -10.23 -72.84 5.93
N SER IA 107 -9.04 -73.42 6.04
CA SER IA 107 -8.74 -74.30 7.17
C SER IA 107 -8.83 -73.59 8.51
N ASN IA 108 -8.78 -72.26 8.52
CA ASN IA 108 -8.69 -71.49 9.76
C ASN IA 108 -10.05 -71.04 10.28
N ILE IA 109 -11.12 -71.77 9.99
CA ILE IA 109 -12.44 -71.49 10.55
C ILE IA 109 -12.91 -72.73 11.28
N GLN IA 110 -12.80 -72.72 12.60
CA GLN IA 110 -13.21 -73.83 13.44
C GLN IA 110 -14.71 -73.77 13.68
N ARG IA 111 -15.41 -74.86 13.40
CA ARG IA 111 -16.83 -74.97 13.68
C ARG IA 111 -17.08 -76.25 14.45
N ASP IA 112 -17.81 -76.12 15.56
CA ASP IA 112 -18.12 -77.23 16.45
C ASP IA 112 -19.48 -77.83 16.11
N ILE IA 113 -19.78 -78.95 16.74
CA ILE IA 113 -21.10 -79.56 16.65
C ILE IA 113 -21.93 -79.32 17.91
N GLY IA 114 -21.43 -78.51 18.84
CA GLY IA 114 -22.20 -78.22 20.04
C GLY IA 114 -22.43 -79.47 20.86
N ASN IA 115 -23.71 -79.74 21.16
CA ASN IA 115 -24.11 -80.96 21.84
C ASN IA 115 -25.37 -81.59 21.28
N LEU IA 116 -26.00 -81.00 20.27
CA LEU IA 116 -27.24 -81.53 19.74
C LEU IA 116 -26.97 -82.75 18.87
N PHE IA 117 -27.89 -83.71 18.92
CA PHE IA 117 -27.75 -85.02 18.32
C PHE IA 117 -28.99 -85.37 17.51
N PRO IA 118 -28.89 -86.34 16.60
CA PRO IA 118 -30.11 -86.95 16.06
C PRO IA 118 -30.73 -87.86 17.10
N LYS IA 119 -32.07 -87.89 17.14
CA LYS IA 119 -32.76 -88.62 18.19
C LYS IA 119 -32.31 -90.08 18.22
N ASP IA 120 -32.25 -90.63 19.43
CA ASP IA 120 -31.57 -91.89 19.67
C ASP IA 120 -32.38 -93.06 19.11
N LYS IA 121 -31.84 -94.26 19.33
CA LYS IA 121 -32.36 -95.46 18.67
C LYS IA 121 -33.83 -95.68 18.98
N SER IA 122 -34.26 -95.40 20.22
CA SER IA 122 -35.66 -95.54 20.59
C SER IA 122 -36.57 -94.68 19.71
N LYS IA 123 -36.02 -93.71 18.98
CA LYS IA 123 -36.78 -92.92 18.03
C LYS IA 123 -36.15 -92.93 16.64
N LEU IA 124 -35.08 -93.71 16.44
CA LEU IA 124 -34.35 -93.69 15.16
C LEU IA 124 -35.26 -94.04 14.00
N ASP IA 125 -35.82 -95.25 14.01
CA ASP IA 125 -36.73 -95.71 12.96
C ASP IA 125 -37.97 -94.81 12.85
N ASN IA 126 -38.04 -93.79 13.70
CA ASN IA 126 -38.99 -92.69 13.49
C ASN IA 126 -38.79 -92.13 12.09
N LEU IA 127 -37.60 -91.60 11.81
CA LEU IA 127 -37.35 -90.99 10.51
C LEU IA 127 -37.35 -92.02 9.39
N ILE IA 128 -37.09 -93.29 9.72
CA ILE IA 128 -37.16 -94.32 8.69
C ILE IA 128 -38.58 -94.47 8.17
N LEU IA 129 -39.58 -94.17 9.02
CA LEU IA 129 -40.96 -94.16 8.55
C LEU IA 129 -41.23 -93.05 7.55
N GLU IA 130 -40.36 -92.03 7.47
CA GLU IA 130 -40.43 -91.05 6.41
C GLU IA 130 -39.62 -91.47 5.18
N TYR IA 131 -38.74 -92.45 5.32
CA TYR IA 131 -38.10 -93.09 4.18
C TYR IA 131 -39.02 -94.09 3.49
N LYS IA 132 -40.28 -94.17 3.92
CA LYS IA 132 -41.24 -95.07 3.30
C LYS IA 132 -42.59 -94.39 3.06
N LYS IA 133 -42.68 -93.08 3.29
CA LYS IA 133 -43.87 -92.32 2.93
C LYS IA 133 -43.90 -91.94 1.45
N LEU IA 134 -42.75 -91.85 0.80
CA LEU IA 134 -42.70 -91.60 -0.63
C LEU IA 134 -41.93 -92.64 -1.41
N LEU IA 135 -41.26 -93.58 -0.75
CA LEU IA 135 -40.54 -94.65 -1.42
C LEU IA 135 -41.36 -95.93 -1.54
N ASN IA 136 -42.34 -96.14 -0.67
CA ASN IA 136 -43.18 -97.33 -0.76
C ASN IA 136 -44.54 -97.07 -1.37
N VAL IA 137 -45.04 -95.83 -1.33
CA VAL IA 137 -46.29 -95.52 -2.03
C VAL IA 137 -46.09 -95.63 -3.54
N ILE IA 138 -44.91 -95.24 -4.03
CA ILE IA 138 -44.57 -95.39 -5.44
C ILE IA 138 -43.97 -96.77 -5.64
N ASN IA 139 -44.61 -97.58 -6.47
CA ASN IA 139 -44.19 -98.97 -6.66
C ASN IA 139 -42.76 -99.04 -7.19
N LYS IA 140 -41.96 -99.93 -6.60
CA LYS IA 140 -40.52 -99.93 -6.80
C LYS IA 140 -40.09 -100.77 -8.00
N THR IA 141 -40.96 -100.98 -8.98
CA THR IA 141 -40.53 -101.53 -10.25
C THR IA 141 -39.39 -100.72 -10.85
N ASN IA 142 -39.30 -99.45 -10.47
CA ASN IA 142 -38.35 -98.51 -11.07
C ASN IA 142 -37.22 -98.18 -10.09
N LEU IA 143 -36.04 -98.75 -10.34
CA LEU IA 143 -34.89 -98.49 -9.48
C LEU IA 143 -34.33 -97.09 -9.70
N ILE IA 144 -34.29 -96.65 -10.96
CA ILE IA 144 -33.80 -95.30 -11.26
C ILE IA 144 -34.68 -94.26 -10.59
N LEU IA 145 -35.99 -94.48 -10.60
CA LEU IA 145 -36.90 -93.54 -9.96
C LEU IA 145 -36.74 -93.57 -8.45
N LYS IA 146 -36.32 -94.71 -7.90
CA LYS IA 146 -36.04 -94.75 -6.46
C LYS IA 146 -34.80 -93.95 -6.12
N TYR IA 147 -33.74 -94.13 -6.92
CA TYR IA 147 -32.53 -93.34 -6.71
C TYR IA 147 -32.82 -91.85 -6.82
N GLN IA 148 -33.34 -91.42 -7.97
CA GLN IA 148 -33.62 -90.01 -8.18
C GLN IA 148 -34.66 -89.49 -7.18
N LEU IA 149 -35.55 -90.38 -6.72
CA LEU IA 149 -36.49 -90.04 -5.67
C LEU IA 149 -35.78 -89.79 -4.35
N PHE IA 150 -34.77 -90.60 -4.05
CA PHE IA 150 -34.03 -90.54 -2.80
C PHE IA 150 -32.82 -89.61 -2.88
N TYR IA 151 -32.36 -89.29 -4.09
CA TYR IA 151 -31.15 -88.51 -4.25
C TYR IA 151 -31.34 -87.05 -3.82
N LEU IA 152 -32.55 -86.53 -3.95
CA LEU IA 152 -32.81 -85.14 -3.56
C LEU IA 152 -33.20 -84.99 -2.10
N ILE IA 153 -33.72 -86.04 -1.48
CA ILE IA 153 -34.32 -85.93 -0.15
C ILE IA 153 -33.42 -86.47 0.95
N TYR IA 154 -32.32 -87.14 0.61
CA TYR IA 154 -31.40 -87.63 1.62
C TYR IA 154 -30.86 -86.47 2.45
N GLU IA 155 -30.63 -85.35 1.80
CA GLU IA 155 -30.22 -84.14 2.50
C GLU IA 155 -31.37 -83.46 3.23
N LEU IA 156 -32.53 -83.35 2.60
CA LEU IA 156 -33.57 -82.45 3.11
C LEU IA 156 -34.34 -83.05 4.28
N VAL IA 157 -34.47 -84.37 4.35
CA VAL IA 157 -35.21 -84.95 5.46
C VAL IA 157 -34.39 -84.93 6.75
N TRP IA 158 -33.07 -84.92 6.64
CA TRP IA 158 -32.24 -84.92 7.84
C TRP IA 158 -32.06 -83.51 8.41
N ILE IA 159 -32.09 -82.47 7.57
CA ILE IA 159 -32.17 -81.12 8.11
C ILE IA 159 -33.53 -80.83 8.70
N ASP IA 160 -34.49 -81.73 8.53
CA ASP IA 160 -35.70 -81.71 9.35
C ASP IA 160 -35.48 -82.43 10.67
N SER IA 161 -34.53 -83.36 10.72
CA SER IA 161 -34.18 -84.10 11.92
C SER IA 161 -33.00 -83.48 12.66
N LYS IA 162 -32.49 -82.34 12.18
CA LYS IA 162 -31.58 -81.48 12.94
C LYS IA 162 -30.31 -82.23 13.33
N TYR IA 163 -29.52 -82.58 12.31
CA TYR IA 163 -28.33 -83.40 12.49
C TYR IA 163 -27.02 -82.60 12.48
N GLU IA 164 -27.07 -81.30 12.21
CA GLU IA 164 -25.93 -80.39 12.38
C GLU IA 164 -24.70 -80.77 11.54
N ASN IA 165 -24.88 -81.56 10.48
CA ASN IA 165 -23.88 -81.71 9.42
C ASN IA 165 -22.54 -82.20 9.97
N THR IA 166 -22.55 -83.43 10.47
CA THR IA 166 -21.32 -84.05 10.92
C THR IA 166 -20.35 -84.17 9.75
N PRO IA 167 -19.09 -83.76 9.90
CA PRO IA 167 -18.14 -83.79 8.78
C PRO IA 167 -17.87 -85.21 8.31
N SER IA 168 -17.27 -85.28 7.11
CA SER IA 168 -16.91 -86.55 6.49
C SER IA 168 -16.01 -87.36 7.42
N ASP IA 169 -14.82 -86.85 7.68
CA ASP IA 169 -13.89 -87.48 8.62
C ASP IA 169 -13.84 -86.69 9.91
N THR IA 170 -13.69 -87.39 11.02
CA THR IA 170 -13.52 -86.74 12.31
C THR IA 170 -12.09 -86.28 12.51
N ARG IA 171 -11.12 -87.12 12.13
CA ARG IA 171 -9.71 -86.78 12.31
C ARG IA 171 -9.22 -85.75 11.31
N ASN IA 172 -9.94 -85.51 10.22
CA ASN IA 172 -9.55 -84.50 9.23
C ASN IA 172 -10.81 -83.96 8.57
N PRO IA 173 -11.57 -83.13 9.29
CA PRO IA 173 -12.79 -82.59 8.68
C PRO IA 173 -12.48 -81.56 7.62
N THR IA 174 -12.61 -81.96 6.36
CA THR IA 174 -12.44 -81.05 5.23
C THR IA 174 -13.54 -81.23 4.20
N HIS IA 175 -14.60 -81.96 4.54
CA HIS IA 175 -15.79 -82.09 3.71
C HIS IA 175 -16.95 -82.46 4.60
N THR IA 176 -18.13 -81.95 4.25
CA THR IA 176 -19.33 -82.49 4.88
C THR IA 176 -19.54 -83.93 4.39
N ILE IA 177 -20.20 -84.74 5.22
CA ILE IA 177 -20.27 -86.17 4.94
C ILE IA 177 -20.96 -86.43 3.61
N PHE IA 178 -21.96 -85.62 3.26
CA PHE IA 178 -22.64 -85.82 1.98
C PHE IA 178 -21.74 -85.54 0.80
N ASP IA 179 -20.80 -84.60 0.94
CA ASP IA 179 -19.84 -84.39 -0.12
C ASP IA 179 -18.90 -85.57 -0.29
N HIS IA 180 -18.88 -86.48 0.68
CA HIS IA 180 -18.18 -87.75 0.52
C HIS IA 180 -19.10 -88.82 -0.05
N LEU IA 181 -20.35 -88.87 0.41
CA LEU IA 181 -21.30 -89.88 -0.05
C LEU IA 181 -21.60 -89.71 -1.54
N TYR IA 182 -22.12 -88.54 -1.90
CA TYR IA 182 -22.39 -88.25 -3.29
C TYR IA 182 -21.15 -88.35 -4.15
N ALA IA 183 -19.98 -88.01 -3.60
CA ALA IA 183 -18.76 -88.10 -4.39
C ALA IA 183 -18.39 -89.55 -4.67
N THR IA 184 -18.38 -90.39 -3.64
CA THR IA 184 -18.03 -91.78 -3.84
C THR IA 184 -19.04 -92.45 -4.76
N ALA IA 185 -20.32 -92.05 -4.68
CA ALA IA 185 -21.32 -92.62 -5.57
C ALA IA 185 -21.19 -92.08 -6.99
N ALA IA 186 -20.70 -90.84 -7.14
CA ALA IA 186 -20.58 -90.25 -8.47
C ALA IA 186 -19.39 -90.82 -9.23
N MET IA 187 -18.28 -91.06 -8.53
CA MET IA 187 -17.18 -91.76 -9.18
C MET IA 187 -17.36 -93.28 -9.10
N MET IA 188 -18.40 -93.73 -8.39
CA MET IA 188 -18.82 -95.12 -8.52
C MET IA 188 -19.21 -95.46 -9.95
N ASN IA 189 -19.57 -94.45 -10.75
CA ASN IA 189 -19.78 -94.68 -12.17
C ASN IA 189 -18.51 -95.14 -12.86
N TRP IA 190 -17.39 -94.45 -12.59
CA TRP IA 190 -16.09 -94.94 -13.06
C TRP IA 190 -15.77 -96.31 -12.48
N ILE IA 191 -16.08 -96.52 -11.21
CA ILE IA 191 -15.83 -97.82 -10.58
C ILE IA 191 -16.52 -98.93 -11.36
N LEU IA 192 -17.82 -98.78 -11.60
CA LEU IA 192 -18.58 -99.80 -12.32
C LEU IA 192 -18.15 -99.88 -13.78
N SER IA 193 -17.73 -98.77 -14.37
CA SER IA 193 -17.25 -98.81 -15.75
C SER IA 193 -15.95 -99.60 -15.87
N LEU IA 194 -15.12 -99.57 -14.82
CA LEU IA 194 -13.91 -100.38 -14.79
C LEU IA 194 -14.17 -101.78 -14.24
N GLU IA 195 -15.35 -102.01 -13.67
CA GLU IA 195 -15.68 -103.35 -13.17
C GLU IA 195 -15.68 -104.40 -14.27
N LYS IA 196 -16.17 -104.08 -15.45
CA LYS IA 196 -16.55 -105.15 -16.40
C LYS IA 196 -15.33 -105.67 -17.13
N GLU IA 197 -14.81 -104.91 -18.11
CA GLU IA 197 -13.42 -105.13 -18.50
C GLU IA 197 -12.58 -103.85 -18.58
N ALA IA 198 -12.98 -102.88 -19.41
CA ALA IA 198 -12.18 -101.66 -19.56
C ALA IA 198 -13.02 -100.56 -20.22
N LYS IA 199 -13.39 -99.54 -19.44
CA LYS IA 199 -13.81 -98.24 -19.96
C LYS IA 199 -14.14 -97.31 -18.79
N GLY IA 200 -14.13 -96.01 -19.07
CA GLY IA 200 -14.50 -94.96 -18.12
C GLY IA 200 -14.34 -93.58 -18.75
N TYR IA 201 -15.27 -92.66 -18.50
CA TYR IA 201 -15.35 -91.43 -19.27
C TYR IA 201 -15.57 -90.20 -18.41
N LEU IA 202 -14.99 -89.09 -18.83
CA LEU IA 202 -15.31 -87.75 -18.33
C LEU IA 202 -15.88 -86.93 -19.47
N LEU IA 203 -17.11 -86.45 -19.30
CA LEU IA 203 -17.80 -85.68 -20.32
C LEU IA 203 -17.99 -84.25 -19.87
N GLY IA 204 -17.79 -83.32 -20.79
CA GLY IA 204 -18.03 -81.90 -20.50
C GLY IA 204 -18.81 -81.26 -21.63
N ILE IA 205 -19.60 -80.26 -21.26
CA ILE IA 205 -20.42 -79.52 -22.20
C ILE IA 205 -20.24 -78.03 -21.92
N ASP IA 206 -20.06 -77.25 -22.99
CA ASP IA 206 -19.94 -75.79 -22.88
C ASP IA 206 -20.64 -75.18 -24.08
N THR IA 207 -21.73 -74.45 -23.81
CA THR IA 207 -22.44 -73.69 -24.87
C THR IA 207 -21.48 -72.61 -25.38
N ILE IA 208 -21.55 -72.30 -26.67
CA ILE IA 208 -20.52 -71.45 -27.33
C ILE IA 208 -20.66 -69.94 -27.18
N GLY IA 209 -21.84 -69.33 -27.27
CA GLY IA 209 -21.79 -67.85 -27.22
C GLY IA 209 -22.83 -67.24 -26.33
N VAL IA 210 -22.99 -67.78 -25.13
CA VAL IA 210 -24.00 -67.32 -24.15
C VAL IA 210 -23.98 -65.80 -24.03
N ALA IA 211 -22.80 -65.23 -23.78
CA ALA IA 211 -22.67 -63.76 -23.62
C ALA IA 211 -23.32 -63.04 -24.80
N ASP IA 212 -22.99 -63.44 -26.03
CA ASP IA 212 -23.55 -62.76 -27.23
C ASP IA 212 -25.00 -63.17 -27.46
N PHE IA 213 -25.36 -64.40 -27.13
CA PHE IA 213 -26.77 -64.79 -27.35
C PHE IA 213 -27.62 -63.85 -26.51
N ILE IA 214 -27.30 -63.76 -25.23
CA ILE IA 214 -28.03 -62.90 -24.27
C ILE IA 214 -28.14 -61.47 -24.80
N SER IA 215 -27.05 -60.90 -25.31
CA SER IA 215 -27.09 -59.52 -25.78
C SER IA 215 -28.20 -59.31 -26.81
N LYS IA 216 -28.52 -60.33 -27.60
CA LYS IA 216 -29.53 -60.21 -28.64
C LYS IA 216 -30.90 -60.10 -27.98
N GLY IA 217 -31.45 -58.89 -27.95
CA GLY IA 217 -32.73 -58.68 -27.31
C GLY IA 217 -33.20 -57.26 -27.50
N ARG IA 218 -34.45 -57.02 -27.11
CA ARG IA 218 -35.02 -55.68 -27.18
C ARG IA 218 -35.82 -55.24 -25.97
N LYS IA 219 -36.35 -56.16 -25.15
CA LYS IA 219 -37.44 -55.81 -24.26
C LYS IA 219 -37.29 -56.25 -22.82
N THR IA 220 -36.18 -56.90 -22.44
CA THR IA 220 -35.96 -57.50 -21.12
C THR IA 220 -36.80 -58.76 -21.02
N ARG IA 221 -37.73 -58.91 -21.95
CA ARG IA 221 -38.38 -60.19 -22.16
C ARG IA 221 -37.43 -61.14 -22.86
N ASP IA 222 -36.83 -60.65 -23.95
CA ASP IA 222 -35.86 -61.44 -24.70
C ASP IA 222 -34.69 -61.87 -23.83
N LEU IA 223 -34.22 -60.98 -22.95
CA LEU IA 223 -33.10 -61.34 -22.08
C LEU IA 223 -33.46 -62.51 -21.19
N TRP IA 224 -34.59 -62.41 -20.49
CA TRP IA 224 -34.95 -63.47 -19.56
C TRP IA 224 -35.19 -64.78 -20.28
N ILE IA 225 -35.91 -64.75 -21.40
CA ILE IA 225 -36.19 -65.99 -22.10
C ILE IA 225 -34.96 -66.54 -22.78
N SER IA 226 -33.99 -65.70 -23.15
CA SER IA 226 -32.78 -66.20 -23.77
C SER IA 226 -31.86 -66.84 -22.74
N SER IA 227 -31.76 -66.23 -21.55
CA SER IA 227 -31.02 -66.91 -20.49
C SER IA 227 -31.72 -68.20 -20.08
N TYR IA 228 -33.04 -68.18 -20.05
CA TYR IA 228 -33.76 -69.41 -19.75
C TYR IA 228 -33.58 -70.43 -20.86
N LEU IA 229 -33.38 -69.99 -22.10
CA LEU IA 229 -33.11 -70.93 -23.18
C LEU IA 229 -31.74 -71.55 -23.01
N VAL IA 230 -30.75 -70.73 -22.66
CA VAL IA 230 -29.39 -71.28 -22.47
C VAL IA 230 -29.44 -72.30 -21.35
N SER IA 231 -30.24 -72.04 -20.33
CA SER IA 231 -30.32 -72.98 -19.21
C SER IA 231 -31.10 -74.23 -19.58
N ALA IA 232 -32.30 -74.05 -20.13
CA ALA IA 232 -33.21 -75.18 -20.32
C ALA IA 232 -32.78 -76.08 -21.46
N LEU IA 233 -32.24 -75.52 -22.54
CA LEU IA 233 -31.69 -76.35 -23.60
C LEU IA 233 -30.65 -77.31 -23.04
N LEU IA 234 -29.73 -76.78 -22.25
CA LEU IA 234 -28.71 -77.62 -21.63
C LEU IA 234 -29.32 -78.58 -20.62
N TRP IA 235 -30.40 -78.18 -19.96
CA TRP IA 235 -31.04 -79.06 -19.00
C TRP IA 235 -31.68 -80.25 -19.69
N TYR IA 236 -32.23 -80.04 -20.87
CA TYR IA 236 -32.86 -81.13 -21.62
C TYR IA 236 -31.86 -82.23 -21.91
N VAL IA 237 -30.64 -81.87 -22.34
CA VAL IA 237 -29.68 -82.88 -22.77
C VAL IA 237 -29.20 -83.74 -21.61
N ILE IA 238 -29.42 -83.31 -20.37
CA ILE IA 238 -29.04 -84.15 -19.23
C ILE IA 238 -30.23 -84.68 -18.47
N THR IA 239 -31.45 -84.25 -18.80
CA THR IA 239 -32.61 -85.03 -18.37
C THR IA 239 -32.50 -86.46 -18.87
N TRP IA 240 -31.99 -86.62 -20.09
CA TRP IA 240 -31.68 -87.95 -20.60
C TRP IA 240 -30.70 -88.67 -19.69
N PHE IA 241 -29.62 -87.98 -19.28
CA PHE IA 241 -28.62 -88.61 -18.43
C PHE IA 241 -29.19 -89.00 -17.08
N ILE IA 242 -30.04 -88.15 -16.50
CA ILE IA 242 -30.56 -88.42 -15.17
C ILE IA 242 -31.64 -89.50 -15.21
N GLU IA 243 -32.28 -89.72 -16.36
CA GLU IA 243 -33.18 -90.85 -16.46
C GLU IA 243 -32.50 -92.14 -16.86
N GLU IA 244 -31.34 -92.06 -17.52
CA GLU IA 244 -30.74 -93.28 -18.04
C GLU IA 244 -29.65 -93.80 -17.12
N TYR IA 245 -28.76 -92.93 -16.63
CA TYR IA 245 -27.76 -93.31 -15.65
C TYR IA 245 -28.15 -92.89 -14.24
N GLY IA 246 -29.37 -92.43 -14.04
CA GLY IA 246 -29.81 -91.96 -12.75
C GLY IA 246 -29.18 -90.63 -12.42
N PRO IA 247 -29.51 -90.06 -11.27
CA PRO IA 247 -28.84 -88.84 -10.83
C PRO IA 247 -27.44 -89.16 -10.33
N ASP IA 248 -26.73 -88.14 -9.83
CA ASP IA 248 -25.38 -88.23 -9.29
C ASP IA 248 -24.34 -88.40 -10.38
N VAL IA 249 -24.76 -88.61 -11.63
CA VAL IA 249 -23.81 -88.67 -12.73
C VAL IA 249 -23.25 -87.29 -13.05
N ILE IA 250 -23.90 -86.24 -12.58
CA ILE IA 250 -23.49 -84.87 -12.85
C ILE IA 250 -22.45 -84.45 -11.83
N LEU IA 251 -21.30 -83.98 -12.30
CA LEU IA 251 -20.32 -83.39 -11.40
C LEU IA 251 -20.63 -81.93 -11.16
N PHE IA 252 -20.88 -81.17 -12.22
CA PHE IA 252 -21.18 -79.77 -12.11
C PHE IA 252 -22.31 -79.40 -13.05
N PRO IA 253 -23.32 -78.67 -12.57
CA PRO IA 253 -23.45 -78.30 -11.15
C PRO IA 253 -24.07 -79.44 -10.36
N SER IA 254 -23.73 -79.58 -9.09
CA SER IA 254 -24.38 -80.61 -8.28
C SER IA 254 -25.88 -80.37 -8.27
N LEU IA 255 -26.64 -81.45 -8.39
CA LEU IA 255 -28.10 -81.36 -8.33
C LEU IA 255 -28.60 -81.64 -6.92
N ARG IA 256 -28.01 -80.98 -5.94
CA ARG IA 256 -28.43 -81.14 -4.55
C ARG IA 256 -29.36 -80.00 -4.12
N PHE IA 257 -29.15 -78.81 -4.67
CA PHE IA 257 -30.04 -77.68 -4.48
C PHE IA 257 -30.24 -77.05 -5.85
N ASN IA 258 -31.19 -77.59 -6.62
CA ASN IA 258 -31.50 -77.11 -7.96
C ASN IA 258 -32.95 -76.72 -8.04
N GLN IA 259 -33.21 -75.50 -8.49
CA GLN IA 259 -34.56 -75.10 -8.85
C GLN IA 259 -35.06 -75.80 -10.11
N PHE IA 260 -34.21 -76.57 -10.79
CA PHE IA 260 -34.62 -77.32 -11.96
C PHE IA 260 -34.81 -78.80 -11.66
N TYR IA 261 -33.89 -79.41 -10.91
CA TYR IA 261 -34.03 -80.83 -10.62
C TYR IA 261 -35.21 -81.09 -9.70
N ALA IA 262 -35.44 -80.20 -8.73
CA ALA IA 262 -36.61 -80.33 -7.87
C ALA IA 262 -37.90 -80.24 -8.68
N PHE IA 263 -38.02 -79.23 -9.52
CA PHE IA 263 -39.19 -79.09 -10.38
C PHE IA 263 -39.38 -80.30 -11.26
N TYR IA 264 -38.27 -80.83 -11.81
CA TYR IA 264 -38.36 -81.96 -12.71
C TYR IA 264 -38.82 -83.22 -11.99
N LEU IA 265 -38.20 -83.54 -10.84
CA LEU IA 265 -38.68 -84.65 -10.03
C LEU IA 265 -40.15 -84.49 -9.68
N LEU IA 266 -40.57 -83.27 -9.33
CA LEU IA 266 -41.95 -83.03 -8.96
C LEU IA 266 -42.89 -83.36 -10.11
N GLU IA 267 -42.73 -82.70 -11.24
CA GLU IA 267 -43.60 -82.94 -12.38
C GLU IA 267 -43.33 -84.28 -13.07
N LYS IA 268 -42.31 -85.02 -12.64
CA LYS IA 268 -42.12 -86.38 -13.12
C LYS IA 268 -42.94 -87.36 -12.31
N LEU IA 269 -42.97 -87.18 -10.99
CA LEU IA 269 -43.90 -87.96 -10.19
C LEU IA 269 -45.34 -87.61 -10.54
N ARG IA 270 -45.59 -86.35 -10.87
CA ARG IA 270 -46.92 -85.95 -11.34
C ARG IA 270 -47.37 -86.80 -12.52
N LYS IA 271 -46.44 -87.24 -13.36
CA LYS IA 271 -46.77 -88.18 -14.42
C LYS IA 271 -46.87 -89.61 -13.88
N GLU IA 272 -45.84 -90.06 -13.15
CA GLU IA 272 -45.80 -91.42 -12.62
C GLU IA 272 -47.06 -91.79 -11.85
N GLY IA 273 -47.80 -90.81 -11.35
CA GLY IA 273 -49.05 -91.09 -10.69
C GLY IA 273 -49.02 -90.81 -9.21
N VAL IA 274 -49.65 -89.71 -8.79
CA VAL IA 274 -49.63 -89.27 -7.41
C VAL IA 274 -51.05 -89.04 -6.93
N SER IA 275 -51.19 -88.91 -5.61
CA SER IA 275 -52.37 -88.34 -4.99
C SER IA 275 -51.95 -87.07 -4.27
N GLU IA 276 -52.79 -86.04 -4.35
CA GLU IA 276 -52.41 -84.71 -3.86
C GLU IA 276 -52.24 -84.64 -2.35
N ASP IA 277 -52.37 -85.77 -1.64
CA ASP IA 277 -52.18 -85.79 -0.19
C ASP IA 277 -51.17 -86.84 0.23
N VAL IA 278 -50.33 -87.32 -0.70
CA VAL IA 278 -49.38 -88.39 -0.43
C VAL IA 278 -47.97 -87.89 -0.67
N ILE IA 279 -47.77 -87.12 -1.74
CA ILE IA 279 -46.44 -86.68 -2.13
C ILE IA 279 -46.10 -85.28 -1.65
N ASP IA 280 -47.10 -84.50 -1.22
CA ASP IA 280 -46.83 -83.15 -0.78
C ASP IA 280 -45.82 -83.09 0.35
N GLU IA 281 -45.59 -84.21 1.05
CA GLU IA 281 -44.47 -84.28 1.99
C GLU IA 281 -43.13 -84.00 1.31
N ILE IA 282 -43.07 -84.15 -0.01
CA ILE IA 282 -41.89 -83.74 -0.78
C ILE IA 282 -42.09 -82.38 -1.42
N LYS IA 283 -43.29 -82.10 -1.92
CA LYS IA 283 -43.55 -80.82 -2.58
C LYS IA 283 -43.28 -79.66 -1.63
N GLU IA 284 -43.93 -79.66 -0.47
CA GLU IA 284 -43.73 -78.58 0.49
C GLU IA 284 -42.41 -78.70 1.24
N LEU IA 285 -41.80 -79.88 1.28
CA LEU IA 285 -40.44 -79.99 1.79
C LEU IA 285 -39.46 -79.23 0.91
N ILE IA 286 -39.64 -79.33 -0.41
CA ILE IA 286 -38.84 -78.55 -1.33
C ILE IA 286 -39.21 -77.07 -1.24
N THR IA 287 -40.51 -76.78 -1.20
CA THR IA 287 -41.02 -75.40 -1.27
C THR IA 287 -40.27 -74.43 -0.38
N LYS IA 288 -39.78 -74.86 0.77
CA LYS IA 288 -39.07 -73.96 1.67
C LYS IA 288 -37.56 -73.97 1.45
N TYR IA 289 -36.95 -75.15 1.31
CA TYR IA 289 -35.50 -75.22 1.18
C TYR IA 289 -35.03 -74.79 -0.21
N ILE IA 290 -35.93 -74.80 -1.19
CA ILE IA 290 -35.69 -74.23 -2.51
C ILE IA 290 -36.96 -73.51 -2.91
N PHE IA 291 -36.82 -72.40 -3.64
CA PHE IA 291 -37.92 -71.48 -3.91
C PHE IA 291 -38.47 -70.92 -2.60
N ASN IA 292 -37.59 -70.30 -1.82
CA ASN IA 292 -37.98 -69.77 -0.51
C ASN IA 292 -39.17 -68.83 -0.59
N GLY IA 293 -39.44 -68.22 -1.76
CA GLY IA 293 -40.53 -67.28 -1.90
C GLY IA 293 -41.85 -67.93 -2.28
N ASP IA 294 -42.92 -67.18 -2.07
CA ASP IA 294 -44.27 -67.72 -2.30
C ASP IA 294 -44.54 -67.97 -3.76
N ASP IA 295 -43.93 -67.20 -4.66
CA ASP IA 295 -44.17 -67.38 -6.09
C ASP IA 295 -43.50 -68.67 -6.55
N LEU IA 296 -44.18 -69.79 -6.34
CA LEU IA 296 -43.55 -71.09 -6.39
C LEU IA 296 -43.43 -71.62 -7.81
N PHE IA 297 -42.81 -72.79 -7.92
CA PHE IA 297 -42.75 -73.47 -9.20
C PHE IA 297 -44.08 -74.11 -9.56
N GLU IA 298 -44.88 -74.49 -8.56
CA GLU IA 298 -46.18 -75.10 -8.80
C GLU IA 298 -47.29 -74.05 -8.89
N ASN IA 299 -46.93 -72.77 -8.94
CA ASN IA 299 -47.89 -71.73 -9.24
C ASN IA 299 -47.64 -71.09 -10.60
N LEU IA 300 -46.47 -71.30 -11.19
CA LEU IA 300 -46.16 -70.83 -12.54
C LEU IA 300 -46.03 -71.96 -13.54
N LYS IA 301 -45.90 -73.20 -13.06
CA LYS IA 301 -45.61 -74.39 -13.85
C LYS IA 301 -44.23 -74.34 -14.50
N ILE IA 302 -43.39 -73.38 -14.14
CA ILE IA 302 -42.00 -73.30 -14.58
C ILE IA 302 -41.15 -72.76 -13.43
N PRO IA 303 -39.92 -73.24 -13.25
CA PRO IA 303 -38.99 -72.58 -12.34
C PRO IA 303 -38.76 -71.14 -12.76
N PRO IA 304 -38.98 -70.18 -11.86
CA PRO IA 304 -39.00 -68.77 -12.28
C PRO IA 304 -37.62 -68.21 -12.59
N TYR IA 305 -36.54 -68.89 -12.20
CA TYR IA 305 -35.19 -68.36 -12.38
C TYR IA 305 -34.36 -69.30 -13.22
N PRO IA 306 -33.79 -68.85 -14.32
CA PRO IA 306 -32.83 -69.70 -15.04
C PRO IA 306 -31.55 -69.81 -14.25
N ILE IA 307 -31.28 -70.99 -13.71
CA ILE IA 307 -30.14 -71.17 -12.82
C ILE IA 307 -29.05 -72.06 -13.42
N ILE IA 308 -29.35 -72.80 -14.47
CA ILE IA 308 -28.38 -73.74 -15.01
C ILE IA 308 -27.29 -72.98 -15.72
N PRO IA 309 -26.02 -73.29 -15.47
CA PRO IA 309 -24.93 -72.62 -16.20
C PRO IA 309 -24.91 -73.03 -17.66
N GLY IA 310 -23.95 -72.51 -18.41
CA GLY IA 310 -23.82 -72.91 -19.80
C GLY IA 310 -22.71 -73.93 -19.94
N ARG IA 311 -22.08 -74.25 -18.82
CA ARG IA 311 -21.04 -75.27 -18.79
C ARG IA 311 -21.41 -76.30 -17.73
N ILE IA 312 -21.56 -77.54 -18.14
CA ILE IA 312 -21.82 -78.65 -17.24
C ILE IA 312 -20.95 -79.81 -17.65
N THR IA 313 -20.28 -80.42 -16.69
CA THR IA 313 -19.44 -81.59 -16.95
C THR IA 313 -19.98 -82.79 -16.21
N LEU IA 314 -19.64 -83.98 -16.73
CA LEU IA 314 -20.21 -85.22 -16.25
C LEU IA 314 -19.11 -86.27 -16.18
N ILE IA 315 -19.28 -87.22 -15.28
CA ILE IA 315 -18.47 -88.43 -15.22
C ILE IA 315 -19.33 -89.59 -15.68
N LEU IA 316 -18.77 -90.48 -16.48
CA LEU IA 316 -19.62 -91.43 -17.16
C LEU IA 316 -19.12 -92.86 -17.02
N PRO IA 317 -20.04 -93.82 -16.99
CA PRO IA 317 -19.67 -95.23 -17.06
C PRO IA 317 -19.71 -95.76 -18.49
N GLY IA 318 -18.75 -96.65 -18.78
CA GLY IA 318 -18.59 -97.19 -20.12
C GLY IA 318 -19.76 -98.02 -20.62
N LEU IA 319 -20.71 -98.36 -19.76
CA LEU IA 319 -21.87 -99.14 -20.19
C LEU IA 319 -23.01 -98.24 -20.60
N ILE IA 320 -23.85 -98.75 -21.50
CA ILE IA 320 -24.97 -98.00 -22.09
C ILE IA 320 -26.12 -98.97 -22.27
N ARG IA 321 -27.34 -98.51 -22.00
CA ARG IA 321 -28.53 -99.32 -22.23
C ARG IA 321 -29.34 -98.77 -23.39
N GLU IA 322 -29.77 -99.68 -24.27
CA GLU IA 322 -30.82 -99.41 -25.25
C GLU IA 322 -32.09 -100.17 -24.92
N GLY IA 323 -32.38 -100.30 -23.62
CA GLY IA 323 -33.53 -101.03 -23.14
C GLY IA 323 -33.17 -102.23 -22.30
N GLU IA 324 -33.40 -102.12 -20.99
CA GLU IA 324 -33.38 -103.21 -20.02
C GLU IA 324 -32.00 -103.85 -19.84
N GLU IA 325 -31.00 -103.46 -20.63
CA GLU IA 325 -29.73 -104.16 -20.56
C GLU IA 325 -28.62 -103.25 -21.06
N TYR IA 326 -27.43 -103.40 -20.47
CA TYR IA 326 -26.29 -102.55 -20.75
C TYR IA 326 -25.36 -103.23 -21.75
N LYS IA 327 -24.64 -102.42 -22.52
CA LYS IA 327 -23.62 -102.92 -23.44
C LYS IA 327 -22.65 -101.80 -23.74
N LYS IA 328 -21.36 -102.07 -23.53
CA LYS IA 328 -20.33 -101.07 -23.64
C LYS IA 328 -19.72 -101.10 -25.04
N VAL IA 329 -19.12 -99.98 -25.44
CA VAL IA 329 -18.49 -99.86 -26.74
C VAL IA 329 -17.32 -98.88 -26.61
N GLN IA 330 -16.25 -99.16 -27.34
CA GLN IA 330 -14.98 -98.46 -27.14
C GLN IA 330 -14.88 -97.15 -27.90
N ASP IA 331 -15.71 -96.94 -28.91
CA ASP IA 331 -15.62 -95.73 -29.73
C ASP IA 331 -15.74 -94.47 -28.87
N ASP IA 332 -14.77 -93.57 -29.02
CA ASP IA 332 -14.83 -92.29 -28.33
C ASP IA 332 -15.90 -91.37 -28.89
N ASN IA 333 -16.62 -91.79 -29.91
CA ASN IA 333 -17.80 -91.08 -30.39
C ASN IA 333 -19.07 -91.50 -29.64
N CYS IA 334 -18.92 -92.22 -28.54
CA CYS IA 334 -20.08 -92.83 -27.89
C CYS IA 334 -21.04 -91.78 -27.35
N PHE IA 335 -20.52 -90.76 -26.67
CA PHE IA 335 -21.38 -89.80 -25.98
C PHE IA 335 -21.45 -88.45 -26.64
N ILE IA 336 -20.39 -88.02 -27.35
CA ILE IA 336 -20.41 -86.70 -27.96
C ILE IA 336 -21.57 -86.58 -28.93
N SER IA 337 -21.77 -87.58 -29.77
CA SER IA 337 -22.81 -87.52 -30.78
C SER IA 337 -24.18 -87.57 -30.15
N LYS IA 338 -24.35 -88.37 -29.09
CA LYS IA 338 -25.63 -88.41 -28.40
C LYS IA 338 -25.96 -87.07 -27.78
N VAL IA 339 -24.98 -86.42 -27.15
CA VAL IA 339 -25.21 -85.12 -26.54
C VAL IA 339 -25.60 -84.11 -27.61
N LYS IA 340 -24.88 -84.10 -28.73
CA LYS IA 340 -25.19 -83.13 -29.78
C LYS IA 340 -26.57 -83.37 -30.37
N GLU IA 341 -26.92 -84.63 -30.65
CA GLU IA 341 -28.20 -84.89 -31.27
C GLU IA 341 -29.35 -84.61 -30.31
N ARG IA 342 -29.18 -84.90 -29.02
CA ARG IA 342 -30.21 -84.58 -28.06
C ARG IA 342 -30.37 -83.07 -27.91
N TYR IA 343 -29.26 -82.33 -27.98
CA TYR IA 343 -29.33 -80.88 -27.89
C TYR IA 343 -30.08 -80.30 -29.08
N ASN IA 344 -29.87 -80.85 -30.28
CA ASN IA 344 -30.63 -80.37 -31.44
C ASN IA 344 -32.08 -80.82 -31.36
N GLU IA 345 -32.32 -82.03 -30.86
CA GLU IA 345 -33.67 -82.56 -30.74
C GLU IA 345 -34.51 -81.73 -29.79
N GLY IA 346 -33.88 -81.17 -28.75
CA GLY IA 346 -34.61 -80.27 -27.87
C GLY IA 346 -35.13 -79.04 -28.59
N TRP IA 347 -34.28 -78.42 -29.42
CA TRP IA 347 -34.71 -77.26 -30.17
C TRP IA 347 -35.81 -77.63 -31.16
N ARG IA 348 -35.66 -78.79 -31.81
CA ARG IA 348 -36.73 -79.27 -32.69
C ARG IA 348 -38.05 -79.40 -31.93
N LYS IA 349 -38.01 -80.04 -30.77
CA LYS IA 349 -39.22 -80.23 -29.97
C LYS IA 349 -39.84 -78.88 -29.61
N LEU IA 350 -39.02 -77.92 -29.20
CA LEU IA 350 -39.59 -76.65 -28.77
C LEU IA 350 -40.14 -75.85 -29.95
N ILE IA 351 -39.51 -75.93 -31.12
CA ILE IA 351 -40.09 -75.19 -32.24
C ILE IA 351 -41.37 -75.86 -32.72
N GLU IA 352 -41.44 -77.19 -32.67
CA GLU IA 352 -42.69 -77.85 -33.06
C GLU IA 352 -43.79 -77.55 -32.05
N GLY IA 353 -43.44 -77.43 -30.77
CA GLY IA 353 -44.44 -77.04 -29.78
C GLY IA 353 -44.89 -75.60 -29.97
N LEU IA 354 -43.97 -74.72 -30.36
CA LEU IA 354 -44.35 -73.36 -30.69
C LEU IA 354 -45.30 -73.35 -31.87
N ARG IA 355 -45.03 -74.18 -32.88
CA ARG IA 355 -45.93 -74.29 -34.02
C ARG IA 355 -47.32 -74.73 -33.58
N CYS IA 356 -47.37 -75.76 -32.74
CA CYS IA 356 -48.65 -76.27 -32.26
C CYS IA 356 -49.42 -75.18 -31.51
N TYR IA 357 -48.75 -74.53 -30.55
CA TYR IA 357 -49.44 -73.53 -29.74
C TYR IA 357 -49.87 -72.33 -30.58
N SER IA 358 -49.07 -71.95 -31.56
CA SER IA 358 -49.45 -70.86 -32.45
C SER IA 358 -50.62 -71.25 -33.34
N GLU IA 359 -50.70 -72.52 -33.73
CA GLU IA 359 -51.86 -72.98 -34.49
C GLU IA 359 -53.11 -72.96 -33.62
N ARG IA 360 -52.96 -73.31 -32.33
CA ARG IA 360 -54.09 -73.29 -31.42
C ARG IA 360 -54.63 -71.87 -31.27
N LYS IA 361 -53.77 -70.91 -30.95
CA LYS IA 361 -54.18 -69.51 -30.87
C LYS IA 361 -54.08 -68.83 -32.23
N ARG IA 362 -54.65 -69.49 -33.25
CA ARG IA 362 -54.57 -68.98 -34.62
C ARG IA 362 -55.18 -67.59 -34.73
N GLU IA 363 -56.12 -67.25 -33.84
CA GLU IA 363 -56.83 -66.00 -33.89
C GLU IA 363 -56.46 -65.05 -32.77
N ASP IA 364 -55.83 -65.54 -31.70
CA ASP IA 364 -55.62 -64.75 -30.50
C ASP IA 364 -54.56 -63.69 -30.65
N GLY IA 365 -54.09 -63.42 -31.87
CA GLY IA 365 -53.25 -62.26 -32.12
C GLY IA 365 -51.80 -62.45 -31.78
N PHE IA 366 -50.93 -62.02 -32.69
CA PHE IA 366 -49.48 -62.16 -32.60
C PHE IA 366 -49.11 -63.64 -32.71
N TRP IA 367 -50.11 -64.52 -32.71
CA TRP IA 367 -49.89 -65.94 -32.89
C TRP IA 367 -50.30 -66.43 -34.25
N ASN IA 368 -51.25 -65.74 -34.90
CA ASN IA 368 -51.39 -65.89 -36.33
C ASN IA 368 -50.07 -65.62 -37.03
N LEU IA 369 -49.36 -64.59 -36.58
CA LEU IA 369 -48.11 -64.21 -37.22
C LEU IA 369 -47.00 -65.20 -36.88
N VAL IA 370 -46.95 -65.65 -35.63
CA VAL IA 370 -45.98 -66.69 -35.27
C VAL IA 370 -46.23 -67.95 -36.08
N CYS IA 371 -47.50 -68.33 -36.25
CA CYS IA 371 -47.81 -69.47 -37.09
C CYS IA 371 -47.37 -69.22 -38.52
N ARG IA 372 -47.65 -68.02 -39.03
CA ARG IA 372 -47.32 -67.70 -40.41
C ARG IA 372 -45.82 -67.79 -40.66
N VAL IA 373 -45.02 -67.28 -39.73
CA VAL IA 373 -43.57 -67.30 -39.93
C VAL IA 373 -43.01 -68.70 -39.72
N LEU IA 374 -43.46 -69.41 -38.69
CA LEU IA 374 -43.06 -70.80 -38.51
C LEU IA 374 -43.44 -71.65 -39.70
N LYS IA 375 -44.46 -71.24 -40.46
CA LYS IA 375 -44.81 -71.94 -41.69
C LYS IA 375 -43.94 -71.50 -42.86
N LEU IA 376 -43.58 -70.22 -42.90
CA LEU IA 376 -42.78 -69.73 -44.01
C LEU IA 376 -41.34 -70.24 -43.92
N THR IA 377 -40.64 -69.88 -42.85
CA THR IA 377 -39.23 -70.22 -42.69
C THR IA 377 -39.12 -71.39 -41.72
N GLU IA 378 -39.31 -72.59 -42.24
CA GLU IA 378 -39.26 -73.80 -41.44
C GLU IA 378 -37.88 -74.42 -41.40
N ASP IA 379 -37.19 -74.48 -42.53
CA ASP IA 379 -35.88 -75.10 -42.57
C ASP IA 379 -34.80 -74.20 -42.00
N LEU IA 380 -35.07 -72.90 -41.84
CA LEU IA 380 -34.14 -72.07 -41.08
C LEU IA 380 -34.19 -72.42 -39.60
N LEU IA 381 -35.39 -72.52 -39.04
CA LEU IA 381 -35.54 -72.81 -37.63
C LEU IA 381 -35.20 -74.25 -37.28
N GLN IA 382 -34.78 -75.06 -38.25
CA GLN IA 382 -34.34 -76.41 -37.94
C GLN IA 382 -33.06 -76.43 -37.14
N THR IA 383 -32.29 -75.35 -37.12
CA THR IA 383 -31.01 -75.28 -36.44
C THR IA 383 -31.12 -74.39 -35.21
N THR IA 384 -30.48 -74.81 -34.14
CA THR IA 384 -30.62 -74.12 -32.86
C THR IA 384 -29.75 -72.87 -32.83
N PRO IA 385 -30.25 -71.76 -32.28
CA PRO IA 385 -29.45 -70.55 -32.18
C PRO IA 385 -28.31 -70.62 -31.20
N LEU IA 386 -28.09 -71.77 -30.57
CA LEU IA 386 -27.01 -71.94 -29.61
C LEU IA 386 -26.22 -73.19 -29.96
N ASN IA 387 -24.91 -73.06 -30.04
CA ASN IA 387 -24.03 -74.20 -30.26
C ASN IA 387 -23.39 -74.64 -28.96
N ILE IA 388 -22.85 -75.85 -28.96
CA ILE IA 388 -22.21 -76.43 -27.79
C ILE IA 388 -20.89 -77.08 -28.19
N ARG IA 389 -19.89 -76.95 -27.33
CA ARG IA 389 -18.66 -77.71 -27.43
C ARG IA 389 -18.75 -78.89 -26.49
N VAL IA 390 -18.31 -80.06 -26.95
CA VAL IA 390 -18.34 -81.26 -26.14
C VAL IA 390 -17.02 -81.99 -26.31
N LYS IA 391 -16.28 -82.14 -25.23
CA LYS IA 391 -15.02 -82.87 -25.21
C LYS IA 391 -15.15 -84.05 -24.28
N GLN IA 392 -14.19 -84.97 -24.36
CA GLN IA 392 -14.33 -86.25 -23.69
C GLN IA 392 -12.95 -86.87 -23.51
N VAL IA 393 -12.56 -87.12 -22.25
CA VAL IA 393 -11.36 -87.89 -21.97
C VAL IA 393 -11.80 -89.19 -21.32
N SER IA 394 -11.05 -90.25 -21.59
CA SER IA 394 -11.37 -91.59 -21.12
C SER IA 394 -10.33 -92.06 -20.13
N VAL IA 395 -10.55 -93.26 -19.59
CA VAL IA 395 -9.64 -93.87 -18.62
C VAL IA 395 -9.77 -95.38 -18.75
N THR IA 396 -8.65 -96.07 -18.55
CA THR IA 396 -8.56 -97.52 -18.69
C THR IA 396 -8.19 -98.12 -17.33
N GLU IA 397 -8.29 -99.45 -17.24
CA GLU IA 397 -7.82 -100.15 -16.04
C GLU IA 397 -6.36 -99.87 -15.77
N ASP IA 398 -5.56 -99.70 -16.82
CA ASP IA 398 -4.18 -99.31 -16.64
C ASP IA 398 -4.10 -97.96 -15.94
N GLU IA 399 -3.09 -97.82 -15.09
CA GLU IA 399 -2.82 -96.65 -14.24
C GLU IA 399 -3.83 -96.48 -13.11
N ILE IA 400 -4.86 -97.30 -13.04
CA ILE IA 400 -5.75 -97.30 -11.88
C ILE IA 400 -5.81 -98.65 -11.17
N PHE IA 401 -5.55 -99.76 -11.87
CA PHE IA 401 -5.47 -101.06 -11.24
C PHE IA 401 -4.20 -101.76 -11.69
N ASN IA 402 -3.57 -102.50 -10.78
CA ASN IA 402 -2.30 -103.14 -11.07
C ASN IA 402 -2.50 -104.53 -11.67
N ASN IA 403 -3.10 -105.45 -10.90
CA ASN IA 403 -3.54 -106.73 -11.42
C ASN IA 403 -5.04 -106.92 -11.24
N ASN IA 404 -5.54 -106.79 -10.01
CA ASN IA 404 -6.98 -106.73 -9.78
C ASN IA 404 -7.34 -105.73 -8.68
N LYS IA 405 -6.37 -105.02 -8.11
CA LYS IA 405 -6.61 -103.99 -7.11
C LYS IA 405 -5.85 -102.73 -7.51
N LEU IA 406 -5.97 -101.70 -6.69
CA LEU IA 406 -5.39 -100.40 -7.00
C LEU IA 406 -3.87 -100.49 -7.14
N ARG IA 407 -3.31 -99.46 -7.73
CA ARG IA 407 -1.87 -99.23 -7.77
C ARG IA 407 -1.56 -97.86 -7.18
N SER IA 408 -0.27 -97.56 -7.04
CA SER IA 408 0.12 -96.24 -6.61
C SER IA 408 -0.30 -95.20 -7.66
N ASP IA 409 -0.32 -93.94 -7.23
CA ASP IA 409 -0.69 -92.80 -8.07
C ASP IA 409 -2.10 -92.94 -8.62
N SER IA 410 -2.95 -93.77 -8.01
CA SER IA 410 -4.31 -93.91 -8.50
C SER IA 410 -5.17 -92.73 -8.11
N TRP IA 411 -4.84 -92.04 -7.02
CA TRP IA 411 -5.46 -90.77 -6.72
C TRP IA 411 -4.96 -89.64 -7.61
N LYS IA 412 -4.08 -89.95 -8.54
CA LYS IA 412 -3.43 -88.95 -9.38
C LYS IA 412 -3.94 -88.96 -10.81
N ILE IA 413 -4.98 -89.73 -11.09
CA ILE IA 413 -5.54 -89.80 -12.43
C ILE IA 413 -6.78 -88.94 -12.58
N TYR IA 414 -7.62 -88.87 -11.55
CA TYR IA 414 -8.84 -88.08 -11.67
C TYR IA 414 -8.52 -86.62 -11.89
N ASP IA 415 -7.58 -86.07 -11.11
CA ASP IA 415 -7.14 -84.71 -11.39
C ASP IA 415 -6.44 -84.66 -12.74
N ASN IA 416 -5.70 -85.71 -13.08
CA ASN IA 416 -5.03 -85.76 -14.38
C ASN IA 416 -6.04 -85.72 -15.51
N LYS IA 417 -7.07 -86.56 -15.43
CA LYS IA 417 -8.09 -86.57 -16.48
C LYS IA 417 -8.88 -85.27 -16.50
N TYR IA 418 -9.14 -84.70 -15.33
CA TYR IA 418 -9.88 -83.44 -15.27
C TYR IA 418 -9.07 -82.30 -15.87
N ARG IA 419 -7.77 -82.29 -15.65
CA ARG IA 419 -6.91 -81.31 -16.30
C ARG IA 419 -6.85 -81.56 -17.79
N GLN IA 420 -6.89 -82.82 -18.21
CA GLN IA 420 -7.00 -83.12 -19.64
C GLN IA 420 -8.26 -82.50 -20.22
N LEU IA 421 -9.37 -82.64 -19.50
CA LEU IA 421 -10.64 -82.10 -19.97
C LEU IA 421 -10.58 -80.58 -20.05
N VAL IA 422 -10.08 -79.94 -19.00
CA VAL IA 422 -10.00 -78.49 -18.97
C VAL IA 422 -9.06 -77.97 -20.04
N SER IA 423 -7.96 -78.69 -20.29
CA SER IA 423 -7.02 -78.24 -21.29
C SER IA 423 -7.58 -78.41 -22.69
N GLU IA 424 -8.33 -79.48 -22.93
CA GLU IA 424 -8.96 -79.64 -24.24
C GLU IA 424 -10.05 -78.60 -24.45
N PHE IA 425 -10.82 -78.29 -23.40
CA PHE IA 425 -11.82 -77.25 -23.50
C PHE IA 425 -11.19 -75.90 -23.83
N LYS IA 426 -10.14 -75.53 -23.09
CA LYS IA 426 -9.55 -74.22 -23.33
C LYS IA 426 -8.69 -74.21 -24.59
N LYS IA 427 -8.32 -75.38 -25.11
CA LYS IA 427 -7.73 -75.44 -26.43
C LYS IA 427 -8.76 -75.16 -27.50
N SER IA 428 -9.93 -75.79 -27.38
CA SER IA 428 -11.01 -75.50 -28.33
C SER IA 428 -11.41 -74.03 -28.28
N LYS IA 429 -11.47 -73.46 -27.08
CA LYS IA 429 -11.96 -72.10 -26.88
C LYS IA 429 -11.22 -71.09 -27.74
N LEU IA 430 -10.06 -71.47 -28.26
CA LEU IA 430 -9.30 -70.59 -29.15
C LEU IA 430 -10.03 -70.26 -30.44
N VAL IA 431 -11.11 -70.96 -30.75
CA VAL IA 431 -11.89 -70.74 -31.95
C VAL IA 431 -13.32 -70.46 -31.54
N LYS IA 432 -13.86 -69.34 -32.00
CA LYS IA 432 -15.24 -68.96 -31.71
C LYS IA 432 -16.05 -69.02 -32.99
N VAL IA 433 -17.04 -69.91 -33.02
CA VAL IA 433 -17.96 -70.03 -34.14
C VAL IA 433 -19.30 -69.45 -33.70
N THR IA 434 -19.83 -68.56 -34.52
CA THR IA 434 -21.14 -68.00 -34.18
C THR IA 434 -22.23 -68.91 -34.71
N PRO IA 435 -23.35 -69.03 -33.98
CA PRO IA 435 -24.43 -69.92 -34.44
C PRO IA 435 -25.00 -69.50 -35.78
N GLU IA 436 -25.00 -68.22 -36.09
CA GLU IA 436 -25.53 -67.77 -37.37
C GLU IA 436 -24.75 -68.35 -38.54
N SER IA 437 -23.51 -68.77 -38.33
CA SER IA 437 -22.73 -69.38 -39.39
C SER IA 437 -23.20 -70.78 -39.73
N ARG IA 438 -24.15 -71.33 -38.97
CA ARG IA 438 -24.69 -72.64 -39.30
C ARG IA 438 -25.71 -72.60 -40.43
N LEU IA 439 -26.30 -71.43 -40.68
CA LEU IA 439 -27.46 -71.37 -41.55
C LEU IA 439 -27.05 -71.27 -43.01
N LYS IA 440 -27.88 -71.84 -43.88
CA LYS IA 440 -27.66 -71.81 -45.33
C LYS IA 440 -28.44 -70.64 -45.90
N LEU IA 441 -27.85 -69.46 -45.81
CA LEU IA 441 -28.50 -68.22 -46.20
C LEU IA 441 -28.03 -67.69 -47.55
N PHE IA 442 -27.30 -68.50 -48.32
CA PHE IA 442 -26.71 -67.98 -49.55
C PHE IA 442 -27.76 -67.74 -50.62
N GLU IA 443 -28.50 -68.78 -51.00
CA GLU IA 443 -29.51 -68.59 -52.04
C GLU IA 443 -30.66 -67.71 -51.56
N LEU IA 444 -30.91 -67.68 -50.25
CA LEU IA 444 -31.98 -66.84 -49.73
C LEU IA 444 -31.67 -65.37 -49.93
N THR IA 445 -30.41 -64.97 -49.79
CA THR IA 445 -30.03 -63.57 -49.91
C THR IA 445 -29.49 -63.21 -51.28
N LYS IA 446 -29.08 -64.20 -52.09
CA LYS IA 446 -28.63 -63.89 -53.43
C LYS IA 446 -29.80 -63.55 -54.34
N PHE IA 447 -30.97 -64.09 -54.04
CA PHE IA 447 -32.19 -63.82 -54.80
C PHE IA 447 -33.24 -63.26 -53.84
N ASP IA 448 -34.34 -62.77 -54.42
CA ASP IA 448 -35.36 -62.14 -53.60
C ASP IA 448 -36.30 -63.21 -53.04
N LYS IA 449 -35.80 -64.43 -52.91
CA LYS IA 449 -36.56 -65.55 -52.39
C LYS IA 449 -36.54 -65.60 -50.88
N LEU IA 450 -36.33 -64.46 -50.23
CA LEU IA 450 -36.43 -64.36 -48.79
C LEU IA 450 -37.81 -63.86 -48.41
N PRO IA 451 -38.59 -64.61 -47.63
CA PRO IA 451 -39.94 -64.16 -47.28
C PRO IA 451 -39.90 -63.01 -46.28
N GLN IA 452 -40.57 -61.92 -46.62
CA GLN IA 452 -40.56 -60.71 -45.80
C GLN IA 452 -41.98 -60.23 -45.61
N ILE IA 453 -42.46 -60.22 -44.37
CA ILE IA 453 -43.78 -59.74 -44.02
C ILE IA 453 -43.65 -58.29 -43.59
N GLY IA 454 -44.54 -57.45 -44.10
CA GLY IA 454 -44.45 -56.02 -43.86
C GLY IA 454 -43.80 -55.33 -45.05
N GLU IA 455 -42.92 -54.37 -44.78
CA GLU IA 455 -42.19 -53.69 -45.84
C GLU IA 455 -41.35 -54.68 -46.63
N LYS IA 456 -41.73 -54.93 -47.87
CA LYS IA 456 -40.81 -55.58 -48.78
C LYS IA 456 -39.61 -54.67 -48.97
N SER IA 457 -38.46 -55.08 -48.44
CA SER IA 457 -37.27 -54.25 -48.47
C SER IA 457 -36.91 -53.88 -49.90
N LYS IA 458 -36.52 -52.61 -50.08
CA LYS IA 458 -36.02 -52.20 -51.39
C LYS IA 458 -34.62 -52.75 -51.66
N ARG IA 459 -33.86 -53.04 -50.61
CA ARG IA 459 -32.46 -53.43 -50.72
C ARG IA 459 -32.26 -54.93 -50.55
N GLY IA 460 -33.17 -55.74 -51.09
CA GLY IA 460 -33.02 -57.17 -50.99
C GLY IA 460 -33.49 -57.70 -49.67
N TYR IA 461 -32.88 -57.26 -48.58
CA TYR IA 461 -33.31 -57.64 -47.25
C TYR IA 461 -32.79 -56.62 -46.25
N GLU IA 462 -33.42 -56.59 -45.10
CA GLU IA 462 -32.99 -55.76 -43.98
C GLU IA 462 -32.49 -56.64 -42.86
N PHE IA 463 -31.70 -56.06 -41.98
CA PHE IA 463 -31.23 -56.79 -40.82
C PHE IA 463 -32.20 -56.64 -39.65
N CYS IA 464 -32.15 -57.58 -38.74
CA CYS IA 464 -33.01 -57.53 -37.57
C CYS IA 464 -32.45 -56.58 -36.53
N THR IA 465 -33.33 -55.79 -35.92
CA THR IA 465 -32.92 -54.83 -34.91
C THR IA 465 -32.64 -55.47 -33.56
N SER IA 466 -32.76 -56.80 -33.44
CA SER IA 466 -32.50 -57.45 -32.17
C SER IA 466 -31.22 -58.28 -32.16
N CYS IA 467 -30.77 -58.77 -33.31
CA CYS IA 467 -29.43 -59.32 -33.46
C CYS IA 467 -28.49 -58.40 -34.21
N GLY IA 468 -28.99 -57.72 -35.25
CA GLY IA 468 -28.16 -56.95 -36.14
C GLY IA 468 -27.45 -57.76 -37.19
N VAL IA 469 -27.39 -59.09 -37.04
CA VAL IA 469 -26.59 -59.93 -37.92
C VAL IA 469 -27.45 -60.66 -38.94
N LEU IA 470 -28.64 -61.09 -38.57
CA LEU IA 470 -29.43 -61.92 -39.47
C LEU IA 470 -30.41 -61.08 -40.27
N PRO IA 471 -30.85 -61.57 -41.42
CA PRO IA 471 -31.86 -60.84 -42.19
C PRO IA 471 -33.22 -61.00 -41.55
N ALA IA 472 -34.01 -59.93 -41.59
CA ALA IA 472 -35.30 -59.92 -40.93
C ALA IA 472 -36.34 -60.68 -41.74
N VAL IA 473 -37.35 -61.21 -41.04
CA VAL IA 473 -38.50 -61.82 -41.68
C VAL IA 473 -39.77 -61.04 -41.42
N VAL IA 474 -39.82 -60.19 -40.39
CA VAL IA 474 -40.99 -59.39 -40.05
C VAL IA 474 -40.53 -57.95 -39.92
N ILE IA 475 -41.19 -57.05 -40.64
CA ILE IA 475 -40.78 -55.64 -40.72
C ILE IA 475 -42.03 -54.79 -40.49
N MET IA 476 -42.20 -54.31 -39.27
CA MET IA 476 -43.32 -53.44 -38.93
C MET IA 476 -42.93 -51.98 -39.15
N PRO IA 477 -43.77 -51.17 -39.77
CA PRO IA 477 -43.41 -49.77 -40.05
C PRO IA 477 -43.20 -48.97 -38.77
N LYS IA 478 -42.45 -47.88 -38.88
CA LYS IA 478 -42.37 -46.95 -37.75
C LYS IA 478 -43.72 -46.31 -37.50
N GLU IA 479 -44.13 -45.39 -38.38
CA GLU IA 479 -45.49 -44.84 -38.40
C GLU IA 479 -45.67 -43.86 -39.57
N ASP IA 480 -46.77 -43.99 -40.29
CA ASP IA 480 -47.37 -42.88 -41.02
C ASP IA 480 -48.87 -42.79 -40.78
N GLU IA 481 -49.55 -43.93 -40.65
CA GLU IA 481 -50.90 -44.02 -40.14
C GLU IA 481 -51.01 -44.99 -38.97
N LEU IA 482 -50.27 -46.09 -39.00
CA LEU IA 482 -50.14 -47.09 -37.94
C LEU IA 482 -51.42 -47.89 -37.73
N GLU IA 483 -52.42 -47.74 -38.56
CA GLU IA 483 -53.60 -48.58 -38.43
C GLU IA 483 -53.93 -49.35 -39.70
N LYS IA 484 -53.81 -48.72 -40.87
CA LYS IA 484 -53.93 -49.42 -42.14
C LYS IA 484 -52.58 -49.78 -42.74
N LYS IA 485 -51.55 -48.98 -42.48
CA LYS IA 485 -50.24 -49.26 -43.02
C LYS IA 485 -49.65 -50.56 -42.49
N LEU IA 486 -50.20 -51.12 -41.41
CA LEU IA 486 -49.84 -52.46 -40.98
C LEU IA 486 -50.86 -53.49 -41.44
N ILE IA 487 -51.83 -53.09 -42.26
CA ILE IA 487 -52.70 -54.02 -42.96
C ILE IA 487 -52.43 -54.00 -44.46
N ASP IA 488 -52.22 -52.82 -45.03
CA ASP IA 488 -51.82 -52.73 -46.44
C ASP IA 488 -50.53 -53.48 -46.71
N LEU IA 489 -49.77 -53.77 -45.67
CA LEU IA 489 -48.56 -54.58 -45.76
C LEU IA 489 -48.80 -56.05 -45.48
N GLY IA 490 -50.00 -56.40 -45.00
CA GLY IA 490 -50.33 -57.80 -44.80
C GLY IA 490 -49.70 -58.44 -43.60
N ILE IA 491 -49.13 -57.66 -42.69
CA ILE IA 491 -48.65 -58.24 -41.44
C ILE IA 491 -49.81 -58.62 -40.53
N ALA IA 492 -50.96 -58.00 -40.74
CA ALA IA 492 -52.20 -58.37 -40.07
C ALA IA 492 -53.33 -58.26 -41.06
N ARG IA 493 -54.39 -59.05 -40.84
CA ARG IA 493 -55.51 -59.10 -41.77
C ARG IA 493 -56.75 -58.40 -41.26
N ASP IA 494 -56.86 -58.17 -39.95
CA ASP IA 494 -58.06 -57.60 -39.36
C ASP IA 494 -57.68 -56.44 -38.44
N GLU IA 495 -58.68 -55.61 -38.14
CA GLU IA 495 -58.46 -54.44 -37.29
C GLU IA 495 -58.32 -54.81 -35.82
N LYS IA 496 -58.71 -56.02 -35.43
CA LYS IA 496 -58.66 -56.39 -34.02
C LYS IA 496 -57.28 -56.86 -33.59
N ASP IA 497 -56.52 -57.47 -34.50
CA ASP IA 497 -55.18 -57.92 -34.18
C ASP IA 497 -54.14 -56.81 -34.28
N VAL IA 498 -54.55 -55.60 -34.70
CA VAL IA 498 -53.63 -54.47 -34.72
C VAL IA 498 -53.06 -54.24 -33.34
N ARG IA 499 -53.92 -54.11 -32.33
CA ARG IA 499 -53.43 -53.97 -30.96
C ARG IA 499 -52.69 -55.22 -30.51
N SER IA 500 -53.20 -56.39 -30.87
CA SER IA 500 -52.60 -57.65 -30.43
C SER IA 500 -51.15 -57.75 -30.86
N ILE IA 501 -50.82 -57.24 -32.03
CA ILE IA 501 -49.43 -57.28 -32.50
C ILE IA 501 -48.66 -56.05 -32.04
N LYS IA 502 -49.27 -54.87 -32.07
CA LYS IA 502 -48.57 -53.65 -31.65
C LYS IA 502 -48.21 -53.70 -30.17
N ASN IA 503 -48.85 -54.58 -29.40
CA ASN IA 503 -48.46 -54.70 -27.99
C ASN IA 503 -47.17 -55.49 -27.84
N MET IA 504 -47.00 -56.55 -28.63
CA MET IA 504 -45.86 -57.44 -28.48
C MET IA 504 -44.70 -57.05 -29.39
N ILE IA 505 -44.98 -56.56 -30.58
CA ILE IA 505 -43.97 -56.14 -31.54
C ILE IA 505 -44.09 -54.64 -31.71
N SER IA 506 -43.05 -53.92 -31.34
CA SER IA 506 -43.10 -52.47 -31.34
C SER IA 506 -42.93 -51.92 -32.75
N PRO IA 507 -43.32 -50.67 -32.98
CA PRO IA 507 -43.08 -50.05 -34.28
C PRO IA 507 -41.61 -50.04 -34.66
N GLY IA 508 -41.34 -49.90 -35.95
CA GLY IA 508 -39.99 -49.81 -36.46
C GLY IA 508 -39.12 -51.01 -36.17
N GLU IA 509 -39.68 -52.08 -35.63
CA GLU IA 509 -38.92 -53.25 -35.26
C GLU IA 509 -38.85 -54.22 -36.43
N ARG IA 510 -37.69 -54.87 -36.58
CA ARG IA 510 -37.47 -55.86 -37.61
C ARG IA 510 -36.90 -57.11 -36.96
N LEU IA 511 -37.61 -58.22 -37.07
CA LEU IA 511 -37.28 -59.45 -36.36
C LEU IA 511 -36.73 -60.47 -37.35
N CYS IA 512 -35.76 -61.24 -36.89
CA CYS IA 512 -35.29 -62.40 -37.64
C CYS IA 512 -36.09 -63.62 -37.22
N PRO IA 513 -35.92 -64.75 -37.92
CA PRO IA 513 -36.61 -65.98 -37.47
C PRO IA 513 -36.32 -66.30 -36.01
N TRP IA 514 -35.05 -66.26 -35.61
CA TRP IA 514 -34.70 -66.58 -34.23
C TRP IA 514 -35.23 -65.55 -33.25
N CYS IA 515 -35.13 -64.27 -33.60
CA CYS IA 515 -35.66 -63.22 -32.73
C CYS IA 515 -37.15 -63.37 -32.53
N LEU IA 516 -37.88 -63.74 -33.58
CA LEU IA 516 -39.31 -63.93 -33.44
C LEU IA 516 -39.61 -65.17 -32.62
N VAL IA 517 -38.83 -66.24 -32.79
CA VAL IA 517 -39.04 -67.44 -31.99
C VAL IA 517 -38.85 -67.11 -30.51
N LYS IA 518 -37.85 -66.30 -30.20
CA LYS IA 518 -37.62 -65.91 -28.81
C LYS IA 518 -38.75 -65.03 -28.30
N ARG IA 519 -39.11 -63.99 -29.06
CA ARG IA 519 -40.20 -63.12 -28.60
C ARG IA 519 -41.50 -63.89 -28.44
N ALA IA 520 -41.71 -64.93 -29.23
CA ALA IA 520 -42.89 -65.77 -29.07
C ALA IA 520 -42.80 -66.56 -27.77
N LEU IA 521 -41.68 -67.25 -27.55
CA LEU IA 521 -41.47 -67.92 -26.27
C LEU IA 521 -41.61 -66.97 -25.10
N GLY IA 522 -41.45 -65.67 -25.33
CA GLY IA 522 -41.58 -64.68 -24.28
C GLY IA 522 -43.01 -64.24 -24.05
N ALA IA 523 -43.78 -64.16 -25.14
CA ALA IA 523 -45.20 -63.86 -24.99
C ALA IA 523 -45.91 -64.95 -24.19
N GLU IA 524 -45.36 -66.16 -24.20
CA GLU IA 524 -45.91 -67.28 -23.43
C GLU IA 524 -44.74 -68.11 -22.94
N PRO IA 525 -44.29 -67.91 -21.70
CA PRO IA 525 -43.09 -68.59 -21.22
C PRO IA 525 -43.29 -70.04 -20.79
N ARG IA 526 -44.47 -70.62 -20.89
CA ARG IA 526 -44.66 -71.98 -20.40
C ARG IA 526 -44.39 -73.04 -21.46
N LEU IA 527 -44.21 -72.66 -22.72
CA LEU IA 527 -43.86 -73.64 -23.74
C LEU IA 527 -42.54 -74.32 -23.42
N MET IA 528 -41.64 -73.62 -22.75
CA MET IA 528 -40.33 -74.18 -22.41
C MET IA 528 -40.43 -75.47 -21.61
N ARG IA 529 -41.59 -75.76 -21.01
CA ARG IA 529 -41.76 -77.04 -20.33
C ARG IA 529 -41.43 -78.21 -21.24
N ILE IA 530 -41.72 -78.09 -22.54
CA ILE IA 530 -41.32 -79.11 -23.50
C ILE IA 530 -39.84 -79.41 -23.36
N LEU IA 531 -39.03 -78.36 -23.46
CA LEU IA 531 -37.59 -78.46 -23.33
C LEU IA 531 -37.16 -78.72 -21.89
N LEU IA 532 -38.08 -78.57 -20.94
CA LEU IA 532 -37.78 -78.66 -19.52
C LEU IA 532 -38.05 -80.04 -18.95
N LEU IA 533 -39.20 -80.64 -19.30
CA LEU IA 533 -39.54 -81.93 -18.73
C LEU IA 533 -38.64 -83.04 -19.25
N GLY IA 534 -38.04 -82.86 -20.41
CA GLY IA 534 -36.96 -83.72 -20.84
C GLY IA 534 -37.35 -85.14 -21.20
N ASP IA 535 -38.09 -85.31 -22.30
CA ASP IA 535 -38.47 -86.62 -22.81
C ASP IA 535 -39.21 -87.42 -21.74
N LEU IA 536 -40.21 -86.78 -21.14
CA LEU IA 536 -41.05 -87.42 -20.14
C LEU IA 536 -42.52 -87.38 -20.52
N TYR IA 537 -42.98 -86.26 -21.06
CA TYR IA 537 -44.29 -86.15 -21.65
C TYR IA 537 -44.17 -86.15 -23.17
N SER IA 538 -45.30 -85.96 -23.84
CA SER IA 538 -45.30 -85.64 -25.26
C SER IA 538 -45.51 -84.14 -25.43
N VAL IA 539 -44.98 -83.61 -26.53
CA VAL IA 539 -45.16 -82.19 -26.82
C VAL IA 539 -46.64 -81.85 -26.86
N GLU IA 540 -47.46 -82.73 -27.40
CA GLU IA 540 -48.88 -82.45 -27.53
C GLU IA 540 -49.57 -82.50 -26.17
N LYS IA 541 -49.17 -83.41 -25.29
CA LYS IA 541 -49.77 -83.46 -23.98
C LYS IA 541 -49.56 -82.17 -23.21
N ILE IA 542 -48.35 -81.61 -23.29
CA ILE IA 542 -48.08 -80.40 -22.52
C ILE IA 542 -48.69 -79.17 -23.19
N VAL IA 543 -48.67 -79.13 -24.53
CA VAL IA 543 -49.29 -77.97 -25.18
C VAL IA 543 -50.79 -78.00 -24.97
N ASN IA 544 -51.39 -79.19 -24.81
CA ASN IA 544 -52.80 -79.31 -24.49
C ASN IA 544 -53.08 -79.04 -23.03
N GLU IA 545 -52.11 -79.32 -22.15
CA GLU IA 545 -52.27 -79.00 -20.74
C GLU IA 545 -52.30 -77.50 -20.53
N ILE IA 546 -51.38 -76.77 -21.17
CA ILE IA 546 -51.32 -75.32 -20.99
C ILE IA 546 -52.08 -74.57 -22.07
N VAL IA 547 -52.73 -75.25 -23.00
CA VAL IA 547 -53.57 -74.56 -23.97
C VAL IA 547 -54.96 -74.28 -23.43
N SER IA 548 -55.34 -74.93 -22.33
CA SER IA 548 -56.63 -74.69 -21.70
C SER IA 548 -56.57 -73.48 -20.78
N ARG IA 549 -55.69 -73.54 -19.78
CA ARG IA 549 -55.57 -72.47 -18.81
C ARG IA 549 -54.96 -71.24 -19.45
N ASP IA 550 -55.45 -70.07 -19.05
CA ASP IA 550 -54.99 -68.79 -19.56
C ASP IA 550 -54.33 -68.04 -18.41
N VAL IA 551 -53.03 -68.26 -18.23
CA VAL IA 551 -52.28 -67.67 -17.14
C VAL IA 551 -51.38 -66.58 -17.71
N LYS IA 552 -51.82 -65.33 -17.58
CA LYS IA 552 -51.07 -64.19 -18.11
C LYS IA 552 -49.81 -63.99 -17.28
N ILE IA 553 -48.69 -64.51 -17.77
CA ILE IA 553 -47.40 -64.27 -17.13
C ILE IA 553 -46.94 -62.86 -17.46
N GLU IA 554 -46.26 -62.22 -16.53
CA GLU IA 554 -45.77 -60.87 -16.70
C GLU IA 554 -44.26 -60.87 -16.50
N ILE IA 555 -43.56 -60.10 -17.33
CA ILE IA 555 -42.12 -59.98 -17.25
C ILE IA 555 -41.79 -58.49 -17.30
N PRO IA 556 -41.10 -57.95 -16.30
CA PRO IA 556 -40.88 -56.50 -16.27
C PRO IA 556 -40.05 -56.01 -17.44
N SER IA 557 -40.16 -54.73 -17.70
CA SER IA 557 -39.36 -54.06 -18.71
C SER IA 557 -38.26 -53.27 -18.02
N THR IA 558 -37.52 -52.47 -18.80
CA THR IA 558 -36.63 -51.49 -18.20
C THR IA 558 -37.39 -50.25 -17.75
N SER IA 559 -38.52 -49.95 -18.37
CA SER IA 559 -39.36 -48.86 -17.88
C SER IA 559 -40.05 -49.22 -16.58
N ASP IA 560 -40.39 -50.50 -16.40
CA ASP IA 560 -40.95 -50.94 -15.13
C ASP IA 560 -40.01 -50.66 -13.98
N ILE IA 561 -38.75 -51.06 -14.13
CA ILE IA 561 -37.77 -50.86 -13.07
C ILE IA 561 -37.51 -49.37 -12.84
N ALA IA 562 -37.42 -48.59 -13.89
CA ALA IA 562 -37.12 -47.17 -13.73
C ALA IA 562 -38.25 -46.40 -13.08
N SER IA 563 -39.26 -47.11 -12.61
CA SER IA 563 -40.37 -46.50 -11.88
C SER IA 563 -40.72 -47.25 -10.61
N ILE IA 564 -39.87 -48.17 -10.13
CA ILE IA 564 -40.20 -48.98 -8.95
C ILE IA 564 -40.68 -48.11 -7.81
N LYS IA 565 -39.81 -47.22 -7.34
CA LYS IA 565 -40.16 -46.40 -6.19
C LYS IA 565 -41.33 -45.47 -6.47
N THR IA 566 -41.65 -45.22 -7.74
CA THR IA 566 -42.91 -44.58 -8.06
C THR IA 566 -44.07 -45.47 -7.63
N PHE IA 567 -44.12 -46.68 -8.19
CA PHE IA 567 -45.10 -47.67 -7.75
C PHE IA 567 -45.16 -47.77 -6.24
N GLU IA 568 -44.01 -48.04 -5.61
CA GLU IA 568 -43.98 -48.20 -4.16
C GLU IA 568 -44.60 -47.00 -3.46
N GLU IA 569 -44.40 -45.81 -3.99
CA GLU IA 569 -45.01 -44.62 -3.38
C GLU IA 569 -46.52 -44.65 -3.53
N MET IA 570 -47.02 -44.89 -4.74
CA MET IA 570 -48.46 -44.83 -4.99
C MET IA 570 -49.21 -45.84 -4.11
N ILE IA 571 -48.54 -46.91 -3.70
CA ILE IA 571 -49.19 -47.90 -2.85
C ILE IA 571 -49.59 -47.28 -1.52
N GLU IA 572 -48.72 -46.46 -0.93
CA GLU IA 572 -49.09 -45.83 0.33
C GLU IA 572 -50.03 -44.65 0.09
N LYS IA 573 -49.57 -43.64 -0.64
CA LYS IA 573 -50.44 -42.51 -1.00
C LYS IA 573 -51.39 -43.00 -2.08
N LYS IA 574 -52.40 -43.77 -1.64
CA LYS IA 574 -53.22 -44.56 -2.54
C LYS IA 574 -54.06 -43.68 -3.46
N ASN IA 575 -54.97 -42.90 -2.88
CA ASN IA 575 -55.91 -42.11 -3.64
C ASN IA 575 -55.85 -40.62 -3.34
N GLU IA 576 -55.06 -40.21 -2.35
CA GLU IA 576 -54.92 -38.80 -2.03
C GLU IA 576 -54.30 -38.01 -3.16
N ILE IA 577 -53.74 -38.67 -4.16
CA ILE IA 577 -53.07 -38.01 -5.28
C ILE IA 577 -53.54 -38.61 -6.59
N CYS IA 578 -54.54 -39.49 -6.55
CA CYS IA 578 -55.15 -40.09 -7.74
C CYS IA 578 -56.59 -39.57 -7.85
N GLU IA 579 -56.73 -38.39 -8.45
CA GLU IA 579 -58.02 -37.79 -8.77
C GLU IA 579 -58.17 -37.49 -10.25
N ASP IA 580 -57.09 -37.01 -10.88
CA ASP IA 580 -57.04 -36.84 -12.31
C ASP IA 580 -56.74 -38.13 -13.05
N LEU IA 581 -56.32 -39.17 -12.32
CA LEU IA 581 -55.90 -40.43 -12.92
C LEU IA 581 -56.82 -41.58 -12.59
N LYS IA 582 -57.99 -41.32 -11.99
CA LYS IA 582 -58.90 -42.40 -11.65
C LYS IA 582 -59.44 -43.08 -12.89
N GLU IA 583 -59.69 -42.32 -13.95
CA GLU IA 583 -60.24 -42.83 -15.19
C GLU IA 583 -59.17 -43.11 -16.23
N GLU IA 584 -57.91 -43.19 -15.82
CA GLU IA 584 -56.79 -43.49 -16.71
C GLU IA 584 -56.25 -44.90 -16.49
N GLU IA 585 -57.07 -45.79 -15.94
CA GLU IA 585 -56.79 -47.23 -15.78
C GLU IA 585 -55.47 -47.51 -15.06
N VAL IA 586 -54.89 -46.50 -14.43
CA VAL IA 586 -53.72 -46.71 -13.59
C VAL IA 586 -54.10 -46.90 -12.12
N CYS IA 587 -55.27 -46.45 -11.71
CA CYS IA 587 -55.83 -46.72 -10.39
C CYS IA 587 -56.94 -47.77 -10.45
N GLU IA 588 -56.89 -48.66 -11.44
CA GLU IA 588 -57.89 -49.71 -11.59
C GLU IA 588 -57.50 -50.95 -10.77
N LYS IA 589 -58.16 -52.05 -11.05
CA LYS IA 589 -58.18 -53.26 -10.26
C LYS IA 589 -57.33 -54.36 -10.89
N PRO IA 590 -56.84 -55.29 -10.08
CA PRO IA 590 -56.18 -56.48 -10.63
C PRO IA 590 -57.17 -57.38 -11.34
N SER IA 591 -56.75 -57.93 -12.48
CA SER IA 591 -57.73 -58.55 -13.37
C SER IA 591 -58.15 -59.93 -12.92
N GLU IA 592 -57.29 -60.94 -13.09
CA GLU IA 592 -57.63 -62.24 -12.53
C GLU IA 592 -56.52 -62.86 -11.69
N SER IA 593 -55.42 -63.25 -12.36
CA SER IA 593 -54.39 -64.06 -11.72
C SER IA 593 -52.99 -63.75 -12.24
N VAL IA 594 -52.74 -62.52 -12.67
CA VAL IA 594 -51.48 -62.18 -13.34
C VAL IA 594 -50.36 -62.28 -12.31
N LEU IA 595 -49.54 -63.31 -12.41
CA LEU IA 595 -48.47 -63.56 -11.46
C LEU IA 595 -47.16 -63.75 -12.22
N SER IA 596 -46.07 -63.30 -11.62
CA SER IA 596 -44.80 -63.17 -12.32
C SER IA 596 -43.67 -63.75 -11.49
N MET IA 597 -42.56 -64.03 -12.16
CA MET IA 597 -41.33 -64.50 -11.51
C MET IA 597 -40.68 -63.42 -10.66
N TRP IA 598 -41.15 -62.19 -10.75
CA TRP IA 598 -40.54 -61.03 -10.11
C TRP IA 598 -41.19 -60.84 -8.75
N GLN IA 599 -40.48 -61.25 -7.69
CA GLN IA 599 -41.06 -61.33 -6.36
C GLN IA 599 -41.64 -59.99 -5.89
N TRP IA 600 -41.08 -58.88 -6.36
CA TRP IA 600 -41.64 -57.58 -5.99
C TRP IA 600 -43.00 -57.37 -6.61
N PHE IA 601 -43.18 -57.83 -7.85
CA PHE IA 601 -44.48 -57.72 -8.51
C PHE IA 601 -45.55 -58.53 -7.77
N ASN IA 602 -45.15 -59.58 -7.07
CA ASN IA 602 -46.09 -60.53 -6.47
C ASN IA 602 -46.39 -60.24 -5.01
N LYS IA 603 -46.03 -59.06 -4.51
CA LYS IA 603 -46.58 -58.62 -3.24
C LYS IA 603 -46.92 -57.14 -3.29
N ASN IA 604 -47.13 -56.59 -4.48
CA ASN IA 604 -47.57 -55.21 -4.63
C ASN IA 604 -48.60 -55.06 -5.74
N TYR IA 605 -49.08 -56.18 -6.30
CA TYR IA 605 -49.99 -56.12 -7.44
C TYR IA 605 -51.42 -55.86 -7.04
N TYR IA 606 -51.84 -56.38 -5.87
CA TYR IA 606 -53.22 -56.29 -5.42
C TYR IA 606 -53.50 -55.09 -4.55
N ASN IA 607 -52.48 -54.31 -4.18
CA ASN IA 607 -52.68 -53.22 -3.24
C ASN IA 607 -53.58 -52.12 -3.78
N GLY IA 608 -53.69 -51.98 -5.10
CA GLY IA 608 -54.61 -51.01 -5.65
C GLY IA 608 -54.09 -50.27 -6.87
N ILE IA 609 -52.85 -50.56 -7.24
CA ILE IA 609 -52.22 -49.94 -8.40
C ILE IA 609 -51.79 -51.08 -9.33
N ASN IA 610 -52.43 -51.18 -10.49
CA ASN IA 610 -52.13 -52.25 -11.43
C ASN IA 610 -50.69 -52.15 -11.90
N LEU IA 611 -49.94 -53.23 -11.68
CA LEU IA 611 -48.53 -53.28 -12.04
C LEU IA 611 -48.30 -53.80 -13.45
N THR IA 612 -49.34 -54.21 -14.15
CA THR IA 612 -49.19 -54.70 -15.52
C THR IA 612 -49.30 -53.59 -16.55
N ILE IA 613 -49.57 -52.36 -16.13
CA ILE IA 613 -49.48 -51.24 -17.06
C ILE IA 613 -48.01 -50.97 -17.37
N ASP IA 614 -47.76 -50.38 -18.52
CA ASP IA 614 -46.39 -50.17 -18.96
C ASP IA 614 -46.08 -48.69 -18.94
N PRO IA 615 -45.18 -48.23 -18.08
CA PRO IA 615 -45.01 -46.78 -17.87
C PRO IA 615 -44.52 -46.02 -19.07
N GLU IA 616 -44.16 -46.70 -20.17
CA GLU IA 616 -43.68 -45.96 -21.34
C GLU IA 616 -44.76 -45.07 -21.93
N GLU IA 617 -46.02 -45.27 -21.54
CA GLU IA 617 -47.12 -44.45 -22.01
C GLU IA 617 -47.61 -43.45 -20.98
N TYR IA 618 -47.37 -43.69 -19.70
CA TYR IA 618 -47.98 -42.90 -18.64
C TYR IA 618 -47.09 -41.76 -18.17
N TRP IA 619 -45.93 -42.08 -17.61
CA TRP IA 619 -44.98 -41.04 -17.24
C TRP IA 619 -43.67 -41.10 -18.01
N PHE IA 620 -43.32 -42.25 -18.58
CA PHE IA 620 -42.17 -42.35 -19.48
C PHE IA 620 -42.55 -42.11 -20.92
N SER IA 621 -43.72 -41.51 -21.16
CA SER IA 621 -44.16 -41.17 -22.51
C SER IA 621 -43.58 -39.83 -22.93
N GLU IA 622 -43.98 -39.35 -24.10
CA GLU IA 622 -43.65 -38.02 -24.56
C GLU IA 622 -44.88 -37.16 -24.82
N LYS IA 623 -46.07 -37.74 -24.83
CA LYS IA 623 -47.32 -36.97 -24.89
C LYS IA 623 -48.00 -36.89 -23.53
N ARG IA 624 -48.19 -38.02 -22.86
CA ARG IA 624 -48.79 -38.06 -21.53
C ARG IA 624 -47.77 -37.79 -20.43
N ARG IA 625 -46.60 -37.24 -20.77
CA ARG IA 625 -45.57 -36.99 -19.78
C ARG IA 625 -45.78 -35.64 -19.10
N ARG IA 626 -45.98 -34.59 -19.90
CA ARG IA 626 -46.26 -33.26 -19.39
C ARG IA 626 -47.54 -33.24 -18.57
N TYR IA 627 -48.33 -34.31 -18.64
CA TYR IA 627 -49.56 -34.43 -17.89
C TYR IA 627 -49.35 -35.12 -16.55
N TYR IA 628 -48.72 -36.30 -16.55
CA TYR IA 628 -48.48 -37.01 -15.30
C TYR IA 628 -47.53 -36.22 -14.41
N PHE IA 629 -46.50 -35.61 -15.00
CA PHE IA 629 -45.60 -34.80 -14.20
C PHE IA 629 -46.32 -33.57 -13.66
N SER IA 630 -47.20 -32.97 -14.45
CA SER IA 630 -47.97 -31.83 -13.98
C SER IA 630 -48.94 -32.22 -12.87
N VAL IA 631 -49.41 -33.47 -12.89
CA VAL IA 631 -50.25 -33.96 -11.81
C VAL IA 631 -49.41 -34.20 -10.56
N PHE IA 632 -48.19 -34.65 -10.75
CA PHE IA 632 -47.33 -34.97 -9.61
C PHE IA 632 -46.72 -33.73 -8.99
N ARG IA 633 -46.61 -32.63 -9.73
CA ARG IA 633 -46.12 -31.38 -9.14
C ARG IA 633 -47.06 -30.89 -8.06
N ARG IA 634 -48.35 -30.78 -8.39
CA ARG IA 634 -49.36 -30.36 -7.42
C ARG IA 634 -49.59 -31.40 -6.33
N HIS IA 635 -49.09 -32.62 -6.52
CA HIS IA 635 -49.20 -33.65 -5.50
C HIS IA 635 -47.88 -33.95 -4.83
N ARG IA 636 -46.80 -33.27 -5.25
CA ARG IA 636 -45.53 -33.26 -4.53
C ARG IA 636 -44.99 -34.66 -4.28
N ILE IA 637 -44.89 -35.44 -5.35
CA ILE IA 637 -44.33 -36.79 -5.26
C ILE IA 637 -43.17 -36.90 -6.25
N THR IA 638 -42.31 -37.88 -5.98
CA THR IA 638 -41.04 -37.97 -6.68
C THR IA 638 -41.24 -38.26 -8.16
N PHE IA 639 -40.55 -37.49 -8.99
CA PHE IA 639 -40.68 -37.85 -10.39
C PHE IA 639 -39.80 -39.05 -10.69
N PRO IA 640 -40.30 -40.04 -11.42
CA PRO IA 640 -39.51 -41.24 -11.66
C PRO IA 640 -38.24 -40.92 -12.44
N SER IA 641 -37.17 -41.63 -12.11
CA SER IA 641 -35.94 -41.38 -12.85
C SER IA 641 -35.81 -42.41 -13.96
N PRO IA 642 -35.48 -42.01 -15.15
CA PRO IA 642 -35.42 -42.93 -16.30
C PRO IA 642 -34.18 -43.79 -16.30
N TYR IA 643 -33.87 -44.39 -15.16
CA TYR IA 643 -32.61 -45.11 -15.03
C TYR IA 643 -32.79 -46.32 -14.13
N TYR IA 644 -32.37 -47.47 -14.62
CA TYR IA 644 -32.24 -48.68 -13.85
C TYR IA 644 -30.76 -48.98 -13.66
N ALA IA 645 -30.46 -50.11 -13.06
CA ALA IA 645 -29.07 -50.50 -12.83
C ALA IA 645 -28.91 -51.96 -13.21
N LEU IA 646 -28.31 -52.21 -14.37
CA LEU IA 646 -27.94 -53.57 -14.73
C LEU IA 646 -26.75 -54.00 -13.90
N VAL IA 647 -26.90 -55.09 -13.15
CA VAL IA 647 -25.88 -55.53 -12.22
C VAL IA 647 -25.45 -56.92 -12.62
N ARG IA 648 -24.17 -57.08 -12.93
CA ARG IA 648 -23.59 -58.37 -13.27
C ARG IA 648 -22.52 -58.70 -12.24
N ALA IA 649 -22.46 -59.97 -11.85
CA ALA IA 649 -21.44 -60.45 -10.92
C ALA IA 649 -20.77 -61.66 -11.51
N ASP IA 650 -19.43 -61.66 -11.50
CA ASP IA 650 -18.65 -62.79 -11.94
C ASP IA 650 -17.67 -63.15 -10.83
N SER IA 651 -17.54 -64.44 -10.55
CA SER IA 651 -16.54 -64.89 -9.60
C SER IA 651 -15.14 -64.66 -10.17
N ASP IA 652 -14.13 -64.97 -9.37
CA ASP IA 652 -12.74 -64.75 -9.74
C ASP IA 652 -11.99 -66.06 -9.65
N TYR IA 653 -11.41 -66.49 -10.77
CA TYR IA 653 -10.56 -67.67 -10.83
C TYR IA 653 -11.30 -68.93 -10.39
N LEU IA 654 -12.56 -69.06 -10.80
CA LEU IA 654 -13.33 -70.25 -10.42
C LEU IA 654 -12.79 -71.49 -11.09
N GLY IA 655 -12.36 -71.36 -12.35
CA GLY IA 655 -11.85 -72.50 -13.10
C GLY IA 655 -10.70 -73.19 -12.40
N ASP IA 656 -9.58 -72.47 -12.25
CA ASP IA 656 -8.43 -73.06 -11.58
C ASP IA 656 -8.65 -73.25 -10.09
N LEU IA 657 -9.69 -72.65 -9.52
CA LEU IA 657 -10.13 -73.06 -8.19
C LEU IA 657 -10.59 -74.51 -8.22
N LEU IA 658 -11.49 -74.83 -9.15
CA LEU IA 658 -11.90 -76.22 -9.32
C LEU IA 658 -10.76 -77.10 -9.82
N GLU IA 659 -9.72 -76.52 -10.41
CA GLU IA 659 -8.59 -77.31 -10.89
C GLU IA 659 -7.43 -77.34 -9.91
N GLY IA 660 -7.57 -76.70 -8.74
CA GLY IA 660 -6.62 -76.85 -7.67
C GLY IA 660 -5.60 -75.74 -7.54
N LYS IA 661 -5.52 -74.83 -8.51
CA LYS IA 661 -4.58 -73.73 -8.40
C LYS IA 661 -4.96 -72.80 -7.27
N LEU IA 662 -3.96 -72.29 -6.56
CA LEU IA 662 -4.15 -71.45 -5.40
C LEU IA 662 -4.32 -69.98 -5.76
N THR IA 663 -4.56 -69.67 -7.03
CA THR IA 663 -4.70 -68.29 -7.48
C THR IA 663 -5.90 -67.57 -6.89
N PRO IA 664 -7.10 -68.19 -6.77
CA PRO IA 664 -8.20 -67.48 -6.13
C PRO IA 664 -7.90 -67.09 -4.70
N TYR IA 665 -6.93 -67.73 -4.05
CA TYR IA 665 -6.43 -67.24 -2.77
C TYR IA 665 -5.62 -65.97 -2.98
N LEU IA 666 -4.53 -66.07 -3.72
CA LEU IA 666 -3.63 -64.93 -3.95
C LEU IA 666 -3.98 -64.22 -5.26
N ALA IA 667 -5.22 -63.76 -5.32
CA ALA IA 667 -5.69 -63.04 -6.49
C ALA IA 667 -4.86 -61.79 -6.73
N GLY IA 668 -4.18 -61.74 -7.86
CA GLY IA 668 -3.39 -60.60 -8.24
C GLY IA 668 -1.90 -60.78 -8.09
N ILE IA 669 -1.47 -61.43 -7.00
CA ILE IA 669 -0.04 -61.66 -6.80
C ILE IA 669 0.42 -62.85 -7.63
N ILE IA 670 -0.16 -64.00 -7.38
CA ILE IA 670 -0.02 -65.15 -8.28
C ILE IA 670 -1.14 -65.07 -9.29
N ASP IA 671 -0.91 -65.60 -10.48
CA ASP IA 671 -1.90 -65.55 -11.55
C ASP IA 671 -1.89 -66.89 -12.29
N SER IA 672 -2.69 -66.95 -13.37
CA SER IA 672 -2.76 -68.16 -14.16
C SER IA 672 -1.42 -68.46 -14.83
N GLY IA 673 -0.82 -67.46 -15.47
CA GLY IA 673 0.45 -67.67 -16.13
C GLY IA 673 1.56 -68.10 -15.19
N ASP IA 674 1.52 -67.61 -13.95
CA ASP IA 674 2.48 -68.03 -12.94
C ASP IA 674 2.47 -69.54 -12.74
N TYR IA 675 1.45 -70.24 -13.23
CA TYR IA 675 1.37 -71.69 -13.15
C TYR IA 675 1.99 -72.38 -14.35
N ALA IA 676 2.92 -71.72 -15.04
CA ALA IA 676 3.77 -72.41 -16.00
C ALA IA 676 5.15 -72.71 -15.44
N ASN IA 677 5.57 -71.99 -14.41
CA ASN IA 677 6.83 -72.25 -13.69
C ASN IA 677 6.57 -72.12 -12.20
N ILE IA 678 5.53 -72.80 -11.71
CA ILE IA 678 5.00 -72.55 -10.37
C ILE IA 678 6.05 -72.64 -9.27
N SER IA 679 7.18 -73.28 -9.54
CA SER IA 679 8.27 -73.28 -8.56
C SER IA 679 8.78 -71.87 -8.32
N GLU IA 680 8.64 -70.98 -9.30
CA GLU IA 680 9.18 -69.64 -9.17
C GLU IA 680 8.52 -68.85 -8.05
N LYS IA 681 7.23 -69.09 -7.80
CA LYS IA 681 6.54 -68.47 -6.67
C LYS IA 681 6.57 -69.35 -5.43
N LYS IA 682 7.61 -70.18 -5.30
CA LYS IA 682 7.76 -71.06 -4.15
C LYS IA 682 7.53 -70.34 -2.83
N GLU IA 683 8.13 -69.15 -2.67
CA GLU IA 683 8.01 -68.44 -1.41
C GLU IA 683 6.55 -68.08 -1.12
N GLU IA 684 5.82 -67.66 -2.15
CA GLU IA 684 4.48 -67.18 -1.93
C GLU IA 684 3.44 -68.29 -2.02
N VAL IA 685 3.78 -69.42 -2.64
CA VAL IA 685 2.83 -70.52 -2.68
C VAL IA 685 3.04 -71.46 -1.51
N ASN IA 686 4.30 -71.79 -1.19
CA ASN IA 686 4.56 -72.66 -0.06
C ASN IA 686 4.11 -72.04 1.25
N LYS IA 687 4.09 -70.71 1.31
CA LYS IA 687 3.59 -70.04 2.51
C LYS IA 687 2.12 -70.34 2.75
N LEU IA 688 1.37 -70.72 1.72
CA LEU IA 688 -0.08 -70.82 1.84
C LEU IA 688 -0.55 -72.22 2.19
N LEU IA 689 -0.32 -73.19 1.31
CA LEU IA 689 -0.78 -74.55 1.58
C LEU IA 689 -0.14 -75.12 2.83
N GLU IA 690 1.04 -74.62 3.19
CA GLU IA 690 1.64 -74.93 4.48
C GLU IA 690 0.62 -74.83 5.59
N GLU IA 691 -0.01 -73.67 5.73
CA GLU IA 691 -1.00 -73.50 6.79
C GLU IA 691 -2.38 -73.98 6.35
N TYR IA 692 -2.54 -74.46 5.12
CA TYR IA 692 -3.82 -75.00 4.71
C TYR IA 692 -3.93 -76.50 4.96
N LEU IA 693 -2.80 -77.20 5.00
CA LEU IA 693 -2.79 -78.63 5.24
C LEU IA 693 -2.94 -78.96 6.72
N VAL IA 694 -1.99 -78.51 7.54
CA VAL IA 694 -2.01 -78.86 8.95
C VAL IA 694 -3.22 -78.28 9.65
N ASN IA 695 -3.61 -77.05 9.32
CA ASN IA 695 -4.78 -76.44 9.94
C ASN IA 695 -6.08 -77.08 9.46
N ALA IA 696 -6.01 -78.11 8.62
CA ALA IA 696 -7.20 -78.82 8.18
C ALA IA 696 -7.44 -80.10 8.96
N GLY IA 697 -6.42 -80.65 9.62
CA GLY IA 697 -6.60 -81.82 10.44
C GLY IA 697 -7.00 -81.49 11.86
N SER IA 698 -7.43 -82.53 12.59
CA SER IA 698 -7.84 -82.38 13.97
C SER IA 698 -7.44 -83.63 14.74
N GLY IA 699 -6.89 -83.44 15.92
CA GLY IA 699 -6.32 -84.52 16.68
C GLY IA 699 -4.80 -84.48 16.68
N SER IA 700 -4.20 -85.62 17.04
CA SER IA 700 -2.75 -85.71 17.04
C SER IA 700 -2.17 -85.59 15.64
N ILE IA 701 -2.98 -85.81 14.61
CA ILE IA 701 -2.52 -85.68 13.24
C ILE IA 701 -1.98 -84.28 12.97
N VAL IA 702 -2.51 -83.28 13.67
CA VAL IA 702 -2.04 -81.91 13.51
C VAL IA 702 -0.56 -81.79 13.83
N ASP IA 703 -0.08 -82.60 14.78
CA ASP IA 703 1.34 -82.66 15.06
C ASP IA 703 2.06 -83.69 14.21
N TYR IA 704 1.34 -84.68 13.69
CA TYR IA 704 1.94 -85.69 12.83
C TYR IA 704 2.48 -85.06 11.55
N VAL IA 705 1.66 -84.25 10.87
CA VAL IA 705 2.07 -83.72 9.59
C VAL IA 705 2.86 -82.41 9.72
N LYS IA 706 2.62 -81.64 10.78
CA LYS IA 706 3.26 -80.33 10.79
C LYS IA 706 4.78 -80.38 10.90
N THR IA 707 5.36 -81.58 10.89
CA THR IA 707 6.79 -81.76 10.78
C THR IA 707 7.25 -82.25 9.42
N VAL IA 708 6.43 -83.05 8.74
CA VAL IA 708 6.79 -83.53 7.41
C VAL IA 708 6.66 -82.40 6.39
N LEU IA 709 5.94 -81.33 6.72
CA LEU IA 709 5.92 -80.17 5.83
C LEU IA 709 7.32 -79.57 5.70
N LYS IA 710 7.51 -78.83 4.59
CA LYS IA 710 8.75 -78.12 4.26
C LYS IA 710 9.98 -78.97 4.57
N CYS IA 711 9.89 -80.25 4.21
CA CYS IA 711 10.90 -81.24 4.57
C CYS IA 711 11.94 -81.45 3.48
N ILE IA 712 12.20 -80.43 2.66
CA ILE IA 712 13.32 -80.45 1.73
C ILE IA 712 14.44 -79.52 2.20
N ARG IA 713 14.07 -78.39 2.80
CA ARG IA 713 15.00 -77.41 3.35
C ARG IA 713 14.98 -77.46 4.87
N GLU IA 714 14.89 -78.66 5.44
CA GLU IA 714 14.83 -78.90 6.86
C GLU IA 714 16.21 -79.15 7.48
N ASN IA 715 17.27 -79.10 6.67
CA ASN IA 715 18.46 -79.93 6.87
C ASN IA 715 18.10 -81.41 6.71
N LEU IA 716 16.91 -81.66 6.18
CA LEU IA 716 16.38 -82.98 5.90
C LEU IA 716 15.69 -82.88 4.54
N ASN IA 717 15.90 -83.88 3.69
CA ASN IA 717 15.43 -83.83 2.32
C ASN IA 717 14.29 -84.81 2.13
N LYS IA 718 13.83 -84.92 0.88
CA LYS IA 718 12.72 -85.80 0.56
C LYS IA 718 13.14 -87.26 0.73
N CYS IA 719 12.22 -88.07 1.25
CA CYS IA 719 12.34 -89.51 1.46
C CYS IA 719 13.49 -89.83 2.40
N SER IA 720 14.22 -88.79 2.84
CA SER IA 720 15.22 -88.91 3.89
C SER IA 720 14.62 -88.65 5.25
N CYS IA 721 13.71 -87.68 5.34
CA CYS IA 721 12.92 -87.44 6.53
C CYS IA 721 11.86 -88.46 6.71
N ALA IA 722 11.86 -89.52 5.91
CA ALA IA 722 10.80 -90.52 5.94
C ALA IA 722 10.66 -91.10 7.34
N GLU IA 723 11.68 -91.82 7.80
CA GLU IA 723 11.75 -92.22 9.20
C GLU IA 723 12.73 -91.33 9.97
N LYS IA 724 12.45 -90.02 9.89
CA LYS IA 724 13.01 -89.03 10.80
C LYS IA 724 11.96 -88.43 11.72
N ILE IA 725 10.69 -88.52 11.34
CA ILE IA 725 9.56 -88.20 12.20
C ILE IA 725 8.81 -89.46 12.60
N TYR IA 726 9.36 -90.64 12.27
CA TYR IA 726 8.68 -91.91 12.43
C TYR IA 726 8.05 -92.07 13.82
N SER IA 727 8.63 -91.41 14.83
CA SER IA 727 8.16 -91.56 16.21
C SER IA 727 6.66 -91.41 16.32
N ASN IA 728 6.14 -90.22 15.96
CA ASN IA 728 4.72 -89.95 16.10
C ASN IA 728 3.85 -91.00 15.42
N GLU IA 729 4.39 -91.68 14.40
CA GLU IA 729 3.68 -92.82 13.81
C GLU IA 729 3.84 -94.07 14.67
N VAL IA 730 5.08 -94.50 14.89
CA VAL IA 730 5.30 -95.73 15.64
C VAL IA 730 4.87 -95.58 17.09
N ALA IA 731 4.98 -94.37 17.65
CA ALA IA 731 4.51 -94.15 19.00
C ALA IA 731 2.99 -94.12 19.11
N LYS IA 732 2.28 -94.29 17.99
CA LYS IA 732 0.83 -94.37 18.03
C LYS IA 732 0.28 -95.70 17.56
N VAL IA 733 1.00 -96.41 16.69
CA VAL IA 733 0.52 -97.73 16.26
C VAL IA 733 0.45 -98.68 17.45
N MET IA 734 1.27 -98.45 18.47
CA MET IA 734 1.12 -99.19 19.73
C MET IA 734 0.31 -98.40 20.76
N PHE IA 735 -0.85 -97.93 20.34
CA PHE IA 735 -1.82 -97.27 21.21
C PHE IA 735 -3.17 -97.96 21.22
N ARG IA 736 -3.69 -98.33 20.04
CA ARG IA 736 -4.91 -99.10 19.92
C ARG IA 736 -4.71 -100.03 18.73
N VAL IA 737 -4.51 -101.32 19.00
CA VAL IA 737 -4.13 -102.29 17.99
C VAL IA 737 -5.32 -103.16 17.63
N ASN IA 738 -5.72 -103.12 16.36
CA ASN IA 738 -6.66 -104.11 15.82
C ASN IA 738 -6.29 -104.64 14.45
N VAL IA 739 -5.39 -103.99 13.70
CA VAL IA 739 -5.06 -104.37 12.33
C VAL IA 739 -3.87 -105.31 12.36
N GLU IA 740 -3.83 -106.26 11.41
CA GLU IA 740 -2.86 -107.35 11.48
C GLU IA 740 -1.43 -106.84 11.46
N LYS IA 741 -1.14 -105.84 10.66
CA LYS IA 741 0.24 -105.37 10.48
C LYS IA 741 0.41 -104.01 11.14
N ALA IA 742 1.13 -104.00 12.25
CA ALA IA 742 1.62 -102.76 12.85
C ALA IA 742 2.88 -102.25 12.18
N ASN IA 743 3.46 -103.05 11.28
CA ASN IA 743 4.64 -102.67 10.51
C ASN IA 743 4.22 -101.75 9.37
N VAL IA 744 4.82 -100.57 9.30
CA VAL IA 744 4.42 -99.63 8.27
C VAL IA 744 5.07 -99.95 6.91
N GLU IA 745 6.36 -99.67 6.77
CA GLU IA 745 7.14 -99.89 5.55
C GLU IA 745 6.66 -99.11 4.34
N GLU IA 746 5.45 -98.54 4.39
CA GLU IA 746 4.96 -97.73 3.28
C GLU IA 746 4.13 -96.52 3.67
N GLU IA 747 3.66 -96.42 4.91
CA GLU IA 747 2.60 -95.46 5.18
C GLU IA 747 3.13 -94.05 5.36
N VAL IA 748 4.34 -93.89 5.87
CA VAL IA 748 4.90 -92.54 5.96
C VAL IA 748 5.35 -92.07 4.59
N LYS IA 749 5.84 -92.98 3.75
CA LYS IA 749 6.43 -92.59 2.47
C LYS IA 749 5.35 -92.08 1.51
N ASN IA 750 4.25 -92.81 1.37
CA ASN IA 750 3.22 -92.40 0.43
C ASN IA 750 2.60 -91.07 0.83
N SER IA 751 2.39 -90.85 2.14
CA SER IA 751 1.82 -89.60 2.59
C SER IA 751 2.77 -88.43 2.35
N LEU IA 752 4.05 -88.61 2.66
CA LEU IA 752 5.00 -87.52 2.49
C LEU IA 752 5.16 -87.18 1.02
N GLU IA 753 5.25 -88.20 0.15
CA GLU IA 753 5.36 -87.89 -1.28
C GLU IA 753 4.05 -87.38 -1.86
N TYR IA 754 2.92 -87.71 -1.24
CA TYR IA 754 1.65 -87.08 -1.57
C TYR IA 754 1.73 -85.57 -1.37
N PHE IA 755 2.11 -85.16 -0.17
CA PHE IA 755 2.26 -83.73 0.09
C PHE IA 755 3.33 -83.12 -0.81
N GLU IA 756 4.40 -83.87 -1.08
CA GLU IA 756 5.43 -83.38 -1.99
C GLU IA 756 4.86 -83.14 -3.39
N THR IA 757 3.98 -84.01 -3.85
CA THR IA 757 3.28 -83.77 -5.10
C THR IA 757 2.49 -82.48 -5.03
N ILE IA 758 1.74 -82.29 -3.95
CA ILE IA 758 0.83 -81.15 -3.91
C ILE IA 758 1.60 -79.85 -3.71
N LEU IA 759 2.85 -79.93 -3.31
CA LEU IA 759 3.52 -78.65 -3.06
C LEU IA 759 4.66 -78.35 -4.02
N ASN IA 760 5.45 -79.35 -4.39
CA ASN IA 760 6.48 -79.16 -5.41
C ASN IA 760 5.86 -78.65 -6.72
N GLU IA 761 4.93 -79.43 -7.26
CA GLU IA 761 4.03 -78.95 -8.30
C GLU IA 761 2.78 -78.39 -7.62
N GLY IA 762 3.00 -77.25 -6.96
CA GLY IA 762 2.07 -76.75 -5.96
C GLY IA 762 0.64 -76.51 -6.39
N ARG IA 763 -0.25 -77.40 -5.96
CA ARG IA 763 -1.69 -77.25 -6.12
C ARG IA 763 -2.37 -77.93 -4.93
N ILE IA 764 -3.68 -77.97 -4.96
CA ILE IA 764 -4.45 -78.90 -4.12
C ILE IA 764 -5.03 -79.95 -5.05
N ILE IA 765 -4.55 -81.19 -4.92
CA ILE IA 765 -4.90 -82.24 -5.87
C ILE IA 765 -6.41 -82.45 -5.84
N VAL IA 766 -7.06 -82.19 -6.96
CA VAL IA 766 -8.52 -82.15 -7.01
C VAL IA 766 -9.05 -83.57 -7.07
N THR IA 767 -10.06 -83.84 -6.26
CA THR IA 767 -10.78 -85.09 -6.21
C THR IA 767 -12.25 -84.84 -6.53
N PRO IA 768 -13.01 -85.90 -6.83
CA PRO IA 768 -14.45 -85.71 -7.00
C PRO IA 768 -15.11 -85.02 -5.82
N ALA IA 769 -14.72 -85.37 -4.59
CA ALA IA 769 -15.36 -84.78 -3.42
C ALA IA 769 -15.13 -83.27 -3.36
N TRP IA 770 -13.93 -82.83 -3.73
CA TRP IA 770 -13.66 -81.41 -3.85
C TRP IA 770 -14.65 -80.75 -4.79
N HIS IA 771 -14.80 -81.31 -5.99
CA HIS IA 771 -15.72 -80.75 -6.98
C HIS IA 771 -17.14 -80.69 -6.46
N VAL IA 772 -17.61 -81.78 -5.84
CA VAL IA 772 -18.98 -81.82 -5.35
C VAL IA 772 -19.18 -80.79 -4.25
N SER IA 773 -18.19 -80.64 -3.38
CA SER IA 773 -18.30 -79.67 -2.30
C SER IA 773 -18.43 -78.25 -2.83
N ILE IA 774 -17.52 -77.86 -3.73
CA ILE IA 774 -17.58 -76.50 -4.25
C ILE IA 774 -18.83 -76.29 -5.09
N SER IA 775 -19.32 -77.32 -5.78
CA SER IA 775 -20.54 -77.16 -6.57
C SER IA 775 -21.76 -77.01 -5.67
N SER IA 776 -21.83 -77.80 -4.60
CA SER IA 776 -22.91 -77.63 -3.63
C SER IA 776 -22.87 -76.24 -3.01
N ALA IA 777 -21.67 -75.75 -2.71
CA ALA IA 777 -21.56 -74.40 -2.19
C ALA IA 777 -22.02 -73.38 -3.23
N LEU IA 778 -21.70 -73.63 -4.50
CA LEU IA 778 -22.17 -72.76 -5.57
C LEU IA 778 -23.70 -72.71 -5.59
N ASN IA 779 -24.35 -73.86 -5.40
CA ASN IA 779 -25.81 -73.88 -5.46
C ASN IA 779 -26.43 -73.22 -4.23
N ARG IA 780 -25.91 -73.50 -3.05
CA ARG IA 780 -26.44 -72.85 -1.85
C ARG IA 780 -26.26 -71.34 -1.92
N GLY IA 781 -25.07 -70.90 -2.34
CA GLY IA 781 -24.84 -69.49 -2.57
C GLY IA 781 -25.74 -68.94 -3.65
N LEU IA 782 -26.07 -69.76 -4.65
CA LEU IA 782 -26.99 -69.34 -5.69
C LEU IA 782 -28.35 -69.00 -5.10
N LEU IA 783 -28.89 -69.90 -4.29
CA LEU IA 783 -30.23 -69.69 -3.76
C LEU IA 783 -30.25 -68.57 -2.75
N VAL IA 784 -29.19 -68.43 -1.94
CA VAL IA 784 -29.17 -67.29 -1.02
C VAL IA 784 -28.96 -65.99 -1.80
N GLU IA 785 -28.30 -66.06 -2.95
CA GLU IA 785 -28.13 -64.89 -3.79
C GLU IA 785 -29.47 -64.46 -4.38
N LEU IA 786 -30.26 -65.42 -4.83
CA LEU IA 786 -31.64 -65.15 -5.21
C LEU IA 786 -32.38 -64.46 -4.09
N GLU IA 787 -32.27 -65.03 -2.89
CA GLU IA 787 -32.94 -64.44 -1.73
C GLU IA 787 -32.51 -62.99 -1.52
N LEU IA 788 -31.22 -62.70 -1.68
CA LEU IA 788 -30.75 -61.33 -1.52
C LEU IA 788 -31.29 -60.42 -2.61
N VAL IA 789 -31.25 -60.86 -3.86
CA VAL IA 789 -31.59 -59.97 -4.96
C VAL IA 789 -33.08 -59.66 -4.97
N ASN IA 790 -33.92 -60.61 -4.55
CA ASN IA 790 -35.33 -60.25 -4.42
C ASN IA 790 -35.66 -59.68 -3.04
N LYS IA 791 -34.74 -59.78 -2.07
CA LYS IA 791 -34.84 -58.95 -0.88
C LYS IA 791 -34.76 -57.48 -1.25
N HIS IA 792 -34.07 -57.16 -2.33
CA HIS IA 792 -34.11 -55.85 -2.94
C HIS IA 792 -35.26 -55.85 -3.95
N LYS IA 793 -35.32 -54.84 -4.81
CA LYS IA 793 -36.32 -54.79 -5.87
C LYS IA 793 -35.79 -55.35 -7.17
N GLY IA 794 -34.92 -56.35 -7.08
CA GLY IA 794 -34.24 -56.86 -8.25
C GLY IA 794 -35.07 -57.84 -9.04
N PHE IA 795 -34.69 -58.00 -10.31
CA PHE IA 795 -35.33 -58.94 -11.22
C PHE IA 795 -34.26 -59.82 -11.82
N VAL IA 796 -34.19 -61.07 -11.37
CA VAL IA 796 -33.11 -61.96 -11.76
C VAL IA 796 -33.25 -62.33 -13.23
N ILE IA 797 -32.35 -61.82 -14.05
CA ILE IA 797 -32.27 -62.26 -15.43
C ILE IA 797 -31.50 -63.58 -15.54
N TYR IA 798 -30.53 -63.81 -14.65
CA TYR IA 798 -29.84 -65.07 -14.54
C TYR IA 798 -29.08 -65.08 -13.22
N ALA IA 799 -28.96 -66.25 -12.61
CA ALA IA 799 -28.21 -66.38 -11.36
C ALA IA 799 -27.65 -67.80 -11.27
N GLY IA 800 -26.39 -67.95 -11.66
CA GLY IA 800 -25.72 -69.22 -11.53
C GLY IA 800 -24.99 -69.40 -10.22
N GLY IA 801 -25.11 -68.43 -9.31
CA GLY IA 801 -24.38 -68.47 -8.07
C GLY IA 801 -22.98 -67.92 -8.23
N ASP IA 802 -22.12 -68.71 -8.89
CA ASP IA 802 -20.82 -68.20 -9.27
C ASP IA 802 -20.93 -66.93 -10.08
N ASP IA 803 -22.02 -66.76 -10.82
CA ASP IA 803 -22.26 -65.58 -11.63
C ASP IA 803 -23.64 -65.03 -11.29
N LEU IA 804 -23.97 -63.91 -11.93
CA LEU IA 804 -25.28 -63.30 -11.76
C LEU IA 804 -25.46 -62.23 -12.82
N LEU IA 805 -26.69 -62.10 -13.29
CA LEU IA 805 -27.10 -60.97 -14.13
C LEU IA 805 -28.50 -60.60 -13.68
N ALA IA 806 -28.63 -59.47 -13.00
CA ALA IA 806 -29.89 -59.00 -12.50
C ALA IA 806 -30.16 -57.61 -13.05
N MET IA 807 -31.25 -57.01 -12.59
CA MET IA 807 -31.60 -55.65 -12.98
C MET IA 807 -32.30 -55.02 -11.78
N LEU IA 808 -31.53 -54.32 -10.97
CA LEU IA 808 -32.01 -53.65 -9.77
C LEU IA 808 -32.28 -52.19 -10.06
N PRO IA 809 -33.01 -51.51 -9.19
CA PRO IA 809 -33.10 -50.05 -9.30
C PRO IA 809 -31.84 -49.40 -8.79
N VAL IA 810 -31.54 -48.22 -9.35
CA VAL IA 810 -30.25 -47.58 -9.12
C VAL IA 810 -29.98 -47.34 -7.64
N ASP IA 811 -31.02 -47.16 -6.84
CA ASP IA 811 -30.86 -46.77 -5.44
C ASP IA 811 -30.64 -47.95 -4.52
N GLU IA 812 -30.53 -49.17 -5.04
CA GLU IA 812 -30.38 -50.35 -4.22
C GLU IA 812 -29.14 -51.17 -4.58
N VAL IA 813 -28.21 -50.59 -5.33
CA VAL IA 813 -27.06 -51.36 -5.79
C VAL IA 813 -26.08 -51.59 -4.66
N LEU IA 814 -25.69 -50.53 -3.96
CA LEU IA 814 -24.60 -50.60 -3.00
C LEU IA 814 -24.89 -51.62 -1.91
N ASP IA 815 -25.97 -51.42 -1.15
CA ASP IA 815 -26.34 -52.40 -0.14
C ASP IA 815 -26.44 -53.79 -0.73
N PHE IA 816 -26.87 -53.89 -1.98
CA PHE IA 816 -26.86 -55.19 -2.64
C PHE IA 816 -25.44 -55.75 -2.73
N ILE IA 817 -24.56 -55.01 -3.40
CA ILE IA 817 -23.18 -55.47 -3.56
C ILE IA 817 -22.57 -55.82 -2.21
N LYS IA 818 -22.61 -54.86 -1.29
CA LYS IA 818 -22.09 -55.11 0.06
C LYS IA 818 -22.68 -56.38 0.63
N GLU IA 819 -24.00 -56.52 0.56
CA GLU IA 819 -24.61 -57.78 1.00
C GLU IA 819 -24.10 -58.93 0.14
N SER IA 820 -24.23 -58.79 -1.18
CA SER IA 820 -23.89 -59.88 -2.08
C SER IA 820 -22.48 -60.38 -1.84
N ARG IA 821 -21.50 -59.47 -1.98
CA ARG IA 821 -20.11 -59.85 -1.77
C ARG IA 821 -19.90 -60.50 -0.42
N ARG IA 822 -20.57 -59.99 0.62
CA ARG IA 822 -20.45 -60.65 1.91
C ARG IA 822 -21.22 -61.96 1.94
N ALA IA 823 -22.45 -61.94 1.40
CA ALA IA 823 -23.25 -63.15 1.37
C ALA IA 823 -22.51 -64.26 0.63
N PHE IA 824 -21.87 -63.93 -0.49
CA PHE IA 824 -21.12 -64.93 -1.24
C PHE IA 824 -20.12 -65.66 -0.37
N ALA IA 825 -19.49 -64.94 0.56
CA ALA IA 825 -18.63 -65.60 1.54
C ALA IA 825 -19.42 -66.10 2.74
N GLY IA 826 -20.53 -65.46 3.03
CA GLY IA 826 -21.35 -65.77 4.18
C GLY IA 826 -21.06 -64.75 5.26
N PHE IA 827 -21.89 -63.71 5.31
CA PHE IA 827 -21.70 -62.61 6.25
C PHE IA 827 -22.89 -61.67 6.19
N GLY IA 828 -23.36 -61.23 7.36
CA GLY IA 828 -24.51 -60.36 7.41
C GLY IA 828 -25.45 -60.77 8.53
N THR IA 829 -26.45 -59.95 8.81
CA THR IA 829 -27.34 -60.16 9.96
C THR IA 829 -28.79 -60.23 9.48
N GLU IA 830 -29.20 -61.42 9.05
CA GLU IA 830 -30.59 -61.78 8.79
C GLU IA 830 -30.65 -63.26 8.45
N LYS IA 831 -31.71 -63.93 8.89
CA LYS IA 831 -32.01 -65.27 8.42
C LYS IA 831 -32.64 -65.14 7.05
N LEU IA 832 -31.89 -65.52 6.00
CA LEU IA 832 -32.19 -64.96 4.69
C LEU IA 832 -33.49 -65.50 4.11
N GLY IA 833 -33.52 -66.75 3.67
CA GLY IA 833 -34.80 -67.30 3.30
C GLY IA 833 -35.38 -68.15 4.40
N ASN IA 834 -34.65 -69.20 4.72
CA ASN IA 834 -34.90 -69.95 5.95
C ASN IA 834 -33.61 -70.51 6.54
N MET IA 835 -32.44 -70.00 6.14
CA MET IA 835 -31.16 -70.55 6.58
C MET IA 835 -30.32 -69.47 7.23
N CYS IA 836 -29.46 -69.89 8.15
CA CYS IA 836 -28.64 -68.96 8.91
C CYS IA 836 -27.47 -68.46 8.05
N LEU IA 837 -26.71 -67.53 8.62
CA LEU IA 837 -25.62 -66.85 7.91
C LEU IA 837 -24.48 -66.63 8.90
N GLU IA 838 -23.55 -67.57 8.92
CA GLU IA 838 -22.42 -67.53 9.84
C GLU IA 838 -21.23 -66.83 9.17
N ASN IA 839 -20.06 -66.98 9.78
CA ASN IA 839 -18.81 -66.47 9.23
C ASN IA 839 -18.16 -67.61 8.45
N GLY IA 840 -18.44 -67.65 7.15
CA GLY IA 840 -17.92 -68.69 6.29
C GLY IA 840 -18.79 -69.92 6.22
N PHE IA 841 -19.99 -69.89 6.81
CA PHE IA 841 -20.87 -71.04 6.82
C PHE IA 841 -22.30 -70.58 6.67
N VAL IA 842 -23.12 -71.47 6.11
CA VAL IA 842 -24.57 -71.30 6.06
C VAL IA 842 -25.18 -72.47 6.81
N ARG IA 843 -26.12 -72.16 7.70
CA ARG IA 843 -26.77 -73.18 8.52
C ARG IA 843 -28.23 -73.26 8.12
N ILE IA 844 -28.64 -74.44 7.63
CA ILE IA 844 -30.05 -74.67 7.29
C ILE IA 844 -30.71 -75.23 8.55
N ASN IA 845 -31.00 -74.31 9.46
CA ASN IA 845 -31.84 -74.47 10.65
C ASN IA 845 -31.23 -75.34 11.73
N ASN IA 846 -30.29 -76.22 11.38
CA ASN IA 846 -29.40 -76.76 12.41
C ASN IA 846 -28.08 -77.24 11.81
N ALA IA 847 -27.95 -77.19 10.49
CA ALA IA 847 -26.88 -77.91 9.80
C ALA IA 847 -25.95 -76.90 9.13
N TYR IA 848 -24.71 -76.85 9.61
CA TYR IA 848 -23.73 -75.91 9.10
C TYR IA 848 -23.21 -76.38 7.75
N TYR IA 849 -23.40 -75.55 6.72
CA TYR IA 849 -22.91 -75.88 5.40
C TYR IA 849 -21.81 -74.91 4.97
N PRO IA 850 -20.79 -75.40 4.30
CA PRO IA 850 -19.66 -74.54 3.91
C PRO IA 850 -20.05 -73.54 2.83
N SER IA 851 -19.19 -72.54 2.67
CA SER IA 851 -19.41 -71.50 1.68
C SER IA 851 -18.10 -71.17 0.98
N LEU IA 852 -18.07 -70.06 0.25
CA LEU IA 852 -16.90 -69.67 -0.51
C LEU IA 852 -16.32 -68.38 0.05
N PRO IA 853 -15.60 -68.43 1.17
CA PRO IA 853 -15.08 -67.19 1.77
C PRO IA 853 -13.84 -66.67 1.06
N ILE IA 854 -12.96 -67.59 0.65
CA ILE IA 854 -11.73 -67.21 -0.03
C ILE IA 854 -12.00 -66.73 -1.44
N VAL IA 855 -13.10 -67.18 -2.04
CA VAL IA 855 -13.34 -66.96 -3.45
C VAL IA 855 -13.67 -65.49 -3.66
N GLY IA 856 -12.74 -64.76 -4.29
CA GLY IA 856 -13.05 -63.41 -4.70
C GLY IA 856 -14.19 -63.40 -5.70
N ARG IA 857 -14.88 -62.26 -5.78
CA ARG IA 857 -16.04 -62.15 -6.65
C ARG IA 857 -16.20 -60.71 -7.09
N SER IA 858 -16.11 -60.48 -8.39
CA SER IA 858 -16.18 -59.14 -8.96
C SER IA 858 -17.62 -58.79 -9.29
N TYR IA 859 -17.84 -57.51 -9.58
CA TYR IA 859 -19.16 -57.01 -9.88
C TYR IA 859 -19.05 -55.93 -10.95
N SER IA 860 -20.19 -55.59 -11.55
CA SER IA 860 -20.24 -54.50 -12.50
C SER IA 860 -21.65 -53.92 -12.50
N VAL IA 861 -21.74 -52.61 -12.59
CA VAL IA 861 -23.00 -51.88 -12.50
C VAL IA 861 -23.02 -50.85 -13.61
N ILE IA 862 -24.08 -50.87 -14.42
CA ILE IA 862 -24.24 -49.90 -15.50
C ILE IA 862 -25.56 -49.16 -15.28
N ILE IA 863 -25.46 -47.86 -15.04
CA ILE IA 863 -26.66 -47.03 -14.93
C ILE IA 863 -27.15 -46.78 -16.35
N ALA IA 864 -28.30 -47.36 -16.70
CA ALA IA 864 -28.79 -47.32 -18.06
C ALA IA 864 -30.16 -46.66 -18.10
N HIS IA 865 -30.37 -45.84 -19.11
CA HIS IA 865 -31.69 -45.34 -19.45
C HIS IA 865 -32.54 -46.49 -19.99
N TYR IA 866 -33.86 -46.38 -19.83
CA TYR IA 866 -34.71 -47.46 -20.27
C TYR IA 866 -34.74 -47.57 -21.79
N ALA IA 867 -34.50 -46.47 -22.48
CA ALA IA 867 -34.57 -46.42 -23.94
C ALA IA 867 -33.26 -46.79 -24.61
N ASP IA 868 -32.18 -46.94 -23.86
CA ASP IA 868 -30.92 -47.37 -24.47
C ASP IA 868 -31.09 -48.77 -25.05
N PRO IA 869 -30.52 -49.03 -26.22
CA PRO IA 869 -30.63 -50.36 -26.80
C PRO IA 869 -29.97 -51.39 -25.90
N LEU IA 870 -30.74 -52.41 -25.53
CA LEU IA 870 -30.27 -53.42 -24.59
C LEU IA 870 -29.05 -54.16 -25.10
N PHE IA 871 -28.84 -54.19 -26.41
CA PHE IA 871 -27.66 -54.83 -26.98
C PHE IA 871 -26.39 -54.23 -26.39
N PHE IA 872 -26.23 -52.91 -26.51
CA PHE IA 872 -25.02 -52.26 -26.03
C PHE IA 872 -24.91 -52.38 -24.52
N VAL IA 873 -26.03 -52.26 -23.81
CA VAL IA 873 -26.01 -52.35 -22.35
C VAL IA 873 -25.47 -53.71 -21.90
N ILE IA 874 -26.03 -54.79 -22.46
CA ILE IA 874 -25.54 -56.12 -22.08
C ILE IA 874 -24.09 -56.30 -22.51
N ASN IA 875 -23.75 -55.82 -23.70
CA ASN IA 875 -22.42 -56.09 -24.23
C ASN IA 875 -21.35 -55.40 -23.40
N ASP IA 876 -21.55 -54.13 -23.04
CA ASP IA 876 -20.53 -53.50 -22.23
C ASP IA 876 -20.66 -53.86 -20.75
N SER IA 877 -21.83 -54.30 -20.29
CA SER IA 877 -21.87 -54.94 -18.98
C SER IA 877 -20.94 -56.13 -18.93
N TYR IA 878 -20.88 -56.89 -20.02
CA TYR IA 878 -19.98 -58.03 -20.07
C TYR IA 878 -18.54 -57.58 -20.25
N ASN IA 879 -18.30 -56.65 -21.17
CA ASN IA 879 -16.94 -56.27 -21.51
C ASN IA 879 -16.26 -55.52 -20.38
N LEU IA 880 -16.97 -54.58 -19.75
CA LEU IA 880 -16.44 -53.87 -18.61
C LEU IA 880 -15.87 -54.83 -17.59
N LEU IA 881 -16.67 -55.80 -17.17
CA LEU IA 881 -16.21 -56.74 -16.16
C LEU IA 881 -15.09 -57.62 -16.69
N GLU IA 882 -15.23 -58.12 -17.92
CA GLU IA 882 -14.25 -59.06 -18.44
C GLU IA 882 -12.87 -58.42 -18.55
N GLU IA 883 -12.81 -57.24 -19.17
CA GLU IA 883 -11.52 -56.58 -19.34
C GLU IA 883 -11.05 -55.86 -18.07
N GLY IA 884 -11.95 -55.53 -17.14
CA GLY IA 884 -11.51 -54.88 -15.92
C GLY IA 884 -11.03 -55.83 -14.86
N LYS IA 885 -11.51 -57.08 -14.88
CA LYS IA 885 -10.91 -58.08 -14.03
C LYS IA 885 -9.48 -58.40 -14.45
N GLU IA 886 -9.06 -57.93 -15.61
CA GLU IA 886 -7.70 -58.12 -16.11
C GLU IA 886 -6.85 -56.86 -15.98
N ILE IA 887 -7.37 -55.73 -16.45
CA ILE IA 887 -6.56 -54.52 -16.54
C ILE IA 887 -6.35 -53.89 -15.18
N ILE IA 888 -7.38 -53.89 -14.33
CA ILE IA 888 -7.31 -53.14 -13.09
C ILE IA 888 -6.38 -53.81 -12.10
N ARG IA 889 -5.43 -53.06 -11.56
CA ARG IA 889 -4.61 -53.48 -10.45
C ARG IA 889 -4.68 -52.42 -9.37
N TYR IA 890 -4.63 -52.85 -8.11
CA TYR IA 890 -4.74 -51.93 -7.00
C TYR IA 890 -3.82 -52.35 -5.87
N ARG IA 891 -3.26 -51.35 -5.18
CA ARG IA 891 -2.36 -51.61 -4.06
C ARG IA 891 -3.07 -52.38 -2.97
N VAL IA 892 -2.59 -53.58 -2.67
CA VAL IA 892 -3.23 -54.49 -1.74
C VAL IA 892 -2.30 -54.72 -0.56
N MET IA 893 -2.88 -54.84 0.62
CA MET IA 893 -2.10 -55.20 1.80
C MET IA 893 -1.74 -56.67 1.75
N TYR IA 894 -0.47 -56.99 2.02
CA TYR IA 894 -0.04 -58.37 2.07
C TYR IA 894 1.20 -58.45 2.95
N ASN IA 895 1.05 -59.01 4.14
CA ASN IA 895 2.14 -59.20 5.10
C ASN IA 895 2.82 -57.89 5.49
N GLY IA 896 2.19 -56.76 5.20
CA GLY IA 896 2.80 -55.48 5.47
C GLY IA 896 3.27 -54.79 4.21
N GLU IA 897 3.89 -55.56 3.31
CA GLU IA 897 4.24 -55.00 2.02
C GLU IA 897 3.01 -54.91 1.14
N TYR IA 898 3.15 -54.22 0.01
CA TYR IA 898 2.00 -53.83 -0.80
C TYR IA 898 2.19 -54.34 -2.23
N LYS IA 899 1.37 -55.29 -2.62
CA LYS IA 899 1.38 -55.89 -3.93
C LYS IA 899 0.34 -55.20 -4.81
N ASP IA 900 0.05 -55.76 -5.98
CA ASP IA 900 -0.97 -55.24 -6.88
C ASP IA 900 -1.98 -56.34 -7.18
N ALA IA 901 -2.99 -56.45 -6.32
CA ALA IA 901 -4.08 -57.38 -6.57
C ALA IA 901 -4.84 -57.00 -7.83
N LYS IA 902 -5.40 -57.99 -8.50
CA LYS IA 902 -6.01 -57.79 -9.82
C LYS IA 902 -7.53 -57.74 -9.76
N LYS IA 903 -8.16 -58.79 -9.26
CA LYS IA 903 -9.61 -58.93 -9.34
C LYS IA 903 -10.25 -58.36 -8.08
N ASP IA 904 -11.53 -58.70 -7.84
CA ASP IA 904 -12.32 -58.18 -6.72
C ASP IA 904 -12.58 -56.69 -6.87
N VAL IA 905 -13.10 -56.31 -8.02
CA VAL IA 905 -13.41 -54.92 -8.31
C VAL IA 905 -14.89 -54.80 -8.64
N ALA IA 906 -15.54 -53.85 -8.00
CA ALA IA 906 -16.93 -53.52 -8.29
C ALA IA 906 -16.90 -52.29 -9.19
N ILE IA 907 -17.02 -52.51 -10.48
CA ILE IA 907 -16.91 -51.43 -11.45
C ILE IA 907 -18.28 -50.78 -11.64
N PHE IA 908 -18.28 -49.45 -11.72
CA PHE IA 908 -19.48 -48.67 -11.96
C PHE IA 908 -19.27 -47.88 -13.24
N ARG IA 909 -20.38 -47.51 -13.89
CA ARG IA 909 -20.27 -46.77 -15.14
C ARG IA 909 -21.55 -45.99 -15.40
N TYR IA 910 -21.40 -44.72 -15.71
CA TYR IA 910 -22.47 -43.88 -16.19
C TYR IA 910 -22.32 -43.71 -17.70
N GLN IA 911 -23.10 -42.79 -18.27
CA GLN IA 911 -23.02 -42.58 -19.71
C GLN IA 911 -21.62 -42.18 -20.15
N GLY IA 912 -20.85 -41.53 -19.29
CA GLY IA 912 -19.49 -41.20 -19.64
C GLY IA 912 -18.48 -41.40 -18.54
N LEU IA 913 -18.94 -41.71 -17.33
CA LEU IA 913 -18.03 -41.91 -16.22
C LEU IA 913 -17.65 -43.38 -16.10
N THR IA 914 -16.87 -43.70 -15.08
CA THR IA 914 -16.52 -45.07 -14.73
C THR IA 914 -15.86 -45.01 -13.36
N SER IA 915 -15.98 -46.10 -12.60
CA SER IA 915 -15.45 -46.12 -11.25
C SER IA 915 -15.10 -47.54 -10.86
N VAL IA 916 -14.12 -47.67 -9.98
CA VAL IA 916 -13.69 -48.97 -9.48
C VAL IA 916 -13.57 -48.89 -7.97
N ILE IA 917 -14.12 -49.88 -7.28
CA ILE IA 917 -14.02 -49.99 -5.84
C ILE IA 917 -13.49 -51.38 -5.54
N PRO IA 918 -12.32 -51.52 -4.94
CA PRO IA 918 -11.88 -52.86 -4.50
C PRO IA 918 -12.83 -53.36 -3.42
N LEU IA 919 -12.85 -54.68 -3.26
CA LEU IA 919 -13.76 -55.29 -2.33
C LEU IA 919 -13.09 -56.03 -1.18
N SER IA 920 -11.79 -56.30 -1.26
CA SER IA 920 -11.12 -57.06 -0.22
C SER IA 920 -9.93 -56.34 0.38
N LEU IA 921 -9.13 -55.66 -0.44
CA LEU IA 921 -7.95 -54.91 0.02
C LEU IA 921 -7.04 -55.77 0.90
N LYS IA 922 -7.05 -57.08 0.67
CA LYS IA 922 -6.29 -58.00 1.49
C LYS IA 922 -6.14 -59.31 0.74
N ARG IA 923 -5.01 -59.97 0.95
CA ARG IA 923 -4.72 -61.23 0.29
C ARG IA 923 -4.03 -62.19 1.26
N PRO IA 924 -4.61 -63.37 1.52
CA PRO IA 924 -5.88 -63.84 0.99
C PRO IA 924 -7.08 -63.08 1.53
N ILE IA 925 -8.26 -63.34 0.96
CA ILE IA 925 -9.44 -62.57 1.32
C ILE IA 925 -9.69 -62.64 2.82
N VAL IA 926 -9.71 -63.85 3.35
CA VAL IA 926 -10.00 -64.07 4.76
C VAL IA 926 -9.09 -65.18 5.27
N SER IA 927 -8.58 -65.03 6.48
CA SER IA 927 -7.97 -66.14 7.20
C SER IA 927 -8.39 -66.18 8.67
N SER IA 928 -9.16 -65.19 9.13
CA SER IA 928 -9.63 -65.14 10.50
C SER IA 928 -11.11 -64.80 10.49
N VAL IA 929 -11.76 -65.05 11.63
CA VAL IA 929 -13.19 -64.75 11.71
C VAL IA 929 -13.42 -63.25 11.65
N SER IA 930 -12.46 -62.45 12.13
CA SER IA 930 -12.62 -61.00 12.10
C SER IA 930 -12.52 -60.47 10.69
N ASP IA 931 -11.69 -61.11 9.85
CA ASP IA 931 -11.42 -60.60 8.50
C ASP IA 931 -12.70 -60.43 7.69
N PHE IA 932 -13.76 -61.17 8.04
CA PHE IA 932 -15.02 -61.04 7.34
C PHE IA 932 -15.55 -59.62 7.38
N ASN IA 933 -15.42 -58.94 8.52
CA ASN IA 933 -15.92 -57.58 8.61
C ASN IA 933 -15.16 -56.62 7.71
N GLU IA 934 -13.99 -57.01 7.22
CA GLU IA 934 -13.25 -56.18 6.28
C GLU IA 934 -13.76 -56.31 4.86
N ILE IA 935 -14.60 -57.31 4.59
CA ILE IA 935 -15.06 -57.58 3.24
C ILE IA 935 -16.02 -56.49 2.80
N ALA IA 936 -15.73 -55.89 1.64
CA ALA IA 936 -16.60 -54.88 1.04
C ALA IA 936 -16.84 -53.72 2.01
N SER IA 937 -15.74 -53.22 2.57
CA SER IA 937 -15.81 -52.12 3.52
C SER IA 937 -15.78 -50.75 2.85
N ILE IA 938 -15.12 -50.63 1.71
CA ILE IA 938 -15.03 -49.34 1.04
C ILE IA 938 -16.39 -48.87 0.57
N ILE IA 939 -17.14 -49.77 -0.08
CA ILE IA 939 -18.50 -49.45 -0.46
C ILE IA 939 -19.34 -49.14 0.78
N ASP IA 940 -19.03 -49.78 1.90
CA ASP IA 940 -19.73 -49.45 3.15
C ASP IA 940 -19.50 -47.99 3.54
N VAL IA 941 -18.26 -47.52 3.37
CA VAL IA 941 -17.98 -46.10 3.54
C VAL IA 941 -18.79 -45.27 2.56
N ILE IA 942 -18.92 -45.75 1.33
CA ILE IA 942 -19.72 -45.02 0.34
C ILE IA 942 -21.17 -44.93 0.80
N LEU IA 943 -21.67 -45.98 1.47
CA LEU IA 943 -23.03 -45.94 2.00
C LEU IA 943 -23.13 -44.91 3.12
N GLU IA 944 -22.23 -44.99 4.09
CA GLU IA 944 -22.28 -44.08 5.23
C GLU IA 944 -21.99 -42.64 4.83
N LEU IA 945 -21.50 -42.40 3.62
CA LEU IA 945 -21.37 -41.05 3.09
C LEU IA 945 -22.57 -40.63 2.27
N LYS IA 946 -23.12 -41.53 1.46
CA LYS IA 946 -24.33 -41.23 0.70
C LYS IA 946 -25.48 -40.92 1.65
N LYS IA 947 -25.52 -41.60 2.79
CA LYS IA 947 -26.54 -41.30 3.79
C LYS IA 947 -26.44 -39.85 4.25
N ARG IA 948 -25.25 -39.40 4.63
CA ARG IA 948 -25.09 -38.07 5.18
C ARG IA 948 -25.11 -36.99 4.11
N ILE IA 949 -24.97 -37.34 2.84
CA ILE IA 949 -25.06 -36.33 1.79
C ILE IA 949 -26.47 -35.77 1.70
N ASP IA 950 -27.46 -36.65 1.56
CA ASP IA 950 -28.84 -36.23 1.41
C ASP IA 950 -29.59 -36.12 2.73
N GLU IA 951 -29.03 -36.63 3.83
CA GLU IA 951 -29.63 -36.37 5.14
C GLU IA 951 -29.50 -34.92 5.56
N GLY IA 952 -28.95 -34.06 4.72
CA GLY IA 952 -28.83 -32.66 5.05
C GLY IA 952 -27.66 -32.30 5.94
N ARG IA 953 -26.60 -33.10 5.95
CA ARG IA 953 -25.43 -32.83 6.76
C ARG IA 953 -24.23 -32.38 5.94
N ILE IA 954 -23.91 -33.10 4.87
CA ILE IA 954 -22.84 -32.73 3.96
C ILE IA 954 -23.45 -32.38 2.62
N SER IA 955 -23.04 -31.25 2.06
CA SER IA 955 -23.54 -30.83 0.76
C SER IA 955 -23.18 -31.84 -0.32
N VAL IA 956 -23.80 -31.66 -1.49
CA VAL IA 956 -23.35 -32.41 -2.65
C VAL IA 956 -22.12 -31.74 -3.24
N SER IA 957 -21.95 -30.44 -3.01
CA SER IA 957 -20.74 -29.74 -3.45
C SER IA 957 -19.49 -30.41 -2.93
N LEU IA 958 -19.61 -31.26 -1.92
CA LEU IA 958 -18.52 -32.15 -1.53
C LEU IA 958 -17.93 -32.87 -2.72
N LEU IA 959 -18.73 -33.06 -3.77
CA LEU IA 959 -18.30 -33.77 -4.96
C LEU IA 959 -17.84 -32.83 -6.06
N TYR IA 960 -18.19 -31.54 -5.97
CA TYR IA 960 -17.56 -30.54 -6.83
C TYR IA 960 -16.28 -30.00 -6.22
N ASP IA 961 -16.28 -29.79 -4.90
CA ASP IA 961 -15.11 -29.28 -4.21
C ASP IA 961 -13.90 -30.21 -4.32
N TYR IA 962 -14.13 -31.51 -4.48
CA TYR IA 962 -13.04 -32.46 -4.31
C TYR IA 962 -11.92 -32.23 -5.31
N GLU IA 963 -12.24 -31.83 -6.54
CA GLU IA 963 -11.20 -31.59 -7.53
C GLU IA 963 -10.19 -30.55 -7.07
N LYS IA 964 -10.58 -29.68 -6.15
CA LYS IA 964 -9.62 -28.74 -5.58
C LYS IA 964 -8.65 -29.45 -4.65
N TYR IA 965 -9.13 -30.43 -3.89
CA TYR IA 965 -8.35 -31.13 -2.89
C TYR IA 965 -7.68 -32.38 -3.41
N LYS IA 966 -7.94 -32.77 -4.66
CA LYS IA 966 -7.54 -34.11 -5.09
C LYS IA 966 -6.04 -34.21 -5.29
N HIS IA 967 -5.40 -33.18 -5.86
CA HIS IA 967 -3.97 -33.29 -6.14
C HIS IA 967 -3.16 -33.41 -4.87
N LEU IA 968 -3.51 -32.63 -3.85
CA LEU IA 968 -2.75 -32.69 -2.60
C LEU IA 968 -2.96 -34.03 -1.90
N ILE IA 969 -4.19 -34.54 -1.89
CA ILE IA 969 -4.43 -35.82 -1.24
C ILE IA 969 -3.77 -36.95 -2.00
N VAL IA 970 -3.69 -36.86 -3.32
CA VAL IA 970 -2.97 -37.85 -4.10
C VAL IA 970 -1.48 -37.80 -3.78
N ALA IA 971 -0.90 -36.60 -3.85
CA ALA IA 971 0.54 -36.47 -3.66
C ALA IA 971 0.96 -36.66 -2.22
N SER IA 972 0.03 -36.63 -1.28
CA SER IA 972 0.37 -36.78 0.12
C SER IA 972 0.77 -38.23 0.40
N ASP IA 973 1.99 -38.43 0.86
CA ASP IA 973 2.51 -39.76 1.17
C ASP IA 973 2.65 -39.95 2.68
N GLU IA 974 1.73 -39.36 3.44
CA GLU IA 974 1.79 -39.43 4.89
C GLU IA 974 0.38 -39.45 5.45
N LYS IA 975 0.17 -40.28 6.47
CA LYS IA 975 -1.18 -40.55 6.95
C LYS IA 975 -1.84 -39.30 7.53
N TYR IA 976 -1.22 -38.68 8.54
CA TYR IA 976 -1.90 -37.61 9.27
C TYR IA 976 -2.12 -36.39 8.39
N LEU IA 977 -1.19 -36.13 7.47
CA LEU IA 977 -1.36 -35.01 6.55
C LEU IA 977 -2.58 -35.22 5.66
N THR IA 978 -2.73 -36.42 5.12
CA THR IA 978 -3.91 -36.71 4.32
C THR IA 978 -5.17 -36.70 5.15
N GLU IA 979 -5.09 -37.18 6.40
CA GLU IA 979 -6.21 -37.09 7.33
C GLU IA 979 -6.69 -35.67 7.45
N PHE IA 980 -5.77 -34.74 7.69
CA PHE IA 980 -6.16 -33.34 7.83
C PHE IA 980 -6.71 -32.79 6.51
N LEU IA 981 -6.14 -33.22 5.38
CA LEU IA 981 -6.62 -32.71 4.10
C LEU IA 981 -8.06 -33.14 3.83
N VAL IA 982 -8.35 -34.42 4.01
CA VAL IA 982 -9.70 -34.91 3.77
C VAL IA 982 -10.66 -34.33 4.80
N LYS IA 983 -10.19 -34.16 6.04
CA LYS IA 983 -11.04 -33.58 7.07
C LYS IA 983 -11.39 -32.15 6.72
N ASP IA 984 -10.44 -31.39 6.18
CA ASP IA 984 -10.72 -30.03 5.76
C ASP IA 984 -11.68 -30.00 4.59
N TRP IA 985 -11.50 -30.92 3.63
CA TRP IA 985 -12.40 -30.97 2.49
C TRP IA 985 -13.82 -31.33 2.92
N ILE IA 986 -13.97 -32.12 3.98
CA ILE IA 986 -15.30 -32.38 4.52
C ILE IA 986 -15.84 -31.13 5.20
N LYS IA 987 -15.05 -30.54 6.10
CA LYS IA 987 -15.53 -29.40 6.87
C LYS IA 987 -15.93 -28.23 5.99
N ARG IA 988 -15.11 -27.92 4.98
CA ARG IA 988 -15.29 -26.70 4.21
C ARG IA 988 -16.65 -26.60 3.56
N ASN IA 989 -17.30 -27.73 3.31
CA ASN IA 989 -18.63 -27.74 2.74
C ASN IA 989 -19.56 -28.63 3.55
N SER IA 990 -19.52 -28.47 4.86
CA SER IA 990 -20.46 -29.14 5.74
C SER IA 990 -21.65 -28.23 6.02
N LEU IA 991 -22.83 -28.82 6.09
CA LEU IA 991 -24.04 -28.04 6.36
C LEU IA 991 -24.19 -27.76 7.86
N ARG IA 992 -23.83 -28.72 8.71
CA ARG IA 992 -23.74 -28.50 10.14
C ARG IA 992 -22.28 -28.54 10.55
N LYS IA 993 -21.82 -27.50 11.23
CA LYS IA 993 -20.39 -27.43 11.54
C LYS IA 993 -20.06 -28.30 12.74
N HIS IA 994 -20.57 -29.53 12.74
CA HIS IA 994 -20.18 -30.50 13.75
C HIS IA 994 -20.09 -31.92 13.20
N VAL IA 995 -20.24 -32.13 11.89
CA VAL IA 995 -20.29 -33.49 11.37
C VAL IA 995 -18.92 -34.14 11.52
N GLU IA 996 -18.90 -35.36 12.03
CA GLU IA 996 -17.66 -36.12 12.25
C GLU IA 996 -17.78 -37.42 11.47
N PHE IA 997 -17.28 -37.40 10.24
CA PHE IA 997 -17.32 -38.53 9.32
C PHE IA 997 -15.88 -38.98 9.09
N THR IA 998 -15.46 -39.99 9.83
CA THR IA 998 -14.05 -40.40 9.85
C THR IA 998 -13.80 -41.39 8.73
N ILE IA 999 -13.20 -40.91 7.63
CA ILE IA 999 -12.73 -41.80 6.58
C ILE IA 999 -11.49 -42.53 7.09
N ASP IA 1000 -11.48 -43.84 6.93
CA ASP IA 1000 -10.38 -44.63 7.45
C ASP IA 1000 -9.11 -44.36 6.65
N GLU IA 1001 -7.97 -44.63 7.28
CA GLU IA 1001 -6.68 -44.28 6.70
C GLU IA 1001 -6.17 -45.30 5.69
N LYS IA 1002 -6.61 -46.55 5.78
CA LYS IA 1002 -6.19 -47.52 4.78
C LYS IA 1002 -6.67 -47.15 3.38
N LEU IA 1003 -7.69 -46.31 3.28
CA LEU IA 1003 -8.19 -45.82 2.01
C LEU IA 1003 -7.34 -44.69 1.44
N TYR IA 1004 -6.18 -44.41 2.04
CA TYR IA 1004 -5.45 -43.19 1.73
C TYR IA 1004 -4.31 -43.38 0.74
N GLY IA 1005 -3.68 -44.55 0.72
CA GLY IA 1005 -2.53 -44.74 -0.13
C GLY IA 1005 -2.75 -45.79 -1.19
N VAL IA 1006 -3.94 -46.39 -1.19
CA VAL IA 1006 -4.26 -47.44 -2.15
C VAL IA 1006 -4.45 -46.80 -3.52
N ARG IA 1007 -3.60 -47.18 -4.46
CA ARG IA 1007 -3.67 -46.67 -5.82
C ARG IA 1007 -4.28 -47.71 -6.75
N LEU IA 1008 -4.61 -47.28 -7.96
CA LEU IA 1008 -5.27 -48.13 -8.95
C LEU IA 1008 -4.50 -48.04 -10.26
N THR IA 1009 -3.90 -49.16 -10.67
CA THR IA 1009 -3.13 -49.22 -11.89
C THR IA 1009 -4.03 -49.68 -13.04
N ILE IA 1010 -3.95 -48.98 -14.17
CA ILE IA 1010 -4.73 -49.31 -15.36
C ILE IA 1010 -3.80 -49.19 -16.55
N GLU IA 1011 -3.39 -50.32 -17.10
CA GLU IA 1011 -2.43 -50.35 -18.20
C GLU IA 1011 -3.15 -50.64 -19.50
N ASN IA 1012 -2.69 -50.00 -20.57
CA ASN IA 1012 -3.09 -50.24 -21.96
C ASN IA 1012 -4.59 -50.52 -22.13
N TYR IA 1013 -5.39 -49.51 -21.78
CA TYR IA 1013 -6.80 -49.52 -22.14
C TYR IA 1013 -7.29 -48.08 -22.14
N PRO IA 1014 -8.09 -47.67 -23.15
CA PRO IA 1014 -8.37 -46.25 -23.34
C PRO IA 1014 -9.41 -45.65 -22.39
N ILE IA 1015 -9.85 -46.38 -21.37
CA ILE IA 1015 -10.79 -45.82 -20.39
C ILE IA 1015 -10.06 -44.80 -19.53
N LYS IA 1016 -10.84 -44.00 -18.78
CA LYS IA 1016 -10.29 -42.99 -17.87
C LYS IA 1016 -10.72 -43.37 -16.45
N ILE IA 1017 -9.86 -44.07 -15.73
CA ILE IA 1017 -10.11 -44.49 -14.36
C ILE IA 1017 -9.16 -43.73 -13.45
N PRO IA 1018 -9.65 -43.06 -12.41
CA PRO IA 1018 -8.75 -42.38 -11.47
C PRO IA 1018 -7.90 -43.39 -10.73
N ASN IA 1019 -6.62 -43.06 -10.56
CA ASN IA 1019 -5.68 -43.98 -9.96
C ASN IA 1019 -5.60 -43.87 -8.45
N ASP IA 1020 -6.62 -43.31 -7.80
CA ASP IA 1020 -6.64 -43.19 -6.36
C ASP IA 1020 -8.04 -43.46 -5.84
N LEU IA 1021 -8.11 -44.05 -4.65
CA LEU IA 1021 -9.36 -44.64 -4.18
C LEU IA 1021 -10.42 -43.58 -3.87
N ILE IA 1022 -10.02 -42.48 -3.25
CA ILE IA 1022 -11.01 -41.46 -2.85
C ILE IA 1022 -11.65 -40.84 -4.08
N SER IA 1023 -10.88 -40.65 -5.15
CA SER IA 1023 -11.48 -40.17 -6.38
C SER IA 1023 -12.50 -41.16 -6.92
N ASN IA 1024 -12.24 -42.46 -6.73
CA ASN IA 1024 -13.19 -43.47 -7.18
C ASN IA 1024 -14.45 -43.49 -6.31
N ILE IA 1025 -14.31 -43.23 -5.02
CA ILE IA 1025 -15.49 -43.09 -4.16
C ILE IA 1025 -16.34 -41.91 -4.61
N VAL IA 1026 -15.68 -40.78 -4.86
CA VAL IA 1026 -16.39 -39.59 -5.31
C VAL IA 1026 -17.07 -39.86 -6.64
N TYR IA 1027 -16.39 -40.57 -7.54
CA TYR IA 1027 -16.99 -40.85 -8.84
C TYR IA 1027 -18.12 -41.86 -8.73
N THR IA 1028 -18.02 -42.81 -7.81
CA THR IA 1028 -19.11 -43.74 -7.58
C THR IA 1028 -20.37 -43.00 -7.16
N LEU IA 1029 -20.24 -42.14 -6.15
CA LEU IA 1029 -21.40 -41.36 -5.73
C LEU IA 1029 -21.89 -40.44 -6.85
N ARG IA 1030 -20.96 -39.89 -7.63
CA ARG IA 1030 -21.36 -39.05 -8.76
C ARG IA 1030 -22.20 -39.84 -9.75
N ILE IA 1031 -21.77 -41.06 -10.07
CA ILE IA 1031 -22.49 -41.90 -11.02
C ILE IA 1031 -23.87 -42.21 -10.49
N ILE IA 1032 -23.97 -42.60 -9.22
CA ILE IA 1032 -25.25 -43.01 -8.68
C ILE IA 1032 -26.20 -41.83 -8.58
N TYR IA 1033 -25.69 -40.66 -8.21
CA TYR IA 1033 -26.56 -39.49 -8.17
C TYR IA 1033 -26.88 -38.96 -9.55
N GLY IA 1034 -26.11 -39.37 -10.57
CA GLY IA 1034 -26.43 -38.96 -11.92
C GLY IA 1034 -27.70 -39.63 -12.43
N GLY IA 1035 -27.87 -40.91 -12.11
CA GLY IA 1035 -29.09 -41.59 -12.47
C GLY IA 1035 -30.20 -41.38 -11.45
N GLU IA 1036 -30.40 -40.12 -11.04
CA GLU IA 1036 -31.53 -39.77 -10.19
C GLU IA 1036 -32.14 -38.42 -10.57
N LYS IA 1037 -32.02 -38.00 -11.82
CA LYS IA 1037 -32.59 -36.73 -12.26
C LYS IA 1037 -33.35 -36.88 -13.57
ZN ZN JA . -33.24 -60.44 -35.20
PG ANP KA . -17.40 -69.23 -24.56
O1G ANP KA . -16.31 -69.15 -23.56
O2G ANP KA . -16.80 -69.44 -25.89
O3G ANP KA . -18.20 -70.45 -24.25
PB ANP KA . -19.65 -67.81 -23.61
O1B ANP KA . -19.99 -66.59 -22.83
O2B ANP KA . -20.72 -68.58 -24.27
N3B ANP KA . -18.30 -67.87 -24.50
PA ANP KA . -18.07 -68.34 -21.57
O1A ANP KA . -17.23 -69.48 -21.14
O2A ANP KA . -17.43 -67.23 -22.31
O3A ANP KA . -19.22 -68.85 -22.53
O5' ANP KA . -18.93 -67.75 -20.36
C5' ANP KA . -20.38 -67.77 -20.44
C4' ANP KA . -20.95 -66.51 -19.86
O4' ANP KA . -22.40 -66.61 -19.84
C3' ANP KA . -20.57 -66.22 -18.41
O3' ANP KA . -20.76 -64.84 -18.16
C2' ANP KA . -21.66 -66.99 -17.66
O2' ANP KA . -21.86 -66.48 -16.37
C1' ANP KA . -22.85 -66.59 -18.51
N9 ANP KA . -23.98 -67.51 -18.38
C8 ANP KA . -23.96 -68.81 -18.00
N7 ANP KA . -25.15 -69.35 -17.99
C5 ANP KA . -25.99 -68.34 -18.40
C6 ANP KA . -27.38 -68.27 -18.60
N6 ANP KA . -28.18 -69.30 -18.42
N1 ANP KA . -27.89 -67.10 -19.02
C2 ANP KA . -27.06 -66.07 -19.20
N3 ANP KA . -25.74 -66.01 -19.04
C4 ANP KA . -25.27 -67.19 -18.62
PG ANP LA . -12.24 -65.29 -14.15
O1G ANP LA . -13.69 -65.31 -13.84
O2G ANP LA . -11.48 -64.87 -12.83
O3G ANP LA . -11.97 -64.25 -15.30
PB ANP LA . -13.01 -67.83 -14.75
O1B ANP LA . -12.60 -69.21 -14.39
O2B ANP LA . -14.13 -67.36 -13.77
N3B ANP LA . -11.70 -66.81 -14.63
PA ANP LA . -14.62 -66.71 -16.59
O1A ANP LA . -15.51 -66.40 -15.45
O2A ANP LA . -13.88 -65.50 -17.18
O3A ANP LA . -13.55 -67.80 -16.20
O5' ANP LA . -15.49 -67.42 -17.68
C5' ANP LA . -15.76 -68.83 -17.57
C4' ANP LA . -17.23 -69.02 -17.35
O4' ANP LA . -17.52 -70.42 -17.32
C3' ANP LA . -17.76 -68.49 -16.03
O3' ANP LA . -19.16 -68.22 -16.12
C2' ANP LA . -17.45 -69.64 -15.07
O2' ANP LA . -18.39 -69.69 -13.99
C1' ANP LA . -17.63 -70.87 -15.98
N9 ANP LA . -16.64 -71.90 -15.77
C8 ANP LA . -15.34 -71.90 -16.21
N7 ANP LA . -14.67 -72.97 -15.89
C5 ANP LA . -15.57 -73.74 -15.18
C6 ANP LA . -15.48 -75.00 -14.57
N6 ANP LA . -14.37 -75.75 -14.56
N1 ANP LA . -16.58 -75.48 -13.95
C2 ANP LA . -17.70 -74.75 -13.95
N3 ANP LA . -17.90 -73.55 -14.50
C4 ANP LA . -16.79 -73.09 -15.11
MN MN MA . -15.24 -66.04 -13.61
MN MN NA . -13.17 -64.97 -18.62
MN MN OA . -19.82 -70.66 -23.09
#